data_5JUY
#
_entry.id   5JUY
#
loop_
_entity.id
_entity.type
_entity.pdbx_description
1 polymer 'Apoptotic protease-activating factor 1'
2 polymer 'Cytochrome c'
3 polymer Caspase-9
4 non-polymer "2'-DEOXYADENOSINE 5'-TRIPHOSPHATE"
5 non-polymer 'HEME C'
#
loop_
_entity_poly.entity_id
_entity_poly.type
_entity_poly.pdbx_seq_one_letter_code
_entity_poly.pdbx_strand_id
1 'polypeptide(L)'
;MDAKARNCLLQHREALEKDIKTSYIMDHMISDGFLTISEEEKVRNEPTQQQRAAMLIKMILKKDNDSYVSFYNALLHEGY
KDLAALLHDGIPVVSSSSGKDSVSGITSYVRTVLCEGGVPQRPVVFVTRKKLVNAIQQKLSKLKGEPGWVTIHGMAGCGK
SVLAAEAVRDHSLLEGCFPGGVHWVSVGKQDKSGLLMKLQNLCTRLDQDESFSQRLPLNIEEAKDRLRILMLRKHPRSLL
ILDDVWDSWVLKAFDSQCQILLTTRDKSVTDSVMGPKYVVPVESSLGKEKGLEILSLFVNMKKADLPEQAHSIIKECKGS
PLVVSLIGALLRDFPNRWEYYLKQLQNKQFKRIRKSSSYDYEALDEAMSISVEMLREDIKDYYTDLSILQKDVKVPTKVL
CILWDMETEEVEDILQEFVNKSLLFCDRNGKSFRYYLHDLQVDFLTEKNCSQLQDLHKKIITQFQRYHQPHTLSPDQEDC
MYWYNFLAYHMASAKMHKELCALMFSLDWIKAKTELVGPAHLIHEFVEYRHILDEKDCAVSENFQEFLSLNGHLLGRQPF
PNIVQLGLCEPETSEVYQQAKLQAKQEVDNGMLYLEWINKKNITNLSRLVVRPHTDAVYHACFSEDGQRIASCGADKTLQ
VFKAETGEKLLEIKAHEDEVLCCAFSTDDRFIATCSVDKKVKIWNSMTGELVHTYDEHSEQVNCCHFTNSSHHLLLATGS
SDCFLKLWDLNQKECRNTMFGHTNSVNHCRFSPDDKLLASCSADGTLKLWDATSANERKSINVKQFFLNLEDPQEDMEVI
VKCCSWSADGARIMVAAKNKIFLFDIHTSGLLGEIHTGHHSTIQYCDFSPQNHLAVVALSQYCVELWNTDSRSKVADCRG
HLSWVHGVMFSPDGSSFLTSSDDQTIRLWETKKVCKNSAVMLKQEVDVVFQENEVMVLAVDHIRRLQLINGRTGQIDYLT
EAQVSCCCLSPHLQYIAFGDENGAIEILELVNNRIFQSRFQHKKTVWHIQFTADEKTLISSSDDAEIQVWNWQLDKCIFL
RGHQETVKDFRLLKNSRLLSWSFDGTVKVWNIITGNKEKDFVCHQGTVLSCDISHDATKFSSTSADKTAKIWSFDLLLPL
HELRGHNGCVRCSAFSVDSTLLATGDDNGEIRIWNVSNGELLHLCAPLSEEGAATHGGWVTDLCFSPDGKMLISAGGYIK
WWNVVTGESSQTFYTNGTNLKKIHVSPDFKTYVTVDNLGILYILQTLE
;
A,B,C,D,E,F,G
2 'polypeptide(L)'
;GDVEKGKKIFVQKCAQCHTVEKGGKHKTGPNLHGLFGRKTGQAPGFSYTDANKNKGITWGEETLMEYLENPKKYIPGTKM
IFAGIKKKGEREDLIAYLKKATNE
;
H,I,J,K,L,M,N
3 'polypeptide(L)'
;MDEADRRLLRRCRLRLVEELQVDQLWDALLSRELFRPHMIEDIQRAGSGSRRDQARQLIIDLETRGSQALPLFISCLEDT
GQDMLASFLRTNRQA
;
O,P,Q,R
#
# COMPACT_ATOMS: atom_id res chain seq x y z
N GLY A 105 32.45 43.54 -10.09
CA GLY A 105 32.60 43.42 -8.66
C GLY A 105 31.31 43.01 -7.99
N ILE A 106 31.39 42.65 -6.71
CA ILE A 106 30.22 42.22 -5.96
C ILE A 106 29.24 43.37 -5.78
N THR A 107 28.01 43.14 -6.19
CA THR A 107 26.95 44.14 -6.11
C THR A 107 25.65 43.46 -5.74
N SER A 108 24.55 44.20 -5.82
CA SER A 108 23.22 43.66 -5.54
C SER A 108 22.93 42.40 -6.35
N TYR A 109 23.10 42.49 -7.67
CA TYR A 109 22.90 41.37 -8.58
C TYR A 109 23.58 40.13 -8.06
N VAL A 110 24.84 40.30 -7.69
CA VAL A 110 25.70 39.18 -7.36
C VAL A 110 25.11 38.31 -6.28
N ARG A 111 24.87 38.88 -5.11
CA ARG A 111 24.30 38.09 -4.03
C ARG A 111 22.84 37.83 -4.29
N THR A 112 22.26 38.52 -5.26
CA THR A 112 20.86 38.28 -5.55
C THR A 112 20.67 36.93 -6.23
N VAL A 113 21.33 36.77 -7.36
CA VAL A 113 21.13 35.61 -8.22
C VAL A 113 21.94 34.40 -7.78
N LEU A 114 23.06 34.67 -7.13
CA LEU A 114 24.06 33.65 -6.93
C LEU A 114 23.93 32.98 -5.56
N CYS A 115 22.93 33.40 -4.80
CA CYS A 115 22.62 32.76 -3.52
C CYS A 115 21.63 31.62 -3.70
N GLU A 116 21.37 31.27 -4.95
CA GLU A 116 20.38 30.25 -5.27
C GLU A 116 20.94 28.87 -5.06
N GLY A 117 22.15 28.81 -4.54
CA GLY A 117 22.79 27.55 -4.22
C GLY A 117 23.88 27.38 -5.24
N GLY A 118 23.77 28.21 -6.27
CA GLY A 118 24.66 28.16 -7.40
C GLY A 118 26.13 28.22 -7.06
N VAL A 119 26.49 28.88 -5.96
CA VAL A 119 27.91 28.96 -5.67
C VAL A 119 28.19 28.78 -4.21
N PRO A 120 29.24 28.03 -3.89
CA PRO A 120 29.76 28.08 -2.52
C PRO A 120 30.56 29.34 -2.32
N GLN A 121 30.42 29.99 -1.17
CA GLN A 121 31.14 31.23 -0.93
C GLN A 121 32.63 31.04 -1.02
N ARG A 122 33.31 31.99 -1.65
CA ARG A 122 34.74 31.94 -1.78
C ARG A 122 35.35 31.97 -0.39
N PRO A 123 36.53 31.35 -0.22
CA PRO A 123 37.10 31.13 1.10
C PRO A 123 37.38 32.41 1.85
N VAL A 124 37.86 32.27 3.08
CA VAL A 124 38.12 33.43 3.92
C VAL A 124 39.33 34.17 3.39
N VAL A 125 40.31 33.41 2.92
CA VAL A 125 41.55 33.98 2.43
C VAL A 125 41.89 33.49 1.04
N PHE A 126 41.86 34.37 0.05
CA PHE A 126 42.29 33.95 -1.27
C PHE A 126 43.01 35.06 -1.99
N VAL A 127 44.12 34.72 -2.63
CA VAL A 127 44.76 35.64 -3.54
C VAL A 127 43.97 35.63 -4.83
N THR A 128 44.06 36.70 -5.59
CA THR A 128 43.27 36.81 -6.81
C THR A 128 44.10 36.45 -8.02
N ARG A 129 43.68 35.43 -8.74
CA ARG A 129 44.37 35.05 -9.96
C ARG A 129 43.54 35.57 -11.11
N LYS A 130 44.00 36.64 -11.73
CA LYS A 130 43.23 37.34 -12.76
C LYS A 130 43.39 36.70 -14.13
N LYS A 131 44.63 36.35 -14.41
CA LYS A 131 45.06 35.88 -15.71
C LYS A 131 44.22 34.72 -16.24
N LEU A 132 43.91 33.77 -15.37
CA LEU A 132 43.13 32.62 -15.77
C LEU A 132 41.64 32.94 -15.86
N VAL A 133 41.12 33.60 -14.83
CA VAL A 133 39.71 33.97 -14.78
C VAL A 133 39.31 34.67 -16.07
N ASN A 134 40.16 35.58 -16.51
CA ASN A 134 39.89 36.30 -17.74
C ASN A 134 39.73 35.36 -18.91
N ALA A 135 40.64 34.40 -19.02
CA ALA A 135 40.58 33.42 -20.09
C ALA A 135 39.26 32.68 -20.07
N ILE A 136 38.89 32.16 -18.91
CA ILE A 136 37.62 31.46 -18.80
C ILE A 136 36.47 32.35 -19.21
N GLN A 137 36.50 33.61 -18.81
CA GLN A 137 35.46 34.53 -19.23
C GLN A 137 35.41 34.65 -20.76
N GLN A 138 36.57 34.68 -21.41
CA GLN A 138 36.56 34.74 -22.87
C GLN A 138 35.92 33.51 -23.48
N LYS A 139 36.49 32.35 -23.18
CA LYS A 139 36.02 31.10 -23.78
C LYS A 139 34.53 30.98 -23.54
N LEU A 140 34.11 31.30 -22.34
CA LEU A 140 32.71 31.18 -21.97
C LEU A 140 31.87 32.24 -22.68
N SER A 141 32.51 33.32 -23.11
CA SER A 141 31.79 34.36 -23.80
C SER A 141 31.74 34.12 -25.29
N LYS A 142 32.49 33.14 -25.79
CA LYS A 142 32.42 32.81 -27.20
C LYS A 142 31.04 32.31 -27.58
N LEU A 143 30.29 31.86 -26.59
CA LEU A 143 29.01 31.23 -26.87
C LEU A 143 27.99 32.16 -27.52
N LYS A 144 27.64 33.24 -26.82
CA LYS A 144 26.52 34.13 -27.19
C LYS A 144 25.20 33.36 -27.08
N GLY A 145 25.35 32.09 -26.75
CA GLY A 145 24.30 31.14 -26.49
C GLY A 145 24.03 30.24 -27.66
N GLU A 146 23.92 28.95 -27.32
CA GLU A 146 23.75 27.77 -28.17
C GLU A 146 23.84 26.69 -27.13
N PRO A 147 23.64 25.44 -27.51
CA PRO A 147 24.22 24.49 -26.58
C PRO A 147 25.73 24.55 -26.71
N GLY A 148 26.46 24.25 -25.65
CA GLY A 148 27.90 24.37 -25.65
C GLY A 148 28.56 23.86 -24.39
N TRP A 149 29.87 23.69 -24.46
CA TRP A 149 30.60 23.04 -23.40
C TRP A 149 31.89 23.77 -23.10
N VAL A 150 32.18 23.95 -21.83
CA VAL A 150 33.43 24.55 -21.43
C VAL A 150 34.02 23.71 -20.33
N THR A 151 35.27 23.29 -20.51
CA THR A 151 35.85 22.36 -19.58
C THR A 151 37.11 22.91 -18.97
N ILE A 152 37.27 22.75 -17.67
CA ILE A 152 38.58 22.97 -17.10
C ILE A 152 39.02 21.75 -16.33
N HIS A 153 40.13 21.18 -16.76
CA HIS A 153 40.71 20.06 -16.08
C HIS A 153 42.03 20.51 -15.55
N GLY A 154 42.48 19.92 -14.45
CA GLY A 154 43.74 20.33 -13.88
C GLY A 154 44.43 19.28 -13.04
N MET A 155 45.62 19.64 -12.59
CA MET A 155 46.41 18.80 -11.71
C MET A 155 45.60 18.44 -10.48
N ALA A 156 45.83 17.23 -9.99
CA ALA A 156 45.16 16.78 -8.79
C ALA A 156 45.47 17.71 -7.63
N GLY A 157 44.45 18.24 -7.00
CA GLY A 157 44.64 19.09 -5.85
C GLY A 157 44.95 20.52 -6.16
N CYS A 158 45.05 20.86 -7.43
CA CYS A 158 45.30 22.24 -7.82
C CYS A 158 44.12 23.12 -7.50
N GLY A 159 44.34 24.43 -7.41
CA GLY A 159 43.21 25.31 -7.20
C GLY A 159 42.38 25.29 -8.47
N LYS A 160 41.16 24.80 -8.38
CA LYS A 160 40.34 24.66 -9.56
C LYS A 160 38.87 25.03 -9.35
N SER A 161 38.19 24.23 -8.53
CA SER A 161 36.78 24.44 -8.25
C SER A 161 36.51 25.88 -7.83
N VAL A 162 37.26 26.33 -6.84
CA VAL A 162 37.19 27.72 -6.40
C VAL A 162 37.36 28.66 -7.56
N LEU A 163 38.36 28.41 -8.39
CA LEU A 163 38.65 29.26 -9.52
C LEU A 163 37.43 29.44 -10.41
N ALA A 164 36.71 28.35 -10.63
CA ALA A 164 35.49 28.42 -11.40
C ALA A 164 34.46 29.23 -10.66
N ALA A 165 34.38 29.03 -9.35
CA ALA A 165 33.38 29.71 -8.55
C ALA A 165 33.52 31.23 -8.61
N GLU A 166 34.73 31.71 -8.86
CA GLU A 166 34.95 33.15 -9.00
C GLU A 166 34.94 33.58 -10.46
N ALA A 167 34.71 32.63 -11.35
CA ALA A 167 34.64 32.96 -12.77
C ALA A 167 33.33 33.65 -13.05
N VAL A 168 32.27 33.09 -12.50
CA VAL A 168 30.94 33.60 -12.70
C VAL A 168 30.62 34.66 -11.68
N ARG A 169 31.68 35.43 -10.96
CA ARG A 169 31.47 36.44 -9.93
C ARG A 169 31.09 37.81 -10.49
N ASP A 170 31.67 38.13 -11.64
CA ASP A 170 31.47 39.44 -12.25
C ASP A 170 30.00 39.77 -12.50
N HIS A 171 29.66 41.05 -12.35
CA HIS A 171 28.32 41.52 -12.66
C HIS A 171 28.08 41.63 -14.15
N SER A 172 29.02 42.26 -14.84
CA SER A 172 28.86 42.54 -16.27
C SER A 172 28.57 41.28 -17.07
N LEU A 173 29.39 40.25 -16.84
CA LEU A 173 29.20 38.99 -17.52
C LEU A 173 27.84 38.39 -17.20
N LEU A 174 27.58 38.18 -15.92
CA LEU A 174 26.39 37.48 -15.48
C LEU A 174 25.13 38.15 -16.00
N GLU A 175 25.08 39.47 -15.86
CA GLU A 175 23.92 40.24 -16.28
C GLU A 175 23.68 40.09 -17.77
N GLY A 176 24.69 40.46 -18.56
CA GLY A 176 24.54 40.46 -20.00
C GLY A 176 24.38 39.11 -20.66
N CYS A 177 25.34 38.23 -20.42
CA CYS A 177 25.40 36.95 -21.13
C CYS A 177 24.47 35.90 -20.55
N PHE A 178 24.22 35.94 -19.25
CA PHE A 178 23.38 34.92 -18.63
C PHE A 178 22.28 35.46 -17.74
N PRO A 179 21.35 36.24 -18.30
CA PRO A 179 20.30 36.62 -17.37
C PRO A 179 19.19 35.60 -17.30
N GLY A 180 19.55 34.27 -17.16
CA GLY A 180 18.56 33.25 -16.89
C GLY A 180 18.65 32.75 -15.46
N GLY A 181 19.72 33.14 -14.79
CA GLY A 181 20.07 32.52 -13.53
C GLY A 181 21.24 31.57 -13.76
N VAL A 182 21.76 31.00 -12.68
CA VAL A 182 22.94 30.15 -12.73
C VAL A 182 22.77 28.99 -11.76
N HIS A 183 23.10 27.78 -12.19
CA HIS A 183 22.91 26.63 -11.30
C HIS A 183 24.18 25.84 -11.08
N TRP A 184 24.16 25.01 -10.05
CA TRP A 184 25.34 24.32 -9.57
C TRP A 184 24.98 22.94 -9.12
N VAL A 185 25.77 21.95 -9.50
CA VAL A 185 25.48 20.59 -9.06
C VAL A 185 26.72 19.84 -8.64
N SER A 186 26.78 19.44 -7.37
CA SER A 186 27.89 18.60 -6.96
C SER A 186 27.61 17.18 -7.37
N VAL A 187 28.48 16.64 -8.21
CA VAL A 187 28.30 15.28 -8.70
C VAL A 187 29.15 14.30 -7.93
N GLY A 188 30.47 14.41 -8.08
CA GLY A 188 31.37 13.53 -7.37
C GLY A 188 31.29 12.12 -7.89
N LYS A 189 32.13 11.24 -7.35
CA LYS A 189 32.10 9.84 -7.76
C LYS A 189 30.77 9.22 -7.41
N GLN A 190 30.12 8.61 -8.39
CA GLN A 190 28.76 8.11 -8.21
C GLN A 190 28.46 6.81 -8.94
N ASP A 191 27.36 6.19 -8.56
CA ASP A 191 26.85 5.00 -9.22
C ASP A 191 25.52 5.35 -9.87
N LYS A 192 24.89 4.37 -10.50
CA LYS A 192 23.64 4.63 -11.21
C LYS A 192 22.55 5.11 -10.28
N SER A 193 22.39 4.43 -9.16
CA SER A 193 21.40 4.82 -8.16
C SER A 193 21.61 6.27 -7.73
N GLY A 194 22.80 6.56 -7.26
CA GLY A 194 23.13 7.88 -6.77
C GLY A 194 22.86 8.94 -7.82
N LEU A 195 23.34 8.69 -9.03
CA LEU A 195 23.14 9.61 -10.13
C LEU A 195 21.67 9.90 -10.34
N LEU A 196 20.89 8.84 -10.32
CA LEU A 196 19.45 8.97 -10.43
C LEU A 196 18.94 9.93 -9.37
N MET A 197 19.42 9.72 -8.13
CA MET A 197 19.01 10.57 -7.02
C MET A 197 19.31 12.04 -7.30
N LYS A 198 20.54 12.33 -7.68
CA LYS A 198 20.93 13.69 -7.99
C LYS A 198 20.01 14.27 -9.05
N LEU A 199 19.55 13.41 -9.95
CA LEU A 199 18.61 13.86 -10.95
C LEU A 199 17.26 14.28 -10.38
N GLN A 200 16.61 13.41 -9.60
CA GLN A 200 15.32 13.82 -9.03
C GLN A 200 15.50 15.10 -8.23
N ASN A 201 16.56 15.17 -7.45
CA ASN A 201 16.81 16.33 -6.63
C ASN A 201 16.96 17.58 -7.48
N LEU A 202 17.61 17.43 -8.62
CA LEU A 202 17.88 18.58 -9.46
C LEU A 202 16.57 19.10 -10.05
N CYS A 203 15.85 18.21 -10.73
CA CYS A 203 14.63 18.64 -11.39
C CYS A 203 13.65 19.18 -10.37
N THR A 204 13.72 18.65 -9.15
CA THR A 204 12.91 19.17 -8.06
C THR A 204 13.32 20.60 -7.77
N ARG A 205 14.62 20.85 -7.77
CA ARG A 205 15.14 22.18 -7.46
C ARG A 205 14.72 23.20 -8.50
N LEU A 206 14.63 22.76 -9.75
CA LEU A 206 14.41 23.68 -10.86
C LEU A 206 13.07 24.40 -10.84
N ASP A 207 12.00 23.67 -10.57
CA ASP A 207 10.67 24.27 -10.59
C ASP A 207 10.16 24.55 -9.18
N GLN A 208 10.12 25.83 -8.83
CA GLN A 208 9.70 26.20 -7.49
C GLN A 208 8.19 26.40 -7.42
N ASP A 209 7.58 26.53 -8.58
CA ASP A 209 6.15 26.80 -8.67
C ASP A 209 5.34 25.55 -8.88
N GLU A 210 6.02 24.40 -8.84
CA GLU A 210 5.45 23.09 -9.15
C GLU A 210 4.57 23.14 -10.39
N SER A 211 5.10 23.77 -11.44
CA SER A 211 4.37 23.91 -12.71
C SER A 211 4.08 22.56 -13.33
N PHE A 212 4.76 21.53 -12.84
CA PHE A 212 4.51 20.18 -13.28
C PHE A 212 3.95 19.41 -12.08
N SER A 213 3.53 18.17 -12.28
CA SER A 213 2.96 17.38 -11.20
C SER A 213 4.03 16.98 -10.20
N GLN A 214 3.62 16.61 -9.00
CA GLN A 214 4.55 16.08 -8.04
C GLN A 214 4.58 14.58 -8.20
N ARG A 215 5.67 14.09 -8.77
CA ARG A 215 5.85 12.66 -8.97
C ARG A 215 7.34 12.42 -9.21
N LEU A 216 7.79 11.19 -9.02
CA LEU A 216 9.22 10.93 -9.17
C LEU A 216 9.52 9.98 -10.32
N PRO A 217 10.12 10.51 -11.40
CA PRO A 217 10.53 9.72 -12.55
C PRO A 217 11.50 8.62 -12.17
N LEU A 218 11.23 7.40 -12.62
CA LEU A 218 12.03 6.25 -12.17
C LEU A 218 13.14 5.83 -13.11
N ASN A 219 13.25 6.45 -14.28
CA ASN A 219 14.34 6.12 -15.17
C ASN A 219 15.17 7.34 -15.47
N ILE A 220 16.40 7.11 -15.91
CA ILE A 220 17.31 8.20 -16.17
C ILE A 220 16.78 9.04 -17.32
N GLU A 221 16.14 8.34 -18.26
CA GLU A 221 15.64 8.92 -19.49
C GLU A 221 14.64 10.04 -19.25
N GLU A 222 13.56 9.73 -18.55
CA GLU A 222 12.50 10.71 -18.34
C GLU A 222 13.04 11.89 -17.55
N ALA A 223 13.98 11.60 -16.66
CA ALA A 223 14.66 12.64 -15.92
C ALA A 223 15.29 13.61 -16.90
N LYS A 224 16.13 13.07 -17.77
CA LYS A 224 16.76 13.82 -18.84
C LYS A 224 15.75 14.67 -19.59
N ASP A 225 14.61 14.06 -19.85
CA ASP A 225 13.54 14.70 -20.61
C ASP A 225 13.05 15.96 -19.91
N ARG A 226 12.61 15.78 -18.67
CA ARG A 226 12.02 16.89 -17.95
C ARG A 226 13.07 17.98 -17.80
N LEU A 227 14.32 17.56 -17.65
CA LEU A 227 15.41 18.52 -17.63
C LEU A 227 15.39 19.38 -18.87
N ARG A 228 15.40 18.75 -20.03
CA ARG A 228 15.46 19.52 -21.27
C ARG A 228 14.25 20.44 -21.40
N ILE A 229 13.07 19.90 -21.11
CA ILE A 229 11.85 20.68 -21.24
C ILE A 229 11.91 21.92 -20.37
N LEU A 230 12.26 21.73 -19.11
CA LEU A 230 12.33 22.83 -18.16
C LEU A 230 13.36 23.86 -18.60
N MET A 231 14.60 23.41 -18.76
CA MET A 231 15.68 24.30 -19.14
C MET A 231 15.36 25.13 -20.35
N LEU A 232 14.75 24.51 -21.36
CA LEU A 232 14.36 25.26 -22.54
C LEU A 232 13.24 26.24 -22.23
N ARG A 233 12.14 25.73 -21.69
CA ARG A 233 10.97 26.57 -21.41
C ARG A 233 11.14 27.46 -20.20
N LYS A 234 11.49 26.86 -19.08
CA LYS A 234 11.40 27.55 -17.80
C LYS A 234 12.56 28.50 -17.58
N HIS A 235 13.76 28.07 -17.94
CA HIS A 235 14.95 28.87 -17.67
C HIS A 235 15.79 29.07 -18.92
N PRO A 236 15.32 29.94 -19.82
CA PRO A 236 16.04 30.24 -21.05
C PRO A 236 17.34 30.99 -20.82
N ARG A 237 18.39 30.56 -21.51
CA ARG A 237 19.70 31.19 -21.42
C ARG A 237 20.20 31.32 -19.99
N SER A 238 20.51 30.17 -19.41
CA SER A 238 21.01 30.10 -18.04
C SER A 238 22.05 28.99 -17.93
N LEU A 239 23.12 29.25 -17.20
CA LEU A 239 24.25 28.33 -17.20
C LEU A 239 24.17 27.27 -16.12
N LEU A 240 24.30 26.02 -16.54
CA LEU A 240 24.25 24.87 -15.65
C LEU A 240 25.64 24.33 -15.38
N ILE A 241 26.12 24.46 -14.15
CA ILE A 241 27.49 24.05 -13.84
C ILE A 241 27.57 22.70 -13.14
N LEU A 242 28.39 21.81 -13.68
CA LEU A 242 28.67 20.55 -13.03
C LEU A 242 29.92 20.64 -12.19
N ASP A 243 30.00 19.88 -11.11
CA ASP A 243 31.22 19.86 -10.34
C ASP A 243 31.78 18.46 -10.16
N ASP A 244 33.06 18.30 -10.52
CA ASP A 244 33.80 17.06 -10.33
C ASP A 244 33.15 15.88 -11.03
N VAL A 245 33.24 15.84 -12.36
CA VAL A 245 32.61 14.79 -13.13
C VAL A 245 33.59 13.69 -13.52
N TRP A 246 33.39 12.50 -12.97
CA TRP A 246 34.33 11.40 -13.18
C TRP A 246 34.21 10.57 -14.46
N ASP A 247 33.01 10.15 -14.85
CA ASP A 247 32.91 9.17 -15.92
C ASP A 247 32.00 9.60 -17.07
N SER A 248 32.16 8.93 -18.21
CA SER A 248 31.44 9.32 -19.43
C SER A 248 29.94 9.16 -19.31
N TRP A 249 29.51 7.96 -18.95
CA TRP A 249 28.09 7.66 -18.87
C TRP A 249 27.42 8.48 -17.79
N VAL A 250 28.21 8.98 -16.86
CA VAL A 250 27.70 9.91 -15.88
C VAL A 250 27.33 11.20 -16.59
N LEU A 251 28.12 11.57 -17.57
CA LEU A 251 27.88 12.80 -18.29
C LEU A 251 26.75 12.65 -19.30
N LYS A 252 26.59 11.45 -19.85
CA LYS A 252 25.57 11.21 -20.86
C LYS A 252 24.19 11.72 -20.45
N ALA A 253 23.81 11.41 -19.22
CA ALA A 253 22.47 11.73 -18.73
C ALA A 253 22.17 13.21 -18.78
N PHE A 254 23.08 14.01 -18.23
CA PHE A 254 22.89 15.45 -18.14
C PHE A 254 22.80 16.15 -19.47
N ASP A 255 23.02 15.42 -20.56
CA ASP A 255 23.14 16.09 -21.83
C ASP A 255 21.82 16.22 -22.55
N SER A 256 21.26 17.42 -22.50
CA SER A 256 20.36 17.87 -23.54
C SER A 256 20.55 19.35 -23.80
N GLN A 257 21.05 19.70 -24.97
CA GLN A 257 20.86 21.01 -25.56
C GLN A 257 21.08 22.19 -24.61
N CYS A 258 21.98 22.06 -23.64
CA CYS A 258 22.20 23.13 -22.68
C CYS A 258 23.67 23.53 -22.55
N GLN A 259 23.91 24.67 -21.93
CA GLN A 259 25.25 25.17 -21.76
C GLN A 259 25.86 24.59 -20.51
N ILE A 260 27.10 24.13 -20.57
CA ILE A 260 27.68 23.54 -19.37
C ILE A 260 29.09 23.98 -19.15
N LEU A 261 29.41 24.36 -17.93
CA LEU A 261 30.77 24.62 -17.52
C LEU A 261 31.17 23.58 -16.49
N LEU A 262 32.03 22.64 -16.87
CA LEU A 262 32.38 21.62 -15.90
C LEU A 262 33.85 21.65 -15.52
N THR A 263 34.10 21.36 -14.25
CA THR A 263 35.43 21.33 -13.71
C THR A 263 35.72 19.90 -13.38
N THR A 264 36.97 19.49 -13.47
CA THR A 264 37.30 18.10 -13.23
C THR A 264 38.77 17.78 -13.28
N ARG A 265 39.11 16.53 -12.99
CA ARG A 265 40.39 16.03 -13.42
C ARG A 265 40.17 14.91 -14.44
N ASP A 266 40.21 15.34 -15.69
CA ASP A 266 40.31 14.51 -16.90
C ASP A 266 40.06 15.44 -18.07
N LYS A 267 40.60 15.15 -19.24
CA LYS A 267 40.10 15.84 -20.43
C LYS A 267 39.25 14.94 -21.32
N SER A 268 39.11 13.68 -20.94
CA SER A 268 38.46 12.72 -21.83
C SER A 268 36.94 12.78 -21.80
N VAL A 269 36.37 12.93 -20.61
CA VAL A 269 34.94 12.71 -20.42
C VAL A 269 34.04 13.65 -21.22
N THR A 270 34.62 14.61 -21.93
CA THR A 270 33.87 15.41 -22.89
C THR A 270 33.72 14.57 -24.14
N ASP A 271 34.18 13.34 -24.02
CA ASP A 271 34.09 12.31 -25.03
C ASP A 271 32.74 12.21 -25.75
N SER A 272 31.72 11.77 -25.03
CA SER A 272 30.51 11.29 -25.67
C SER A 272 29.49 12.36 -26.02
N VAL A 273 29.79 13.62 -25.77
CA VAL A 273 28.81 14.65 -26.05
C VAL A 273 29.02 15.34 -27.38
N MET A 274 27.93 15.53 -28.12
CA MET A 274 27.97 16.25 -29.38
C MET A 274 28.02 17.76 -29.16
N GLY A 275 28.49 18.50 -30.15
CA GLY A 275 28.47 19.94 -30.11
C GLY A 275 29.85 20.52 -29.87
N PRO A 276 29.95 21.86 -29.88
CA PRO A 276 31.23 22.55 -29.77
C PRO A 276 31.85 22.34 -28.41
N LYS A 277 33.17 22.37 -28.34
CA LYS A 277 33.87 22.06 -27.10
C LYS A 277 35.09 22.94 -26.94
N TYR A 278 35.59 23.06 -25.73
CA TYR A 278 36.76 23.88 -25.44
C TYR A 278 37.47 23.33 -24.22
N VAL A 279 38.75 23.66 -24.05
CA VAL A 279 39.44 23.32 -22.82
C VAL A 279 40.38 24.42 -22.36
N VAL A 280 40.36 24.73 -21.07
CA VAL A 280 41.31 25.66 -20.50
C VAL A 280 42.17 24.96 -19.45
N PRO A 281 43.43 24.65 -19.77
CA PRO A 281 44.22 23.97 -18.75
C PRO A 281 44.55 24.88 -17.58
N VAL A 282 44.24 24.43 -16.37
CA VAL A 282 44.56 25.16 -15.15
C VAL A 282 45.79 24.54 -14.51
N GLU A 283 46.36 23.54 -15.18
CA GLU A 283 47.34 22.64 -14.56
C GLU A 283 48.55 23.33 -13.95
N SER A 284 48.68 24.63 -14.20
CA SER A 284 49.80 25.40 -13.71
C SER A 284 49.78 25.56 -12.19
N SER A 285 50.73 26.31 -11.64
CA SER A 285 50.80 26.52 -10.21
C SER A 285 51.34 27.89 -9.84
N LEU A 286 51.11 28.29 -8.60
CA LEU A 286 51.34 29.66 -8.15
C LEU A 286 52.80 30.07 -8.12
N GLY A 287 53.02 31.38 -8.10
CA GLY A 287 54.35 31.94 -7.99
C GLY A 287 54.66 32.39 -6.57
N LYS A 288 55.91 32.75 -6.33
CA LYS A 288 56.41 33.11 -5.00
C LYS A 288 55.54 34.14 -4.28
N GLU A 289 55.23 35.21 -5.00
CA GLU A 289 54.46 36.32 -4.45
C GLU A 289 53.14 35.93 -3.79
N LYS A 290 52.30 35.25 -4.56
CA LYS A 290 51.00 34.86 -4.05
C LYS A 290 51.13 34.00 -2.81
N GLY A 291 52.07 33.05 -2.83
CA GLY A 291 52.30 32.22 -1.68
C GLY A 291 52.53 33.09 -0.47
N LEU A 292 53.47 34.01 -0.62
CA LEU A 292 53.73 34.96 0.44
C LEU A 292 52.47 35.69 0.92
N GLU A 293 51.60 36.11 0.01
CA GLU A 293 50.40 36.80 0.47
C GLU A 293 49.46 35.90 1.23
N ILE A 294 49.35 34.64 0.83
CA ILE A 294 48.47 33.74 1.53
C ILE A 294 48.95 33.55 2.95
N LEU A 295 50.22 33.19 3.11
CA LEU A 295 50.75 33.02 4.46
C LEU A 295 50.59 34.31 5.25
N SER A 296 50.76 35.43 4.56
CA SER A 296 50.60 36.74 5.17
C SER A 296 49.24 36.86 5.81
N LEU A 297 48.20 36.60 5.03
CA LEU A 297 46.84 36.77 5.54
C LEU A 297 46.52 35.75 6.60
N PHE A 298 47.18 34.60 6.57
CA PHE A 298 46.93 33.60 7.61
C PHE A 298 47.56 33.93 8.96
N VAL A 299 48.82 34.35 8.98
CA VAL A 299 49.44 34.64 10.27
C VAL A 299 49.36 36.12 10.65
N ASN A 300 48.64 36.90 9.85
CA ASN A 300 48.41 38.31 10.14
C ASN A 300 49.67 39.16 10.29
N MET A 301 50.38 39.36 9.19
CA MET A 301 51.56 40.21 9.21
C MET A 301 51.69 41.00 7.92
N LYS A 302 52.75 41.79 7.85
CA LYS A 302 53.19 42.34 6.57
C LYS A 302 54.53 41.71 6.26
N LYS A 303 54.83 41.60 4.98
CA LYS A 303 55.93 40.76 4.49
C LYS A 303 57.24 40.94 5.25
N ALA A 304 57.57 42.19 5.57
CA ALA A 304 58.81 42.48 6.25
C ALA A 304 58.82 41.89 7.66
N ASP A 305 57.64 41.72 8.24
CA ASP A 305 57.53 41.20 9.59
C ASP A 305 57.62 39.69 9.62
N LEU A 306 57.64 39.07 8.45
CA LEU A 306 57.75 37.63 8.34
C LEU A 306 59.13 37.16 8.74
N PRO A 307 59.21 36.00 9.39
CA PRO A 307 60.48 35.33 9.68
C PRO A 307 61.16 34.96 8.38
N GLU A 308 62.45 34.66 8.43
CA GLU A 308 63.18 34.34 7.21
C GLU A 308 62.74 33.02 6.59
N GLN A 309 62.45 32.05 7.44
CA GLN A 309 62.14 30.70 6.97
C GLN A 309 60.96 30.69 6.01
N ALA A 310 60.14 31.73 6.10
CA ALA A 310 59.01 31.91 5.20
C ALA A 310 59.44 31.77 3.75
N HIS A 311 60.52 32.43 3.37
CA HIS A 311 60.98 32.34 1.99
C HIS A 311 61.33 30.92 1.63
N SER A 312 61.95 30.20 2.55
CA SER A 312 62.47 28.88 2.22
C SER A 312 61.35 27.88 2.05
N ILE A 313 60.46 27.82 3.03
CA ILE A 313 59.42 26.81 3.05
C ILE A 313 58.54 26.82 1.79
N ILE A 314 58.13 28.01 1.36
CA ILE A 314 57.33 28.14 0.15
C ILE A 314 58.01 27.49 -1.03
N LYS A 315 59.34 27.60 -1.10
CA LYS A 315 60.06 27.04 -2.21
C LYS A 315 59.87 25.54 -2.31
N GLU A 316 59.75 24.89 -1.16
CA GLU A 316 59.57 23.45 -1.15
C GLU A 316 58.11 23.10 -1.38
N CYS A 317 57.24 24.08 -1.14
CA CYS A 317 55.81 23.86 -1.27
C CYS A 317 55.40 23.62 -2.71
N LYS A 318 56.10 24.28 -3.62
CA LYS A 318 55.97 24.03 -5.06
C LYS A 318 54.62 24.39 -5.65
N GLY A 319 54.01 25.45 -5.13
CA GLY A 319 52.92 26.12 -5.83
C GLY A 319 51.50 25.63 -5.60
N SER A 320 51.32 24.40 -5.17
CA SER A 320 49.98 23.88 -4.95
C SER A 320 49.28 24.60 -3.81
N PRO A 321 48.22 25.34 -4.14
CA PRO A 321 47.45 26.16 -3.20
C PRO A 321 46.98 25.34 -2.02
N LEU A 322 46.83 24.04 -2.22
CA LEU A 322 46.53 23.15 -1.11
C LEU A 322 47.60 23.27 -0.03
N VAL A 323 48.81 22.83 -0.34
CA VAL A 323 49.84 22.72 0.69
C VAL A 323 50.12 24.06 1.35
N VAL A 324 50.13 25.12 0.54
CA VAL A 324 50.18 26.47 1.11
C VAL A 324 49.06 26.64 2.12
N SER A 325 47.82 26.37 1.71
CA SER A 325 46.69 26.52 2.62
C SER A 325 46.89 25.75 3.88
N LEU A 326 47.53 24.59 3.80
CA LEU A 326 47.83 23.84 5.00
C LEU A 326 48.78 24.51 5.95
N ILE A 327 49.95 24.84 5.45
CA ILE A 327 50.93 25.45 6.32
C ILE A 327 50.36 26.72 6.91
N GLY A 328 49.70 27.50 6.08
CA GLY A 328 49.06 28.70 6.54
C GLY A 328 47.93 28.45 7.50
N ALA A 329 47.39 27.23 7.51
CA ALA A 329 46.36 26.89 8.47
C ALA A 329 46.97 26.52 9.81
N LEU A 330 48.04 25.74 9.79
CA LEU A 330 48.63 25.25 11.02
C LEU A 330 49.40 26.34 11.76
N LEU A 331 50.09 27.18 11.02
CA LEU A 331 50.87 28.24 11.66
C LEU A 331 49.95 29.24 12.34
N ARG A 332 48.66 29.13 12.07
CA ARG A 332 47.68 30.00 12.67
C ARG A 332 47.48 29.61 14.12
N ASP A 333 47.56 28.32 14.40
CA ASP A 333 47.41 27.82 15.76
C ASP A 333 48.67 27.95 16.62
N PHE A 334 49.80 27.53 16.07
CA PHE A 334 51.00 27.36 16.87
C PHE A 334 52.08 28.30 16.37
N PRO A 335 51.93 29.60 16.64
CA PRO A 335 52.65 30.68 15.97
C PRO A 335 54.14 30.42 15.83
N ASN A 336 54.78 29.72 16.75
CA ASN A 336 56.07 29.16 16.39
C ASN A 336 56.11 27.65 16.41
N ARG A 337 55.87 27.04 15.26
CA ARG A 337 56.45 25.76 14.88
C ARG A 337 57.41 25.85 13.70
N TRP A 338 57.65 27.06 13.23
CA TRP A 338 58.26 27.31 11.92
C TRP A 338 59.40 26.39 11.55
N GLU A 339 60.33 26.18 12.46
CA GLU A 339 61.44 25.31 12.16
C GLU A 339 60.94 23.89 11.93
N TYR A 340 59.98 23.46 12.76
CA TYR A 340 59.50 22.09 12.72
C TYR A 340 58.97 21.76 11.34
N TYR A 341 58.15 22.64 10.78
CA TYR A 341 57.62 22.39 9.45
C TYR A 341 58.66 22.59 8.38
N LEU A 342 59.55 23.56 8.57
CA LEU A 342 60.58 23.78 7.57
C LEU A 342 61.41 22.53 7.36
N LYS A 343 61.68 21.79 8.44
CA LYS A 343 62.38 20.53 8.28
C LYS A 343 61.46 19.41 7.84
N GLN A 344 60.28 19.34 8.43
CA GLN A 344 59.39 18.22 8.20
C GLN A 344 58.87 18.17 6.77
N LEU A 345 58.82 19.34 6.13
CA LEU A 345 58.37 19.44 4.75
C LEU A 345 59.52 19.08 3.83
N GLN A 346 60.74 19.18 4.37
CA GLN A 346 61.95 18.86 3.62
C GLN A 346 62.05 17.35 3.44
N ASN A 347 62.10 16.63 4.56
CA ASN A 347 62.19 15.18 4.52
C ASN A 347 61.10 14.54 3.67
N LYS A 348 60.23 15.38 3.13
CA LYS A 348 59.37 15.01 2.00
C LYS A 348 58.16 14.21 2.40
N GLN A 349 58.04 13.86 3.68
CA GLN A 349 56.88 13.10 4.12
C GLN A 349 55.69 14.02 4.39
N PHE A 350 54.59 13.76 3.70
CA PHE A 350 53.40 14.60 3.83
C PHE A 350 52.36 14.03 4.78
N LYS A 351 52.61 12.84 5.32
CA LYS A 351 51.70 12.23 6.27
C LYS A 351 51.55 13.06 7.53
N ARG A 352 52.61 13.76 7.88
CA ARG A 352 52.66 14.50 9.13
C ARG A 352 51.73 15.69 9.07
N ILE A 353 51.39 16.13 7.86
CA ILE A 353 50.48 17.26 7.71
C ILE A 353 49.03 16.80 7.62
N ARG A 354 48.21 17.25 8.55
CA ARG A 354 46.78 16.97 8.49
C ARG A 354 45.97 18.17 8.94
N LYS A 355 44.85 18.41 8.27
CA LYS A 355 43.93 19.45 8.69
C LYS A 355 42.56 19.16 8.10
N SER A 356 41.52 19.76 8.65
CA SER A 356 40.20 19.67 8.06
C SER A 356 39.75 21.05 7.65
N SER A 357 39.02 21.14 6.56
CA SER A 357 38.58 22.42 6.03
C SER A 357 37.50 22.24 5.00
N SER A 358 37.15 23.33 4.31
CA SER A 358 36.15 23.28 3.24
C SER A 358 36.48 22.17 2.26
N TYR A 359 37.77 21.94 2.05
CA TYR A 359 38.24 20.94 1.12
C TYR A 359 37.77 19.58 1.62
N ASP A 360 37.63 18.62 0.71
CA ASP A 360 36.99 17.36 1.06
C ASP A 360 37.90 16.34 1.74
N TYR A 361 39.21 16.49 1.58
CA TYR A 361 40.11 15.50 2.15
C TYR A 361 41.04 16.14 3.15
N GLU A 362 41.51 15.34 4.11
CA GLU A 362 42.40 15.86 5.12
C GLU A 362 43.71 16.36 4.55
N ALA A 363 44.46 15.48 3.89
CA ALA A 363 45.83 15.80 3.52
C ALA A 363 46.08 15.59 2.05
N LEU A 364 47.19 16.13 1.57
CA LEU A 364 47.54 16.03 0.17
C LEU A 364 47.52 14.60 -0.35
N ASP A 365 48.14 13.70 0.39
CA ASP A 365 48.27 12.32 -0.03
C ASP A 365 46.95 11.70 -0.49
N GLU A 366 45.87 12.04 0.21
CA GLU A 366 44.57 11.50 -0.10
C GLU A 366 44.13 11.74 -1.53
N ALA A 367 44.20 13.00 -1.95
CA ALA A 367 43.76 13.38 -3.29
C ALA A 367 44.40 12.48 -4.35
N MET A 368 45.72 12.43 -4.32
CA MET A 368 46.47 11.59 -5.23
C MET A 368 45.95 10.18 -5.12
N SER A 369 45.84 9.71 -3.88
CA SER A 369 45.42 8.35 -3.61
C SER A 369 44.07 8.05 -4.25
N ILE A 370 43.21 9.05 -4.34
CA ILE A 370 41.93 8.84 -4.99
C ILE A 370 42.12 8.74 -6.48
N SER A 371 42.86 9.69 -7.05
CA SER A 371 43.03 9.71 -8.49
C SER A 371 43.60 8.40 -9.01
N VAL A 372 44.48 7.81 -8.22
CA VAL A 372 45.15 6.57 -8.62
C VAL A 372 44.20 5.39 -8.76
N GLU A 373 43.26 5.25 -7.82
CA GLU A 373 42.46 4.04 -7.71
C GLU A 373 41.50 3.80 -8.86
N MET A 374 41.07 4.87 -9.53
CA MET A 374 40.05 4.75 -10.56
C MET A 374 40.54 4.09 -11.83
N LEU A 375 41.84 3.82 -11.91
CA LEU A 375 42.40 3.19 -13.10
C LEU A 375 41.93 1.76 -13.26
N ARG A 376 42.05 1.24 -14.48
CA ARG A 376 41.69 -0.14 -14.77
C ARG A 376 42.62 -1.10 -14.06
N GLU A 377 42.18 -2.33 -13.89
CA GLU A 377 43.02 -3.34 -13.25
C GLU A 377 44.22 -3.67 -14.10
N ASP A 378 44.06 -3.52 -15.41
CA ASP A 378 45.11 -3.85 -16.36
C ASP A 378 46.33 -2.95 -16.17
N ILE A 379 46.09 -1.65 -16.15
CA ILE A 379 47.15 -0.66 -16.25
C ILE A 379 47.89 -0.38 -14.95
N LYS A 380 47.23 -0.57 -13.84
CA LYS A 380 47.62 -0.20 -12.47
C LYS A 380 49.03 -0.66 -12.16
N ASP A 381 49.45 -1.74 -12.79
CA ASP A 381 50.82 -2.20 -12.61
C ASP A 381 51.76 -1.33 -13.43
N TYR A 382 51.39 -1.09 -14.68
CA TYR A 382 52.23 -0.30 -15.57
C TYR A 382 52.53 1.08 -15.00
N TYR A 383 51.62 1.59 -14.18
CA TYR A 383 51.85 2.91 -13.64
C TYR A 383 53.02 2.88 -12.67
N THR A 384 52.98 1.91 -11.76
CA THR A 384 53.98 1.78 -10.71
C THR A 384 55.40 1.85 -11.24
N ASP A 385 55.62 1.22 -12.39
CA ASP A 385 56.93 1.17 -13.00
C ASP A 385 57.51 2.56 -13.21
N LEU A 386 56.62 3.53 -13.41
CA LEU A 386 57.04 4.84 -13.84
C LEU A 386 57.69 5.61 -12.68
N SER A 387 57.64 5.03 -11.48
CA SER A 387 58.19 5.67 -10.30
C SER A 387 59.69 5.92 -10.37
N ILE A 388 60.36 5.30 -11.35
CA ILE A 388 61.80 5.37 -11.45
C ILE A 388 62.33 6.74 -11.86
N LEU A 389 61.46 7.58 -12.38
CA LEU A 389 61.89 8.88 -12.89
C LEU A 389 62.36 9.80 -11.78
N GLN A 390 63.27 10.70 -12.13
CA GLN A 390 63.83 11.63 -11.17
C GLN A 390 63.08 12.92 -11.43
N LYS A 391 62.70 13.63 -10.37
CA LYS A 391 61.96 14.86 -10.57
C LYS A 391 62.81 15.76 -11.45
N ASP A 392 62.16 16.32 -12.47
CA ASP A 392 62.82 17.20 -13.42
C ASP A 392 63.59 16.48 -14.53
N VAL A 393 63.53 15.14 -14.59
CA VAL A 393 64.25 14.49 -15.66
C VAL A 393 63.31 14.10 -16.77
N LYS A 394 63.40 14.81 -17.89
CA LYS A 394 62.57 14.49 -19.03
C LYS A 394 63.10 13.23 -19.67
N VAL A 395 62.21 12.33 -20.05
CA VAL A 395 62.64 11.11 -20.68
C VAL A 395 62.14 11.07 -22.11
N PRO A 396 62.92 10.45 -23.00
CA PRO A 396 62.38 10.17 -24.32
C PRO A 396 61.46 8.97 -24.21
N THR A 397 60.81 8.59 -25.29
CA THR A 397 59.83 7.53 -25.22
C THR A 397 60.51 6.17 -25.22
N LYS A 398 61.55 6.05 -26.01
CA LYS A 398 62.21 4.77 -26.29
C LYS A 398 62.55 3.98 -25.04
N VAL A 399 63.07 4.64 -24.03
CA VAL A 399 63.48 3.97 -22.81
C VAL A 399 62.34 3.19 -22.20
N LEU A 400 61.13 3.72 -22.32
CA LEU A 400 59.96 3.05 -21.80
C LEU A 400 59.64 1.84 -22.65
N CYS A 401 59.89 1.94 -23.95
CA CYS A 401 59.72 0.82 -24.83
C CYS A 401 60.63 -0.29 -24.34
N ILE A 402 61.85 0.09 -23.99
CA ILE A 402 62.80 -0.85 -23.42
C ILE A 402 62.26 -1.48 -22.16
N LEU A 403 61.59 -0.68 -21.35
CA LEU A 403 61.09 -1.19 -20.09
C LEU A 403 59.95 -2.19 -20.26
N TRP A 404 58.91 -1.82 -21.00
CA TRP A 404 57.77 -2.72 -21.13
C TRP A 404 57.94 -3.70 -22.30
N ASP A 405 59.04 -3.61 -23.00
CA ASP A 405 59.36 -4.56 -24.08
C ASP A 405 58.30 -4.63 -25.17
N MET A 406 57.95 -3.49 -25.75
CA MET A 406 56.97 -3.48 -26.84
C MET A 406 57.12 -2.27 -27.77
N GLU A 407 56.43 -2.36 -28.90
CA GLU A 407 56.53 -1.38 -29.99
C GLU A 407 56.24 0.04 -29.52
N THR A 408 56.88 1.00 -30.17
CA THR A 408 56.76 2.41 -29.87
C THR A 408 55.34 2.92 -29.65
N GLU A 409 54.56 2.94 -30.72
CA GLU A 409 53.23 3.53 -30.67
C GLU A 409 52.39 2.86 -29.59
N GLU A 410 52.49 1.54 -29.54
CA GLU A 410 51.81 0.74 -28.53
C GLU A 410 52.01 1.31 -27.14
N VAL A 411 53.21 1.78 -26.86
CA VAL A 411 53.50 2.43 -25.59
C VAL A 411 52.90 3.82 -25.54
N GLU A 412 53.12 4.56 -26.62
CA GLU A 412 52.74 5.96 -26.67
C GLU A 412 51.26 6.16 -26.37
N ASP A 413 50.45 5.16 -26.71
CA ASP A 413 49.03 5.24 -26.42
C ASP A 413 48.73 5.20 -24.93
N ILE A 414 49.26 4.18 -24.26
CA ILE A 414 49.09 4.07 -22.82
C ILE A 414 49.55 5.36 -22.15
N LEU A 415 50.74 5.81 -22.52
CA LEU A 415 51.24 7.04 -21.94
C LEU A 415 50.24 8.17 -22.14
N GLN A 416 49.65 8.23 -23.33
CA GLN A 416 48.66 9.26 -23.61
C GLN A 416 47.49 9.14 -22.65
N GLU A 417 47.11 7.90 -22.33
CA GLU A 417 46.05 7.70 -21.35
C GLU A 417 46.43 8.29 -19.99
N PHE A 418 47.65 8.06 -19.56
CA PHE A 418 48.11 8.73 -18.34
C PHE A 418 48.07 10.23 -18.46
N VAL A 419 48.28 10.77 -19.65
CA VAL A 419 48.17 12.20 -19.81
C VAL A 419 46.72 12.63 -19.60
N ASN A 420 45.80 11.81 -20.11
CA ASN A 420 44.39 12.10 -19.98
C ASN A 420 43.97 12.14 -18.52
N LYS A 421 44.39 11.16 -17.75
CA LYS A 421 44.07 11.14 -16.32
C LYS A 421 44.86 12.18 -15.53
N SER A 422 45.76 12.90 -16.20
CA SER A 422 46.55 13.94 -15.58
C SER A 422 47.49 13.41 -14.50
N LEU A 423 48.03 12.22 -14.72
CA LEU A 423 49.07 11.69 -13.86
C LEU A 423 50.45 11.99 -14.38
N LEU A 424 50.52 12.48 -15.61
CA LEU A 424 51.81 12.60 -16.28
C LEU A 424 51.77 13.69 -17.33
N PHE A 425 52.87 14.40 -17.53
CA PHE A 425 52.81 15.50 -18.48
C PHE A 425 53.65 15.24 -19.71
N CYS A 426 53.21 15.81 -20.83
CA CYS A 426 53.79 15.52 -22.12
C CYS A 426 54.16 16.78 -22.87
N ASP A 427 55.43 16.88 -23.25
CA ASP A 427 55.92 18.00 -24.04
C ASP A 427 56.20 17.54 -25.46
N ARG A 428 55.76 18.35 -26.42
CA ARG A 428 55.87 18.01 -27.83
C ARG A 428 56.88 18.85 -28.56
N ASN A 429 58.00 18.25 -28.91
CA ASN A 429 59.00 18.90 -29.73
C ASN A 429 59.77 17.86 -30.54
N GLY A 430 60.13 18.22 -31.77
CA GLY A 430 60.73 17.26 -32.67
C GLY A 430 59.69 16.19 -32.98
N LYS A 431 60.15 15.03 -33.45
CA LYS A 431 59.22 13.95 -33.70
C LYS A 431 58.88 13.22 -32.41
N SER A 432 59.89 12.98 -31.59
CA SER A 432 59.70 12.20 -30.37
C SER A 432 59.06 13.04 -29.27
N PHE A 433 57.98 12.52 -28.69
CA PHE A 433 57.39 13.17 -27.54
C PHE A 433 58.28 13.02 -26.33
N ARG A 434 58.07 13.88 -25.34
CA ARG A 434 58.90 13.89 -24.14
C ARG A 434 58.06 13.92 -22.88
N TYR A 435 58.14 12.87 -22.08
CA TYR A 435 57.27 12.75 -20.91
C TYR A 435 57.99 13.05 -19.61
N TYR A 436 57.30 13.68 -18.67
CA TYR A 436 57.86 13.89 -17.35
C TYR A 436 56.80 14.10 -16.30
N LEU A 437 57.18 13.90 -15.05
CA LEU A 437 56.25 14.05 -13.94
C LEU A 437 56.27 15.43 -13.34
N HIS A 438 55.40 15.61 -12.36
CA HIS A 438 55.41 16.79 -11.53
C HIS A 438 55.89 16.33 -10.16
N ASP A 439 56.56 17.22 -9.44
CA ASP A 439 57.29 16.85 -8.24
C ASP A 439 56.47 16.09 -7.20
N LEU A 440 55.35 16.70 -6.82
CA LEU A 440 54.52 16.16 -5.75
C LEU A 440 54.19 14.71 -6.01
N GLN A 441 53.83 14.43 -7.25
CA GLN A 441 53.50 13.07 -7.64
C GLN A 441 54.70 12.16 -7.45
N VAL A 442 55.88 12.68 -7.73
CA VAL A 442 57.08 11.88 -7.59
C VAL A 442 57.29 11.48 -6.15
N ASP A 443 57.23 12.47 -5.26
CA ASP A 443 57.42 12.18 -3.86
C ASP A 443 56.35 11.24 -3.35
N PHE A 444 55.14 11.43 -3.85
CA PHE A 444 54.04 10.55 -3.51
C PHE A 444 54.36 9.11 -3.84
N LEU A 445 54.76 8.85 -5.08
CA LEU A 445 55.09 7.49 -5.48
C LEU A 445 56.28 6.96 -4.71
N THR A 446 57.17 7.87 -4.35
CA THR A 446 58.33 7.52 -3.54
C THR A 446 57.85 6.93 -2.22
N GLU A 447 56.82 7.53 -1.65
CA GLU A 447 56.32 7.04 -0.37
C GLU A 447 55.46 5.80 -0.51
N LYS A 448 54.64 5.76 -1.56
CA LYS A 448 53.70 4.67 -1.75
C LYS A 448 54.39 3.34 -2.00
N ASN A 449 55.31 3.33 -2.96
CA ASN A 449 56.07 2.12 -3.24
C ASN A 449 57.53 2.30 -2.88
N CYS A 450 57.96 1.59 -1.85
CA CYS A 450 59.33 1.71 -1.36
C CYS A 450 60.11 0.42 -1.62
N SER A 451 59.65 -0.66 -1.01
CA SER A 451 60.35 -1.94 -1.05
C SER A 451 60.62 -2.46 -2.46
N GLN A 452 59.89 -1.95 -3.45
CA GLN A 452 59.95 -2.49 -4.80
C GLN A 452 60.97 -1.78 -5.69
N LEU A 453 61.70 -0.83 -5.13
CA LEU A 453 62.71 -0.10 -5.90
C LEU A 453 63.74 -1.00 -6.56
N GLN A 454 64.37 -1.84 -5.73
CA GLN A 454 65.41 -2.75 -6.19
C GLN A 454 64.94 -3.53 -7.40
N ASP A 455 63.75 -4.10 -7.28
CA ASP A 455 63.14 -4.88 -8.34
C ASP A 455 63.16 -4.09 -9.63
N LEU A 456 62.70 -2.86 -9.55
CA LEU A 456 62.54 -2.02 -10.72
C LEU A 456 63.88 -1.69 -11.37
N HIS A 457 64.81 -1.20 -10.57
CA HIS A 457 66.10 -0.81 -11.12
C HIS A 457 66.82 -2.01 -11.76
N LYS A 458 66.88 -3.11 -11.04
CA LYS A 458 67.53 -4.29 -11.57
C LYS A 458 66.80 -4.78 -12.81
N LYS A 459 65.50 -4.51 -12.86
CA LYS A 459 64.69 -4.86 -14.01
C LYS A 459 65.13 -4.08 -15.25
N ILE A 460 65.17 -2.76 -15.12
CA ILE A 460 65.52 -1.93 -16.29
C ILE A 460 66.95 -2.19 -16.71
N ILE A 461 67.83 -2.46 -15.74
CA ILE A 461 69.21 -2.77 -16.07
C ILE A 461 69.31 -4.06 -16.86
N THR A 462 68.71 -5.11 -16.31
CA THR A 462 68.66 -6.41 -16.97
C THR A 462 68.15 -6.26 -18.41
N GLN A 463 67.06 -5.53 -18.57
CA GLN A 463 66.52 -5.25 -19.88
C GLN A 463 67.55 -4.59 -20.78
N PHE A 464 68.23 -3.59 -20.22
CA PHE A 464 69.18 -2.81 -20.99
C PHE A 464 70.29 -3.68 -21.53
N GLN A 465 70.82 -4.55 -20.67
CA GLN A 465 71.85 -5.48 -21.10
C GLN A 465 71.31 -6.42 -22.16
N ARG A 466 70.11 -6.93 -21.92
CA ARG A 466 69.51 -7.90 -22.82
C ARG A 466 69.27 -7.31 -24.20
N TYR A 467 69.18 -5.99 -24.29
CA TYR A 467 69.08 -5.37 -25.61
C TYR A 467 70.40 -4.78 -26.07
N HIS A 468 70.80 -3.65 -25.50
CA HIS A 468 72.00 -2.96 -25.96
C HIS A 468 73.25 -3.46 -25.26
N GLN A 469 74.38 -2.89 -25.65
CA GLN A 469 75.66 -3.18 -25.02
C GLN A 469 76.21 -1.92 -24.38
N PRO A 470 76.92 -2.07 -23.26
CA PRO A 470 77.42 -0.92 -22.51
C PRO A 470 78.36 -0.02 -23.31
N HIS A 471 79.30 -0.61 -24.03
CA HIS A 471 80.23 0.19 -24.82
C HIS A 471 79.75 0.36 -26.26
N THR A 472 78.58 -0.18 -26.56
CA THR A 472 78.02 0.00 -27.88
C THR A 472 76.77 0.87 -27.84
N LEU A 473 76.91 2.11 -28.29
CA LEU A 473 75.80 3.03 -28.38
C LEU A 473 75.91 3.89 -29.62
N SER A 474 74.78 4.10 -30.27
CA SER A 474 74.73 5.00 -31.41
C SER A 474 74.30 6.38 -30.94
N PRO A 475 75.22 7.35 -31.04
CA PRO A 475 74.92 8.75 -30.71
C PRO A 475 73.81 9.30 -31.59
N ASP A 476 73.53 8.61 -32.68
CA ASP A 476 72.46 8.99 -33.59
C ASP A 476 71.10 8.53 -33.10
N GLN A 477 71.07 7.69 -32.08
CA GLN A 477 69.80 7.23 -31.55
C GLN A 477 69.12 8.35 -30.78
N GLU A 478 67.90 8.09 -30.35
CA GLU A 478 67.14 9.11 -29.63
C GLU A 478 67.25 8.96 -28.12
N ASP A 479 67.72 7.80 -27.68
CA ASP A 479 67.79 7.51 -26.25
C ASP A 479 69.17 7.65 -25.62
N CYS A 480 70.18 7.96 -26.42
CA CYS A 480 71.57 7.92 -25.97
C CYS A 480 71.82 8.77 -24.73
N MET A 481 71.50 10.05 -24.85
CA MET A 481 71.80 11.05 -23.82
C MET A 481 71.35 10.59 -22.45
N TYR A 482 70.10 10.17 -22.38
CA TYR A 482 69.54 9.70 -21.12
C TYR A 482 70.36 8.57 -20.55
N TRP A 483 70.70 7.60 -21.38
CA TRP A 483 71.47 6.47 -20.89
C TRP A 483 72.78 6.94 -20.31
N TYR A 484 73.54 7.69 -21.09
CA TYR A 484 74.83 8.19 -20.61
C TYR A 484 74.70 8.89 -19.27
N ASN A 485 73.73 9.78 -19.14
CA ASN A 485 73.62 10.49 -17.87
C ASN A 485 73.23 9.60 -16.70
N PHE A 486 72.09 8.93 -16.79
CA PHE A 486 71.52 8.33 -15.60
C PHE A 486 71.76 6.83 -15.41
N LEU A 487 72.45 6.18 -16.33
CA LEU A 487 72.67 4.74 -16.22
C LEU A 487 73.40 4.40 -14.94
N ALA A 488 74.43 5.20 -14.64
CA ALA A 488 75.18 5.06 -13.40
C ALA A 488 74.24 5.08 -12.22
N TYR A 489 73.34 6.06 -12.20
CA TYR A 489 72.34 6.18 -11.15
C TYR A 489 71.51 4.92 -11.02
N HIS A 490 70.89 4.50 -12.11
CA HIS A 490 70.03 3.33 -12.08
C HIS A 490 70.77 2.11 -11.57
N MET A 491 72.07 2.05 -11.84
CA MET A 491 72.87 0.99 -11.25
C MET A 491 73.01 1.20 -9.75
N ALA A 492 73.21 2.44 -9.35
CA ALA A 492 73.48 2.76 -7.95
C ALA A 492 72.30 2.41 -7.06
N SER A 493 71.11 2.83 -7.46
CA SER A 493 69.92 2.55 -6.67
C SER A 493 69.67 1.05 -6.61
N ALA A 494 70.20 0.33 -7.58
CA ALA A 494 70.07 -1.12 -7.60
C ALA A 494 71.03 -1.75 -6.60
N LYS A 495 71.89 -0.92 -6.04
CA LYS A 495 72.90 -1.36 -5.07
C LYS A 495 73.80 -2.46 -5.63
N MET A 496 73.96 -2.50 -6.94
CA MET A 496 74.84 -3.48 -7.55
C MET A 496 76.13 -2.81 -7.94
N HIS A 497 77.19 -3.11 -7.20
CA HIS A 497 78.48 -2.49 -7.43
C HIS A 497 79.31 -3.26 -8.45
N LYS A 498 78.92 -4.50 -8.72
CA LYS A 498 79.71 -5.36 -9.59
C LYS A 498 79.64 -4.88 -11.02
N GLU A 499 78.43 -4.77 -11.53
CA GLU A 499 78.22 -4.25 -12.86
C GLU A 499 78.60 -2.78 -12.88
N LEU A 500 78.49 -2.15 -11.71
CA LEU A 500 78.89 -0.76 -11.56
C LEU A 500 80.37 -0.60 -11.81
N CYS A 501 81.17 -1.32 -11.05
CA CYS A 501 82.62 -1.29 -11.20
C CYS A 501 82.99 -1.68 -12.61
N ALA A 502 82.26 -2.64 -13.15
CA ALA A 502 82.48 -3.10 -14.52
C ALA A 502 82.35 -1.94 -15.50
N LEU A 503 81.28 -1.15 -15.35
CA LEU A 503 81.03 -0.05 -16.27
C LEU A 503 81.98 1.13 -16.07
N MET A 504 82.04 1.64 -14.84
CA MET A 504 82.71 2.90 -14.61
C MET A 504 84.23 2.81 -14.78
N PHE A 505 84.82 1.78 -14.20
CA PHE A 505 86.27 1.67 -14.18
C PHE A 505 86.83 1.43 -15.58
N SER A 506 85.95 1.02 -16.49
CA SER A 506 86.33 0.84 -17.89
C SER A 506 86.78 2.17 -18.47
N LEU A 507 87.84 2.13 -19.27
CA LEU A 507 88.43 3.35 -19.81
C LEU A 507 87.68 3.89 -21.02
N ASP A 508 87.26 3.01 -21.91
CA ASP A 508 86.58 3.44 -23.12
C ASP A 508 85.27 4.14 -22.81
N TRP A 509 84.56 3.65 -21.81
CA TRP A 509 83.35 4.29 -21.34
C TRP A 509 83.64 5.74 -21.00
N ILE A 510 84.73 5.93 -20.26
CA ILE A 510 85.18 7.25 -19.89
C ILE A 510 85.45 8.08 -21.13
N LYS A 511 86.15 7.48 -22.09
CA LYS A 511 86.50 8.16 -23.32
C LYS A 511 85.26 8.70 -24.03
N ALA A 512 84.33 7.80 -24.32
CA ALA A 512 83.11 8.15 -25.04
C ALA A 512 82.34 9.24 -24.31
N LYS A 513 82.12 9.02 -23.01
CA LYS A 513 81.37 9.97 -22.21
C LYS A 513 82.01 11.36 -22.28
N THR A 514 83.29 11.42 -21.92
CA THR A 514 84.05 12.67 -21.93
C THR A 514 83.97 13.38 -23.27
N GLU A 515 84.17 12.64 -24.34
CA GLU A 515 84.08 13.21 -25.68
C GLU A 515 82.72 13.85 -25.89
N LEU A 516 81.67 13.11 -25.54
CA LEU A 516 80.31 13.62 -25.76
C LEU A 516 79.90 14.62 -24.68
N VAL A 517 80.20 14.29 -23.43
CA VAL A 517 79.70 15.07 -22.30
C VAL A 517 80.73 16.05 -21.75
N GLY A 518 81.86 15.52 -21.30
CA GLY A 518 82.80 16.28 -20.51
C GLY A 518 82.83 15.74 -19.09
N PRO A 519 83.94 15.99 -18.39
CA PRO A 519 84.32 15.32 -17.14
C PRO A 519 83.42 15.59 -15.94
N ALA A 520 82.97 16.84 -15.81
CA ALA A 520 82.34 17.32 -14.58
C ALA A 520 81.24 16.39 -14.08
N HIS A 521 80.29 16.08 -14.95
CA HIS A 521 79.19 15.20 -14.60
C HIS A 521 79.70 13.90 -14.01
N LEU A 522 80.66 13.30 -14.70
CA LEU A 522 81.21 12.02 -14.30
C LEU A 522 81.85 12.12 -12.92
N ILE A 523 82.65 13.16 -12.73
CA ILE A 523 83.26 13.44 -11.44
C ILE A 523 82.21 13.43 -10.34
N HIS A 524 81.17 14.22 -10.56
CA HIS A 524 80.05 14.30 -9.65
C HIS A 524 79.51 12.91 -9.34
N GLU A 525 79.39 12.08 -10.36
CA GLU A 525 78.87 10.74 -10.16
C GLU A 525 79.79 9.92 -9.25
N PHE A 526 81.10 10.02 -9.46
CA PHE A 526 82.03 9.38 -8.54
C PHE A 526 81.81 9.82 -7.12
N VAL A 527 81.91 11.13 -6.91
CA VAL A 527 81.80 11.72 -5.59
C VAL A 527 80.54 11.25 -4.88
N GLU A 528 79.44 11.22 -5.62
CA GLU A 528 78.17 10.78 -5.06
C GLU A 528 78.18 9.30 -4.70
N TYR A 529 78.49 8.46 -5.68
CA TYR A 529 78.23 7.02 -5.55
C TYR A 529 79.35 6.29 -4.83
N ARG A 530 80.38 7.03 -4.42
CA ARG A 530 81.54 6.42 -3.78
C ARG A 530 81.18 5.57 -2.55
N HIS A 531 80.03 5.86 -1.95
CA HIS A 531 79.60 5.20 -0.73
C HIS A 531 79.43 3.68 -0.89
N ILE A 532 78.65 3.29 -1.88
CA ILE A 532 78.31 1.87 -2.06
C ILE A 532 79.56 1.07 -2.40
N LEU A 533 80.54 1.74 -2.99
CA LEU A 533 81.81 1.11 -3.35
C LEU A 533 82.54 0.59 -2.11
N ASP A 534 83.32 -0.47 -2.30
CA ASP A 534 84.03 -1.08 -1.18
C ASP A 534 85.22 -0.25 -0.74
N GLU A 535 85.90 -0.73 0.31
CA GLU A 535 87.04 -0.02 0.88
C GLU A 535 88.18 0.06 -0.12
N LYS A 536 88.51 -1.07 -0.71
CA LYS A 536 89.53 -1.12 -1.76
C LYS A 536 89.11 -0.27 -2.95
N ASP A 537 87.81 -0.26 -3.22
CA ASP A 537 87.26 0.47 -4.34
C ASP A 537 87.49 1.97 -4.17
N CYS A 538 87.42 2.42 -2.92
CA CYS A 538 87.58 3.83 -2.59
C CYS A 538 88.89 4.38 -3.15
N ALA A 539 89.95 3.59 -3.07
CA ALA A 539 91.25 4.01 -3.58
C ALA A 539 91.18 4.31 -5.07
N VAL A 540 90.67 3.35 -5.83
CA VAL A 540 90.54 3.48 -7.27
C VAL A 540 89.70 4.69 -7.65
N SER A 541 88.50 4.72 -7.08
CA SER A 541 87.56 5.81 -7.29
C SER A 541 88.25 7.13 -7.07
N GLU A 542 88.98 7.23 -5.95
CA GLU A 542 89.75 8.41 -5.62
C GLU A 542 90.73 8.77 -6.71
N ASN A 543 91.53 7.78 -7.11
CA ASN A 543 92.51 7.97 -8.18
C ASN A 543 91.88 8.65 -9.37
N PHE A 544 90.68 8.20 -9.72
CA PHE A 544 89.94 8.90 -10.76
C PHE A 544 89.55 10.30 -10.34
N GLN A 545 89.12 10.45 -9.09
CA GLN A 545 88.62 11.74 -8.59
C GLN A 545 89.64 12.84 -8.81
N GLU A 546 90.90 12.55 -8.51
CA GLU A 546 91.94 13.51 -8.84
C GLU A 546 92.30 13.48 -10.31
N PHE A 547 92.21 12.31 -10.93
CA PHE A 547 92.60 12.16 -12.33
C PHE A 547 91.86 13.14 -13.23
N LEU A 548 90.53 13.07 -13.19
CA LEU A 548 89.70 13.90 -14.03
C LEU A 548 89.80 15.37 -13.65
N SER A 549 89.89 15.64 -12.35
CA SER A 549 89.98 17.00 -11.85
C SER A 549 91.24 17.69 -12.37
N LEU A 550 92.31 16.91 -12.51
CA LEU A 550 93.56 17.43 -13.04
C LEU A 550 93.53 17.53 -14.55
N ASN A 551 92.89 16.56 -15.20
CA ASN A 551 92.85 16.52 -16.65
C ASN A 551 91.77 17.39 -17.24
N GLY A 552 91.04 18.07 -16.38
CA GLY A 552 89.84 18.81 -16.76
C GLY A 552 89.96 19.75 -17.93
N HIS A 553 91.11 20.39 -18.09
CA HIS A 553 91.30 21.36 -19.15
C HIS A 553 91.52 20.70 -20.50
N LEU A 554 92.18 19.55 -20.48
CA LEU A 554 92.49 18.84 -21.72
C LEU A 554 91.31 18.06 -22.30
N LEU A 555 90.64 17.29 -21.44
CA LEU A 555 89.67 16.31 -21.89
C LEU A 555 88.42 16.90 -22.54
N GLY A 556 87.78 16.09 -23.36
CA GLY A 556 86.47 16.40 -23.91
C GLY A 556 86.47 17.49 -24.96
N ARG A 557 87.62 18.15 -25.11
CA ARG A 557 87.72 19.24 -26.07
C ARG A 557 88.66 18.83 -27.20
N GLN A 558 88.08 18.55 -28.35
CA GLN A 558 88.86 18.01 -29.46
C GLN A 558 89.39 19.12 -30.38
N PRO A 559 90.57 18.91 -30.99
CA PRO A 559 91.41 17.72 -31.16
C PRO A 559 91.68 16.94 -29.88
N PHE A 560 91.59 15.62 -29.97
CA PHE A 560 91.44 14.79 -28.78
C PHE A 560 92.57 13.78 -28.68
N PRO A 561 93.07 13.55 -27.45
CA PRO A 561 94.22 12.68 -27.21
C PRO A 561 93.83 11.22 -26.93
N ASN A 562 94.83 10.38 -26.70
CA ASN A 562 94.58 8.99 -26.31
C ASN A 562 94.36 8.89 -24.81
N ILE A 563 93.45 8.02 -24.41
CA ILE A 563 93.20 7.76 -23.00
C ILE A 563 94.42 7.10 -22.38
N VAL A 564 94.90 6.04 -23.03
CA VAL A 564 95.99 5.24 -22.55
C VAL A 564 97.21 6.06 -22.18
N GLN A 565 97.67 6.85 -23.14
CA GLN A 565 98.91 7.61 -22.98
C GLN A 565 98.82 8.60 -21.83
N LEU A 566 97.65 9.17 -21.63
CA LEU A 566 97.44 10.08 -20.51
C LEU A 566 97.46 9.29 -19.23
N GLY A 567 96.96 8.06 -19.30
CA GLY A 567 96.94 7.18 -18.15
C GLY A 567 98.34 6.75 -17.78
N LEU A 568 99.26 6.81 -18.75
CA LEU A 568 100.64 6.41 -18.51
C LEU A 568 101.39 7.43 -17.65
N CYS A 569 100.85 8.65 -17.58
CA CYS A 569 101.49 9.72 -16.82
C CYS A 569 101.08 9.69 -15.35
N GLU A 570 100.25 8.72 -15.00
CA GLU A 570 99.73 8.62 -13.64
C GLU A 570 100.66 7.83 -12.73
N PRO A 571 100.63 8.13 -11.42
CA PRO A 571 101.41 7.35 -10.44
C PRO A 571 101.07 5.86 -10.52
N GLU A 572 102.07 5.02 -10.33
CA GLU A 572 101.91 3.58 -10.47
C GLU A 572 100.85 3.03 -9.53
N THR A 573 100.78 3.60 -8.33
CA THR A 573 99.81 3.18 -7.34
C THR A 573 98.38 3.43 -7.83
N SER A 574 98.19 4.47 -8.62
CA SER A 574 96.88 4.79 -9.18
C SER A 574 96.45 3.72 -10.16
N GLU A 575 95.22 3.24 -9.99
CA GLU A 575 94.69 2.19 -10.85
C GLU A 575 94.69 2.60 -12.30
N VAL A 576 94.51 3.91 -12.53
CA VAL A 576 94.50 4.47 -13.87
C VAL A 576 95.77 4.10 -14.62
N TYR A 577 96.90 4.31 -13.99
CA TYR A 577 98.18 3.99 -14.60
C TYR A 577 98.32 2.51 -14.89
N GLN A 578 97.76 1.68 -14.02
CA GLN A 578 97.91 0.25 -14.16
C GLN A 578 97.06 -0.29 -15.30
N GLN A 579 95.87 0.27 -15.45
CA GLN A 579 94.98 -0.13 -16.53
C GLN A 579 95.52 0.38 -17.86
N ALA A 580 95.92 1.64 -17.88
CA ALA A 580 96.48 2.26 -19.08
C ALA A 580 97.72 1.52 -19.54
N LYS A 581 98.58 1.18 -18.58
CA LYS A 581 99.78 0.41 -18.89
C LYS A 581 99.41 -0.98 -19.39
N LEU A 582 98.38 -1.56 -18.78
CA LEU A 582 97.91 -2.88 -19.19
C LEU A 582 97.51 -2.89 -20.66
N GLN A 583 96.57 -2.02 -21.03
CA GLN A 583 96.10 -1.96 -22.41
C GLN A 583 97.21 -1.54 -23.36
N ALA A 584 98.10 -0.68 -22.87
CA ALA A 584 99.26 -0.24 -23.66
C ALA A 584 100.09 -1.44 -24.05
N LYS A 585 100.41 -2.27 -23.06
CA LYS A 585 101.17 -3.49 -23.28
C LYS A 585 100.39 -4.46 -24.17
N GLN A 586 99.07 -4.41 -24.08
CA GLN A 586 98.23 -5.30 -24.88
C GLN A 586 98.35 -4.97 -26.37
N GLU A 587 98.35 -3.70 -26.72
CA GLU A 587 98.56 -3.30 -28.09
C GLU A 587 100.04 -3.31 -28.43
N VAL A 588 100.44 -4.25 -29.29
CA VAL A 588 101.84 -4.42 -29.65
C VAL A 588 101.97 -4.50 -31.16
N ASP A 589 103.12 -4.09 -31.67
CA ASP A 589 103.31 -4.09 -33.11
C ASP A 589 102.24 -3.17 -33.67
N ASN A 590 101.88 -2.17 -32.88
CA ASN A 590 100.85 -1.20 -33.23
C ASN A 590 101.46 0.18 -33.31
N GLY A 591 101.18 0.85 -34.42
CA GLY A 591 101.68 2.18 -34.68
C GLY A 591 101.33 3.16 -33.57
N MET A 592 100.99 2.62 -32.40
CA MET A 592 100.64 3.43 -31.25
C MET A 592 101.88 4.08 -30.64
N LEU A 593 102.92 3.27 -30.43
CA LEU A 593 104.20 3.74 -29.89
C LEU A 593 104.03 4.44 -28.55
N TYR A 594 103.67 3.66 -27.52
CA TYR A 594 103.45 4.20 -26.18
C TYR A 594 104.74 4.63 -25.52
N LEU A 595 104.62 5.50 -24.51
CA LEU A 595 105.78 6.01 -23.79
C LEU A 595 105.65 5.72 -22.30
N GLU A 596 106.77 5.75 -21.59
CA GLU A 596 106.78 5.46 -20.16
C GLU A 596 107.51 6.54 -19.38
N TRP A 597 106.96 6.91 -18.22
CA TRP A 597 107.53 7.97 -17.39
C TRP A 597 108.05 7.45 -16.04
N ILE A 598 109.38 7.44 -15.90
CA ILE A 598 109.99 7.11 -14.62
C ILE A 598 110.04 8.31 -13.67
N ASN A 599 110.07 9.51 -14.25
CA ASN A 599 110.29 10.73 -13.48
C ASN A 599 109.05 11.27 -12.76
N LYS A 600 107.87 11.05 -13.34
CA LYS A 600 106.64 11.65 -12.81
C LYS A 600 106.23 11.12 -11.44
N LYS A 601 106.91 10.09 -10.95
CA LYS A 601 106.58 9.55 -9.64
C LYS A 601 106.95 10.54 -8.52
N ASN A 602 108.04 11.28 -8.70
CA ASN A 602 108.48 12.25 -7.70
C ASN A 602 108.03 13.68 -7.99
N ILE A 603 107.37 13.90 -9.13
CA ILE A 603 106.95 15.24 -9.52
C ILE A 603 105.49 15.25 -10.00
N THR A 604 105.05 16.41 -10.49
CA THR A 604 103.66 16.66 -10.86
C THR A 604 102.76 16.41 -9.64
N ASN A 605 102.82 17.33 -8.69
CA ASN A 605 102.02 17.25 -7.48
C ASN A 605 100.53 17.29 -7.78
N LEU A 606 99.74 16.65 -6.93
CA LEU A 606 98.29 16.58 -7.11
C LEU A 606 97.63 17.93 -6.89
N SER A 607 96.43 18.08 -7.44
CA SER A 607 95.65 19.32 -7.29
C SER A 607 94.24 19.01 -6.83
N ARG A 608 93.63 19.95 -6.12
CA ARG A 608 92.25 19.75 -5.67
C ARG A 608 91.28 19.76 -6.84
N LEU A 609 91.33 20.80 -7.67
CA LEU A 609 90.44 20.86 -8.82
C LEU A 609 91.01 21.67 -9.99
N VAL A 610 90.66 21.26 -11.21
CA VAL A 610 90.97 22.03 -12.41
C VAL A 610 89.75 22.09 -13.32
N VAL A 611 89.23 23.29 -13.54
CA VAL A 611 88.02 23.45 -14.36
C VAL A 611 88.11 24.60 -15.36
N ARG A 612 87.98 24.27 -16.65
CA ARG A 612 87.85 25.29 -17.68
C ARG A 612 86.49 25.22 -18.38
N PRO A 613 85.57 26.13 -18.03
CA PRO A 613 84.41 26.35 -18.90
C PRO A 613 84.58 27.58 -19.79
N HIS A 614 85.69 27.70 -20.50
CA HIS A 614 86.03 28.93 -21.21
C HIS A 614 86.74 28.71 -22.54
N THR A 615 86.32 29.45 -23.56
CA THR A 615 87.06 29.53 -24.81
C THR A 615 88.02 30.72 -24.81
N ASP A 616 87.88 31.58 -23.79
CA ASP A 616 88.66 32.80 -23.70
C ASP A 616 89.25 33.01 -22.30
N ALA A 617 90.15 33.98 -22.18
CA ALA A 617 90.87 34.23 -20.94
C ALA A 617 89.96 34.68 -19.80
N VAL A 618 90.42 34.48 -18.57
CA VAL A 618 89.65 34.83 -17.38
C VAL A 618 90.10 36.16 -16.79
N TYR A 619 89.19 37.13 -16.74
CA TYR A 619 89.51 38.41 -16.13
C TYR A 619 89.41 38.35 -14.60
N HIS A 620 88.36 37.70 -14.09
CA HIS A 620 88.23 37.52 -12.65
C HIS A 620 87.44 36.25 -12.30
N ALA A 621 87.82 35.61 -11.20
CA ALA A 621 87.09 34.46 -10.70
C ALA A 621 87.11 34.44 -9.17
N CYS A 622 85.97 34.16 -8.56
CA CYS A 622 85.87 34.12 -7.11
C CYS A 622 84.76 33.19 -6.62
N PHE A 623 84.92 32.67 -5.42
CA PHE A 623 83.91 31.80 -4.80
C PHE A 623 82.79 32.61 -4.17
N SER A 624 81.60 32.04 -4.14
CA SER A 624 80.47 32.64 -3.46
C SER A 624 80.68 32.64 -1.95
N GLU A 625 79.96 33.51 -1.26
CA GLU A 625 80.09 33.62 0.20
C GLU A 625 79.74 32.32 0.90
N ASP A 626 78.78 31.59 0.36
CA ASP A 626 78.35 30.32 0.94
C ASP A 626 79.23 29.17 0.48
N GLY A 627 80.10 29.44 -0.49
CA GLY A 627 80.97 28.41 -1.04
C GLY A 627 80.20 27.33 -1.77
N GLN A 628 79.39 27.74 -2.73
CA GLN A 628 78.53 26.82 -3.47
C GLN A 628 78.73 26.93 -4.98
N ARG A 629 78.41 28.09 -5.53
CA ARG A 629 78.47 28.29 -6.97
C ARG A 629 79.53 29.33 -7.37
N ILE A 630 80.03 29.20 -8.59
CA ILE A 630 81.07 30.09 -9.10
C ILE A 630 80.57 30.86 -10.32
N ALA A 631 80.70 32.18 -10.27
CA ALA A 631 80.39 33.03 -11.42
C ALA A 631 81.67 33.68 -11.94
N SER A 632 82.11 33.26 -13.12
CA SER A 632 83.36 33.76 -13.69
C SER A 632 83.14 34.66 -14.90
N CYS A 633 84.02 35.63 -15.07
CA CYS A 633 83.94 36.57 -16.19
C CYS A 633 85.28 36.70 -16.90
N GLY A 634 85.23 36.90 -18.22
CA GLY A 634 86.43 36.94 -19.02
C GLY A 634 86.23 37.52 -20.41
N ALA A 635 87.22 37.32 -21.27
CA ALA A 635 87.20 37.87 -22.63
C ALA A 635 86.12 37.23 -23.50
N ASP A 636 85.49 36.17 -23.00
CA ASP A 636 84.42 35.50 -23.73
C ASP A 636 83.14 36.33 -23.73
N LYS A 637 83.13 37.41 -22.95
CA LYS A 637 82.00 38.33 -22.84
C LYS A 637 80.76 37.60 -22.33
N THR A 638 80.98 36.51 -21.62
CA THR A 638 79.88 35.70 -21.10
C THR A 638 80.12 35.27 -19.66
N LEU A 639 79.20 35.66 -18.77
CA LEU A 639 79.25 35.24 -17.38
C LEU A 639 78.94 33.75 -17.26
N GLN A 640 79.86 33.01 -16.65
CA GLN A 640 79.73 31.57 -16.50
C GLN A 640 79.43 31.16 -15.07
N VAL A 641 78.22 30.67 -14.83
CA VAL A 641 77.83 30.19 -13.52
C VAL A 641 77.85 28.66 -13.50
N PHE A 642 78.73 28.09 -12.69
CA PHE A 642 78.88 26.64 -12.62
C PHE A 642 79.15 26.17 -11.19
N LYS A 643 78.97 24.86 -10.96
CA LYS A 643 79.16 24.29 -9.63
C LYS A 643 80.63 24.29 -9.23
N ALA A 644 80.90 24.58 -7.96
CA ALA A 644 82.27 24.72 -7.48
C ALA A 644 82.93 23.39 -7.16
N GLU A 645 82.14 22.35 -6.94
CA GLU A 645 82.69 21.06 -6.50
C GLU A 645 83.10 20.18 -7.68
N THR A 646 82.12 19.63 -8.39
CA THR A 646 82.40 18.73 -9.50
C THR A 646 82.47 19.46 -10.83
N GLY A 647 82.10 20.74 -10.82
CA GLY A 647 82.22 21.58 -12.00
C GLY A 647 81.20 21.35 -13.09
N GLU A 648 79.96 21.05 -12.71
CA GLU A 648 78.89 20.89 -13.69
C GLU A 648 78.42 22.24 -14.22
N LYS A 649 77.94 22.24 -15.45
CA LYS A 649 77.43 23.46 -16.07
C LYS A 649 76.05 23.80 -15.52
N LEU A 650 75.90 24.99 -14.96
CA LEU A 650 74.63 25.42 -14.40
C LEU A 650 73.93 26.41 -15.34
N LEU A 651 74.45 27.63 -15.41
CA LEU A 651 73.86 28.66 -16.25
C LEU A 651 74.92 29.48 -16.98
N GLU A 652 74.65 29.82 -18.23
CA GLU A 652 75.52 30.67 -19.02
C GLU A 652 74.77 31.94 -19.42
N ILE A 653 75.19 33.07 -18.88
CA ILE A 653 74.45 34.32 -19.08
C ILE A 653 75.28 35.37 -19.80
N LYS A 654 74.72 35.97 -20.84
CA LYS A 654 75.43 37.01 -21.57
C LYS A 654 75.35 38.33 -20.80
N ALA A 655 76.51 38.83 -20.37
CA ALA A 655 76.55 40.06 -19.58
C ALA A 655 76.44 41.31 -20.45
N HIS A 656 77.24 41.36 -21.52
CA HIS A 656 77.31 42.55 -22.36
C HIS A 656 77.68 42.20 -23.80
N GLU A 657 77.77 43.22 -24.64
CA GLU A 657 78.25 43.07 -26.01
C GLU A 657 79.76 43.30 -26.05
N ASP A 658 80.30 43.73 -24.91
CA ASP A 658 81.73 44.02 -24.80
C ASP A 658 82.35 43.27 -23.62
N GLU A 659 83.67 43.22 -23.58
CA GLU A 659 84.40 42.50 -22.54
C GLU A 659 84.12 43.08 -21.15
N VAL A 660 83.80 42.19 -20.21
CA VAL A 660 83.49 42.58 -18.85
C VAL A 660 84.77 42.85 -18.06
N LEU A 661 84.89 44.06 -17.53
CA LEU A 661 86.10 44.46 -16.80
C LEU A 661 86.21 43.76 -15.45
N CYS A 662 85.15 43.84 -14.65
CA CYS A 662 85.17 43.22 -13.32
C CYS A 662 83.77 42.80 -12.87
N CYS A 663 83.72 41.77 -12.03
CA CYS A 663 82.46 41.25 -11.52
C CYS A 663 82.65 40.63 -10.13
N ALA A 664 81.62 40.73 -9.29
CA ALA A 664 81.70 40.20 -7.93
C ALA A 664 80.33 39.83 -7.37
N PHE A 665 80.32 38.93 -6.39
CA PHE A 665 79.09 38.51 -5.73
C PHE A 665 78.55 39.56 -4.76
N SER A 666 77.26 39.48 -4.47
CA SER A 666 76.63 40.35 -3.48
C SER A 666 76.63 39.70 -2.11
N THR A 667 75.91 40.31 -1.17
CA THR A 667 75.78 39.76 0.17
C THR A 667 75.05 38.42 0.16
N ASP A 668 73.91 38.39 -0.52
CA ASP A 668 73.11 37.17 -0.62
C ASP A 668 73.42 36.39 -1.89
N ASP A 669 74.36 36.91 -2.69
CA ASP A 669 74.85 36.25 -3.90
C ASP A 669 73.79 36.17 -5.00
N ARG A 670 72.58 36.61 -4.71
CA ARG A 670 71.45 36.48 -5.63
C ARG A 670 71.46 37.54 -6.73
N PHE A 671 72.35 38.52 -6.60
CA PHE A 671 72.44 39.59 -7.59
C PHE A 671 73.89 39.90 -7.96
N ILE A 672 74.19 39.82 -9.25
CA ILE A 672 75.54 40.13 -9.73
C ILE A 672 75.50 41.15 -10.88
N ALA A 673 76.04 42.33 -10.64
CA ALA A 673 76.09 43.38 -11.66
C ALA A 673 77.41 43.36 -12.40
N THR A 674 77.37 43.64 -13.70
CA THR A 674 78.56 43.59 -14.53
C THR A 674 78.92 44.95 -15.12
N CYS A 675 80.22 45.20 -15.22
CA CYS A 675 80.75 46.42 -15.80
C CYS A 675 81.62 46.06 -17.01
N SER A 676 81.48 46.80 -18.11
CA SER A 676 82.19 46.46 -19.33
C SER A 676 82.72 47.66 -20.11
N VAL A 677 83.23 47.40 -21.30
CA VAL A 677 83.85 48.41 -22.15
C VAL A 677 82.80 49.36 -22.74
N ASP A 678 81.55 48.92 -22.75
CA ASP A 678 80.47 49.70 -23.35
C ASP A 678 79.99 50.81 -22.40
N LYS A 679 80.62 50.88 -21.23
CA LYS A 679 80.39 51.94 -20.26
C LYS A 679 78.97 51.90 -19.71
N LYS A 680 78.44 50.69 -19.56
CA LYS A 680 77.11 50.49 -19.02
C LYS A 680 77.12 49.39 -17.95
N VAL A 681 76.70 49.75 -16.74
CA VAL A 681 76.65 48.79 -15.64
C VAL A 681 75.29 48.09 -15.63
N LYS A 682 75.30 46.77 -15.82
CA LYS A 682 74.03 46.04 -15.90
C LYS A 682 73.89 44.98 -14.80
N ILE A 683 72.86 45.15 -13.97
CA ILE A 683 72.58 44.19 -12.91
C ILE A 683 71.92 42.94 -13.46
N TRP A 684 72.54 41.78 -13.19
CA TRP A 684 72.02 40.50 -13.66
C TRP A 684 71.65 39.61 -12.49
N ASN A 685 70.52 38.91 -12.62
CA ASN A 685 70.08 37.97 -11.59
C ASN A 685 70.73 36.61 -11.83
N SER A 686 71.18 35.99 -10.75
CA SER A 686 71.90 34.72 -10.84
C SER A 686 70.96 33.54 -11.09
N MET A 687 69.80 33.55 -10.43
CA MET A 687 68.86 32.45 -10.53
C MET A 687 67.82 32.69 -11.62
N THR A 688 67.93 33.81 -12.32
CA THR A 688 66.98 34.15 -13.37
C THR A 688 67.69 34.37 -14.71
N GLY A 689 68.52 35.40 -14.78
CA GLY A 689 69.24 35.71 -16.00
C GLY A 689 68.61 36.84 -16.79
N GLU A 690 67.67 37.54 -16.17
CA GLU A 690 66.97 38.64 -16.82
C GLU A 690 67.35 39.98 -16.19
N LEU A 691 67.28 41.04 -16.99
CA LEU A 691 67.61 42.39 -16.53
C LEU A 691 66.73 42.83 -15.38
N VAL A 692 67.35 43.34 -14.33
CA VAL A 692 66.61 43.83 -13.16
C VAL A 692 66.65 45.35 -13.14
N HIS A 693 67.84 45.93 -12.97
CA HIS A 693 68.03 47.37 -13.10
C HIS A 693 69.29 47.66 -13.91
N THR A 694 69.27 48.79 -14.62
CA THR A 694 70.43 49.22 -15.39
C THR A 694 70.77 50.68 -15.10
N TYR A 695 72.07 50.98 -15.03
CA TYR A 695 72.52 52.32 -14.69
C TYR A 695 73.58 52.81 -15.68
N ASP A 696 73.27 53.88 -16.40
CA ASP A 696 74.25 54.49 -17.29
C ASP A 696 74.50 55.95 -16.91
N GLU A 697 75.68 56.22 -16.37
CA GLU A 697 76.07 57.58 -16.00
C GLU A 697 77.46 57.90 -16.52
N HIS A 698 78.45 57.13 -16.05
CA HIS A 698 79.86 57.35 -16.37
C HIS A 698 80.13 57.47 -17.87
N SER A 699 80.92 58.48 -18.23
CA SER A 699 81.34 58.67 -19.62
C SER A 699 82.65 57.93 -19.88
N GLU A 700 83.12 57.21 -18.86
CA GLU A 700 84.35 56.42 -18.97
C GLU A 700 84.13 55.02 -18.45
N GLN A 701 85.08 54.13 -18.74
CA GLN A 701 84.98 52.73 -18.30
C GLN A 701 85.05 52.62 -16.78
N VAL A 702 84.36 51.63 -16.23
CA VAL A 702 84.34 51.42 -14.79
C VAL A 702 85.15 50.19 -14.38
N ASN A 703 86.28 50.44 -13.71
CA ASN A 703 87.16 49.37 -13.28
C ASN A 703 86.83 48.86 -11.88
N CYS A 704 85.93 49.56 -11.20
CA CYS A 704 85.57 49.20 -9.82
C CYS A 704 84.13 48.74 -9.69
N CYS A 705 83.94 47.45 -9.42
CA CYS A 705 82.63 46.92 -9.04
C CYS A 705 82.75 46.09 -7.77
N HIS A 706 82.16 46.57 -6.69
CA HIS A 706 82.23 45.89 -5.41
C HIS A 706 80.92 46.03 -4.64
N PHE A 707 80.44 44.92 -4.08
CA PHE A 707 79.17 44.91 -3.37
C PHE A 707 79.37 44.88 -1.86
N THR A 708 78.25 44.92 -1.13
CA THR A 708 78.30 44.93 0.34
C THR A 708 78.45 43.53 0.91
N ASN A 709 79.17 43.43 2.02
CA ASN A 709 79.35 42.15 2.70
C ASN A 709 78.31 41.96 3.81
N SER A 710 77.43 42.94 3.96
CA SER A 710 76.39 42.89 4.99
C SER A 710 75.01 43.14 4.39
N SER A 711 73.98 42.78 5.14
CA SER A 711 72.60 42.95 4.69
C SER A 711 72.01 44.27 5.17
N HIS A 712 72.84 45.06 5.86
CA HIS A 712 72.42 46.35 6.39
C HIS A 712 71.87 47.26 5.28
N HIS A 713 72.74 47.64 4.35
CA HIS A 713 72.32 48.34 3.15
C HIS A 713 73.03 47.80 1.90
N LEU A 714 72.70 48.38 0.75
CA LEU A 714 73.28 47.94 -0.52
C LEU A 714 73.86 49.13 -1.28
N LEU A 715 75.18 49.10 -1.50
CA LEU A 715 75.87 50.18 -2.18
C LEU A 715 76.84 49.64 -3.22
N LEU A 716 77.26 50.51 -4.15
CA LEU A 716 78.21 50.11 -5.18
C LEU A 716 79.29 51.17 -5.39
N ALA A 717 80.55 50.78 -5.23
CA ALA A 717 81.66 51.71 -5.41
C ALA A 717 82.10 51.76 -6.87
N THR A 718 82.01 52.93 -7.48
CA THR A 718 82.42 53.09 -8.87
C THR A 718 83.36 54.28 -9.07
N GLY A 719 84.28 54.15 -10.00
CA GLY A 719 85.21 55.22 -10.33
C GLY A 719 85.70 55.10 -11.75
N SER A 720 86.16 56.21 -12.33
CA SER A 720 86.61 56.22 -13.72
C SER A 720 87.58 57.36 -13.99
N SER A 721 87.86 57.57 -15.28
CA SER A 721 88.83 58.58 -15.71
C SER A 721 88.32 60.01 -15.54
N ASP A 722 87.05 60.15 -15.13
CA ASP A 722 86.46 61.46 -14.95
C ASP A 722 86.83 62.09 -13.61
N CYS A 723 87.65 61.36 -12.84
CA CYS A 723 88.16 61.82 -11.55
C CYS A 723 87.04 62.00 -10.53
N PHE A 724 85.97 61.22 -10.69
CA PHE A 724 84.84 61.27 -9.77
C PHE A 724 84.64 59.91 -9.11
N LEU A 725 84.39 59.92 -7.80
CA LEU A 725 84.05 58.69 -7.10
C LEU A 725 82.54 58.64 -6.87
N LYS A 726 81.87 57.73 -7.57
CA LYS A 726 80.42 57.65 -7.49
C LYS A 726 79.96 56.41 -6.75
N LEU A 727 79.16 56.62 -5.71
CA LEU A 727 78.62 55.52 -4.93
C LEU A 727 77.14 55.33 -5.26
N TRP A 728 76.85 54.22 -5.95
CA TRP A 728 75.50 53.88 -6.37
C TRP A 728 74.69 53.24 -5.25
N ASP A 729 73.36 53.42 -5.32
CA ASP A 729 72.44 52.78 -4.41
C ASP A 729 71.54 51.81 -5.17
N LEU A 730 71.62 50.53 -4.82
CA LEU A 730 70.88 49.49 -5.53
C LEU A 730 69.37 49.61 -5.31
N ASN A 731 68.97 50.29 -4.25
CA ASN A 731 67.56 50.46 -3.94
C ASN A 731 66.90 51.53 -4.80
N GLN A 732 67.67 52.55 -5.17
CA GLN A 732 67.15 53.64 -5.99
C GLN A 732 67.58 53.52 -7.45
N LYS A 733 67.11 54.43 -8.29
CA LYS A 733 67.43 54.42 -9.71
C LYS A 733 68.60 55.36 -10.00
N GLU A 734 69.05 56.08 -8.97
CA GLU A 734 70.11 57.07 -9.16
C GLU A 734 71.34 56.75 -8.31
N CYS A 735 72.35 57.61 -8.43
CA CYS A 735 73.59 57.46 -7.67
C CYS A 735 73.52 58.20 -6.35
N ARG A 736 73.95 57.55 -5.27
CA ARG A 736 73.86 58.15 -3.95
C ARG A 736 74.90 59.23 -3.70
N ASN A 737 76.17 58.93 -4.00
CA ASN A 737 77.24 59.87 -3.68
C ASN A 737 78.19 60.19 -4.84
N THR A 738 78.78 61.38 -4.77
CA THR A 738 79.78 61.82 -5.75
C THR A 738 80.91 62.56 -5.04
N MET A 739 82.15 62.17 -5.32
CA MET A 739 83.30 62.70 -4.61
C MET A 739 84.43 63.16 -5.54
N PHE A 740 84.91 64.39 -5.29
CA PHE A 740 86.02 64.97 -6.03
C PHE A 740 87.37 64.37 -5.61
N GLY A 741 88.38 64.58 -6.45
CA GLY A 741 89.72 64.08 -6.18
C GLY A 741 90.14 62.93 -7.07
N HIS A 742 91.33 62.38 -6.80
CA HIS A 742 91.91 61.34 -7.63
C HIS A 742 92.08 61.79 -9.09
N THR A 743 93.04 62.68 -9.31
CA THR A 743 93.31 63.25 -10.63
C THR A 743 93.64 62.19 -11.68
N ASN A 744 94.01 61.00 -11.24
CA ASN A 744 94.29 59.91 -12.16
C ASN A 744 93.25 58.80 -12.00
N SER A 745 93.35 57.75 -12.81
CA SER A 745 92.39 56.65 -12.77
C SER A 745 92.53 55.83 -11.50
N VAL A 746 91.40 55.41 -10.94
CA VAL A 746 91.40 54.58 -9.74
C VAL A 746 91.34 53.10 -10.10
N ASN A 747 92.41 52.38 -9.80
CA ASN A 747 92.49 50.97 -10.15
C ASN A 747 91.63 50.08 -9.27
N HIS A 748 91.73 50.25 -7.96
CA HIS A 748 90.99 49.39 -7.04
C HIS A 748 90.16 50.18 -6.03
N CYS A 749 88.84 50.03 -6.14
CA CYS A 749 87.92 50.65 -5.18
C CYS A 749 87.16 49.58 -4.43
N ARG A 750 87.25 49.60 -3.10
CA ARG A 750 86.68 48.51 -2.30
C ARG A 750 86.04 49.01 -1.01
N PHE A 751 84.95 48.34 -0.60
CA PHE A 751 84.32 48.63 0.68
C PHE A 751 85.17 48.17 1.84
N SER A 752 84.97 48.81 2.99
CA SER A 752 85.61 48.40 4.24
C SER A 752 84.84 47.19 4.80
N PRO A 753 85.31 46.61 5.92
CA PRO A 753 84.47 45.55 6.52
C PRO A 753 83.13 46.09 7.02
N ASP A 754 83.05 47.40 7.21
CA ASP A 754 81.79 48.05 7.53
C ASP A 754 81.35 48.91 6.35
N ASP A 755 80.04 49.00 6.12
CA ASP A 755 79.51 49.77 5.00
C ASP A 755 79.57 51.27 5.25
N LYS A 756 79.95 51.65 6.46
CA LYS A 756 80.03 53.06 6.85
C LYS A 756 81.23 53.76 6.22
N LEU A 757 82.15 52.98 5.66
CA LEU A 757 83.37 53.55 5.08
C LEU A 757 83.60 53.08 3.64
N LEU A 758 84.46 53.78 2.93
CA LEU A 758 84.80 53.43 1.55
C LEU A 758 86.30 53.63 1.28
N ALA A 759 86.93 52.62 0.69
CA ALA A 759 88.36 52.69 0.42
C ALA A 759 88.65 52.87 -1.07
N SER A 760 89.38 53.95 -1.38
CA SER A 760 89.77 54.24 -2.75
C SER A 760 91.28 54.12 -2.92
N CYS A 761 91.69 53.22 -3.81
CA CYS A 761 93.10 52.96 -4.05
C CYS A 761 93.45 53.10 -5.53
N SER A 762 94.42 53.97 -5.81
CA SER A 762 94.85 54.23 -7.19
C SER A 762 96.37 54.17 -7.31
N ALA A 763 96.87 54.12 -8.53
CA ALA A 763 98.30 53.97 -8.78
C ALA A 763 99.03 55.31 -8.85
N ASP A 764 98.30 56.41 -8.67
CA ASP A 764 98.90 57.73 -8.72
C ASP A 764 99.61 58.06 -7.42
N GLY A 765 99.46 57.21 -6.42
CA GLY A 765 100.10 57.41 -5.13
C GLY A 765 99.16 57.96 -4.09
N THR A 766 97.88 58.04 -4.43
CA THR A 766 96.88 58.55 -3.50
C THR A 766 95.98 57.44 -2.97
N LEU A 767 96.12 57.14 -1.68
CA LEU A 767 95.27 56.15 -1.04
C LEU A 767 94.31 56.85 -0.07
N LYS A 768 93.03 56.87 -0.42
CA LYS A 768 92.06 57.65 0.36
C LYS A 768 91.01 56.79 1.04
N LEU A 769 90.58 57.25 2.21
CA LEU A 769 89.51 56.59 2.96
C LEU A 769 88.39 57.60 3.25
N TRP A 770 87.22 57.34 2.68
CA TRP A 770 86.11 58.28 2.70
C TRP A 770 84.95 57.78 3.56
N ASP A 771 84.20 58.71 4.12
CA ASP A 771 82.99 58.38 4.88
C ASP A 771 81.83 58.16 3.93
N ALA A 772 81.15 57.02 4.07
CA ALA A 772 80.03 56.68 3.20
C ALA A 772 78.77 57.46 3.59
N THR A 773 78.46 57.48 4.87
CA THR A 773 77.26 58.15 5.36
C THR A 773 77.45 59.67 5.42
N SER A 774 78.57 60.10 5.97
CA SER A 774 78.85 61.53 6.14
C SER A 774 79.20 62.19 4.80
N ALA A 775 79.64 61.37 3.85
CA ALA A 775 79.95 61.82 2.49
C ALA A 775 81.17 62.75 2.42
N ASN A 776 81.71 63.10 3.59
CA ASN A 776 82.86 63.98 3.67
C ASN A 776 84.18 63.22 3.65
N GLU A 777 85.28 63.93 3.87
CA GLU A 777 86.61 63.32 3.87
C GLU A 777 87.01 62.85 5.26
N ARG A 778 87.38 61.58 5.37
CA ARG A 778 87.85 61.05 6.64
C ARG A 778 89.37 61.10 6.70
N LYS A 779 90.03 60.32 5.85
CA LYS A 779 91.49 60.33 5.80
C LYS A 779 92.04 60.28 4.38
N SER A 780 93.19 60.89 4.17
CA SER A 780 93.88 60.87 2.89
C SER A 780 95.37 60.59 3.10
N ILE A 781 95.88 59.55 2.45
CA ILE A 781 97.26 59.12 2.67
C ILE A 781 98.07 59.06 1.38
N ASN A 782 99.18 59.79 1.36
CA ASN A 782 100.13 59.72 0.26
C ASN A 782 101.41 59.04 0.72
N VAL A 783 101.80 57.96 0.04
CA VAL A 783 102.92 57.15 0.51
C VAL A 783 104.24 57.54 -0.15
N LYS A 784 105.12 58.14 0.64
CA LYS A 784 106.47 58.45 0.20
C LYS A 784 107.47 57.40 0.69
N GLN A 785 106.95 56.38 1.37
CA GLN A 785 107.78 55.37 2.03
C GLN A 785 108.78 54.68 1.11
N PHE A 786 108.35 54.37 -0.12
CA PHE A 786 109.23 53.71 -1.07
C PHE A 786 110.30 54.68 -1.57
N PHE A 787 111.56 54.29 -1.43
CA PHE A 787 112.68 55.15 -1.79
C PHE A 787 113.15 54.92 -3.22
N LEU A 788 113.23 55.99 -4.00
CA LEU A 788 113.75 55.92 -5.35
C LEU A 788 115.25 56.16 -5.38
N ASN A 789 115.79 56.56 -4.22
CA ASN A 789 117.22 56.84 -4.08
C ASN A 789 117.73 57.86 -5.09
N GLU A 795 111.89 64.76 -11.61
CA GLU A 795 112.00 63.41 -11.09
C GLU A 795 111.34 63.30 -9.72
N ASP A 796 110.05 63.59 -9.66
CA ASP A 796 109.31 63.52 -8.41
C ASP A 796 109.06 62.07 -7.99
N MET A 797 108.86 61.86 -6.69
CA MET A 797 108.62 60.53 -6.17
C MET A 797 107.23 60.02 -6.56
N GLU A 798 107.19 58.84 -7.17
CA GLU A 798 105.94 58.24 -7.61
C GLU A 798 105.83 56.78 -7.18
N VAL A 799 104.82 56.48 -6.37
CA VAL A 799 104.62 55.12 -5.88
C VAL A 799 103.26 54.57 -6.34
N ILE A 800 103.30 53.57 -7.19
CA ILE A 800 102.07 52.96 -7.72
C ILE A 800 101.48 51.95 -6.74
N VAL A 801 100.16 51.86 -6.72
CA VAL A 801 99.46 50.91 -5.87
C VAL A 801 98.60 49.97 -6.70
N LYS A 802 98.92 48.68 -6.65
CA LYS A 802 98.19 47.68 -7.43
C LYS A 802 96.83 47.36 -6.83
N CYS A 803 96.84 46.76 -5.64
CA CYS A 803 95.60 46.33 -4.98
C CYS A 803 95.58 46.69 -3.51
N CYS A 804 94.39 46.60 -2.91
CA CYS A 804 94.22 46.87 -1.49
C CYS A 804 93.40 45.77 -0.82
N SER A 805 93.99 45.10 0.15
CA SER A 805 93.31 44.00 0.84
C SER A 805 93.13 44.30 2.33
N TRP A 806 91.90 44.20 2.81
CA TRP A 806 91.60 44.44 4.21
C TRP A 806 92.03 43.29 5.11
N SER A 807 92.57 43.64 6.27
CA SER A 807 93.00 42.65 7.25
C SER A 807 91.79 42.00 7.94
N ALA A 808 92.02 40.83 8.53
CA ALA A 808 90.96 40.11 9.22
C ALA A 808 90.47 40.86 10.45
N ASP A 809 91.33 41.70 11.01
CA ASP A 809 90.99 42.49 12.19
C ASP A 809 89.97 43.58 11.85
N GLY A 810 89.97 44.01 10.59
CA GLY A 810 89.06 45.04 10.13
C GLY A 810 89.60 46.44 10.41
N ALA A 811 90.90 46.53 10.61
CA ALA A 811 91.55 47.80 10.90
C ALA A 811 92.71 48.05 9.95
N ARG A 812 93.73 47.19 10.02
CA ARG A 812 94.92 47.33 9.21
C ARG A 812 94.62 47.14 7.72
N ILE A 813 95.45 47.73 6.87
CA ILE A 813 95.30 47.61 5.43
C ILE A 813 96.56 47.04 4.79
N MET A 814 96.43 45.86 4.18
CA MET A 814 97.55 45.21 3.51
C MET A 814 97.61 45.58 2.03
N VAL A 815 98.72 46.20 1.62
CA VAL A 815 98.90 46.59 0.24
C VAL A 815 100.28 46.17 -0.27
N ALA A 816 100.47 46.25 -1.59
CA ALA A 816 101.76 45.94 -2.19
C ALA A 816 102.16 47.03 -3.18
N ALA A 817 103.30 47.66 -2.92
CA ALA A 817 103.76 48.76 -3.77
C ALA A 817 105.16 48.50 -4.33
N LYS A 818 105.30 48.72 -5.64
CA LYS A 818 106.58 48.54 -6.33
C LYS A 818 107.19 47.17 -6.07
N ASN A 819 108.38 47.17 -5.48
CA ASN A 819 109.11 45.92 -5.23
C ASN A 819 108.88 45.37 -3.83
N LYS A 820 108.02 46.02 -3.04
CA LYS A 820 107.85 45.61 -1.64
C LYS A 820 106.39 45.54 -1.21
N ILE A 821 106.16 44.90 -0.06
CA ILE A 821 104.83 44.81 0.52
C ILE A 821 104.72 45.73 1.73
N PHE A 822 103.62 46.47 1.81
CA PHE A 822 103.43 47.43 2.89
C PHE A 822 102.16 47.17 3.70
N LEU A 823 102.29 47.25 5.02
CA LEU A 823 101.17 47.09 5.94
C LEU A 823 100.88 48.42 6.65
N PHE A 824 99.71 48.99 6.35
CA PHE A 824 99.36 50.31 6.86
C PHE A 824 98.38 50.24 8.04
N ASP A 825 98.53 51.17 8.98
CA ASP A 825 97.60 51.29 10.09
C ASP A 825 96.76 52.55 9.91
N ILE A 826 95.45 52.40 9.95
CA ILE A 826 94.54 53.53 9.75
C ILE A 826 94.60 54.52 10.91
N HIS A 827 94.99 54.03 12.08
CA HIS A 827 95.08 54.88 13.27
C HIS A 827 96.26 55.84 13.19
N THR A 828 97.44 55.30 12.90
CA THR A 828 98.66 56.10 12.82
C THR A 828 98.80 56.79 11.46
N SER A 829 98.08 56.27 10.47
CA SER A 829 98.06 56.81 9.11
C SER A 829 99.40 56.70 8.39
N GLY A 830 100.42 56.24 9.10
CA GLY A 830 101.75 56.09 8.53
C GLY A 830 102.04 54.66 8.13
N LEU A 831 103.31 54.26 8.23
CA LEU A 831 103.71 52.90 7.88
C LEU A 831 103.90 52.06 9.14
N LEU A 832 102.98 51.12 9.35
CA LEU A 832 103.02 50.26 10.53
C LEU A 832 103.99 49.10 10.37
N GLY A 833 103.99 48.48 9.20
CA GLY A 833 104.83 47.32 8.97
C GLY A 833 105.27 47.17 7.53
N GLU A 834 106.34 46.39 7.33
CA GLU A 834 106.91 46.20 6.00
C GLU A 834 107.31 44.75 5.76
N ILE A 835 106.85 44.20 4.62
CA ILE A 835 107.18 42.83 4.25
C ILE A 835 108.01 42.82 2.97
N HIS A 836 109.15 42.12 3.02
CA HIS A 836 110.07 42.07 1.88
C HIS A 836 109.56 41.13 0.79
N THR A 837 109.86 41.48 -0.46
CA THR A 837 109.49 40.68 -1.61
C THR A 837 110.75 40.28 -2.37
N GLY A 838 110.72 39.11 -3.01
CA GLY A 838 111.90 38.55 -3.66
C GLY A 838 112.58 39.43 -4.69
N HIS A 839 113.88 39.68 -4.46
CA HIS A 839 114.74 40.44 -5.35
C HIS A 839 114.18 41.81 -5.74
N HIS A 840 114.40 42.19 -7.00
CA HIS A 840 113.97 43.49 -7.50
C HIS A 840 112.66 43.42 -8.27
N SER A 841 112.08 42.22 -8.36
CA SER A 841 110.89 42.00 -9.16
C SER A 841 109.69 42.80 -8.67
N THR A 842 108.96 43.39 -9.62
CA THR A 842 107.80 44.22 -9.30
C THR A 842 106.57 43.37 -9.00
N ILE A 843 105.82 43.74 -7.98
CA ILE A 843 104.64 42.98 -7.57
C ILE A 843 103.44 43.27 -8.48
N GLN A 844 102.94 42.23 -9.14
CA GLN A 844 101.79 42.36 -10.02
C GLN A 844 100.47 42.35 -9.27
N TYR A 845 100.35 41.47 -8.28
CA TYR A 845 99.09 41.31 -7.55
C TYR A 845 99.33 40.86 -6.11
N CYS A 846 98.38 41.15 -5.23
CA CYS A 846 98.48 40.77 -3.83
C CYS A 846 97.12 40.41 -3.24
N ASP A 847 97.12 39.48 -2.28
CA ASP A 847 95.90 39.09 -1.59
C ASP A 847 96.25 38.58 -0.19
N PHE A 848 95.32 38.72 0.75
CA PHE A 848 95.55 38.33 2.13
C PHE A 848 94.46 37.39 2.64
N SER A 849 94.87 36.37 3.40
CA SER A 849 93.96 35.39 3.96
C SER A 849 93.65 35.70 5.42
N PRO A 850 92.36 35.73 5.78
CA PRO A 850 91.92 36.01 7.14
C PRO A 850 92.39 34.95 8.15
N GLN A 851 92.55 33.72 7.69
CA GLN A 851 93.03 32.65 8.54
C GLN A 851 94.53 32.47 8.39
N ASN A 852 95.21 32.20 9.52
CA ASN A 852 96.65 31.96 9.56
C ASN A 852 97.49 33.17 9.19
N HIS A 853 96.83 34.27 8.81
CA HIS A 853 97.48 35.52 8.43
C HIS A 853 98.42 35.34 7.23
N LEU A 854 98.13 34.34 6.41
CA LEU A 854 98.91 34.09 5.20
C LEU A 854 98.50 35.04 4.09
N ALA A 855 99.42 35.30 3.17
CA ALA A 855 99.15 36.20 2.04
C ALA A 855 99.82 35.71 0.77
N VAL A 856 99.08 35.74 -0.34
CA VAL A 856 99.64 35.34 -1.63
C VAL A 856 99.97 36.54 -2.50
N VAL A 857 101.05 36.43 -3.26
CA VAL A 857 101.50 37.51 -4.11
C VAL A 857 101.89 37.02 -5.51
N ALA A 858 101.27 37.61 -6.53
CA ALA A 858 101.66 37.35 -7.91
C ALA A 858 102.77 38.33 -8.29
N LEU A 859 103.95 37.81 -8.56
CA LEU A 859 105.14 38.65 -8.72
C LEU A 859 105.62 38.71 -10.17
N SER A 860 106.24 37.64 -10.64
CA SER A 860 106.73 37.60 -12.02
C SER A 860 106.74 36.18 -12.57
N GLN A 861 106.43 36.05 -13.86
CA GLN A 861 106.45 34.77 -14.56
C GLN A 861 105.63 33.69 -13.86
N TYR A 862 104.31 33.88 -13.89
CA TYR A 862 103.33 32.92 -13.35
C TYR A 862 103.69 32.37 -11.97
N CYS A 863 104.29 33.22 -11.14
CA CYS A 863 104.72 32.79 -9.81
C CYS A 863 103.83 33.37 -8.72
N VAL A 864 103.07 32.51 -8.06
CA VAL A 864 102.26 32.91 -6.91
C VAL A 864 102.96 32.46 -5.63
N GLU A 865 103.47 33.44 -4.89
CA GLU A 865 104.26 33.14 -3.69
C GLU A 865 103.48 33.38 -2.41
N LEU A 866 103.51 32.40 -1.51
CA LEU A 866 102.80 32.51 -0.24
C LEU A 866 103.74 32.88 0.89
N TRP A 867 103.47 34.03 1.51
CA TRP A 867 104.27 34.56 2.59
C TRP A 867 103.44 34.71 3.86
N ASN A 868 104.10 34.77 5.02
CA ASN A 868 103.42 34.97 6.28
C ASN A 868 103.75 36.33 6.86
N THR A 869 102.79 36.93 7.57
CA THR A 869 102.98 38.24 8.19
C THR A 869 103.85 38.13 9.43
N ASP A 870 104.63 39.17 9.70
CA ASP A 870 105.55 39.21 10.83
C ASP A 870 106.50 38.02 10.82
N SER A 871 106.92 37.63 9.63
CA SER A 871 107.77 36.46 9.45
C SER A 871 109.01 36.79 8.63
N ARG A 872 108.80 37.22 7.39
CA ARG A 872 109.86 37.52 6.44
C ARG A 872 110.66 36.27 6.11
N SER A 873 109.96 35.13 6.11
CA SER A 873 110.54 33.86 5.72
C SER A 873 109.65 33.18 4.68
N LYS A 874 110.27 32.47 3.75
CA LYS A 874 109.51 31.86 2.66
C LYS A 874 108.64 30.72 3.18
N VAL A 875 107.33 30.81 2.88
CA VAL A 875 106.39 29.80 3.34
C VAL A 875 106.07 28.81 2.23
N ALA A 876 105.43 29.30 1.16
CA ALA A 876 105.06 28.40 0.07
C ALA A 876 105.26 29.04 -1.31
N ASP A 877 105.24 28.19 -2.34
CA ASP A 877 105.37 28.64 -3.72
C ASP A 877 104.47 27.82 -4.63
N CYS A 878 103.75 28.49 -5.53
CA CYS A 878 102.79 27.82 -6.41
C CYS A 878 103.31 27.70 -7.83
N ARG A 879 103.40 26.46 -8.31
CA ARG A 879 103.84 26.18 -9.68
C ARG A 879 102.92 25.18 -10.37
N GLY A 880 103.09 25.03 -11.67
CA GLY A 880 102.26 24.12 -12.45
C GLY A 880 101.24 24.83 -13.33
N HIS A 881 101.29 26.16 -13.30
CA HIS A 881 100.40 26.97 -14.14
C HIS A 881 100.85 26.91 -15.60
N LEU A 882 99.87 27.01 -16.49
CA LEU A 882 100.13 27.22 -17.91
C LEU A 882 100.72 28.65 -18.19
N SER A 883 100.20 29.68 -17.50
CA SER A 883 100.60 31.11 -17.70
C SER A 883 100.69 32.04 -16.45
N TRP A 884 101.30 33.25 -16.58
CA TRP A 884 101.45 34.15 -15.45
C TRP A 884 100.07 34.50 -14.93
N VAL A 885 99.92 34.30 -13.63
CA VAL A 885 98.63 34.39 -13.00
C VAL A 885 98.05 35.75 -13.11
N HIS A 886 96.87 35.77 -13.70
CA HIS A 886 96.15 36.99 -13.84
C HIS A 886 95.77 37.38 -12.43
N GLY A 887 95.33 36.38 -11.67
CA GLY A 887 94.98 36.69 -10.29
C GLY A 887 94.59 35.47 -9.47
N VAL A 888 94.71 35.59 -8.15
CA VAL A 888 94.37 34.50 -7.24
C VAL A 888 93.58 35.00 -6.05
N MET A 889 92.77 34.11 -5.47
CA MET A 889 91.94 34.47 -4.32
C MET A 889 91.94 33.37 -3.27
N PHE A 890 91.40 33.66 -2.09
CA PHE A 890 91.28 32.66 -1.04
C PHE A 890 89.84 32.17 -0.88
N SER A 891 89.68 30.90 -0.51
CA SER A 891 88.37 30.40 -0.11
C SER A 891 88.25 30.55 1.39
N PRO A 892 87.35 31.43 1.85
CA PRO A 892 87.34 31.73 3.29
C PRO A 892 86.72 30.62 4.14
N ASP A 893 87.14 29.39 3.90
CA ASP A 893 86.91 28.30 4.84
C ASP A 893 88.19 28.08 5.64
N GLY A 894 89.23 28.81 5.26
CA GLY A 894 90.55 28.66 5.85
C GLY A 894 91.31 27.48 5.27
N SER A 895 90.60 26.62 4.53
CA SER A 895 91.17 25.37 4.02
C SER A 895 92.01 25.53 2.76
N SER A 896 91.51 26.31 1.79
CA SER A 896 92.14 26.35 0.47
C SER A 896 91.97 27.67 -0.26
N PHE A 897 92.54 27.75 -1.47
CA PHE A 897 92.48 28.96 -2.27
C PHE A 897 92.29 28.65 -3.77
N LEU A 898 91.89 29.66 -4.53
CA LEU A 898 91.65 29.50 -5.96
C LEU A 898 92.67 30.28 -6.79
N THR A 899 93.02 29.73 -7.96
CA THR A 899 93.95 30.37 -8.86
C THR A 899 93.35 30.58 -10.25
N SER A 900 93.64 31.73 -10.85
CA SER A 900 93.15 32.06 -12.17
C SER A 900 94.26 32.69 -13.02
N SER A 901 94.44 32.17 -14.23
CA SER A 901 95.54 32.59 -15.09
C SER A 901 95.06 32.91 -16.51
N ASP A 902 96.01 33.16 -17.40
CA ASP A 902 95.71 33.42 -18.80
C ASP A 902 95.58 32.11 -19.57
N ASP A 903 95.65 31.00 -18.84
CA ASP A 903 95.51 29.67 -19.42
C ASP A 903 94.03 29.33 -19.55
N GLN A 904 93.18 30.30 -19.22
CA GLN A 904 91.74 30.23 -19.41
C GLN A 904 91.08 29.17 -18.52
N THR A 905 91.73 28.86 -17.40
CA THR A 905 91.25 27.80 -16.52
C THR A 905 91.25 28.20 -15.05
N ILE A 906 90.14 27.94 -14.37
CA ILE A 906 90.04 28.22 -12.94
C ILE A 906 90.41 26.97 -12.15
N ARG A 907 91.33 27.12 -11.19
CA ARG A 907 91.79 25.97 -10.41
C ARG A 907 91.59 26.14 -8.91
N LEU A 908 91.43 25.00 -8.23
CA LEU A 908 91.32 24.95 -6.78
C LEU A 908 92.55 24.25 -6.21
N TRP A 909 93.27 24.97 -5.36
CA TRP A 909 94.52 24.50 -4.75
C TRP A 909 94.44 24.51 -3.22
N GLU A 910 95.13 23.57 -2.59
CA GLU A 910 95.17 23.47 -1.13
C GLU A 910 96.32 24.28 -0.55
N THR A 911 96.08 24.94 0.58
CA THR A 911 97.08 25.79 1.21
C THR A 911 98.23 24.98 1.80
N LYS A 912 97.90 23.97 2.60
CA LYS A 912 98.91 23.18 3.31
C LYS A 912 99.65 22.21 2.40
N LYS A 913 99.01 21.80 1.31
CA LYS A 913 99.58 20.82 0.40
C LYS A 913 100.66 21.42 -0.51
N VAL A 914 100.39 22.61 -1.02
CA VAL A 914 101.33 23.31 -1.90
C VAL A 914 102.56 23.77 -1.10
N CYS A 915 102.36 23.96 0.20
CA CYS A 915 103.41 24.42 1.10
C CYS A 915 104.71 23.61 1.00
N LYS A 916 104.57 22.31 0.75
CA LYS A 916 105.72 21.43 0.61
C LYS A 916 106.32 21.55 -0.79
N ASN A 917 107.60 21.90 -0.85
CA ASN A 917 108.30 22.06 -2.12
C ASN A 917 109.55 21.22 -2.22
N SER A 918 109.75 20.58 -3.38
CA SER A 918 110.90 19.71 -3.59
C SER A 918 112.08 20.48 -4.19
N ALA A 919 111.84 21.74 -4.56
CA ALA A 919 112.87 22.60 -5.14
C ALA A 919 113.52 21.99 -6.38
N VAL A 920 112.68 21.53 -7.31
CA VAL A 920 113.16 20.94 -8.55
C VAL A 920 113.22 21.99 -9.67
N MET A 921 112.95 23.24 -9.31
CA MET A 921 112.88 24.34 -10.26
C MET A 921 114.11 24.49 -11.15
N LEU A 922 113.88 24.66 -12.45
CA LEU A 922 114.94 24.86 -13.42
C LEU A 922 114.59 26.08 -14.25
N LYS A 923 115.51 27.02 -14.42
CA LYS A 923 115.11 28.30 -15.00
C LYS A 923 115.04 28.32 -16.53
N GLN A 924 116.19 28.49 -17.18
CA GLN A 924 116.21 28.60 -18.64
C GLN A 924 116.72 27.37 -19.40
N GLU A 925 117.24 26.38 -18.69
CA GLU A 925 118.04 25.36 -19.38
C GLU A 925 118.08 23.99 -18.70
N VAL A 926 118.18 22.95 -19.52
CA VAL A 926 118.56 21.62 -19.06
C VAL A 926 119.71 21.11 -19.91
N ASP A 927 120.58 20.28 -19.32
CA ASP A 927 121.76 19.80 -20.02
C ASP A 927 121.80 18.27 -20.08
N VAL A 928 121.85 17.74 -21.30
CA VAL A 928 121.93 16.30 -21.51
C VAL A 928 123.37 15.80 -21.39
N VAL A 929 123.52 14.59 -20.87
CA VAL A 929 124.84 13.97 -20.74
C VAL A 929 124.82 12.64 -21.50
N PHE A 930 125.93 12.29 -22.14
CA PHE A 930 125.99 11.05 -22.91
C PHE A 930 127.04 10.09 -22.38
N GLN A 931 126.59 8.97 -21.81
CA GLN A 931 127.50 7.89 -21.41
C GLN A 931 127.27 6.69 -22.31
N GLU A 932 128.22 6.43 -23.20
CA GLU A 932 128.04 5.44 -24.26
C GLU A 932 126.68 5.64 -24.95
N ASN A 933 125.87 4.59 -24.97
CA ASN A 933 124.51 4.69 -25.51
C ASN A 933 123.54 5.32 -24.50
N GLU A 934 123.77 5.04 -23.23
CA GLU A 934 122.90 5.51 -22.15
C GLU A 934 122.98 7.03 -21.97
N VAL A 935 121.86 7.64 -21.60
CA VAL A 935 121.80 9.08 -21.38
C VAL A 935 121.71 9.41 -19.89
N MET A 936 122.38 10.49 -19.48
CA MET A 936 122.37 10.94 -18.10
C MET A 936 121.84 12.37 -18.03
N VAL A 937 121.39 12.78 -16.86
CA VAL A 937 120.75 14.10 -16.72
C VAL A 937 121.60 15.08 -15.91
N LEU A 938 121.83 16.26 -16.49
CA LEU A 938 122.49 17.34 -15.77
C LEU A 938 121.58 18.57 -15.73
N ALA A 939 121.13 18.92 -14.53
CA ALA A 939 120.20 20.04 -14.38
C ALA A 939 120.88 21.25 -13.75
N VAL A 940 120.43 22.45 -14.14
CA VAL A 940 120.95 23.67 -13.53
C VAL A 940 120.04 24.11 -12.39
N ASP A 941 120.55 24.01 -11.17
CA ASP A 941 119.75 24.25 -9.97
C ASP A 941 119.29 25.69 -9.85
N HIS A 942 118.08 25.85 -9.32
CA HIS A 942 117.51 27.18 -9.11
C HIS A 942 118.26 27.97 -8.06
N ILE A 943 118.48 27.34 -6.91
CA ILE A 943 119.07 28.01 -5.74
C ILE A 943 120.51 28.49 -5.98
N ARG A 944 121.42 27.57 -6.28
CA ARG A 944 122.83 27.93 -6.38
C ARG A 944 123.49 27.61 -7.72
N ARG A 945 123.83 26.34 -7.94
CA ARG A 945 124.52 25.98 -9.18
C ARG A 945 123.81 24.90 -9.99
N LEU A 946 123.92 23.64 -9.56
CA LEU A 946 123.40 22.56 -10.37
C LEU A 946 123.07 21.29 -9.59
N GLN A 947 122.27 20.42 -10.20
CA GLN A 947 121.93 19.12 -9.65
C GLN A 947 122.20 18.03 -10.67
N LEU A 948 122.96 17.01 -10.27
CA LEU A 948 123.30 15.92 -11.16
C LEU A 948 122.38 14.72 -10.94
N ILE A 949 121.63 14.38 -11.99
CA ILE A 949 120.69 13.25 -11.92
C ILE A 949 121.16 12.08 -12.77
N ASN A 950 121.48 10.97 -12.10
CA ASN A 950 121.92 9.76 -12.77
C ASN A 950 120.74 9.06 -13.43
N GLY A 951 121.00 8.41 -14.56
CA GLY A 951 119.96 7.77 -15.34
C GLY A 951 119.42 6.48 -14.74
N ARG A 952 118.10 6.30 -14.86
CA ARG A 952 117.41 5.08 -14.42
C ARG A 952 117.61 4.77 -12.94
N THR A 953 117.86 5.81 -12.14
CA THR A 953 118.02 5.65 -10.70
C THR A 953 117.74 6.95 -9.97
N GLY A 954 117.50 6.86 -8.66
CA GLY A 954 117.19 8.02 -7.86
C GLY A 954 118.41 8.71 -7.27
N GLN A 955 119.57 8.46 -7.86
CA GLN A 955 120.82 9.06 -7.38
C GLN A 955 120.91 10.53 -7.81
N ILE A 956 121.07 11.41 -6.84
CA ILE A 956 121.15 12.85 -7.10
C ILE A 956 122.32 13.48 -6.36
N ASP A 957 123.22 14.12 -7.09
CA ASP A 957 124.36 14.80 -6.49
C ASP A 957 124.22 16.31 -6.63
N TYR A 958 124.01 16.99 -5.50
CA TYR A 958 123.78 18.43 -5.50
C TYR A 958 125.09 19.21 -5.44
N LEU A 959 125.31 20.07 -6.43
CA LEU A 959 126.51 20.91 -6.48
C LEU A 959 126.14 22.38 -6.31
N THR A 960 126.75 23.01 -5.31
CA THR A 960 126.44 24.39 -4.95
C THR A 960 127.61 25.35 -5.17
N GLU A 961 127.36 26.38 -5.97
CA GLU A 961 128.31 27.46 -6.22
C GLU A 961 127.57 28.77 -6.45
N ALA A 962 128.29 29.78 -6.92
CA ALA A 962 127.69 31.07 -7.24
C ALA A 962 126.69 30.94 -8.38
N GLN A 963 125.75 31.89 -8.46
CA GLN A 963 124.71 31.85 -9.48
C GLN A 963 125.28 31.88 -10.90
N VAL A 964 124.61 31.20 -11.81
CA VAL A 964 125.07 31.10 -13.19
C VAL A 964 124.01 31.63 -14.16
N SER A 965 124.47 32.36 -15.19
CA SER A 965 123.56 32.86 -16.22
C SER A 965 123.25 31.76 -17.24
N CYS A 966 124.27 31.00 -17.62
CA CYS A 966 124.10 29.92 -18.58
C CYS A 966 125.14 28.83 -18.37
N CYS A 967 124.83 27.62 -18.84
CA CYS A 967 125.74 26.49 -18.70
C CYS A 967 125.89 25.72 -20.01
N CYS A 968 127.10 25.21 -20.25
CA CYS A 968 127.38 24.46 -21.47
C CYS A 968 128.33 23.29 -21.19
N LEU A 969 128.00 22.14 -21.78
CA LEU A 969 128.78 20.93 -21.59
C LEU A 969 129.79 20.74 -22.72
N SER A 970 130.99 20.30 -22.37
CA SER A 970 132.07 20.12 -23.33
C SER A 970 132.06 18.75 -24.00
N PRO A 971 132.52 18.67 -25.26
CA PRO A 971 132.70 17.39 -25.93
C PRO A 971 133.82 16.58 -25.27
N HIS A 972 133.76 15.25 -25.35
CA HIS A 972 134.70 14.36 -24.67
C HIS A 972 134.53 14.42 -23.15
N LEU A 973 133.61 15.29 -22.71
CA LEU A 973 133.31 15.52 -21.31
C LEU A 973 134.53 15.96 -20.51
N GLN A 974 134.62 15.47 -19.27
CA GLN A 974 135.73 15.76 -18.36
C GLN A 974 135.82 17.23 -17.96
N TYR A 975 135.05 18.09 -18.64
CA TYR A 975 135.07 19.53 -18.43
C TYR A 975 133.67 20.11 -18.49
N ILE A 976 133.53 21.36 -18.04
CA ILE A 976 132.27 22.10 -18.18
C ILE A 976 132.57 23.59 -18.32
N ALA A 977 131.80 24.27 -19.15
CA ALA A 977 132.01 25.70 -19.38
C ALA A 977 130.71 26.48 -19.23
N PHE A 978 130.66 27.37 -18.25
CA PHE A 978 129.43 28.09 -17.96
C PHE A 978 129.64 29.60 -17.80
N GLY A 979 128.74 30.37 -18.37
CA GLY A 979 128.75 31.82 -18.22
C GLY A 979 127.95 32.24 -17.01
N ASP A 980 128.36 33.34 -16.38
CA ASP A 980 127.68 33.83 -15.18
C ASP A 980 127.05 35.20 -15.42
N GLU A 981 126.41 35.73 -14.38
CA GLU A 981 125.81 37.06 -14.46
C GLU A 981 126.83 38.11 -14.05
N ASN A 982 128.00 37.65 -13.59
CA ASN A 982 129.07 38.55 -13.21
C ASN A 982 129.91 38.96 -14.41
N GLY A 983 129.61 38.37 -15.56
CA GLY A 983 130.29 38.71 -16.80
C GLY A 983 131.25 37.65 -17.30
N ALA A 984 131.65 37.80 -18.56
CA ALA A 984 132.60 36.90 -19.22
C ALA A 984 132.18 35.44 -19.19
N ILE A 985 133.15 34.56 -18.98
CA ILE A 985 132.93 33.11 -19.04
C ILE A 985 133.77 32.39 -17.99
N GLU A 986 133.18 31.43 -17.29
CA GLU A 986 133.93 30.65 -16.32
C GLU A 986 134.03 29.18 -16.75
N ILE A 987 135.26 28.68 -16.83
CA ILE A 987 135.50 27.30 -17.20
C ILE A 987 135.93 26.48 -15.99
N LEU A 988 135.25 25.35 -15.76
CA LEU A 988 135.54 24.54 -14.59
C LEU A 988 135.72 23.07 -14.97
N GLU A 989 136.57 22.36 -14.23
CA GLU A 989 136.86 20.96 -14.51
C GLU A 989 135.99 20.03 -13.65
N LEU A 990 135.37 19.05 -14.29
CA LEU A 990 134.47 18.12 -13.60
C LEU A 990 135.21 17.29 -12.56
N VAL A 991 136.51 17.10 -12.77
CA VAL A 991 137.33 16.32 -11.83
C VAL A 991 137.52 17.07 -10.52
N ASN A 992 137.96 18.32 -10.61
CA ASN A 992 138.14 19.17 -9.43
C ASN A 992 137.42 20.51 -9.59
N ASN A 993 136.48 20.77 -8.69
CA ASN A 993 135.70 22.00 -8.73
C ASN A 993 136.47 23.21 -8.22
N ARG A 994 137.59 22.95 -7.54
CA ARG A 994 138.41 24.03 -7.00
C ARG A 994 139.26 24.68 -8.08
N ILE A 995 139.47 23.97 -9.18
CA ILE A 995 140.25 24.49 -10.29
C ILE A 995 139.36 25.09 -11.37
N PHE A 996 139.54 26.39 -11.63
CA PHE A 996 138.73 27.08 -12.63
C PHE A 996 139.54 28.17 -13.34
N GLN A 997 139.16 28.46 -14.58
CA GLN A 997 139.83 29.48 -15.37
C GLN A 997 138.84 30.46 -15.99
N SER A 998 139.15 31.74 -15.89
CA SER A 998 138.29 32.79 -16.45
C SER A 998 139.10 34.02 -16.85
N ARG A 999 138.62 34.71 -17.89
CA ARG A 999 139.26 35.95 -18.33
C ARG A 999 138.21 36.99 -18.68
N PHE A 1000 138.50 38.26 -18.42
CA PHE A 1000 137.52 39.32 -18.59
C PHE A 1000 137.62 39.97 -19.96
N GLN A 1001 136.61 39.75 -20.80
CA GLN A 1001 136.52 40.35 -22.11
C GLN A 1001 135.06 40.40 -22.55
N HIS A 1002 134.72 41.35 -23.43
CA HIS A 1002 133.36 41.48 -23.95
C HIS A 1002 132.33 41.68 -22.82
N LYS A 1003 132.34 42.88 -22.24
CA LYS A 1003 131.49 43.21 -21.09
C LYS A 1003 130.02 42.86 -21.27
N LYS A 1004 129.55 42.85 -22.52
CA LYS A 1004 128.17 42.53 -22.83
C LYS A 1004 127.85 41.08 -22.48
N THR A 1005 126.55 40.80 -22.31
CA THR A 1005 126.09 39.48 -21.90
C THR A 1005 126.51 38.38 -22.87
N VAL A 1006 127.15 37.34 -22.34
CA VAL A 1006 127.61 36.21 -23.15
C VAL A 1006 126.46 35.24 -23.40
N TRP A 1007 126.25 34.87 -24.66
CA TRP A 1007 125.15 33.99 -25.03
C TRP A 1007 125.62 32.58 -25.33
N HIS A 1008 126.38 32.41 -26.41
CA HIS A 1008 126.80 31.08 -26.85
C HIS A 1008 128.29 30.84 -26.58
N ILE A 1009 128.58 29.67 -26.03
CA ILE A 1009 129.95 29.30 -25.68
C ILE A 1009 130.28 27.91 -26.23
N GLN A 1010 131.30 27.79 -27.07
CA GLN A 1010 131.61 26.49 -27.64
C GLN A 1010 133.10 26.21 -27.81
N PHE A 1011 133.53 25.03 -27.41
CA PHE A 1011 134.87 24.52 -27.68
C PHE A 1011 134.97 24.02 -29.12
N THR A 1012 136.20 23.90 -29.62
CA THR A 1012 136.43 23.34 -30.95
C THR A 1012 136.31 21.82 -30.90
N ALA A 1013 136.68 21.17 -32.00
CA ALA A 1013 136.65 19.70 -32.08
C ALA A 1013 137.47 19.06 -30.95
N ASP A 1014 138.54 19.73 -30.57
CA ASP A 1014 139.36 19.27 -29.44
C ASP A 1014 138.89 19.90 -28.13
N GLU A 1015 139.66 19.70 -27.07
CA GLU A 1015 139.31 20.23 -25.76
C GLU A 1015 139.89 21.63 -25.56
N LYS A 1016 140.55 22.16 -26.58
CA LYS A 1016 141.21 23.45 -26.48
C LYS A 1016 140.57 24.47 -27.43
N THR A 1017 141.16 25.67 -27.47
CA THR A 1017 140.72 26.75 -28.35
C THR A 1017 139.27 27.13 -28.09
N LEU A 1018 139.03 27.79 -26.96
CA LEU A 1018 137.69 28.30 -26.62
C LEU A 1018 137.18 29.31 -27.64
N ILE A 1019 135.97 29.06 -28.15
CA ILE A 1019 135.32 30.02 -29.03
C ILE A 1019 134.08 30.59 -28.35
N SER A 1020 134.08 31.90 -28.15
CA SER A 1020 132.98 32.56 -27.45
C SER A 1020 132.55 33.85 -28.13
N SER A 1021 131.27 34.17 -27.99
CA SER A 1021 130.71 35.39 -28.58
C SER A 1021 129.77 36.09 -27.61
N SER A 1022 129.42 37.32 -27.94
CA SER A 1022 128.51 38.13 -27.12
C SER A 1022 127.77 39.08 -28.05
N ASP A 1023 127.08 40.07 -27.48
CA ASP A 1023 126.45 41.07 -28.32
C ASP A 1023 127.42 42.24 -28.51
N ASP A 1024 127.96 42.32 -29.72
CA ASP A 1024 129.07 43.22 -30.05
C ASP A 1024 129.54 42.98 -31.48
N ALA A 1025 130.49 43.78 -31.93
CA ALA A 1025 131.05 43.64 -33.27
C ALA A 1025 132.25 42.69 -33.30
N GLU A 1026 132.57 42.09 -32.16
CA GLU A 1026 133.73 41.22 -32.05
C GLU A 1026 133.42 39.86 -31.45
N ILE A 1027 134.05 38.82 -32.00
CA ILE A 1027 133.92 37.46 -31.48
C ILE A 1027 135.28 36.99 -30.97
N GLN A 1028 135.33 36.43 -29.76
CA GLN A 1028 136.62 36.07 -29.18
C GLN A 1028 136.98 34.59 -29.34
N VAL A 1029 138.23 34.37 -29.73
CA VAL A 1029 138.83 33.03 -29.75
C VAL A 1029 140.04 33.03 -28.83
N TRP A 1030 139.96 32.27 -27.74
CA TRP A 1030 140.98 32.34 -26.71
C TRP A 1030 141.46 30.95 -26.28
N ASN A 1031 142.78 30.81 -26.17
CA ASN A 1031 143.41 29.54 -25.83
C ASN A 1031 143.86 29.50 -24.38
N TRP A 1032 143.46 28.44 -23.67
CA TRP A 1032 143.72 28.27 -22.24
C TRP A 1032 144.82 27.23 -22.01
N GLN A 1033 145.57 27.40 -20.91
CA GLN A 1033 146.82 26.69 -20.62
C GLN A 1033 147.90 27.30 -21.51
N LEU A 1034 147.45 28.25 -22.31
CA LEU A 1034 148.23 28.98 -23.30
C LEU A 1034 148.12 30.45 -22.95
N ASP A 1035 146.88 30.92 -22.83
CA ASP A 1035 146.52 32.33 -22.64
C ASP A 1035 146.77 33.09 -23.92
N LYS A 1036 146.43 32.46 -25.04
CA LYS A 1036 146.51 33.12 -26.33
C LYS A 1036 145.23 33.88 -26.64
N CYS A 1037 145.34 35.19 -26.82
CA CYS A 1037 144.19 36.03 -27.10
C CYS A 1037 144.08 36.37 -28.58
N ILE A 1038 143.05 35.85 -29.23
CA ILE A 1038 142.85 36.11 -30.65
C ILE A 1038 141.44 36.64 -30.89
N PHE A 1039 141.36 37.90 -31.33
CA PHE A 1039 140.06 38.55 -31.54
C PHE A 1039 139.68 38.56 -33.02
N LEU A 1040 138.44 38.19 -33.31
CA LEU A 1040 137.93 38.16 -34.67
C LEU A 1040 136.85 39.22 -34.88
N ARG A 1041 137.17 40.24 -35.67
CA ARG A 1041 136.23 41.32 -35.92
C ARG A 1041 135.42 41.11 -37.19
N GLY A 1042 134.11 41.21 -37.08
CA GLY A 1042 133.23 41.07 -38.22
C GLY A 1042 132.85 42.42 -38.80
N HIS A 1043 133.14 43.47 -38.05
CA HIS A 1043 132.85 44.85 -38.44
C HIS A 1043 131.37 45.04 -38.81
N GLN A 1044 130.50 44.86 -37.83
CA GLN A 1044 129.06 45.03 -38.02
C GLN A 1044 128.44 45.72 -36.82
N GLU A 1045 127.11 45.84 -36.83
CA GLU A 1045 126.39 46.43 -35.71
C GLU A 1045 126.42 45.51 -34.51
N THR A 1046 126.05 44.25 -34.72
CA THR A 1046 126.03 43.25 -33.66
C THR A 1046 126.12 41.83 -34.21
N VAL A 1047 126.49 40.88 -33.36
CA VAL A 1047 126.58 39.49 -33.74
C VAL A 1047 125.77 38.62 -32.77
N LYS A 1048 124.95 37.72 -33.31
CA LYS A 1048 124.09 36.90 -32.46
C LYS A 1048 124.82 35.69 -31.89
N ASP A 1049 125.04 34.68 -32.74
CA ASP A 1049 125.59 33.40 -32.29
C ASP A 1049 126.41 32.70 -33.37
N PHE A 1050 126.82 31.47 -33.08
CA PHE A 1050 127.58 30.66 -34.03
C PHE A 1050 127.34 29.17 -33.82
N ARG A 1051 127.94 28.35 -34.69
CA ARG A 1051 127.88 26.91 -34.59
C ARG A 1051 129.08 26.27 -35.29
N LEU A 1052 129.45 25.08 -34.86
CA LEU A 1052 130.55 24.34 -35.48
C LEU A 1052 130.03 23.24 -36.39
N LEU A 1053 130.52 23.22 -37.62
CA LEU A 1053 130.11 22.20 -38.60
C LEU A 1053 130.99 20.96 -38.50
N LYS A 1054 130.86 20.06 -39.46
CA LYS A 1054 131.65 18.85 -39.50
C LYS A 1054 133.11 19.13 -39.81
N ASN A 1055 133.40 20.37 -40.20
CA ASN A 1055 134.76 20.78 -40.50
C ASN A 1055 135.27 21.82 -39.50
N SER A 1056 136.49 22.31 -39.72
CA SER A 1056 137.09 23.28 -38.82
C SER A 1056 136.48 24.67 -38.98
N ARG A 1057 135.65 24.84 -40.01
CA ARG A 1057 135.00 26.11 -40.28
C ARG A 1057 133.97 26.45 -39.19
N LEU A 1058 133.77 27.75 -38.96
CA LEU A 1058 132.83 28.21 -37.94
C LEU A 1058 131.69 29.00 -38.57
N LEU A 1059 130.48 28.45 -38.51
CA LEU A 1059 129.34 29.07 -39.19
C LEU A 1059 128.55 29.96 -38.22
N SER A 1060 128.62 31.27 -38.43
CA SER A 1060 128.05 32.23 -37.50
C SER A 1060 126.97 33.11 -38.11
N TRP A 1061 126.02 33.55 -37.27
CA TRP A 1061 124.92 34.40 -37.70
C TRP A 1061 124.68 35.56 -36.74
N SER A 1062 124.10 36.63 -37.27
CA SER A 1062 123.86 37.85 -36.50
C SER A 1062 122.46 38.41 -36.70
N PHE A 1063 122.19 39.57 -36.11
CA PHE A 1063 120.90 40.24 -36.26
C PHE A 1063 120.80 41.01 -37.57
N ASP A 1064 121.94 41.22 -38.22
CA ASP A 1064 121.98 42.01 -39.45
C ASP A 1064 121.75 41.13 -40.68
N GLY A 1065 121.50 39.85 -40.45
CA GLY A 1065 121.26 38.92 -41.53
C GLY A 1065 122.53 38.54 -42.25
N THR A 1066 123.66 38.70 -41.58
CA THR A 1066 124.96 38.39 -42.16
C THR A 1066 125.48 37.04 -41.66
N VAL A 1067 125.53 36.06 -42.56
CA VAL A 1067 126.03 34.74 -42.23
C VAL A 1067 127.49 34.62 -42.65
N LYS A 1068 128.37 34.39 -41.67
CA LYS A 1068 129.80 34.37 -41.95
C LYS A 1068 130.45 33.02 -41.65
N VAL A 1069 131.48 32.69 -42.41
CA VAL A 1069 132.25 31.47 -42.17
C VAL A 1069 133.67 31.81 -41.75
N TRP A 1070 133.98 31.54 -40.49
CA TRP A 1070 135.28 31.87 -39.93
C TRP A 1070 136.17 30.65 -39.78
N ASN A 1071 137.39 30.87 -39.29
CA ASN A 1071 138.34 29.79 -39.05
C ASN A 1071 139.02 29.95 -37.69
N ILE A 1072 139.69 28.90 -37.24
CA ILE A 1072 140.34 28.91 -35.93
C ILE A 1072 141.71 29.59 -35.97
N ILE A 1073 141.99 30.35 -34.92
CA ILE A 1073 143.30 30.97 -34.67
C ILE A 1073 143.56 32.16 -35.61
N THR A 1074 142.81 32.23 -36.70
CA THR A 1074 142.95 33.34 -37.64
C THR A 1074 141.60 33.76 -38.21
N GLY A 1075 141.33 35.06 -38.18
CA GLY A 1075 140.10 35.59 -38.75
C GLY A 1075 140.10 35.48 -40.26
N ASN A 1076 139.09 34.83 -40.81
CA ASN A 1076 138.96 34.65 -42.25
C ASN A 1076 137.50 34.63 -42.69
N LYS A 1077 137.22 35.22 -43.86
CA LYS A 1077 135.88 35.18 -44.43
C LYS A 1077 135.91 34.51 -45.80
N GLU A 1078 135.33 33.31 -45.88
CA GLU A 1078 135.26 32.60 -47.15
C GLU A 1078 134.16 33.15 -48.05
N LYS A 1079 132.96 33.29 -47.48
CA LYS A 1079 131.80 33.77 -48.22
C LYS A 1079 130.87 34.58 -47.30
N ASP A 1080 129.97 35.35 -47.91
CA ASP A 1080 129.00 36.13 -47.15
C ASP A 1080 127.59 35.87 -47.71
N PHE A 1081 126.73 35.29 -46.87
CA PHE A 1081 125.38 34.94 -47.29
C PHE A 1081 124.32 35.77 -46.56
N VAL A 1082 123.66 36.66 -47.30
CA VAL A 1082 122.53 37.41 -46.76
C VAL A 1082 121.24 37.03 -47.47
N CYS A 1083 120.36 36.32 -46.77
CA CYS A 1083 119.09 35.90 -47.34
C CYS A 1083 118.09 37.04 -47.43
N HIS A 1084 117.91 37.73 -46.32
CA HIS A 1084 116.94 38.84 -46.24
C HIS A 1084 117.39 39.88 -45.21
N GLN A 1085 116.50 40.82 -44.94
CA GLN A 1085 116.76 41.86 -43.94
C GLN A 1085 116.13 41.48 -42.60
N GLY A 1086 116.82 41.79 -41.51
CA GLY A 1086 116.34 41.47 -40.18
C GLY A 1086 117.07 40.30 -39.54
N THR A 1087 116.63 39.92 -38.35
CA THR A 1087 117.27 38.85 -37.60
C THR A 1087 117.07 37.48 -38.24
N VAL A 1088 118.17 36.77 -38.45
CA VAL A 1088 118.15 35.43 -39.01
C VAL A 1088 118.35 34.39 -37.90
N LEU A 1089 117.50 33.39 -37.85
CA LEU A 1089 117.54 32.40 -36.78
C LEU A 1089 118.38 31.18 -37.13
N SER A 1090 119.52 31.06 -36.44
CA SER A 1090 120.42 29.92 -36.55
C SER A 1090 120.81 29.56 -37.98
N CYS A 1091 120.91 28.26 -38.24
CA CYS A 1091 121.28 27.74 -39.55
C CYS A 1091 120.68 26.34 -39.73
N ASP A 1092 120.36 25.98 -40.97
CA ASP A 1092 119.77 24.68 -41.26
C ASP A 1092 120.56 23.94 -42.34
N ILE A 1093 121.15 22.81 -41.95
CA ILE A 1093 121.96 22.01 -42.87
C ILE A 1093 121.30 20.67 -43.16
N SER A 1094 121.58 20.11 -44.34
CA SER A 1094 120.99 18.85 -44.77
C SER A 1094 121.56 17.66 -44.02
N HIS A 1095 122.69 17.87 -43.34
CA HIS A 1095 123.39 16.84 -42.57
C HIS A 1095 123.96 15.71 -43.43
N ASP A 1096 123.62 15.70 -44.71
CA ASP A 1096 124.15 14.71 -45.65
C ASP A 1096 125.55 15.09 -46.10
N ALA A 1097 125.83 16.40 -46.06
CA ALA A 1097 127.09 16.95 -46.53
C ALA A 1097 127.13 18.45 -46.26
N THR A 1098 128.28 19.07 -46.51
CA THR A 1098 128.45 20.50 -46.26
C THR A 1098 128.04 21.33 -47.47
N LYS A 1099 127.76 20.66 -48.58
CA LYS A 1099 127.35 21.33 -49.81
C LYS A 1099 126.08 22.16 -49.62
N PHE A 1100 124.97 21.48 -49.38
CA PHE A 1100 123.69 22.16 -49.19
C PHE A 1100 123.59 22.78 -47.80
N SER A 1101 123.29 24.07 -47.75
CA SER A 1101 123.14 24.78 -46.48
C SER A 1101 122.06 25.85 -46.57
N SER A 1102 121.30 26.01 -45.49
CA SER A 1102 120.24 27.02 -45.46
C SER A 1102 120.09 27.62 -44.07
N THR A 1103 119.19 28.59 -43.96
CA THR A 1103 118.92 29.25 -42.68
C THR A 1103 117.54 29.90 -42.70
N SER A 1104 117.03 30.25 -41.52
CA SER A 1104 115.72 30.88 -41.42
C SER A 1104 115.83 32.39 -41.26
N ALA A 1105 115.42 33.13 -42.29
CA ALA A 1105 115.51 34.59 -42.31
C ALA A 1105 114.22 35.22 -41.79
N ASP A 1106 113.30 34.37 -41.32
CA ASP A 1106 112.00 34.78 -40.80
C ASP A 1106 111.13 35.42 -41.89
N LYS A 1107 111.44 35.10 -43.14
CA LYS A 1107 110.61 35.55 -44.26
C LYS A 1107 110.31 34.38 -45.21
N THR A 1108 111.34 33.90 -45.89
CA THR A 1108 111.22 32.77 -46.80
C THR A 1108 112.26 31.71 -46.48
N ALA A 1109 112.26 30.62 -47.24
CA ALA A 1109 113.25 29.56 -47.02
C ALA A 1109 114.20 29.45 -48.21
N LYS A 1110 115.45 29.86 -48.00
CA LYS A 1110 116.41 29.90 -49.09
C LYS A 1110 117.61 28.98 -48.84
N ILE A 1111 118.00 28.23 -49.86
CA ILE A 1111 119.11 27.28 -49.74
C ILE A 1111 120.21 27.57 -50.76
N TRP A 1112 121.46 27.42 -50.31
CA TRP A 1112 122.64 27.61 -51.15
C TRP A 1112 123.57 26.41 -51.12
N SER A 1113 124.13 26.08 -52.28
CA SER A 1113 125.03 24.94 -52.45
C SER A 1113 126.51 25.32 -52.34
N PHE A 1114 126.77 26.57 -51.97
CA PHE A 1114 128.11 27.18 -52.00
C PHE A 1114 128.60 27.32 -53.45
N ASP A 1115 127.67 27.45 -54.38
CA ASP A 1115 128.01 27.65 -55.77
C ASP A 1115 128.03 29.14 -56.12
N LEU A 1116 127.68 29.97 -55.14
CA LEU A 1116 127.65 31.41 -55.34
C LEU A 1116 127.68 32.11 -53.98
N LEU A 1117 127.74 33.44 -53.96
CA LEU A 1117 127.73 34.20 -52.72
C LEU A 1117 126.31 34.42 -52.22
N LEU A 1118 125.34 34.16 -53.09
CA LEU A 1118 123.93 34.33 -52.75
C LEU A 1118 123.21 32.97 -52.83
N PRO A 1119 122.19 32.78 -51.99
CA PRO A 1119 121.40 31.55 -51.99
C PRO A 1119 120.83 31.21 -53.37
N LEU A 1120 121.03 29.96 -53.80
CA LEU A 1120 120.62 29.55 -55.13
C LEU A 1120 119.11 29.40 -55.27
N HIS A 1121 118.50 28.67 -54.34
CA HIS A 1121 117.07 28.40 -54.44
C HIS A 1121 116.26 29.16 -53.38
N GLU A 1122 115.12 29.70 -53.80
CA GLU A 1122 114.26 30.46 -52.91
C GLU A 1122 112.85 29.86 -52.84
N LEU A 1123 112.35 29.69 -51.61
CA LEU A 1123 111.02 29.14 -51.40
C LEU A 1123 110.14 30.14 -50.65
N ARG A 1124 109.12 30.63 -51.36
CA ARG A 1124 108.24 31.69 -50.87
C ARG A 1124 106.97 31.16 -50.20
N GLY A 1125 106.89 29.84 -50.02
CA GLY A 1125 105.66 29.16 -49.62
C GLY A 1125 104.89 29.80 -48.48
N HIS A 1126 105.58 30.17 -47.41
CA HIS A 1126 104.95 30.96 -46.35
C HIS A 1126 105.79 32.19 -46.04
N ASN A 1127 105.28 33.36 -46.40
CA ASN A 1127 106.03 34.60 -46.22
C ASN A 1127 105.67 35.38 -44.97
N GLY A 1128 104.65 34.92 -44.24
CA GLY A 1128 104.22 35.62 -43.04
C GLY A 1128 105.23 35.55 -41.92
N CYS A 1129 105.54 34.32 -41.51
CA CYS A 1129 106.55 34.08 -40.48
C CYS A 1129 107.21 32.73 -40.69
N VAL A 1130 108.51 32.65 -40.44
CA VAL A 1130 109.21 31.36 -40.46
C VAL A 1130 110.03 31.20 -39.18
N ARG A 1131 109.63 30.25 -38.34
CA ARG A 1131 110.37 30.00 -37.11
C ARG A 1131 111.61 29.15 -37.35
N CYS A 1132 111.45 28.11 -38.17
CA CYS A 1132 112.56 27.20 -38.47
C CYS A 1132 112.29 26.34 -39.69
N SER A 1133 113.25 25.51 -40.04
CA SER A 1133 113.14 24.59 -41.17
C SER A 1133 113.99 23.35 -40.95
N ALA A 1134 113.65 22.26 -41.61
CA ALA A 1134 114.35 20.99 -41.39
C ALA A 1134 114.57 20.21 -42.67
N PHE A 1135 115.79 19.72 -42.84
CA PHE A 1135 116.15 18.84 -43.95
C PHE A 1135 116.41 17.42 -43.43
N SER A 1136 115.51 16.49 -43.75
CA SER A 1136 115.66 15.11 -43.30
C SER A 1136 116.68 14.37 -44.17
N VAL A 1137 117.51 13.56 -43.53
CA VAL A 1137 118.56 12.82 -44.23
C VAL A 1137 117.99 11.80 -45.20
N ASP A 1138 118.71 11.56 -46.30
CA ASP A 1138 118.35 10.59 -47.34
C ASP A 1138 117.08 11.01 -48.10
N SER A 1139 116.47 12.10 -47.66
CA SER A 1139 115.24 12.61 -48.27
C SER A 1139 115.47 14.01 -48.82
N THR A 1140 115.82 14.92 -47.90
CA THR A 1140 116.13 16.36 -48.08
C THR A 1140 114.83 17.18 -48.12
N LEU A 1141 113.70 16.48 -48.05
CA LEU A 1141 112.39 17.14 -47.99
C LEU A 1141 112.33 18.15 -46.86
N LEU A 1142 111.73 19.31 -47.15
CA LEU A 1142 111.72 20.43 -46.21
C LEU A 1142 110.53 20.41 -45.25
N ALA A 1143 110.82 20.57 -43.97
CA ALA A 1143 109.76 20.72 -42.97
C ALA A 1143 109.84 22.10 -42.33
N THR A 1144 108.86 22.95 -42.63
CA THR A 1144 108.89 24.33 -42.16
C THR A 1144 108.09 24.57 -40.89
N GLY A 1145 108.80 24.91 -39.81
CA GLY A 1145 108.17 25.40 -38.60
C GLY A 1145 107.93 26.89 -38.68
N ASP A 1146 106.82 27.35 -38.11
CA ASP A 1146 106.46 28.77 -38.17
C ASP A 1146 106.13 29.32 -36.79
N ASP A 1147 106.06 30.65 -36.70
CA ASP A 1147 105.71 31.32 -35.45
C ASP A 1147 104.33 30.91 -34.95
N ASN A 1148 103.45 30.55 -35.87
CA ASN A 1148 102.12 30.08 -35.53
C ASN A 1148 102.14 28.67 -34.95
N GLY A 1149 103.32 28.04 -34.99
CA GLY A 1149 103.49 26.70 -34.48
C GLY A 1149 103.04 25.64 -35.46
N GLU A 1150 102.90 26.05 -36.72
CA GLU A 1150 102.47 25.13 -37.77
C GLU A 1150 103.67 24.47 -38.45
N ILE A 1151 103.57 23.17 -38.68
CA ILE A 1151 104.62 22.43 -39.35
C ILE A 1151 104.17 22.00 -40.74
N ARG A 1152 104.77 22.60 -41.77
CA ARG A 1152 104.35 22.29 -43.14
C ARG A 1152 105.36 21.39 -43.85
N ILE A 1153 104.85 20.35 -44.50
CA ILE A 1153 105.70 19.42 -45.25
C ILE A 1153 105.76 19.79 -46.72
N TRP A 1154 106.97 19.95 -47.23
CA TRP A 1154 107.17 20.33 -48.63
C TRP A 1154 108.21 19.43 -49.30
N ASN A 1155 107.81 18.80 -50.40
CA ASN A 1155 108.71 17.93 -51.15
C ASN A 1155 109.78 18.73 -51.89
N VAL A 1156 111.04 18.34 -51.69
CA VAL A 1156 112.16 19.04 -52.31
C VAL A 1156 113.02 18.11 -53.16
N SER A 1157 113.10 18.41 -54.45
CA SER A 1157 113.94 17.66 -55.37
C SER A 1157 114.84 18.61 -56.15
N ASN A 1158 114.21 19.44 -56.97
CA ASN A 1158 114.91 20.45 -57.75
C ASN A 1158 115.01 21.76 -57.00
N GLY A 1159 114.58 21.75 -55.74
CA GLY A 1159 114.51 22.96 -54.93
C GLY A 1159 113.28 23.78 -55.25
N GLU A 1160 112.15 23.09 -55.44
CA GLU A 1160 110.88 23.75 -55.69
C GLU A 1160 109.77 23.07 -54.90
N LEU A 1161 108.63 23.73 -54.79
CA LEU A 1161 107.53 23.23 -53.97
C LEU A 1161 106.61 22.30 -54.76
N LEU A 1162 106.32 21.13 -54.20
CA LEU A 1162 105.48 20.15 -54.87
C LEU A 1162 104.25 19.79 -54.05
N HIS A 1163 104.46 19.01 -52.98
CA HIS A 1163 103.36 18.49 -52.17
C HIS A 1163 102.77 19.61 -51.31
N LEU A 1164 101.69 19.32 -50.60
CA LEU A 1164 101.06 20.30 -49.72
C LEU A 1164 100.38 19.62 -48.53
N CYS A 1165 100.47 20.24 -47.36
CA CYS A 1165 99.82 19.73 -46.16
C CYS A 1165 99.43 20.86 -45.23
N ALA A 1166 98.29 20.72 -44.55
CA ALA A 1166 97.85 21.72 -43.60
C ALA A 1166 97.86 21.19 -42.18
N PRO A 1167 98.83 21.63 -41.38
CA PRO A 1167 98.94 21.26 -39.97
C PRO A 1167 97.84 21.88 -39.11
N LEU A 1168 97.42 23.09 -39.45
CA LEU A 1168 96.39 23.79 -38.69
C LEU A 1168 95.04 23.10 -38.82
N SER A 1169 94.20 23.28 -37.81
CA SER A 1169 92.89 22.66 -37.77
C SER A 1169 91.80 23.64 -38.19
N GLU A 1170 90.78 23.13 -38.89
CA GLU A 1170 89.66 23.96 -39.33
C GLU A 1170 88.58 24.00 -38.25
N GLU A 1171 88.87 23.37 -37.12
CA GLU A 1171 87.96 23.33 -35.99
C GLU A 1171 87.90 24.67 -35.24
N GLY A 1172 88.73 25.61 -35.68
CA GLY A 1172 88.79 26.92 -35.04
C GLY A 1172 90.05 27.15 -34.23
N ALA A 1173 90.09 28.30 -33.56
CA ALA A 1173 91.28 28.73 -32.82
C ALA A 1173 91.70 27.76 -31.73
N ALA A 1174 93.01 27.70 -31.48
CA ALA A 1174 93.56 26.82 -30.46
C ALA A 1174 93.98 27.60 -29.22
N THR A 1175 93.88 26.97 -28.06
CA THR A 1175 94.20 27.63 -26.80
C THR A 1175 95.70 27.65 -26.54
N HIS A 1176 96.28 26.49 -26.25
CA HIS A 1176 97.71 26.39 -25.98
C HIS A 1176 98.47 25.78 -27.16
N GLY A 1177 99.56 26.43 -27.56
CA GLY A 1177 100.37 25.97 -28.67
C GLY A 1177 101.02 27.13 -29.39
N GLY A 1178 101.50 26.88 -30.60
CA GLY A 1178 102.10 27.90 -31.42
C GLY A 1178 103.55 28.21 -31.07
N TRP A 1179 104.27 27.19 -30.63
CA TRP A 1179 105.69 27.36 -30.31
C TRP A 1179 106.52 26.16 -30.76
N VAL A 1180 107.64 26.44 -31.42
CA VAL A 1180 108.56 25.40 -31.86
C VAL A 1180 110.00 25.93 -31.87
N THR A 1181 110.95 25.08 -31.52
CA THR A 1181 112.35 25.49 -31.50
C THR A 1181 113.23 24.55 -32.33
N ASP A 1182 113.39 23.31 -31.87
CA ASP A 1182 114.23 22.34 -32.55
C ASP A 1182 113.42 21.14 -33.03
N LEU A 1183 113.79 20.62 -34.20
CA LEU A 1183 113.10 19.46 -34.76
C LEU A 1183 114.03 18.25 -34.76
N CYS A 1184 113.45 17.06 -34.64
CA CYS A 1184 114.25 15.84 -34.54
C CYS A 1184 113.87 14.83 -35.63
N PHE A 1185 114.75 13.88 -35.88
CA PHE A 1185 114.58 12.91 -36.96
C PHE A 1185 114.46 11.48 -36.44
N SER A 1186 113.82 10.63 -37.23
CA SER A 1186 113.66 9.22 -36.91
C SER A 1186 114.84 8.41 -37.43
N PRO A 1187 115.15 7.27 -36.76
CA PRO A 1187 116.26 6.42 -37.21
C PRO A 1187 115.97 5.75 -38.56
N ASP A 1188 114.69 5.58 -38.88
CA ASP A 1188 114.30 5.00 -40.15
C ASP A 1188 114.43 6.03 -41.25
N GLY A 1189 114.03 7.27 -40.94
CA GLY A 1189 114.09 8.35 -41.90
C GLY A 1189 112.72 8.65 -42.50
N LYS A 1190 111.84 7.68 -42.41
CA LYS A 1190 110.48 7.82 -42.93
C LYS A 1190 109.63 8.67 -41.99
N MET A 1191 109.71 8.37 -40.71
CA MET A 1191 108.96 9.10 -39.68
C MET A 1191 109.61 10.44 -39.38
N LEU A 1192 108.82 11.38 -38.87
CA LEU A 1192 109.32 12.70 -38.52
C LEU A 1192 108.87 13.10 -37.12
N ILE A 1193 109.72 13.85 -36.41
CA ILE A 1193 109.39 14.31 -35.06
C ILE A 1193 109.32 15.84 -35.03
N SER A 1194 108.19 16.37 -34.56
CA SER A 1194 107.99 17.81 -34.54
C SER A 1194 107.24 18.29 -33.29
N ALA A 1195 107.35 19.58 -33.01
CA ALA A 1195 106.68 20.18 -31.86
C ALA A 1195 105.72 21.29 -32.29
N GLY A 1196 104.43 21.05 -32.10
CA GLY A 1196 103.40 22.04 -32.41
C GLY A 1196 102.89 22.70 -31.16
N GLY A 1197 103.71 22.69 -30.12
CA GLY A 1197 103.29 23.12 -28.79
C GLY A 1197 103.17 21.89 -27.92
N TYR A 1198 103.17 20.74 -28.58
CA TYR A 1198 103.18 19.44 -27.91
C TYR A 1198 104.00 18.47 -28.76
N ILE A 1199 104.04 17.20 -28.37
CA ILE A 1199 104.79 16.22 -29.15
C ILE A 1199 103.93 15.71 -30.29
N LYS A 1200 104.35 15.97 -31.52
CA LYS A 1200 103.57 15.59 -32.69
C LYS A 1200 104.47 15.02 -33.78
N TRP A 1201 104.18 13.79 -34.20
CA TRP A 1201 105.03 13.11 -35.17
C TRP A 1201 104.39 13.08 -36.55
N TRP A 1202 105.13 13.57 -37.54
CA TRP A 1202 104.64 13.63 -38.92
C TRP A 1202 105.16 12.46 -39.75
N ASN A 1203 104.71 12.39 -41.00
CA ASN A 1203 105.14 11.35 -41.92
C ASN A 1203 105.05 11.83 -43.36
N VAL A 1204 105.94 11.33 -44.21
CA VAL A 1204 105.97 11.65 -45.62
C VAL A 1204 104.83 10.89 -46.33
N VAL A 1205 104.44 11.34 -47.53
CA VAL A 1205 103.48 10.65 -48.37
C VAL A 1205 102.08 10.50 -47.73
N THR A 1206 101.34 11.61 -47.73
CA THR A 1206 99.90 11.59 -47.44
C THR A 1206 99.56 11.13 -46.02
N GLY A 1207 99.78 12.02 -45.06
CA GLY A 1207 99.43 11.75 -43.67
C GLY A 1207 100.62 11.61 -42.75
N GLU A 1208 100.35 11.67 -41.45
CA GLU A 1208 101.40 11.77 -40.45
C GLU A 1208 101.51 10.51 -39.59
N SER A 1209 102.44 10.54 -38.64
CA SER A 1209 102.70 9.39 -37.78
C SER A 1209 101.76 9.36 -36.59
N SER A 1210 101.97 10.26 -35.63
CA SER A 1210 101.17 10.26 -34.42
C SER A 1210 100.97 11.65 -33.81
N GLN A 1211 99.78 11.88 -33.30
CA GLN A 1211 99.45 13.09 -32.54
C GLN A 1211 99.60 12.83 -31.06
N THR A 1212 100.14 11.66 -30.73
CA THR A 1212 100.08 11.08 -29.39
C THR A 1212 100.66 11.93 -28.26
N PHE A 1213 100.09 11.70 -27.07
CA PHE A 1213 100.47 12.32 -25.81
C PHE A 1213 100.38 13.84 -25.91
N TYR A 1214 101.31 14.59 -25.30
CA TYR A 1214 101.17 16.04 -25.15
C TYR A 1214 102.35 16.65 -24.39
N THR A 1215 102.53 17.96 -24.52
CA THR A 1215 103.54 18.66 -23.73
C THR A 1215 102.92 19.73 -22.84
N ASN A 1216 102.99 19.52 -21.53
CA ASN A 1216 102.43 20.46 -20.57
C ASN A 1216 103.13 21.82 -20.63
N GLY A 1217 102.34 22.88 -20.50
CA GLY A 1217 102.87 24.23 -20.58
C GLY A 1217 102.81 24.77 -22.00
N THR A 1218 103.65 25.78 -22.28
CA THR A 1218 103.68 26.39 -23.60
C THR A 1218 105.11 26.43 -24.16
N ASN A 1219 105.97 27.21 -23.51
CA ASN A 1219 107.32 27.42 -23.99
C ASN A 1219 108.22 26.20 -23.86
N LEU A 1220 109.08 25.99 -24.86
CA LEU A 1220 110.05 24.92 -24.86
C LEU A 1220 111.44 25.46 -25.22
N LYS A 1221 112.48 24.87 -24.63
CA LYS A 1221 113.83 25.37 -24.86
C LYS A 1221 114.83 24.25 -25.16
N LYS A 1222 115.41 24.29 -26.36
CA LYS A 1222 116.48 23.39 -26.76
C LYS A 1222 116.15 21.92 -26.61
N ILE A 1223 115.26 21.41 -27.45
CA ILE A 1223 114.89 20.01 -27.45
C ILE A 1223 116.09 19.12 -27.80
N HIS A 1224 116.38 18.14 -26.96
CA HIS A 1224 117.48 17.21 -27.19
C HIS A 1224 117.00 15.76 -27.17
N VAL A 1225 117.67 14.91 -27.95
CA VAL A 1225 117.34 13.49 -28.00
C VAL A 1225 118.59 12.63 -27.96
N SER A 1226 118.41 11.33 -27.72
CA SER A 1226 119.50 10.37 -27.70
C SER A 1226 119.95 10.05 -29.12
N PRO A 1227 121.22 9.64 -29.28
CA PRO A 1227 121.73 9.28 -30.61
C PRO A 1227 121.08 8.01 -31.16
N ASP A 1228 120.47 7.22 -30.29
CA ASP A 1228 119.78 6.00 -30.70
C ASP A 1228 118.33 6.32 -31.09
N PHE A 1229 117.93 7.57 -30.90
CA PHE A 1229 116.59 8.05 -31.21
C PHE A 1229 115.51 7.23 -30.51
N LYS A 1230 115.77 6.87 -29.26
CA LYS A 1230 114.80 6.12 -28.45
C LYS A 1230 114.43 6.90 -27.20
N THR A 1231 115.37 6.99 -26.26
CA THR A 1231 115.16 7.73 -25.03
C THR A 1231 115.20 9.24 -25.30
N TYR A 1232 114.30 9.97 -24.67
CA TYR A 1232 114.20 11.41 -24.91
C TYR A 1232 114.38 12.22 -23.62
N VAL A 1233 114.91 13.43 -23.77
CA VAL A 1233 115.08 14.34 -22.64
C VAL A 1233 114.61 15.75 -23.00
N THR A 1234 113.64 16.27 -22.26
CA THR A 1234 113.14 17.61 -22.52
C THR A 1234 112.63 18.31 -21.26
N VAL A 1235 112.20 19.56 -21.42
CA VAL A 1235 111.72 20.36 -20.31
C VAL A 1235 110.69 21.39 -20.79
N ASP A 1236 109.73 21.71 -19.93
CA ASP A 1236 108.75 22.75 -20.24
C ASP A 1236 109.16 24.09 -19.64
N ASN A 1237 108.28 25.08 -19.73
CA ASN A 1237 108.54 26.39 -19.15
C ASN A 1237 108.51 26.37 -17.63
N LEU A 1238 107.90 25.32 -17.06
CA LEU A 1238 107.82 25.17 -15.62
C LEU A 1238 109.16 24.77 -15.01
N GLY A 1239 110.06 24.30 -15.87
CA GLY A 1239 111.38 23.86 -15.43
C GLY A 1239 111.32 22.49 -14.78
N ILE A 1240 110.49 21.61 -15.34
CA ILE A 1240 110.35 20.26 -14.82
C ILE A 1240 111.01 19.24 -15.75
N LEU A 1241 111.87 18.41 -15.19
CA LEU A 1241 112.60 17.41 -15.96
C LEU A 1241 111.66 16.38 -16.58
N TYR A 1242 111.80 16.18 -17.89
CA TYR A 1242 110.98 15.20 -18.60
C TYR A 1242 111.84 14.15 -19.30
N ILE A 1243 111.65 12.89 -18.91
CA ILE A 1243 112.43 11.78 -19.45
C ILE A 1243 111.52 10.73 -20.09
N LEU A 1244 111.81 10.41 -21.34
CA LEU A 1244 111.08 9.37 -22.07
C LEU A 1244 111.95 8.15 -22.33
N GLN A 1245 111.35 6.97 -22.24
CA GLN A 1245 112.06 5.72 -22.50
C GLN A 1245 111.24 4.81 -23.41
N THR A 1246 111.83 4.42 -24.52
CA THR A 1246 111.16 3.56 -25.50
C THR A 1246 111.44 2.09 -25.24
N LEU A 1247 110.41 1.34 -24.87
CA LEU A 1247 110.54 -0.08 -24.60
C LEU A 1247 109.34 -0.86 -25.13
N GLU A 1248 109.60 -1.98 -25.78
CA GLU A 1248 108.53 -2.81 -26.33
C GLU A 1248 108.02 -3.81 -25.30
N MET B 1 -9.85 45.25 24.78
CA MET B 1 -10.35 46.17 25.77
C MET B 1 -10.85 45.44 27.00
N ASP B 2 -10.97 46.16 28.09
CA ASP B 2 -11.47 45.63 29.35
C ASP B 2 -12.79 44.89 29.11
N ALA B 3 -13.05 43.88 29.92
CA ALA B 3 -14.25 43.07 29.80
C ALA B 3 -15.53 43.84 30.06
N LYS B 4 -15.46 44.83 30.94
CA LYS B 4 -16.57 45.71 31.20
C LYS B 4 -16.99 46.42 29.91
N ALA B 5 -16.02 47.07 29.26
CA ALA B 5 -16.26 47.79 28.03
C ALA B 5 -16.82 46.87 26.97
N ARG B 6 -16.13 45.77 26.71
CA ARG B 6 -16.56 44.81 25.69
C ARG B 6 -17.97 44.26 25.90
N ASN B 7 -18.30 43.96 27.14
CA ASN B 7 -19.63 43.44 27.46
C ASN B 7 -20.69 44.52 27.28
N CYS B 8 -20.33 45.78 27.53
CA CYS B 8 -21.22 46.89 27.28
C CYS B 8 -21.55 47.01 25.77
N LEU B 9 -20.55 46.81 24.94
CA LEU B 9 -20.73 46.84 23.51
C LEU B 9 -21.62 45.70 23.05
N LEU B 10 -21.38 44.52 23.61
CA LEU B 10 -22.10 43.33 23.25
C LEU B 10 -23.58 43.47 23.64
N GLN B 11 -23.82 44.00 24.82
CA GLN B 11 -25.17 44.19 25.31
C GLN B 11 -25.99 45.11 24.39
N HIS B 12 -25.36 46.16 23.87
CA HIS B 12 -26.08 47.19 23.12
C HIS B 12 -25.85 47.14 21.62
N ARG B 13 -25.37 46.01 21.15
CA ARG B 13 -24.89 45.89 19.79
C ARG B 13 -25.98 46.12 18.77
N GLU B 14 -27.16 45.61 19.06
CA GLU B 14 -28.27 45.69 18.13
C GLU B 14 -28.74 47.11 17.94
N ALA B 15 -28.81 47.87 19.03
CA ALA B 15 -29.19 49.27 18.95
C ALA B 15 -28.14 49.99 18.12
N LEU B 16 -26.88 49.74 18.43
CA LEU B 16 -25.79 50.39 17.72
C LEU B 16 -25.81 50.08 16.22
N GLU B 17 -26.06 48.83 15.87
CA GLU B 17 -26.07 48.41 14.47
C GLU B 17 -27.21 49.04 13.68
N LYS B 18 -28.32 49.28 14.34
CA LYS B 18 -29.49 49.83 13.69
C LYS B 18 -29.31 51.31 13.33
N ASP B 19 -28.57 52.05 14.13
CA ASP B 19 -28.54 53.49 13.99
C ASP B 19 -27.27 54.12 13.43
N ILE B 20 -26.14 53.46 13.60
CA ILE B 20 -24.88 54.10 13.27
C ILE B 20 -24.69 54.33 11.78
N LYS B 21 -24.46 55.56 11.39
CA LYS B 21 -24.05 55.85 10.03
C LYS B 21 -22.53 55.98 10.00
N THR B 22 -21.88 54.88 9.67
CA THR B 22 -20.44 54.70 9.78
C THR B 22 -19.57 55.81 9.20
N SER B 23 -20.03 56.47 8.15
CA SER B 23 -19.25 57.52 7.51
C SER B 23 -18.98 58.71 8.43
N TYR B 24 -19.80 58.87 9.46
CA TYR B 24 -19.62 59.94 10.41
C TYR B 24 -18.82 59.52 11.65
N ILE B 25 -18.50 58.24 11.74
CA ILE B 25 -17.75 57.70 12.86
C ILE B 25 -16.32 57.30 12.49
N MET B 26 -16.19 56.53 11.42
CA MET B 26 -14.89 56.05 10.94
C MET B 26 -13.87 57.17 10.72
N ASP B 27 -14.32 58.32 10.25
CA ASP B 27 -13.46 59.48 10.07
C ASP B 27 -12.77 59.91 11.36
N HIS B 28 -13.56 60.09 12.41
CA HIS B 28 -13.04 60.48 13.70
C HIS B 28 -12.02 59.45 14.17
N MET B 29 -12.42 58.18 14.13
CA MET B 29 -11.59 57.09 14.59
C MET B 29 -10.29 56.97 13.83
N ILE B 30 -10.31 57.27 12.54
CA ILE B 30 -9.11 57.27 11.72
C ILE B 30 -8.20 58.42 12.13
N SER B 31 -8.78 59.59 12.32
CA SER B 31 -8.08 60.77 12.78
C SER B 31 -7.41 60.50 14.12
N ASP B 32 -8.12 59.82 15.00
CA ASP B 32 -7.62 59.53 16.32
C ASP B 32 -6.52 58.46 16.31
N GLY B 33 -6.39 57.76 15.19
CA GLY B 33 -5.39 56.73 15.04
C GLY B 33 -5.78 55.34 15.52
N PHE B 34 -7.07 55.11 15.70
CA PHE B 34 -7.53 53.84 16.24
C PHE B 34 -8.39 53.00 15.29
N LEU B 35 -8.47 53.43 14.03
CA LEU B 35 -9.09 52.63 12.98
C LEU B 35 -8.22 52.76 11.72
N THR B 36 -7.97 51.66 11.05
CA THR B 36 -7.10 51.69 9.89
C THR B 36 -7.90 51.84 8.61
N ILE B 37 -7.20 52.29 7.58
CA ILE B 37 -7.82 52.43 6.28
C ILE B 37 -8.35 51.10 5.78
N SER B 38 -7.60 50.02 5.96
CA SER B 38 -8.07 48.75 5.43
C SER B 38 -9.31 48.24 6.16
N GLU B 39 -9.43 48.55 7.43
CA GLU B 39 -10.65 48.23 8.18
C GLU B 39 -11.83 49.03 7.62
N GLU B 40 -11.58 50.30 7.33
CA GLU B 40 -12.56 51.20 6.75
C GLU B 40 -13.02 50.79 5.36
N GLU B 41 -12.10 50.21 4.60
CA GLU B 41 -12.43 49.73 3.27
C GLU B 41 -13.28 48.47 3.39
N LYS B 42 -12.91 47.61 4.31
CA LYS B 42 -13.72 46.44 4.61
C LYS B 42 -15.13 46.86 5.06
N VAL B 43 -15.23 47.90 5.88
CA VAL B 43 -16.55 48.40 6.27
C VAL B 43 -17.33 48.93 5.05
N ARG B 44 -16.69 49.79 4.27
CA ARG B 44 -17.32 50.46 3.14
C ARG B 44 -17.90 49.45 2.18
N ASN B 45 -17.24 48.31 2.10
CA ASN B 45 -17.64 47.26 1.16
C ASN B 45 -18.99 46.60 1.50
N GLU B 46 -19.48 46.76 2.72
CA GLU B 46 -20.82 46.28 3.06
C GLU B 46 -21.87 47.16 2.37
N PRO B 47 -22.91 46.55 1.78
CA PRO B 47 -23.86 47.27 0.92
C PRO B 47 -24.88 48.17 1.66
N THR B 48 -25.24 47.88 2.89
CA THR B 48 -26.23 48.69 3.59
C THR B 48 -25.70 49.32 4.87
N GLN B 49 -26.34 50.39 5.31
CA GLN B 49 -25.94 51.16 6.49
C GLN B 49 -25.78 50.31 7.76
N GLN B 50 -26.72 49.41 7.98
CA GLN B 50 -26.72 48.53 9.15
C GLN B 50 -25.66 47.44 9.03
N GLN B 51 -25.42 46.97 7.81
CA GLN B 51 -24.34 46.02 7.55
C GLN B 51 -22.96 46.65 7.79
N ARG B 52 -22.80 47.89 7.36
CA ARG B 52 -21.58 48.63 7.65
C ARG B 52 -21.39 48.81 9.17
N ALA B 53 -22.42 49.27 9.87
CA ALA B 53 -22.37 49.42 11.31
C ALA B 53 -21.99 48.10 12.00
N ALA B 54 -22.60 47.01 11.55
CA ALA B 54 -22.33 45.69 12.08
C ALA B 54 -20.86 45.32 11.92
N MET B 55 -20.31 45.54 10.73
CA MET B 55 -18.90 45.28 10.49
C MET B 55 -18.00 46.13 11.38
N LEU B 56 -18.32 47.39 11.53
CA LEU B 56 -17.50 48.30 12.30
C LEU B 56 -17.44 47.86 13.75
N ILE B 57 -18.57 47.47 14.30
CA ILE B 57 -18.64 47.04 15.67
C ILE B 57 -17.85 45.74 15.86
N LYS B 58 -17.97 44.83 14.91
CA LYS B 58 -17.17 43.60 14.89
C LYS B 58 -15.71 43.91 15.09
N MET B 59 -15.23 44.87 14.33
CA MET B 59 -13.85 45.35 14.40
C MET B 59 -13.52 45.98 15.74
N ILE B 60 -14.43 46.79 16.26
CA ILE B 60 -14.14 47.52 17.47
C ILE B 60 -14.07 46.62 18.70
N LEU B 61 -14.89 45.59 18.72
CA LEU B 61 -14.93 44.63 19.82
C LEU B 61 -13.55 44.02 20.10
N LYS B 62 -12.72 44.00 19.07
CA LYS B 62 -11.39 43.43 19.17
C LYS B 62 -10.32 44.43 19.59
N LYS B 63 -10.66 45.72 19.68
CA LYS B 63 -9.68 46.76 19.93
C LYS B 63 -9.48 47.11 21.41
N ASP B 64 -8.62 48.08 21.67
CA ASP B 64 -8.23 48.37 23.03
C ASP B 64 -9.10 49.43 23.72
N ASN B 65 -8.73 49.78 24.95
CA ASN B 65 -9.49 50.76 25.72
C ASN B 65 -9.62 52.12 25.03
N ASP B 66 -8.50 52.65 24.55
CA ASP B 66 -8.47 53.88 23.78
C ASP B 66 -9.46 53.89 22.62
N SER B 67 -9.57 52.77 21.92
CA SER B 67 -10.43 52.64 20.76
C SER B 67 -11.91 52.80 21.13
N TYR B 68 -12.30 52.15 22.21
CA TYR B 68 -13.64 52.26 22.75
C TYR B 68 -13.94 53.72 23.03
N VAL B 69 -13.00 54.39 23.68
CA VAL B 69 -13.16 55.80 23.96
C VAL B 69 -13.28 56.62 22.68
N SER B 70 -12.44 56.31 21.69
CA SER B 70 -12.48 57.00 20.41
C SER B 70 -13.89 56.89 19.83
N PHE B 71 -14.39 55.67 19.75
CA PHE B 71 -15.73 55.34 19.31
C PHE B 71 -16.81 56.11 20.07
N TYR B 72 -16.73 56.07 21.38
CA TYR B 72 -17.69 56.74 22.23
C TYR B 72 -17.71 58.22 21.97
N ASN B 73 -16.53 58.82 21.91
CA ASN B 73 -16.38 60.24 21.68
C ASN B 73 -17.00 60.64 20.34
N ALA B 74 -16.72 59.87 19.31
CA ALA B 74 -17.23 60.18 17.98
C ALA B 74 -18.75 60.13 17.96
N LEU B 75 -19.31 59.16 18.66
CA LEU B 75 -20.74 58.99 18.82
C LEU B 75 -21.37 60.21 19.47
N LEU B 76 -20.80 60.61 20.59
CA LEU B 76 -21.22 61.80 21.28
C LEU B 76 -21.05 63.01 20.36
N HIS B 77 -19.91 63.16 19.75
CA HIS B 77 -19.64 64.33 18.94
C HIS B 77 -20.56 64.42 17.74
N GLU B 78 -21.07 63.30 17.28
CA GLU B 78 -21.92 63.33 16.08
C GLU B 78 -23.41 63.28 16.39
N GLY B 79 -23.75 63.58 17.64
CA GLY B 79 -25.15 63.76 18.03
C GLY B 79 -25.91 62.49 18.36
N TYR B 80 -25.22 61.36 18.45
CA TYR B 80 -25.89 60.13 18.85
C TYR B 80 -26.01 60.05 20.37
N LYS B 81 -26.82 60.93 20.95
CA LYS B 81 -26.91 61.07 22.39
C LYS B 81 -27.33 59.79 23.07
N ASP B 82 -28.39 59.21 22.57
CA ASP B 82 -28.90 57.99 23.17
C ASP B 82 -27.90 56.84 23.12
N LEU B 83 -27.22 56.69 21.99
CA LEU B 83 -26.26 55.62 21.82
C LEU B 83 -25.06 55.79 22.74
N ALA B 84 -24.55 57.01 22.86
CA ALA B 84 -23.46 57.28 23.77
C ALA B 84 -23.85 56.95 25.20
N ALA B 85 -25.07 57.32 25.58
CA ALA B 85 -25.58 57.02 26.92
C ALA B 85 -25.54 55.54 27.23
N LEU B 86 -25.81 54.71 26.23
CA LEU B 86 -25.77 53.28 26.41
C LEU B 86 -24.35 52.83 26.69
N LEU B 87 -23.39 53.55 26.14
CA LEU B 87 -22.00 53.14 26.24
C LEU B 87 -21.26 53.83 27.37
N HIS B 88 -21.89 54.79 28.01
CA HIS B 88 -21.25 55.56 29.07
C HIS B 88 -20.71 54.73 30.24
N ASP B 89 -21.54 53.88 30.80
CA ASP B 89 -21.15 53.08 31.95
C ASP B 89 -20.07 52.05 31.64
N GLY B 90 -19.79 51.83 30.37
CA GLY B 90 -18.82 50.84 29.96
C GLY B 90 -17.47 51.41 29.58
N ILE B 91 -17.35 52.72 29.70
CA ILE B 91 -16.09 53.40 29.40
C ILE B 91 -14.98 52.96 30.34
N PRO B 92 -13.87 52.54 29.74
CA PRO B 92 -12.72 52.06 30.47
C PRO B 92 -11.77 53.18 30.77
N VAL B 93 -11.02 53.02 31.84
CA VAL B 93 -9.99 53.95 32.23
C VAL B 93 -8.88 53.89 31.20
N VAL B 94 -8.39 55.05 30.76
CA VAL B 94 -7.36 55.09 29.75
C VAL B 94 -6.16 55.93 30.17
N SER B 95 -5.05 55.70 29.50
CA SER B 95 -3.80 56.41 29.73
C SER B 95 -3.28 56.25 31.15
N GLY B 105 14.27 45.75 26.62
CA GLY B 105 13.46 45.08 27.64
C GLY B 105 12.28 44.36 27.03
N ILE B 106 11.62 43.53 27.84
CA ILE B 106 10.47 42.77 27.37
C ILE B 106 9.30 43.69 27.03
N THR B 107 8.81 43.57 25.81
CA THR B 107 7.70 44.38 25.33
C THR B 107 6.80 43.53 24.46
N SER B 108 5.86 44.17 23.78
CA SER B 108 4.95 43.48 22.88
C SER B 108 5.69 42.63 21.85
N TYR B 109 6.64 43.24 21.16
CA TYR B 109 7.46 42.55 20.16
C TYR B 109 7.99 41.26 20.70
N VAL B 110 8.56 41.35 21.90
CA VAL B 110 9.30 40.25 22.48
C VAL B 110 8.47 38.98 22.56
N ARG B 111 7.35 39.03 23.27
CA ARG B 111 6.51 37.85 23.38
C ARG B 111 5.77 37.61 22.07
N THR B 112 5.78 38.60 21.19
CA THR B 112 5.09 38.40 19.93
C THR B 112 5.85 37.43 19.05
N VAL B 113 7.10 37.76 18.75
CA VAL B 113 7.89 37.02 17.79
C VAL B 113 8.56 35.79 18.39
N LEU B 114 8.82 35.85 19.68
CA LEU B 114 9.70 34.90 20.32
C LEU B 114 8.93 33.74 20.96
N CYS B 115 7.61 33.76 20.81
CA CYS B 115 6.77 32.66 21.27
C CYS B 115 6.59 31.62 20.18
N GLU B 116 7.35 31.76 19.10
CA GLU B 116 7.20 30.91 17.94
C GLU B 116 7.91 29.58 18.16
N GLY B 117 8.41 29.40 19.37
CA GLY B 117 9.05 28.16 19.76
C GLY B 117 10.52 28.47 19.85
N GLY B 118 10.85 29.63 19.30
CA GLY B 118 12.21 30.08 19.20
C GLY B 118 12.96 30.10 20.51
N VAL B 119 12.29 30.29 21.62
CA VAL B 119 13.04 30.35 22.85
C VAL B 119 12.33 29.63 23.97
N PRO B 120 13.07 28.87 24.77
CA PRO B 120 12.53 28.41 26.04
C PRO B 120 12.53 29.54 27.05
N GLN B 121 11.47 29.67 27.83
CA GLN B 121 11.40 30.76 28.79
C GLN B 121 12.54 30.72 29.79
N ARG B 122 13.11 31.89 30.07
CA ARG B 122 14.19 31.98 31.03
C ARG B 122 13.69 31.50 32.38
N PRO B 123 14.58 30.94 33.20
CA PRO B 123 14.18 30.25 34.42
C PRO B 123 13.47 31.14 35.41
N VAL B 124 13.03 30.56 36.52
CA VAL B 124 12.28 31.32 37.51
C VAL B 124 13.21 32.28 38.23
N VAL B 125 14.44 31.83 38.46
CA VAL B 125 15.42 32.62 39.17
C VAL B 125 16.72 32.74 38.41
N PHE B 126 17.06 33.94 37.94
CA PHE B 126 18.36 34.09 37.31
C PHE B 126 18.95 35.45 37.62
N VAL B 127 20.23 35.45 37.94
CA VAL B 127 20.97 36.69 38.03
C VAL B 127 21.27 37.14 36.62
N THR B 128 21.48 38.43 36.43
CA THR B 128 21.71 38.96 35.10
C THR B 128 23.18 39.16 34.82
N ARG B 129 23.70 38.48 33.82
CA ARG B 129 25.09 38.65 33.44
C ARG B 129 25.11 39.53 32.22
N LYS B 130 25.48 40.78 32.39
CA LYS B 130 25.39 41.78 31.34
C LYS B 130 26.60 41.74 30.41
N LYS B 131 27.75 41.60 31.05
CA LYS B 131 29.04 41.72 30.42
C LYS B 131 29.20 40.81 29.20
N LEU B 132 28.73 39.58 29.32
CA LEU B 132 28.83 38.62 28.23
C LEU B 132 27.77 38.87 27.16
N VAL B 133 26.52 39.03 27.60
CA VAL B 133 25.42 39.26 26.69
C VAL B 133 25.74 40.38 25.73
N ASN B 134 26.32 41.45 26.27
CA ASN B 134 26.71 42.58 25.44
C ASN B 134 27.67 42.16 24.35
N ALA B 135 28.68 41.38 24.71
CA ALA B 135 29.66 40.90 23.77
C ALA B 135 28.98 40.13 22.65
N ILE B 136 28.13 39.17 23.01
CA ILE B 136 27.42 38.41 22.00
C ILE B 136 26.63 39.31 21.10
N GLN B 137 25.97 40.31 21.67
CA GLN B 137 25.24 41.26 20.85
C GLN B 137 26.16 41.96 19.85
N GLN B 138 27.36 42.32 20.27
CA GLN B 138 28.29 42.95 19.35
C GLN B 138 28.66 42.01 18.20
N LYS B 139 29.23 40.86 18.55
CA LYS B 139 29.70 39.94 17.53
C LYS B 139 28.58 39.64 16.57
N LEU B 140 27.39 39.43 17.12
CA LEU B 140 26.23 39.09 16.32
C LEU B 140 25.79 40.28 15.48
N SER B 141 26.14 41.47 15.92
CA SER B 141 25.76 42.67 15.19
C SER B 141 26.79 43.03 14.13
N LYS B 142 27.94 42.38 14.14
CA LYS B 142 28.92 42.62 13.08
C LYS B 142 28.39 42.23 11.72
N LEU B 143 27.38 41.37 11.71
CA LEU B 143 26.89 40.82 10.46
C LEU B 143 26.32 41.87 9.51
N LYS B 144 25.28 42.57 9.95
CA LYS B 144 24.46 43.46 9.10
C LYS B 144 23.73 42.63 8.04
N GLY B 145 24.04 41.34 8.07
CA GLY B 145 23.46 40.30 7.26
C GLY B 145 24.34 39.91 6.09
N GLU B 146 24.46 38.60 5.96
CA GLU B 146 25.28 37.83 5.00
C GLU B 146 25.02 36.44 5.50
N PRO B 147 25.54 35.43 4.81
CA PRO B 147 25.63 34.23 5.63
C PRO B 147 26.74 34.43 6.66
N GLY B 148 26.63 33.78 7.81
CA GLY B 148 27.59 33.99 8.89
C GLY B 148 27.38 33.06 10.06
N TRP B 149 28.37 33.02 10.94
CA TRP B 149 28.39 32.05 12.01
C TRP B 149 28.83 32.68 13.30
N VAL B 150 28.14 32.37 14.38
CA VAL B 150 28.54 32.84 15.67
C VAL B 150 28.50 31.67 16.63
N THR B 151 29.60 31.43 17.32
CA THR B 151 29.70 30.25 18.15
C THR B 151 29.99 30.60 19.58
N ILE B 152 29.29 29.95 20.50
CA ILE B 152 29.75 30.01 21.87
C ILE B 152 29.95 28.62 22.41
N HIS B 153 31.18 28.34 22.81
CA HIS B 153 31.49 27.06 23.42
C HIS B 153 31.89 27.36 24.82
N GLY B 154 31.67 26.41 25.72
CA GLY B 154 32.03 26.65 27.10
C GLY B 154 32.29 25.40 27.92
N MET B 155 32.69 25.62 29.16
CA MET B 155 32.93 24.56 30.11
C MET B 155 31.70 23.69 30.23
N ALA B 156 31.92 22.40 30.44
CA ALA B 156 30.82 21.47 30.62
C ALA B 156 29.99 21.90 31.82
N GLY B 157 28.70 22.07 31.59
CA GLY B 157 27.81 22.40 32.68
C GLY B 157 27.75 23.87 33.03
N CYS B 158 28.54 24.68 32.35
CA CYS B 158 28.52 26.12 32.60
C CYS B 158 27.20 26.72 32.16
N GLY B 159 26.88 27.90 32.66
CA GLY B 159 25.68 28.55 32.18
C GLY B 159 25.95 28.98 30.75
N LYS B 160 25.21 28.41 29.81
CA LYS B 160 25.48 28.71 28.41
C LYS B 160 24.21 28.86 27.57
N SER B 161 23.47 27.77 27.42
CA SER B 161 22.25 27.77 26.61
C SER B 161 21.33 28.90 27.02
N VAL B 162 21.05 28.98 28.31
CA VAL B 162 20.25 30.07 28.86
C VAL B 162 20.82 31.41 28.45
N LEU B 163 22.12 31.56 28.58
CA LEU B 163 22.79 32.81 28.26
C LEU B 163 22.48 33.24 26.84
N ALA B 164 22.49 32.28 25.92
CA ALA B 164 22.14 32.58 24.55
C ALA B 164 20.67 32.96 24.47
N ALA B 165 19.84 32.26 25.21
CA ALA B 165 18.41 32.52 25.15
C ALA B 165 18.05 33.93 25.56
N GLU B 166 18.87 34.55 26.39
CA GLU B 166 18.65 35.94 26.77
C GLU B 166 19.45 36.90 25.94
N ALA B 167 20.19 36.37 24.98
CA ALA B 167 20.96 37.23 24.08
C ALA B 167 20.02 37.89 23.11
N VAL B 168 19.13 37.09 22.56
CA VAL B 168 18.18 37.55 21.57
C VAL B 168 16.94 38.10 22.24
N ARG B 169 16.95 38.60 23.66
CA ARG B 169 15.80 39.10 24.40
C ARG B 169 15.47 40.55 24.07
N ASP B 170 16.51 41.34 23.82
CA ASP B 170 16.34 42.77 23.57
C ASP B 170 15.40 43.07 22.42
N HIS B 171 14.66 44.17 22.57
CA HIS B 171 13.78 44.64 21.51
C HIS B 171 14.55 45.31 20.39
N SER B 172 15.45 46.22 20.76
CA SER B 172 16.18 47.03 19.79
C SER B 172 16.91 46.17 18.78
N LEU B 173 17.65 45.18 19.27
CA LEU B 173 18.38 44.28 18.42
C LEU B 173 17.44 43.52 17.50
N LEU B 174 16.49 42.81 18.09
CA LEU B 174 15.62 41.92 17.34
C LEU B 174 14.88 42.66 16.25
N GLU B 175 14.33 43.82 16.60
CA GLU B 175 13.56 44.61 15.66
C GLU B 175 14.43 45.04 14.49
N GLY B 176 15.51 45.75 14.79
CA GLY B 176 16.35 46.32 13.76
C GLY B 176 17.10 45.32 12.90
N CYS B 177 17.89 44.48 13.55
CA CYS B 177 18.81 43.59 12.85
C CYS B 177 18.14 42.34 12.30
N PHE B 178 17.10 41.85 12.97
CA PHE B 178 16.47 40.62 12.53
C PHE B 178 14.96 40.69 12.43
N PRO B 179 14.43 41.57 11.57
CA PRO B 179 12.97 41.49 11.50
C PRO B 179 12.51 40.45 10.50
N GLY B 180 13.10 39.21 10.56
CA GLY B 180 12.57 38.10 9.77
C GLY B 180 11.88 37.09 10.65
N GLY B 181 12.04 37.24 11.95
CA GLY B 181 11.65 36.20 12.88
C GLY B 181 12.91 35.50 13.37
N VAL B 182 12.75 34.59 14.32
CA VAL B 182 13.87 33.89 14.94
C VAL B 182 13.49 32.44 15.19
N HIS B 183 14.39 31.52 14.87
CA HIS B 183 14.07 30.11 15.05
C HIS B 183 15.05 29.37 15.93
N TRP B 184 14.62 28.20 16.40
CA TRP B 184 15.34 27.45 17.41
C TRP B 184 15.26 25.99 17.13
N VAL B 185 16.36 25.28 17.23
CA VAL B 185 16.33 23.85 17.00
C VAL B 185 17.15 23.07 18.01
N SER B 186 16.49 22.21 18.77
CA SER B 186 17.24 21.35 19.65
C SER B 186 17.79 20.19 18.87
N VAL B 187 19.11 20.07 18.83
CA VAL B 187 19.74 19.01 18.08
C VAL B 187 20.15 17.86 18.97
N GLY B 188 21.11 18.10 19.86
CA GLY B 188 21.55 17.08 20.78
C GLY B 188 22.29 15.97 20.06
N LYS B 189 22.81 15.01 20.81
CA LYS B 189 23.50 13.89 20.21
C LYS B 189 22.57 13.09 19.32
N GLN B 190 22.97 12.88 18.08
CA GLN B 190 22.09 12.26 17.10
C GLN B 190 22.78 11.34 16.12
N ASP B 191 21.98 10.55 15.42
CA ASP B 191 22.45 9.69 14.35
C ASP B 191 21.86 10.19 13.04
N LYS B 192 22.16 9.49 11.95
CA LYS B 192 21.69 9.93 10.63
C LYS B 192 20.17 9.95 10.55
N SER B 193 19.55 8.86 11.01
CA SER B 193 18.10 8.77 11.03
C SER B 193 17.49 9.94 11.78
N GLY B 194 17.90 10.09 13.03
CA GLY B 194 17.37 11.13 13.88
C GLY B 194 17.53 12.50 13.24
N LEU B 195 18.73 12.78 12.76
CA LEU B 195 19.02 14.05 12.11
C LEU B 195 18.05 14.30 10.97
N LEU B 196 17.85 13.27 10.16
CA LEU B 196 16.90 13.35 9.07
C LEU B 196 15.54 13.77 9.62
N MET B 197 15.12 13.14 10.71
CA MET B 197 13.85 13.44 11.33
C MET B 197 13.76 14.92 11.69
N LYS B 198 14.76 15.41 12.42
CA LYS B 198 14.78 16.81 12.81
C LYS B 198 14.64 17.69 11.58
N LEU B 199 15.19 17.23 10.47
CA LEU B 199 15.07 17.98 9.24
C LEU B 199 13.63 18.06 8.73
N GLN B 200 12.97 16.91 8.56
CA GLN B 200 11.57 16.98 8.10
C GLN B 200 10.75 17.85 9.02
N ASN B 201 10.96 17.68 10.32
CA ASN B 201 10.20 18.44 11.30
C ASN B 201 10.45 19.93 11.13
N LEU B 202 11.69 20.28 10.84
CA LEU B 202 12.06 21.68 10.74
C LEU B 202 11.38 22.31 9.54
N CYS B 203 11.61 21.72 8.37
CA CYS B 203 11.07 22.28 7.15
C CYS B 203 9.56 22.32 7.22
N THR B 204 8.98 21.37 7.93
CA THR B 204 7.55 21.37 8.17
C THR B 204 7.17 22.58 8.99
N ARG B 205 7.99 22.89 9.99
CA ARG B 205 7.70 24.02 10.87
C ARG B 205 7.76 25.34 10.13
N LEU B 206 8.66 25.42 9.16
CA LEU B 206 8.92 26.69 8.48
C LEU B 206 7.77 27.27 7.67
N ASP B 207 7.10 26.42 6.91
CA ASP B 207 6.01 26.88 6.07
C ASP B 207 4.65 26.55 6.67
N GLN B 208 3.96 27.59 7.15
CA GLN B 208 2.68 27.39 7.81
C GLN B 208 1.54 27.44 6.80
N ASP B 209 1.84 27.98 5.63
CA ASP B 209 0.83 28.19 4.60
C ASP B 209 0.83 27.05 3.58
N GLU B 210 1.65 26.03 3.85
CA GLU B 210 1.89 24.91 2.94
C GLU B 210 2.08 25.39 1.50
N SER B 211 2.92 26.42 1.35
CA SER B 211 3.21 27.00 0.04
C SER B 211 3.85 25.98 -0.89
N PHE B 212 4.34 24.89 -0.31
CA PHE B 212 4.90 23.80 -1.08
C PHE B 212 3.97 22.60 -0.89
N SER B 213 4.22 21.52 -1.61
CA SER B 213 3.39 20.32 -1.50
C SER B 213 3.61 19.63 -0.16
N GLN B 214 2.65 18.80 0.21
CA GLN B 214 2.83 17.99 1.40
C GLN B 214 3.45 16.68 0.97
N ARG B 215 4.73 16.51 1.29
CA ARG B 215 5.45 15.30 0.97
C ARG B 215 6.69 15.27 1.84
N LEU B 216 7.30 14.09 2.02
CA LEU B 216 8.44 14.00 2.90
C LEU B 216 9.72 13.61 2.16
N PRO B 217 10.65 14.56 2.02
CA PRO B 217 11.94 14.30 1.38
C PRO B 217 12.72 13.21 2.08
N LEU B 218 13.23 12.24 1.33
CA LEU B 218 13.85 11.07 1.92
C LEU B 218 15.37 11.12 2.04
N ASN B 219 15.99 12.15 1.51
CA ASN B 219 17.43 12.27 1.64
C ASN B 219 17.80 13.56 2.34
N ILE B 220 19.01 13.60 2.89
CA ILE B 220 19.45 14.76 3.63
C ILE B 220 19.56 15.94 2.69
N GLU B 221 19.95 15.64 1.46
CA GLU B 221 20.23 16.62 0.44
C GLU B 221 19.03 17.49 0.12
N GLU B 222 17.93 16.86 -0.28
CA GLU B 222 16.76 17.61 -0.70
C GLU B 222 16.22 18.41 0.46
N ALA B 223 16.37 17.87 1.67
CA ALA B 223 16.01 18.58 2.87
C ALA B 223 16.76 19.89 2.91
N LYS B 224 18.09 19.77 2.84
CA LYS B 224 18.98 20.93 2.79
C LYS B 224 18.50 21.94 1.76
N ASP B 225 18.08 21.41 0.62
CA ASP B 225 17.64 22.23 -0.50
C ASP B 225 16.44 23.07 -0.14
N ARG B 226 15.39 22.41 0.32
CA ARG B 226 14.15 23.10 0.61
C ARG B 226 14.42 24.10 1.71
N LEU B 227 15.31 23.74 2.63
CA LEU B 227 15.72 24.68 3.66
C LEU B 227 16.23 25.96 3.04
N ARG B 228 17.21 25.84 2.15
CA ARG B 228 17.80 27.03 1.56
C ARG B 228 16.77 27.84 0.81
N ILE B 229 15.95 27.16 0.02
CA ILE B 229 14.95 27.86 -0.79
C ILE B 229 14.00 28.66 0.10
N LEU B 230 13.48 28.00 1.14
CA LEU B 230 12.57 28.65 2.05
C LEU B 230 13.22 29.83 2.74
N MET B 231 14.32 29.56 3.44
CA MET B 231 15.01 30.59 4.19
C MET B 231 15.31 31.81 3.35
N LEU B 232 15.75 31.60 2.12
CA LEU B 232 16.01 32.73 1.25
C LEU B 232 14.72 33.44 0.85
N ARG B 233 13.79 32.70 0.28
CA ARG B 233 12.54 33.27 -0.20
C ARG B 233 11.56 33.63 0.91
N LYS B 234 11.26 32.65 1.77
CA LYS B 234 10.15 32.79 2.68
C LYS B 234 10.49 33.63 3.89
N HIS B 235 11.68 33.45 4.43
CA HIS B 235 12.05 34.16 5.65
C HIS B 235 13.37 34.90 5.50
N PRO B 236 13.35 36.02 4.77
CA PRO B 236 14.56 36.82 4.56
C PRO B 236 15.06 37.49 5.83
N ARG B 237 16.36 37.44 6.05
CA ARG B 237 17.00 38.07 7.20
C ARG B 237 16.35 37.64 8.51
N SER B 238 16.56 36.39 8.87
CA SER B 238 16.03 35.82 10.10
C SER B 238 17.03 34.82 10.67
N LEU B 239 17.20 34.84 11.99
CA LEU B 239 18.28 34.07 12.59
C LEU B 239 17.87 32.66 12.99
N LEU B 240 18.63 31.69 12.54
CA LEU B 240 18.39 30.28 12.82
C LEU B 240 19.34 29.77 13.87
N ILE B 241 18.83 29.44 15.05
CA ILE B 241 19.69 29.03 16.15
C ILE B 241 19.73 27.52 16.36
N LEU B 242 20.93 26.96 16.40
CA LEU B 242 21.11 25.56 16.74
C LEU B 242 21.38 25.40 18.21
N ASP B 243 20.98 24.28 18.79
CA ASP B 243 21.32 24.04 20.17
C ASP B 243 22.05 22.72 20.38
N ASP B 244 23.20 22.79 21.04
CA ASP B 244 23.98 21.62 21.42
C ASP B 244 24.39 20.78 20.23
N VAL B 245 25.33 21.27 19.43
CA VAL B 245 25.75 20.57 18.23
C VAL B 245 27.02 19.77 18.44
N TRP B 246 26.92 18.45 18.38
CA TRP B 246 28.06 17.60 18.68
C TRP B 246 29.08 17.31 17.58
N ASP B 247 28.65 17.01 16.36
CA ASP B 247 29.60 16.53 15.37
C ASP B 247 29.60 17.31 14.06
N SER B 248 30.67 17.18 13.28
CA SER B 248 30.85 17.96 12.07
C SER B 248 29.80 17.66 11.01
N TRP B 249 29.66 16.39 10.66
CA TRP B 249 28.74 16.00 9.61
C TRP B 249 27.30 16.29 10.01
N VAL B 250 27.08 16.43 11.30
CA VAL B 250 25.79 16.87 11.77
C VAL B 250 25.57 18.30 11.34
N LEU B 251 26.64 19.08 11.36
CA LEU B 251 26.54 20.47 11.00
C LEU B 251 26.47 20.66 9.50
N LYS B 252 27.12 19.77 8.75
CA LYS B 252 27.16 19.88 7.29
C LYS B 252 25.78 20.10 6.68
N ALA B 253 24.81 19.31 7.12
CA ALA B 253 23.48 19.32 6.54
C ALA B 253 22.82 20.68 6.63
N PHE B 254 22.83 21.27 7.82
CA PHE B 254 22.16 22.54 8.07
C PHE B 254 22.75 23.69 7.30
N ASP B 255 23.84 23.47 6.60
CA ASP B 255 24.55 24.59 6.01
C ASP B 255 24.06 24.91 4.61
N SER B 256 23.26 25.95 4.51
CA SER B 256 23.18 26.72 3.28
C SER B 256 22.99 28.19 3.59
N GLN B 257 23.98 29.00 3.27
CA GLN B 257 23.81 30.42 3.06
C GLN B 257 22.95 31.14 4.10
N CYS B 258 22.99 30.71 5.34
CA CYS B 258 22.15 31.31 6.39
C CYS B 258 22.95 31.73 7.62
N GLN B 259 22.33 32.55 8.45
CA GLN B 259 22.98 33.03 9.66
C GLN B 259 22.76 32.03 10.77
N ILE B 260 23.79 31.71 11.53
CA ILE B 260 23.60 30.74 12.58
C ILE B 260 24.29 31.14 13.87
N LEU B 261 23.57 31.04 14.97
CA LEU B 261 24.15 31.20 16.29
C LEU B 261 24.09 29.87 17.01
N LEU B 262 25.22 29.20 17.18
CA LEU B 262 25.17 27.91 17.83
C LEU B 262 25.91 27.88 19.15
N THR B 263 25.35 27.14 20.09
CA THR B 263 25.91 26.98 21.40
C THR B 263 26.37 25.55 21.49
N THR B 264 27.41 25.29 22.26
CA THR B 264 27.94 23.94 22.34
C THR B 264 29.07 23.76 23.30
N ARG B 265 29.53 22.52 23.45
CA ARG B 265 30.84 22.32 23.99
C ARG B 265 31.73 21.67 22.92
N ASP B 266 32.44 22.56 22.22
CA ASP B 266 33.56 22.28 21.33
C ASP B 266 33.85 23.57 20.60
N LYS B 267 35.08 23.81 20.17
CA LYS B 267 35.28 24.87 19.20
C LYS B 267 35.58 24.34 17.81
N SER B 268 35.66 23.03 17.65
CA SER B 268 36.11 22.46 16.39
C SER B 268 35.03 22.40 15.32
N VAL B 269 33.81 22.04 15.71
CA VAL B 269 32.78 21.67 14.74
C VAL B 269 32.38 22.79 13.77
N THR B 270 32.93 23.99 13.96
CA THR B 270 32.78 25.05 12.99
C THR B 270 33.76 24.76 11.86
N ASP B 271 34.41 23.62 12.00
CA ASP B 271 35.34 23.06 11.05
C ASP B 271 34.93 23.17 9.58
N SER B 272 33.89 22.42 9.21
CA SER B 272 33.64 22.15 7.80
C SER B 272 32.82 23.21 7.07
N VAL B 273 32.46 24.28 7.74
CA VAL B 273 31.63 25.28 7.07
C VAL B 273 32.43 26.45 6.52
N MET B 274 32.11 26.85 5.31
CA MET B 274 32.72 28.01 4.68
C MET B 274 32.11 29.31 5.19
N GLY B 275 32.84 30.40 5.05
CA GLY B 275 32.33 31.71 5.41
C GLY B 275 32.92 32.23 6.69
N PRO B 276 32.56 33.47 7.06
CA PRO B 276 33.13 34.14 8.23
C PRO B 276 32.74 33.46 9.51
N LYS B 277 33.59 33.52 10.52
CA LYS B 277 33.36 32.81 11.76
C LYS B 277 33.80 33.64 12.95
N TYR B 278 33.31 33.29 14.14
CA TYR B 278 33.65 34.01 15.36
C TYR B 278 33.53 33.08 16.54
N VAL B 279 34.17 33.39 17.65
CA VAL B 279 33.96 32.62 18.88
C VAL B 279 33.94 33.53 20.11
N VAL B 280 32.98 33.29 21.00
CA VAL B 280 32.96 33.98 22.27
C VAL B 280 33.09 32.99 23.42
N PRO B 281 34.26 32.91 24.06
CA PRO B 281 34.34 31.93 25.13
C PRO B 281 33.51 32.33 26.34
N VAL B 282 32.66 31.42 26.80
CA VAL B 282 31.84 31.63 27.98
C VAL B 282 32.47 30.88 29.16
N GLU B 283 33.61 30.27 28.91
CA GLU B 283 34.18 29.26 29.81
C GLU B 283 34.38 29.74 31.26
N SER B 284 34.21 31.03 31.47
CA SER B 284 34.41 31.62 32.79
C SER B 284 33.34 31.16 33.79
N SER B 285 33.39 31.69 35.00
CA SER B 285 32.44 31.32 36.03
C SER B 285 32.12 32.47 36.98
N LEU B 286 31.01 32.34 37.70
CA LEU B 286 30.43 33.44 38.47
C LEU B 286 31.26 33.88 39.65
N GLY B 287 30.98 35.10 40.12
CA GLY B 287 31.63 35.65 41.28
C GLY B 287 30.76 35.53 42.53
N LYS B 288 31.35 35.84 43.68
CA LYS B 288 30.70 35.68 44.98
C LYS B 288 29.31 36.28 45.04
N GLU B 289 29.22 37.53 44.60
CA GLU B 289 27.96 38.27 44.65
C GLU B 289 26.77 37.57 44.02
N LYS B 290 26.91 37.21 42.76
CA LYS B 290 25.82 36.57 42.05
C LYS B 290 25.38 35.30 42.76
N GLY B 291 26.34 34.50 43.21
CA GLY B 291 26.02 33.29 43.93
C GLY B 291 25.10 33.63 45.07
N LEU B 292 25.54 34.60 45.87
CA LEU B 292 24.71 35.07 46.96
C LEU B 292 23.31 35.47 46.53
N GLU B 293 23.17 36.16 45.41
CA GLU B 293 21.82 36.54 44.99
C GLU B 293 20.97 35.35 44.59
N ILE B 294 21.58 34.35 43.96
CA ILE B 294 20.81 33.18 43.57
C ILE B 294 20.27 32.48 44.80
N LEU B 295 21.15 32.17 45.74
CA LEU B 295 20.69 31.53 46.96
C LEU B 295 19.64 32.38 47.65
N SER B 296 19.85 33.70 47.58
CA SER B 296 18.91 34.64 48.15
C SER B 296 17.52 34.42 47.61
N LEU B 297 17.41 34.42 46.29
CA LEU B 297 16.09 34.28 45.68
C LEU B 297 15.51 32.91 45.88
N PHE B 298 16.36 31.92 46.09
CA PHE B 298 15.84 30.58 46.36
C PHE B 298 15.28 30.39 47.77
N VAL B 299 15.98 30.84 48.78
CA VAL B 299 15.47 30.65 50.14
C VAL B 299 14.68 31.84 50.66
N ASN B 300 14.46 32.83 49.80
CA ASN B 300 13.65 33.99 50.14
C ASN B 300 14.13 34.79 51.34
N MET B 301 15.28 35.45 51.20
CA MET B 301 15.79 36.30 52.26
C MET B 301 16.46 37.54 51.71
N LYS B 302 16.98 38.36 52.61
CA LYS B 302 17.93 39.39 52.23
C LYS B 302 19.26 39.02 52.85
N LYS B 303 20.35 39.44 52.22
CA LYS B 303 21.68 38.93 52.52
C LYS B 303 22.01 38.88 54.00
N ALA B 304 21.63 39.92 54.72
CA ALA B 304 21.94 40.00 56.14
C ALA B 304 21.22 38.90 56.93
N ASP B 305 20.09 38.45 56.40
CA ASP B 305 19.29 37.43 57.07
C ASP B 305 19.83 36.04 56.82
N LEU B 306 20.81 35.94 55.94
CA LEU B 306 21.42 34.66 55.61
C LEU B 306 22.27 34.17 56.77
N PRO B 307 22.28 32.85 56.99
CA PRO B 307 23.17 32.20 57.94
C PRO B 307 24.61 32.42 57.52
N GLU B 308 25.56 32.20 58.42
CA GLU B 308 26.95 32.43 58.09
C GLU B 308 27.47 31.44 57.07
N GLN B 309 27.05 30.19 57.18
CA GLN B 309 27.59 29.12 56.36
C GLN B 309 27.41 29.42 54.86
N ALA B 310 26.45 30.28 54.56
CA ALA B 310 26.22 30.73 53.19
C ALA B 310 27.49 31.20 52.54
N HIS B 311 28.26 32.03 53.24
CA HIS B 311 29.50 32.51 52.65
C HIS B 311 30.45 31.38 52.35
N SER B 312 30.51 30.40 53.24
CA SER B 312 31.51 29.34 53.10
C SER B 312 31.19 28.41 51.94
N ILE B 313 29.96 27.92 51.92
CA ILE B 313 29.56 26.92 50.95
C ILE B 313 29.78 27.37 49.50
N ILE B 314 29.39 28.60 49.19
CA ILE B 314 29.60 29.16 47.86
C ILE B 314 31.05 29.07 47.44
N LYS B 315 31.95 29.27 48.39
CA LYS B 315 33.37 29.24 48.07
C LYS B 315 33.77 27.89 47.52
N GLU B 316 33.17 26.84 48.03
CA GLU B 316 33.50 25.50 47.57
C GLU B 316 32.77 25.18 46.28
N CYS B 317 31.70 25.93 46.02
CA CYS B 317 30.87 25.69 44.85
C CYS B 317 31.62 26.00 43.57
N LYS B 318 32.47 27.02 43.63
CA LYS B 318 33.41 27.35 42.56
C LYS B 318 32.76 27.83 41.27
N GLY B 319 31.65 28.55 41.40
CA GLY B 319 31.14 29.37 40.31
C GLY B 319 30.19 28.75 39.32
N SER B 320 30.18 27.43 39.19
CA SER B 320 29.30 26.78 38.23
C SER B 320 27.84 26.96 38.63
N PRO B 321 27.09 27.70 37.80
CA PRO B 321 25.69 28.03 38.04
C PRO B 321 24.86 26.78 38.28
N LEU B 322 25.31 25.66 37.75
CA LEU B 322 24.68 24.39 38.04
C LEU B 322 24.66 24.14 39.53
N VAL B 323 25.83 23.94 40.13
CA VAL B 323 25.90 23.50 41.51
C VAL B 323 25.23 24.49 42.45
N VAL B 324 25.41 25.78 42.19
CA VAL B 324 24.63 26.79 42.89
C VAL B 324 23.15 26.49 42.77
N SER B 325 22.66 26.32 41.54
CA SER B 325 21.25 26.04 41.34
C SER B 325 20.80 24.83 42.13
N LEU B 326 21.68 23.85 42.28
CA LEU B 326 21.35 22.71 43.10
C LEU B 326 21.16 23.01 44.55
N ILE B 327 22.18 23.58 45.17
CA ILE B 327 22.07 23.85 46.57
C ILE B 327 20.88 24.75 46.83
N GLY B 328 20.72 25.75 45.98
CA GLY B 328 19.59 26.63 46.10
C GLY B 328 18.26 25.95 45.84
N ALA B 329 18.29 24.80 45.18
CA ALA B 329 17.07 24.04 44.97
C ALA B 329 16.73 23.21 46.20
N LEU B 330 17.73 22.59 46.78
CA LEU B 330 17.50 21.69 47.90
C LEU B 330 17.18 22.44 49.18
N LEU B 331 17.86 23.55 49.41
CA LEU B 331 17.63 24.31 50.62
C LEU B 331 16.23 24.91 50.63
N ARG B 332 15.56 24.83 49.48
CA ARG B 332 14.21 25.33 49.35
C ARG B 332 13.26 24.40 50.06
N ASP B 333 13.55 23.10 50.01
CA ASP B 333 12.72 22.11 50.66
C ASP B 333 12.98 21.97 52.16
N PHE B 334 14.24 21.87 52.54
CA PHE B 334 14.60 21.46 53.89
C PHE B 334 15.35 22.59 54.56
N PRO B 335 14.65 23.67 54.92
CA PRO B 335 15.23 24.97 55.26
C PRO B 335 16.43 24.88 56.19
N ASN B 336 16.49 23.92 57.10
CA ASN B 336 17.79 23.64 57.68
C ASN B 336 18.30 22.24 57.38
N ARG B 337 19.09 22.12 56.31
CA ARG B 337 20.15 21.12 56.20
C ARG B 337 21.54 21.73 56.15
N TRP B 338 21.61 23.04 56.31
CA TRP B 338 22.81 23.82 55.95
C TRP B 338 24.13 23.20 56.34
N GLU B 339 24.24 22.71 57.56
CA GLU B 339 25.48 22.09 57.96
C GLU B 339 25.75 20.84 57.13
N TYR B 340 24.69 20.07 56.88
CA TYR B 340 24.84 18.80 56.20
C TYR B 340 25.48 19.00 54.83
N TYR B 341 25.00 19.97 54.08
CA TYR B 341 25.59 20.23 52.77
C TYR B 341 26.94 20.91 52.88
N LEU B 342 27.10 21.78 53.87
CA LEU B 342 28.39 22.44 54.02
C LEU B 342 29.50 21.42 54.21
N LYS B 343 29.22 20.35 54.94
CA LYS B 343 30.21 19.30 55.06
C LYS B 343 30.24 18.38 53.85
N GLN B 344 29.07 18.01 53.36
CA GLN B 344 28.98 17.01 52.30
C GLN B 344 29.58 17.50 50.98
N LEU B 345 29.58 18.82 50.81
CA LEU B 345 30.14 19.42 49.61
C LEU B 345 31.64 19.54 49.77
N GLN B 346 32.08 19.49 51.02
CA GLN B 346 33.51 19.56 51.34
C GLN B 346 34.19 18.26 50.97
N ASN B 347 33.73 17.16 51.56
CA ASN B 347 34.30 15.85 51.26
C ASN B 347 34.31 15.53 49.79
N LYS B 348 33.78 16.45 48.99
CA LYS B 348 34.06 16.51 47.56
C LYS B 348 33.23 15.53 46.74
N GLN B 349 32.43 14.71 47.41
CA GLN B 349 31.61 13.77 46.67
C GLN B 349 30.31 14.43 46.19
N PHE B 350 30.09 14.40 44.89
CA PHE B 350 28.92 15.04 44.30
C PHE B 350 27.78 14.07 44.03
N LYS B 351 27.99 12.79 44.27
CA LYS B 351 26.95 11.79 44.09
C LYS B 351 25.74 12.06 44.99
N ARG B 352 26.02 12.63 46.15
CA ARG B 352 25.00 12.81 47.16
C ARG B 352 24.00 13.88 46.71
N ILE B 353 24.42 14.72 45.79
CA ILE B 353 23.53 15.77 45.29
C ILE B 353 22.75 15.29 44.07
N ARG B 354 21.44 15.29 44.18
CA ARG B 354 20.59 14.96 43.03
C ARG B 354 19.34 15.84 43.01
N LYS B 355 18.94 16.25 41.82
CA LYS B 355 17.70 16.98 41.65
C LYS B 355 17.25 16.87 40.21
N SER B 356 15.97 17.13 39.95
CA SER B 356 15.49 17.19 38.58
C SER B 356 15.01 18.60 38.31
N SER B 357 15.19 19.07 37.07
CA SER B 357 14.81 20.41 36.71
C SER B 357 14.81 20.59 35.21
N SER B 358 14.66 21.83 34.76
CA SER B 358 14.70 22.15 33.34
C SER B 358 15.92 21.54 32.69
N TYR B 359 17.01 21.49 33.44
CA TYR B 359 18.27 20.96 32.96
C TYR B 359 18.08 19.49 32.63
N ASP B 360 18.88 18.96 31.71
CA ASP B 360 18.63 17.63 31.19
C ASP B 360 19.14 16.48 32.06
N TYR B 361 20.09 16.76 32.94
CA TYR B 361 20.65 15.69 33.74
C TYR B 361 20.42 15.93 35.22
N GLU B 362 20.39 14.86 35.99
CA GLU B 362 20.16 14.99 37.41
C GLU B 362 21.26 15.76 38.11
N ALA B 363 22.49 15.26 38.03
CA ALA B 363 23.57 15.78 38.86
C ALA B 363 24.77 16.18 38.04
N LEU B 364 25.67 16.94 38.66
CA LEU B 364 26.85 17.42 37.99
C LEU B 364 27.64 16.31 37.31
N ASP B 365 27.87 15.23 38.03
CA ASP B 365 28.69 14.13 37.54
C ASP B 365 28.29 13.68 36.15
N GLU B 366 26.99 13.64 35.89
CA GLU B 366 26.48 13.18 34.62
C GLU B 366 27.03 13.94 33.44
N ALA B 367 26.95 15.27 33.50
CA ALA B 367 27.40 16.11 32.40
C ALA B 367 28.81 15.74 31.97
N MET B 368 29.71 15.76 32.94
CA MET B 368 31.09 15.40 32.71
C MET B 368 31.13 14.03 32.08
N SER B 369 30.40 13.10 32.69
CA SER B 369 30.39 11.73 32.24
C SER B 369 29.97 11.62 30.79
N ILE B 370 29.12 12.52 30.33
CA ILE B 370 28.75 12.50 28.93
C ILE B 370 29.88 13.00 28.08
N SER B 371 30.43 14.15 28.47
CA SER B 371 31.50 14.75 27.66
C SER B 371 32.65 13.78 27.46
N VAL B 372 32.93 12.98 28.47
CA VAL B 372 34.04 12.04 28.41
C VAL B 372 33.87 10.95 27.36
N GLU B 373 32.67 10.41 27.26
CA GLU B 373 32.44 9.20 26.47
C GLU B 373 32.61 9.37 24.96
N MET B 374 32.41 10.59 24.47
CA MET B 374 32.42 10.81 23.03
C MET B 374 33.81 10.74 22.42
N LEU B 375 34.83 10.61 23.25
CA LEU B 375 36.21 10.54 22.74
C LEU B 375 36.46 9.26 21.97
N ARG B 376 37.50 9.27 21.15
CA ARG B 376 37.89 8.08 20.38
C ARG B 376 38.38 6.99 21.31
N GLU B 377 38.38 5.76 20.81
CA GLU B 377 38.85 4.64 21.61
C GLU B 377 40.34 4.74 21.86
N ASP B 378 41.03 5.38 20.93
CA ASP B 378 42.48 5.52 21.01
C ASP B 378 42.89 6.35 22.21
N ILE B 379 42.28 7.52 22.35
CA ILE B 379 42.76 8.53 23.29
C ILE B 379 42.33 8.32 24.74
N LYS B 380 41.21 7.67 24.92
CA LYS B 380 40.47 7.50 26.17
C LYS B 380 41.38 7.05 27.30
N ASP B 381 42.43 6.33 26.96
CA ASP B 381 43.39 5.92 27.96
C ASP B 381 44.29 7.10 28.31
N TYR B 382 44.78 7.79 27.29
CA TYR B 382 45.67 8.92 27.50
C TYR B 382 45.05 9.97 28.40
N TYR B 383 43.73 10.07 28.39
CA TYR B 383 43.10 11.08 29.21
C TYR B 383 43.27 10.74 30.67
N THR B 384 42.97 9.49 31.02
CA THR B 384 43.01 9.03 32.39
C THR B 384 44.31 9.39 33.10
N ASP B 385 45.40 9.27 32.38
CA ASP B 385 46.72 9.56 32.93
C ASP B 385 46.80 10.95 33.51
N LEU B 386 46.01 11.85 32.97
CA LEU B 386 46.14 13.26 33.30
C LEU B 386 45.58 13.55 34.70
N SER B 387 44.95 12.54 35.29
CA SER B 387 44.35 12.69 36.62
C SER B 387 45.34 13.04 37.72
N ILE B 388 46.63 12.91 37.43
CA ILE B 388 47.67 13.09 38.43
C ILE B 388 47.85 14.55 38.86
N LEU B 389 47.31 15.48 38.08
CA LEU B 389 47.51 16.90 38.35
C LEU B 389 46.82 17.32 39.63
N GLN B 390 47.37 18.35 40.27
CA GLN B 390 46.82 18.87 41.50
C GLN B 390 46.06 20.11 41.08
N LYS B 391 44.88 20.32 41.66
CA LYS B 391 44.10 21.47 41.26
C LYS B 391 44.96 22.70 41.51
N ASP B 392 45.00 23.57 40.52
CA ASP B 392 45.79 24.79 40.59
C ASP B 392 47.28 24.61 40.26
N VAL B 393 47.71 23.41 39.87
CA VAL B 393 49.11 23.28 39.55
C VAL B 393 49.32 23.30 38.05
N LYS B 394 49.87 24.39 37.56
CA LYS B 394 50.15 24.49 36.15
C LYS B 394 51.36 23.62 35.84
N VAL B 395 51.29 22.90 34.74
CA VAL B 395 52.40 22.05 34.37
C VAL B 395 53.00 22.54 33.07
N PRO B 396 54.31 22.37 32.92
CA PRO B 396 54.90 22.59 31.61
C PRO B 396 54.59 21.41 30.74
N THR B 397 54.98 21.44 29.48
CA THR B 397 54.61 20.37 28.56
C THR B 397 55.51 19.16 28.75
N LYS B 398 56.79 19.43 28.97
CA LYS B 398 57.83 18.40 28.98
C LYS B 398 57.50 17.21 29.85
N VAL B 399 56.98 17.46 31.05
CA VAL B 399 56.69 16.38 31.98
C VAL B 399 55.77 15.35 31.37
N LEU B 400 54.84 15.82 30.53
CA LEU B 400 53.92 14.93 29.86
C LEU B 400 54.66 14.13 28.79
N CYS B 401 55.65 14.76 28.16
CA CYS B 401 56.47 14.04 27.21
C CYS B 401 57.13 12.89 27.93
N ILE B 402 57.62 13.18 29.14
CA ILE B 402 58.20 12.16 29.98
C ILE B 402 57.21 11.06 30.26
N LEU B 403 55.96 11.43 30.49
CA LEU B 403 54.96 10.42 30.83
C LEU B 403 54.63 9.51 29.66
N TRP B 404 54.28 10.08 28.50
CA TRP B 404 53.88 9.24 27.38
C TRP B 404 55.06 8.80 26.53
N ASP B 405 56.27 9.23 26.90
CA ASP B 405 57.49 8.81 26.22
C ASP B 405 57.50 9.10 24.71
N MET B 406 57.27 10.36 24.35
CA MET B 406 57.31 10.74 22.94
C MET B 406 57.62 12.20 22.71
N GLU B 407 57.93 12.53 21.46
CA GLU B 407 58.38 13.85 21.06
C GLU B 407 57.41 14.96 21.47
N THR B 408 57.97 16.14 21.73
CA THR B 408 57.22 17.32 22.17
C THR B 408 55.94 17.61 21.38
N GLU B 409 56.10 17.99 20.12
CA GLU B 409 54.96 18.42 19.33
C GLU B 409 53.91 17.34 19.26
N GLU B 410 54.38 16.10 19.08
CA GLU B 410 53.51 14.94 19.05
C GLU B 410 52.54 14.93 20.23
N VAL B 411 53.03 15.33 21.39
CA VAL B 411 52.19 15.44 22.57
C VAL B 411 51.30 16.66 22.47
N GLU B 412 51.91 17.78 22.11
CA GLU B 412 51.22 19.06 22.12
C GLU B 412 49.96 19.03 21.27
N ASP B 413 49.95 18.19 20.24
CA ASP B 413 48.76 18.07 19.40
C ASP B 413 47.61 17.42 20.15
N ILE B 414 47.85 16.26 20.74
CA ILE B 414 46.84 15.58 21.52
C ILE B 414 46.29 16.53 22.57
N LEU B 415 47.20 17.15 23.31
CA LEU B 415 46.76 18.09 24.33
C LEU B 415 45.83 19.15 23.72
N GLN B 416 46.19 19.63 22.54
CA GLN B 416 45.36 20.61 21.87
C GLN B 416 43.97 20.06 21.62
N GLU B 417 43.91 18.78 21.26
CA GLU B 417 42.60 18.14 21.09
C GLU B 417 41.79 18.17 22.37
N PHE B 418 42.42 17.87 23.49
CA PHE B 418 41.72 18.02 24.76
C PHE B 418 41.28 19.45 25.00
N VAL B 419 42.02 20.43 24.50
CA VAL B 419 41.57 21.80 24.65
C VAL B 419 40.32 22.02 23.82
N ASN B 420 40.29 21.41 22.64
CA ASN B 420 39.15 21.53 21.76
C ASN B 420 37.89 20.97 22.41
N LYS B 421 38.00 19.78 22.99
CA LYS B 421 36.85 19.20 23.67
C LYS B 421 36.53 19.88 25.01
N SER B 422 37.35 20.86 25.38
CA SER B 422 37.15 21.62 26.60
C SER B 422 37.26 20.78 27.86
N LEU B 423 38.15 19.80 27.84
CA LEU B 423 38.46 19.05 29.04
C LEU B 423 39.67 19.61 29.77
N LEU B 424 40.35 20.55 29.14
CA LEU B 424 41.63 21.01 29.67
C LEU B 424 41.93 22.42 29.21
N PHE B 425 42.59 23.22 30.03
CA PHE B 425 42.81 24.58 29.63
C PHE B 425 44.27 24.89 29.39
N CYS B 426 44.51 25.82 28.49
CA CYS B 426 45.86 26.09 28.00
C CYS B 426 46.18 27.57 28.06
N ASP B 427 47.26 27.89 28.77
CA ASP B 427 47.75 29.26 28.87
C ASP B 427 49.01 29.43 28.04
N ARG B 428 49.08 30.52 27.30
CA ARG B 428 50.18 30.75 26.38
C ARG B 428 51.08 31.89 26.83
N ASN B 429 52.27 31.54 27.28
CA ASN B 429 53.28 32.52 27.64
C ASN B 429 54.67 31.94 27.43
N GLY B 430 55.60 32.76 26.98
CA GLY B 430 56.91 32.27 26.61
C GLY B 430 56.75 31.36 25.42
N LYS B 431 57.75 30.52 25.18
CA LYS B 431 57.64 29.56 24.09
C LYS B 431 56.80 28.36 24.51
N SER B 432 57.02 27.88 25.72
CA SER B 432 56.36 26.67 26.20
C SER B 432 54.94 26.96 26.64
N PHE B 433 53.99 26.20 26.11
CA PHE B 433 52.61 26.30 26.57
C PHE B 433 52.47 25.74 27.97
N ARG B 434 51.40 26.13 28.65
CA ARG B 434 51.20 25.73 30.03
C ARG B 434 49.78 25.21 30.25
N TYR B 435 49.65 23.93 30.58
CA TYR B 435 48.34 23.32 30.69
C TYR B 435 47.88 23.12 32.12
N TYR B 436 46.59 23.28 32.36
CA TYR B 436 46.04 22.99 33.68
C TYR B 436 44.56 22.71 33.63
N LEU B 437 44.07 22.05 34.67
CA LEU B 437 42.66 21.70 34.75
C LEU B 437 41.83 22.72 35.46
N HIS B 438 40.54 22.45 35.50
CA HIS B 438 39.62 23.21 36.32
C HIS B 438 39.20 22.28 37.45
N ASP B 439 38.91 22.85 38.60
CA ASP B 439 38.73 22.09 39.83
C ASP B 439 37.74 20.94 39.73
N LEU B 440 36.53 21.27 39.30
CA LEU B 440 35.44 20.30 39.27
C LEU B 440 35.86 19.06 38.53
N GLN B 441 36.51 19.26 37.40
CA GLN B 441 36.99 18.15 36.60
C GLN B 441 37.97 17.31 37.39
N VAL B 442 38.80 17.96 38.18
CA VAL B 442 39.79 17.26 38.97
C VAL B 442 39.12 16.35 39.96
N ASP B 443 38.18 16.89 40.71
CA ASP B 443 37.49 16.09 41.70
C ASP B 443 36.72 14.96 41.03
N PHE B 444 36.17 15.25 39.86
CA PHE B 444 35.48 14.25 39.09
C PHE B 444 36.39 13.07 38.77
N LEU B 445 37.56 13.35 38.20
CA LEU B 445 38.49 12.28 37.87
C LEU B 445 38.96 11.57 39.13
N THR B 446 39.04 12.32 40.22
CA THR B 446 39.42 11.75 41.49
C THR B 446 38.43 10.66 41.88
N GLU B 447 37.15 10.92 41.64
CA GLU B 447 36.13 9.94 41.99
C GLU B 447 36.05 8.80 40.98
N LYS B 448 36.18 9.12 39.70
CA LYS B 448 36.02 8.13 38.65
C LYS B 448 37.10 7.06 38.68
N ASN B 449 38.34 7.49 38.73
CA ASN B 449 39.45 6.54 38.83
C ASN B 449 40.15 6.65 40.16
N CYS B 450 40.01 5.62 40.98
CA CYS B 450 40.59 5.62 42.31
C CYS B 450 41.71 4.60 42.43
N SER B 451 41.35 3.33 42.24
CA SER B 451 42.26 2.22 42.43
C SER B 451 43.55 2.31 41.59
N GLN B 452 43.52 3.12 40.55
CA GLN B 452 44.62 3.16 39.60
C GLN B 452 45.67 4.23 39.91
N LEU B 453 45.50 4.92 41.04
CA LEU B 453 46.44 5.96 41.42
C LEU B 453 47.87 5.46 41.56
N GLN B 454 48.04 4.41 42.36
CA GLN B 454 49.34 3.81 42.61
C GLN B 454 50.07 3.54 41.31
N ASP B 455 49.37 2.89 40.39
CA ASP B 455 49.90 2.57 39.08
C ASP B 455 50.50 3.79 38.44
N LEU B 456 49.73 4.87 38.44
CA LEU B 456 50.11 6.09 37.75
C LEU B 456 51.33 6.72 38.38
N HIS B 457 51.29 6.93 39.69
CA HIS B 457 52.41 7.57 40.36
C HIS B 457 53.70 6.78 40.20
N LYS B 458 53.63 5.47 40.46
CA LYS B 458 54.82 4.64 40.32
C LYS B 458 55.28 4.64 38.87
N LYS B 459 54.34 4.82 37.96
CA LYS B 459 54.65 4.91 36.54
C LYS B 459 55.50 6.14 36.24
N ILE B 460 55.02 7.31 36.66
CA ILE B 460 55.75 8.53 36.34
C ILE B 460 57.09 8.55 37.06
N ILE B 461 57.15 7.98 38.25
CA ILE B 461 58.41 7.92 38.97
C ILE B 461 59.41 7.05 38.23
N THR B 462 58.98 5.83 37.91
CA THR B 462 59.80 4.90 37.15
C THR B 462 60.35 5.56 35.90
N GLN B 463 59.47 6.22 35.17
CA GLN B 463 59.87 6.97 33.98
C GLN B 463 60.93 8.00 34.31
N PHE B 464 60.71 8.74 35.38
CA PHE B 464 61.60 9.82 35.76
C PHE B 464 63.00 9.29 36.02
N GLN B 465 63.09 8.19 36.77
CA GLN B 465 64.38 7.56 37.02
C GLN B 465 65.00 7.09 35.73
N ARG B 466 64.19 6.46 34.89
CA ARG B 466 64.68 5.88 33.66
C ARG B 466 65.25 6.94 32.72
N TYR B 467 64.80 8.18 32.89
CA TYR B 467 65.39 9.27 32.12
C TYR B 467 66.41 10.09 32.91
N HIS B 468 65.93 10.92 33.82
CA HIS B 468 66.83 11.80 34.56
C HIS B 468 67.39 11.15 35.81
N GLN B 469 68.23 11.90 36.51
CA GLN B 469 68.78 11.46 37.78
C GLN B 469 68.34 12.40 38.88
N PRO B 470 68.13 11.86 40.09
CA PRO B 470 67.61 12.66 41.21
C PRO B 470 68.48 13.86 41.57
N HIS B 471 69.79 13.66 41.67
CA HIS B 471 70.69 14.76 42.01
C HIS B 471 71.23 15.44 40.77
N THR B 472 70.80 15.00 39.60
CA THR B 472 71.22 15.65 38.37
C THR B 472 70.07 16.35 37.68
N LEU B 473 70.05 17.67 37.79
CA LEU B 473 69.05 18.48 37.13
C LEU B 473 69.66 19.77 36.60
N SER B 474 69.23 20.15 35.40
CA SER B 474 69.66 21.42 34.84
C SER B 474 68.61 22.47 35.14
N PRO B 475 68.97 23.47 35.96
CA PRO B 475 68.10 24.59 36.28
C PRO B 475 67.74 25.37 35.02
N ASP B 476 68.49 25.15 33.95
CA ASP B 476 68.24 25.80 32.67
C ASP B 476 67.14 25.09 31.89
N GLN B 477 66.72 23.92 32.34
CA GLN B 477 65.65 23.22 31.66
C GLN B 477 64.32 23.89 31.92
N GLU B 478 63.28 23.42 31.25
CA GLU B 478 61.97 24.01 31.40
C GLU B 478 61.11 23.28 32.42
N ASP B 479 61.52 22.08 32.79
CA ASP B 479 60.72 21.26 33.69
C ASP B 479 61.21 21.23 35.14
N CYS B 480 62.32 21.89 35.42
CA CYS B 480 62.98 21.76 36.72
C CYS B 480 62.06 22.06 37.89
N MET B 481 61.50 23.28 37.88
CA MET B 481 60.72 23.79 38.99
C MET B 481 59.67 22.81 39.44
N TYR B 482 58.90 22.32 38.48
CA TYR B 482 57.86 21.36 38.79
C TYR B 482 58.41 20.15 39.49
N TRP B 483 59.50 19.61 38.98
CA TRP B 483 60.08 18.43 39.60
C TRP B 483 60.44 18.71 41.04
N TYR B 484 61.23 19.76 41.26
CA TYR B 484 61.63 20.11 42.61
C TYR B 484 60.44 20.22 43.55
N ASN B 485 59.39 20.92 43.13
CA ASN B 485 58.26 21.06 44.03
C ASN B 485 57.52 19.77 44.30
N PHE B 486 57.02 19.12 43.26
CA PHE B 486 56.04 18.05 43.49
C PHE B 486 56.57 16.62 43.45
N LEU B 487 57.87 16.45 43.20
CA LEU B 487 58.41 15.09 43.10
C LEU B 487 58.18 14.31 44.39
N ALA B 488 58.43 14.99 45.51
CA ALA B 488 58.18 14.42 46.82
C ALA B 488 56.75 13.92 46.90
N TYR B 489 55.81 14.76 46.49
CA TYR B 489 54.41 14.39 46.46
C TYR B 489 54.16 13.13 45.67
N HIS B 490 54.59 13.14 44.40
CA HIS B 490 54.36 11.99 43.54
C HIS B 490 54.93 10.71 44.14
N MET B 491 56.02 10.85 44.88
CA MET B 491 56.52 9.69 45.61
C MET B 491 55.58 9.30 46.73
N ALA B 492 55.04 10.31 47.43
CA ALA B 492 54.21 10.06 48.59
C ALA B 492 52.94 9.32 48.23
N SER B 493 52.24 9.79 47.21
CA SER B 493 51.00 9.14 46.78
C SER B 493 51.28 7.74 46.30
N ALA B 494 52.52 7.48 45.90
CA ALA B 494 52.92 6.15 45.46
C ALA B 494 53.12 5.24 46.65
N LYS B 495 53.08 5.83 47.84
CA LYS B 495 53.28 5.12 49.10
C LYS B 495 54.61 4.39 49.14
N MET B 496 55.58 4.87 48.39
CA MET B 496 56.91 4.28 48.42
C MET B 496 57.83 5.12 49.26
N HIS B 497 58.17 4.62 50.44
CA HIS B 497 59.00 5.37 51.37
C HIS B 497 60.48 5.10 51.14
N LYS B 498 60.79 4.04 50.40
CA LYS B 498 62.18 3.65 50.23
C LYS B 498 62.92 4.65 49.36
N GLU B 499 62.39 4.87 48.17
CA GLU B 499 62.95 5.86 47.27
C GLU B 499 62.73 7.23 47.87
N LEU B 500 61.69 7.36 48.68
CA LEU B 500 61.41 8.59 49.40
C LEU B 500 62.53 8.94 50.34
N CYS B 501 62.82 8.02 51.26
CA CYS B 501 63.88 8.20 52.22
C CYS B 501 65.20 8.42 51.50
N ALA B 502 65.37 7.70 50.39
CA ALA B 502 66.55 7.84 49.56
C ALA B 502 66.72 9.27 49.09
N LEU B 503 65.65 9.87 48.59
CA LEU B 503 65.72 11.24 48.07
C LEU B 503 65.85 12.29 49.16
N MET B 504 64.93 12.28 50.11
CA MET B 504 64.82 13.39 51.04
C MET B 504 65.99 13.47 52.00
N PHE B 505 66.35 12.33 52.58
CA PHE B 505 67.37 12.31 53.62
C PHE B 505 68.74 12.68 53.07
N SER B 506 68.87 12.61 51.75
CA SER B 506 70.10 13.02 51.08
C SER B 506 70.35 14.50 51.33
N LEU B 507 71.61 14.84 51.58
CA LEU B 507 71.97 16.21 51.93
C LEU B 507 72.07 17.13 50.73
N ASP B 508 72.65 16.64 49.65
CA ASP B 508 72.85 17.47 48.46
C ASP B 508 71.51 17.92 47.87
N TRP B 509 70.54 17.02 47.90
CA TRP B 509 69.19 17.36 47.46
C TRP B 509 68.69 18.57 48.23
N ILE B 510 68.89 18.52 49.54
CA ILE B 510 68.53 19.61 50.41
C ILE B 510 69.26 20.87 49.99
N LYS B 511 70.56 20.74 49.74
CA LYS B 511 71.38 21.88 49.35
C LYS B 511 70.81 22.57 48.11
N ALA B 512 70.67 21.81 47.04
CA ALA B 512 70.18 22.33 45.77
C ALA B 512 68.82 22.99 45.93
N LYS B 513 67.90 22.27 46.55
CA LYS B 513 66.56 22.78 46.76
C LYS B 513 66.59 24.12 47.49
N THR B 514 67.20 24.12 48.66
CA THR B 514 67.32 25.31 49.49
C THR B 514 67.90 26.48 48.73
N GLU B 515 68.99 26.24 48.01
CA GLU B 515 69.60 27.29 47.21
C GLU B 515 68.61 27.86 46.23
N LEU B 516 67.91 27.00 45.52
CA LEU B 516 66.96 27.46 44.52
C LEU B 516 65.65 27.92 45.13
N VAL B 517 65.14 27.16 46.09
CA VAL B 517 63.81 27.39 46.63
C VAL B 517 63.83 28.14 47.95
N GLY B 518 64.48 27.55 48.95
CA GLY B 518 64.36 27.98 50.33
C GLY B 518 63.63 26.94 51.14
N PRO B 519 63.85 26.95 52.46
CA PRO B 519 63.51 25.88 53.40
C PRO B 519 62.02 25.60 53.58
N ALA B 520 61.22 26.66 53.61
CA ALA B 520 59.84 26.58 54.05
C ALA B 520 59.05 25.47 53.37
N HIS B 521 59.08 25.47 52.05
CA HIS B 521 58.39 24.45 51.27
C HIS B 521 58.77 23.05 51.74
N LEU B 522 60.07 22.84 51.85
CA LEU B 522 60.61 21.55 52.21
C LEU B 522 60.12 21.12 53.60
N ILE B 523 60.19 22.06 54.54
CA ILE B 523 59.67 21.85 55.89
C ILE B 523 58.25 21.34 55.82
N HIS B 524 57.43 22.09 55.11
CA HIS B 524 56.03 21.74 54.89
C HIS B 524 55.91 20.31 54.39
N GLU B 525 56.76 19.94 53.45
CA GLU B 525 56.73 18.59 52.90
C GLU B 525 57.02 17.54 53.96
N PHE B 526 58.03 17.80 54.80
CA PHE B 526 58.28 16.90 55.93
C PHE B 526 57.05 16.74 56.81
N VAL B 527 56.55 17.87 57.30
CA VAL B 527 55.41 17.88 58.21
C VAL B 527 54.25 17.09 57.64
N GLU B 528 53.99 17.28 56.36
CA GLU B 528 52.89 16.57 55.70
C GLU B 528 53.15 15.08 55.59
N TYR B 529 54.27 14.72 55.00
CA TYR B 529 54.49 13.34 54.58
C TYR B 529 55.02 12.45 55.68
N ARG B 530 55.21 13.02 56.87
CA ARG B 530 55.80 12.28 57.99
C ARG B 530 55.02 11.00 58.33
N HIS B 531 53.75 10.97 57.94
CA HIS B 531 52.88 9.84 58.28
C HIS B 531 53.35 8.52 57.71
N ILE B 532 53.60 8.48 56.40
CA ILE B 532 53.95 7.25 55.72
C ILE B 532 55.29 6.71 56.22
N LEU B 533 56.12 7.62 56.71
CA LEU B 533 57.42 7.27 57.25
C LEU B 533 57.29 6.35 58.47
N ASP B 534 58.29 5.49 58.68
CA ASP B 534 58.24 4.54 59.78
C ASP B 534 58.49 5.20 61.12
N GLU B 535 58.43 4.40 62.17
CA GLU B 535 58.60 4.90 63.53
C GLU B 535 60.01 5.44 63.74
N LYS B 536 61.00 4.66 63.34
CA LYS B 536 62.39 5.09 63.40
C LYS B 536 62.60 6.30 62.51
N ASP B 537 61.90 6.33 61.39
CA ASP B 537 62.00 7.42 60.43
C ASP B 537 61.57 8.73 61.05
N CYS B 538 60.55 8.66 61.92
CA CYS B 538 60.00 9.84 62.56
C CYS B 538 61.06 10.64 63.29
N ALA B 539 62.00 9.95 63.91
CA ALA B 539 63.08 10.61 64.64
C ALA B 539 63.91 11.47 63.69
N VAL B 540 64.36 10.86 62.61
CA VAL B 540 65.18 11.53 61.61
C VAL B 540 64.46 12.73 61.03
N SER B 541 63.25 12.47 60.53
CA SER B 541 62.40 13.48 59.96
C SER B 541 62.29 14.67 60.91
N GLU B 542 62.03 14.35 62.18
CA GLU B 542 61.94 15.36 63.23
C GLU B 542 63.22 16.17 63.32
N ASN B 543 64.35 15.47 63.41
CA ASN B 543 65.65 16.12 63.48
C ASN B 543 65.78 17.18 62.40
N PHE B 544 65.34 16.83 61.20
CA PHE B 544 65.28 17.83 60.15
C PHE B 544 64.28 18.94 60.45
N GLN B 545 63.12 18.56 60.98
CA GLN B 545 62.03 19.50 61.24
C GLN B 545 62.51 20.65 62.09
N GLU B 546 63.28 20.36 63.14
CA GLU B 546 63.88 21.44 63.89
C GLU B 546 65.10 22.02 63.20
N PHE B 547 65.82 21.18 62.46
CA PHE B 547 67.05 21.62 61.81
C PHE B 547 66.82 22.83 60.91
N LEU B 548 65.91 22.65 59.96
CA LEU B 548 65.61 23.69 59.00
C LEU B 548 64.96 24.90 59.65
N SER B 549 64.08 24.63 60.61
CA SER B 549 63.37 25.70 61.31
C SER B 549 64.35 26.61 62.05
N LEU B 550 65.42 26.02 62.55
CA LEU B 550 66.44 26.79 63.25
C LEU B 550 67.39 27.47 62.26
N ASN B 551 67.68 26.79 61.17
CA ASN B 551 68.63 27.32 60.19
C ASN B 551 67.99 28.29 59.22
N GLY B 552 66.70 28.53 59.40
CA GLY B 552 65.89 29.28 58.44
C GLY B 552 66.43 30.61 57.99
N HIS B 553 67.12 31.33 58.87
CA HIS B 553 67.61 32.66 58.54
C HIS B 553 68.87 32.58 57.68
N LEU B 554 69.68 31.56 57.90
CA LEU B 554 70.93 31.42 57.18
C LEU B 554 70.76 30.86 55.77
N LEU B 555 69.99 29.78 55.66
CA LEU B 555 69.94 28.99 54.43
C LEU B 555 69.32 29.71 53.24
N GLY B 556 69.69 29.24 52.06
CA GLY B 556 69.04 29.67 50.82
C GLY B 556 69.38 31.08 50.40
N ARG B 557 70.05 31.81 51.27
CA ARG B 557 70.39 33.20 50.98
C ARG B 557 71.89 33.32 50.83
N GLN B 558 72.35 33.48 49.60
CA GLN B 558 73.78 33.48 49.34
C GLN B 558 74.38 34.89 49.38
N PRO B 559 75.66 35.01 49.79
CA PRO B 559 76.73 34.03 50.03
C PRO B 559 76.33 32.84 50.88
N PHE B 560 76.77 31.66 50.45
CA PHE B 560 76.16 30.42 50.92
C PHE B 560 77.19 29.51 51.58
N PRO B 561 76.80 28.86 52.69
CA PRO B 561 77.71 28.03 53.47
C PRO B 561 77.74 26.56 53.05
N ASN B 562 78.55 25.76 53.73
CA ASN B 562 78.57 24.32 53.48
C ASN B 562 77.48 23.63 54.28
N ILE B 563 76.88 22.61 53.67
CA ILE B 563 75.87 21.80 54.35
C ILE B 563 76.52 21.03 55.49
N VAL B 564 77.61 20.36 55.16
CA VAL B 564 78.31 19.49 56.09
C VAL B 564 78.64 20.18 57.40
N GLN B 565 79.32 21.31 57.30
CA GLN B 565 79.81 22.02 58.48
C GLN B 565 78.67 22.47 59.39
N LEU B 566 77.55 22.85 58.79
CA LEU B 566 76.39 23.23 59.57
C LEU B 566 75.81 21.99 60.23
N GLY B 567 75.92 20.87 59.54
CA GLY B 567 75.45 19.61 60.07
C GLY B 567 76.30 19.15 61.23
N LEU B 568 77.54 19.65 61.29
CA LEU B 568 78.47 19.28 62.35
C LEU B 568 78.07 19.93 63.68
N CYS B 569 77.27 20.97 63.62
CA CYS B 569 76.86 21.69 64.81
C CYS B 569 75.63 21.06 65.46
N GLU B 570 75.15 19.98 64.87
CA GLU B 570 73.94 19.33 65.35
C GLU B 570 74.25 18.30 66.43
N PRO B 571 73.27 18.06 67.32
CA PRO B 571 73.41 17.02 68.34
C PRO B 571 73.71 15.66 67.72
N GLU B 572 74.55 14.87 68.38
CA GLU B 572 75.00 13.60 67.85
C GLU B 572 73.84 12.65 67.55
N THR B 573 72.83 12.70 68.40
CA THR B 573 71.64 11.87 68.24
C THR B 573 70.90 12.19 66.95
N SER B 574 70.96 13.46 66.54
CA SER B 574 70.32 13.88 65.29
C SER B 574 71.03 13.26 64.10
N GLU B 575 70.24 12.67 63.20
CA GLU B 575 70.77 12.01 62.02
C GLU B 575 71.58 12.97 61.17
N VAL B 576 71.19 14.24 61.20
CA VAL B 576 71.88 15.28 60.45
C VAL B 576 73.35 15.31 60.79
N TYR B 577 73.64 15.33 62.08
CA TYR B 577 75.02 15.36 62.54
C TYR B 577 75.79 14.12 62.12
N GLN B 578 75.11 12.99 62.09
CA GLN B 578 75.76 11.73 61.79
C GLN B 578 76.11 11.64 60.31
N GLN B 579 75.21 12.13 59.47
CA GLN B 579 75.45 12.13 58.03
C GLN B 579 76.51 13.16 57.67
N ALA B 580 76.39 14.35 58.25
CA ALA B 580 77.35 15.43 58.01
C ALA B 580 78.74 15.00 58.45
N LYS B 581 78.81 14.37 59.61
CA LYS B 581 80.08 13.86 60.12
C LYS B 581 80.61 12.76 59.21
N LEU B 582 79.70 11.93 58.71
CA LEU B 582 80.08 10.85 57.82
C LEU B 582 80.77 11.39 56.58
N GLN B 583 80.08 12.27 55.85
CA GLN B 583 80.63 12.84 54.63
C GLN B 583 81.88 13.66 54.92
N ALA B 584 81.89 14.33 56.07
CA ALA B 584 83.04 15.10 56.50
C ALA B 584 84.27 14.21 56.58
N LYS B 585 84.11 13.08 57.26
CA LYS B 585 85.17 12.09 57.40
C LYS B 585 85.54 11.50 56.04
N GLN B 586 84.56 11.43 55.15
CA GLN B 586 84.80 10.88 53.82
C GLN B 586 85.75 11.77 53.01
N GLU B 587 85.55 13.08 53.08
CA GLU B 587 86.48 13.99 52.43
C GLU B 587 87.71 14.21 53.30
N VAL B 588 88.85 13.72 52.82
CA VAL B 588 90.10 13.79 53.56
C VAL B 588 91.20 14.31 52.65
N ASP B 589 92.18 14.97 53.26
CA ASP B 589 93.26 15.55 52.47
C ASP B 589 92.58 16.54 51.53
N ASN B 590 91.49 17.12 52.00
CA ASN B 590 90.71 18.08 51.25
C ASN B 590 90.73 19.42 51.95
N GLY B 591 91.04 20.46 51.19
CA GLY B 591 91.12 21.81 51.69
C GLY B 591 89.83 22.24 52.37
N MET B 592 89.02 21.27 52.76
CA MET B 592 87.77 21.55 53.44
C MET B 592 88.00 21.98 54.88
N LEU B 593 88.83 21.22 55.59
CA LEU B 593 89.20 21.51 56.97
C LEU B 593 87.97 21.61 57.88
N TYR B 594 87.32 20.48 58.11
CA TYR B 594 86.11 20.43 58.93
C TYR B 594 86.43 20.65 60.40
N LEU B 595 85.40 21.04 61.16
CA LEU B 595 85.55 21.30 62.59
C LEU B 595 84.59 20.44 63.40
N GLU B 596 84.87 20.26 64.68
CA GLU B 596 84.04 19.43 65.54
C GLU B 596 83.68 20.16 66.83
N TRP B 597 82.42 20.01 67.26
CA TRP B 597 81.92 20.69 68.45
C TRP B 597 81.58 19.72 69.59
N ILE B 598 82.38 19.74 70.64
CA ILE B 598 82.09 18.97 71.84
C ILE B 598 81.11 19.71 72.76
N ASN B 599 81.11 21.03 72.68
CA ASN B 599 80.36 21.86 73.61
C ASN B 599 78.86 22.00 73.30
N LYS B 600 78.51 21.95 72.01
CA LYS B 600 77.13 22.21 71.60
C LYS B 600 76.11 21.16 72.06
N LYS B 601 76.59 20.07 72.65
CA LYS B 601 75.70 19.04 73.14
C LYS B 601 74.90 19.53 74.35
N ASN B 602 75.51 20.35 75.20
CA ASN B 602 74.85 20.87 76.38
C ASN B 602 74.26 22.28 76.20
N ILE B 603 74.48 22.87 75.03
CA ILE B 603 74.01 24.23 74.77
C ILE B 603 73.32 24.34 73.41
N THR B 604 72.97 25.57 73.03
CA THR B 604 72.18 25.85 71.83
C THR B 604 70.85 25.09 71.91
N ASN B 605 69.97 25.57 72.79
CA ASN B 605 68.66 24.97 72.96
C ASN B 605 67.82 25.03 71.69
N LEU B 606 66.94 24.05 71.52
CA LEU B 606 66.09 23.97 70.34
C LEU B 606 65.04 25.09 70.30
N SER B 607 64.53 25.37 69.10
CA SER B 607 63.51 26.39 68.92
C SER B 607 62.34 25.83 68.13
N ARG B 608 61.15 26.39 68.34
CA ARG B 608 59.99 25.93 67.59
C ARG B 608 60.10 26.34 66.13
N LEU B 609 60.32 27.62 65.87
CA LEU B 609 60.45 28.07 64.49
C LEU B 609 61.33 29.31 64.33
N VAL B 610 62.03 29.39 63.19
CA VAL B 610 62.77 30.59 62.82
C VAL B 610 62.51 30.93 61.35
N VAL B 611 61.90 32.09 61.10
CA VAL B 611 61.56 32.48 59.73
C VAL B 611 61.91 33.94 59.41
N ARG B 612 62.77 34.12 58.41
CA ARG B 612 63.03 35.46 57.87
C ARG B 612 62.58 35.59 56.42
N PRO B 613 61.42 36.23 56.19
CA PRO B 613 61.12 36.70 54.82
C PRO B 613 61.42 38.18 54.65
N HIS B 614 62.60 38.64 55.03
CA HIS B 614 62.90 40.08 55.08
C HIS B 614 64.32 40.44 54.71
N THR B 615 64.45 41.50 53.91
CA THR B 615 65.75 42.10 53.65
C THR B 615 66.02 43.25 54.62
N ASP B 616 64.99 43.63 55.37
CA ASP B 616 65.04 44.78 56.27
C ASP B 616 64.47 44.45 57.66
N ALA B 617 64.70 45.35 58.61
CA ALA B 617 64.29 45.14 60.00
C ALA B 617 62.78 45.04 60.18
N VAL B 618 62.36 44.40 61.26
CA VAL B 618 60.94 44.21 61.56
C VAL B 618 60.42 45.22 62.56
N TYR B 619 59.45 46.04 62.15
CA TYR B 619 58.84 46.99 63.07
C TYR B 619 57.80 46.32 63.97
N HIS B 620 56.97 45.47 63.40
CA HIS B 620 55.99 44.72 64.19
C HIS B 620 55.65 43.39 63.55
N ALA B 621 55.39 42.39 64.38
CA ALA B 621 54.94 41.07 63.93
C ALA B 621 53.97 40.47 64.93
N CYS B 622 52.87 39.90 64.42
CA CYS B 622 51.88 39.29 65.29
C CYS B 622 51.12 38.17 64.58
N PHE B 623 50.60 37.23 65.36
CA PHE B 623 49.80 36.13 64.83
C PHE B 623 48.34 36.55 64.60
N SER B 624 47.70 35.93 63.62
CA SER B 624 46.28 36.15 63.37
C SER B 624 45.45 35.58 64.50
N GLU B 625 44.22 36.04 64.63
CA GLU B 625 43.32 35.60 65.69
C GLU B 625 43.04 34.10 65.60
N ASP B 626 42.98 33.59 64.37
CA ASP B 626 42.72 32.16 64.16
C ASP B 626 44.00 31.34 64.23
N GLY B 627 45.14 32.02 64.30
CA GLY B 627 46.42 31.36 64.35
C GLY B 627 46.73 30.60 63.07
N GLN B 628 46.67 31.31 61.94
CA GLN B 628 46.87 30.69 60.64
C GLN B 628 47.95 31.39 59.84
N ARG B 629 47.71 32.66 59.51
CA ARG B 629 48.63 33.43 58.67
C ARG B 629 49.28 34.58 59.41
N ILE B 630 50.47 34.98 58.96
CA ILE B 630 51.21 36.07 59.58
C ILE B 630 51.42 37.22 58.61
N ALA B 631 51.04 38.43 59.04
CA ALA B 631 51.31 39.63 58.27
C ALA B 631 52.31 40.52 59.01
N SER B 632 53.52 40.63 58.46
CA SER B 632 54.59 41.38 59.11
C SER B 632 54.93 42.67 58.37
N CYS B 633 55.32 43.68 59.13
CA CYS B 633 55.68 44.97 58.56
C CYS B 633 57.03 45.46 59.11
N GLY B 634 57.79 46.15 58.26
CA GLY B 634 59.12 46.59 58.62
C GLY B 634 59.69 47.66 57.71
N ALA B 635 61.01 47.87 57.83
CA ALA B 635 61.69 48.90 57.06
C ALA B 635 61.73 48.60 55.56
N ASP B 636 61.33 47.39 55.19
CA ASP B 636 61.29 46.99 53.79
C ASP B 636 60.14 47.67 53.04
N LYS B 637 59.29 48.36 53.79
CA LYS B 637 58.14 49.08 53.24
C LYS B 637 57.19 48.14 52.51
N THR B 638 57.23 46.86 52.89
CA THR B 638 56.41 45.86 52.24
C THR B 638 55.77 44.92 53.24
N LEU B 639 54.44 44.86 53.24
CA LEU B 639 53.70 43.93 54.09
C LEU B 639 53.90 42.50 53.59
N GLN B 640 54.36 41.64 54.49
CA GLN B 640 54.65 40.25 54.16
C GLN B 640 53.64 39.29 54.78
N VAL B 641 52.82 38.67 53.93
CA VAL B 641 51.86 37.69 54.39
C VAL B 641 52.35 36.28 54.07
N PHE B 642 52.62 35.49 55.11
CA PHE B 642 53.14 34.15 54.93
C PHE B 642 52.56 33.16 55.95
N LYS B 643 52.69 31.87 55.67
CA LYS B 643 52.15 30.83 56.53
C LYS B 643 52.90 30.77 57.87
N ALA B 644 52.15 30.56 58.95
CA ALA B 644 52.73 30.58 60.29
C ALA B 644 53.41 29.27 60.68
N GLU B 645 53.06 28.19 60.00
CA GLU B 645 53.57 26.87 60.39
C GLU B 645 54.91 26.54 59.73
N THR B 646 54.88 26.25 58.44
CA THR B 646 56.09 25.88 57.71
C THR B 646 56.77 27.09 57.07
N GLY B 647 56.10 28.23 57.09
CA GLY B 647 56.68 29.48 56.62
C GLY B 647 56.76 29.63 55.11
N GLU B 648 55.77 29.12 54.40
CA GLU B 648 55.72 29.29 52.94
C GLU B 648 55.31 30.71 52.56
N LYS B 649 55.78 31.17 51.41
CA LYS B 649 55.44 32.50 50.92
C LYS B 649 54.03 32.50 50.35
N LEU B 650 53.18 33.37 50.88
CA LEU B 650 51.81 33.47 50.40
C LEU B 650 51.62 34.68 49.51
N LEU B 651 51.62 35.87 50.13
CA LEU B 651 51.42 37.11 49.38
C LEU B 651 52.36 38.21 49.88
N GLU B 652 52.88 38.99 48.93
CA GLU B 652 53.71 40.15 49.27
C GLU B 652 53.05 41.42 48.75
N ILE B 653 52.61 42.28 49.66
CA ILE B 653 51.83 43.45 49.28
C ILE B 653 52.52 44.75 49.65
N LYS B 654 52.63 45.69 48.70
CA LYS B 654 53.24 46.97 48.99
C LYS B 654 52.26 47.86 49.73
N ALA B 655 52.61 48.23 50.96
CA ALA B 655 51.72 49.05 51.79
C ALA B 655 51.80 50.53 51.43
N HIS B 656 53.02 51.05 51.33
CA HIS B 656 53.24 52.47 51.10
C HIS B 656 54.54 52.74 50.36
N GLU B 657 54.82 54.02 50.11
CA GLU B 657 56.10 54.43 49.54
C GLU B 657 57.08 54.76 50.67
N ASP B 658 56.57 54.74 51.89
CA ASP B 658 57.37 55.05 53.07
C ASP B 658 57.26 53.95 54.12
N GLU B 659 58.17 53.96 55.09
CA GLU B 659 58.21 52.95 56.13
C GLU B 659 56.93 52.90 56.96
N VAL B 660 56.38 51.70 57.12
CA VAL B 660 55.16 51.51 57.88
C VAL B 660 55.42 51.52 59.38
N LEU B 661 54.77 52.44 60.09
CA LEU B 661 54.98 52.59 61.53
C LEU B 661 54.41 51.42 62.33
N CYS B 662 53.14 51.11 62.10
CA CYS B 662 52.48 50.04 62.82
C CYS B 662 51.37 49.37 62.01
N CYS B 663 51.13 48.10 62.27
CA CYS B 663 50.10 47.33 61.58
C CYS B 663 49.53 46.24 62.46
N ALA B 664 48.25 45.93 62.28
CA ALA B 664 47.58 44.92 63.10
C ALA B 664 46.40 44.28 62.38
N PHE B 665 46.04 43.07 62.80
CA PHE B 665 44.91 42.35 62.24
C PHE B 665 43.57 42.89 62.72
N SER B 666 42.52 42.62 61.95
CA SER B 666 41.16 43.00 62.33
C SER B 666 40.47 41.86 63.06
N THR B 667 39.17 42.00 63.28
CA THR B 667 38.39 40.96 63.94
C THR B 667 38.34 39.70 63.10
N ASP B 668 38.01 39.86 61.81
CA ASP B 668 37.92 38.73 60.90
C ASP B 668 39.23 38.53 60.12
N ASP B 669 40.21 39.37 60.41
CA ASP B 669 41.56 39.29 59.83
C ASP B 669 41.58 39.57 58.33
N ARG B 670 40.41 39.78 57.73
CA ARG B 670 40.30 39.96 56.29
C ARG B 670 40.67 41.36 55.82
N PHE B 671 40.87 42.27 56.77
CA PHE B 671 41.23 43.65 56.45
C PHE B 671 42.36 44.16 57.33
N ILE B 672 43.43 44.63 56.70
CA ILE B 672 44.57 45.19 57.43
C ILE B 672 44.96 46.56 56.89
N ALA B 673 44.79 47.59 57.71
CA ALA B 673 45.14 48.96 57.32
C ALA B 673 46.54 49.31 57.80
N THR B 674 47.27 50.07 57.00
CA THR B 674 48.64 50.42 57.32
C THR B 674 48.82 51.93 57.50
N CYS B 675 49.69 52.28 58.45
CA CYS B 675 50.04 53.67 58.73
C CYS B 675 51.54 53.86 58.50
N SER B 676 51.91 54.97 57.85
CA SER B 676 53.32 55.17 57.51
C SER B 676 53.79 56.62 57.65
N VAL B 677 55.01 56.87 57.19
CA VAL B 677 55.66 58.17 57.33
C VAL B 677 55.01 59.21 56.40
N ASP B 678 54.30 58.73 55.38
CA ASP B 678 53.71 59.63 54.39
C ASP B 678 52.40 60.23 54.91
N LYS B 679 52.04 59.88 56.14
CA LYS B 679 50.91 60.47 56.84
C LYS B 679 49.59 60.11 56.16
N LYS B 680 49.53 58.91 55.59
CA LYS B 680 48.33 58.43 54.92
C LYS B 680 48.00 57.00 55.37
N VAL B 681 46.80 56.83 55.93
CA VAL B 681 46.36 55.51 56.38
C VAL B 681 45.65 54.78 55.25
N LYS B 682 46.20 53.64 54.83
CA LYS B 682 45.64 52.92 53.69
C LYS B 682 45.16 51.52 54.07
N ILE B 683 43.88 51.28 53.88
CA ILE B 683 43.29 49.97 54.16
C ILE B 683 43.61 48.98 53.04
N TRP B 684 44.24 47.87 53.39
CA TRP B 684 44.61 46.85 52.42
C TRP B 684 43.88 45.54 52.70
N ASN B 685 43.43 44.88 51.63
CA ASN B 685 42.76 43.59 51.76
C ASN B 685 43.81 42.47 51.77
N SER B 686 43.61 41.50 52.66
CA SER B 686 44.57 40.42 52.84
C SER B 686 44.48 39.37 51.73
N MET B 687 43.26 39.06 51.32
CA MET B 687 43.04 38.03 50.31
C MET B 687 42.96 38.60 48.90
N THR B 688 43.13 39.92 48.79
CA THR B 688 43.06 40.58 47.49
C THR B 688 44.34 41.35 47.20
N GLY B 689 44.62 42.38 47.98
CA GLY B 689 45.81 43.19 47.79
C GLY B 689 45.52 44.49 47.07
N GLU B 690 44.25 44.84 46.95
CA GLU B 690 43.84 46.06 46.28
C GLU B 690 43.24 47.06 47.26
N LEU B 691 43.38 48.34 46.93
CA LEU B 691 42.86 49.42 47.78
C LEU B 691 41.36 49.32 47.99
N VAL B 692 40.92 49.42 49.23
CA VAL B 692 39.51 49.36 49.56
C VAL B 692 39.01 50.75 49.95
N HIS B 693 39.53 51.29 51.05
CA HIS B 693 39.28 52.66 51.44
C HIS B 693 40.57 53.34 51.90
N THR B 694 40.66 54.65 51.69
CA THR B 694 41.81 55.41 52.13
C THR B 694 41.38 56.67 52.89
N TYR B 695 42.11 56.99 53.95
CA TYR B 695 41.77 58.12 54.81
C TYR B 695 42.97 59.02 55.05
N ASP B 696 42.89 60.27 54.60
CA ASP B 696 43.93 61.25 54.87
C ASP B 696 43.38 62.45 55.63
N GLU B 697 43.75 62.55 56.90
CA GLU B 697 43.33 63.68 57.73
C GLU B 697 44.52 64.27 58.48
N HIS B 698 45.13 63.44 59.33
CA HIS B 698 46.24 63.85 60.20
C HIS B 698 47.35 64.58 59.45
N SER B 699 47.81 65.69 60.03
CA SER B 699 48.94 66.44 59.48
C SER B 699 50.24 65.94 60.09
N GLU B 700 50.15 64.91 60.92
CA GLU B 700 51.31 64.31 61.57
C GLU B 700 51.27 62.80 61.43
N GLN B 701 52.40 62.16 61.73
CA GLN B 701 52.50 60.70 61.63
C GLN B 701 51.59 60.01 62.64
N VAL B 702 51.09 58.83 62.27
CA VAL B 702 50.20 58.07 63.13
C VAL B 702 50.89 56.85 63.71
N ASN B 703 51.14 56.88 65.02
CA ASN B 703 51.80 55.77 65.69
C ASN B 703 50.84 54.74 66.26
N CYS B 704 49.54 55.05 66.19
CA CYS B 704 48.52 54.16 66.73
C CYS B 704 47.60 53.60 65.67
N CYS B 705 47.71 52.30 65.42
CA CYS B 705 46.74 51.59 64.58
C CYS B 705 46.26 50.33 65.31
N HIS B 706 45.00 50.31 65.69
CA HIS B 706 44.43 49.18 66.41
C HIS B 706 42.99 48.92 65.98
N PHE B 707 42.66 47.65 65.75
CA PHE B 707 41.34 47.30 65.28
C PHE B 707 40.48 46.68 66.39
N THR B 708 39.24 46.36 66.07
CA THR B 708 38.31 45.80 67.05
C THR B 708 38.50 44.30 67.21
N ASN B 709 38.29 43.81 68.43
CA ASN B 709 38.39 42.39 68.71
C ASN B 709 37.02 41.71 68.64
N SER B 710 36.00 42.49 68.31
CA SER B 710 34.63 41.97 68.21
C SER B 710 34.00 42.36 66.88
N SER B 711 32.92 41.67 66.52
CA SER B 711 32.21 41.91 65.27
C SER B 711 31.07 42.89 65.45
N HIS B 712 30.93 43.41 66.67
CA HIS B 712 29.87 44.35 67.01
C HIS B 712 29.93 45.58 66.10
N HIS B 713 31.00 46.36 66.22
CA HIS B 713 31.28 47.45 65.29
C HIS B 713 32.75 47.49 64.88
N LEU B 714 33.09 48.44 64.02
CA LEU B 714 34.45 48.59 63.53
C LEU B 714 34.96 50.00 63.73
N LEU B 715 36.01 50.15 64.54
CA LEU B 715 36.58 51.45 64.84
C LEU B 715 38.10 51.44 64.76
N LEU B 716 38.70 52.62 64.66
CA LEU B 716 40.16 52.72 64.60
C LEU B 716 40.69 53.84 65.48
N ALA B 717 41.57 53.50 66.42
CA ALA B 717 42.14 54.49 67.32
C ALA B 717 43.39 55.13 66.71
N THR B 718 43.34 56.45 66.51
CA THR B 718 44.47 57.17 65.95
C THR B 718 44.85 58.40 66.77
N GLY B 719 46.14 58.70 66.81
CA GLY B 719 46.64 59.87 67.52
C GLY B 719 47.95 60.34 66.93
N SER B 720 48.26 61.61 67.14
CA SER B 720 49.48 62.20 66.57
C SER B 720 49.96 63.41 67.35
N SER B 721 50.92 64.14 66.78
CA SER B 721 51.53 65.29 67.44
C SER B 721 50.59 66.50 67.49
N ASP B 722 49.42 66.39 66.88
CA ASP B 722 48.47 67.49 66.85
C ASP B 722 47.64 67.55 68.13
N CYS B 723 47.94 66.63 69.06
CA CYS B 723 47.29 66.58 70.37
C CYS B 723 45.81 66.27 70.26
N PHE B 724 45.43 65.57 69.20
CA PHE B 724 44.04 65.17 68.98
C PHE B 724 43.92 63.65 68.96
N LEU B 725 42.89 63.13 69.62
CA LEU B 725 42.59 61.70 69.56
C LEU B 725 41.43 61.46 68.60
N LYS B 726 41.73 60.88 67.44
CA LYS B 726 40.71 60.68 66.43
C LYS B 726 40.33 59.22 66.28
N LEU B 727 39.03 58.95 66.43
CA LEU B 727 38.51 57.60 66.28
C LEU B 727 37.78 57.46 64.95
N TRP B 728 38.39 56.70 64.04
CA TRP B 728 37.86 56.46 62.71
C TRP B 728 36.78 55.40 62.70
N ASP B 729 35.87 55.50 61.73
CA ASP B 729 34.85 54.49 61.51
C ASP B 729 35.06 53.84 60.13
N LEU B 730 35.28 52.54 60.12
CA LEU B 730 35.59 51.82 58.89
C LEU B 730 34.38 51.75 57.96
N ASN B 731 33.19 51.93 58.51
CA ASN B 731 31.96 51.88 57.73
C ASN B 731 31.72 53.15 56.94
N GLN B 732 32.16 54.29 57.48
CA GLN B 732 31.99 55.57 56.83
C GLN B 732 33.28 56.06 56.17
N LYS B 733 33.19 57.20 55.49
CA LYS B 733 34.35 57.76 54.80
C LYS B 733 35.03 58.81 55.68
N GLU B 734 34.44 59.11 56.83
CA GLU B 734 34.95 60.15 57.71
C GLU B 734 35.35 59.61 59.08
N CYS B 735 35.83 60.50 59.93
CA CYS B 735 36.24 60.14 61.29
C CYS B 735 35.08 60.31 62.26
N ARG B 736 34.88 59.31 63.12
CA ARG B 736 33.76 59.33 64.06
C ARG B 736 33.96 60.29 65.22
N ASN B 737 35.11 60.22 65.88
CA ASN B 737 35.32 61.02 67.08
C ASN B 737 36.63 61.82 67.09
N THR B 738 36.61 62.93 67.84
CA THR B 738 37.78 63.78 68.02
C THR B 738 37.86 64.25 69.48
N MET B 739 39.01 64.07 70.11
CA MET B 739 39.14 64.37 71.54
C MET B 739 40.38 65.23 71.86
N PHE B 740 40.14 66.28 72.64
CA PHE B 740 41.19 67.17 73.11
C PHE B 740 42.04 66.55 74.22
N GLY B 741 43.21 67.12 74.47
CA GLY B 741 44.10 66.64 75.50
C GLY B 741 45.36 65.96 74.96
N HIS B 742 46.17 65.43 75.88
CA HIS B 742 47.46 64.84 75.53
C HIS B 742 48.37 65.84 74.82
N THR B 743 48.88 66.80 75.57
CA THR B 743 49.74 67.85 75.05
C THR B 743 51.00 67.32 74.36
N ASN B 744 51.35 66.08 74.64
CA ASN B 744 52.50 65.45 74.01
C ASN B 744 52.04 64.31 73.10
N SER B 745 52.99 63.67 72.42
CA SER B 745 52.67 62.60 71.49
C SER B 745 52.20 61.34 72.23
N VAL B 746 51.20 60.67 71.67
CA VAL B 746 50.68 59.44 72.25
C VAL B 746 51.36 58.22 71.65
N ASN B 747 52.14 57.50 72.45
CA ASN B 747 52.89 56.35 71.97
C ASN B 747 52.01 55.14 71.70
N HIS B 748 51.16 54.78 72.67
CA HIS B 748 50.34 53.58 72.53
C HIS B 748 48.86 53.86 72.75
N CYS B 749 48.07 53.68 71.70
CA CYS B 749 46.62 53.83 71.78
C CYS B 749 45.96 52.49 71.47
N ARG B 750 45.14 51.99 72.40
CA ARG B 750 44.59 50.65 72.26
C ARG B 750 43.14 50.55 72.74
N PHE B 751 42.36 49.72 72.06
CA PHE B 751 40.99 49.45 72.49
C PHE B 751 40.95 48.61 73.76
N SER B 752 39.86 48.73 74.51
CA SER B 752 39.62 47.90 75.69
C SER B 752 39.13 46.53 75.22
N PRO B 753 38.90 45.58 76.15
CA PRO B 753 38.29 44.34 75.69
C PRO B 753 36.87 44.54 75.17
N ASP B 754 36.25 45.66 75.52
CA ASP B 754 34.97 46.06 74.95
C ASP B 754 35.16 47.29 74.07
N ASP B 755 34.39 47.37 72.99
CA ASP B 755 34.51 48.48 72.05
C ASP B 755 33.89 49.76 72.59
N LYS B 756 33.24 49.66 73.75
CA LYS B 756 32.58 50.81 74.37
C LYS B 756 33.58 51.77 74.99
N LEU B 757 34.83 51.34 75.13
CA LEU B 757 35.87 52.16 75.76
C LEU B 757 37.11 52.30 74.90
N LEU B 758 37.94 53.29 75.22
CA LEU B 758 39.18 53.53 74.51
C LEU B 758 40.31 53.91 75.46
N ALA B 759 41.46 53.26 75.31
CA ALA B 759 42.59 53.51 76.19
C ALA B 759 43.70 54.29 75.49
N SER B 760 44.05 55.44 76.05
CA SER B 760 45.12 56.28 75.52
C SER B 760 46.31 56.32 76.48
N CYS B 761 47.46 55.87 76.00
CA CYS B 761 48.67 55.81 76.81
C CYS B 761 49.83 56.55 76.13
N SER B 762 50.39 57.53 76.85
CA SER B 762 51.49 58.33 76.34
C SER B 762 52.63 58.42 77.37
N ALA B 763 53.79 58.89 76.91
CA ALA B 763 54.97 58.93 77.77
C ALA B 763 55.08 60.24 78.55
N ASP B 764 54.10 61.12 78.38
CA ASP B 764 54.11 62.40 79.09
C ASP B 764 53.65 62.25 80.53
N GLY B 765 53.16 61.05 80.87
CA GLY B 765 52.70 60.77 82.21
C GLY B 765 51.19 60.80 82.33
N THR B 766 50.51 60.92 81.19
CA THR B 766 49.06 60.97 81.18
C THR B 766 48.46 59.68 80.62
N LEU B 767 47.81 58.91 81.49
CA LEU B 767 47.13 57.69 81.06
C LEU B 767 45.62 57.90 81.14
N LYS B 768 44.96 57.97 79.99
CA LYS B 768 43.55 58.32 79.97
C LYS B 768 42.66 57.20 79.46
N LEU B 769 41.45 57.13 80.00
CA LEU B 769 40.45 56.18 79.55
C LEU B 769 39.16 56.92 79.16
N TRP B 770 38.82 56.83 77.88
CA TRP B 770 37.74 57.61 77.30
C TRP B 770 36.56 56.74 76.90
N ASP B 771 35.36 57.33 76.94
CA ASP B 771 34.16 56.65 76.46
C ASP B 771 34.04 56.74 74.94
N ALA B 772 33.87 55.60 74.29
CA ALA B 772 33.78 55.56 72.84
C ALA B 772 32.42 56.04 72.35
N THR B 773 31.36 55.53 72.95
CA THR B 773 30.00 55.89 72.55
C THR B 773 29.58 57.27 73.07
N SER B 774 29.85 57.52 74.34
CA SER B 774 29.47 58.77 74.98
C SER B 774 30.36 59.93 74.52
N ALA B 775 31.55 59.59 74.03
CA ALA B 775 32.52 60.55 73.49
C ALA B 775 33.08 61.50 74.55
N ASN B 776 32.58 61.40 75.77
CA ASN B 776 33.02 62.26 76.86
C ASN B 776 34.19 61.64 77.63
N GLU B 777 34.56 62.28 78.74
CA GLU B 777 35.67 61.81 79.56
C GLU B 777 35.19 60.86 80.65
N ARG B 778 35.79 59.67 80.71
CA ARG B 778 35.44 58.71 81.75
C ARG B 778 36.43 58.84 82.90
N LYS B 779 37.69 58.49 82.65
CA LYS B 779 38.73 58.61 83.69
C LYS B 779 40.03 59.16 83.15
N SER B 780 40.77 59.86 84.01
CA SER B 780 42.08 60.39 83.67
C SER B 780 43.04 60.14 84.82
N ILE B 781 44.15 59.49 84.54
CA ILE B 781 45.09 59.09 85.58
C ILE B 781 46.52 59.59 85.32
N ASN B 782 47.05 60.34 86.28
CA ASN B 782 48.44 60.77 86.25
C ASN B 782 49.23 60.04 87.32
N VAL B 783 50.29 59.34 86.93
CA VAL B 783 51.02 58.49 87.85
C VAL B 783 52.22 59.19 88.48
N LYS B 784 52.12 59.48 89.77
CA LYS B 784 53.22 60.02 90.54
C LYS B 784 53.93 58.93 91.35
N GLN B 785 53.47 57.70 91.17
CA GLN B 785 53.92 56.56 91.98
C GLN B 785 55.43 56.37 91.95
N PHE B 786 56.04 56.52 90.77
CA PHE B 786 57.48 56.34 90.64
C PHE B 786 58.22 57.50 91.32
N PHE B 787 59.12 57.16 92.23
CA PHE B 787 59.83 58.17 93.02
C PHE B 787 61.17 58.55 92.38
N LEU B 788 61.39 59.84 92.18
CA LEU B 788 62.65 60.34 91.66
C LEU B 788 63.62 60.67 92.80
N ASN B 789 63.10 60.61 94.03
CA ASN B 789 63.88 60.90 95.23
C ASN B 789 64.56 62.27 95.18
N GLU B 795 62.58 70.80 88.27
CA GLU B 795 62.75 69.36 88.39
C GLU B 795 61.45 68.68 88.76
N ASP B 796 60.43 68.84 87.93
CA ASP B 796 59.12 68.24 88.19
C ASP B 796 59.16 66.73 87.95
N MET B 797 58.25 66.01 88.59
CA MET B 797 58.17 64.57 88.45
C MET B 797 57.64 64.17 87.07
N GLU B 798 58.41 63.32 86.38
CA GLU B 798 58.03 62.86 85.04
C GLU B 798 58.16 61.36 84.92
N VAL B 799 57.04 60.70 84.64
CA VAL B 799 57.02 59.24 84.49
C VAL B 799 56.57 58.84 83.10
N ILE B 800 57.48 58.25 82.33
CA ILE B 800 57.19 57.83 80.97
C ILE B 800 56.47 56.48 80.93
N VAL B 801 55.59 56.30 79.96
CA VAL B 801 54.86 55.05 79.79
C VAL B 801 55.12 54.46 78.42
N LYS B 802 55.73 53.27 78.39
CA LYS B 802 56.08 52.62 77.13
C LYS B 802 54.85 52.01 76.46
N CYS B 803 54.28 51.00 77.10
CA CYS B 803 53.15 50.26 76.52
C CYS B 803 52.04 50.02 77.54
N CYS B 804 50.88 49.62 77.04
CA CYS B 804 49.74 49.29 77.90
C CYS B 804 49.11 47.97 77.48
N SER B 805 49.09 47.01 78.40
CA SER B 805 48.54 45.69 78.10
C SER B 805 47.35 45.37 78.99
N TRP B 806 46.23 45.01 78.38
CA TRP B 806 45.02 44.67 79.12
C TRP B 806 45.11 43.28 79.76
N SER B 807 44.60 43.18 80.98
CA SER B 807 44.57 41.91 81.70
C SER B 807 43.51 40.97 81.13
N ALA B 808 43.67 39.68 81.40
CA ALA B 808 42.72 38.68 80.91
C ALA B 808 41.34 38.86 81.52
N ASP B 809 41.29 39.47 82.71
CA ASP B 809 40.03 39.71 83.40
C ASP B 809 39.20 40.78 82.68
N GLY B 810 39.89 41.66 81.96
CA GLY B 810 39.21 42.73 81.24
C GLY B 810 38.95 43.94 82.12
N ALA B 811 39.68 44.02 83.23
CA ALA B 811 39.52 45.11 84.18
C ALA B 811 40.86 45.79 84.47
N ARG B 812 41.78 45.03 85.06
CA ARG B 812 43.09 45.55 85.43
C ARG B 812 43.91 45.95 84.21
N ILE B 813 44.85 46.88 84.40
CA ILE B 813 45.73 47.32 83.32
C ILE B 813 47.18 47.13 83.71
N MET B 814 47.88 46.29 82.94
CA MET B 814 49.29 46.02 83.18
C MET B 814 50.17 46.94 82.34
N VAL B 815 50.99 47.73 83.03
CA VAL B 815 51.90 48.65 82.35
C VAL B 815 53.31 48.56 82.93
N ALA B 816 54.28 49.16 82.24
CA ALA B 816 55.65 49.20 82.72
C ALA B 816 56.22 50.60 82.62
N ALA B 817 56.64 51.15 83.75
CA ALA B 817 57.14 52.52 83.79
C ALA B 817 58.54 52.60 84.40
N LYS B 818 59.41 53.31 83.70
CA LYS B 818 60.80 53.51 84.14
C LYS B 818 61.50 52.19 84.43
N ASN B 819 61.92 52.02 85.68
CA ASN B 819 62.66 50.84 86.09
C ASN B 819 61.77 49.76 86.71
N LYS B 820 60.46 49.99 86.74
CA LYS B 820 59.56 49.07 87.43
C LYS B 820 58.31 48.73 86.63
N ILE B 821 57.61 47.68 87.05
CA ILE B 821 56.35 47.28 86.44
C ILE B 821 55.18 47.66 87.36
N PHE B 822 54.13 48.22 86.78
CA PHE B 822 52.98 48.67 87.56
C PHE B 822 51.68 48.02 87.10
N LEU B 823 50.88 47.59 88.08
CA LEU B 823 49.56 47.02 87.81
C LEU B 823 48.47 47.94 88.36
N PHE B 824 47.68 48.50 87.45
CA PHE B 824 46.67 49.50 87.82
C PHE B 824 45.26 48.90 87.85
N ASP B 825 44.45 49.40 88.79
CA ASP B 825 43.04 49.01 88.85
C ASP B 825 42.17 50.19 88.41
N ILE B 826 41.29 49.96 87.45
CA ILE B 826 40.44 51.01 86.91
C ILE B 826 39.40 51.46 87.93
N HIS B 827 39.06 50.59 88.87
CA HIS B 827 38.07 50.91 89.89
C HIS B 827 38.62 51.90 90.92
N THR B 828 39.79 51.58 91.47
CA THR B 828 40.41 52.43 92.48
C THR B 828 41.16 53.60 91.86
N SER B 829 41.50 53.46 90.58
CA SER B 829 42.19 54.50 89.81
C SER B 829 43.62 54.76 90.30
N GLY B 830 44.00 54.12 91.40
CA GLY B 830 45.33 54.29 91.96
C GLY B 830 46.27 53.15 91.58
N LEU B 831 47.18 52.83 92.47
CA LEU B 831 48.13 51.74 92.24
C LEU B 831 47.72 50.49 93.00
N LEU B 832 47.25 49.48 92.25
CA LEU B 832 46.78 48.24 92.86
C LEU B 832 47.93 47.29 93.19
N GLY B 833 48.90 47.19 92.29
CA GLY B 833 50.01 46.27 92.49
C GLY B 833 51.31 46.72 91.84
N GLU B 834 52.42 46.16 92.31
CA GLU B 834 53.73 46.54 91.82
C GLU B 834 54.64 45.34 91.62
N ILE B 835 55.24 45.24 90.44
CA ILE B 835 56.16 44.15 90.13
C ILE B 835 57.57 44.69 89.90
N HIS B 836 58.54 44.12 90.60
CA HIS B 836 59.93 44.56 90.52
C HIS B 836 60.61 44.10 89.23
N THR B 837 61.51 44.93 88.73
CA THR B 837 62.27 44.63 87.52
C THR B 837 63.76 44.63 87.86
N GLY B 838 64.55 43.82 87.16
CA GLY B 838 65.95 43.63 87.47
C GLY B 838 66.81 44.88 87.50
N HIS B 839 67.45 45.10 88.64
CA HIS B 839 68.38 46.20 88.87
C HIS B 839 67.81 47.58 88.52
N HIS B 840 68.65 48.43 87.95
CA HIS B 840 68.27 49.80 87.61
C HIS B 840 67.90 49.96 86.13
N SER B 841 67.95 48.85 85.39
CA SER B 841 67.73 48.89 83.96
C SER B 841 66.33 49.36 83.59
N THR B 842 66.25 50.23 82.57
CA THR B 842 64.99 50.79 82.12
C THR B 842 64.23 49.81 81.23
N ILE B 843 62.92 49.70 81.43
CA ILE B 843 62.10 48.77 80.66
C ILE B 843 61.78 49.32 79.27
N GLN B 844 62.21 48.59 78.24
CA GLN B 844 61.97 48.99 76.86
C GLN B 844 60.58 48.60 76.37
N TYR B 845 60.13 47.39 76.73
CA TYR B 845 58.84 46.88 76.26
C TYR B 845 58.22 45.92 77.26
N CYS B 846 56.89 45.78 77.20
CA CYS B 846 56.17 44.89 78.09
C CYS B 846 54.97 44.23 77.40
N ASP B 847 54.66 43.01 77.81
CA ASP B 847 53.49 42.30 77.29
C ASP B 847 52.99 41.30 78.33
N PHE B 848 51.69 41.01 78.28
CA PHE B 848 51.07 40.12 79.26
C PHE B 848 50.30 38.98 78.59
N SER B 849 50.43 37.79 79.15
CA SER B 849 49.75 36.61 78.62
C SER B 849 48.49 36.29 79.41
N PRO B 850 47.36 36.10 78.71
CA PRO B 850 46.08 35.80 79.34
C PRO B 850 46.09 34.47 80.09
N GLN B 851 46.90 33.52 79.62
CA GLN B 851 47.02 32.23 80.29
C GLN B 851 48.21 32.22 81.25
N ASN B 852 48.01 31.58 82.40
CA ASN B 852 49.06 31.42 83.43
C ASN B 852 49.47 32.74 84.07
N HIS B 853 48.90 33.85 83.59
CA HIS B 853 49.19 35.20 84.11
C HIS B 853 50.67 35.55 83.97
N LEU B 854 51.34 34.94 83.00
CA LEU B 854 52.74 35.24 82.74
C LEU B 854 52.88 36.52 81.93
N ALA B 855 54.03 37.19 82.07
CA ALA B 855 54.28 38.42 81.34
C ALA B 855 55.74 38.53 80.90
N VAL B 856 55.95 38.94 79.65
CA VAL B 856 57.30 39.11 79.12
C VAL B 856 57.70 40.58 79.08
N VAL B 857 58.97 40.84 79.33
CA VAL B 857 59.49 42.20 79.37
C VAL B 857 60.82 42.33 78.63
N ALA B 858 60.88 43.22 77.66
CA ALA B 858 62.13 43.55 76.99
C ALA B 858 62.80 44.67 77.78
N LEU B 859 63.97 44.38 78.35
CA LEU B 859 64.61 45.28 79.29
C LEU B 859 65.86 45.94 78.72
N SER B 860 66.94 45.18 78.62
CA SER B 860 68.19 45.71 78.08
C SER B 860 69.02 44.63 77.41
N GLN B 861 69.70 44.99 76.32
CA GLN B 861 70.59 44.10 75.59
C GLN B 861 69.93 42.79 75.19
N TYR B 862 68.97 42.88 74.26
CA TYR B 862 68.27 41.73 73.68
C TYR B 862 67.79 40.71 74.71
N CYS B 863 67.38 41.19 75.87
CA CYS B 863 66.95 40.30 76.95
C CYS B 863 65.43 40.36 77.14
N VAL B 864 64.77 39.25 76.82
CA VAL B 864 63.34 39.12 77.07
C VAL B 864 63.12 38.26 78.30
N GLU B 865 62.66 38.88 79.38
CA GLU B 865 62.53 38.20 80.66
C GLU B 865 61.07 37.86 80.97
N LEU B 866 60.82 36.61 81.36
CA LEU B 866 59.48 36.16 81.67
C LEU B 866 59.26 36.12 83.18
N TRP B 867 58.30 36.92 83.65
CA TRP B 867 57.96 37.03 85.06
C TRP B 867 56.51 36.63 85.30
N ASN B 868 56.20 36.27 86.54
CA ASN B 868 54.83 35.90 86.91
C ASN B 868 54.24 36.94 87.84
N THR B 869 52.92 37.16 87.73
CA THR B 869 52.23 38.13 88.57
C THR B 869 52.03 37.59 89.99
N ASP B 870 52.06 38.50 90.96
CA ASP B 870 51.93 38.14 92.38
C ASP B 870 52.98 37.10 92.79
N SER B 871 54.18 37.25 92.23
CA SER B 871 55.25 36.29 92.47
C SER B 871 56.52 36.99 92.93
N ARG B 872 57.05 37.87 92.06
CA ARG B 872 58.30 38.58 92.28
C ARG B 872 59.47 37.62 92.36
N SER B 873 59.36 36.53 91.60
CA SER B 873 60.44 35.55 91.49
C SER B 873 60.72 35.28 90.02
N LYS B 874 61.98 35.04 89.68
CA LYS B 874 62.38 34.85 88.29
C LYS B 874 61.82 33.56 87.73
N VAL B 875 61.08 33.66 86.62
CA VAL B 875 60.48 32.50 86.00
C VAL B 875 61.30 32.02 84.81
N ALA B 876 61.40 32.84 83.78
CA ALA B 876 62.15 32.43 82.58
C ALA B 876 62.99 33.55 81.99
N ASP B 877 63.93 33.19 81.12
CA ASP B 877 64.76 34.15 80.42
C ASP B 877 65.02 33.70 78.99
N CYS B 878 64.90 34.62 78.04
CA CYS B 878 65.04 34.29 76.63
C CYS B 878 66.36 34.77 76.04
N ARG B 879 67.14 33.83 75.51
CA ARG B 879 68.41 34.14 74.89
C ARG B 879 68.56 33.44 73.55
N GLY B 880 69.58 33.81 72.78
CA GLY B 880 69.82 33.24 71.48
C GLY B 880 69.47 34.17 70.34
N HIS B 881 69.05 35.38 70.68
CA HIS B 881 68.73 36.39 69.68
C HIS B 881 70.01 36.95 69.05
N LEU B 882 69.89 37.33 67.78
CA LEU B 882 70.92 38.09 67.10
C LEU B 882 71.04 39.55 67.66
N SER B 883 69.90 40.20 67.98
CA SER B 883 69.84 41.61 68.47
C SER B 883 68.77 41.98 69.55
N TRP B 884 68.88 43.17 70.18
CA TRP B 884 67.96 43.57 71.23
C TRP B 884 66.56 43.60 70.64
N VAL B 885 65.68 42.89 71.33
CA VAL B 885 64.36 42.65 70.82
C VAL B 885 63.58 43.90 70.64
N HIS B 886 63.15 44.07 69.40
CA HIS B 886 62.35 45.21 69.07
C HIS B 886 61.05 44.98 69.78
N GLY B 887 60.57 43.74 69.74
CA GLY B 887 59.34 43.46 70.44
C GLY B 887 58.93 42.00 70.41
N VAL B 888 58.11 41.60 71.37
CA VAL B 888 57.65 40.22 71.47
C VAL B 888 56.16 40.16 71.78
N MET B 889 55.51 39.06 71.37
CA MET B 889 54.08 38.89 71.59
C MET B 889 53.76 37.46 72.02
N PHE B 890 52.53 37.23 72.45
CA PHE B 890 52.08 35.89 72.82
C PHE B 890 51.15 35.29 71.77
N SER B 891 51.22 33.98 71.59
CA SER B 891 50.23 33.28 70.78
C SER B 891 49.11 32.81 71.70
N PRO B 892 47.90 33.40 71.55
CA PRO B 892 46.86 33.10 72.53
C PRO B 892 46.25 31.71 72.39
N ASP B 893 47.09 30.69 72.25
CA ASP B 893 46.67 29.32 72.45
C ASP B 893 47.11 28.87 73.84
N GLY B 894 47.82 29.77 74.53
CA GLY B 894 48.39 29.48 75.84
C GLY B 894 49.67 28.67 75.74
N SER B 895 49.94 28.13 74.55
CA SER B 895 51.07 27.22 74.36
C SER B 895 52.43 27.92 74.18
N SER B 896 52.46 28.97 73.38
CA SER B 896 53.74 29.56 72.99
C SER B 896 53.68 31.06 72.69
N PHE B 897 54.83 31.63 72.33
CA PHE B 897 54.92 33.06 72.04
C PHE B 897 55.86 33.35 70.88
N LEU B 898 55.76 34.55 70.32
CA LEU B 898 56.59 34.95 69.18
C LEU B 898 57.56 36.05 69.56
N THR B 899 58.74 36.03 68.94
CA THR B 899 59.77 37.04 69.18
C THR B 899 60.19 37.74 67.89
N SER B 900 60.41 39.05 67.98
CA SER B 900 60.83 39.85 66.84
C SER B 900 61.93 40.82 67.23
N SER B 901 63.01 40.82 66.47
CA SER B 901 64.19 41.63 66.80
C SER B 901 64.68 42.44 65.62
N ASP B 902 65.84 43.09 65.79
CA ASP B 902 66.47 43.85 64.72
C ASP B 902 67.31 42.94 63.82
N ASP B 903 67.24 41.64 64.11
CA ASP B 903 67.95 40.64 63.32
C ASP B 903 67.14 40.29 62.07
N GLN B 904 66.02 41.00 61.90
CA GLN B 904 65.19 40.92 60.70
C GLN B 904 64.51 39.57 60.57
N THR B 905 64.32 38.87 61.69
CA THR B 905 63.76 37.52 61.67
C THR B 905 62.67 37.32 62.72
N ILE B 906 61.55 36.74 62.29
CA ILE B 906 60.46 36.42 63.20
C ILE B 906 60.61 34.99 63.71
N ARG B 907 60.56 34.80 65.03
CA ARG B 907 60.74 33.47 65.60
C ARG B 907 59.57 33.02 66.46
N LEU B 908 59.39 31.71 66.52
CA LEU B 908 58.38 31.08 67.38
C LEU B 908 59.07 30.29 68.49
N TRP B 909 58.78 30.67 69.73
CA TRP B 909 59.38 30.07 70.92
C TRP B 909 58.33 29.48 71.85
N GLU B 910 58.70 28.41 72.55
CA GLU B 910 57.80 27.75 73.50
C GLU B 910 57.95 28.34 74.90
N THR B 911 56.82 28.48 75.60
CA THR B 911 56.82 29.07 76.93
C THR B 911 57.49 28.17 77.97
N LYS B 912 57.07 26.91 78.01
CA LYS B 912 57.55 25.97 79.03
C LYS B 912 58.97 25.48 78.76
N LYS B 913 59.38 25.51 77.49
CA LYS B 913 60.68 24.99 77.10
C LYS B 913 61.81 25.96 77.42
N VAL B 914 61.58 27.25 77.18
CA VAL B 914 62.56 28.29 77.45
C VAL B 914 62.73 28.48 78.96
N CYS B 915 61.68 28.12 79.70
CA CYS B 915 61.66 28.26 81.16
C CYS B 915 62.88 27.63 81.85
N LYS B 916 63.37 26.53 81.29
CA LYS B 916 64.54 25.85 81.84
C LYS B 916 65.82 26.55 81.40
N ASN B 917 66.63 26.97 82.37
CA ASN B 917 67.87 27.68 82.08
C ASN B 917 69.07 27.01 82.74
N SER B 918 70.17 26.90 82.00
CA SER B 918 71.38 26.26 82.50
C SER B 918 72.33 27.26 83.14
N ALA B 919 71.99 28.55 83.02
CA ALA B 919 72.79 29.63 83.59
C ALA B 919 74.24 29.60 83.12
N VAL B 920 74.42 29.49 81.81
CA VAL B 920 75.76 29.47 81.20
C VAL B 920 76.19 30.87 80.77
N MET B 921 75.36 31.86 81.09
CA MET B 921 75.57 33.24 80.68
C MET B 921 76.94 33.81 81.04
N LEU B 922 77.58 34.46 80.06
CA LEU B 922 78.87 35.09 80.25
C LEU B 922 78.77 36.52 79.73
N LYS B 923 79.22 37.50 80.51
CA LYS B 923 78.90 38.89 80.14
C LYS B 923 79.85 39.50 79.10
N GLN B 924 81.00 39.98 79.55
CA GLN B 924 81.94 40.66 78.65
C GLN B 924 83.18 39.86 78.26
N GLU B 925 83.40 38.69 78.86
CA GLU B 925 84.72 38.09 78.76
C GLU B 925 84.76 36.57 78.92
N VAL B 926 85.70 35.94 78.23
CA VAL B 926 86.09 34.55 78.49
C VAL B 926 87.61 34.51 78.67
N ASP B 927 88.08 33.57 79.48
CA ASP B 927 89.50 33.47 79.79
C ASP B 927 90.08 32.11 79.43
N VAL B 928 91.07 32.10 78.56
CA VAL B 928 91.73 30.86 78.16
C VAL B 928 92.80 30.45 79.16
N VAL B 929 92.96 29.14 79.35
CA VAL B 929 93.99 28.60 80.23
C VAL B 929 94.90 27.67 79.43
N PHE B 930 96.19 27.67 79.75
CA PHE B 930 97.13 26.85 79.01
C PHE B 930 97.82 25.82 79.90
N GLN B 931 97.51 24.55 79.69
CA GLN B 931 98.21 23.46 80.37
C GLN B 931 99.04 22.69 79.35
N GLU B 932 100.36 22.87 79.39
CA GLU B 932 101.24 22.36 78.35
C GLU B 932 100.71 22.74 76.96
N ASN B 933 100.50 21.73 76.13
CA ASN B 933 99.90 21.95 74.81
C ASN B 933 98.37 22.07 74.90
N GLU B 934 97.78 21.31 75.82
CA GLU B 934 96.33 21.28 75.99
C GLU B 934 95.77 22.60 76.52
N VAL B 935 94.57 22.94 76.08
CA VAL B 935 93.92 24.17 76.50
C VAL B 935 92.78 23.88 77.48
N MET B 936 92.61 24.76 78.48
CA MET B 936 91.56 24.63 79.46
C MET B 936 90.68 25.88 79.45
N VAL B 937 89.47 25.77 79.97
CA VAL B 937 88.52 26.87 79.90
C VAL B 937 88.25 27.52 81.26
N LEU B 938 88.40 28.84 81.32
CA LEU B 938 88.03 29.60 82.51
C LEU B 938 86.98 30.65 82.16
N ALA B 939 85.77 30.48 82.68
CA ALA B 939 84.67 31.37 82.36
C ALA B 939 84.33 32.29 83.53
N VAL B 940 83.88 33.50 83.23
CA VAL B 940 83.44 34.42 84.28
C VAL B 940 81.94 34.32 84.46
N ASP B 941 81.52 33.78 85.60
CA ASP B 941 80.12 33.47 85.85
C ASP B 941 79.24 34.73 85.92
N HIS B 942 78.02 34.59 85.42
CA HIS B 942 77.05 35.69 85.43
C HIS B 942 76.62 36.05 86.85
N ILE B 943 76.23 35.03 87.60
CA ILE B 943 75.66 35.23 88.93
C ILE B 943 76.62 35.84 89.94
N ARG B 944 77.75 35.18 90.20
CA ARG B 944 78.66 35.64 91.24
C ARG B 944 80.09 35.92 90.78
N ARG B 945 80.88 34.86 90.60
CA ARG B 945 82.28 35.05 90.22
C ARG B 945 82.68 34.34 88.93
N LEU B 946 82.89 33.03 89.01
CA LEU B 946 83.42 32.32 87.85
C LEU B 946 83.10 30.82 87.83
N GLN B 947 83.23 30.22 86.66
CA GLN B 947 83.05 28.79 86.47
C GLN B 947 84.26 28.20 85.76
N LEU B 948 84.85 27.16 86.35
CA LEU B 948 86.03 26.53 85.76
C LEU B 948 85.66 25.29 84.96
N ILE B 949 85.93 25.32 83.67
CA ILE B 949 85.61 24.22 82.77
C ILE B 949 86.88 23.51 82.30
N ASN B 950 87.02 22.25 82.70
CA ASN B 950 88.16 21.43 82.32
C ASN B 950 88.01 20.97 80.87
N GLY B 951 89.13 20.83 80.18
CA GLY B 951 89.14 20.48 78.77
C GLY B 951 88.79 19.03 78.48
N ARG B 952 88.04 18.83 77.40
CA ARG B 952 87.68 17.50 76.91
C ARG B 952 86.95 16.64 77.95
N THR B 953 86.26 17.29 78.87
CA THR B 953 85.48 16.60 79.89
C THR B 953 84.38 17.48 80.45
N GLY B 954 83.40 16.88 81.10
CA GLY B 954 82.28 17.61 81.66
C GLY B 954 82.50 18.07 83.08
N GLN B 955 83.76 18.15 83.49
CA GLN B 955 84.10 18.60 84.84
C GLN B 955 83.97 20.12 84.97
N ILE B 956 83.15 20.56 85.91
CA ILE B 956 82.92 21.98 86.13
C ILE B 956 83.02 22.34 87.61
N ASP B 957 83.90 23.28 87.93
CA ASP B 957 84.07 23.74 89.31
C ASP B 957 83.57 25.16 89.46
N TYR B 958 82.47 25.33 90.19
CA TYR B 958 81.84 26.64 90.35
C TYR B 958 82.44 27.41 91.53
N LEU B 959 82.96 28.60 91.23
CA LEU B 959 83.53 29.46 92.27
C LEU B 959 82.69 30.73 92.44
N THR B 960 82.24 30.95 93.67
CA THR B 960 81.35 32.06 93.99
C THR B 960 81.97 33.10 94.93
N GLU B 961 82.00 34.35 94.45
CA GLU B 961 82.46 35.49 95.23
C GLU B 961 81.68 36.74 94.84
N ALA B 962 82.14 37.90 95.30
CA ALA B 962 81.51 39.17 94.94
C ALA B 962 81.63 39.43 93.45
N GLN B 963 80.73 40.26 92.93
CA GLN B 963 80.69 40.58 91.50
C GLN B 963 82.00 41.19 91.02
N VAL B 964 82.37 40.88 89.76
CA VAL B 964 83.61 41.37 89.18
C VAL B 964 83.35 42.18 87.91
N SER B 965 84.09 43.26 87.74
CA SER B 965 83.98 44.07 86.53
C SER B 965 84.78 43.44 85.39
N CYS B 966 85.98 42.96 85.72
CA CYS B 966 86.84 42.33 84.72
C CYS B 966 87.79 41.32 85.38
N CYS B 967 88.28 40.38 84.57
CA CYS B 967 89.17 39.35 85.07
C CYS B 967 90.38 39.17 84.16
N CYS B 968 91.53 38.87 84.75
CA CYS B 968 92.76 38.67 84.01
C CYS B 968 93.61 37.55 84.60
N LEU B 969 94.14 36.70 83.73
CA LEU B 969 94.95 35.56 84.15
C LEU B 969 96.44 35.91 84.10
N SER B 970 97.18 35.43 85.10
CA SER B 970 98.60 35.73 85.23
C SER B 970 99.47 34.72 84.48
N PRO B 971 100.64 35.18 83.97
CA PRO B 971 101.62 34.26 83.38
C PRO B 971 102.21 33.35 84.45
N HIS B 972 102.66 32.16 84.05
CA HIS B 972 103.16 31.12 84.97
C HIS B 972 102.03 30.58 85.84
N LEU B 973 100.83 31.13 85.64
CA LEU B 973 99.63 30.79 86.39
C LEU B 973 99.80 30.94 87.90
N GLN B 974 99.22 30.02 88.65
CA GLN B 974 99.27 29.99 90.12
C GLN B 974 98.58 31.19 90.77
N TYR B 975 98.23 32.19 89.97
CA TYR B 975 97.64 33.43 90.45
C TYR B 975 96.52 33.91 89.52
N ILE B 976 95.73 34.87 89.99
CA ILE B 976 94.73 35.51 89.15
C ILE B 976 94.54 36.96 89.62
N ALA B 977 94.33 37.87 88.67
CA ALA B 977 94.15 39.28 89.01
C ALA B 977 92.91 39.85 88.33
N PHE B 978 91.95 40.28 89.13
CA PHE B 978 90.67 40.74 88.59
C PHE B 978 90.23 42.09 89.20
N GLY B 979 89.74 42.97 88.34
CA GLY B 979 89.17 44.23 88.78
C GLY B 979 87.69 44.09 89.08
N ASP B 980 87.21 44.88 90.03
CA ASP B 980 85.80 44.82 90.43
C ASP B 980 85.08 46.12 90.12
N GLU B 981 83.78 46.16 90.44
CA GLU B 981 82.99 47.38 90.27
C GLU B 981 83.09 48.24 91.51
N ASN B 982 83.73 47.72 92.55
CA ASN B 982 83.93 48.45 93.79
C ASN B 982 85.15 49.35 93.71
N GLY B 983 85.89 49.26 92.60
CA GLY B 983 87.04 50.10 92.38
C GLY B 983 88.38 49.38 92.52
N ALA B 984 89.42 50.03 92.03
CA ALA B 984 90.79 49.54 92.08
C ALA B 984 90.97 48.15 91.47
N ILE B 985 91.78 47.32 92.11
CA ILE B 985 92.15 46.01 91.58
C ILE B 985 92.26 44.98 92.71
N GLU B 986 91.72 43.79 92.51
CA GLU B 986 91.85 42.73 93.50
C GLU B 986 92.67 41.56 92.97
N ILE B 987 93.73 41.21 93.70
CA ILE B 987 94.60 40.10 93.31
C ILE B 987 94.36 38.91 94.23
N LEU B 988 94.11 37.74 93.64
CA LEU B 988 93.81 36.54 94.42
C LEU B 988 94.67 35.37 93.96
N GLU B 989 95.00 34.48 94.90
CA GLU B 989 95.83 33.32 94.61
C GLU B 989 94.99 32.08 94.32
N LEU B 990 95.29 31.39 93.23
CA LEU B 990 94.54 30.22 92.82
C LEU B 990 94.64 29.09 93.84
N VAL B 991 95.72 29.07 94.61
CA VAL B 991 95.92 28.05 95.63
C VAL B 991 94.95 28.23 96.79
N ASN B 992 94.90 29.44 97.34
CA ASN B 992 93.97 29.76 98.42
C ASN B 992 93.15 31.00 98.10
N ASN B 993 91.83 30.84 98.06
CA ASN B 993 90.93 31.94 97.75
C ASN B 993 90.73 32.89 98.91
N ARG B 994 91.13 32.46 100.10
CA ARG B 994 90.98 33.27 101.30
C ARG B 994 92.06 34.36 101.37
N ILE B 995 93.15 34.15 100.63
CA ILE B 995 94.25 35.11 100.60
C ILE B 995 94.13 36.03 99.39
N PHE B 996 94.01 37.33 99.66
CA PHE B 996 93.89 38.32 98.58
C PHE B 996 94.54 39.64 98.96
N GLN B 997 95.00 40.37 97.95
CA GLN B 997 95.65 41.66 98.16
C GLN B 997 95.05 42.74 97.25
N SER B 998 94.78 43.91 97.84
CA SER B 998 94.21 45.02 97.09
C SER B 998 94.63 46.36 97.69
N ARG B 999 94.75 47.37 96.85
CA ARG B 999 95.08 48.72 97.30
C ARG B 999 94.24 49.75 96.53
N PHE B 1000 93.86 50.82 97.21
CA PHE B 1000 92.95 51.81 96.62
C PHE B 1000 93.70 52.96 95.97
N GLN B 1001 93.63 53.00 94.63
CA GLN B 1001 94.24 54.09 93.86
C GLN B 1001 93.50 54.21 92.52
N HIS B 1002 93.53 55.40 91.92
CA HIS B 1002 92.90 55.64 90.62
C HIS B 1002 91.41 55.31 90.65
N LYS B 1003 90.64 56.17 91.30
CA LYS B 1003 89.20 55.97 91.51
C LYS B 1003 88.42 55.65 90.23
N LYS B 1004 88.93 56.10 89.09
CA LYS B 1004 88.28 55.84 87.80
C LYS B 1004 88.30 54.35 87.47
N THR B 1005 87.41 53.94 86.58
CA THR B 1005 87.25 52.53 86.21
C THR B 1005 88.54 51.93 85.63
N VAL B 1006 88.97 50.82 86.20
CA VAL B 1006 90.17 50.13 85.75
C VAL B 1006 89.87 49.27 84.53
N TRP B 1007 90.68 49.41 83.49
CA TRP B 1007 90.45 48.68 82.24
C TRP B 1007 91.43 47.53 82.07
N HIS B 1008 92.71 47.85 81.88
CA HIS B 1008 93.71 46.83 81.60
C HIS B 1008 94.63 46.59 82.81
N ILE B 1009 94.87 45.31 83.11
CA ILE B 1009 95.69 44.92 84.25
C ILE B 1009 96.72 43.89 83.81
N GLN B 1010 98.00 44.18 83.99
CA GLN B 1010 99.02 43.22 83.55
C GLN B 1010 100.24 43.14 84.46
N PHE B 1011 100.65 41.91 84.77
CA PHE B 1011 101.91 41.63 85.44
C PHE B 1011 103.09 41.75 84.48
N THR B 1012 104.29 41.92 85.02
CA THR B 1012 105.50 41.93 84.20
C THR B 1012 105.89 40.52 83.80
N ALA B 1013 107.07 40.37 83.21
CA ALA B 1013 107.58 39.06 82.80
C ALA B 1013 107.61 38.08 83.98
N ASP B 1014 107.87 38.61 85.16
CA ASP B 1014 107.85 37.80 86.38
C ASP B 1014 106.47 37.82 87.03
N GLU B 1015 106.37 37.28 88.24
CA GLU B 1015 105.10 37.23 88.94
C GLU B 1015 104.90 38.47 89.81
N LYS B 1016 105.85 39.39 89.76
CA LYS B 1016 105.81 40.59 90.59
C LYS B 1016 105.66 41.86 89.75
N THR B 1017 105.69 43.00 90.42
CA THR B 1017 105.62 44.32 89.78
C THR B 1017 104.33 44.48 88.98
N LEU B 1018 103.21 44.62 89.68
CA LEU B 1018 101.92 44.86 89.05
C LEU B 1018 101.91 46.16 88.25
N ILE B 1019 101.50 46.06 86.98
CA ILE B 1019 101.31 47.24 86.15
C ILE B 1019 99.83 47.42 85.82
N SER B 1020 99.28 48.54 86.25
CA SER B 1020 97.85 48.80 86.06
C SER B 1020 97.57 50.23 85.59
N SER B 1021 96.51 50.38 84.82
CA SER B 1021 96.11 51.69 84.31
C SER B 1021 94.61 51.89 84.41
N SER B 1022 94.18 53.14 84.23
CA SER B 1022 92.77 53.51 84.27
C SER B 1022 92.56 54.70 83.35
N ASP B 1023 91.39 55.34 83.44
CA ASP B 1023 91.17 56.55 82.67
C ASP B 1023 91.58 57.74 83.52
N ASP B 1024 92.72 58.33 83.15
CA ASP B 1024 93.39 59.36 83.94
C ASP B 1024 94.73 59.74 83.31
N ALA B 1025 95.41 60.71 83.90
CA ALA B 1025 96.71 61.13 83.40
C ALA B 1025 97.86 60.36 84.04
N GLU B 1026 97.52 59.37 84.87
CA GLU B 1026 98.54 58.61 85.59
C GLU B 1026 98.38 57.10 85.45
N ILE B 1027 99.50 56.40 85.30
CA ILE B 1027 99.52 54.95 85.25
C ILE B 1027 100.28 54.40 86.45
N GLN B 1028 99.70 53.41 87.14
CA GLN B 1028 100.31 52.94 88.38
C GLN B 1028 101.16 51.67 88.19
N VAL B 1029 102.34 51.68 88.81
CA VAL B 1029 103.19 50.51 88.92
C VAL B 1029 103.42 50.23 90.40
N TRP B 1030 102.90 49.10 90.88
CA TRP B 1030 102.90 48.81 92.30
C TRP B 1030 103.41 47.40 92.60
N ASN B 1031 104.28 47.31 93.61
CA ASN B 1031 104.89 46.05 93.99
C ASN B 1031 104.28 45.47 95.26
N TRP B 1032 103.87 44.20 95.18
CA TRP B 1032 103.18 43.49 96.26
C TRP B 1032 104.12 42.53 96.98
N GLN B 1033 103.86 42.30 98.27
CA GLN B 1033 104.76 41.60 99.21
C GLN B 1033 105.88 42.57 99.55
N LEU B 1034 105.78 43.74 98.93
CA LEU B 1034 106.73 44.84 99.02
C LEU B 1034 105.95 46.05 99.51
N ASP B 1035 104.86 46.35 98.79
CA ASP B 1035 104.03 47.54 98.97
C ASP B 1035 104.78 48.77 98.49
N LYS B 1036 105.50 48.60 97.38
CA LYS B 1036 106.18 49.73 96.76
C LYS B 1036 105.26 50.47 95.79
N CYS B 1037 105.02 51.75 96.05
CA CYS B 1037 104.14 52.56 95.23
C CYS B 1037 104.93 53.43 94.26
N ILE B 1038 104.82 53.15 92.98
CA ILE B 1038 105.51 53.94 91.97
C ILE B 1038 104.55 54.44 90.90
N PHE B 1039 104.36 55.76 90.84
CA PHE B 1039 103.41 56.35 89.91
C PHE B 1039 104.10 56.92 88.69
N LEU B 1040 103.56 56.62 87.51
CA LEU B 1040 104.12 57.08 86.26
C LEU B 1040 103.17 58.07 85.58
N ARG B 1041 103.57 59.33 85.52
CA ARG B 1041 102.74 60.38 84.93
C ARG B 1041 103.09 60.62 83.47
N GLY B 1042 102.08 60.59 82.61
CA GLY B 1042 102.27 60.86 81.20
C GLY B 1042 101.95 62.30 80.85
N HIS B 1043 101.31 62.99 81.78
CA HIS B 1043 100.92 64.39 81.63
C HIS B 1043 100.10 64.62 80.37
N GLN B 1044 98.91 64.02 80.33
CA GLN B 1044 98.01 64.15 79.20
C GLN B 1044 96.57 64.28 79.67
N GLU B 1045 95.63 64.31 78.73
CA GLU B 1045 94.22 64.37 79.06
C GLU B 1045 93.75 63.04 79.66
N THR B 1046 94.05 61.95 78.96
CA THR B 1046 93.67 60.61 79.41
C THR B 1046 94.56 59.54 78.79
N VAL B 1047 94.56 58.36 79.40
CA VAL B 1047 95.33 57.22 78.89
C VAL B 1047 94.42 56.00 78.74
N LYS B 1048 94.50 55.34 77.59
CA LYS B 1048 93.64 54.20 77.33
C LYS B 1048 94.16 52.90 77.94
N ASP B 1049 95.20 52.33 77.33
CA ASP B 1049 95.69 51.01 77.72
C ASP B 1049 97.19 50.84 77.47
N PHE B 1050 97.68 49.63 77.68
CA PHE B 1050 99.08 49.31 77.43
C PHE B 1050 99.28 47.84 77.06
N ARG B 1051 100.51 47.48 76.75
CA ARG B 1051 100.87 46.10 76.44
C ARG B 1051 102.36 45.88 76.71
N LEU B 1052 102.72 44.62 76.99
CA LEU B 1052 104.11 44.27 77.21
C LEU B 1052 104.72 43.58 76.00
N LEU B 1053 105.87 44.07 75.55
CA LEU B 1053 106.55 43.51 74.40
C LEU B 1053 107.49 42.39 74.82
N LYS B 1054 108.33 41.93 73.90
CA LYS B 1054 109.29 40.87 74.17
C LYS B 1054 110.40 41.35 75.10
N ASN B 1055 110.45 42.66 75.33
CA ASN B 1055 111.45 43.25 76.23
C ASN B 1055 110.79 43.83 77.48
N SER B 1056 111.60 44.44 78.33
CA SER B 1056 111.12 45.02 79.58
C SER B 1056 110.35 46.32 79.34
N ARG B 1057 110.40 46.82 78.11
CA ARG B 1057 109.71 48.06 77.76
C ARG B 1057 108.19 47.88 77.78
N LEU B 1058 107.49 48.97 78.09
CA LEU B 1058 106.02 48.93 78.16
C LEU B 1058 105.41 49.83 77.10
N LEU B 1059 104.72 49.23 76.14
CA LEU B 1059 104.17 50.00 75.02
C LEU B 1059 102.72 50.38 75.27
N SER B 1060 102.47 51.67 75.48
CA SER B 1060 101.15 52.13 75.90
C SER B 1060 100.52 53.12 74.91
N TRP B 1061 99.19 53.13 74.87
CA TRP B 1061 98.45 54.01 73.97
C TRP B 1061 97.28 54.69 74.68
N SER B 1062 96.86 55.84 74.16
CA SER B 1062 95.80 56.65 74.76
C SER B 1062 94.80 57.15 73.73
N PHE B 1063 93.85 57.97 74.18
CA PHE B 1063 92.85 58.55 73.31
C PHE B 1063 93.38 59.77 72.56
N ASP B 1064 94.51 60.29 73.01
CA ASP B 1064 95.09 61.50 72.42
C ASP B 1064 96.01 61.16 71.27
N GLY B 1065 96.13 59.88 70.95
CA GLY B 1065 96.97 59.44 69.85
C GLY B 1065 98.44 59.46 70.22
N THR B 1066 98.71 59.40 71.53
CA THR B 1066 100.08 59.42 72.02
C THR B 1066 100.55 58.03 72.41
N VAL B 1067 101.48 57.49 71.64
CA VAL B 1067 102.05 56.17 71.93
C VAL B 1067 103.36 56.32 72.68
N LYS B 1068 103.40 55.79 73.91
CA LYS B 1068 104.57 55.97 74.77
C LYS B 1068 105.25 54.65 75.12
N VAL B 1069 106.56 54.70 75.30
CA VAL B 1069 107.33 53.54 75.74
C VAL B 1069 107.90 53.77 77.13
N TRP B 1070 107.38 53.05 78.12
CA TRP B 1070 107.80 53.22 79.50
C TRP B 1070 108.71 52.09 79.97
N ASN B 1071 109.15 52.18 81.22
CA ASN B 1071 110.00 51.16 81.81
C ASN B 1071 109.52 50.81 83.23
N ILE B 1072 110.03 49.71 83.77
CA ILE B 1072 109.61 49.25 85.08
C ILE B 1072 110.35 49.98 86.21
N ILE B 1073 109.61 50.28 87.28
CA ILE B 1073 110.13 50.83 88.53
C ILE B 1073 110.54 52.30 88.38
N THR B 1074 110.71 52.75 87.14
CA THR B 1074 111.07 54.15 86.89
C THR B 1074 110.37 54.67 85.64
N GLY B 1075 109.74 55.83 85.76
CA GLY B 1075 109.11 56.47 84.61
C GLY B 1075 110.13 56.98 83.61
N ASN B 1076 110.01 56.52 82.36
CA ASN B 1076 110.92 56.92 81.30
C ASN B 1076 110.21 56.99 79.94
N LYS B 1077 110.59 57.97 79.13
CA LYS B 1077 110.07 58.06 77.76
C LYS B 1077 111.20 57.99 76.75
N GLU B 1078 111.25 56.89 76.00
CA GLU B 1078 112.27 56.72 74.97
C GLU B 1078 111.91 57.51 73.71
N LYS B 1079 110.68 57.34 73.24
CA LYS B 1079 110.21 58.01 72.03
C LYS B 1079 108.72 58.32 72.13
N ASP B 1080 108.25 59.22 71.26
CA ASP B 1080 106.83 59.57 71.21
C ASP B 1080 106.32 59.45 69.78
N PHE B 1081 105.39 58.54 69.55
CA PHE B 1081 104.84 58.31 68.22
C PHE B 1081 103.37 58.72 68.11
N VAL B 1082 103.11 59.77 67.35
CA VAL B 1082 101.74 60.19 67.06
C VAL B 1082 101.45 60.04 65.57
N CYS B 1083 100.62 59.06 65.23
CA CYS B 1083 100.27 58.81 63.83
C CYS B 1083 99.27 59.84 63.31
N HIS B 1084 98.19 60.03 64.05
CA HIS B 1084 97.13 60.94 63.65
C HIS B 1084 96.42 61.52 64.87
N GLN B 1085 95.32 62.22 64.62
CA GLN B 1085 94.51 62.80 65.69
C GLN B 1085 93.33 61.88 66.01
N GLY B 1086 92.99 61.78 67.30
CA GLY B 1086 91.89 60.93 67.74
C GLY B 1086 92.36 59.67 68.41
N THR B 1087 91.40 58.81 68.77
CA THR B 1087 91.70 57.57 69.49
C THR B 1087 92.42 56.56 68.61
N VAL B 1088 93.55 56.06 69.12
CA VAL B 1088 94.33 55.05 68.43
C VAL B 1088 94.09 53.67 69.07
N LEU B 1089 93.81 52.67 68.23
CA LEU B 1089 93.44 51.35 68.74
C LEU B 1089 94.64 50.41 68.85
N SER B 1090 95.01 50.12 70.09
CA SER B 1090 96.08 49.17 70.42
C SER B 1090 97.39 49.42 69.70
N CYS B 1091 98.06 48.34 69.31
CA CYS B 1091 99.34 48.39 68.61
C CYS B 1091 99.50 47.15 67.74
N ASP B 1092 100.21 47.30 66.62
CA ASP B 1092 100.42 46.18 65.70
C ASP B 1092 101.91 45.96 65.42
N ILE B 1093 102.43 44.82 65.83
CA ILE B 1093 103.84 44.49 65.64
C ILE B 1093 104.02 43.33 64.68
N SER B 1094 105.17 43.31 64.00
CA SER B 1094 105.45 42.29 63.00
C SER B 1094 105.74 40.92 63.63
N HIS B 1095 106.01 40.92 64.94
CA HIS B 1095 106.31 39.71 65.71
C HIS B 1095 107.64 39.06 65.32
N ASP B 1096 108.24 39.53 64.23
CA ASP B 1096 109.53 39.03 63.79
C ASP B 1096 110.67 39.65 64.60
N ALA B 1097 110.41 40.84 65.13
CA ALA B 1097 111.39 41.62 65.87
C ALA B 1097 110.75 42.88 66.42
N THR B 1098 111.50 43.62 67.24
CA THR B 1098 110.99 44.84 67.84
C THR B 1098 111.22 46.06 66.94
N LYS B 1099 111.98 45.86 65.87
CA LYS B 1099 112.29 46.93 64.93
C LYS B 1099 111.02 47.54 64.32
N PHE B 1100 110.32 46.76 63.50
CA PHE B 1100 109.10 47.22 62.86
C PHE B 1100 107.93 47.25 63.83
N SER B 1101 107.27 48.39 63.93
CA SER B 1101 106.11 48.53 64.80
C SER B 1101 105.08 49.48 64.21
N SER B 1102 103.80 49.15 64.38
CA SER B 1102 102.73 49.99 63.86
C SER B 1102 101.52 49.99 64.79
N THR B 1103 100.51 50.79 64.43
CA THR B 1103 99.27 50.87 65.21
C THR B 1103 98.13 51.39 64.35
N SER B 1104 96.90 51.22 64.82
CA SER B 1104 95.73 51.67 64.08
C SER B 1104 95.21 53.00 64.61
N ALA B 1105 95.37 54.05 63.80
CA ALA B 1105 94.96 55.40 64.18
C ALA B 1105 93.54 55.70 63.72
N ASP B 1106 92.89 54.68 63.17
CA ASP B 1106 91.52 54.77 62.64
C ASP B 1106 91.42 55.72 61.46
N LYS B 1107 92.56 55.95 60.79
CA LYS B 1107 92.58 56.74 59.57
C LYS B 1107 93.37 56.03 58.48
N THR B 1108 94.68 55.91 58.68
CA THR B 1108 95.56 55.24 57.73
C THR B 1108 96.42 54.20 58.46
N ALA B 1109 97.26 53.50 57.72
CA ALA B 1109 98.14 52.51 58.34
C ALA B 1109 99.60 52.92 58.24
N LYS B 1110 100.19 53.30 59.38
CA LYS B 1110 101.55 53.83 59.38
C LYS B 1110 102.49 52.96 60.20
N ILE B 1111 103.67 52.69 59.66
CA ILE B 1111 104.66 51.85 60.34
C ILE B 1111 105.99 52.58 60.55
N TRP B 1112 106.59 52.34 61.71
CA TRP B 1112 107.88 52.93 62.06
C TRP B 1112 108.90 51.86 62.49
N SER B 1113 110.14 52.06 62.07
CA SER B 1113 111.24 51.14 62.36
C SER B 1113 112.05 51.54 63.59
N PHE B 1114 111.58 52.56 64.30
CA PHE B 1114 112.32 53.20 65.39
C PHE B 1114 113.55 53.93 64.86
N ASP B 1115 113.48 54.36 63.61
CA ASP B 1115 114.56 55.12 62.98
C ASP B 1115 114.33 56.62 63.12
N LEU B 1116 113.17 56.99 63.68
CA LEU B 1116 112.80 58.38 63.87
C LEU B 1116 111.71 58.48 64.92
N LEU B 1117 111.30 59.70 65.28
CA LEU B 1117 110.24 59.91 66.26
C LEU B 1117 108.87 59.83 65.59
N LEU B 1118 108.86 59.88 64.26
CA LEU B 1118 107.62 59.80 63.50
C LEU B 1118 107.63 58.55 62.62
N PRO B 1119 106.43 57.98 62.37
CA PRO B 1119 106.30 56.79 61.52
C PRO B 1119 106.93 56.98 60.13
N LEU B 1120 107.75 56.03 59.71
CA LEU B 1120 108.48 56.14 58.46
C LEU B 1120 107.58 55.96 57.24
N HIS B 1121 106.80 54.89 57.22
CA HIS B 1121 105.97 54.60 56.06
C HIS B 1121 104.49 54.83 56.33
N GLU B 1122 103.80 55.41 55.36
CA GLU B 1122 102.38 55.71 55.48
C GLU B 1122 101.58 55.04 54.36
N LEU B 1123 100.48 54.38 54.74
CA LEU B 1123 99.62 53.71 53.79
C LEU B 1123 98.20 54.27 53.86
N ARG B 1124 97.80 54.93 52.78
CA ARG B 1124 96.54 55.65 52.70
C ARG B 1124 95.41 54.83 52.07
N GLY B 1125 95.66 53.54 51.84
CA GLY B 1125 94.79 52.69 51.05
C GLY B 1125 93.30 52.78 51.37
N HIS B 1126 92.95 52.74 52.65
CA HIS B 1126 91.58 53.00 53.06
C HIS B 1126 91.55 54.06 54.15
N ASN B 1127 91.05 55.25 53.82
CA ASN B 1127 91.04 56.36 54.75
C ASN B 1127 89.71 56.56 55.48
N GLY B 1128 88.70 55.80 55.10
CA GLY B 1128 87.39 55.94 55.72
C GLY B 1128 87.38 55.49 57.18
N CYS B 1129 87.72 54.23 57.40
CA CYS B 1129 87.82 53.66 58.73
C CYS B 1129 88.84 52.54 58.76
N VAL B 1130 89.59 52.45 59.86
CA VAL B 1130 90.51 51.33 60.06
C VAL B 1130 90.28 50.73 61.44
N ARG B 1131 89.77 49.50 61.50
CA ARG B 1131 89.55 48.82 62.76
C ARG B 1131 90.85 48.22 63.31
N CYS B 1132 91.60 47.58 62.43
CA CYS B 1132 92.86 46.93 62.85
C CYS B 1132 93.74 46.61 61.65
N SER B 1133 94.91 46.04 61.95
CA SER B 1133 95.86 45.64 60.91
C SER B 1133 96.70 44.48 61.41
N ALA B 1134 97.26 43.70 60.48
CA ALA B 1134 98.01 42.50 60.84
C ALA B 1134 99.25 42.30 59.99
N PHE B 1135 100.37 42.00 60.67
CA PHE B 1135 101.62 41.64 60.01
C PHE B 1135 101.92 40.15 60.21
N SER B 1136 101.81 39.37 59.13
CA SER B 1136 102.08 37.94 59.22
C SER B 1136 103.58 37.67 59.24
N VAL B 1137 104.00 36.72 60.07
CA VAL B 1137 105.42 36.38 60.22
C VAL B 1137 105.99 35.80 58.93
N ASP B 1138 107.28 36.04 58.70
CA ASP B 1138 108.02 35.55 57.54
C ASP B 1138 107.53 36.15 56.22
N SER B 1139 106.46 36.94 56.29
CA SER B 1139 105.86 37.57 55.14
C SER B 1139 105.91 39.09 55.27
N THR B 1140 105.24 39.58 56.31
CA THR B 1140 105.10 40.99 56.75
C THR B 1140 103.98 41.67 55.97
N LEU B 1141 103.39 40.94 55.04
CA LEU B 1141 102.25 41.43 54.27
C LEU B 1141 101.13 41.92 55.18
N LEU B 1142 100.53 43.05 54.83
CA LEU B 1142 99.55 43.72 55.68
C LEU B 1142 98.12 43.25 55.43
N ALA B 1143 97.42 42.90 56.50
CA ALA B 1143 96.01 42.57 56.43
C ALA B 1143 95.19 43.60 57.20
N THR B 1144 94.43 44.43 56.50
CA THR B 1144 93.70 45.53 57.13
C THR B 1144 92.24 45.19 57.42
N GLY B 1145 91.91 45.13 58.71
CA GLY B 1145 90.53 45.05 59.15
C GLY B 1145 89.93 46.44 59.27
N ASP B 1146 88.65 46.58 58.93
CA ASP B 1146 87.99 47.87 58.95
C ASP B 1146 86.67 47.81 59.72
N ASP B 1147 86.13 48.99 60.03
CA ASP B 1147 84.86 49.10 60.75
C ASP B 1147 83.72 48.43 59.98
N ASN B 1148 83.84 48.41 58.66
CA ASN B 1148 82.85 47.76 57.80
C ASN B 1148 82.96 46.25 57.87
N GLY B 1149 83.99 45.76 58.56
CA GLY B 1149 84.21 44.33 58.71
C GLY B 1149 84.90 43.73 57.50
N GLU B 1150 85.50 44.58 56.67
CA GLU B 1150 86.18 44.13 55.48
C GLU B 1150 87.66 43.87 55.77
N ILE B 1151 88.16 42.76 55.24
CA ILE B 1151 89.57 42.40 55.41
C ILE B 1151 90.31 42.53 54.08
N ARG B 1152 91.20 43.52 53.99
CA ARG B 1152 91.90 43.75 52.73
C ARG B 1152 93.35 43.27 52.80
N ILE B 1153 93.77 42.54 51.77
CA ILE B 1153 95.14 42.02 51.69
C ILE B 1153 96.02 42.96 50.86
N TRP B 1154 97.13 43.39 51.45
CA TRP B 1154 98.06 44.29 50.79
C TRP B 1154 99.49 43.79 50.90
N ASN B 1155 100.15 43.63 49.75
CA ASN B 1155 101.54 43.18 49.72
C ASN B 1155 102.49 44.26 50.21
N VAL B 1156 103.34 43.91 51.17
CA VAL B 1156 104.28 44.87 51.74
C VAL B 1156 105.73 44.39 51.61
N SER B 1157 106.53 45.19 50.90
CA SER B 1157 107.95 44.91 50.74
C SER B 1157 108.77 46.15 51.10
N ASN B 1158 108.60 47.20 50.30
CA ASN B 1158 109.27 48.47 50.54
C ASN B 1158 108.41 49.39 51.41
N GLY B 1159 107.29 48.85 51.90
CA GLY B 1159 106.32 49.63 52.65
C GLY B 1159 105.43 50.44 51.73
N GLU B 1160 105.01 49.82 50.63
CA GLU B 1160 104.09 50.43 49.69
C GLU B 1160 103.03 49.43 49.25
N LEU B 1161 101.97 49.92 48.62
CA LEU B 1161 100.84 49.07 48.24
C LEU B 1161 101.04 48.47 46.85
N LEU B 1162 100.86 47.16 46.74
CA LEU B 1162 101.04 46.46 45.47
C LEU B 1162 99.78 45.73 45.03
N HIS B 1163 99.47 44.62 45.69
CA HIS B 1163 98.37 43.76 45.30
C HIS B 1163 97.03 44.41 45.68
N LEU B 1164 95.93 43.79 45.28
CA LEU B 1164 94.60 44.30 45.63
C LEU B 1164 93.59 43.17 45.73
N CYS B 1165 92.68 43.29 46.71
CA CYS B 1165 91.62 42.31 46.89
C CYS B 1165 90.37 42.95 47.48
N ALA B 1166 89.21 42.49 47.04
CA ALA B 1166 87.95 43.01 47.57
C ALA B 1166 87.19 41.96 48.37
N PRO B 1167 87.20 42.11 49.71
CA PRO B 1167 86.46 41.22 50.62
C PRO B 1167 84.96 41.38 50.51
N LEU B 1168 84.50 42.60 50.25
CA LEU B 1168 83.07 42.88 50.16
C LEU B 1168 82.45 42.21 48.93
N SER B 1169 81.17 41.91 49.02
CA SER B 1169 80.45 41.26 47.93
C SER B 1169 79.66 42.26 47.10
N GLU B 1170 79.59 42.00 45.80
CA GLU B 1170 78.84 42.87 44.88
C GLU B 1170 77.38 42.41 44.81
N GLU B 1171 77.05 41.41 45.60
CA GLU B 1171 75.69 40.86 45.67
C GLU B 1171 74.73 41.79 46.40
N GLY B 1172 75.27 42.88 46.95
CA GLY B 1172 74.47 43.84 47.70
C GLY B 1172 74.72 43.81 49.19
N ALA B 1173 73.94 44.60 49.92
CA ALA B 1173 74.14 44.79 51.36
C ALA B 1173 74.02 43.49 52.15
N ALA B 1174 74.76 43.42 53.25
CA ALA B 1174 74.77 42.24 54.11
C ALA B 1174 73.99 42.50 55.40
N THR B 1175 73.37 41.46 55.93
CA THR B 1175 72.55 41.59 57.13
C THR B 1175 73.40 41.60 58.40
N HIS B 1176 73.98 40.46 58.74
CA HIS B 1176 74.82 40.35 59.93
C HIS B 1176 76.30 40.31 59.58
N GLY B 1177 77.09 41.12 60.26
CA GLY B 1177 78.52 41.19 60.03
C GLY B 1177 79.07 42.58 60.30
N GLY B 1178 80.27 42.85 59.81
CA GLY B 1178 80.87 44.15 59.96
C GLY B 1178 81.54 44.39 61.29
N TRP B 1179 82.09 43.33 61.88
CA TRP B 1179 82.78 43.44 63.16
C TRP B 1179 84.03 42.57 63.21
N VAL B 1180 85.14 43.16 63.65
CA VAL B 1180 86.40 42.43 63.80
C VAL B 1180 87.21 43.02 64.95
N THR B 1181 87.91 42.16 65.69
CA THR B 1181 88.72 42.61 66.81
C THR B 1181 90.17 42.14 66.70
N ASP B 1182 90.37 40.83 66.83
CA ASP B 1182 91.71 40.26 66.77
C ASP B 1182 91.87 39.30 65.61
N LEU B 1183 93.05 39.30 65.00
CA LEU B 1183 93.33 38.41 63.88
C LEU B 1183 94.36 37.36 64.28
N CYS B 1184 94.27 36.17 63.66
CA CYS B 1184 95.15 35.07 64.02
C CYS B 1184 95.92 34.55 62.82
N PHE B 1185 97.01 33.82 63.10
CA PHE B 1185 97.91 33.35 62.04
C PHE B 1185 97.96 31.84 61.96
N SER B 1186 98.32 31.33 60.78
CA SER B 1186 98.46 29.89 60.57
C SER B 1186 99.88 29.42 60.90
N PRO B 1187 100.02 28.15 61.30
CA PRO B 1187 101.35 27.61 61.63
C PRO B 1187 102.25 27.50 60.40
N ASP B 1188 101.64 27.40 59.22
CA ASP B 1188 102.39 27.32 57.97
C ASP B 1188 102.87 28.73 57.59
N GLY B 1189 101.99 29.71 57.79
CA GLY B 1189 102.30 31.09 57.45
C GLY B 1189 101.66 31.51 56.14
N LYS B 1190 101.31 30.53 55.31
CA LYS B 1190 100.68 30.79 54.03
C LYS B 1190 99.21 31.14 54.21
N MET B 1191 98.52 30.36 55.03
CA MET B 1191 97.10 30.58 55.31
C MET B 1191 96.91 31.73 56.29
N LEU B 1192 95.72 32.35 56.26
CA LEU B 1192 95.41 33.46 57.16
C LEU B 1192 94.06 33.24 57.83
N ILE B 1193 93.93 33.69 59.07
CA ILE B 1193 92.68 33.58 59.81
C ILE B 1193 92.11 34.96 60.12
N SER B 1194 90.86 35.19 59.73
CA SER B 1194 90.22 36.49 59.92
C SER B 1194 88.75 36.39 60.30
N ALA B 1195 88.22 37.47 60.85
CA ALA B 1195 86.81 37.53 61.24
C ALA B 1195 86.08 38.66 60.52
N GLY B 1196 85.15 38.28 59.64
CA GLY B 1196 84.33 39.23 58.92
C GLY B 1196 82.93 39.33 59.52
N GLY B 1197 82.83 38.96 60.79
CA GLY B 1197 81.54 38.80 61.44
C GLY B 1197 81.28 37.32 61.63
N TYR B 1198 82.09 36.53 60.94
CA TYR B 1198 82.09 35.08 61.08
C TYR B 1198 83.51 34.57 60.91
N ILE B 1199 83.70 33.26 60.90
CA ILE B 1199 85.04 32.71 60.72
C ILE B 1199 85.38 32.63 59.24
N LYS B 1200 86.37 33.39 58.82
CA LYS B 1200 86.73 33.45 57.41
C LYS B 1200 88.24 33.41 57.21
N TRP B 1201 88.72 32.43 56.46
CA TRP B 1201 90.15 32.23 56.29
C TRP B 1201 90.63 32.72 54.92
N TRP B 1202 91.63 33.60 54.94
CA TRP B 1202 92.17 34.16 53.71
C TRP B 1202 93.45 33.45 53.27
N ASN B 1203 93.97 33.85 52.13
CA ASN B 1203 95.21 33.29 51.61
C ASN B 1203 95.95 34.29 50.71
N VAL B 1204 97.26 34.21 50.71
CA VAL B 1204 98.10 35.07 49.88
C VAL B 1204 98.04 34.57 48.42
N VAL B 1205 98.40 35.44 47.47
CA VAL B 1205 98.52 35.07 46.06
C VAL B 1205 97.20 34.60 45.43
N THR B 1206 96.33 35.57 45.13
CA THR B 1206 95.17 35.35 44.27
C THR B 1206 94.16 34.33 44.84
N GLY B 1207 93.39 34.80 45.82
CA GLY B 1207 92.33 33.98 46.41
C GLY B 1207 92.58 33.56 47.83
N GLU B 1208 91.53 33.09 48.49
CA GLU B 1208 91.56 32.85 49.92
C GLU B 1208 91.49 31.38 50.28
N SER B 1209 91.50 31.09 51.57
CA SER B 1209 91.49 29.71 52.07
C SER B 1209 90.07 29.15 52.14
N SER B 1210 89.31 29.61 53.11
CA SER B 1210 87.96 29.08 53.32
C SER B 1210 86.98 30.12 53.89
N GLN B 1211 85.75 30.05 53.40
CA GLN B 1211 84.64 30.84 53.92
C GLN B 1211 83.85 30.03 54.94
N THR B 1212 84.40 28.86 55.27
CA THR B 1212 83.66 27.80 55.97
C THR B 1212 83.05 28.16 57.32
N PHE B 1213 81.96 27.45 57.62
CA PHE B 1213 81.19 27.54 58.85
C PHE B 1213 80.69 28.98 59.07
N TYR B 1214 80.69 29.49 60.30
CA TYR B 1214 80.02 30.75 60.63
C TYR B 1214 80.13 31.08 62.13
N THR B 1215 79.91 32.35 62.47
CA THR B 1215 79.86 32.75 63.88
C THR B 1215 78.49 33.33 64.24
N ASN B 1216 77.75 32.63 65.10
CA ASN B 1216 76.44 33.08 65.53
C ASN B 1216 76.51 34.39 66.29
N GLY B 1217 75.55 35.27 66.05
CA GLY B 1217 75.52 36.57 66.69
C GLY B 1217 76.23 37.62 65.86
N THR B 1218 76.65 38.70 66.50
CA THR B 1218 77.34 39.79 65.82
C THR B 1218 78.66 40.14 66.50
N ASN B 1219 78.57 40.65 67.73
CA ASN B 1219 79.74 41.12 68.46
C ASN B 1219 80.67 39.99 68.91
N LEU B 1220 81.97 40.26 68.84
CA LEU B 1220 82.99 39.33 69.31
C LEU B 1220 84.00 40.06 70.20
N LYS B 1221 84.52 39.36 71.20
CA LYS B 1221 85.43 39.99 72.16
C LYS B 1221 86.67 39.14 72.43
N LYS B 1222 87.84 39.69 72.09
CA LYS B 1222 89.13 39.08 72.41
C LYS B 1222 89.28 37.64 71.93
N ILE B 1223 89.39 37.47 70.61
CA ILE B 1223 89.60 36.14 70.03
C ILE B 1223 90.93 35.55 70.48
N HIS B 1224 90.89 34.34 71.01
CA HIS B 1224 92.11 33.65 71.44
C HIS B 1224 92.24 32.28 70.79
N VAL B 1225 93.48 31.85 70.58
CA VAL B 1225 93.76 30.55 69.98
C VAL B 1225 94.87 29.82 70.72
N SER B 1226 95.00 28.52 70.44
CA SER B 1226 96.05 27.70 71.05
C SER B 1226 97.40 27.98 70.37
N PRO B 1227 98.50 27.76 71.10
CA PRO B 1227 99.83 27.99 70.53
C PRO B 1227 100.17 27.00 69.41
N ASP B 1228 99.44 25.88 69.36
CA ASP B 1228 99.63 24.89 68.31
C ASP B 1228 98.80 25.23 67.07
N PHE B 1229 97.99 26.29 67.19
CA PHE B 1229 97.12 26.76 66.11
C PHE B 1229 96.19 25.67 65.60
N LYS B 1230 95.66 24.87 66.51
CA LYS B 1230 94.72 23.80 66.16
C LYS B 1230 93.39 24.00 66.88
N THR B 1231 93.40 23.77 68.19
CA THR B 1231 92.20 23.96 69.00
C THR B 1231 91.92 25.45 69.19
N TYR B 1232 90.65 25.82 69.13
CA TYR B 1232 90.27 27.23 69.22
C TYR B 1232 89.29 27.47 70.36
N VAL B 1233 89.35 28.68 70.93
CA VAL B 1233 88.43 29.08 72.00
C VAL B 1233 87.89 30.48 71.74
N THR B 1234 86.56 30.60 71.63
CA THR B 1234 85.96 31.90 71.39
C THR B 1234 84.57 32.03 72.01
N VAL B 1235 83.97 33.20 71.87
CA VAL B 1235 82.64 33.47 72.43
C VAL B 1235 81.93 34.54 71.61
N ASP B 1236 80.60 34.44 71.53
CA ASP B 1236 79.79 35.44 70.85
C ASP B 1236 79.25 36.46 71.84
N ASN B 1237 78.38 37.35 71.36
CA ASN B 1237 77.75 38.34 72.23
C ASN B 1237 76.74 37.72 73.19
N LEU B 1238 76.30 36.51 72.88
CA LEU B 1238 75.34 35.79 73.71
C LEU B 1238 76.00 35.27 74.99
N GLY B 1239 77.33 35.23 74.99
CA GLY B 1239 78.08 34.74 76.13
C GLY B 1239 78.07 33.23 76.20
N ILE B 1240 78.16 32.58 75.03
CA ILE B 1240 78.15 31.13 74.95
C ILE B 1240 79.55 30.61 74.60
N LEU B 1241 80.05 29.68 75.41
CA LEU B 1241 81.37 29.11 75.21
C LEU B 1241 81.48 28.35 73.89
N TYR B 1242 82.49 28.68 73.09
CA TYR B 1242 82.71 28.02 71.82
C TYR B 1242 84.10 27.39 71.75
N ILE B 1243 84.12 26.06 71.58
CA ILE B 1243 85.36 25.30 71.54
C ILE B 1243 85.51 24.54 70.23
N LEU B 1244 86.64 24.75 69.56
CA LEU B 1244 86.95 24.04 68.32
C LEU B 1244 88.11 23.08 68.51
N GLN B 1245 88.04 21.92 67.86
CA GLN B 1245 89.09 20.92 67.93
C GLN B 1245 89.43 20.40 66.53
N THR B 1246 90.69 20.51 66.16
CA THR B 1246 91.13 20.06 64.84
C THR B 1246 91.65 18.63 64.88
N LEU B 1247 90.95 17.74 64.19
CA LEU B 1247 91.33 16.33 64.14
C LEU B 1247 91.10 15.75 62.76
N GLU B 1248 92.07 14.99 62.26
CA GLU B 1248 91.97 14.38 60.94
C GLU B 1248 91.27 13.02 61.02
N GLY C 105 -22.87 32.15 37.60
CA GLY C 105 -23.86 31.10 37.52
C GLY C 105 -24.04 30.59 36.11
N ILE C 106 -24.74 29.47 35.96
CA ILE C 106 -24.98 28.89 34.65
C ILE C 106 -25.86 29.79 33.80
N THR C 107 -25.35 30.14 32.62
CA THR C 107 -26.06 31.00 31.69
C THR C 107 -25.83 30.49 30.27
N SER C 108 -26.24 31.29 29.29
CA SER C 108 -26.05 30.97 27.89
C SER C 108 -24.59 30.63 27.57
N TYR C 109 -23.69 31.54 27.95
CA TYR C 109 -22.25 31.34 27.75
C TYR C 109 -21.82 29.96 28.19
N VAL C 110 -22.25 29.62 29.40
CA VAL C 110 -21.75 28.43 30.06
C VAL C 110 -21.96 27.18 29.23
N ARG C 111 -23.21 26.88 28.88
CA ARG C 111 -23.46 25.70 28.08
C ARG C 111 -23.03 25.95 26.64
N THR C 112 -22.78 27.20 26.29
CA THR C 112 -22.36 27.47 24.93
C THR C 112 -20.94 26.97 24.69
N VAL C 113 -20.01 27.47 25.48
CA VAL C 113 -18.60 27.23 25.27
C VAL C 113 -18.13 25.90 25.86
N LEU C 114 -18.82 25.46 26.91
CA LEU C 114 -18.32 24.39 27.74
C LEU C 114 -18.88 23.04 27.32
N CYS C 115 -19.69 23.03 26.29
CA CYS C 115 -20.21 21.78 25.71
C CYS C 115 -19.28 21.25 24.64
N GLU C 116 -18.11 21.86 24.53
CA GLU C 116 -17.16 21.51 23.47
C GLU C 116 -16.39 20.25 23.84
N GLY C 117 -16.78 19.64 24.95
CA GLY C 117 -16.19 18.40 25.37
C GLY C 117 -15.36 18.74 26.57
N GLY C 118 -15.16 20.05 26.72
CA GLY C 118 -14.30 20.59 27.75
C GLY C 118 -14.64 20.13 29.16
N VAL C 119 -15.90 19.82 29.42
CA VAL C 119 -16.21 19.44 30.78
C VAL C 119 -17.19 18.29 30.82
N PRO C 120 -16.96 17.33 31.72
CA PRO C 120 -18.00 16.37 32.03
C PRO C 120 -19.03 17.02 32.94
N GLN C 121 -20.31 16.76 32.71
CA GLN C 121 -21.34 17.37 33.52
C GLN C 121 -21.19 17.02 34.99
N ARG C 122 -21.39 18.01 35.85
CA ARG C 122 -21.30 17.79 37.28
C ARG C 122 -22.38 16.79 37.68
N PRO C 123 -22.11 16.01 38.73
CA PRO C 123 -22.96 14.87 39.07
C PRO C 123 -24.39 15.25 39.39
N VAL C 124 -25.22 14.27 39.67
CA VAL C 124 -26.62 14.51 39.93
C VAL C 124 -26.76 15.17 41.29
N VAL C 125 -25.93 14.75 42.23
CA VAL C 125 -25.99 15.25 43.59
C VAL C 125 -24.65 15.74 44.07
N PHE C 126 -24.50 17.04 44.28
CA PHE C 126 -23.26 17.52 44.85
C PHE C 126 -23.49 18.68 45.79
N VAL C 127 -22.83 18.64 46.93
CA VAL C 127 -22.79 19.80 47.80
C VAL C 127 -21.80 20.77 47.21
N THR C 128 -21.97 22.05 47.55
CA THR C 128 -21.10 23.07 46.96
C THR C 128 -20.00 23.45 47.91
N ARG C 129 -18.75 23.25 47.48
CA ARG C 129 -17.62 23.64 48.29
C ARG C 129 -17.09 24.93 47.71
N LYS C 130 -17.37 26.05 48.38
CA LYS C 130 -17.05 27.37 47.86
C LYS C 130 -15.62 27.77 48.14
N LYS C 131 -15.20 27.46 49.35
CA LYS C 131 -13.95 27.89 49.91
C LYS C 131 -12.75 27.56 49.03
N LEU C 132 -12.75 26.34 48.48
CA LEU C 132 -11.65 25.91 47.63
C LEU C 132 -11.76 26.48 46.22
N VAL C 133 -12.95 26.39 45.64
CA VAL C 133 -13.19 26.89 44.30
C VAL C 133 -12.71 28.31 44.17
N ASN C 134 -13.00 29.11 45.19
CA ASN C 134 -12.57 30.50 45.17
C ASN C 134 -11.06 30.61 45.08
N ALA C 135 -10.36 29.80 45.88
CA ALA C 135 -8.90 29.80 45.87
C ALA C 135 -8.39 29.50 44.47
N ILE C 136 -8.90 28.43 43.88
CA ILE C 136 -8.47 28.07 42.54
C ILE C 136 -8.72 29.21 41.57
N GLN C 137 -9.87 29.86 41.69
CA GLN C 137 -10.14 31.01 40.84
C GLN C 137 -9.09 32.09 41.02
N GLN C 138 -8.67 32.34 42.26
CA GLN C 138 -7.63 33.33 42.48
C GLN C 138 -6.32 32.95 41.79
N LYS C 139 -5.78 31.80 42.17
CA LYS C 139 -4.50 31.38 41.64
C LYS C 139 -4.53 31.41 40.14
N LEU C 140 -5.63 30.92 39.58
CA LEU C 140 -5.79 30.86 38.15
C LEU C 140 -5.93 32.25 37.55
N SER C 141 -6.37 33.20 38.37
CA SER C 141 -6.54 34.56 37.89
C SER C 141 -5.28 35.37 38.02
N LYS C 142 -4.27 34.83 38.73
CA LYS C 142 -3.00 35.54 38.81
C LYS C 142 -2.34 35.67 37.45
N LEU C 143 -2.74 34.84 36.51
CA LEU C 143 -2.08 34.79 35.23
C LEU C 143 -2.20 36.10 34.44
N LYS C 144 -3.43 36.49 34.12
CA LYS C 144 -3.71 37.59 33.17
C LYS C 144 -3.25 37.20 31.77
N GLY C 145 -2.64 36.03 31.73
CA GLY C 145 -2.16 35.35 30.54
C GLY C 145 -0.68 35.51 30.34
N GLU C 146 -0.07 34.37 30.04
CA GLU C 146 1.35 34.10 29.85
C GLU C 146 1.31 32.61 29.65
N PRO C 147 2.45 31.98 29.36
CA PRO C 147 2.38 30.56 29.69
C PRO C 147 2.40 30.41 31.20
N GLY C 148 1.78 29.35 31.73
CA GLY C 148 1.65 29.19 33.16
C GLY C 148 1.05 27.86 33.56
N TRP C 149 1.17 27.54 34.84
CA TRP C 149 0.81 26.23 35.32
C TRP C 149 0.05 26.33 36.63
N VAL C 150 -1.02 25.58 36.74
CA VAL C 150 -1.75 25.53 37.99
C VAL C 150 -2.02 24.08 38.31
N THR C 151 -1.65 23.66 39.51
CA THR C 151 -1.73 22.25 39.84
C THR C 151 -2.58 22.02 41.06
N ILE C 152 -3.44 21.02 41.01
CA ILE C 152 -4.06 20.57 42.24
C ILE C 152 -3.81 19.09 42.41
N HIS C 153 -3.15 18.75 43.49
CA HIS C 153 -2.92 17.37 43.83
C HIS C 153 -3.66 17.11 45.10
N GLY C 154 -4.08 15.88 45.30
CA GLY C 154 -4.81 15.57 46.52
C GLY C 154 -4.76 14.12 46.95
N MET C 155 -5.37 13.87 48.10
CA MET C 155 -5.47 12.53 48.64
C MET C 155 -6.11 11.60 47.62
N ALA C 156 -5.68 10.35 47.63
CA ALA C 156 -6.25 9.37 46.74
C ALA C 156 -7.72 9.23 47.00
N GLY C 157 -8.52 9.39 45.96
CA GLY C 157 -9.95 9.22 46.08
C GLY C 157 -10.69 10.42 46.60
N CYS C 158 -9.98 11.49 46.92
CA CYS C 158 -10.63 12.71 47.39
C CYS C 158 -11.43 13.35 46.28
N GLY C 159 -12.38 14.21 46.65
CA GLY C 159 -13.09 14.93 45.61
C GLY C 159 -12.11 15.89 44.98
N LYS C 160 -11.81 15.70 43.70
CA LYS C 160 -10.81 16.53 43.06
C LYS C 160 -11.18 16.93 41.63
N SER C 161 -11.23 15.94 40.74
CA SER C 161 -11.54 16.17 39.33
C SER C 161 -12.79 17.00 39.18
N VAL C 162 -13.86 16.54 39.82
CA VAL C 162 -15.12 17.27 39.85
C VAL C 162 -14.90 18.70 40.29
N LEU C 163 -14.15 18.86 41.37
CA LEU C 163 -13.90 20.18 41.93
C LEU C 163 -13.32 21.11 40.89
N ALA C 164 -12.40 20.60 40.08
CA ALA C 164 -11.83 21.38 39.00
C ALA C 164 -12.90 21.69 37.97
N ALA C 165 -13.74 20.70 37.69
CA ALA C 165 -14.76 20.86 36.66
C ALA C 165 -15.73 21.98 36.99
N GLU C 166 -15.92 22.27 38.27
CA GLU C 166 -16.78 23.38 38.66
C GLU C 166 -15.99 24.65 38.93
N ALA C 167 -14.67 24.58 38.73
CA ALA C 167 -13.85 25.76 38.91
C ALA C 167 -14.07 26.70 37.74
N VAL C 168 -14.07 26.12 36.56
CA VAL C 168 -14.22 26.87 35.33
C VAL C 168 -15.68 27.04 35.00
N ARG C 169 -16.76 26.94 36.02
CA ARG C 169 -18.20 27.03 35.78
C ARG C 169 -18.68 28.47 35.66
N ASP C 170 -18.08 29.36 36.43
CA ASP C 170 -18.50 30.76 36.47
C ASP C 170 -18.49 31.43 35.11
N HIS C 171 -19.44 32.33 34.91
CA HIS C 171 -19.50 33.12 33.69
C HIS C 171 -18.46 34.23 33.69
N SER C 172 -18.39 34.97 34.78
CA SER C 172 -17.52 36.15 34.87
C SER C 172 -16.08 35.79 34.56
N LEU C 173 -15.58 34.74 35.19
CA LEU C 173 -14.21 34.29 34.96
C LEU C 173 -14.01 33.91 33.51
N LEU C 174 -14.82 32.95 33.05
CA LEU C 174 -14.63 32.38 31.72
C LEU C 174 -14.67 33.45 30.64
N GLU C 175 -15.65 34.33 30.73
CA GLU C 175 -15.82 35.38 29.75
C GLU C 175 -14.61 36.30 29.72
N GLY C 176 -14.29 36.90 30.86
CA GLY C 176 -13.23 37.88 30.92
C GLY C 176 -11.84 37.34 30.70
N CYS C 177 -11.45 36.36 31.50
CA CYS C 177 -10.07 35.89 31.52
C CYS C 177 -9.76 34.91 30.39
N PHE C 178 -10.74 34.14 29.96
CA PHE C 178 -10.49 33.14 28.93
C PHE C 178 -11.47 33.14 27.79
N PRO C 179 -11.55 34.25 27.04
CA PRO C 179 -12.48 34.12 25.92
C PRO C 179 -11.81 33.52 24.70
N GLY C 180 -11.02 32.40 24.88
CA GLY C 180 -10.51 31.66 23.74
C GLY C 180 -11.23 30.35 23.57
N GLY C 181 -12.02 29.98 24.57
CA GLY C 181 -12.56 28.64 24.66
C GLY C 181 -11.79 27.88 25.72
N VAL C 182 -12.22 26.66 26.01
CA VAL C 182 -11.63 25.85 27.06
C VAL C 182 -11.57 24.40 26.63
N HIS C 183 -10.45 23.73 26.87
CA HIS C 183 -10.34 22.35 26.43
C HIS C 183 -10.00 21.38 27.54
N TRP C 184 -10.21 20.10 27.28
CA TRP C 184 -10.13 19.06 28.28
C TRP C 184 -9.53 17.83 27.70
N VAL C 185 -8.61 17.21 28.42
CA VAL C 185 -8.01 15.99 27.91
C VAL C 185 -7.86 14.93 28.98
N SER C 186 -8.53 13.80 28.81
CA SER C 186 -8.31 12.71 29.72
C SER C 186 -7.03 12.00 29.35
N VAL C 187 -6.08 11.97 30.26
CA VAL C 187 -4.80 11.34 29.99
C VAL C 187 -4.73 9.96 30.61
N GLY C 188 -4.74 9.90 31.93
CA GLY C 188 -4.70 8.62 32.62
C GLY C 188 -3.37 7.94 32.44
N LYS C 189 -3.19 6.80 33.08
CA LYS C 189 -1.95 6.04 32.95
C LYS C 189 -1.75 5.60 31.51
N GLN C 190 -0.60 5.92 30.95
CA GLN C 190 -0.35 5.68 29.54
C GLN C 190 1.07 5.27 29.20
N ASP C 191 1.23 4.77 27.98
CA ASP C 191 2.53 4.43 27.44
C ASP C 191 2.83 5.36 26.27
N LYS C 192 3.96 5.18 25.63
CA LYS C 192 4.36 6.05 24.53
C LYS C 192 3.37 6.01 23.38
N SER C 193 3.00 4.80 22.98
CA SER C 193 2.04 4.61 21.92
C SER C 193 0.74 5.35 22.22
N GLY C 194 0.16 5.02 23.36
CA GLY C 194 -1.10 5.61 23.76
C GLY C 194 -1.03 7.13 23.77
N LEU C 195 0.02 7.65 24.40
CA LEU C 195 0.23 9.08 24.47
C LEU C 195 0.23 9.70 23.10
N LEU C 196 0.95 9.07 22.19
CA LEU C 196 0.98 9.50 20.82
C LEU C 196 -0.43 9.59 20.26
N MET C 197 -1.22 8.55 20.53
CA MET C 197 -2.60 8.51 20.08
C MET C 197 -3.38 9.71 20.58
N LYS C 198 -3.34 9.94 21.89
CA LYS C 198 -4.04 11.09 22.48
C LYS C 198 -3.61 12.36 21.79
N LEU C 199 -2.35 12.41 21.36
CA LEU C 199 -1.88 13.57 20.64
C LEU C 199 -2.56 13.76 19.28
N GLN C 200 -2.53 12.73 18.43
CA GLN C 200 -3.20 12.89 17.14
C GLN C 200 -4.65 13.27 17.33
N ASN C 201 -5.30 12.61 18.28
CA ASN C 201 -6.69 12.88 18.54
C ASN C 201 -6.91 14.32 18.94
N LEU C 202 -5.99 14.84 19.74
CA LEU C 202 -6.13 16.19 20.26
C LEU C 202 -6.01 17.19 19.13
N CYS C 203 -4.90 17.13 18.41
CA CYS C 203 -4.65 18.09 17.36
C CYS C 203 -5.75 18.01 16.31
N THR C 204 -6.29 16.81 16.13
CA THR C 204 -7.42 16.63 15.25
C THR C 204 -8.62 17.39 15.78
N ARG C 205 -8.81 17.34 17.08
CA ARG C 205 -9.96 18.00 17.70
C ARG C 205 -9.86 19.52 17.58
N LEU C 206 -8.63 20.03 17.61
CA LEU C 206 -8.43 21.47 17.66
C LEU C 206 -8.88 22.25 16.42
N ASP C 207 -8.56 21.73 15.25
CA ASP C 207 -8.90 22.42 14.01
C ASP C 207 -10.12 21.79 13.34
N GLN C 208 -11.24 22.50 13.39
CA GLN C 208 -12.48 21.98 12.84
C GLN C 208 -12.62 22.35 11.37
N ASP C 209 -11.82 23.33 10.94
CA ASP C 209 -11.90 23.86 9.59
C ASP C 209 -10.87 23.22 8.67
N GLU C 210 -10.15 22.23 9.21
CA GLU C 210 -9.03 21.57 8.54
C GLU C 210 -8.11 22.60 7.86
N SER C 211 -7.78 23.65 8.61
CA SER C 211 -6.92 24.72 8.10
C SER C 211 -5.53 24.19 7.74
N PHE C 212 -5.22 22.99 8.22
CA PHE C 212 -3.98 22.33 7.88
C PHE C 212 -4.34 21.10 7.06
N SER C 213 -3.35 20.40 6.53
CA SER C 213 -3.60 19.21 5.73
C SER C 213 -4.10 18.06 6.59
N GLN C 214 -4.73 17.09 5.95
CA GLN C 214 -5.12 15.89 6.66
C GLN C 214 -3.98 14.90 6.54
N ARG C 215 -3.26 14.71 7.64
CA ARG C 215 -2.17 13.76 7.68
C ARG C 215 -1.88 13.46 9.15
N LEU C 216 -1.20 12.36 9.43
CA LEU C 216 -0.95 12.00 10.81
C LEU C 216 0.53 12.01 11.17
N PRO C 217 0.94 13.00 11.97
CA PRO C 217 2.32 13.09 12.45
C PRO C 217 2.75 11.86 13.22
N LEU C 218 3.90 11.30 12.89
CA LEU C 218 4.32 10.03 13.46
C LEU C 218 5.28 10.13 14.64
N ASN C 219 5.71 11.34 14.99
CA ASN C 219 6.57 11.47 16.15
C ASN C 219 5.94 12.40 17.16
N ILE C 220 6.38 12.31 18.40
CA ILE C 220 5.83 13.10 19.47
C ILE C 220 6.12 14.57 19.21
N GLU C 221 7.30 14.79 18.64
CA GLU C 221 7.84 16.12 18.40
C GLU C 221 6.95 16.96 17.52
N GLU C 222 6.66 16.47 16.31
CA GLU C 222 5.89 17.25 15.36
C GLU C 222 4.49 17.50 15.90
N ALA C 223 4.00 16.53 16.66
CA ALA C 223 2.73 16.68 17.34
C ALA C 223 2.79 17.92 18.22
N LYS C 224 3.77 17.92 19.11
CA LYS C 224 4.04 19.07 19.99
C LYS C 224 4.06 20.36 19.19
N ASP C 225 4.68 20.30 18.03
CA ASP C 225 4.85 21.46 17.18
C ASP C 225 3.51 22.02 16.74
N ARG C 226 2.72 21.16 16.11
CA ARG C 226 1.46 21.61 15.55
C ARG C 226 0.59 22.10 16.68
N LEU C 227 0.72 21.47 17.85
CA LEU C 227 0.02 21.95 19.03
C LEU C 227 0.36 23.40 19.29
N ARG C 228 1.65 23.71 19.40
CA ARG C 228 2.04 25.07 19.72
C ARG C 228 1.56 26.04 18.67
N ILE C 229 1.74 25.69 17.40
CA ILE C 229 1.35 26.57 16.32
C ILE C 229 -0.13 26.89 16.38
N LEU C 230 -0.94 25.85 16.52
CA LEU C 230 -2.39 26.04 16.59
C LEU C 230 -2.78 26.88 17.78
N MET C 231 -2.39 26.43 18.96
CA MET C 231 -2.74 27.12 20.20
C MET C 231 -2.39 28.60 20.14
N LEU C 232 -1.22 28.91 19.63
CA LEU C 232 -0.84 30.31 19.51
C LEU C 232 -1.70 31.03 18.47
N ARG C 233 -1.71 30.51 17.25
CA ARG C 233 -2.45 31.16 16.17
C ARG C 233 -3.96 30.98 16.25
N LYS C 234 -4.40 29.73 16.38
CA LYS C 234 -5.80 29.42 16.17
C LYS C 234 -6.64 29.76 17.40
N HIS C 235 -6.11 29.45 18.58
CA HIS C 235 -6.89 29.63 19.79
C HIS C 235 -6.13 30.46 20.83
N PRO C 236 -6.04 31.77 20.60
CA PRO C 236 -5.33 32.66 21.52
C PRO C 236 -6.04 32.81 22.85
N ARG C 237 -5.27 32.77 23.94
CA ARG C 237 -5.80 32.92 25.29
C ARG C 237 -6.96 31.98 25.58
N SER C 238 -6.65 30.69 25.67
CA SER C 238 -7.62 29.66 25.95
C SER C 238 -6.99 28.59 26.82
N LEU C 239 -7.74 28.09 27.80
CA LEU C 239 -7.15 27.21 28.80
C LEU C 239 -7.23 25.74 28.44
N LEU C 240 -6.08 25.08 28.48
CA LEU C 240 -5.98 23.66 28.17
C LEU C 240 -5.84 22.83 29.43
N ILE C 241 -6.85 22.03 29.74
CA ILE C 241 -6.85 21.28 30.98
C ILE C 241 -6.47 19.82 30.80
N LEU C 242 -5.50 19.37 31.57
CA LEU C 242 -5.14 17.96 31.61
C LEU C 242 -5.87 17.26 32.73
N ASP C 243 -6.16 15.98 32.55
CA ASP C 243 -6.75 15.23 33.64
C ASP C 243 -5.95 13.98 34.01
N ASP C 244 -5.62 13.87 35.29
CA ASP C 244 -4.96 12.69 35.84
C ASP C 244 -3.62 12.40 35.17
N VAL C 245 -2.61 13.23 35.45
CA VAL C 245 -1.31 13.09 34.82
C VAL C 245 -0.32 12.36 35.70
N TRP C 246 0.08 11.17 35.30
CA TRP C 246 0.95 10.33 36.12
C TRP C 246 2.45 10.56 36.09
N ASP C 247 3.05 10.74 34.92
CA ASP C 247 4.51 10.75 34.86
C ASP C 247 5.10 11.99 34.19
N SER C 248 6.39 12.23 34.43
CA SER C 248 7.05 13.44 33.96
C SER C 248 7.12 13.51 32.44
N TRP C 249 7.67 12.48 31.83
CA TRP C 249 7.86 12.48 30.38
C TRP C 249 6.53 12.50 29.67
N VAL C 250 5.48 12.10 30.37
CA VAL C 250 4.14 12.24 29.82
C VAL C 250 3.81 13.71 29.72
N LEU C 251 4.28 14.48 30.68
CA LEU C 251 3.98 15.90 30.69
C LEU C 251 4.86 16.65 29.72
N LYS C 252 6.08 16.17 29.51
CA LYS C 252 7.02 16.85 28.62
C LYS C 252 6.41 17.20 27.27
N ALA C 253 5.72 16.24 26.67
CA ALA C 253 5.19 16.40 25.33
C ALA C 253 4.23 17.57 25.21
N PHE C 254 3.26 17.64 26.12
CA PHE C 254 2.23 18.66 26.08
C PHE C 254 2.76 20.07 26.28
N ASP C 255 4.04 20.20 26.56
CA ASP C 255 4.54 21.51 26.95
C ASP C 255 5.02 22.32 25.77
N SER C 256 4.19 23.27 25.35
CA SER C 256 4.70 24.44 24.68
C SER C 256 3.88 25.65 25.07
N GLN C 257 4.50 26.60 25.77
CA GLN C 257 4.06 27.98 25.84
C GLN C 257 2.55 28.17 26.05
N CYS C 258 1.90 27.27 26.78
CA CYS C 258 0.46 27.37 26.98
C CYS C 258 0.07 27.31 28.45
N GLN C 259 -1.18 27.71 28.72
CA GLN C 259 -1.68 27.71 30.08
C GLN C 259 -2.23 26.35 30.43
N ILE C 260 -1.92 25.82 31.59
CA ILE C 260 -2.42 24.50 31.92
C ILE C 260 -2.92 24.41 33.34
N LEU C 261 -4.09 23.83 33.51
CA LEU C 261 -4.61 23.49 34.82
C LEU C 261 -4.69 22.00 34.94
N LEU C 262 -3.81 21.39 35.73
CA LEU C 262 -3.85 19.95 35.80
C LEU C 262 -4.19 19.44 37.19
N THR C 263 -4.94 18.35 37.22
CA THR C 263 -5.36 17.73 38.45
C THR C 263 -4.65 16.41 38.52
N THR C 264 -4.36 15.94 39.71
CA THR C 264 -3.60 14.70 39.84
C THR C 264 -3.40 14.22 41.24
N ARG C 265 -2.78 13.06 41.39
CA ARG C 265 -2.17 12.74 42.64
C ARG C 265 -0.66 12.64 42.45
N ASP C 266 -0.01 13.76 42.72
CA ASP C 266 1.43 13.92 42.91
C ASP C 266 1.68 15.42 42.94
N LYS C 267 2.73 15.89 43.60
CA LYS C 267 3.15 17.26 43.36
C LYS C 267 4.45 17.34 42.55
N SER C 268 5.02 16.20 42.21
CA SER C 268 6.35 16.19 41.60
C SER C 268 6.32 16.51 40.11
N VAL C 269 5.37 15.94 39.39
CA VAL C 269 5.41 15.92 37.93
C VAL C 269 5.40 17.30 37.28
N THR C 270 5.26 18.35 38.06
CA THR C 270 5.45 19.71 37.56
C THR C 270 6.94 19.95 37.48
N ASP C 271 7.67 18.89 37.79
CA ASP C 271 9.11 18.81 37.73
C ASP C 271 9.75 19.45 36.50
N SER C 272 9.53 18.85 35.33
CA SER C 272 10.37 19.14 34.18
C SER C 272 9.95 20.34 33.36
N VAL C 273 8.91 21.05 33.76
CA VAL C 273 8.45 22.17 32.96
C VAL C 273 8.98 23.51 33.46
N MET C 274 9.42 24.33 32.51
CA MET C 274 9.86 25.68 32.82
C MET C 274 8.69 26.63 33.00
N GLY C 275 8.92 27.74 33.69
CA GLY C 275 7.91 28.76 33.84
C GLY C 275 7.31 28.78 35.23
N PRO C 276 6.42 29.75 35.49
CA PRO C 276 5.83 29.94 36.81
C PRO C 276 4.94 28.78 37.20
N LYS C 277 4.84 28.50 38.49
CA LYS C 277 4.11 27.33 38.96
C LYS C 277 3.36 27.65 40.24
N TYR C 278 2.36 26.84 40.57
CA TYR C 278 1.56 27.05 41.77
C TYR C 278 1.01 25.71 42.23
N VAL C 279 0.62 25.61 43.49
CA VAL C 279 -0.08 24.41 43.96
C VAL C 279 -1.19 24.75 44.95
N VAL C 280 -2.34 24.12 44.76
CA VAL C 280 -3.42 24.25 45.72
C VAL C 280 -3.76 22.90 46.33
N PRO C 281 -3.35 22.66 47.58
CA PRO C 281 -3.67 21.33 48.12
C PRO C 281 -5.16 21.18 48.39
N VAL C 282 -5.74 20.11 47.86
CA VAL C 282 -7.14 19.78 48.08
C VAL C 282 -7.24 18.67 49.11
N GLU C 283 -6.09 18.28 49.66
CA GLU C 283 -5.97 17.04 50.43
C GLU C 283 -6.92 16.92 51.61
N SER C 284 -7.62 18.01 51.91
CA SER C 284 -8.53 18.04 53.05
C SER C 284 -9.76 17.17 52.81
N SER C 285 -10.69 17.18 53.76
CA SER C 285 -11.90 16.37 53.64
C SER C 285 -13.11 17.04 54.28
N LEU C 286 -14.29 16.56 53.92
CA LEU C 286 -15.56 17.23 54.24
C LEU C 286 -15.90 17.23 55.71
N GLY C 287 -16.80 18.14 56.08
CA GLY C 287 -17.30 18.22 57.44
C GLY C 287 -18.66 17.57 57.59
N LYS C 288 -19.12 17.44 58.83
CA LYS C 288 -20.35 16.75 59.16
C LYS C 288 -21.55 17.18 58.32
N GLU C 289 -21.73 18.50 58.26
CA GLU C 289 -22.86 19.08 57.55
C GLU C 289 -23.04 18.61 56.12
N LYS C 290 -21.99 18.77 55.31
CA LYS C 290 -22.07 18.40 53.91
C LYS C 290 -22.41 16.93 53.76
N GLY C 291 -21.79 16.09 54.57
CA GLY C 291 -22.08 14.67 54.54
C GLY C 291 -23.58 14.47 54.68
N LEU C 292 -24.11 15.08 55.74
CA LEU C 292 -25.54 15.02 55.94
C LEU C 292 -26.35 15.46 54.73
N GLU C 293 -25.93 16.54 54.06
CA GLU C 293 -26.71 16.97 52.90
C GLU C 293 -26.64 15.98 51.75
N ILE C 294 -25.48 15.35 51.56
CA ILE C 294 -25.37 14.39 50.48
C ILE C 294 -26.32 13.23 50.73
N LEU C 295 -26.22 12.62 51.91
CA LEU C 295 -27.13 11.51 52.20
C LEU C 295 -28.56 11.97 52.09
N SER C 296 -28.81 13.22 52.49
CA SER C 296 -30.14 13.79 52.39
C SER C 296 -30.65 13.72 50.98
N LEU C 297 -29.88 14.24 50.04
CA LEU C 297 -30.32 14.28 48.66
C LEU C 297 -30.41 12.89 48.05
N PHE C 298 -29.64 11.94 48.58
CA PHE C 298 -29.74 10.59 48.07
C PHE C 298 -30.96 9.82 48.53
N VAL C 299 -31.31 9.89 49.81
CA VAL C 299 -32.47 9.13 50.27
C VAL C 299 -33.75 9.97 50.30
N ASN C 300 -33.66 11.21 49.81
CA ASN C 300 -34.82 12.09 49.70
C ASN C 300 -35.52 12.38 51.02
N MET C 301 -34.87 13.11 51.90
CA MET C 301 -35.50 13.51 53.16
C MET C 301 -35.08 14.90 53.57
N LYS C 302 -35.58 15.34 54.71
CA LYS C 302 -35.02 16.50 55.39
C LYS C 302 -34.41 15.99 56.68
N LYS C 303 -33.39 16.70 57.16
CA LYS C 303 -32.51 16.19 58.20
C LYS C 303 -33.22 15.58 59.39
N ALA C 304 -34.30 16.23 59.83
CA ALA C 304 -35.05 15.76 60.98
C ALA C 304 -35.69 14.40 60.71
N ASP C 305 -35.97 14.11 59.44
CA ASP C 305 -36.62 12.88 59.07
C ASP C 305 -35.63 11.72 58.98
N LEU C 306 -34.35 12.05 59.11
CA LEU C 306 -33.31 11.04 59.06
C LEU C 306 -33.33 10.18 60.31
N PRO C 307 -33.02 8.89 60.15
CA PRO C 307 -32.82 7.97 61.28
C PRO C 307 -31.64 8.43 62.09
N GLU C 308 -31.51 7.94 63.32
CA GLU C 308 -30.42 8.38 64.18
C GLU C 308 -29.07 7.89 63.67
N GLN C 309 -29.02 6.67 63.14
CA GLN C 309 -27.77 6.06 62.76
C GLN C 309 -27.01 6.90 61.73
N ALA C 310 -27.75 7.75 61.04
CA ALA C 310 -27.16 8.68 60.09
C ALA C 310 -26.02 9.46 60.70
N HIS C 311 -26.22 10.00 61.90
CA HIS C 311 -25.15 10.74 62.53
C HIS C 311 -23.93 9.88 62.77
N SER C 312 -24.15 8.63 63.16
CA SER C 312 -23.04 7.79 63.56
C SER C 312 -22.20 7.37 62.37
N ILE C 313 -22.86 6.84 61.34
CA ILE C 313 -22.17 6.29 60.20
C ILE C 313 -21.22 7.28 59.53
N ILE C 314 -21.68 8.51 59.32
CA ILE C 314 -20.86 9.55 58.74
C ILE C 314 -19.55 9.73 59.50
N LYS C 315 -19.63 9.60 60.81
CA LYS C 315 -18.44 9.79 61.64
C LYS C 315 -17.36 8.79 61.27
N GLU C 316 -17.77 7.59 60.92
CA GLU C 316 -16.81 6.57 60.57
C GLU C 316 -16.36 6.72 59.12
N CYS C 317 -17.17 7.44 58.35
CA CYS C 317 -16.88 7.64 56.94
C CYS C 317 -15.65 8.48 56.72
N LYS C 318 -15.43 9.44 57.61
CA LYS C 318 -14.20 10.23 57.67
C LYS C 318 -13.96 11.13 56.47
N GLY C 319 -15.03 11.67 55.92
CA GLY C 319 -14.93 12.81 55.03
C GLY C 319 -14.74 12.58 53.54
N SER C 320 -14.22 11.41 53.16
CA SER C 320 -13.99 11.15 51.75
C SER C 320 -15.30 11.06 50.99
N PRO C 321 -15.52 12.01 50.08
CA PRO C 321 -16.74 12.13 49.28
C PRO C 321 -17.05 10.85 48.56
N LEU C 322 -16.02 10.05 48.29
CA LEU C 322 -16.24 8.74 47.73
C LEU C 322 -17.15 7.92 48.62
N VAL C 323 -16.67 7.56 49.80
CA VAL C 323 -17.37 6.63 50.65
C VAL C 323 -18.78 7.12 50.99
N VAL C 324 -18.90 8.42 51.25
CA VAL C 324 -20.22 9.03 51.37
C VAL C 324 -21.05 8.70 50.14
N SER C 325 -20.54 9.00 48.95
CA SER C 325 -21.27 8.74 47.72
C SER C 325 -21.70 7.29 47.64
N LEU C 326 -20.88 6.39 48.16
CA LEU C 326 -21.27 4.98 48.18
C LEU C 326 -22.45 4.69 49.05
N ILE C 327 -22.34 5.04 50.32
CA ILE C 327 -23.42 4.72 51.22
C ILE C 327 -24.69 5.37 50.73
N GLY C 328 -24.58 6.60 50.28
CA GLY C 328 -25.71 7.30 49.74
C GLY C 328 -26.23 6.69 48.45
N ALA C 329 -25.40 5.90 47.78
CA ALA C 329 -25.84 5.21 46.59
C ALA C 329 -26.61 3.95 46.94
N LEU C 330 -26.10 3.20 47.91
CA LEU C 330 -26.70 1.92 48.26
C LEU C 330 -27.99 2.09 49.03
N LEU C 331 -28.04 3.07 49.92
CA LEU C 331 -29.25 3.27 50.71
C LEU C 331 -30.39 3.73 49.83
N ARG C 332 -30.08 4.06 48.59
CA ARG C 332 -31.08 4.49 47.64
C ARG C 332 -31.89 3.29 47.18
N ASP C 333 -31.23 2.15 47.08
CA ASP C 333 -31.90 0.92 46.66
C ASP C 333 -32.66 0.22 47.79
N PHE C 334 -32.01 0.07 48.93
CA PHE C 334 -32.52 -0.81 49.97
C PHE C 334 -32.81 0.00 51.21
N PRO C 335 -33.88 0.80 51.17
CA PRO C 335 -34.12 1.90 52.12
C PRO C 335 -33.89 1.53 53.57
N ASN C 336 -34.13 0.29 53.97
CA ASN C 336 -33.52 -0.11 55.24
C ASN C 336 -32.52 -1.24 55.09
N ARG C 337 -31.25 -0.89 54.96
CA ARG C 337 -30.14 -1.70 55.43
C ARG C 337 -29.35 -1.03 56.55
N TRP C 338 -29.83 0.13 57.01
CA TRP C 338 -29.03 1.05 57.82
C TRP C 338 -28.18 0.41 58.89
N GLU C 339 -28.75 -0.51 59.65
CA GLU C 339 -27.96 -1.16 60.67
C GLU C 339 -26.83 -1.96 60.05
N TYR C 340 -27.13 -2.63 58.94
CA TYR C 340 -26.17 -3.52 58.30
C TYR C 340 -24.90 -2.77 57.95
N TYR C 341 -25.06 -1.60 57.33
CA TYR C 341 -23.88 -0.82 56.97
C TYR C 341 -23.26 -0.14 58.18
N LEU C 342 -24.08 0.26 59.14
CA LEU C 342 -23.51 0.90 60.31
C LEU C 342 -22.55 -0.04 61.02
N LYS C 343 -22.85 -1.33 61.04
CA LYS C 343 -21.92 -2.28 61.61
C LYS C 343 -20.81 -2.65 60.64
N GLN C 344 -21.17 -2.86 59.37
CA GLN C 344 -20.20 -3.37 58.40
C GLN C 344 -19.11 -2.36 58.10
N LEU C 345 -19.41 -1.09 58.28
CA LEU C 345 -18.45 -0.02 58.05
C LEU C 345 -17.56 0.10 59.28
N GLN C 346 -18.06 -0.40 60.41
CA GLN C 346 -17.33 -0.36 61.66
C GLN C 346 -16.19 -1.38 61.62
N ASN C 347 -16.53 -2.64 61.41
CA ASN C 347 -15.52 -3.70 61.34
C ASN C 347 -14.43 -3.40 60.32
N LYS C 348 -14.58 -2.27 59.63
CA LYS C 348 -13.47 -1.65 58.92
C LYS C 348 -13.19 -2.28 57.57
N GLN C 349 -13.90 -3.35 57.23
CA GLN C 349 -13.68 -3.96 55.94
C GLN C 349 -14.46 -3.26 54.83
N PHE C 350 -13.75 -2.78 53.82
CA PHE C 350 -14.37 -2.04 52.73
C PHE C 350 -14.65 -2.89 51.51
N LYS C 351 -14.26 -4.15 51.53
CA LYS C 351 -14.52 -5.06 50.42
C LYS C 351 -16.01 -5.24 50.19
N ARG C 352 -16.78 -5.16 51.28
CA ARG C 352 -18.19 -5.44 51.23
C ARG C 352 -18.94 -4.36 50.45
N ILE C 353 -18.32 -3.19 50.35
CA ILE C 353 -18.94 -2.10 49.61
C ILE C 353 -18.52 -2.10 48.15
N ARG C 354 -19.48 -2.24 47.25
CA ARG C 354 -19.21 -2.14 45.83
C ARG C 354 -20.32 -1.40 45.11
N LYS C 355 -19.96 -0.58 44.13
CA LYS C 355 -20.94 0.07 43.29
C LYS C 355 -20.26 0.51 42.00
N SER C 356 -21.04 0.77 40.97
CA SER C 356 -20.51 1.34 39.75
C SER C 356 -21.13 2.71 39.53
N SER C 357 -20.34 3.63 38.98
CA SER C 357 -20.80 5.00 38.77
C SER C 357 -19.88 5.74 37.85
N SER C 358 -20.10 7.04 37.73
CA SER C 358 -19.24 7.90 36.91
C SER C 358 -17.78 7.67 37.23
N TYR C 359 -17.51 7.40 38.51
CA TYR C 359 -16.17 7.19 38.99
C TYR C 359 -15.60 5.95 38.30
N ASP C 360 -14.29 5.88 38.17
CA ASP C 360 -13.68 4.84 37.35
C ASP C 360 -13.52 3.48 38.03
N TYR C 361 -13.54 3.45 39.34
CA TYR C 361 -13.32 2.19 40.03
C TYR C 361 -14.53 1.82 40.87
N GLU C 362 -14.71 0.54 41.11
CA GLU C 362 -15.83 0.07 41.89
C GLU C 362 -15.79 0.57 43.32
N ALA C 363 -14.74 0.22 44.05
CA ALA C 363 -14.72 0.45 45.49
C ALA C 363 -13.49 1.22 45.92
N LEU C 364 -13.53 1.72 47.15
CA LEU C 364 -12.44 2.50 47.69
C LEU C 364 -11.09 1.81 47.56
N ASP C 365 -11.06 0.54 47.96
CA ASP C 365 -9.83 -0.22 47.99
C ASP C 365 -9.03 -0.12 46.70
N GLU C 366 -9.74 -0.13 45.57
CA GLU C 366 -9.11 -0.10 44.27
C GLU C 366 -8.20 1.10 44.08
N ALA C 367 -8.74 2.29 44.37
CA ALA C 367 -7.98 3.53 44.17
C ALA C 367 -6.62 3.46 44.84
N MET C 368 -6.64 3.14 46.13
CA MET C 368 -5.43 3.00 46.90
C MET C 368 -4.55 1.98 46.21
N SER C 369 -5.15 0.85 45.86
CA SER C 369 -4.41 -0.25 45.25
C SER C 369 -3.71 0.20 43.98
N ILE C 370 -4.29 1.15 43.27
CA ILE C 370 -3.62 1.66 42.09
C ILE C 370 -2.46 2.54 42.47
N SER C 371 -2.70 3.47 43.39
CA SER C 371 -1.65 4.40 43.77
C SER C 371 -0.41 3.68 44.27
N VAL C 372 -0.62 2.55 44.95
CA VAL C 372 0.49 1.79 45.50
C VAL C 372 1.41 1.18 44.46
N GLU C 373 0.84 0.65 43.39
CA GLU C 373 1.60 -0.16 42.44
C GLU C 373 2.63 0.61 41.63
N MET C 374 2.42 1.89 41.44
CA MET C 374 3.30 2.68 40.57
C MET C 374 4.67 2.94 41.17
N LEU C 375 4.88 2.55 42.42
CA LEU C 375 6.16 2.78 43.07
C LEU C 375 7.26 1.91 42.47
N ARG C 376 8.50 2.32 42.69
CA ARG C 376 9.66 1.56 42.22
C ARG C 376 9.74 0.22 42.92
N GLU C 377 10.47 -0.72 42.32
CA GLU C 377 10.64 -2.02 42.93
C GLU C 377 11.45 -1.93 44.19
N ASP C 378 12.33 -0.93 44.24
CA ASP C 378 13.21 -0.75 45.37
C ASP C 378 12.44 -0.43 46.65
N ILE C 379 11.55 0.55 46.56
CA ILE C 379 10.93 1.13 47.74
C ILE C 379 9.76 0.34 48.31
N LYS C 380 9.08 -0.40 47.47
CA LYS C 380 7.83 -1.09 47.70
C LYS C 380 7.85 -1.89 48.99
N ASP C 381 9.04 -2.35 49.38
CA ASP C 381 9.17 -3.06 50.63
C ASP C 381 9.17 -2.06 51.78
N TYR C 382 9.93 -0.99 51.63
CA TYR C 382 10.04 0.01 52.68
C TYR C 382 8.68 0.58 53.04
N TYR C 383 7.76 0.59 52.10
CA TYR C 383 6.46 1.16 52.39
C TYR C 383 5.73 0.29 53.39
N THR C 384 5.71 -1.01 53.11
CA THR C 384 4.99 -1.97 53.93
C THR C 384 5.29 -1.84 55.41
N ASP C 385 6.56 -1.60 55.72
CA ASP C 385 7.01 -1.47 57.10
C ASP C 385 6.22 -0.42 57.84
N LEU C 386 5.73 0.58 57.12
CA LEU C 386 5.15 1.75 57.75
C LEU C 386 3.77 1.42 58.31
N SER C 387 3.27 0.23 58.02
CA SER C 387 1.95 -0.19 58.46
C SER C 387 1.80 -0.24 59.98
N ILE C 388 2.90 -0.17 60.69
CA ILE C 388 2.90 -0.33 62.14
C ILE C 388 2.27 0.85 62.89
N LEU C 389 2.10 1.97 62.20
CA LEU C 389 1.60 3.19 62.84
C LEU C 389 0.15 3.03 63.26
N GLN C 390 -0.22 3.75 64.31
CA GLN C 390 -1.58 3.71 64.82
C GLN C 390 -2.23 4.95 64.28
N LYS C 391 -3.48 4.84 63.85
CA LYS C 391 -4.13 6.01 63.29
C LYS C 391 -4.12 7.10 64.34
N ASP C 392 -3.72 8.29 63.94
CA ASP C 392 -3.62 9.44 64.83
C ASP C 392 -2.34 9.49 65.66
N VAL C 393 -1.39 8.58 65.45
CA VAL C 393 -0.19 8.66 66.24
C VAL C 393 0.93 9.28 65.42
N LYS C 394 1.27 10.52 65.76
CA LYS C 394 2.35 11.18 65.08
C LYS C 394 3.66 10.58 65.55
N VAL C 395 4.58 10.34 64.62
CA VAL C 395 5.85 9.78 64.99
C VAL C 395 6.95 10.78 64.71
N PRO C 396 8.00 10.77 65.53
CA PRO C 396 9.19 11.53 65.16
C PRO C 396 9.93 10.76 64.10
N THR C 397 11.01 11.31 63.57
CA THR C 397 11.70 10.67 62.48
C THR C 397 12.58 9.54 62.97
N LYS C 398 13.23 9.78 64.11
CA LYS C 398 14.26 8.91 64.64
C LYS C 398 13.87 7.45 64.70
N VAL C 399 12.65 7.17 65.15
CA VAL C 399 12.20 5.79 65.29
C VAL C 399 12.30 5.03 63.98
N LEU C 400 12.07 5.74 62.88
CA LEU C 400 12.16 5.12 61.58
C LEU C 400 13.63 4.85 61.24
N CYS C 401 14.50 5.73 61.69
CA CYS C 401 15.92 5.51 61.52
C CYS C 401 16.28 4.21 62.21
N ILE C 402 15.73 4.03 63.40
CA ILE C 402 15.91 2.81 64.15
C ILE C 402 15.41 1.62 63.34
N LEU C 403 14.29 1.79 62.67
CA LEU C 403 13.71 0.68 61.93
C LEU C 403 14.55 0.28 60.72
N TRP C 404 14.87 1.23 59.85
CA TRP C 404 15.62 0.87 58.65
C TRP C 404 17.12 0.88 58.86
N ASP C 405 17.57 1.21 60.07
CA ASP C 405 18.98 1.16 60.42
C ASP C 405 19.87 2.02 59.53
N MET C 406 19.55 3.31 59.41
CA MET C 406 20.37 4.21 58.61
C MET C 406 20.25 5.67 59.03
N GLU C 407 21.18 6.48 58.51
CA GLU C 407 21.32 7.88 58.88
C GLU C 407 20.02 8.67 58.69
N THR C 408 19.84 9.69 59.53
CA THR C 408 18.67 10.54 59.54
C THR C 408 18.21 11.04 58.17
N GLU C 409 19.01 11.89 57.56
CA GLU C 409 18.61 12.53 56.31
C GLU C 409 18.29 11.50 55.25
N GLU C 410 19.14 10.47 55.20
CA GLU C 410 18.94 9.35 54.28
C GLU C 410 17.52 8.82 54.34
N VAL C 411 16.96 8.76 55.53
CA VAL C 411 15.58 8.35 55.71
C VAL C 411 14.63 9.45 55.28
N GLU C 412 14.93 10.65 55.74
CA GLU C 412 14.03 11.78 55.54
C GLU C 412 13.73 12.01 54.06
N ASP C 413 14.66 11.64 53.20
CA ASP C 413 14.45 11.79 51.77
C ASP C 413 13.39 10.82 51.25
N ILE C 414 13.54 9.54 51.56
CA ILE C 414 12.56 8.55 51.17
C ILE C 414 11.19 8.96 51.67
N LEU C 415 11.13 9.31 52.94
CA LEU C 415 9.86 9.75 53.50
C LEU C 415 9.27 10.89 52.68
N GLN C 416 10.13 11.82 52.28
CA GLN C 416 9.68 12.93 51.47
C GLN C 416 9.08 12.44 50.16
N GLU C 417 9.68 11.40 49.59
CA GLU C 417 9.13 10.80 48.39
C GLU C 417 7.72 10.28 48.64
N PHE C 418 7.51 9.58 49.75
CA PHE C 418 6.16 9.20 50.10
C PHE C 418 5.23 10.38 50.25
N VAL C 419 5.75 11.52 50.69
CA VAL C 419 4.90 12.69 50.77
C VAL C 419 4.51 13.13 49.37
N ASN C 420 5.46 13.05 48.45
CA ASN C 420 5.21 13.43 47.07
C ASN C 420 4.11 12.58 46.46
N LYS C 421 4.19 11.27 46.64
CA LYS C 421 3.16 10.38 46.12
C LYS C 421 1.85 10.47 46.90
N SER C 422 1.84 11.27 47.96
CA SER C 422 0.65 11.48 48.78
C SER C 422 0.18 10.22 49.47
N LEU C 423 1.12 9.39 49.90
CA LEU C 423 0.81 8.24 50.73
C LEU C 423 0.96 8.55 52.20
N LEU C 424 1.54 9.70 52.51
CA LEU C 424 1.92 10.00 53.87
C LEU C 424 1.96 11.49 54.12
N PHE C 425 1.60 11.94 55.31
CA PHE C 425 1.57 13.37 55.53
C PHE C 425 2.62 13.83 56.51
N CYS C 426 3.08 15.06 56.31
CA CYS C 426 4.22 15.58 57.04
C CYS C 426 3.92 16.94 57.65
N ASP C 427 4.08 17.02 58.96
CA ASP C 427 3.91 18.26 59.69
C ASP C 427 5.26 18.82 60.11
N ARG C 428 5.43 20.13 59.93
CA ARG C 428 6.71 20.76 60.19
C ARG C 428 6.66 21.69 61.39
N ASN C 429 7.29 21.27 62.47
CA ASN C 429 7.42 22.09 63.65
C ASN C 429 8.70 21.72 64.40
N GLY C 430 9.35 22.72 64.98
CA GLY C 430 10.65 22.49 65.58
C GLY C 430 11.62 22.11 64.50
N LYS C 431 12.74 21.49 64.87
CA LYS C 431 13.68 21.04 63.86
C LYS C 431 13.23 19.72 63.26
N SER C 432 12.75 18.82 64.10
CA SER C 432 12.38 17.48 63.65
C SER C 432 11.02 17.48 62.96
N PHE C 433 10.97 16.94 61.75
CA PHE C 433 9.70 16.76 61.08
C PHE C 433 8.87 15.69 61.76
N ARG C 434 7.57 15.71 61.50
CA ARG C 434 6.66 14.78 62.15
C ARG C 434 5.72 14.13 61.15
N TYR C 435 5.83 12.82 60.98
CA TYR C 435 5.08 12.14 59.95
C TYR C 435 3.89 11.36 60.49
N TYR C 436 2.80 11.34 59.75
CA TYR C 436 1.65 10.52 60.13
C TYR C 436 0.77 10.18 58.97
N LEU C 437 -0.04 9.13 59.13
CA LEU C 437 -0.93 8.70 58.07
C LEU C 437 -2.30 9.30 58.17
N HIS C 438 -3.12 8.96 57.19
CA HIS C 438 -4.53 9.27 57.22
C HIS C 438 -5.25 7.95 57.43
N ASP C 439 -6.39 8.00 58.10
CA ASP C 439 -7.07 6.81 58.59
C ASP C 439 -7.30 5.73 57.54
N LEU C 440 -7.95 6.13 56.46
CA LEU C 440 -8.35 5.18 55.43
C LEU C 440 -7.18 4.36 54.97
N GLN C 441 -6.06 5.03 54.76
CA GLN C 441 -4.85 4.35 54.34
C GLN C 441 -4.42 3.33 55.37
N VAL C 442 -4.59 3.68 56.64
CA VAL C 442 -4.19 2.78 57.71
C VAL C 442 -5.00 1.51 57.64
N ASP C 443 -6.31 1.66 57.58
CA ASP C 443 -7.18 0.49 57.53
C ASP C 443 -6.88 -0.34 56.28
N PHE C 444 -6.60 0.37 55.20
CA PHE C 444 -6.23 -0.30 53.96
C PHE C 444 -5.02 -1.20 54.16
N LEU C 445 -3.95 -0.64 54.70
CA LEU C 445 -2.75 -1.44 54.92
C LEU C 445 -3.00 -2.55 55.91
N THR C 446 -3.90 -2.29 56.85
CA THR C 446 -4.30 -3.29 57.82
C THR C 446 -4.86 -4.50 57.09
N GLU C 447 -5.66 -4.24 56.07
CA GLU C 447 -6.27 -5.35 55.33
C GLU C 447 -5.30 -6.00 54.36
N LYS C 448 -4.48 -5.19 53.70
CA LYS C 448 -3.57 -5.70 52.67
C LYS C 448 -2.52 -6.63 53.24
N ASN C 449 -1.82 -6.18 54.28
CA ASN C 449 -0.83 -7.01 54.93
C ASN C 449 -1.27 -7.39 56.33
N CYS C 450 -1.55 -8.68 56.52
CA CYS C 450 -2.03 -9.16 57.80
C CYS C 450 -1.01 -10.07 58.46
N SER C 451 -0.71 -11.18 57.79
CA SER C 451 0.16 -12.22 58.34
C SER C 451 1.55 -11.73 58.73
N GLN C 452 1.94 -10.57 58.23
CA GLN C 452 3.30 -10.09 58.43
C GLN C 452 3.46 -9.18 59.63
N LEU C 453 2.38 -8.98 60.39
CA LEU C 453 2.43 -8.12 61.57
C LEU C 453 3.49 -8.55 62.58
N GLN C 454 3.42 -9.82 62.97
CA GLN C 454 4.35 -10.38 63.95
C GLN C 454 5.78 -10.07 63.58
N ASP C 455 6.11 -10.35 62.33
CA ASP C 455 7.43 -10.11 61.80
C ASP C 455 7.87 -8.69 62.10
N LEU C 456 6.98 -7.75 61.78
CA LEU C 456 7.29 -6.33 61.89
C LEU C 456 7.52 -5.92 63.33
N HIS C 457 6.57 -6.26 64.19
CA HIS C 457 6.68 -5.86 65.59
C HIS C 457 7.92 -6.44 66.24
N LYS C 458 8.14 -7.74 66.07
CA LYS C 458 9.31 -8.37 66.65
C LYS C 458 10.57 -7.77 66.05
N LYS C 459 10.47 -7.31 64.81
CA LYS C 459 11.58 -6.65 64.14
C LYS C 459 11.95 -5.35 64.85
N ILE C 460 10.97 -4.47 65.04
CA ILE C 460 11.27 -3.18 65.64
C ILE C 460 11.71 -3.36 67.08
N ILE C 461 11.16 -4.35 67.76
CA ILE C 461 11.57 -4.61 69.14
C ILE C 461 13.01 -5.05 69.20
N THR C 462 13.33 -6.07 68.40
CA THR C 462 14.70 -6.58 68.29
C THR C 462 15.67 -5.44 68.03
N GLN C 463 15.32 -4.60 67.07
CA GLN C 463 16.14 -3.43 66.76
C GLN C 463 16.31 -2.54 67.98
N PHE C 464 15.22 -2.30 68.69
CA PHE C 464 15.23 -1.40 69.81
C PHE C 464 16.18 -1.89 70.89
N GLN C 465 16.11 -3.19 71.18
CA GLN C 465 17.03 -3.79 72.14
C GLN C 465 18.46 -3.68 71.65
N ARG C 466 18.66 -3.98 70.38
CA ARG C 466 19.99 -4.00 69.80
C ARG C 466 20.63 -2.61 69.86
N TYR C 467 19.81 -1.57 69.92
CA TYR C 467 20.37 -0.24 70.11
C TYR C 467 20.28 0.26 71.53
N HIS C 468 19.08 0.64 71.97
CA HIS C 468 18.94 1.21 73.30
C HIS C 468 18.71 0.17 74.37
N GLN C 469 18.58 0.63 75.60
CA GLN C 469 18.27 -0.24 76.73
C GLN C 469 16.93 0.16 77.33
N PRO C 470 16.18 -0.82 77.84
CA PRO C 470 14.84 -0.56 78.36
C PRO C 470 14.80 0.45 79.50
N HIS C 471 15.70 0.32 80.47
CA HIS C 471 15.73 1.24 81.59
C HIS C 471 16.68 2.40 81.35
N THR C 472 17.29 2.43 80.17
CA THR C 472 18.17 3.53 79.84
C THR C 472 17.61 4.37 78.71
N LEU C 473 17.10 5.54 79.07
CA LEU C 473 16.57 6.48 78.09
C LEU C 473 16.92 7.90 78.49
N SER C 474 17.29 8.70 77.49
CA SER C 474 17.53 10.11 77.71
C SER C 474 16.27 10.89 77.39
N PRO C 475 15.67 11.50 78.42
CA PRO C 475 14.49 12.36 78.24
C PRO C 475 14.80 13.55 77.35
N ASP C 476 16.09 13.80 77.15
CA ASP C 476 16.55 14.88 76.28
C ASP C 476 16.53 14.48 74.81
N GLN C 477 16.33 13.20 74.54
CA GLN C 477 16.28 12.75 73.16
C GLN C 477 14.99 13.19 72.50
N GLU C 478 14.87 12.95 71.22
CA GLU C 478 13.68 13.35 70.49
C GLU C 478 12.67 12.22 70.36
N ASP C 479 13.10 11.00 70.62
CA ASP C 479 12.24 9.85 70.44
C ASP C 479 11.63 9.28 71.73
N CYS C 480 11.99 9.85 72.87
CA CYS C 480 11.64 9.27 74.15
C CYS C 480 10.14 9.03 74.32
N MET C 481 9.37 10.10 74.18
CA MET C 481 7.95 10.09 74.44
C MET C 481 7.24 8.94 73.74
N TYR C 482 7.51 8.82 72.46
CA TYR C 482 6.91 7.77 71.67
C TYR C 482 7.23 6.40 72.25
N TRP C 483 8.48 6.18 72.59
CA TRP C 483 8.85 4.89 73.15
C TRP C 483 8.07 4.61 74.40
N TYR C 484 8.13 5.53 75.36
CA TYR C 484 7.39 5.35 76.61
C TYR C 484 5.93 5.00 76.37
N ASN C 485 5.27 5.74 75.50
CA ASN C 485 3.86 5.45 75.29
C ASN C 485 3.60 4.10 74.63
N PHE C 486 4.16 3.89 73.45
CA PHE C 486 3.69 2.76 72.64
C PHE C 486 4.54 1.50 72.67
N LEU C 487 5.65 1.51 73.42
CA LEU C 487 6.52 0.34 73.44
C LEU C 487 5.79 -0.89 73.94
N ALA C 488 4.99 -0.69 74.99
CA ALA C 488 4.15 -1.75 75.52
C ALA C 488 3.29 -2.33 74.42
N TYR C 489 2.64 -1.46 73.66
CA TYR C 489 1.82 -1.88 72.54
C TYR C 489 2.59 -2.73 71.56
N HIS C 490 3.70 -2.20 71.05
CA HIS C 490 4.49 -2.93 70.07
C HIS C 490 4.91 -4.30 70.58
N MET C 491 5.11 -4.40 71.89
CA MET C 491 5.36 -5.71 72.47
C MET C 491 4.11 -6.57 72.42
N ALA C 492 2.96 -5.95 72.70
CA ALA C 492 1.71 -6.69 72.80
C ALA C 492 1.32 -7.31 71.47
N SER C 493 1.36 -6.52 70.40
CA SER C 493 1.01 -7.02 69.08
C SER C 493 1.98 -8.11 68.65
N ALA C 494 3.17 -8.10 69.23
CA ALA C 494 4.16 -9.13 68.93
C ALA C 494 3.81 -10.42 69.65
N LYS C 495 2.81 -10.35 70.52
CA LYS C 495 2.37 -11.49 71.32
C LYS C 495 3.48 -12.09 72.14
N MET C 496 4.48 -11.28 72.49
CA MET C 496 5.56 -11.76 73.33
C MET C 496 5.36 -11.26 74.75
N HIS C 497 4.98 -12.16 75.64
CA HIS C 497 4.70 -11.79 77.02
C HIS C 497 5.96 -11.85 77.89
N LYS C 498 7.00 -12.51 77.39
CA LYS C 498 8.18 -12.71 78.20
C LYS C 498 8.93 -11.41 78.40
N GLU C 499 9.28 -10.77 77.29
CA GLU C 499 9.92 -9.48 77.34
C GLU C 499 8.92 -8.46 77.89
N LEU C 500 7.65 -8.73 77.69
CA LEU C 500 6.58 -7.91 78.22
C LEU C 500 6.61 -7.89 79.73
N CYS C 501 6.51 -9.08 80.32
CA CYS C 501 6.56 -9.22 81.76
C CYS C 501 7.85 -8.65 82.30
N ALA C 502 8.93 -8.86 81.54
CA ALA C 502 10.23 -8.33 81.90
C ALA C 502 10.19 -6.81 82.05
N LEU C 503 9.59 -6.15 81.08
CA LEU C 503 9.52 -4.69 81.10
C LEU C 503 8.56 -4.13 82.13
N MET C 504 7.31 -4.57 82.08
CA MET C 504 6.26 -3.93 82.85
C MET C 504 6.41 -4.16 84.34
N PHE C 505 6.65 -5.41 84.73
CA PHE C 505 6.68 -5.78 86.13
C PHE C 505 7.85 -5.14 86.86
N SER C 506 8.84 -4.67 86.09
CA SER C 506 9.97 -3.95 86.64
C SER C 506 9.50 -2.68 87.33
N LEU C 507 10.08 -2.39 88.49
CA LEU C 507 9.64 -1.25 89.28
C LEU C 507 10.19 0.08 88.78
N ASP C 508 11.47 0.09 88.40
CA ASP C 508 12.10 1.33 87.96
C ASP C 508 11.43 1.88 86.71
N TRP C 509 11.04 0.99 85.81
CA TRP C 509 10.30 1.39 84.63
C TRP C 509 9.06 2.17 85.03
N ILE C 510 8.36 1.62 86.01
CA ILE C 510 7.18 2.26 86.56
C ILE C 510 7.54 3.63 87.11
N LYS C 511 8.62 3.69 87.86
CA LYS C 511 9.07 4.93 88.46
C LYS C 511 9.27 6.02 87.41
N ALA C 512 10.12 5.73 86.43
CA ALA C 512 10.45 6.67 85.38
C ALA C 512 9.20 7.14 84.65
N LYS C 513 8.39 6.17 84.21
CA LYS C 513 7.18 6.48 83.48
C LYS C 513 6.29 7.41 84.28
N THR C 514 5.94 6.99 85.49
CA THR C 514 5.09 7.77 86.38
C THR C 514 5.59 9.18 86.58
N GLU C 515 6.90 9.30 86.84
CA GLU C 515 7.49 10.62 87.02
C GLU C 515 7.27 11.48 85.79
N LEU C 516 7.53 10.91 84.62
CA LEU C 516 7.39 11.67 83.39
C LEU C 516 5.93 11.78 82.94
N VAL C 517 5.22 10.66 83.02
CA VAL C 517 3.88 10.58 82.45
C VAL C 517 2.78 10.74 83.49
N GLY C 518 2.77 9.85 84.47
CA GLY C 518 1.65 9.71 85.37
C GLY C 518 0.95 8.38 85.13
N PRO C 519 0.23 7.89 86.15
CA PRO C 519 -0.25 6.51 86.27
C PRO C 519 -1.29 6.10 85.23
N ALA C 520 -2.21 7.00 84.91
CA ALA C 520 -3.42 6.68 84.17
C ALA C 520 -3.15 5.87 82.91
N HIS C 521 -2.27 6.39 82.07
CA HIS C 521 -1.89 5.71 80.84
C HIS C 521 -1.47 4.28 81.10
N LEU C 522 -0.59 4.12 82.07
CA LEU C 522 -0.04 2.82 82.41
C LEU C 522 -1.15 1.86 82.85
N ILE C 523 -2.02 2.36 83.72
CA ILE C 523 -3.18 1.60 84.16
C ILE C 523 -3.95 1.07 82.97
N HIS C 524 -4.28 1.98 82.07
CA HIS C 524 -4.99 1.65 80.84
C HIS C 524 -4.27 0.53 80.11
N GLU C 525 -2.95 0.62 80.04
CA GLU C 525 -2.18 -0.41 79.35
C GLU C 525 -2.32 -1.77 80.01
N PHE C 526 -2.27 -1.80 81.34
CA PHE C 526 -2.54 -3.05 82.05
C PHE C 526 -3.90 -3.63 81.69
N VAL C 527 -4.94 -2.81 81.90
CA VAL C 527 -6.31 -3.23 81.67
C VAL C 527 -6.49 -3.80 80.27
N GLU C 528 -5.88 -3.14 79.30
CA GLU C 528 -5.96 -3.60 77.92
C GLU C 528 -5.23 -4.90 77.70
N TYR C 529 -3.95 -4.94 78.05
CA TYR C 529 -3.08 -6.02 77.61
C TYR C 529 -3.14 -7.25 78.51
N ARG C 530 -3.98 -7.17 79.55
CA ARG C 530 -4.08 -8.25 80.53
C ARG C 530 -4.40 -9.61 79.89
N HIS C 531 -5.01 -9.57 78.71
CA HIS C 531 -5.46 -10.79 78.03
C HIS C 531 -4.32 -11.75 77.72
N ILE C 532 -3.29 -11.25 77.04
CA ILE C 532 -2.20 -12.09 76.57
C ILE C 532 -1.44 -12.70 77.75
N LEU C 533 -1.49 -12.00 78.88
CA LEU C 533 -0.85 -12.46 80.10
C LEU C 533 -1.42 -13.78 80.57
N ASP C 534 -0.60 -14.59 81.25
CA ASP C 534 -1.04 -15.90 81.71
C ASP C 534 -1.96 -15.81 82.92
N GLU C 535 -2.43 -16.97 83.37
CA GLU C 535 -3.37 -17.03 84.48
C GLU C 535 -2.72 -16.52 85.76
N LYS C 536 -1.52 -17.02 86.05
CA LYS C 536 -0.75 -16.56 87.19
C LYS C 536 -0.42 -15.08 87.05
N ASP C 537 -0.18 -14.67 85.82
CA ASP C 537 0.16 -13.28 85.52
C ASP C 537 -0.97 -12.35 85.90
N CYS C 538 -2.20 -12.82 85.71
CA CYS C 538 -3.40 -12.03 85.99
C CYS C 538 -3.40 -11.51 87.41
N ALA C 539 -2.94 -12.33 88.35
CA ALA C 539 -2.90 -11.95 89.75
C ALA C 539 -1.99 -10.73 89.94
N VAL C 540 -0.78 -10.84 89.43
CA VAL C 540 0.22 -9.77 89.53
C VAL C 540 -0.29 -8.49 88.91
N SER C 541 -0.71 -8.61 87.65
CA SER C 541 -1.25 -7.51 86.88
C SER C 541 -2.33 -6.81 87.69
N GLU C 542 -3.23 -7.61 88.24
CA GLU C 542 -4.30 -7.10 89.09
C GLU C 542 -3.76 -6.31 90.26
N ASN C 543 -2.82 -6.91 90.99
CA ASN C 543 -2.19 -6.27 92.13
C ASN C 543 -1.74 -4.87 91.76
N PHE C 544 -1.14 -4.74 90.59
CA PHE C 544 -0.82 -3.41 90.09
C PHE C 544 -2.07 -2.58 89.81
N GLN C 545 -3.08 -3.21 89.23
CA GLN C 545 -4.30 -2.52 88.81
C GLN C 545 -4.91 -1.76 89.98
N GLU C 546 -4.97 -2.40 91.14
CA GLU C 546 -5.42 -1.67 92.32
C GLU C 546 -4.31 -0.78 92.88
N PHE C 547 -3.06 -1.22 92.75
CA PHE C 547 -1.94 -0.48 93.32
C PHE C 547 -1.90 0.96 92.84
N LEU C 548 -1.84 1.13 91.52
CA LEU C 548 -1.76 2.44 90.92
C LEU C 548 -3.03 3.24 91.15
N SER C 549 -4.17 2.57 91.07
CA SER C 549 -5.46 3.23 91.24
C SER C 549 -5.57 3.83 92.63
N LEU C 550 -4.98 3.16 93.61
CA LEU C 550 -4.99 3.66 94.98
C LEU C 550 -3.92 4.73 95.19
N ASN C 551 -2.78 4.56 94.53
CA ASN C 551 -1.67 5.48 94.71
C ASN C 551 -1.78 6.72 93.83
N GLY C 552 -2.87 6.79 93.07
CA GLY C 552 -3.03 7.79 92.03
C GLY C 552 -2.81 9.24 92.44
N HIS C 553 -3.15 9.58 93.66
CA HIS C 553 -3.02 10.97 94.12
C HIS C 553 -1.59 11.32 94.46
N LEU C 554 -0.84 10.34 94.96
CA LEU C 554 0.54 10.58 95.38
C LEU C 554 1.52 10.61 94.20
N LEU C 555 1.42 9.62 93.34
CA LEU C 555 2.44 9.37 92.32
C LEU C 555 2.56 10.46 91.27
N GLY C 556 3.74 10.52 90.65
CA GLY C 556 3.97 11.35 89.49
C GLY C 556 4.01 12.83 89.78
N ARG C 557 3.66 13.21 91.00
CA ARG C 557 3.63 14.61 91.37
C ARG C 557 4.70 14.88 92.40
N GLN C 558 5.78 15.54 91.97
CA GLN C 558 6.92 15.73 92.84
C GLN C 558 6.85 17.04 93.63
N PRO C 559 7.40 17.08 94.85
CA PRO C 559 8.31 16.16 95.57
C PRO C 559 7.87 14.69 95.56
N PHE C 560 8.83 13.81 95.33
CA PHE C 560 8.51 12.45 94.90
C PHE C 560 9.08 11.43 95.87
N PRO C 561 8.31 10.37 96.16
CA PRO C 561 8.69 9.35 97.14
C PRO C 561 9.46 8.18 96.55
N ASN C 562 9.83 7.23 97.40
CA ASN C 562 10.48 6.01 96.93
C ASN C 562 9.45 4.98 96.49
N ILE C 563 9.76 4.24 95.43
CA ILE C 563 8.89 3.19 94.96
C ILE C 563 8.85 2.06 95.99
N VAL C 564 10.03 1.64 96.42
CA VAL C 564 10.19 0.52 97.33
C VAL C 564 9.33 0.67 98.58
N GLN C 565 9.48 1.79 99.26
CA GLN C 565 8.82 2.01 100.54
C GLN C 565 7.30 1.98 100.41
N LEU C 566 6.81 2.49 99.28
CA LEU C 566 5.37 2.47 99.03
C LEU C 566 4.95 1.04 98.76
N GLY C 567 5.85 0.28 98.13
CA GLY C 567 5.59 -1.11 97.85
C GLY C 567 5.56 -1.93 99.12
N LEU C 568 6.21 -1.42 100.17
CA LEU C 568 6.26 -2.12 101.45
C LEU C 568 4.92 -2.08 102.17
N CYS C 569 4.06 -1.13 101.78
CA CYS C 569 2.77 -0.97 102.41
C CYS C 569 1.72 -1.88 101.80
N GLU C 570 2.13 -2.67 100.82
CA GLU C 570 1.20 -3.54 100.10
C GLU C 570 1.04 -4.88 100.79
N PRO C 571 -0.13 -5.53 100.59
CA PRO C 571 -0.36 -6.87 101.12
C PRO C 571 0.70 -7.85 100.63
N GLU C 572 1.09 -8.78 101.49
CA GLU C 572 2.17 -9.71 101.19
C GLU C 572 1.87 -10.54 99.94
N THR C 573 0.62 -10.89 99.76
CA THR C 573 0.19 -11.66 98.60
C THR C 573 0.42 -10.91 97.30
N SER C 574 0.31 -9.58 97.37
CA SER C 574 0.56 -8.75 96.20
C SER C 574 2.02 -8.80 95.79
N GLU C 575 2.25 -9.03 94.50
CA GLU C 575 3.61 -9.14 93.98
C GLU C 575 4.39 -7.88 94.24
N VAL C 576 3.70 -6.75 94.26
CA VAL C 576 4.32 -5.45 94.51
C VAL C 576 5.09 -5.46 95.82
N TYR C 577 4.44 -5.94 96.87
CA TYR C 577 5.07 -6.00 98.18
C TYR C 577 6.27 -6.92 98.17
N GLN C 578 6.19 -8.00 97.40
CA GLN C 578 7.26 -8.99 97.40
C GLN C 578 8.49 -8.46 96.68
N GLN C 579 8.27 -7.75 95.58
CA GLN C 579 9.36 -7.16 94.83
C GLN C 579 9.99 -6.02 95.60
N ALA C 580 9.14 -5.15 96.16
CA ALA C 580 9.60 -4.02 96.94
C ALA C 580 10.39 -4.49 98.14
N LYS C 581 9.89 -5.52 98.81
CA LYS C 581 10.60 -6.12 99.95
C LYS C 581 11.91 -6.73 99.49
N LEU C 582 11.89 -7.36 98.32
CA LEU C 582 13.08 -7.97 97.76
C LEU C 582 14.19 -6.93 97.59
N GLN C 583 13.91 -5.90 96.82
CA GLN C 583 14.90 -4.85 96.57
C GLN C 583 15.29 -4.14 97.85
N ALA C 584 14.33 -3.98 98.75
CA ALA C 584 14.58 -3.36 100.05
C ALA C 584 15.66 -4.13 100.78
N LYS C 585 15.46 -5.44 100.85
CA LYS C 585 16.42 -6.34 101.49
C LYS C 585 17.75 -6.32 100.75
N GLN C 586 17.70 -6.09 99.44
CA GLN C 586 18.92 -6.06 98.63
C GLN C 586 19.80 -4.88 99.00
N GLU C 587 19.19 -3.71 99.21
CA GLU C 587 19.95 -2.56 99.66
C GLU C 587 20.15 -2.62 101.16
N VAL C 588 21.40 -2.81 101.57
CA VAL C 588 21.75 -2.96 102.97
C VAL C 588 22.92 -2.06 103.31
N ASP C 589 22.99 -1.63 104.56
CA ASP C 589 24.04 -0.72 104.97
C ASP C 589 23.88 0.52 104.09
N ASN C 590 22.62 0.80 103.75
CA ASN C 590 22.27 1.93 102.91
C ASN C 590 21.38 2.88 103.68
N GLY C 591 21.76 4.15 103.63
CA GLY C 591 21.04 5.20 104.33
C GLY C 591 19.58 5.25 103.94
N MET C 592 19.08 4.15 103.38
CA MET C 592 17.69 4.06 102.96
C MET C 592 16.77 3.90 104.17
N LEU C 593 17.13 2.98 105.06
CA LEU C 593 16.38 2.73 106.29
C LEU C 593 14.91 2.38 106.00
N TYR C 594 14.69 1.22 105.42
CA TYR C 594 13.35 0.77 105.06
C TYR C 594 12.52 0.40 106.29
N LEU C 595 11.20 0.40 106.13
CA LEU C 595 10.28 0.08 107.22
C LEU C 595 9.38 -1.08 106.84
N GLU C 596 8.79 -1.73 107.84
CA GLU C 596 7.94 -2.89 107.60
C GLU C 596 6.60 -2.74 108.34
N TRP C 597 5.52 -3.12 107.66
CA TRP C 597 4.18 -3.01 108.24
C TRP C 597 3.52 -4.35 108.49
N ILE C 598 3.38 -4.71 109.76
CA ILE C 598 2.64 -5.90 110.15
C ILE C 598 1.13 -5.66 110.19
N ASN C 599 0.75 -4.40 110.44
CA ASN C 599 -0.65 -4.05 110.69
C ASN C 599 -1.51 -3.91 109.44
N LYS C 600 -0.89 -3.46 108.34
CA LYS C 600 -1.65 -3.15 107.11
C LYS C 600 -2.31 -4.36 106.44
N LYS C 601 -2.00 -5.55 106.92
CA LYS C 601 -2.61 -6.76 106.35
C LYS C 601 -4.10 -6.83 106.66
N ASN C 602 -4.49 -6.37 107.85
CA ASN C 602 -5.90 -6.40 108.25
C ASN C 602 -6.63 -5.08 108.02
N ILE C 603 -5.91 -4.06 107.57
CA ILE C 603 -6.51 -2.75 107.36
C ILE C 603 -6.12 -2.14 106.00
N THR C 604 -6.52 -0.89 105.78
CA THR C 604 -6.38 -0.21 104.49
C THR C 604 -7.08 -1.03 103.41
N ASN C 605 -8.41 -0.99 103.44
CA ASN C 605 -9.22 -1.69 102.46
C ASN C 605 -8.98 -1.19 101.04
N LEU C 606 -9.16 -2.08 100.07
CA LEU C 606 -8.94 -1.74 98.66
C LEU C 606 -9.98 -0.76 98.13
N SER C 607 -9.65 -0.07 97.06
CA SER C 607 -10.56 0.87 96.43
C SER C 607 -10.66 0.60 94.93
N ARG C 608 -11.79 0.95 94.33
CA ARG C 608 -11.95 0.77 92.89
C ARG C 608 -11.06 1.72 92.12
N LEU C 609 -11.15 3.01 92.41
CA LEU C 609 -10.32 3.97 91.70
C LEU C 609 -10.00 5.23 92.52
N VAL C 610 -8.82 5.78 92.32
CA VAL C 610 -8.45 7.08 92.89
C VAL C 610 -7.79 7.95 91.83
N VAL C 611 -8.41 9.08 91.49
CA VAL C 611 -7.88 9.95 90.45
C VAL C 611 -7.91 11.44 90.82
N ARG C 612 -6.74 12.06 90.83
CA ARG C 612 -6.64 13.51 90.98
C ARG C 612 -6.04 14.17 89.74
N PRO C 613 -6.89 14.78 88.89
CA PRO C 613 -6.36 15.73 87.90
C PRO C 613 -6.53 17.18 88.34
N HIS C 614 -6.11 17.52 89.56
CA HIS C 614 -6.42 18.83 90.13
C HIS C 614 -5.31 19.41 91.01
N THR C 615 -5.04 20.70 90.83
CA THR C 615 -4.19 21.43 91.75
C THR C 615 -5.03 22.12 92.83
N ASP C 616 -6.34 22.12 92.64
CA ASP C 616 -7.27 22.81 93.54
C ASP C 616 -8.45 21.93 93.94
N ALA C 617 -9.22 22.40 94.92
CA ALA C 617 -10.33 21.63 95.49
C ALA C 617 -11.45 21.38 94.47
N VAL C 618 -12.25 20.34 94.72
CA VAL C 618 -13.33 19.95 93.83
C VAL C 618 -14.68 20.46 94.34
N TYR C 619 -15.34 21.30 93.55
CA TYR C 619 -16.66 21.77 93.92
C TYR C 619 -17.75 20.75 93.59
N HIS C 620 -17.66 20.13 92.42
CA HIS C 620 -18.60 19.09 92.06
C HIS C 620 -17.98 18.08 91.08
N ALA C 621 -18.37 16.82 91.22
CA ALA C 621 -17.95 15.77 90.29
C ALA C 621 -19.08 14.76 90.09
N CYS C 622 -19.31 14.36 88.84
CA CYS C 622 -20.36 13.40 88.54
C CYS C 622 -20.04 12.61 87.26
N PHE C 623 -20.60 11.40 87.18
CA PHE C 623 -20.44 10.56 86.00
C PHE C 623 -21.43 10.94 84.89
N SER C 624 -21.02 10.71 83.65
CA SER C 624 -21.89 10.93 82.50
C SER C 624 -23.02 9.90 82.50
N GLU C 625 -24.09 10.20 81.79
CA GLU C 625 -25.25 9.32 81.72
C GLU C 625 -24.89 7.97 81.12
N ASP C 626 -23.96 7.97 80.17
CA ASP C 626 -23.53 6.73 79.51
C ASP C 626 -22.44 6.02 80.32
N GLY C 627 -21.93 6.70 81.34
CA GLY C 627 -20.86 6.15 82.16
C GLY C 627 -19.57 5.98 81.38
N GLN C 628 -19.11 7.07 80.77
CA GLN C 628 -17.92 7.02 79.92
C GLN C 628 -16.88 8.05 80.36
N ARG C 629 -17.25 9.34 80.26
CA ARG C 629 -16.32 10.42 80.55
C ARG C 629 -16.74 11.23 81.77
N ILE C 630 -15.77 11.85 82.43
CA ILE C 630 -16.03 12.65 83.62
C ILE C 630 -15.62 14.10 83.41
N ALA C 631 -16.55 15.02 83.68
CA ALA C 631 -16.26 16.44 83.66
C ALA C 631 -16.35 17.02 85.07
N SER C 632 -15.21 17.42 85.62
CA SER C 632 -15.15 17.91 86.99
C SER C 632 -14.85 19.41 87.04
N CYS C 633 -15.41 20.07 88.05
CA CYS C 633 -15.21 21.50 88.24
C CYS C 633 -14.82 21.82 89.69
N GLY C 634 -13.97 22.84 89.85
CA GLY C 634 -13.44 23.18 91.16
C GLY C 634 -12.80 24.55 91.22
N ALA C 635 -12.06 24.79 92.30
CA ALA C 635 -11.42 26.08 92.54
C ALA C 635 -10.31 26.39 91.54
N ASP C 636 -9.95 25.40 90.72
CA ASP C 636 -8.93 25.58 89.70
C ASP C 636 -9.45 26.43 88.54
N LYS C 637 -10.75 26.72 88.55
CA LYS C 637 -11.41 27.52 87.53
C LYS C 637 -11.27 26.88 86.15
N THR C 638 -11.07 25.57 86.13
CA THR C 638 -10.87 24.85 84.88
C THR C 638 -11.66 23.54 84.85
N LEU C 639 -12.55 23.41 83.87
CA LEU C 639 -13.30 22.18 83.68
C LEU C 639 -12.39 21.08 83.16
N GLN C 640 -12.36 19.97 83.89
CA GLN C 640 -11.49 18.84 83.56
C GLN C 640 -12.28 17.65 83.02
N VAL C 641 -12.09 17.37 81.73
CA VAL C 641 -12.72 16.22 81.11
C VAL C 641 -11.71 15.08 80.94
N PHE C 642 -11.95 13.97 81.63
CA PHE C 642 -11.04 12.84 81.58
C PHE C 642 -11.78 11.50 81.59
N LYS C 643 -11.08 10.43 81.22
CA LYS C 643 -11.67 9.10 81.14
C LYS C 643 -12.02 8.57 82.54
N ALA C 644 -13.17 7.90 82.65
CA ALA C 644 -13.65 7.44 83.93
C ALA C 644 -13.02 6.13 84.39
N GLU C 645 -12.46 5.37 83.45
CA GLU C 645 -11.93 4.04 83.77
C GLU C 645 -10.48 4.09 84.25
N THR C 646 -9.56 4.33 83.33
CA THR C 646 -8.14 4.34 83.65
C THR C 646 -7.65 5.75 84.01
N GLY C 647 -8.50 6.74 83.78
CA GLY C 647 -8.19 8.11 84.19
C GLY C 647 -7.20 8.86 83.31
N GLU C 648 -7.25 8.60 82.01
CA GLU C 648 -6.39 9.34 81.07
C GLU C 648 -6.88 10.75 80.85
N LYS C 649 -5.96 11.66 80.56
CA LYS C 649 -6.30 13.05 80.29
C LYS C 649 -6.90 13.19 78.89
N LEU C 650 -8.11 13.72 78.81
CA LEU C 650 -8.77 13.91 77.53
C LEU C 650 -8.72 15.37 77.10
N LEU C 651 -9.50 16.21 77.76
CA LEU C 651 -9.56 17.63 77.42
C LEU C 651 -9.59 18.51 78.67
N GLU C 652 -8.89 19.63 78.62
CA GLU C 652 -8.91 20.61 79.70
C GLU C 652 -9.44 21.93 79.17
N ILE C 653 -10.62 22.34 79.64
CA ILE C 653 -11.28 23.51 79.09
C ILE C 653 -11.48 24.60 80.13
N LYS C 654 -11.09 25.84 79.80
CA LYS C 654 -11.28 26.94 80.73
C LYS C 654 -12.73 27.41 80.69
N ALA C 655 -13.41 27.29 81.83
CA ALA C 655 -14.82 27.65 81.90
C ALA C 655 -15.02 29.16 82.06
N HIS C 656 -14.29 29.75 83.01
CA HIS C 656 -14.46 31.16 83.34
C HIS C 656 -13.17 31.78 83.88
N GLU C 657 -13.24 33.07 84.21
CA GLU C 657 -12.14 33.75 84.87
C GLU C 657 -12.31 33.67 86.38
N ASP C 658 -13.45 33.14 86.80
CA ASP C 658 -13.78 33.02 88.21
C ASP C 658 -14.17 31.58 88.55
N GLU C 659 -14.20 31.27 89.85
CA GLU C 659 -14.52 29.93 90.33
C GLU C 659 -15.91 29.48 89.92
N VAL C 660 -16.01 28.28 89.35
CA VAL C 660 -17.27 27.74 88.91
C VAL C 660 -18.08 27.16 90.08
N LEU C 661 -19.29 27.69 90.26
CA LEU C 661 -20.13 27.28 91.39
C LEU C 661 -20.65 25.86 91.21
N CYS C 662 -21.27 25.59 90.07
CA CYS C 662 -21.84 24.27 89.82
C CYS C 662 -21.85 23.92 88.33
N CYS C 663 -21.78 22.62 88.04
CA CYS C 663 -21.77 22.13 86.67
C CYS C 663 -22.39 20.74 86.57
N ALA C 664 -23.04 20.45 85.45
CA ALA C 664 -23.69 19.15 85.27
C ALA C 664 -23.82 18.78 83.80
N PHE C 665 -23.95 17.48 83.54
CA PHE C 665 -24.12 16.97 82.18
C PHE C 665 -25.53 17.19 81.63
N SER C 666 -25.65 17.18 80.32
CA SER C 666 -26.94 17.30 79.66
C SER C 666 -27.52 15.92 79.38
N THR C 667 -28.60 15.88 78.60
CA THR C 667 -29.23 14.62 78.21
C THR C 667 -28.29 13.78 77.35
N ASP C 668 -27.73 14.42 76.32
CA ASP C 668 -26.82 13.74 75.41
C ASP C 668 -25.36 13.94 75.80
N ASP C 669 -25.15 14.66 76.91
CA ASP C 669 -23.83 14.90 77.49
C ASP C 669 -22.91 15.75 76.60
N ARG C 670 -23.40 16.10 75.41
CA ARG C 670 -22.60 16.82 74.44
C ARG C 670 -22.49 18.32 74.72
N PHE C 671 -23.28 18.79 75.69
CA PHE C 671 -23.27 20.21 76.06
C PHE C 671 -23.24 20.40 77.56
N ILE C 672 -22.25 21.15 78.05
CA ILE C 672 -22.13 21.44 79.47
C ILE C 672 -21.97 22.93 79.72
N ALA C 673 -22.96 23.55 80.36
CA ALA C 673 -22.91 24.98 80.67
C ALA C 673 -22.39 25.20 82.09
N THR C 674 -21.61 26.26 82.26
CA THR C 674 -20.99 26.54 83.55
C THR C 674 -21.49 27.87 84.14
N CYS C 675 -21.62 27.88 85.46
CA CYS C 675 -22.02 29.06 86.22
C CYS C 675 -20.91 29.42 87.21
N SER C 676 -20.60 30.71 87.32
CA SER C 676 -19.48 31.12 88.16
C SER C 676 -19.72 32.42 88.92
N VAL C 677 -18.68 32.91 89.57
CA VAL C 677 -18.74 34.09 90.43
C VAL C 677 -18.92 35.36 89.59
N ASP C 678 -18.58 35.29 88.31
CA ASP C 678 -18.64 36.46 87.44
C ASP C 678 -20.07 36.73 86.95
N LYS C 679 -21.00 35.90 87.41
CA LYS C 679 -22.43 36.08 87.17
C LYS C 679 -22.75 35.95 85.69
N LYS C 680 -22.04 35.06 85.01
CA LYS C 680 -22.27 34.80 83.59
C LYS C 680 -22.31 33.31 83.31
N VAL C 681 -23.43 32.85 82.77
CA VAL C 681 -23.61 31.44 82.44
C VAL C 681 -23.10 31.17 81.03
N LYS C 682 -22.08 30.32 80.90
CA LYS C 682 -21.50 30.07 79.59
C LYS C 682 -21.60 28.61 79.17
N ILE C 683 -22.28 28.37 78.05
CA ILE C 683 -22.43 27.04 77.50
C ILE C 683 -21.15 26.60 76.80
N TRP C 684 -20.60 25.47 77.23
CA TRP C 684 -19.37 24.94 76.63
C TRP C 684 -19.63 23.58 75.99
N ASN C 685 -19.03 23.37 74.81
CA ASN C 685 -19.14 22.09 74.13
C ASN C 685 -18.08 21.12 74.64
N SER C 686 -18.47 19.87 74.85
CA SER C 686 -17.57 18.87 75.42
C SER C 686 -16.57 18.35 74.40
N MET C 687 -17.03 18.14 73.17
CA MET C 687 -16.19 17.58 72.12
C MET C 687 -15.51 18.65 71.28
N THR C 688 -15.74 19.92 71.64
CA THR C 688 -15.17 21.03 70.90
C THR C 688 -14.34 21.93 71.81
N GLY C 689 -15.01 22.59 72.76
CA GLY C 689 -14.34 23.48 73.69
C GLY C 689 -14.49 24.94 73.30
N GLU C 690 -15.40 25.22 72.38
CA GLU C 690 -15.64 26.58 71.92
C GLU C 690 -17.01 27.08 72.36
N LEU C 691 -17.12 28.39 72.53
CA LEU C 691 -18.38 29.01 72.95
C LEU C 691 -19.50 28.74 71.96
N VAL C 692 -20.65 28.32 72.48
CA VAL C 692 -21.82 28.04 71.64
C VAL C 692 -22.86 29.14 71.84
N HIS C 693 -23.41 29.22 73.05
CA HIS C 693 -24.27 30.33 73.44
C HIS C 693 -23.92 30.84 74.83
N THR C 694 -24.14 32.13 75.05
CA THR C 694 -23.90 32.74 76.36
C THR C 694 -25.10 33.56 76.82
N TYR C 695 -25.40 33.49 78.11
CA TYR C 695 -26.56 34.16 78.67
C TYR C 695 -26.20 34.98 79.91
N ASP C 696 -26.36 36.28 79.83
CA ASP C 696 -26.15 37.14 81.00
C ASP C 696 -27.42 37.90 81.36
N GLU C 697 -28.03 37.53 82.47
CA GLU C 697 -29.22 38.20 82.97
C GLU C 697 -29.10 38.53 84.45
N HIS C 698 -28.97 37.48 85.26
CA HIS C 698 -28.92 37.59 86.71
C HIS C 698 -27.90 38.60 87.21
N SER C 699 -28.32 39.43 88.16
CA SER C 699 -27.44 40.40 88.79
C SER C 699 -26.79 39.79 90.03
N GLU C 700 -27.07 38.51 90.27
CA GLU C 700 -26.50 37.79 91.40
C GLU C 700 -25.93 36.44 90.94
N GLN C 701 -25.15 35.80 91.81
CA GLN C 701 -24.54 34.52 91.49
C GLN C 701 -25.60 33.43 91.32
N VAL C 702 -25.31 32.46 90.45
CA VAL C 702 -26.23 31.37 90.18
C VAL C 702 -25.74 30.06 90.78
N ASN C 703 -26.44 29.59 91.82
CA ASN C 703 -26.06 28.36 92.49
C ASN C 703 -26.75 27.13 91.90
N CYS C 704 -27.70 27.35 90.99
CA CYS C 704 -28.45 26.26 90.41
C CYS C 704 -28.20 26.11 88.91
N CYS C 705 -27.53 25.02 88.54
CA CYS C 705 -27.42 24.64 87.14
C CYS C 705 -27.80 23.17 86.97
N HIS C 706 -28.91 22.92 86.28
CA HIS C 706 -29.40 21.56 86.09
C HIS C 706 -30.02 21.40 84.70
N PHE C 707 -29.68 20.31 84.03
CA PHE C 707 -30.17 20.08 82.67
C PHE C 707 -31.27 19.03 82.63
N THR C 708 -31.80 18.78 81.44
CA THR C 708 -32.90 17.83 81.27
C THR C 708 -32.38 16.40 81.17
N ASN C 709 -33.16 15.45 81.70
CA ASN C 709 -32.82 14.05 81.63
C ASN C 709 -33.47 13.37 80.43
N SER C 710 -34.22 14.15 79.65
CA SER C 710 -34.91 13.63 78.48
C SER C 710 -34.60 14.46 77.24
N SER C 711 -34.87 13.90 76.07
CA SER C 711 -34.62 14.57 74.80
C SER C 711 -35.85 15.33 74.31
N HIS C 712 -36.91 15.32 75.12
CA HIS C 712 -38.16 15.99 74.78
C HIS C 712 -37.92 17.48 74.51
N HIS C 713 -37.52 18.20 75.55
CA HIS C 713 -37.09 19.59 75.39
C HIS C 713 -35.83 19.88 76.20
N LEU C 714 -35.35 21.11 76.12
CA LEU C 714 -34.14 21.53 76.82
C LEU C 714 -34.38 22.78 77.65
N LEU C 715 -34.24 22.65 78.97
CA LEU C 715 -34.49 23.77 79.88
C LEU C 715 -33.38 23.88 80.91
N LEU C 716 -33.29 25.05 81.57
CA LEU C 716 -32.29 25.26 82.61
C LEU C 716 -32.88 25.97 83.83
N ALA C 717 -32.77 25.34 84.99
CA ALA C 717 -33.30 25.92 86.22
C ALA C 717 -32.25 26.84 86.87
N THR C 718 -32.59 28.12 87.01
CA THR C 718 -31.69 29.07 87.63
C THR C 718 -32.37 29.90 88.71
N GLY C 719 -31.61 30.25 89.75
CA GLY C 719 -32.11 31.06 90.83
C GLY C 719 -31.00 31.82 91.51
N SER C 720 -31.33 32.92 92.17
CA SER C 720 -30.32 33.75 92.82
C SER C 720 -30.91 34.59 93.95
N SER C 721 -30.11 35.54 94.44
CA SER C 721 -30.50 36.39 95.57
C SER C 721 -31.57 37.41 95.21
N ASP C 722 -31.93 37.48 93.93
CA ASP C 722 -32.93 38.44 93.47
C ASP C 722 -34.35 37.94 93.71
N CYS C 723 -34.46 36.76 94.32
CA CYS C 723 -35.73 36.14 94.69
C CYS C 723 -36.58 35.81 93.46
N PHE C 724 -35.91 35.56 92.34
CA PHE C 724 -36.58 35.19 91.10
C PHE C 724 -36.16 33.80 90.64
N LEU C 725 -37.11 33.00 90.20
CA LEU C 725 -36.81 31.69 89.62
C LEU C 725 -36.89 31.78 88.11
N LYS C 726 -35.74 31.72 87.45
CA LYS C 726 -35.72 31.88 86.00
C LYS C 726 -35.40 30.56 85.30
N LEU C 727 -36.30 30.17 84.39
CA LEU C 727 -36.12 28.96 83.61
C LEU C 727 -35.69 29.31 82.18
N TRP C 728 -34.44 29.02 81.87
CA TRP C 728 -33.86 29.29 80.56
C TRP C 728 -34.24 28.24 79.52
N ASP C 729 -34.25 28.66 78.26
CA ASP C 729 -34.48 27.76 77.14
C ASP C 729 -33.23 27.72 76.25
N LEU C 730 -32.64 26.54 76.13
CA LEU C 730 -31.39 26.38 75.38
C LEU C 730 -31.58 26.61 73.88
N ASN C 731 -32.82 26.48 73.42
CA ASN C 731 -33.13 26.67 72.00
C ASN C 731 -33.19 28.13 71.61
N GLN C 732 -33.61 28.99 72.54
CA GLN C 732 -33.72 30.41 72.28
C GLN C 732 -32.58 31.20 72.90
N LYS C 733 -32.56 32.51 72.66
CA LYS C 733 -31.51 33.36 73.19
C LYS C 733 -31.96 34.03 74.49
N GLU C 734 -33.22 33.81 74.86
CA GLU C 734 -33.77 34.45 76.05
C GLU C 734 -34.23 33.44 77.10
N CYS C 735 -34.74 33.95 78.21
CA CYS C 735 -35.24 33.11 79.30
C CYS C 735 -36.72 32.81 79.12
N ARG C 736 -37.09 31.54 79.31
CA ARG C 736 -38.47 31.12 79.10
C ARG C 736 -39.41 31.56 80.22
N ASN C 737 -39.03 31.31 81.47
CA ASN C 737 -39.93 31.59 82.58
C ASN C 737 -39.31 32.40 83.72
N THR C 738 -40.18 33.12 84.44
CA THR C 738 -39.78 33.90 85.61
C THR C 738 -40.83 33.76 86.70
N MET C 739 -40.40 33.43 87.91
CA MET C 739 -41.33 33.14 89.00
C MET C 739 -40.99 33.88 90.30
N PHE C 740 -41.99 34.53 90.87
CA PHE C 740 -41.87 35.23 92.15
C PHE C 740 -41.82 34.27 93.34
N GLY C 741 -41.37 34.78 94.48
CA GLY C 741 -41.27 33.98 95.70
C GLY C 741 -39.85 33.66 96.10
N HIS C 742 -39.72 32.86 97.17
CA HIS C 742 -38.42 32.53 97.75
C HIS C 742 -37.66 33.78 98.17
N THR C 743 -38.12 34.40 99.25
CA THR C 743 -37.53 35.63 99.78
C THR C 743 -36.05 35.50 100.13
N ASN C 744 -35.59 34.26 100.29
CA ASN C 744 -34.18 34.01 100.58
C ASN C 744 -33.52 33.29 99.40
N SER C 745 -32.22 33.03 99.49
CA SER C 745 -31.48 32.39 98.41
C SER C 745 -31.87 30.92 98.27
N VAL C 746 -31.97 30.46 97.03
CA VAL C 746 -32.31 29.07 96.75
C VAL C 746 -31.05 28.24 96.56
N ASN C 747 -30.81 27.32 97.50
CA ASN C 747 -29.61 26.49 97.46
C ASN C 747 -29.64 25.43 96.38
N HIS C 748 -30.73 24.67 96.30
CA HIS C 748 -30.81 23.57 95.35
C HIS C 748 -32.06 23.64 94.47
N CYS C 749 -31.85 23.84 93.17
CA CYS C 749 -32.94 23.85 92.21
C CYS C 749 -32.75 22.70 91.21
N ARG C 750 -33.75 21.83 91.11
CA ARG C 750 -33.60 20.62 90.32
C ARG C 750 -34.87 20.25 89.55
N PHE C 751 -34.69 19.70 88.35
CA PHE C 751 -35.81 19.20 87.57
C PHE C 751 -36.40 17.93 88.18
N SER C 752 -37.67 17.68 87.89
CA SER C 752 -38.33 16.44 88.29
C SER C 752 -37.91 15.33 87.31
N PRO C 753 -38.37 14.08 87.54
CA PRO C 753 -38.08 13.09 86.51
C PRO C 753 -38.77 13.38 85.18
N ASP C 754 -39.79 14.24 85.23
CA ASP C 754 -40.42 14.74 84.01
C ASP C 754 -40.12 16.23 83.86
N ASP C 755 -39.96 16.68 82.62
CA ASP C 755 -39.63 18.07 82.35
C ASP C 755 -40.83 19.00 82.55
N LYS C 756 -41.99 18.41 82.80
CA LYS C 756 -43.22 19.17 82.98
C LYS C 756 -43.27 19.88 84.33
N LEU C 757 -42.35 19.52 85.23
CA LEU C 757 -42.34 20.07 86.57
C LEU C 757 -40.97 20.62 86.95
N LEU C 758 -40.94 21.46 87.99
CA LEU C 758 -39.70 22.04 88.49
C LEU C 758 -39.68 22.08 90.01
N ALA C 759 -38.59 21.62 90.60
CA ALA C 759 -38.47 21.57 92.06
C ALA C 759 -37.49 22.63 92.59
N SER C 760 -38.01 23.49 93.46
CA SER C 760 -37.21 24.53 94.09
C SER C 760 -37.03 24.27 95.58
N CYS C 761 -35.79 24.12 96.01
CA CYS C 761 -35.47 23.83 97.40
C CYS C 761 -34.49 24.85 97.97
N SER C 762 -34.89 25.48 99.07
CA SER C 762 -34.06 26.50 99.73
C SER C 762 -33.98 26.24 101.23
N ALA C 763 -33.05 26.93 101.89
CA ALA C 763 -32.82 26.71 103.32
C ALA C 763 -33.68 27.60 104.20
N ASP C 764 -34.52 28.42 103.58
CA ASP C 764 -35.40 29.31 104.34
C ASP C 764 -36.61 28.57 104.89
N GLY C 765 -36.78 27.32 104.48
CA GLY C 765 -37.88 26.50 104.96
C GLY C 765 -38.99 26.39 103.94
N THR C 766 -38.76 26.90 102.74
CA THR C 766 -39.75 26.87 101.69
C THR C 766 -39.37 25.86 100.60
N LEU C 767 -40.13 24.77 100.51
CA LEU C 767 -39.92 23.78 99.46
C LEU C 767 -41.07 23.84 98.47
N LYS C 768 -40.79 24.32 97.26
CA LYS C 768 -41.86 24.56 96.29
C LYS C 768 -41.76 23.68 95.05
N LEU C 769 -42.92 23.32 94.51
CA LEU C 769 -43.00 22.56 93.27
C LEU C 769 -43.87 23.31 92.26
N TRP C 770 -43.23 23.72 91.16
CA TRP C 770 -43.84 24.59 90.17
C TRP C 770 -44.11 23.87 88.85
N ASP C 771 -45.14 24.33 88.14
CA ASP C 771 -45.43 23.81 86.80
C ASP C 771 -44.54 24.49 85.77
N ALA C 772 -43.87 23.68 84.95
CA ALA C 772 -42.96 24.21 83.94
C ALA C 772 -43.73 24.76 82.74
N THR C 773 -44.68 23.99 82.24
CA THR C 773 -45.46 24.39 81.08
C THR C 773 -46.53 25.42 81.42
N SER C 774 -47.26 25.17 82.50
CA SER C 774 -48.35 26.05 82.91
C SER C 774 -47.82 27.35 83.53
N ALA C 775 -46.58 27.30 84.01
CA ALA C 775 -45.87 28.46 84.57
C ALA C 775 -46.49 28.95 85.89
N ASN C 776 -47.61 28.35 86.28
CA ASN C 776 -48.29 28.73 87.51
C ASN C 776 -47.80 27.94 88.71
N GLU C 777 -48.48 28.11 89.84
CA GLU C 777 -48.11 27.43 91.08
C GLU C 777 -48.84 26.09 91.22
N ARG C 778 -48.08 25.02 91.42
CA ARG C 778 -48.68 23.70 91.64
C ARG C 778 -48.80 23.43 93.12
N LYS C 779 -47.67 23.29 93.80
CA LYS C 779 -47.68 23.05 95.24
C LYS C 779 -46.60 23.86 95.98
N SER C 780 -46.90 24.21 97.22
CA SER C 780 -45.96 24.91 98.08
C SER C 780 -45.97 24.29 99.47
N ILE C 781 -44.81 23.87 99.95
CA ILE C 781 -44.73 23.16 101.22
C ILE C 781 -43.74 23.81 102.20
N ASN C 782 -44.25 24.16 103.38
CA ASN C 782 -43.42 24.65 104.47
C ASN C 782 -43.34 23.61 105.58
N VAL C 783 -42.13 23.19 105.92
CA VAL C 783 -41.97 22.08 106.86
C VAL C 783 -41.78 22.55 108.30
N LYS C 784 -42.80 22.31 109.13
CA LYS C 784 -42.72 22.57 110.56
C LYS C 784 -42.41 21.30 111.34
N GLN C 785 -42.20 20.21 110.62
CA GLN C 785 -42.05 18.88 111.20
C GLN C 785 -40.93 18.81 112.25
N PHE C 786 -39.80 19.45 111.97
CA PHE C 786 -38.67 19.44 112.89
C PHE C 786 -38.99 20.27 114.12
N PHE C 787 -38.86 19.66 115.30
CA PHE C 787 -39.21 20.33 116.55
C PHE C 787 -38.01 21.00 117.20
N LEU C 788 -38.16 22.29 117.52
CA LEU C 788 -37.12 23.03 118.22
C LEU C 788 -37.31 22.94 119.73
N ASN C 789 -38.45 22.36 120.14
CA ASN C 789 -38.79 22.21 121.55
C ASN C 789 -38.74 23.53 122.33
N GLU C 795 -38.37 33.95 118.35
CA GLU C 795 -37.86 32.59 118.22
C GLU C 795 -38.77 31.73 117.36
N ASP C 796 -38.97 32.14 116.11
CA ASP C 796 -39.83 31.41 115.20
C ASP C 796 -39.17 30.12 114.73
N MET C 797 -39.97 29.16 114.31
CA MET C 797 -39.46 27.87 113.83
C MET C 797 -38.79 28.02 112.47
N GLU C 798 -37.53 27.56 112.39
CA GLU C 798 -36.78 27.65 111.15
C GLU C 798 -36.11 26.32 110.81
N VAL C 799 -36.48 25.75 109.67
CA VAL C 799 -35.92 24.48 109.23
C VAL C 799 -35.18 24.63 107.90
N ILE C 800 -33.87 24.44 107.95
CA ILE C 800 -33.04 24.58 106.75
C ILE C 800 -33.06 23.30 105.91
N VAL C 801 -32.98 23.48 104.59
CA VAL C 801 -32.94 22.35 103.67
C VAL C 801 -31.67 22.36 102.84
N LYS C 802 -30.86 21.33 102.98
CA LYS C 802 -29.59 21.24 102.27
C LYS C 802 -29.78 20.86 100.82
N CYS C 803 -30.26 19.65 100.58
CA CYS C 803 -30.42 19.14 99.21
C CYS C 803 -31.75 18.43 99.01
N CYS C 804 -32.10 18.19 97.76
CA CYS C 804 -33.33 17.49 97.41
C CYS C 804 -33.04 16.40 96.37
N SER C 805 -33.34 15.16 96.74
CA SER C 805 -33.10 14.03 95.84
C SER C 805 -34.39 13.30 95.48
N TRP C 806 -34.63 13.14 94.19
CA TRP C 806 -35.83 12.47 93.70
C TRP C 806 -35.74 10.95 93.87
N SER C 807 -36.84 10.34 94.27
CA SER C 807 -36.92 8.88 94.42
C SER C 807 -36.96 8.19 93.08
N ALA C 808 -36.62 6.91 93.07
CA ALA C 808 -36.61 6.12 91.84
C ALA C 808 -38.02 5.96 91.26
N ASP C 809 -39.01 6.04 92.14
CA ASP C 809 -40.41 5.92 91.71
C ASP C 809 -40.85 7.12 90.89
N GLY C 810 -40.21 8.26 91.12
CA GLY C 810 -40.55 9.48 90.42
C GLY C 810 -41.70 10.22 91.07
N ALA C 811 -41.94 9.92 92.34
CA ALA C 811 -43.03 10.54 93.08
C ALA C 811 -42.53 11.12 94.40
N ARG C 812 -42.04 10.26 95.28
CA ARG C 812 -41.56 10.67 96.59
C ARG C 812 -40.33 11.57 96.48
N ILE C 813 -40.12 12.40 97.50
CA ILE C 813 -38.97 13.28 97.54
C ILE C 813 -38.15 13.06 98.81
N MET C 814 -36.91 12.63 98.63
CA MET C 814 -36.01 12.37 99.75
C MET C 814 -35.16 13.61 100.07
N VAL C 815 -35.31 14.12 101.28
CA VAL C 815 -34.56 15.29 101.71
C VAL C 815 -33.93 15.06 103.09
N ALA C 816 -33.03 15.94 103.48
CA ALA C 816 -32.41 15.87 104.80
C ALA C 816 -32.41 17.24 105.48
N ALA C 817 -33.06 17.32 106.64
CA ALA C 817 -33.18 18.59 107.33
C ALA C 817 -32.64 18.51 108.76
N LYS C 818 -31.83 19.50 109.12
CA LYS C 818 -31.23 19.60 110.45
C LYS C 818 -30.51 18.31 110.85
N ASN C 819 -30.98 17.69 111.93
CA ASN C 819 -30.36 16.49 112.47
C ASN C 819 -31.02 15.20 111.97
N LYS C 820 -32.01 15.32 111.09
CA LYS C 820 -32.76 14.15 110.66
C LYS C 820 -33.00 14.07 109.16
N ILE C 821 -33.41 12.89 108.70
CA ILE C 821 -33.74 12.69 107.28
C ILE C 821 -35.25 12.61 107.12
N PHE C 822 -35.78 13.29 106.10
CA PHE C 822 -37.22 13.32 105.88
C PHE C 822 -37.60 12.82 104.48
N LEU C 823 -38.64 12.00 104.43
CA LEU C 823 -39.17 11.50 103.17
C LEU C 823 -40.58 12.05 102.94
N PHE C 824 -40.72 12.87 101.91
CA PHE C 824 -41.97 13.58 101.64
C PHE C 824 -42.75 12.93 100.50
N ASP C 825 -44.08 12.96 100.61
CA ASP C 825 -44.97 12.49 99.55
C ASP C 825 -45.65 13.70 98.91
N ILE C 826 -45.55 13.79 97.58
CA ILE C 826 -46.12 14.93 96.86
C ILE C 826 -47.65 14.87 96.86
N HIS C 827 -48.21 13.68 97.02
CA HIS C 827 -49.66 13.51 97.04
C HIS C 827 -50.28 14.05 98.32
N THR C 828 -49.74 13.62 99.46
CA THR C 828 -50.25 14.04 100.75
C THR C 828 -49.72 15.40 101.17
N SER C 829 -48.60 15.80 100.56
CA SER C 829 -47.96 17.10 100.79
C SER C 829 -47.39 17.24 102.21
N GLY C 830 -47.64 16.25 103.06
CA GLY C 830 -47.16 16.26 104.42
C GLY C 830 -45.90 15.42 104.60
N LEU C 831 -45.75 14.84 105.78
CA LEU C 831 -44.59 13.99 106.07
C LEU C 831 -44.96 12.51 105.96
N LEU C 832 -44.46 11.86 104.92
CA LEU C 832 -44.77 10.45 104.69
C LEU C 832 -43.90 9.53 105.53
N GLY C 833 -42.61 9.85 105.63
CA GLY C 833 -41.69 8.99 106.35
C GLY C 833 -40.53 9.73 106.98
N GLU C 834 -39.89 9.11 107.96
CA GLU C 834 -38.80 9.74 108.70
C GLU C 834 -37.65 8.76 108.94
N ILE C 835 -36.43 9.18 108.60
CA ILE C 835 -35.24 8.37 108.82
C ILE C 835 -34.31 9.04 109.82
N HIS C 836 -33.92 8.29 110.85
CA HIS C 836 -33.07 8.82 111.91
C HIS C 836 -31.62 8.96 111.47
N THR C 837 -30.93 9.97 111.99
CA THR C 837 -29.52 10.21 111.69
C THR C 837 -28.73 10.18 113.00
N GLY C 838 -27.48 9.75 112.93
CA GLY C 838 -26.66 9.55 114.11
C GLY C 838 -26.51 10.74 115.03
N HIS C 839 -26.88 10.53 116.29
CA HIS C 839 -26.76 11.52 117.37
C HIS C 839 -27.38 12.88 117.05
N HIS C 840 -26.70 13.94 117.48
CA HIS C 840 -27.19 15.30 117.30
C HIS C 840 -26.53 15.99 116.10
N SER C 841 -25.65 15.29 115.41
CA SER C 841 -24.87 15.87 114.33
C SER C 841 -25.74 16.36 113.18
N THR C 842 -25.41 17.54 112.66
CA THR C 842 -26.16 18.16 111.58
C THR C 842 -25.77 17.57 110.23
N ILE C 843 -26.76 17.31 109.38
CA ILE C 843 -26.51 16.70 108.07
C ILE C 843 -26.01 17.73 107.06
N GLN C 844 -24.80 17.49 106.55
CA GLN C 844 -24.20 18.38 105.57
C GLN C 844 -24.70 18.13 104.15
N TYR C 845 -24.84 16.85 103.78
CA TYR C 845 -25.24 16.49 102.43
C TYR C 845 -26.02 15.18 102.40
N CYS C 846 -26.83 14.99 101.37
CA CYS C 846 -27.62 13.77 101.21
C CYS C 846 -27.77 13.37 99.74
N ASP C 847 -27.85 12.06 99.51
CA ASP C 847 -28.07 11.55 98.16
C ASP C 847 -28.77 10.19 98.24
N PHE C 848 -29.53 9.86 97.19
CA PHE C 848 -30.31 8.62 97.18
C PHE C 848 -30.01 7.79 95.92
N SER C 849 -29.90 6.48 96.11
CA SER C 849 -29.64 5.57 95.00
C SER C 849 -30.91 4.89 94.52
N PRO C 850 -31.16 4.91 93.19
CA PRO C 850 -32.35 4.30 92.61
C PRO C 850 -32.40 2.80 92.80
N GLN C 851 -31.24 2.16 92.87
CA GLN C 851 -31.15 0.72 93.09
C GLN C 851 -30.97 0.40 94.57
N ASN C 852 -31.65 -0.64 95.03
CA ASN C 852 -31.55 -1.12 96.42
C ASN C 852 -32.13 -0.14 97.45
N HIS C 853 -32.56 1.03 96.98
CA HIS C 853 -33.15 2.08 97.82
C HIS C 853 -32.16 2.55 98.90
N LEU C 854 -30.87 2.42 98.62
CA LEU C 854 -29.83 2.88 99.53
C LEU C 854 -29.62 4.39 99.40
N ALA C 855 -29.16 5.01 100.47
CA ALA C 855 -28.91 6.45 100.47
C ALA C 855 -27.67 6.81 101.26
N VAL C 856 -26.84 7.69 100.70
CA VAL C 856 -25.63 8.14 101.39
C VAL C 856 -25.82 9.52 101.99
N VAL C 857 -25.19 9.75 103.13
CA VAL C 857 -25.31 11.02 103.84
C VAL C 857 -23.96 11.50 104.36
N ALA C 858 -23.58 12.72 103.98
CA ALA C 858 -22.40 13.35 104.55
C ALA C 858 -22.81 14.12 105.79
N LEU C 859 -22.29 13.69 106.94
CA LEU C 859 -22.77 14.20 108.21
C LEU C 859 -21.76 15.11 108.90
N SER C 860 -20.71 14.52 109.46
CA SER C 860 -19.68 15.29 110.15
C SER C 860 -18.31 14.61 110.07
N GLN C 861 -17.26 15.43 109.94
CA GLN C 861 -15.88 14.95 109.92
C GLN C 861 -15.65 13.86 108.87
N TYR C 862 -15.72 14.25 107.59
CA TYR C 862 -15.44 13.39 106.45
C TYR C 862 -16.11 12.00 106.54
N CYS C 863 -17.31 11.96 107.11
CA CYS C 863 -18.02 10.70 107.27
C CYS C 863 -19.19 10.57 106.31
N VAL C 864 -19.07 9.65 105.37
CA VAL C 864 -20.17 9.35 104.46
C VAL C 864 -20.84 8.05 104.90
N GLU C 865 -22.06 8.17 105.41
CA GLU C 865 -22.76 7.03 105.98
C GLU C 865 -23.86 6.51 105.05
N LEU C 866 -23.87 5.20 104.83
CA LEU C 866 -24.85 4.58 103.96
C LEU C 866 -25.96 3.92 104.76
N TRP C 867 -27.19 4.41 104.54
CA TRP C 867 -28.37 3.94 105.23
C TRP C 867 -29.40 3.38 104.24
N ASN C 868 -30.30 2.55 104.74
CA ASN C 868 -31.36 1.97 103.90
C ASN C 868 -32.72 2.52 104.30
N THR C 869 -33.60 2.69 103.33
CA THR C 869 -34.94 3.20 103.59
C THR C 869 -35.83 2.14 104.24
N ASP C 870 -36.74 2.59 105.09
CA ASP C 870 -37.64 1.70 105.83
C ASP C 870 -36.85 0.65 106.62
N SER C 871 -35.72 1.08 107.16
CA SER C 871 -34.82 0.18 107.89
C SER C 871 -34.49 0.73 109.27
N ARG C 872 -33.86 1.90 109.29
CA ARG C 872 -33.37 2.54 110.51
C ARG C 872 -32.31 1.70 111.19
N SER C 873 -31.53 0.99 110.38
CA SER C 873 -30.41 0.21 110.86
C SER C 873 -29.16 0.56 110.05
N LYS C 874 -28.00 0.55 110.71
CA LYS C 874 -26.77 0.96 110.05
C LYS C 874 -26.36 -0.06 108.98
N VAL C 875 -26.16 0.43 107.76
CA VAL C 875 -25.79 -0.43 106.64
C VAL C 875 -24.30 -0.35 106.37
N ALA C 876 -23.82 0.81 105.96
CA ALA C 876 -22.39 0.95 105.65
C ALA C 876 -21.80 2.27 106.13
N ASP C 877 -20.48 2.34 106.16
CA ASP C 877 -19.76 3.56 106.54
C ASP C 877 -18.51 3.71 105.69
N CYS C 878 -18.26 4.92 105.19
CA CYS C 878 -17.14 5.19 104.31
C CYS C 878 -16.02 5.94 105.01
N ARG C 879 -14.83 5.33 105.02
CA ARG C 879 -13.65 5.95 105.62
C ARG C 879 -12.44 5.84 104.69
N GLY C 880 -11.38 6.55 105.03
CA GLY C 880 -10.17 6.54 104.23
C GLY C 880 -9.97 7.84 103.45
N HIS C 881 -10.87 8.79 103.64
CA HIS C 881 -10.77 10.09 102.98
C HIS C 881 -9.67 10.93 103.63
N LEU C 882 -9.05 11.77 102.82
CA LEU C 882 -8.15 12.79 103.30
C LEU C 882 -8.91 13.92 104.08
N SER C 883 -10.11 14.32 103.60
CA SER C 883 -10.92 15.41 104.19
C SER C 883 -12.48 15.26 104.21
N TRP C 884 -13.20 16.11 104.96
CA TRP C 884 -14.66 16.01 105.06
C TRP C 884 -15.24 16.19 103.67
N VAL C 885 -16.05 15.20 103.30
CA VAL C 885 -16.55 15.10 101.96
C VAL C 885 -17.37 16.28 101.56
N HIS C 886 -16.90 16.89 100.48
CA HIS C 886 -17.61 18.00 99.95
C HIS C 886 -18.89 17.44 99.41
N GLY C 887 -18.78 16.29 98.75
CA GLY C 887 -19.99 15.68 98.24
C GLY C 887 -19.77 14.33 97.59
N VAL C 888 -20.83 13.53 97.53
CA VAL C 888 -20.76 12.18 96.94
C VAL C 888 -21.95 11.91 96.04
N MET C 889 -21.76 11.03 95.06
CA MET C 889 -22.83 10.69 94.12
C MET C 889 -22.87 9.20 93.84
N PHE C 890 -23.91 8.74 93.18
CA PHE C 890 -24.02 7.34 92.78
C PHE C 890 -23.77 7.15 91.29
N SER C 891 -23.18 6.01 90.93
CA SER C 891 -23.10 5.63 89.52
C SER C 891 -24.32 4.77 89.20
N PRO C 892 -25.22 5.29 88.35
CA PRO C 892 -26.48 4.56 88.17
C PRO C 892 -26.35 3.31 87.31
N ASP C 893 -25.36 2.48 87.60
CA ASP C 893 -25.32 1.11 87.12
C ASP C 893 -25.80 0.18 88.23
N GLY C 894 -26.04 0.78 89.40
CA GLY C 894 -26.41 0.04 90.59
C GLY C 894 -25.21 -0.60 91.27
N SER C 895 -24.07 -0.60 90.59
CA SER C 895 -22.88 -1.28 91.07
C SER C 895 -22.06 -0.49 92.10
N SER C 896 -21.86 0.80 91.85
CA SER C 896 -20.92 1.57 92.66
C SER C 896 -21.27 3.06 92.76
N PHE C 897 -20.44 3.79 93.50
CA PHE C 897 -20.65 5.23 93.70
C PHE C 897 -19.34 6.01 93.70
N LEU C 898 -19.44 7.32 93.54
CA LEU C 898 -18.26 8.19 93.50
C LEU C 898 -18.21 9.11 94.71
N THR C 899 -16.99 9.42 95.14
CA THR C 899 -16.78 10.31 96.29
C THR C 899 -15.87 11.49 95.91
N SER C 900 -16.21 12.65 96.42
CA SER C 900 -15.43 13.87 96.17
C SER C 900 -15.26 14.69 97.46
N SER C 901 -14.03 15.05 97.76
CA SER C 901 -13.70 15.72 99.01
C SER C 901 -12.85 16.97 98.79
N ASP C 902 -12.39 17.56 99.88
CA ASP C 902 -11.52 18.73 99.82
C ASP C 902 -10.07 18.30 99.64
N ASP C 903 -9.86 17.00 99.49
CA ASP C 903 -8.54 16.44 99.27
C ASP C 903 -8.16 16.54 97.79
N GLN C 904 -9.04 17.20 97.03
CA GLN C 904 -8.80 17.54 95.63
C GLN C 904 -8.74 16.30 94.74
N THR C 905 -9.37 15.22 95.17
CA THR C 905 -9.29 13.96 94.44
C THR C 905 -10.65 13.29 94.28
N ILE C 906 -10.95 12.86 93.06
CA ILE C 906 -12.19 12.13 92.78
C ILE C 906 -11.95 10.62 92.89
N ARG C 907 -12.79 9.95 93.66
CA ARG C 907 -12.60 8.51 93.87
C ARG C 907 -13.82 7.68 93.48
N LEU C 908 -13.55 6.44 93.08
CA LEU C 908 -14.59 5.46 92.76
C LEU C 908 -14.59 4.35 93.80
N TRP C 909 -15.72 4.18 94.47
CA TRP C 909 -15.89 3.21 95.54
C TRP C 909 -17.02 2.23 95.24
N GLU C 910 -16.88 0.99 95.72
CA GLU C 910 -17.90 -0.04 95.53
C GLU C 910 -18.91 -0.05 96.67
N THR C 911 -20.18 -0.26 96.34
CA THR C 911 -21.25 -0.24 97.34
C THR C 911 -21.17 -1.43 98.29
N LYS C 912 -21.07 -2.63 97.73
CA LYS C 912 -21.10 -3.85 98.52
C LYS C 912 -19.79 -4.11 99.27
N LYS C 913 -18.70 -3.56 98.76
CA LYS C 913 -17.38 -3.80 99.33
C LYS C 913 -17.14 -2.96 100.58
N VAL C 914 -17.57 -1.70 100.54
CA VAL C 914 -17.40 -0.80 101.68
C VAL C 914 -18.35 -1.21 102.82
N CYS C 915 -19.42 -1.89 102.46
CA CYS C 915 -20.44 -2.34 103.42
C CYS C 915 -19.85 -3.11 104.60
N LYS C 916 -18.79 -3.87 104.35
CA LYS C 916 -18.13 -4.63 105.40
C LYS C 916 -17.19 -3.74 106.21
N ASN C 917 -17.42 -3.69 107.52
CA ASN C 917 -16.61 -2.85 108.40
C ASN C 917 -16.00 -3.64 109.55
N SER C 918 -14.73 -3.38 109.84
CA SER C 918 -14.02 -4.09 110.90
C SER C 918 -14.13 -3.36 112.24
N ALA C 919 -14.70 -2.16 112.21
CA ALA C 919 -14.88 -1.33 113.40
C ALA C 919 -13.57 -1.08 114.15
N VAL C 920 -12.55 -0.65 113.40
CA VAL C 920 -11.24 -0.35 113.98
C VAL C 920 -11.11 1.13 114.34
N MET C 921 -12.22 1.85 114.17
CA MET C 921 -12.26 3.30 114.36
C MET C 921 -11.74 3.76 115.73
N LEU C 922 -10.87 4.78 115.70
CA LEU C 922 -10.31 5.37 116.91
C LEU C 922 -10.52 6.89 116.83
N LYS C 923 -11.05 7.51 117.88
CA LYS C 923 -11.47 8.90 117.72
C LYS C 923 -10.35 9.93 117.87
N GLN C 924 -10.02 10.27 119.12
CA GLN C 924 -9.00 11.30 119.37
C GLN C 924 -7.65 10.80 119.84
N GLU C 925 -7.51 9.51 120.12
CA GLU C 925 -6.34 9.07 120.89
C GLU C 925 -5.92 7.62 120.68
N VAL C 926 -4.62 7.38 120.76
CA VAL C 926 -4.08 6.03 120.90
C VAL C 926 -3.14 6.01 122.11
N ASP C 927 -3.05 4.86 122.77
CA ASP C 927 -2.24 4.74 123.98
C ASP C 927 -1.17 3.66 123.86
N VAL C 928 0.09 4.06 124.02
CA VAL C 928 1.20 3.12 123.95
C VAL C 928 1.42 2.42 125.29
N VAL C 929 1.83 1.16 125.22
CA VAL C 929 2.12 0.38 126.42
C VAL C 929 3.57 -0.09 126.36
N PHE C 930 4.25 -0.13 127.50
CA PHE C 930 5.64 -0.55 127.53
C PHE C 930 5.87 -1.79 128.38
N GLN C 931 6.21 -2.90 127.72
CA GLN C 931 6.61 -4.12 128.43
C GLN C 931 8.09 -4.37 128.19
N GLU C 932 8.90 -4.15 129.22
CA GLU C 932 10.35 -4.14 129.08
C GLU C 932 10.76 -3.29 127.87
N ASN C 933 11.50 -3.90 126.95
CA ASN C 933 11.88 -3.22 125.71
C ASN C 933 10.75 -3.24 124.69
N GLU C 934 9.99 -4.33 124.68
CA GLU C 934 8.89 -4.52 123.72
C GLU C 934 7.74 -3.55 123.96
N VAL C 935 7.08 -3.14 122.88
CA VAL C 935 5.96 -2.22 122.96
C VAL C 935 4.64 -2.94 122.69
N MET C 936 3.60 -2.54 123.42
CA MET C 936 2.27 -3.11 123.25
C MET C 936 1.28 -2.02 122.90
N VAL C 937 0.13 -2.40 122.32
CA VAL C 937 -0.83 -1.42 121.84
C VAL C 937 -2.11 -1.38 122.67
N LEU C 938 -2.48 -0.18 123.12
CA LEU C 938 -3.76 0.02 123.79
C LEU C 938 -4.59 1.06 123.04
N ALA C 939 -5.70 0.62 122.46
CA ALA C 939 -6.53 1.50 121.65
C ALA C 939 -7.83 1.86 122.36
N VAL C 940 -8.34 3.06 122.13
CA VAL C 940 -9.62 3.47 122.69
C VAL C 940 -10.73 3.20 121.69
N ASP C 941 -11.59 2.24 122.01
CA ASP C 941 -12.61 1.77 121.07
C ASP C 941 -13.65 2.84 120.76
N HIS C 942 -14.12 2.83 119.51
CA HIS C 942 -15.15 3.76 119.07
C HIS C 942 -16.48 3.51 119.76
N ILE C 943 -16.92 2.25 119.73
CA ILE C 943 -18.25 1.88 120.22
C ILE C 943 -18.44 2.12 121.72
N ARG C 944 -17.62 1.46 122.55
CA ARG C 944 -17.84 1.54 124.00
C ARG C 944 -16.65 2.07 124.80
N ARG C 945 -15.64 1.21 125.02
CA ARG C 945 -14.50 1.64 125.83
C ARG C 945 -13.15 1.51 125.12
N LEU C 946 -12.63 0.29 125.02
CA LEU C 946 -11.27 0.12 124.50
C LEU C 946 -11.01 -1.26 123.92
N GLN C 947 -9.95 -1.34 123.12
CA GLN C 947 -9.48 -2.59 122.55
C GLN C 947 -7.99 -2.77 122.83
N LEU C 948 -7.63 -3.92 123.41
CA LEU C 948 -6.25 -4.21 123.75
C LEU C 948 -5.57 -5.04 122.67
N ILE C 949 -4.55 -4.48 122.04
CA ILE C 949 -3.82 -5.16 120.98
C ILE C 949 -2.42 -5.55 121.43
N ASN C 950 -2.17 -6.86 121.50
CA ASN C 950 -0.87 -7.38 121.90
C ASN C 950 0.13 -7.25 120.75
N GLY C 951 1.39 -7.03 121.10
CA GLY C 951 2.42 -6.80 120.11
C GLY C 951 2.86 -8.04 119.34
N ARG C 952 3.10 -7.84 118.04
CA ARG C 952 3.62 -8.89 117.16
C ARG C 952 2.73 -10.13 117.11
N THR C 953 1.43 -9.94 117.35
CA THR C 953 0.47 -11.04 117.28
C THR C 953 -0.94 -10.50 117.05
N GLY C 954 -1.84 -11.39 116.62
CA GLY C 954 -3.20 -11.00 116.33
C GLY C 954 -4.14 -11.12 117.51
N GLN C 955 -3.56 -11.13 118.72
CA GLN C 955 -4.37 -11.23 119.94
C GLN C 955 -5.03 -9.89 120.26
N ILE C 956 -6.36 -9.92 120.38
CA ILE C 956 -7.12 -8.71 120.69
C ILE C 956 -8.14 -8.96 121.80
N ASP C 957 -8.05 -8.17 122.85
CA ASP C 957 -8.98 -8.27 123.97
C ASP C 957 -9.89 -7.05 124.04
N TYR C 958 -11.18 -7.26 123.74
CA TYR C 958 -12.14 -6.17 123.68
C TYR C 958 -12.75 -5.87 125.06
N LEU C 959 -12.59 -4.64 125.51
CA LEU C 959 -13.15 -4.22 126.80
C LEU C 959 -14.26 -3.18 126.59
N THR C 960 -15.44 -3.50 127.11
CA THR C 960 -16.62 -2.65 126.91
C THR C 960 -17.15 -2.03 128.21
N GLU C 961 -17.23 -0.70 128.20
CA GLU C 961 -17.79 0.08 129.30
C GLU C 961 -18.48 1.32 128.76
N ALA C 962 -18.85 2.24 129.65
CA ALA C 962 -19.47 3.50 129.26
C ALA C 962 -18.49 4.34 128.44
N GLN C 963 -19.04 5.25 127.64
CA GLN C 963 -18.23 6.10 126.76
C GLN C 963 -17.22 6.93 127.54
N VAL C 964 -16.06 7.16 126.92
CA VAL C 964 -14.99 7.92 127.56
C VAL C 964 -14.59 9.14 126.74
N SER C 965 -14.34 10.25 127.41
CA SER C 965 -13.88 11.47 126.74
C SER C 965 -12.39 11.39 126.44
N CYS C 966 -11.62 10.89 127.41
CA CYS C 966 -10.18 10.76 127.25
C CYS C 966 -9.63 9.63 128.13
N CYS C 967 -8.46 9.12 127.75
CA CYS C 967 -7.84 8.03 128.48
C CYS C 967 -6.36 8.30 128.74
N CYS C 968 -5.87 7.86 129.90
CA CYS C 968 -4.46 8.06 130.27
C CYS C 968 -3.92 6.85 131.01
N LEU C 969 -2.70 6.44 130.65
CA LEU C 969 -2.05 5.29 131.25
C LEU C 969 -1.12 5.72 132.37
N SER C 970 -1.11 4.93 133.46
CA SER C 970 -0.32 5.24 134.63
C SER C 970 1.10 4.67 134.56
N PRO C 971 2.07 5.36 135.18
CA PRO C 971 3.43 4.82 135.32
C PRO C 971 3.43 3.59 136.22
N HIS C 972 4.39 2.69 136.02
CA HIS C 972 4.47 1.41 136.74
C HIS C 972 3.30 0.49 136.36
N LEU C 973 2.43 1.01 135.48
CA LEU C 973 1.24 0.32 135.01
C LEU C 973 0.31 -0.11 136.15
N GLN C 974 -0.27 -1.30 136.00
CA GLN C 974 -1.18 -1.90 136.98
C GLN C 974 -2.47 -1.10 137.18
N TYR C 975 -2.51 0.11 136.63
CA TYR C 975 -3.64 1.02 136.79
C TYR C 975 -3.95 1.76 135.49
N ILE C 976 -5.11 2.40 135.43
CA ILE C 976 -5.46 3.26 134.32
C ILE C 976 -6.36 4.39 134.80
N ALA C 977 -6.19 5.58 134.24
CA ALA C 977 -6.98 6.74 134.66
C ALA C 977 -7.58 7.45 133.44
N PHE C 978 -8.91 7.46 133.36
CA PHE C 978 -9.57 8.03 132.18
C PHE C 978 -10.71 8.98 132.55
N GLY C 979 -10.77 10.10 131.84
CA GLY C 979 -11.86 11.05 132.00
C GLY C 979 -13.02 10.71 131.08
N ASP C 980 -14.23 11.03 131.53
CA ASP C 980 -15.44 10.73 130.75
C ASP C 980 -16.15 12.00 130.32
N GLU C 981 -17.26 11.83 129.60
CA GLU C 981 -18.07 12.95 129.17
C GLU C 981 -19.11 13.28 130.25
N ASN C 982 -19.18 12.43 131.27
CA ASN C 982 -20.09 12.62 132.38
C ASN C 982 -19.50 13.56 133.43
N GLY C 983 -18.25 13.95 133.22
CA GLY C 983 -17.59 14.88 134.11
C GLY C 983 -16.53 14.25 135.01
N ALA C 984 -15.71 15.12 135.61
CA ALA C 984 -14.65 14.72 136.53
C ALA C 984 -13.67 13.70 135.94
N ILE C 985 -13.26 12.74 136.76
CA ILE C 985 -12.24 11.77 136.39
C ILE C 985 -12.57 10.39 136.97
N GLU C 986 -12.42 9.34 136.17
CA GLU C 986 -12.63 7.99 136.66
C GLU C 986 -11.33 7.18 136.66
N ILE C 987 -10.98 6.64 137.81
CA ILE C 987 -9.77 5.82 137.95
C ILE C 987 -10.14 4.35 138.09
N LEU C 988 -9.54 3.51 137.26
CA LEU C 988 -9.86 2.07 137.28
C LEU C 988 -8.59 1.23 137.34
N GLU C 989 -8.69 0.07 137.98
CA GLU C 989 -7.55 -0.82 138.14
C GLU C 989 -7.54 -1.90 137.05
N LEU C 990 -6.39 -2.09 136.42
CA LEU C 990 -6.25 -3.06 135.33
C LEU C 990 -6.48 -4.48 135.81
N VAL C 991 -6.24 -4.73 137.09
CA VAL C 991 -6.43 -6.06 137.67
C VAL C 991 -7.92 -6.41 137.75
N ASN C 992 -8.70 -5.51 138.35
CA ASN C 992 -10.14 -5.70 138.45
C ASN C 992 -10.91 -4.50 137.92
N ASN C 993 -11.73 -4.71 136.90
CA ASN C 993 -12.50 -3.65 136.29
C ASN C 993 -13.70 -3.23 137.12
N ARG C 994 -14.07 -4.08 138.08
CA ARG C 994 -15.22 -3.81 138.93
C ARG C 994 -14.89 -2.77 140.00
N ILE C 995 -13.59 -2.60 140.27
CA ILE C 995 -13.14 -1.64 141.28
C ILE C 995 -12.72 -0.33 140.62
N PHE C 996 -13.41 0.75 140.99
CA PHE C 996 -13.11 2.07 140.43
C PHE C 996 -13.34 3.18 141.45
N GLN C 997 -12.60 4.28 141.30
CA GLN C 997 -12.73 5.41 142.20
C GLN C 997 -12.91 6.72 141.42
N SER C 998 -13.84 7.55 141.87
CA SER C 998 -14.10 8.83 141.22
C SER C 998 -14.65 9.85 142.22
N ARG C 999 -14.35 11.12 141.99
CA ARG C 999 -14.86 12.20 142.83
C ARG C 999 -15.27 13.39 141.97
N PHE C 1000 -16.33 14.07 142.36
CA PHE C 1000 -16.89 15.16 141.55
C PHE C 1000 -16.32 16.52 141.93
N GLN C 1001 -15.51 17.09 141.02
CA GLN C 1001 -14.95 18.41 141.21
C GLN C 1001 -14.61 19.00 139.84
N HIS C 1002 -14.59 20.33 139.75
CA HIS C 1002 -14.26 21.02 138.50
C HIS C 1002 -15.18 20.63 137.36
N LYS C 1003 -16.41 21.11 137.41
CA LYS C 1003 -17.46 20.76 136.45
C LYS C 1003 -17.05 20.90 134.99
N LYS C 1004 -16.10 21.80 134.73
CA LYS C 1004 -15.63 22.03 133.36
C LYS C 1004 -14.90 20.80 132.83
N THR C 1005 -14.80 20.71 131.50
CA THR C 1005 -14.20 19.55 130.83
C THR C 1005 -12.76 19.31 131.26
N VAL C 1006 -12.47 18.09 131.68
CA VAL C 1006 -11.13 17.72 132.11
C VAL C 1006 -10.26 17.38 130.91
N TRP C 1007 -9.06 17.98 130.85
CA TRP C 1007 -8.17 17.79 129.72
C TRP C 1007 -7.01 16.86 130.05
N HIS C 1008 -6.12 17.30 130.94
CA HIS C 1008 -4.92 16.54 131.26
C HIS C 1008 -5.01 15.91 132.65
N ILE C 1009 -4.62 14.64 132.73
CA ILE C 1009 -4.68 13.88 133.97
C ILE C 1009 -3.35 13.17 134.21
N GLN C 1010 -2.68 13.44 135.32
CA GLN C 1010 -1.39 12.80 135.56
C GLN C 1010 -1.12 12.45 137.02
N PHE C 1011 -0.64 11.23 137.23
CA PHE C 1011 -0.13 10.79 138.53
C PHE C 1011 1.26 11.36 138.79
N THR C 1012 1.67 11.37 140.06
CA THR C 1012 3.03 11.77 140.41
C THR C 1012 4.02 10.66 140.10
N ALA C 1013 5.26 10.83 140.56
CA ALA C 1013 6.30 9.82 140.36
C ALA C 1013 5.88 8.47 140.93
N ASP C 1014 5.10 8.50 142.00
CA ASP C 1014 4.56 7.28 142.59
C ASP C 1014 3.19 6.96 142.00
N GLU C 1015 2.51 5.97 142.59
CA GLU C 1015 1.19 5.57 142.11
C GLU C 1015 0.08 6.35 142.81
N LYS C 1016 0.47 7.28 143.68
CA LYS C 1016 -0.49 8.05 144.47
C LYS C 1016 -0.46 9.53 144.09
N THR C 1017 -1.25 10.32 144.82
CA THR C 1017 -1.31 11.77 144.65
C THR C 1017 -1.72 12.15 143.22
N LEU C 1018 -2.99 11.95 142.90
CA LEU C 1018 -3.54 12.34 141.61
C LEU C 1018 -3.44 13.83 141.36
N ILE C 1019 -2.87 14.21 140.22
CA ILE C 1019 -2.83 15.62 139.82
C ILE C 1019 -3.69 15.81 138.58
N SER C 1020 -4.72 16.65 138.70
CA SER C 1020 -5.65 16.86 137.60
C SER C 1020 -6.00 18.34 137.42
N SER C 1021 -6.28 18.72 136.18
CA SER C 1021 -6.65 20.09 135.86
C SER C 1021 -7.81 20.15 134.87
N SER C 1022 -8.38 21.33 134.72
CA SER C 1022 -9.49 21.56 133.81
C SER C 1022 -9.43 23.00 133.33
N ASP C 1023 -10.49 23.48 132.69
CA ASP C 1023 -10.53 24.88 132.30
C ASP C 1023 -11.20 25.66 133.42
N ASP C 1024 -10.37 26.42 134.15
CA ASP C 1024 -10.78 27.10 135.38
C ASP C 1024 -9.56 27.78 136.02
N ALA C 1025 -9.80 28.48 137.13
CA ALA C 1025 -8.73 29.16 137.85
C ALA C 1025 -8.10 28.26 138.92
N GLU C 1026 -8.56 27.00 138.99
CA GLU C 1026 -8.08 26.09 140.03
C GLU C 1026 -7.60 24.75 139.47
N ILE C 1027 -6.52 24.23 140.04
CA ILE C 1027 -5.99 22.92 139.69
C ILE C 1027 -6.08 21.99 140.89
N GLN C 1028 -6.60 20.78 140.70
CA GLN C 1028 -6.84 19.90 141.83
C GLN C 1028 -5.73 18.86 142.04
N VAL C 1029 -5.34 18.71 143.30
CA VAL C 1029 -4.43 17.64 143.72
C VAL C 1029 -5.16 16.81 144.78
N TRP C 1030 -5.45 15.56 144.46
CA TRP C 1030 -6.29 14.73 145.32
C TRP C 1030 -5.69 13.35 145.56
N ASN C 1031 -5.71 12.94 146.82
CA ASN C 1031 -5.13 11.66 147.24
C ASN C 1031 -6.19 10.59 147.47
N TRP C 1032 -5.99 9.43 146.84
CA TRP C 1032 -6.94 8.31 146.87
C TRP C 1032 -6.45 7.21 147.80
N GLN C 1033 -7.41 6.47 148.39
CA GLN C 1033 -7.18 5.53 149.49
C GLN C 1033 -6.96 6.36 150.76
N LEU C 1034 -6.99 7.66 150.55
CA LEU C 1034 -6.77 8.70 151.54
C LEU C 1034 -8.01 9.57 151.56
N ASP C 1035 -8.38 10.06 150.37
CA ASP C 1035 -9.47 11.03 150.16
C ASP C 1035 -9.03 12.39 150.68
N LYS C 1036 -7.77 12.72 150.44
CA LYS C 1036 -7.26 14.04 150.79
C LYS C 1036 -7.49 15.03 149.66
N CYS C 1037 -8.25 16.09 149.96
CA CYS C 1037 -8.58 17.10 148.96
C CYS C 1037 -7.70 18.33 149.11
N ILE C 1038 -6.84 18.57 148.13
CA ILE C 1038 -5.96 19.74 148.17
C ILE C 1038 -6.10 20.55 146.89
N PHE C 1039 -6.62 21.77 147.01
CA PHE C 1039 -6.85 22.63 145.86
C PHE C 1039 -5.75 23.67 145.70
N LEU C 1040 -5.26 23.82 144.47
CA LEU C 1040 -4.21 24.79 144.18
C LEU C 1040 -4.74 25.89 143.27
N ARG C 1041 -4.84 27.10 143.81
CA ARG C 1041 -5.37 28.23 143.06
C ARG C 1041 -4.25 29.06 142.43
N GLY C 1042 -4.37 29.31 141.12
CA GLY C 1042 -3.40 30.12 140.41
C GLY C 1042 -3.87 31.55 140.29
N HIS C 1043 -5.14 31.78 140.59
CA HIS C 1043 -5.76 33.10 140.51
C HIS C 1043 -5.58 33.75 139.14
N GLN C 1044 -6.16 33.14 138.12
CA GLN C 1044 -6.08 33.66 136.76
C GLN C 1044 -7.42 33.49 136.05
N GLU C 1045 -7.45 33.83 134.76
CA GLU C 1045 -8.65 33.66 133.96
C GLU C 1045 -8.92 32.18 133.71
N THR C 1046 -7.91 31.48 133.22
CA THR C 1046 -8.03 30.05 132.94
C THR C 1046 -6.67 29.36 132.94
N VAL C 1047 -6.67 28.04 133.06
CA VAL C 1047 -5.46 27.25 133.04
C VAL C 1047 -5.57 26.13 132.01
N LYS C 1048 -4.54 25.98 131.17
CA LYS C 1048 -4.59 24.98 130.11
C LYS C 1048 -4.21 23.58 130.60
N ASP C 1049 -2.92 23.36 130.83
CA ASP C 1049 -2.41 22.03 131.14
C ASP C 1049 -1.16 22.08 132.02
N PHE C 1050 -0.57 20.90 132.24
CA PHE C 1050 0.66 20.80 133.03
C PHE C 1050 1.51 19.61 132.60
N ARG C 1051 2.69 19.48 133.22
CA ARG C 1051 3.58 18.36 132.96
C ARG C 1051 4.49 18.14 134.16
N LEU C 1052 4.97 16.91 134.33
CA LEU C 1052 5.88 16.58 135.41
C LEU C 1052 7.32 16.47 134.90
N LEU C 1053 8.23 17.17 135.56
CA LEU C 1053 9.64 17.14 135.19
C LEU C 1053 10.37 16.00 135.90
N LYS C 1054 11.70 16.01 135.80
CA LYS C 1054 12.52 14.98 136.44
C LYS C 1054 12.52 15.14 137.95
N ASN C 1055 11.97 16.24 138.44
CA ASN C 1055 11.87 16.49 139.87
C ASN C 1055 10.42 16.49 140.34
N SER C 1056 10.22 16.77 141.62
CA SER C 1056 8.87 16.78 142.21
C SER C 1056 8.08 18.02 141.79
N ARG C 1057 8.75 18.96 141.14
CA ARG C 1057 8.11 20.19 140.70
C ARG C 1057 7.12 19.93 139.57
N LEU C 1058 6.08 20.75 139.49
CA LEU C 1058 5.04 20.60 138.48
C LEU C 1058 5.02 21.80 137.54
N LEU C 1059 5.38 21.59 136.28
CA LEU C 1059 5.49 22.70 135.33
C LEU C 1059 4.20 22.86 134.52
N SER C 1060 3.48 23.94 134.77
CA SER C 1060 2.15 24.13 134.18
C SER C 1060 2.04 25.38 133.31
N TRP C 1061 1.15 25.32 132.31
CA TRP C 1061 0.95 26.44 131.40
C TRP C 1061 -0.54 26.70 131.16
N SER C 1062 -0.85 27.94 130.78
CA SER C 1062 -2.23 28.37 130.58
C SER C 1062 -2.41 29.17 129.30
N PHE C 1063 -3.62 29.69 129.08
CA PHE C 1063 -3.93 30.51 127.92
C PHE C 1063 -3.47 31.95 128.11
N ASP C 1064 -3.16 32.32 129.34
CA ASP C 1064 -2.78 33.69 129.66
C ASP C 1064 -1.28 33.90 129.50
N GLY C 1065 -0.59 32.86 129.08
CA GLY C 1065 0.86 32.94 128.89
C GLY C 1065 1.61 32.90 130.21
N THR C 1066 0.97 32.36 131.23
CA THR C 1066 1.57 32.27 132.55
C THR C 1066 2.08 30.86 132.83
N VAL C 1067 3.41 30.73 132.89
CA VAL C 1067 4.04 29.45 133.19
C VAL C 1067 4.39 29.36 134.67
N LYS C 1068 3.79 28.39 135.37
CA LYS C 1068 3.96 28.30 136.81
C LYS C 1068 4.63 26.99 137.24
N VAL C 1069 5.38 27.06 138.33
CA VAL C 1069 6.01 25.87 138.90
C VAL C 1069 5.41 25.57 140.27
N TRP C 1070 4.66 24.49 140.36
CA TRP C 1070 3.98 24.12 141.60
C TRP C 1070 4.66 22.96 142.32
N ASN C 1071 4.11 22.58 143.46
CA ASN C 1071 4.64 21.46 144.23
C ASN C 1071 3.50 20.56 144.72
N ILE C 1072 3.86 19.37 145.19
CA ILE C 1072 2.86 18.40 145.64
C ILE C 1072 2.40 18.67 147.06
N ILE C 1073 1.09 18.49 147.28
CA ILE C 1073 0.45 18.53 148.60
C ILE C 1073 0.35 19.97 149.14
N THR C 1074 1.12 20.88 148.56
CA THR C 1074 1.08 22.28 148.97
C THR C 1074 1.26 23.21 147.78
N GLY C 1075 0.36 24.19 147.66
CA GLY C 1075 0.47 25.18 146.60
C GLY C 1075 1.66 26.09 146.81
N ASN C 1076 2.53 26.16 145.82
CA ASN C 1076 3.73 27.01 145.88
C ASN C 1076 4.11 27.55 144.50
N LYS C 1077 4.58 28.79 144.47
CA LYS C 1077 5.07 29.39 143.24
C LYS C 1077 6.54 29.79 143.38
N GLU C 1078 7.42 29.08 142.69
CA GLU C 1078 8.84 29.40 142.72
C GLU C 1078 9.17 30.60 141.84
N LYS C 1079 8.69 30.55 140.59
CA LYS C 1079 8.94 31.60 139.61
C LYS C 1079 7.75 31.76 138.66
N ASP C 1080 7.71 32.89 137.96
CA ASP C 1080 6.66 33.15 136.99
C ASP C 1080 7.28 33.58 135.66
N PHE C 1081 7.09 32.77 134.62
CA PHE C 1081 7.66 33.04 133.30
C PHE C 1081 6.60 33.37 132.26
N VAL C 1082 6.57 34.62 131.82
CA VAL C 1082 5.69 35.03 130.73
C VAL C 1082 6.51 35.45 129.53
N CYS C 1083 6.50 34.64 128.47
CA CYS C 1083 7.25 34.94 127.26
C CYS C 1083 6.58 36.02 126.43
N HIS C 1084 5.29 35.83 126.15
CA HIS C 1084 4.52 36.77 125.34
C HIS C 1084 3.05 36.77 125.74
N GLN C 1085 2.23 37.44 124.94
CA GLN C 1085 0.80 37.50 125.17
C GLN C 1085 0.08 36.46 124.31
N GLY C 1086 -0.96 35.84 124.87
CA GLY C 1086 -1.71 34.83 124.16
C GLY C 1086 -1.42 33.42 124.66
N THR C 1087 -2.04 32.44 124.00
CA THR C 1087 -1.89 31.04 124.39
C THR C 1087 -0.49 30.50 124.13
N VAL C 1088 0.10 29.91 125.16
CA VAL C 1088 1.42 29.30 125.05
C VAL C 1088 1.30 27.78 124.98
N LEU C 1089 1.96 27.18 124.01
CA LEU C 1089 1.82 25.73 123.77
C LEU C 1089 2.87 24.91 124.50
N SER C 1090 2.42 24.17 125.51
CA SER C 1090 3.24 23.24 126.28
C SER C 1090 4.52 23.85 126.82
N CYS C 1091 5.58 23.04 126.81
CA CYS C 1091 6.90 23.44 127.30
C CYS C 1091 7.99 22.66 126.57
N ASP C 1092 9.15 23.27 126.41
CA ASP C 1092 10.26 22.62 125.71
C ASP C 1092 11.53 22.64 126.56
N ILE C 1093 11.99 21.45 126.95
CA ILE C 1093 13.18 21.32 127.78
C ILE C 1093 14.32 20.65 127.01
N SER C 1094 15.55 20.96 127.41
CA SER C 1094 16.74 20.43 126.74
C SER C 1094 16.97 18.96 127.05
N HIS C 1095 16.29 18.46 128.09
CA HIS C 1095 16.38 17.07 128.53
C HIS C 1095 17.76 16.70 129.10
N ASP C 1096 18.74 17.60 128.94
CA ASP C 1096 20.08 17.39 129.48
C ASP C 1096 20.11 17.71 130.97
N ALA C 1097 19.20 18.58 131.39
CA ALA C 1097 19.14 19.07 132.76
C ALA C 1097 17.92 19.98 132.94
N THR C 1098 17.66 20.38 134.18
CA THR C 1098 16.51 21.22 134.48
C THR C 1098 16.86 22.71 134.35
N LYS C 1099 18.14 22.99 134.16
CA LYS C 1099 18.63 24.36 134.01
C LYS C 1099 17.96 25.09 132.84
N PHE C 1100 18.26 24.64 131.63
CA PHE C 1100 17.70 25.25 130.42
C PHE C 1100 16.26 24.81 130.20
N SER C 1101 15.36 25.78 130.05
CA SER C 1101 13.95 25.49 129.80
C SER C 1101 13.34 26.53 128.87
N SER C 1102 12.46 26.09 127.99
CA SER C 1102 11.79 26.99 127.06
C SER C 1102 10.35 26.56 126.79
N THR C 1103 9.65 27.35 125.99
CA THR C 1103 8.27 27.04 125.62
C THR C 1103 7.88 27.79 124.34
N SER C 1104 6.79 27.37 123.72
CA SER C 1104 6.33 28.01 122.49
C SER C 1104 5.19 28.99 122.76
N ALA C 1105 5.48 30.28 122.58
CA ALA C 1105 4.51 31.33 122.84
C ALA C 1105 3.74 31.70 121.58
N ASP C 1106 3.99 30.95 120.51
CA ASP C 1106 3.36 31.15 119.20
C ASP C 1106 3.77 32.48 118.58
N LYS C 1107 4.90 33.02 119.03
CA LYS C 1107 5.46 34.23 118.44
C LYS C 1107 6.95 34.05 118.14
N THR C 1108 7.75 33.95 119.19
CA THR C 1108 9.18 33.76 119.08
C THR C 1108 9.63 32.58 119.93
N ALA C 1109 10.93 32.27 119.91
CA ALA C 1109 11.44 31.18 120.72
C ALA C 1109 12.36 31.69 121.82
N LYS C 1110 11.91 31.64 123.06
CA LYS C 1110 12.65 32.20 124.18
C LYS C 1110 13.04 31.14 125.21
N ILE C 1111 14.29 31.19 125.65
CA ILE C 1111 14.80 30.20 126.61
C ILE C 1111 15.33 30.88 127.88
N TRP C 1112 15.07 30.24 129.02
CA TRP C 1112 15.52 30.71 130.32
C TRP C 1112 16.29 29.64 131.09
N SER C 1113 17.35 30.06 131.77
CA SER C 1113 18.21 29.17 132.54
C SER C 1113 17.84 29.11 134.02
N PHE C 1114 16.70 29.73 134.37
CA PHE C 1114 16.29 29.95 135.77
C PHE C 1114 17.24 30.90 136.48
N ASP C 1115 17.87 31.78 135.71
CA ASP C 1115 18.76 32.79 136.28
C ASP C 1115 18.02 34.10 136.53
N LEU C 1116 16.75 34.13 136.14
CA LEU C 1116 15.92 35.32 136.31
C LEU C 1116 14.44 34.93 136.22
N LEU C 1117 13.55 35.89 136.43
CA LEU C 1117 12.12 35.62 136.33
C LEU C 1117 11.64 35.72 134.89
N LEU C 1118 12.48 36.29 134.03
CA LEU C 1118 12.16 36.44 132.62
C LEU C 1118 13.15 35.64 131.77
N PRO C 1119 12.69 35.13 130.61
CA PRO C 1119 13.54 34.38 129.69
C PRO C 1119 14.80 35.14 129.30
N LEU C 1120 15.95 34.47 129.41
CA LEU C 1120 17.23 35.12 129.16
C LEU C 1120 17.48 35.38 127.67
N HIS C 1121 17.30 34.35 126.85
CA HIS C 1121 17.60 34.49 125.43
C HIS C 1121 16.32 34.50 124.57
N GLU C 1122 16.31 35.38 123.57
CA GLU C 1122 15.17 35.51 122.68
C GLU C 1122 15.56 35.28 121.22
N LEU C 1123 14.78 34.45 120.53
CA LEU C 1123 15.04 34.16 119.13
C LEU C 1123 13.83 34.56 118.27
N ARG C 1124 14.06 35.57 117.43
CA ARG C 1124 13.00 36.19 116.62
C ARG C 1124 12.92 35.60 115.21
N GLY C 1125 13.67 34.53 114.95
CA GLY C 1125 13.86 34.00 113.61
C GLY C 1125 12.61 33.86 112.75
N HIS C 1126 11.55 33.30 113.32
CA HIS C 1126 10.26 33.30 112.64
C HIS C 1126 9.18 33.84 113.57
N ASN C 1127 8.67 35.02 113.26
CA ASN C 1127 7.68 35.68 114.11
C ASN C 1127 6.24 35.49 113.66
N GLY C 1128 6.04 34.87 112.51
CA GLY C 1128 4.70 34.68 111.98
C GLY C 1128 3.88 33.70 112.81
N CYS C 1129 4.39 32.47 112.91
CA CYS C 1129 3.76 31.43 113.72
C CYS C 1129 4.81 30.45 114.23
N VAL C 1130 4.64 30.00 115.47
CA VAL C 1130 5.49 28.94 116.01
C VAL C 1130 4.64 27.83 116.61
N ARG C 1131 4.66 26.66 115.99
CA ARG C 1131 3.90 25.53 116.50
C ARG C 1131 4.61 24.84 117.65
N CYS C 1132 5.92 24.64 117.49
CA CYS C 1132 6.72 23.97 118.52
C CYS C 1132 8.21 24.19 118.32
N SER C 1133 9.00 23.63 119.23
CA SER C 1133 10.45 23.73 119.17
C SER C 1133 11.09 22.51 119.83
N ALA C 1134 12.33 22.21 119.46
CA ALA C 1134 13.00 21.01 119.98
C ALA C 1134 14.46 21.24 120.29
N PHE C 1135 14.88 20.77 121.45
CA PHE C 1135 16.29 20.78 121.86
C PHE C 1135 16.84 19.35 121.87
N SER C 1136 17.73 19.05 120.93
CA SER C 1136 18.33 17.72 120.85
C SER C 1136 19.43 17.56 121.89
N VAL C 1137 19.48 16.39 122.52
CA VAL C 1137 20.46 16.12 123.57
C VAL C 1137 21.89 16.12 123.02
N ASP C 1138 22.83 16.52 123.87
CA ASP C 1138 24.26 16.56 123.54
C ASP C 1138 24.58 17.60 122.47
N SER C 1139 23.55 18.23 121.93
CA SER C 1139 23.70 19.22 120.87
C SER C 1139 23.15 20.57 121.33
N THR C 1140 21.84 20.57 121.65
CA THR C 1140 21.01 21.68 122.15
C THR C 1140 20.53 22.54 120.98
N LEU C 1141 20.97 22.20 119.79
CA LEU C 1141 20.53 22.89 118.56
C LEU C 1141 19.01 22.90 118.45
N LEU C 1142 18.47 24.04 118.04
CA LEU C 1142 17.03 24.25 118.03
C LEU C 1142 16.36 23.83 116.72
N ALA C 1143 15.30 23.05 116.83
CA ALA C 1143 14.48 22.69 115.67
C ALA C 1143 13.08 23.27 115.81
N THR C 1144 12.77 24.27 114.99
CA THR C 1144 11.49 24.97 115.12
C THR C 1144 10.41 24.46 114.17
N GLY C 1145 9.37 23.87 114.75
CA GLY C 1145 8.16 23.55 114.01
C GLY C 1145 7.22 24.73 113.97
N ASP C 1146 6.53 24.91 112.85
CA ASP C 1146 5.63 26.05 112.67
C ASP C 1146 4.25 25.60 112.20
N ASP C 1147 3.29 26.53 112.28
CA ASP C 1147 1.92 26.27 111.83
C ASP C 1147 1.86 25.88 110.36
N ASN C 1148 2.82 26.40 109.59
CA ASN C 1148 2.91 26.07 108.17
C ASN C 1148 3.44 24.67 107.95
N GLY C 1149 3.86 24.02 109.03
CA GLY C 1149 4.37 22.65 108.96
C GLY C 1149 5.82 22.62 108.55
N GLU C 1150 6.49 23.77 108.63
CA GLU C 1150 7.90 23.87 108.26
C GLU C 1150 8.81 23.61 109.46
N ILE C 1151 9.85 22.83 109.24
CA ILE C 1151 10.82 22.52 110.29
C ILE C 1151 12.14 23.21 110.00
N ARG C 1152 12.49 24.22 110.80
CA ARG C 1152 13.72 24.96 110.57
C ARG C 1152 14.82 24.59 111.56
N ILE C 1153 16.01 24.35 111.03
CA ILE C 1153 17.16 24.00 111.85
C ILE C 1153 18.01 25.22 112.17
N TRP C 1154 18.24 25.45 113.46
CA TRP C 1154 19.02 26.61 113.91
C TRP C 1154 20.08 26.19 114.92
N ASN C 1155 21.33 26.54 114.62
CA ASN C 1155 22.45 26.22 115.50
C ASN C 1155 22.43 27.09 116.76
N VAL C 1156 22.50 26.44 117.92
CA VAL C 1156 22.45 27.15 119.20
C VAL C 1156 23.68 26.87 120.05
N SER C 1157 24.43 27.92 120.35
CA SER C 1157 25.59 27.81 121.22
C SER C 1157 25.52 28.86 122.34
N ASN C 1158 25.58 30.13 121.94
CA ASN C 1158 25.45 31.25 122.86
C ASN C 1158 24.00 31.69 123.01
N GLY C 1159 23.10 30.94 122.38
CA GLY C 1159 21.70 31.30 122.34
C GLY C 1159 21.41 32.35 121.28
N GLU C 1160 22.05 32.17 120.12
CA GLU C 1160 21.84 33.06 118.99
C GLU C 1160 21.73 32.24 117.70
N LEU C 1161 21.25 32.87 116.64
CA LEU C 1161 21.01 32.17 115.38
C LEU C 1161 22.25 32.17 114.48
N LEU C 1162 22.63 31.01 113.98
CA LEU C 1162 23.80 30.89 113.14
C LEU C 1162 23.48 30.31 111.76
N HIS C 1163 23.19 29.00 111.72
CA HIS C 1163 22.99 28.30 110.47
C HIS C 1163 21.61 28.66 109.89
N LEU C 1164 21.31 28.17 108.69
CA LEU C 1164 20.02 28.43 108.05
C LEU C 1164 19.62 27.28 107.14
N CYS C 1165 18.34 26.95 107.13
CA CYS C 1165 17.82 25.91 106.25
C CYS C 1165 16.37 26.20 105.87
N ALA C 1166 16.00 25.86 104.64
CA ALA C 1166 14.64 26.06 104.18
C ALA C 1166 13.94 24.74 103.91
N PRO C 1167 13.02 24.35 104.81
CA PRO C 1167 12.21 23.13 104.66
C PRO C 1167 11.20 23.21 103.53
N LEU C 1168 10.65 24.41 103.31
CA LEU C 1168 9.66 24.62 102.27
C LEU C 1168 10.25 24.45 100.87
N SER C 1169 9.41 24.05 99.92
CA SER C 1169 9.85 23.83 98.56
C SER C 1169 9.53 25.03 97.66
N GLU C 1170 10.41 25.30 96.71
CA GLU C 1170 10.21 26.41 95.77
C GLU C 1170 9.42 25.93 94.56
N GLU C 1171 9.00 24.67 94.61
CA GLU C 1171 8.22 24.06 93.53
C GLU C 1171 6.77 24.56 93.53
N GLY C 1172 6.43 25.39 94.52
CA GLY C 1172 5.08 25.91 94.64
C GLY C 1172 4.28 25.32 95.78
N ALA C 1173 3.02 25.70 95.86
CA ALA C 1173 2.14 25.33 96.98
C ALA C 1173 1.98 23.82 97.11
N ALA C 1174 1.78 23.36 98.35
CA ALA C 1174 1.61 21.96 98.64
C ALA C 1174 0.16 21.63 98.97
N THR C 1175 -0.27 20.42 98.62
CA THR C 1175 -1.66 20.03 98.83
C THR C 1175 -1.91 19.60 100.27
N HIS C 1176 -1.36 18.45 100.66
CA HIS C 1176 -1.54 17.93 102.01
C HIS C 1176 -0.28 18.12 102.85
N GLY C 1177 -0.46 18.66 104.05
CA GLY C 1177 0.65 18.90 104.96
C GLY C 1177 0.39 20.10 105.85
N GLY C 1178 1.44 20.62 106.46
CA GLY C 1178 1.34 21.79 107.30
C GLY C 1178 0.83 21.53 108.71
N TRP C 1179 1.18 20.36 109.24
CA TRP C 1179 0.78 19.99 110.59
C TRP C 1179 1.88 19.26 111.34
N VAL C 1180 2.15 19.70 112.57
CA VAL C 1180 3.15 19.06 113.41
C VAL C 1180 2.76 19.19 114.88
N THR C 1181 3.05 18.16 115.68
CA THR C 1181 2.72 18.17 117.10
C THR C 1181 3.93 17.88 117.97
N ASP C 1182 4.41 16.64 117.91
CA ASP C 1182 5.55 16.22 118.72
C ASP C 1182 6.73 15.81 117.85
N LEU C 1183 7.94 16.12 118.33
CA LEU C 1183 9.16 15.76 117.60
C LEU C 1183 9.93 14.71 118.37
N CYS C 1184 10.67 13.87 117.64
CA CYS C 1184 11.40 12.76 118.26
C CYS C 1184 12.88 12.81 117.93
N PHE C 1185 13.68 12.10 118.73
CA PHE C 1185 15.13 12.15 118.60
C PHE C 1185 15.72 10.78 118.23
N SER C 1186 16.90 10.80 117.62
CA SER C 1186 17.60 9.59 117.26
C SER C 1186 18.50 9.11 118.39
N PRO C 1187 18.77 7.79 118.47
CA PRO C 1187 19.63 7.26 119.52
C PRO C 1187 21.09 7.70 119.36
N ASP C 1188 21.47 8.02 118.13
CA ASP C 1188 22.82 8.49 117.87
C ASP C 1188 22.94 9.96 118.27
N GLY C 1189 21.90 10.74 117.98
CA GLY C 1189 21.87 12.14 118.31
C GLY C 1189 22.15 13.01 117.09
N LYS C 1190 22.78 12.41 116.09
CA LYS C 1190 23.10 13.11 114.85
C LYS C 1190 21.86 13.27 113.98
N MET C 1191 21.11 12.19 113.83
CA MET C 1191 19.88 12.19 113.03
C MET C 1191 18.74 12.85 113.78
N LEU C 1192 17.75 13.35 113.03
CA LEU C 1192 16.59 14.00 113.64
C LEU C 1192 15.29 13.45 113.04
N ILE C 1193 14.25 13.38 113.85
CA ILE C 1193 12.95 12.90 113.39
C ILE C 1193 11.90 14.00 113.50
N SER C 1194 11.24 14.29 112.38
CA SER C 1194 10.25 15.37 112.35
C SER C 1194 9.03 15.03 111.49
N ALA C 1195 7.95 15.78 111.71
CA ALA C 1195 6.72 15.59 110.95
C ALA C 1195 6.31 16.86 110.20
N GLY C 1196 6.38 16.79 108.88
CA GLY C 1196 5.98 17.91 108.03
C GLY C 1196 4.61 17.67 107.42
N GLY C 1197 3.82 16.82 108.07
CA GLY C 1197 2.58 16.35 107.52
C GLY C 1197 2.75 14.90 107.13
N TYR C 1198 4.02 14.48 107.09
CA TYR C 1198 4.39 13.10 106.85
C TYR C 1198 5.65 12.80 107.67
N ILE C 1199 6.22 11.61 107.49
CA ILE C 1199 7.42 11.26 108.23
C ILE C 1199 8.64 11.78 107.49
N LYS C 1200 9.36 12.71 108.12
CA LYS C 1200 10.50 13.35 107.47
C LYS C 1200 11.67 13.48 108.46
N TRP C 1201 12.81 12.91 108.08
CA TRP C 1201 13.96 12.88 108.98
C TRP C 1201 15.03 13.90 108.55
N TRP C 1202 15.41 14.76 109.49
CA TRP C 1202 16.40 15.80 109.21
C TRP C 1202 17.79 15.39 109.70
N ASN C 1203 18.77 16.25 109.43
CA ASN C 1203 20.14 16.01 109.87
C ASN C 1203 20.89 17.33 110.05
N VAL C 1204 21.82 17.35 110.99
CA VAL C 1204 22.65 18.51 111.26
C VAL C 1204 23.72 18.63 110.16
N VAL C 1205 24.31 19.82 110.01
CA VAL C 1205 25.43 20.04 109.10
C VAL C 1205 25.10 19.77 107.62
N THR C 1206 24.39 20.73 107.01
CA THR C 1206 24.23 20.79 105.56
C THR C 1206 23.50 19.57 104.97
N GLY C 1207 22.17 19.55 105.14
CA GLY C 1207 21.33 18.52 104.57
C GLY C 1207 20.72 17.58 105.58
N GLU C 1208 19.71 16.83 105.13
CA GLU C 1208 18.88 16.05 106.02
C GLU C 1208 19.09 14.55 105.87
N SER C 1209 18.34 13.77 106.64
CA SER C 1209 18.47 12.32 106.64
C SER C 1209 17.63 11.68 105.54
N SER C 1210 16.32 11.67 105.71
CA SER C 1210 15.43 11.03 104.75
C SER C 1210 14.06 11.69 104.63
N GLN C 1211 13.56 11.74 103.41
CA GLN C 1211 12.20 12.19 103.11
C GLN C 1211 11.27 10.99 103.01
N THR C 1212 11.81 9.82 103.36
CA THR C 1212 11.20 8.53 103.04
C THR C 1212 9.77 8.30 103.53
N PHE C 1213 9.06 7.46 102.78
CA PHE C 1213 7.71 7.00 103.04
C PHE C 1213 6.76 8.22 103.14
N TYR C 1214 5.78 8.19 104.05
CA TYR C 1214 4.70 9.18 104.07
C TYR C 1214 3.68 8.91 105.19
N THR C 1215 2.89 9.92 105.54
CA THR C 1215 1.81 9.73 106.50
C THR C 1215 0.45 10.04 105.88
N ASN C 1216 -0.38 9.01 105.74
CA ASN C 1216 -1.71 9.17 105.16
C ASN C 1216 -2.60 10.07 106.01
N GLY C 1217 -3.38 10.92 105.35
CA GLY C 1217 -4.24 11.86 106.04
C GLY C 1217 -3.55 13.19 106.26
N THR C 1218 -4.04 13.95 107.23
CA THR C 1218 -3.48 15.27 107.53
C THR C 1218 -3.14 15.40 109.00
N ASN C 1219 -4.16 15.38 109.85
CA ASN C 1219 -4.00 15.60 111.28
C ASN C 1219 -3.29 14.44 112.00
N LEU C 1220 -2.45 14.80 112.97
CA LEU C 1220 -1.75 13.83 113.79
C LEU C 1220 -1.89 14.20 115.27
N LYS C 1221 -1.96 13.20 116.14
CA LYS C 1221 -2.17 13.46 117.56
C LYS C 1221 -1.22 12.66 118.46
N LYS C 1222 -0.39 13.37 119.21
CA LYS C 1222 0.50 12.77 120.21
C LYS C 1222 1.38 11.64 119.69
N ILE C 1223 2.37 12.01 118.87
CA ILE C 1223 3.33 11.04 118.35
C ILE C 1223 4.14 10.40 119.47
N HIS C 1224 4.16 9.08 119.51
CA HIS C 1224 4.93 8.35 120.52
C HIS C 1224 5.91 7.36 119.88
N VAL C 1225 7.02 7.13 120.55
CA VAL C 1225 8.03 6.18 120.07
C VAL C 1225 8.55 5.30 121.20
N SER C 1226 9.24 4.22 120.82
CA SER C 1226 9.84 3.30 121.78
C SER C 1226 11.10 3.90 122.39
N PRO C 1227 11.45 3.49 123.62
CA PRO C 1227 12.66 4.00 124.27
C PRO C 1227 13.94 3.55 123.56
N ASP C 1228 13.85 2.52 122.74
CA ASP C 1228 14.99 2.02 121.98
C ASP C 1228 15.11 2.78 120.66
N PHE C 1229 14.14 3.64 120.38
CA PHE C 1229 14.09 4.44 119.16
C PHE C 1229 14.15 3.59 117.90
N LYS C 1230 13.46 2.46 117.93
CA LYS C 1230 13.39 1.56 116.78
C LYS C 1230 11.95 1.38 116.32
N THR C 1231 11.18 0.65 117.12
CA THR C 1231 9.76 0.43 116.81
C THR C 1231 8.95 1.70 117.06
N TYR C 1232 8.01 1.99 116.18
CA TYR C 1232 7.24 3.22 116.28
C TYR C 1232 5.73 2.93 116.37
N VAL C 1233 5.01 3.82 117.06
CA VAL C 1233 3.56 3.71 117.16
C VAL C 1233 2.90 5.05 116.93
N THR C 1234 2.04 5.13 115.92
CA THR C 1234 1.35 6.38 115.61
C THR C 1234 -0.05 6.16 115.02
N VAL C 1235 -0.75 7.26 114.77
CA VAL C 1235 -2.11 7.20 114.23
C VAL C 1235 -2.41 8.46 113.41
N ASP C 1236 -3.23 8.32 112.38
CA ASP C 1236 -3.67 9.46 111.59
C ASP C 1236 -5.03 9.96 112.06
N ASN C 1237 -5.60 10.90 111.32
CA ASN C 1237 -6.92 11.43 111.65
C ASN C 1237 -8.03 10.43 111.39
N LEU C 1238 -7.73 9.41 110.60
CA LEU C 1238 -8.69 8.36 110.28
C LEU C 1238 -8.91 7.43 111.47
N GLY C 1239 -7.99 7.48 112.42
CA GLY C 1239 -8.06 6.61 113.59
C GLY C 1239 -7.61 5.20 113.28
N ILE C 1240 -6.58 5.09 112.45
CA ILE C 1240 -6.05 3.78 112.06
C ILE C 1240 -4.70 3.53 112.73
N LEU C 1241 -4.59 2.39 113.40
CA LEU C 1241 -3.36 2.02 114.11
C LEU C 1241 -2.19 1.86 113.15
N TYR C 1242 -1.09 2.53 113.47
CA TYR C 1242 0.12 2.45 112.64
C TYR C 1242 1.31 1.98 113.46
N ILE C 1243 1.87 0.83 113.08
CA ILE C 1243 2.99 0.23 113.78
C ILE C 1243 4.20 0.05 112.86
N LEU C 1244 5.34 0.57 113.30
CA LEU C 1244 6.59 0.44 112.56
C LEU C 1244 7.59 -0.44 113.31
N GLN C 1245 8.33 -1.25 112.58
CA GLN C 1245 9.33 -2.13 113.16
C GLN C 1245 10.64 -2.05 112.38
N THR C 1246 11.72 -1.72 113.08
CA THR C 1246 13.02 -1.58 112.46
C THR C 1246 13.82 -2.88 112.53
N LEU C 1247 14.09 -3.48 111.38
CA LEU C 1247 14.84 -4.72 111.30
C LEU C 1247 15.78 -4.72 110.10
N GLU C 1248 17.02 -5.16 110.31
CA GLU C 1248 18.01 -5.21 109.25
C GLU C 1248 17.93 -6.53 108.49
N MET D 1 -48.83 31.56 3.43
CA MET D 1 -50.13 31.70 2.84
C MET D 1 -50.60 30.38 2.25
N ASP D 2 -51.89 30.27 2.00
CA ASP D 2 -52.50 29.09 1.41
C ASP D 2 -51.74 28.72 0.14
N ALA D 3 -51.73 27.44 -0.18
CA ALA D 3 -51.04 26.93 -1.35
C ALA D 3 -51.62 27.43 -2.67
N LYS D 4 -52.92 27.65 -2.69
CA LYS D 4 -53.58 28.23 -3.84
C LYS D 4 -52.99 29.61 -4.13
N ALA D 5 -52.96 30.47 -3.13
CA ALA D 5 -52.43 31.81 -3.27
C ALA D 5 -50.99 31.76 -3.72
N ARG D 6 -50.15 31.03 -3.00
CA ARG D 6 -48.73 30.95 -3.31
C ARG D 6 -48.44 30.44 -4.72
N ASN D 7 -49.19 29.45 -5.17
CA ASN D 7 -49.02 28.91 -6.51
C ASN D 7 -49.46 29.91 -7.56
N CYS D 8 -50.46 30.72 -7.25
CA CYS D 8 -50.89 31.79 -8.14
C CYS D 8 -49.77 32.82 -8.32
N LEU D 9 -49.08 33.14 -7.25
CA LEU D 9 -47.96 34.06 -7.30
C LEU D 9 -46.83 33.48 -8.13
N LEU D 10 -46.55 32.21 -7.92
CA LEU D 10 -45.47 31.53 -8.60
C LEU D 10 -45.74 31.46 -10.10
N GLN D 11 -46.97 31.15 -10.45
CA GLN D 11 -47.37 31.06 -11.85
C GLN D 11 -47.17 32.39 -12.60
N HIS D 12 -47.46 33.51 -11.95
CA HIS D 12 -47.45 34.80 -12.61
C HIS D 12 -46.27 35.69 -12.25
N ARG D 13 -45.25 35.08 -11.70
CA ARG D 13 -44.16 35.80 -11.10
C ARG D 13 -43.42 36.66 -12.10
N GLU D 14 -43.22 36.13 -13.30
CA GLU D 14 -42.46 36.82 -14.32
C GLU D 14 -43.17 38.07 -14.80
N ALA D 15 -44.48 37.99 -14.99
CA ALA D 15 -45.26 39.15 -15.36
C ALA D 15 -45.14 40.19 -14.27
N LEU D 16 -45.33 39.75 -13.03
CA LEU D 16 -45.26 40.66 -11.89
C LEU D 16 -43.90 41.35 -11.77
N GLU D 17 -42.83 40.59 -11.98
CA GLU D 17 -41.48 41.13 -11.85
C GLU D 17 -41.17 42.16 -12.92
N LYS D 18 -41.74 41.98 -14.10
CA LYS D 18 -41.49 42.88 -15.21
C LYS D 18 -42.14 44.24 -15.03
N ASP D 19 -43.28 44.29 -14.37
CA ASP D 19 -44.07 45.51 -14.35
C ASP D 19 -44.13 46.29 -13.05
N ILE D 20 -43.94 45.62 -11.93
CA ILE D 20 -44.18 46.27 -10.65
C ILE D 20 -43.16 47.37 -10.33
N LYS D 21 -43.65 48.58 -10.10
CA LYS D 21 -42.81 49.63 -9.57
C LYS D 21 -42.99 49.68 -8.06
N THR D 22 -42.09 48.99 -7.36
CA THR D 22 -42.19 48.72 -5.94
C THR D 22 -42.50 49.92 -5.02
N SER D 23 -42.04 51.11 -5.40
CA SER D 23 -42.27 52.29 -4.59
C SER D 23 -43.74 52.64 -4.42
N TYR D 24 -44.57 52.17 -5.33
CA TYR D 24 -46.01 52.41 -5.25
C TYR D 24 -46.77 51.26 -4.56
N ILE D 25 -46.06 50.19 -4.23
CA ILE D 25 -46.67 49.05 -3.58
C ILE D 25 -46.23 48.90 -2.11
N MET D 26 -44.93 48.95 -1.87
CA MET D 26 -44.37 48.83 -0.53
C MET D 26 -44.97 49.80 0.49
N ASP D 27 -45.28 51.01 0.07
CA ASP D 27 -45.93 51.99 0.93
C ASP D 27 -47.27 51.50 1.48
N HIS D 28 -48.13 51.03 0.60
CA HIS D 28 -49.42 50.50 1.00
C HIS D 28 -49.22 49.36 1.98
N MET D 29 -48.38 48.41 1.61
CA MET D 29 -48.12 47.24 2.42
C MET D 29 -47.55 47.56 3.78
N ILE D 30 -46.74 48.60 3.87
CA ILE D 30 -46.19 49.04 5.14
C ILE D 30 -47.29 49.66 6.00
N SER D 31 -48.13 50.48 5.37
CA SER D 31 -49.28 51.09 6.01
C SER D 31 -50.20 50.02 6.57
N ASP D 32 -50.41 48.97 5.79
CA ASP D 32 -51.30 47.90 6.19
C ASP D 32 -50.71 47.02 7.29
N GLY D 33 -49.41 47.16 7.54
CA GLY D 33 -48.74 46.41 8.56
C GLY D 33 -48.22 45.04 8.15
N PHE D 34 -48.11 44.79 6.85
CA PHE D 34 -47.70 43.49 6.37
C PHE D 34 -46.37 43.47 5.61
N LEU D 35 -45.65 44.58 5.63
CA LEU D 35 -44.28 44.64 5.13
C LEU D 35 -43.45 45.48 6.10
N THR D 36 -42.27 45.02 6.43
CA THR D 36 -41.45 45.74 7.39
C THR D 36 -40.48 46.68 6.71
N ILE D 37 -40.01 47.64 7.48
CA ILE D 37 -39.04 48.59 6.98
C ILE D 37 -37.78 47.88 6.52
N SER D 38 -37.31 46.89 7.26
CA SER D 38 -36.08 46.24 6.87
C SER D 38 -36.23 45.45 5.58
N GLU D 39 -37.40 44.90 5.34
CA GLU D 39 -37.68 44.24 4.06
C GLU D 39 -37.66 45.26 2.92
N GLU D 40 -38.23 46.43 3.18
CA GLU D 40 -38.28 47.54 2.25
C GLU D 40 -36.89 48.09 1.92
N GLU D 41 -36.01 48.08 2.89
CA GLU D 41 -34.66 48.54 2.69
C GLU D 41 -33.90 47.52 1.87
N LYS D 42 -34.11 46.25 2.17
CA LYS D 42 -33.55 45.19 1.35
C LYS D 42 -34.05 45.30 -0.10
N VAL D 43 -35.33 45.60 -0.28
CA VAL D 43 -35.83 45.81 -1.65
C VAL D 43 -35.16 47.01 -2.32
N ARG D 44 -35.14 48.13 -1.64
CA ARG D 44 -34.62 49.39 -2.16
C ARG D 44 -33.20 49.23 -2.64
N ASN D 45 -32.48 48.35 -1.96
CA ASN D 45 -31.07 48.13 -2.27
C ASN D 45 -30.81 47.46 -3.63
N GLU D 46 -31.83 46.86 -4.22
CA GLU D 46 -31.67 46.32 -5.57
C GLU D 46 -31.61 47.49 -6.59
N PRO D 47 -30.68 47.42 -7.55
CA PRO D 47 -30.39 48.55 -8.43
C PRO D 47 -31.44 48.85 -9.52
N THR D 48 -32.20 47.87 -9.99
CA THR D 48 -33.17 48.12 -11.05
C THR D 48 -34.60 47.78 -10.64
N GLN D 49 -35.55 48.38 -11.35
CA GLN D 49 -36.98 48.23 -11.07
C GLN D 49 -37.46 46.78 -11.00
N GLN D 50 -36.99 45.96 -11.95
CA GLN D 50 -37.35 44.57 -12.03
C GLN D 50 -36.67 43.74 -10.94
N GLN D 51 -35.44 44.11 -10.59
CA GLN D 51 -34.74 43.48 -9.48
C GLN D 51 -35.42 43.77 -8.14
N ARG D 52 -35.88 45.00 -7.95
CA ARG D 52 -36.66 45.34 -6.78
C ARG D 52 -37.97 44.54 -6.73
N ALA D 53 -38.72 44.50 -7.83
CA ALA D 53 -39.94 43.72 -7.90
C ALA D 53 -39.68 42.26 -7.57
N ALA D 54 -38.62 41.71 -8.12
CA ALA D 54 -38.22 40.33 -7.87
C ALA D 54 -37.99 40.07 -6.39
N MET D 55 -37.24 40.96 -5.74
CA MET D 55 -37.00 40.85 -4.31
C MET D 55 -38.29 40.92 -3.50
N LEU D 56 -39.17 41.83 -3.86
CA LEU D 56 -40.38 42.02 -3.12
C LEU D 56 -41.27 40.78 -3.19
N ILE D 57 -41.36 40.19 -4.36
CA ILE D 57 -42.15 38.99 -4.54
C ILE D 57 -41.56 37.83 -3.74
N LYS D 58 -40.23 37.70 -3.77
CA LYS D 58 -39.52 36.73 -2.95
C LYS D 58 -39.98 36.78 -1.52
N MET D 59 -40.03 37.99 -0.98
CA MET D 59 -40.49 38.26 0.37
C MET D 59 -41.96 37.90 0.57
N ILE D 60 -42.78 38.26 -0.39
CA ILE D 60 -44.20 38.06 -0.23
C ILE D 60 -44.62 36.59 -0.24
N LEU D 61 -43.92 35.81 -1.05
CA LEU D 61 -44.18 34.38 -1.17
C LEU D 61 -44.11 33.67 0.19
N LYS D 62 -43.37 34.25 1.12
CA LYS D 62 -43.21 33.68 2.43
C LYS D 62 -44.24 34.17 3.44
N LYS D 63 -45.08 35.13 3.08
CA LYS D 63 -46.00 35.76 4.01
C LYS D 63 -47.39 35.11 4.08
N ASP D 64 -48.26 35.66 4.90
CA ASP D 64 -49.53 35.02 5.16
C ASP D 64 -50.66 35.47 4.22
N ASN D 65 -51.87 34.97 4.47
CA ASN D 65 -53.02 35.28 3.63
C ASN D 65 -53.31 36.78 3.53
N ASP D 66 -53.35 37.44 4.68
CA ASP D 66 -53.53 38.89 4.77
C ASP D 66 -52.55 39.66 3.87
N SER D 67 -51.30 39.22 3.85
CA SER D 67 -50.24 39.86 3.09
C SER D 67 -50.52 39.83 1.60
N TYR D 68 -50.92 38.66 1.12
CA TYR D 68 -51.31 38.47 -0.27
C TYR D 68 -52.41 39.45 -0.61
N VAL D 69 -53.40 39.54 0.25
CA VAL D 69 -54.49 40.46 0.04
C VAL D 69 -53.99 41.91 0.03
N SER D 70 -53.10 42.25 0.95
CA SER D 70 -52.52 43.58 1.02
C SER D 70 -51.90 43.91 -0.33
N PHE D 71 -51.04 43.04 -0.80
CA PHE D 71 -50.37 43.11 -2.09
C PHE D 71 -51.36 43.29 -3.25
N TYR D 72 -52.37 42.44 -3.28
CA TYR D 72 -53.37 42.48 -4.33
C TYR D 72 -54.08 43.80 -4.35
N ASN D 73 -54.50 44.25 -3.18
CA ASN D 73 -55.22 45.50 -3.03
C ASN D 73 -54.38 46.66 -3.53
N ALA D 74 -53.11 46.69 -3.15
CA ALA D 74 -52.23 47.78 -3.54
C ALA D 74 -52.06 47.82 -5.07
N LEU D 75 -51.97 46.66 -5.66
CA LEU D 75 -51.87 46.49 -7.10
C LEU D 75 -53.08 47.07 -7.81
N LEU D 76 -54.25 46.66 -7.35
CA LEU D 76 -55.50 47.18 -7.84
C LEU D 76 -55.55 48.69 -7.62
N HIS D 77 -55.26 49.14 -6.41
CA HIS D 77 -55.37 50.54 -6.09
C HIS D 77 -54.42 51.40 -6.90
N GLU D 78 -53.32 50.82 -7.37
CA GLU D 78 -52.34 51.62 -8.10
C GLU D 78 -52.43 51.47 -9.62
N GLY D 79 -53.56 50.94 -10.07
CA GLY D 79 -53.87 50.89 -11.49
C GLY D 79 -53.28 49.73 -12.27
N TYR D 80 -52.70 48.76 -11.56
CA TYR D 80 -52.20 47.58 -12.25
C TYR D 80 -53.32 46.58 -12.50
N LYS D 81 -54.25 46.93 -13.37
CA LYS D 81 -55.46 46.16 -13.60
C LYS D 81 -55.16 44.75 -14.04
N ASP D 82 -54.32 44.65 -15.05
CA ASP D 82 -53.99 43.35 -15.60
C ASP D 82 -53.32 42.44 -14.57
N LEU D 83 -52.39 42.99 -13.80
CA LEU D 83 -51.68 42.22 -12.80
C LEU D 83 -52.59 41.73 -11.69
N ALA D 84 -53.47 42.59 -11.22
CA ALA D 84 -54.45 42.19 -10.21
C ALA D 84 -55.33 41.06 -10.73
N ALA D 85 -55.76 41.16 -11.98
CA ALA D 85 -56.57 40.13 -12.60
C ALA D 85 -55.90 38.76 -12.57
N LEU D 86 -54.58 38.76 -12.73
CA LEU D 86 -53.83 37.52 -12.69
C LEU D 86 -53.88 36.93 -11.30
N LEU D 87 -53.98 37.79 -10.30
CA LEU D 87 -53.90 37.35 -8.92
C LEU D 87 -55.28 37.15 -8.29
N HIS D 88 -56.32 37.55 -8.99
CA HIS D 88 -57.67 37.46 -8.46
C HIS D 88 -58.12 36.06 -8.01
N ASP D 89 -57.96 35.08 -8.87
CA ASP D 89 -58.39 33.72 -8.58
C ASP D 89 -57.59 33.06 -7.46
N GLY D 90 -56.48 33.67 -7.06
CA GLY D 90 -55.63 33.11 -6.05
C GLY D 90 -55.79 33.74 -4.68
N ILE D 91 -56.71 34.68 -4.58
CA ILE D 91 -57.00 35.35 -3.31
C ILE D 91 -57.55 34.36 -2.28
N PRO D 92 -56.90 34.37 -1.12
CA PRO D 92 -57.28 33.48 -0.03
C PRO D 92 -58.28 34.14 0.87
N VAL D 93 -59.07 33.31 1.52
CA VAL D 93 -60.04 33.76 2.50
C VAL D 93 -59.29 34.30 3.69
N VAL D 94 -59.70 35.46 4.20
CA VAL D 94 -59.02 36.08 5.32
C VAL D 94 -59.97 36.42 6.46
N SER D 95 -59.39 36.61 7.63
CA SER D 95 -60.10 36.98 8.84
C SER D 95 -61.15 35.94 9.25
N GLY D 105 -50.97 13.05 14.64
CA GLY D 105 -51.24 12.05 13.63
C GLY D 105 -50.27 12.13 12.46
N ILE D 106 -50.30 11.12 11.61
CA ILE D 106 -49.41 11.08 10.46
C ILE D 106 -49.74 12.20 9.47
N THR D 107 -48.74 13.01 9.15
CA THR D 107 -48.89 14.12 8.23
C THR D 107 -47.66 14.22 7.36
N SER D 108 -47.55 15.32 6.61
CA SER D 108 -46.39 15.58 5.78
C SER D 108 -45.08 15.49 6.56
N TYR D 109 -45.00 16.23 7.67
CA TYR D 109 -43.83 16.22 8.53
C TYR D 109 -43.38 14.81 8.82
N VAL D 110 -44.34 13.99 9.21
CA VAL D 110 -44.06 12.67 9.72
C VAL D 110 -43.24 11.84 8.75
N ARG D 111 -43.77 11.62 7.55
CA ARG D 111 -43.03 10.84 6.58
C ARG D 111 -41.88 11.66 6.02
N THR D 112 -41.89 12.96 6.26
CA THR D 112 -40.81 13.77 5.76
C THR D 112 -39.51 13.50 6.51
N VAL D 113 -39.56 13.70 7.82
CA VAL D 113 -38.36 13.65 8.65
C VAL D 113 -38.01 12.22 9.08
N LEU D 114 -39.02 11.38 9.15
CA LEU D 114 -38.88 10.10 9.81
C LEU D 114 -38.54 8.98 8.82
N CYS D 115 -38.41 9.33 7.56
CA CYS D 115 -37.99 8.38 6.53
C CYS D 115 -36.47 8.37 6.39
N GLU D 116 -35.80 9.05 7.31
CA GLU D 116 -34.35 9.20 7.24
C GLU D 116 -33.65 7.96 7.75
N GLY D 117 -34.44 6.94 8.04
CA GLY D 117 -33.91 5.65 8.46
C GLY D 117 -34.23 5.56 9.93
N GLY D 118 -34.62 6.70 10.47
CA GLY D 118 -34.89 6.84 11.87
C GLY D 118 -35.90 5.86 12.43
N VAL D 119 -36.83 5.39 11.62
CA VAL D 119 -37.80 4.49 12.17
C VAL D 119 -38.12 3.36 11.24
N PRO D 120 -38.23 2.14 11.76
CA PRO D 120 -38.85 1.07 10.99
C PRO D 120 -40.35 1.24 10.97
N GLN D 121 -40.99 1.02 9.84
CA GLN D 121 -42.43 1.19 9.75
C GLN D 121 -43.16 0.30 10.73
N ARG D 122 -44.18 0.86 11.36
CA ARG D 122 -44.99 0.10 12.31
C ARG D 122 -45.65 -1.04 11.56
N PRO D 123 -45.90 -2.15 12.24
CA PRO D 123 -46.33 -3.39 11.59
C PRO D 123 -47.64 -3.25 10.85
N VAL D 124 -48.07 -4.32 10.19
CA VAL D 124 -49.28 -4.28 9.40
C VAL D 124 -50.48 -4.22 10.32
N VAL D 125 -50.38 -4.93 11.44
CA VAL D 125 -51.47 -4.99 12.38
C VAL D 125 -51.03 -4.65 13.79
N PHE D 126 -51.50 -3.54 14.33
CA PHE D 126 -51.17 -3.24 15.72
C PHE D 126 -52.33 -2.56 16.42
N VAL D 127 -52.61 -3.01 17.63
CA VAL D 127 -53.53 -2.29 18.48
C VAL D 127 -52.80 -1.10 19.05
N THR D 128 -53.53 -0.07 19.43
CA THR D 128 -52.90 1.14 19.91
C THR D 128 -52.89 1.20 21.42
N ARG D 129 -51.69 1.26 21.99
CA ARG D 129 -51.58 1.38 23.44
C ARG D 129 -51.26 2.82 23.74
N LYS D 130 -52.25 3.55 24.23
CA LYS D 130 -52.13 4.99 24.41
C LYS D 130 -51.46 5.35 25.73
N LYS D 131 -51.88 4.61 26.75
CA LYS D 131 -51.52 4.87 28.13
C LYS D 131 -50.01 4.97 28.35
N LEU D 132 -49.26 4.08 27.72
CA LEU D 132 -47.81 4.09 27.88
C LEU D 132 -47.15 5.16 27.02
N VAL D 133 -47.56 5.22 25.75
CA VAL D 133 -47.00 6.19 24.83
C VAL D 133 -47.06 7.58 25.42
N ASN D 134 -48.18 7.90 26.03
CA ASN D 134 -48.34 9.20 26.66
C ASN D 134 -47.28 9.44 27.72
N ALA D 135 -47.06 8.43 28.56
CA ALA D 135 -46.06 8.52 29.61
C ALA D 135 -44.70 8.82 29.02
N ILE D 136 -44.30 8.03 28.02
CA ILE D 136 -43.01 8.27 27.38
C ILE D 136 -42.93 9.67 26.83
N GLN D 137 -44.01 10.15 26.23
CA GLN D 137 -44.00 11.52 25.74
C GLN D 137 -43.77 12.52 26.86
N GLN D 138 -44.37 12.28 28.04
CA GLN D 138 -44.13 13.17 29.15
C GLN D 138 -42.67 13.17 29.58
N LYS D 139 -42.17 12.00 29.95
CA LYS D 139 -40.81 11.90 30.45
C LYS D 139 -39.85 12.52 29.45
N LEU D 140 -40.08 12.23 28.19
CA LEU D 140 -39.23 12.72 27.13
C LEU D 140 -39.40 14.22 26.95
N SER D 141 -40.54 14.74 27.38
CA SER D 141 -40.78 16.17 27.25
C SER D 141 -40.27 16.94 28.46
N LYS D 142 -39.87 16.24 29.51
CA LYS D 142 -39.29 16.93 30.66
C LYS D 142 -38.00 17.63 30.29
N LEU D 143 -37.38 17.20 29.19
CA LEU D 143 -36.07 17.71 28.84
C LEU D 143 -36.07 19.20 28.54
N LYS D 144 -36.82 19.62 27.52
CA LYS D 144 -36.76 20.98 26.96
C LYS D 144 -35.41 21.20 26.31
N GLY D 145 -34.57 20.18 26.45
CA GLY D 145 -33.26 20.07 25.88
C GLY D 145 -32.16 20.38 26.86
N GLU D 146 -31.17 19.49 26.85
CA GLU D 146 -29.99 19.40 27.71
C GLU D 146 -29.40 18.11 27.21
N PRO D 147 -28.24 17.72 27.71
CA PRO D 147 -28.03 16.28 27.54
C PRO D 147 -28.97 15.55 28.50
N GLY D 148 -29.38 14.34 28.14
CA GLY D 148 -30.34 13.62 28.95
C GLY D 148 -30.59 12.20 28.46
N TRP D 149 -31.24 11.41 29.30
CA TRP D 149 -31.38 10.00 29.05
C TRP D 149 -32.77 9.53 29.37
N VAL D 150 -33.34 8.72 28.49
CA VAL D 150 -34.63 8.14 28.76
C VAL D 150 -34.56 6.67 28.44
N THR D 151 -34.94 5.83 29.38
CA THR D 151 -34.75 4.41 29.23
C THR D 151 -36.06 3.68 29.34
N ILE D 152 -36.28 2.72 28.44
CA ILE D 152 -37.36 1.78 28.70
C ILE D 152 -36.82 0.37 28.64
N HIS D 153 -36.96 -0.32 29.76
CA HIS D 153 -36.57 -1.71 29.82
C HIS D 153 -37.82 -2.50 30.06
N GLY D 154 -37.84 -3.73 29.60
CA GLY D 154 -39.04 -4.54 29.77
C GLY D 154 -38.82 -6.03 29.76
N MET D 155 -39.89 -6.76 30.01
CA MET D 155 -39.89 -8.20 29.98
C MET D 155 -39.35 -8.68 28.65
N ALA D 156 -38.65 -9.81 28.68
CA ALA D 156 -38.13 -10.41 27.46
C ALA D 156 -39.27 -10.72 26.52
N GLY D 157 -39.19 -10.21 25.31
CA GLY D 157 -40.18 -10.51 24.31
C GLY D 157 -41.43 -9.66 24.38
N CYS D 158 -41.50 -8.76 25.35
CA CYS D 158 -42.64 -7.87 25.46
C CYS D 158 -42.68 -6.90 24.30
N GLY D 159 -43.84 -6.31 24.05
CA GLY D 159 -43.88 -5.28 23.01
C GLY D 159 -43.12 -4.09 23.54
N LYS D 160 -42.02 -3.75 22.88
CA LYS D 160 -41.19 -2.66 23.39
C LYS D 160 -40.63 -1.76 22.29
N SER D 161 -39.77 -2.32 21.45
CA SER D 161 -39.13 -1.57 20.38
C SER D 161 -40.16 -0.84 19.55
N VAL D 162 -41.16 -1.58 19.08
CA VAL D 162 -42.27 -1.00 18.35
C VAL D 162 -42.88 0.15 19.12
N LEU D 163 -43.13 -0.07 20.40
CA LEU D 163 -43.75 0.93 21.25
C LEU D 163 -42.98 2.23 21.21
N ALA D 164 -41.66 2.13 21.24
CA ALA D 164 -40.82 3.32 21.13
C ALA D 164 -40.98 3.92 19.76
N ALA D 165 -41.04 3.08 18.73
CA ALA D 165 -41.12 3.57 17.37
C ALA D 165 -42.36 4.40 17.12
N GLU D 166 -43.42 4.16 17.88
CA GLU D 166 -44.63 4.97 17.77
C GLU D 166 -44.68 6.07 18.80
N ALA D 167 -43.63 6.18 19.61
CA ALA D 167 -43.56 7.24 20.59
C ALA D 167 -43.26 8.54 19.90
N VAL D 168 -42.29 8.48 18.99
CA VAL D 168 -41.84 9.65 18.27
C VAL D 168 -42.67 9.84 17.02
N ARG D 169 -44.06 9.28 16.87
CA ARG D 169 -44.91 9.36 15.69
C ARG D 169 -45.63 10.70 15.59
N ASP D 170 -46.00 11.26 16.73
CA ASP D 170 -46.78 12.49 16.78
C ASP D 170 -46.10 13.64 16.06
N HIS D 171 -46.91 14.49 15.43
CA HIS D 171 -46.41 15.69 14.78
C HIS D 171 -46.07 16.77 15.80
N SER D 172 -46.99 17.03 16.72
CA SER D 172 -46.83 18.12 17.68
C SER D 172 -45.52 18.02 18.45
N LEU D 173 -45.26 16.83 18.97
CA LEU D 173 -44.03 16.60 19.72
C LEU D 173 -42.81 16.82 18.84
N LEU D 174 -42.75 16.08 17.73
CA LEU D 174 -41.57 16.09 16.89
C LEU D 174 -41.23 17.49 16.41
N GLU D 175 -42.25 18.20 15.94
CA GLU D 175 -42.07 19.54 15.42
C GLU D 175 -41.52 20.47 16.50
N GLY D 176 -42.25 20.59 17.60
CA GLY D 176 -41.89 21.53 18.64
C GLY D 176 -40.61 21.22 19.39
N CYS D 177 -40.55 20.02 19.98
CA CYS D 177 -39.47 19.67 20.87
C CYS D 177 -38.19 19.23 20.15
N PHE D 178 -38.33 18.63 18.98
CA PHE D 178 -37.16 18.14 18.27
C PHE D 178 -37.08 18.54 16.82
N PRO D 179 -37.02 19.84 16.52
CA PRO D 179 -36.88 20.10 15.10
C PRO D 179 -35.42 20.08 14.66
N GLY D 180 -34.64 19.03 15.09
CA GLY D 180 -33.31 18.83 14.56
C GLY D 180 -33.25 17.64 13.63
N GLY D 181 -34.33 16.87 13.61
CA GLY D 181 -34.31 15.57 12.97
C GLY D 181 -34.23 14.50 14.05
N VAL D 182 -34.32 13.24 13.65
CA VAL D 182 -34.34 12.12 14.57
C VAL D 182 -33.54 10.96 14.01
N HIS D 183 -32.72 10.33 14.82
CA HIS D 183 -31.89 9.24 14.30
C HIS D 183 -32.09 7.94 15.05
N TRP D 184 -31.63 6.86 14.43
CA TRP D 184 -31.89 5.51 14.90
C TRP D 184 -30.70 4.64 14.68
N VAL D 185 -30.34 3.85 15.67
CA VAL D 185 -29.21 2.96 15.51
C VAL D 185 -29.44 1.58 16.07
N SER D 186 -29.42 0.58 15.21
CA SER D 186 -29.52 -0.77 15.72
C SER D 186 -28.17 -1.21 16.24
N VAL D 187 -28.10 -1.52 17.53
CA VAL D 187 -26.85 -1.92 18.14
C VAL D 187 -26.75 -3.42 18.26
N GLY D 188 -27.60 -4.00 19.10
CA GLY D 188 -27.60 -5.44 19.29
C GLY D 188 -26.35 -5.91 19.99
N LYS D 189 -26.28 -7.21 20.27
CA LYS D 189 -25.11 -7.76 20.91
C LYS D 189 -23.89 -7.59 20.03
N GLN D 190 -22.83 -7.00 20.59
CA GLN D 190 -21.67 -6.65 19.78
C GLN D 190 -20.34 -6.80 20.51
N ASP D 191 -19.27 -6.78 19.72
CA ASP D 191 -17.91 -6.79 20.25
C ASP D 191 -17.26 -5.46 19.91
N LYS D 192 -16.00 -5.31 20.29
CA LYS D 192 -15.30 -4.04 20.07
C LYS D 192 -15.20 -3.70 18.59
N SER D 193 -14.80 -4.67 17.79
CA SER D 193 -14.71 -4.48 16.35
C SER D 193 -16.03 -4.00 15.78
N GLY D 194 -17.07 -4.79 16.02
CA GLY D 194 -18.38 -4.48 15.49
C GLY D 194 -18.84 -3.10 15.90
N LEU D 195 -18.70 -2.80 17.19
CA LEU D 195 -19.07 -1.50 17.71
C LEU D 195 -18.38 -0.39 16.96
N LEU D 196 -17.09 -0.58 16.76
CA LEU D 196 -16.30 0.36 15.99
C LEU D 196 -16.94 0.58 14.63
N MET D 197 -17.31 -0.53 13.99
CA MET D 197 -17.94 -0.47 12.68
C MET D 197 -19.20 0.39 12.71
N LYS D 198 -20.10 0.09 13.64
CA LYS D 198 -21.33 0.85 13.78
C LYS D 198 -21.00 2.33 13.92
N LEU D 199 -19.89 2.62 14.58
CA LEU D 199 -19.48 4.00 14.72
C LEU D 199 -19.11 4.65 13.39
N GLN D 200 -18.19 4.05 12.63
CA GLN D 200 -17.86 4.67 11.34
C GLN D 200 -19.10 4.85 10.50
N ASN D 201 -19.95 3.83 10.48
CA ASN D 201 -21.16 3.88 9.69
C ASN D 201 -22.04 5.04 10.13
N LEU D 202 -22.10 5.25 11.43
CA LEU D 202 -22.98 6.27 11.98
C LEU D 202 -22.49 7.65 11.55
N CYS D 203 -21.24 7.94 11.90
CA CYS D 203 -20.70 9.26 11.60
C CYS D 203 -20.73 9.52 10.12
N THR D 204 -20.60 8.45 9.33
CA THR D 204 -20.73 8.57 7.89
C THR D 204 -22.14 8.99 7.54
N ARG D 205 -23.11 8.41 8.23
CA ARG D 205 -24.52 8.71 7.95
C ARG D 205 -24.86 10.15 8.27
N LEU D 206 -24.22 10.69 9.31
CA LEU D 206 -24.58 12.00 9.81
C LEU D 206 -24.33 13.16 8.87
N ASP D 207 -23.17 13.18 8.22
CA ASP D 207 -22.83 14.28 7.33
C ASP D 207 -23.02 13.89 5.87
N GLN D 208 -24.05 14.45 5.25
CA GLN D 208 -24.36 14.12 3.87
C GLN D 208 -23.62 15.03 2.90
N ASP D 209 -23.11 16.14 3.43
CA ASP D 209 -22.46 17.15 2.62
C ASP D 209 -20.95 16.98 2.63
N GLU D 210 -20.49 15.91 3.28
CA GLU D 210 -19.06 15.65 3.52
C GLU D 210 -18.33 16.91 3.97
N SER D 211 -18.93 17.60 4.94
CA SER D 211 -18.36 18.83 5.48
C SER D 211 -17.01 18.58 6.13
N PHE D 212 -16.72 17.31 6.40
CA PHE D 212 -15.43 16.92 6.93
C PHE D 212 -14.74 16.08 5.85
N SER D 213 -13.48 15.71 6.08
CA SER D 213 -12.75 14.92 5.11
C SER D 213 -13.27 13.51 5.04
N GLN D 214 -12.97 12.82 3.95
CA GLN D 214 -13.31 11.41 3.86
C GLN D 214 -12.13 10.63 4.36
N ARG D 215 -12.30 10.06 5.56
CA ARG D 215 -11.26 9.25 6.18
C ARG D 215 -11.93 8.42 7.26
N LEU D 216 -11.29 7.33 7.69
CA LEU D 216 -11.91 6.48 8.68
C LEU D 216 -11.13 6.43 9.99
N PRO D 217 -11.70 7.04 11.04
CA PRO D 217 -11.10 7.04 12.38
C PRO D 217 -10.91 5.63 12.90
N LEU D 218 -9.71 5.33 13.40
CA LEU D 218 -9.38 3.96 13.78
C LEU D 218 -9.54 3.65 15.26
N ASN D 219 -9.86 4.64 16.08
CA ASN D 219 -10.08 4.36 17.48
C ASN D 219 -11.48 4.78 17.89
N ILE D 220 -11.95 4.23 19.01
CA ILE D 220 -13.29 4.50 19.47
C ILE D 220 -13.40 5.97 19.85
N GLU D 221 -12.29 6.47 20.38
CA GLU D 221 -12.20 7.82 20.92
C GLU D 221 -12.51 8.88 19.89
N GLU D 222 -11.76 8.90 18.79
CA GLU D 222 -11.93 9.93 17.79
C GLU D 222 -13.30 9.86 17.19
N ALA D 223 -13.83 8.63 17.10
CA ALA D 223 -15.19 8.43 16.65
C ALA D 223 -16.13 9.22 17.54
N LYS D 224 -16.04 8.94 18.83
CA LYS D 224 -16.80 9.66 19.85
C LYS D 224 -16.69 11.17 19.65
N ASP D 225 -15.49 11.60 19.34
CA ASP D 225 -15.19 13.01 19.17
C ASP D 225 -15.99 13.61 18.05
N ARG D 226 -15.85 13.02 16.86
CA ARG D 226 -16.50 13.57 15.69
C ARG D 226 -18.00 13.53 15.90
N LEU D 227 -18.46 12.50 16.59
CA LEU D 227 -19.86 12.43 16.97
C LEU D 227 -20.27 13.69 17.71
N ARG D 228 -19.57 13.99 18.79
CA ARG D 228 -19.95 15.15 19.59
C ARG D 228 -19.91 16.43 18.78
N ILE D 229 -18.84 16.60 18.02
CA ILE D 229 -18.68 17.82 17.23
C ILE D 229 -19.85 17.99 16.27
N LEU D 230 -20.15 16.94 15.53
CA LEU D 230 -21.25 16.98 14.57
C LEU D 230 -22.57 17.27 15.25
N MET D 231 -22.93 16.41 16.19
CA MET D 231 -24.21 16.54 16.89
C MET D 231 -24.41 17.93 17.44
N LEU D 232 -23.37 18.50 18.04
CA LEU D 232 -23.48 19.85 18.55
C LEU D 232 -23.64 20.87 17.43
N ARG D 233 -22.68 20.87 16.51
CA ARG D 233 -22.68 21.84 15.41
C ARG D 233 -23.71 21.55 14.34
N LYS D 234 -23.68 20.34 13.81
CA LYS D 234 -24.41 20.04 12.59
C LYS D 234 -25.89 19.81 12.84
N HIS D 235 -26.21 19.10 13.91
CA HIS D 235 -27.58 18.75 14.18
C HIS D 235 -28.01 19.14 15.59
N PRO D 236 -28.23 20.43 15.81
CA PRO D 236 -28.65 20.94 17.12
C PRO D 236 -30.05 20.51 17.50
N ARG D 237 -30.22 20.09 18.75
CA ARG D 237 -31.51 19.67 19.28
C ARG D 237 -32.19 18.62 18.41
N SER D 238 -31.61 17.43 18.40
CA SER D 238 -32.12 16.30 17.64
C SER D 238 -31.90 15.01 18.41
N LEU D 239 -32.89 14.13 18.40
CA LEU D 239 -32.86 12.97 19.27
C LEU D 239 -32.20 11.75 18.64
N LEU D 240 -31.23 11.20 19.35
CA LEU D 240 -30.48 10.04 18.90
C LEU D 240 -30.94 8.79 19.63
N ILE D 241 -31.58 7.87 18.90
CA ILE D 241 -32.15 6.68 19.54
C ILE D 241 -31.29 5.44 19.37
N LEU D 242 -30.98 4.78 20.48
CA LEU D 242 -30.30 3.50 20.44
C LEU D 242 -31.29 2.36 20.47
N ASP D 243 -30.96 1.24 19.86
CA ASP D 243 -31.83 0.09 19.97
C ASP D 243 -31.12 -1.14 20.50
N ASP D 244 -31.69 -1.74 21.54
CA ASP D 244 -31.22 -2.99 22.12
C ASP D 244 -29.77 -2.90 22.58
N VAL D 245 -29.54 -2.19 23.68
CA VAL D 245 -28.20 -1.99 24.20
C VAL D 245 -27.85 -2.95 25.32
N TRP D 246 -26.92 -3.86 25.07
CA TRP D 246 -26.60 -4.90 26.05
C TRP D 246 -25.63 -4.56 27.19
N ASP D 247 -24.51 -3.90 26.90
CA ASP D 247 -23.48 -3.79 27.92
C ASP D 247 -23.04 -2.35 28.20
N SER D 248 -22.40 -2.15 29.35
CA SER D 248 -22.04 -0.81 29.80
C SER D 248 -21.03 -0.14 28.89
N TRP D 249 -19.90 -0.80 28.66
CA TRP D 249 -18.83 -0.23 27.87
C TRP D 249 -19.27 -0.02 26.43
N VAL D 250 -20.33 -0.72 26.04
CA VAL D 250 -20.93 -0.47 24.74
C VAL D 250 -21.57 0.90 24.76
N LEU D 251 -22.13 1.26 25.90
CA LEU D 251 -22.80 2.53 26.02
C LEU D 251 -21.81 3.68 26.20
N LYS D 252 -20.68 3.39 26.84
CA LYS D 252 -19.68 4.41 27.10
C LYS D 252 -19.33 5.24 25.87
N ALA D 253 -19.10 4.55 24.76
CA ALA D 253 -18.63 5.19 23.54
C ALA D 253 -19.60 6.24 23.04
N PHE D 254 -20.86 5.89 22.93
CA PHE D 254 -21.88 6.78 22.39
C PHE D 254 -22.11 8.02 23.22
N ASP D 255 -21.46 8.12 24.37
CA ASP D 255 -21.80 9.19 25.28
C ASP D 255 -20.98 10.43 25.05
N SER D 256 -21.58 11.41 24.39
CA SER D 256 -21.17 12.79 24.59
C SER D 256 -22.38 13.69 24.53
N GLN D 257 -22.73 14.31 25.64
CA GLN D 257 -23.53 15.53 25.68
C GLN D 257 -24.75 15.54 24.76
N CYS D 258 -25.38 14.39 24.56
CA CYS D 258 -26.53 14.30 23.67
C CYS D 258 -27.74 13.66 24.31
N GLN D 259 -28.90 13.82 23.68
CA GLN D 259 -30.13 13.26 24.19
C GLN D 259 -30.28 11.84 23.70
N ILE D 260 -30.66 10.92 24.56
CA ILE D 260 -30.78 9.55 24.11
C ILE D 260 -32.02 8.88 24.64
N LEU D 261 -32.75 8.21 23.76
CA LEU D 261 -33.84 7.35 24.16
C LEU D 261 -33.48 5.92 23.84
N LEU D 262 -33.20 5.11 24.85
CA LEU D 262 -32.80 3.75 24.54
C LEU D 262 -33.78 2.73 25.08
N THR D 263 -33.96 1.67 24.30
CA THR D 263 -34.85 0.58 24.65
C THR D 263 -33.97 -0.60 24.91
N THR D 264 -34.40 -1.49 25.79
CA THR D 264 -33.56 -2.63 26.14
C THR D 264 -34.19 -3.60 27.09
N ARG D 265 -33.49 -4.69 27.36
CA ARG D 265 -33.78 -5.44 28.55
C ARG D 265 -32.59 -5.37 29.51
N ASP D 266 -32.69 -4.40 30.41
CA ASP D 266 -31.88 -4.23 31.61
C ASP D 266 -32.22 -2.86 32.15
N LYS D 267 -32.09 -2.63 33.46
CA LYS D 267 -32.09 -1.25 33.92
C LYS D 267 -30.71 -0.78 34.36
N SER D 268 -29.72 -1.65 34.30
CA SER D 268 -28.41 -1.33 34.86
C SER D 268 -27.55 -0.46 33.95
N VAL D 269 -27.55 -0.76 32.66
CA VAL D 269 -26.56 -0.20 31.74
C VAL D 269 -26.60 1.33 31.63
N THR D 270 -27.55 1.98 32.27
CA THR D 270 -27.53 3.42 32.40
C THR D 270 -26.54 3.77 33.49
N ASP D 271 -25.90 2.72 33.98
CA ASP D 271 -24.84 2.76 34.97
C ASP D 271 -23.82 3.87 34.78
N SER D 272 -23.01 3.77 33.74
CA SER D 272 -21.78 4.54 33.67
C SER D 272 -21.91 5.94 33.10
N VAL D 273 -23.13 6.36 32.76
CA VAL D 273 -23.28 7.68 32.16
C VAL D 273 -23.68 8.74 33.16
N MET D 274 -23.03 9.90 33.08
CA MET D 274 -23.38 11.05 33.90
C MET D 274 -24.60 11.76 33.38
N GLY D 275 -25.26 12.53 34.25
CA GLY D 275 -26.38 13.35 33.84
C GLY D 275 -27.70 12.78 34.31
N PRO D 276 -28.80 13.51 34.05
CA PRO D 276 -30.13 13.13 34.52
C PRO D 276 -30.60 11.86 33.86
N LYS D 277 -31.43 11.09 34.55
CA LYS D 277 -31.85 9.79 34.06
C LYS D 277 -33.31 9.53 34.41
N TYR D 278 -33.94 8.59 33.71
CA TYR D 278 -35.33 8.26 33.95
C TYR D 278 -35.57 6.82 33.55
N VAL D 279 -36.63 6.20 34.06
CA VAL D 279 -37.03 4.88 33.58
C VAL D 279 -38.54 4.73 33.49
N VAL D 280 -39.00 4.15 32.39
CA VAL D 280 -40.41 3.83 32.25
C VAL D 280 -40.59 2.33 32.10
N PRO D 281 -41.05 1.63 33.14
CA PRO D 281 -41.19 0.19 32.96
C PRO D 281 -42.33 -0.15 32.01
N VAL D 282 -42.03 -0.96 31.00
CA VAL D 282 -43.02 -1.43 30.05
C VAL D 282 -43.41 -2.86 30.39
N GLU D 283 -42.85 -3.36 31.49
CA GLU D 283 -42.86 -4.80 31.79
C GLU D 283 -44.25 -5.43 31.83
N SER D 284 -45.28 -4.60 31.78
CA SER D 284 -46.65 -5.07 31.86
C SER D 284 -47.05 -5.86 30.61
N SER D 285 -48.31 -6.28 30.55
CA SER D 285 -48.79 -7.04 29.41
C SER D 285 -50.26 -6.76 29.10
N LEU D 286 -50.67 -7.13 27.88
CA LEU D 286 -51.96 -6.73 27.32
C LEU D 286 -53.16 -7.32 28.03
N GLY D 287 -54.32 -6.69 27.82
CA GLY D 287 -55.57 -7.18 28.36
C GLY D 287 -56.38 -7.92 27.31
N LYS D 288 -57.46 -8.56 27.75
CA LYS D 288 -58.29 -9.41 26.91
C LYS D 288 -58.70 -8.74 25.60
N GLU D 289 -59.22 -7.53 25.71
CA GLU D 289 -59.72 -6.78 24.57
C GLU D 289 -58.75 -6.66 23.41
N LYS D 290 -57.56 -6.13 23.69
CA LYS D 290 -56.58 -5.93 22.64
C LYS D 290 -56.23 -7.24 21.96
N GLY D 291 -56.07 -8.29 22.75
CA GLY D 291 -55.78 -9.60 22.18
C GLY D 291 -56.82 -9.92 21.15
N LEU D 292 -58.07 -9.82 21.58
CA LEU D 292 -59.18 -10.04 20.66
C LEU D 292 -59.07 -9.21 19.39
N GLU D 293 -58.70 -7.94 19.50
CA GLU D 293 -58.61 -7.13 18.29
C GLU D 293 -57.49 -7.59 17.37
N ILE D 294 -56.37 -8.01 17.94
CA ILE D 294 -55.27 -8.47 17.10
C ILE D 294 -55.71 -9.69 16.31
N LEU D 295 -56.21 -10.70 17.00
CA LEU D 295 -56.67 -11.88 16.29
C LEU D 295 -57.73 -11.51 15.27
N SER D 296 -58.56 -10.55 15.63
CA SER D 296 -59.59 -10.06 14.74
C SER D 296 -58.99 -9.60 13.42
N LEU D 297 -58.02 -8.71 13.50
CA LEU D 297 -57.43 -8.17 12.29
C LEU D 297 -56.64 -9.21 11.53
N PHE D 298 -56.15 -10.23 12.22
CA PHE D 298 -55.44 -11.28 11.50
C PHE D 298 -56.33 -12.25 10.73
N VAL D 299 -57.42 -12.70 11.33
CA VAL D 299 -58.27 -13.65 10.60
C VAL D 299 -59.44 -12.97 9.89
N ASN D 300 -59.46 -11.64 9.92
CA ASN D 300 -60.47 -10.86 9.20
C ASN D 300 -61.90 -11.16 9.60
N MET D 301 -62.28 -10.79 10.81
CA MET D 301 -63.65 -10.96 11.26
C MET D 301 -64.10 -9.81 12.15
N LYS D 302 -65.33 -9.90 12.62
CA LYS D 302 -65.77 -9.07 13.73
C LYS D 302 -66.02 -10.00 14.90
N LYS D 303 -65.87 -9.48 16.11
CA LYS D 303 -65.78 -10.30 17.31
C LYS D 303 -66.86 -11.36 17.43
N ALA D 304 -68.08 -11.01 17.06
CA ALA D 304 -69.19 -11.94 17.17
C ALA D 304 -69.02 -13.13 16.21
N ASP D 305 -68.29 -12.90 15.13
CA ASP D 305 -68.08 -13.94 14.13
C ASP D 305 -66.97 -14.90 14.54
N LEU D 306 -66.29 -14.57 15.62
CA LEU D 306 -65.20 -15.40 16.12
C LEU D 306 -65.75 -16.69 16.71
N PRO D 307 -65.03 -17.80 16.54
CA PRO D 307 -65.33 -19.06 17.20
C PRO D 307 -65.20 -18.89 18.69
N GLU D 308 -65.75 -19.81 19.47
CA GLU D 308 -65.70 -19.68 20.92
C GLU D 308 -64.30 -19.84 21.47
N GLN D 309 -63.53 -20.75 20.88
CA GLN D 309 -62.21 -21.09 21.40
C GLN D 309 -61.30 -19.87 21.49
N ALA D 310 -61.64 -18.86 20.70
CA ALA D 310 -60.92 -17.59 20.71
C ALA D 310 -60.78 -17.04 22.12
N HIS D 311 -61.88 -17.04 22.87
CA HIS D 311 -61.81 -16.54 24.24
C HIS D 311 -60.85 -17.35 25.08
N SER D 312 -60.85 -18.65 24.88
CA SER D 312 -60.08 -19.51 25.76
C SER D 312 -58.59 -19.38 25.50
N ILE D 313 -58.19 -19.49 24.24
CA ILE D 313 -56.79 -19.52 23.87
C ILE D 313 -56.04 -18.29 24.36
N ILE D 314 -56.61 -17.10 24.17
CA ILE D 314 -56.01 -15.87 24.63
C ILE D 314 -55.68 -15.92 26.10
N LYS D 315 -56.54 -16.56 26.88
CA LYS D 315 -56.34 -16.64 28.32
C LYS D 315 -55.04 -17.34 28.64
N GLU D 316 -54.69 -18.33 27.83
CA GLU D 316 -53.46 -19.07 28.08
C GLU D 316 -52.27 -18.33 27.51
N CYS D 317 -52.54 -17.41 26.59
CA CYS D 317 -51.50 -16.67 25.92
C CYS D 317 -50.78 -15.72 26.87
N LYS D 318 -51.54 -15.19 27.82
CA LYS D 318 -50.99 -14.41 28.94
C LYS D 318 -50.34 -13.10 28.55
N GLY D 319 -50.89 -12.45 27.53
CA GLY D 319 -50.61 -11.05 27.29
C GLY D 319 -49.43 -10.67 26.42
N SER D 320 -48.46 -11.55 26.28
CA SER D 320 -47.28 -11.22 25.48
C SER D 320 -47.64 -11.08 24.01
N PRO D 321 -47.51 -9.87 23.47
CA PRO D 321 -47.87 -9.53 22.11
C PRO D 321 -47.18 -10.44 21.11
N LEU D 322 -46.04 -10.99 21.50
CA LEU D 322 -45.40 -11.99 20.68
C LEU D 322 -46.34 -13.15 20.41
N VAL D 323 -46.67 -13.91 21.46
CA VAL D 323 -47.39 -15.15 21.27
C VAL D 323 -48.74 -14.92 20.58
N VAL D 324 -49.41 -13.84 20.96
CA VAL D 324 -50.59 -13.41 20.21
C VAL D 324 -50.25 -13.28 18.74
N SER D 325 -49.22 -12.51 18.42
CA SER D 325 -48.83 -12.31 17.02
C SER D 325 -48.59 -13.63 16.32
N LEU D 326 -48.08 -14.61 17.06
CA LEU D 326 -47.91 -15.92 16.46
C LEU D 326 -49.18 -16.62 16.10
N ILE D 327 -50.05 -16.79 17.08
CA ILE D 327 -51.27 -17.51 16.81
C ILE D 327 -52.02 -16.80 15.70
N GLY D 328 -52.07 -15.48 15.79
CA GLY D 328 -52.71 -14.69 14.76
C GLY D 328 -52.02 -14.78 13.42
N ALA D 329 -50.76 -15.19 13.42
CA ALA D 329 -50.06 -15.39 12.15
C ALA D 329 -50.40 -16.72 11.54
N LEU D 330 -50.44 -17.77 12.37
CA LEU D 330 -50.66 -19.11 11.86
C LEU D 330 -52.09 -19.34 11.46
N LEU D 331 -53.04 -18.80 12.22
CA LEU D 331 -54.44 -19.00 11.90
C LEU D 331 -54.80 -18.30 10.60
N ARG D 332 -53.88 -17.49 10.11
CA ARG D 332 -54.08 -16.79 8.85
C ARG D 332 -53.95 -17.76 7.71
N ASP D 333 -53.05 -18.72 7.84
CA ASP D 333 -52.84 -19.73 6.82
C ASP D 333 -53.86 -20.86 6.84
N PHE D 334 -54.12 -21.42 8.01
CA PHE D 334 -54.86 -22.66 8.12
C PHE D 334 -56.13 -22.42 8.89
N PRO D 335 -57.10 -21.74 8.26
CA PRO D 335 -58.24 -21.11 8.95
C PRO D 335 -58.92 -22.01 9.97
N ASN D 336 -58.93 -23.33 9.79
CA ASN D 336 -59.22 -24.16 10.95
C ASN D 336 -58.06 -25.07 11.32
N ARG D 337 -57.23 -24.61 12.24
CA ARG D 337 -56.51 -25.46 13.18
C ARG D 337 -56.93 -25.24 14.62
N TRP D 338 -57.92 -24.39 14.83
CA TRP D 338 -58.21 -23.82 16.15
C TRP D 338 -58.12 -24.77 17.32
N GLU D 339 -58.71 -25.95 17.18
CA GLU D 339 -58.62 -26.91 18.27
C GLU D 339 -57.18 -27.32 18.51
N TYR D 340 -56.44 -27.51 17.43
CA TYR D 340 -55.09 -28.02 17.51
C TYR D 340 -54.23 -27.10 18.36
N TYR D 341 -54.31 -25.81 18.12
CA TYR D 341 -53.54 -24.87 18.93
C TYR D 341 -54.12 -24.69 20.31
N LEU D 342 -55.43 -24.74 20.43
CA LEU D 342 -56.03 -24.59 21.75
C LEU D 342 -55.52 -25.67 22.69
N LYS D 343 -55.33 -26.88 22.18
CA LYS D 343 -54.74 -27.92 23.02
C LYS D 343 -53.23 -27.79 23.11
N GLN D 344 -52.58 -27.52 22.00
CA GLN D 344 -51.12 -27.55 21.94
C GLN D 344 -50.50 -26.43 22.78
N LEU D 345 -51.25 -25.36 22.97
CA LEU D 345 -50.79 -24.23 23.76
C LEU D 345 -51.03 -24.54 25.23
N GLN D 346 -51.94 -25.48 25.48
CA GLN D 346 -52.27 -25.89 26.83
C GLN D 346 -51.13 -26.73 27.41
N ASN D 347 -50.82 -27.84 26.74
CA ASN D 347 -49.73 -28.71 27.18
C ASN D 347 -48.42 -27.97 27.38
N LYS D 348 -48.44 -26.67 27.09
CA LYS D 348 -47.43 -25.75 27.58
C LYS D 348 -46.14 -25.77 26.77
N GLN D 349 -46.06 -26.67 25.79
CA GLN D 349 -44.86 -26.71 24.96
C GLN D 349 -44.91 -25.68 23.85
N PHE D 350 -43.91 -24.80 23.82
CA PHE D 350 -43.87 -23.73 22.83
C PHE D 350 -42.98 -24.05 21.63
N LYS D 351 -42.32 -25.19 21.66
CA LYS D 351 -41.48 -25.60 20.54
C LYS D 351 -42.29 -25.77 19.27
N ARG D 352 -43.54 -26.17 19.43
CA ARG D 352 -44.38 -26.50 18.29
C ARG D 352 -44.74 -25.25 17.51
N ILE D 353 -44.63 -24.10 18.15
CA ILE D 353 -44.93 -22.85 17.48
C ILE D 353 -43.69 -22.24 16.83
N ARG D 354 -43.72 -22.08 15.52
CA ARG D 354 -42.64 -21.40 14.82
C ARG D 354 -43.16 -20.52 13.71
N LYS D 355 -42.54 -19.37 13.53
CA LYS D 355 -42.89 -18.48 12.43
C LYS D 355 -41.72 -17.55 12.18
N SER D 356 -41.66 -16.95 11.00
CA SER D 356 -40.68 -15.91 10.73
C SER D 356 -41.40 -14.60 10.46
N SER D 357 -40.81 -13.50 10.88
CA SER D 357 -41.44 -12.20 10.72
C SER D 357 -40.45 -11.09 10.96
N SER D 358 -40.95 -9.86 11.03
CA SER D 358 -40.10 -8.70 11.31
C SER D 358 -39.25 -8.94 12.54
N TYR D 359 -39.81 -9.67 13.49
CA TYR D 359 -39.13 -9.98 14.74
C TYR D 359 -37.89 -10.80 14.42
N ASP D 360 -36.89 -10.73 15.27
CA ASP D 360 -35.59 -11.33 14.95
C ASP D 360 -35.49 -12.83 15.19
N TYR D 361 -36.35 -13.38 16.02
CA TYR D 361 -36.24 -14.79 16.34
C TYR D 361 -37.50 -15.54 15.92
N GLU D 362 -37.34 -16.82 15.65
CA GLU D 362 -38.47 -17.62 15.24
C GLU D 362 -39.55 -17.72 16.31
N ALA D 363 -39.19 -18.27 17.46
CA ALA D 363 -40.18 -18.62 18.45
C ALA D 363 -39.88 -18.01 19.80
N LEU D 364 -40.88 -18.04 20.69
CA LEU D 364 -40.74 -17.47 22.01
C LEU D 364 -39.52 -17.97 22.75
N ASP D 365 -39.33 -19.28 22.74
CA ASP D 365 -38.26 -19.91 23.49
C ASP D 365 -36.91 -19.27 23.24
N GLU D 366 -36.66 -18.87 22.01
CA GLU D 366 -35.38 -18.29 21.63
C GLU D 366 -35.04 -17.06 22.44
N ALA D 367 -35.97 -16.11 22.51
CA ALA D 367 -35.74 -14.86 23.21
C ALA D 367 -35.22 -15.10 24.61
N MET D 368 -35.97 -15.89 25.36
CA MET D 368 -35.60 -16.26 26.72
C MET D 368 -34.21 -16.86 26.67
N SER D 369 -34.03 -17.80 25.75
CA SER D 369 -32.77 -18.52 25.65
C SER D 369 -31.61 -17.57 25.45
N ILE D 370 -31.84 -16.45 24.78
CA ILE D 370 -30.78 -15.47 24.61
C ILE D 370 -30.53 -14.76 25.91
N SER D 371 -31.60 -14.28 26.54
CA SER D 371 -31.44 -13.51 27.77
C SER D 371 -30.67 -14.28 28.82
N VAL D 372 -30.89 -15.59 28.86
CA VAL D 372 -30.26 -16.44 29.85
C VAL D 372 -28.74 -16.53 29.70
N GLU D 373 -28.26 -16.64 28.47
CA GLU D 373 -26.86 -16.96 28.23
C GLU D 373 -25.87 -15.88 28.63
N MET D 374 -26.31 -14.62 28.65
CA MET D 374 -25.40 -13.52 28.90
C MET D 374 -24.93 -13.43 30.34
N LEU D 375 -25.49 -14.26 31.21
CA LEU D 375 -25.11 -14.23 32.62
C LEU D 375 -23.69 -14.71 32.83
N ARG D 376 -23.12 -14.35 33.98
CA ARG D 376 -21.77 -14.79 34.34
C ARG D 376 -21.74 -16.29 34.55
N GLU D 377 -20.54 -16.86 34.47
CA GLU D 377 -20.39 -18.29 34.70
C GLU D 377 -20.70 -18.66 36.13
N ASP D 378 -20.46 -17.70 37.02
CA ASP D 378 -20.65 -17.93 38.44
C ASP D 378 -22.11 -18.19 38.78
N ILE D 379 -22.98 -17.31 38.30
CA ILE D 379 -24.37 -17.27 38.75
C ILE D 379 -25.28 -18.30 38.09
N LYS D 380 -24.96 -18.69 36.87
CA LYS D 380 -25.74 -19.49 35.95
C LYS D 380 -26.30 -20.73 36.62
N ASP D 381 -25.60 -21.23 37.62
CA ASP D 381 -26.10 -22.37 38.36
C ASP D 381 -27.17 -21.90 39.33
N TYR D 382 -26.90 -20.81 40.05
CA TYR D 382 -27.84 -20.30 41.03
C TYR D 382 -29.19 -20.01 40.41
N TYR D 383 -29.21 -19.68 39.13
CA TYR D 383 -30.47 -19.36 38.51
C TYR D 383 -31.34 -20.60 38.41
N THR D 384 -30.74 -21.68 37.93
CA THR D 384 -31.45 -22.94 37.70
C THR D 384 -32.26 -23.37 38.92
N ASP D 385 -31.67 -23.18 40.10
CA ASP D 385 -32.32 -23.59 41.34
C ASP D 385 -33.69 -22.97 41.49
N LEU D 386 -33.86 -21.79 40.90
CA LEU D 386 -35.06 -21.01 41.15
C LEU D 386 -36.27 -21.61 40.42
N SER D 387 -36.02 -22.63 39.61
CA SER D 387 -37.07 -23.26 38.83
C SER D 387 -38.16 -23.92 39.69
N ILE D 388 -37.89 -24.06 40.98
CA ILE D 388 -38.79 -24.77 41.88
C ILE D 388 -40.09 -24.03 42.16
N LEU D 389 -40.12 -22.74 41.87
CA LEU D 389 -41.29 -21.92 42.18
C LEU D 389 -42.50 -22.31 41.36
N GLN D 390 -43.67 -22.09 41.93
CA GLN D 390 -44.91 -22.42 41.27
C GLN D 390 -45.41 -21.10 40.73
N LYS D 391 -45.95 -21.11 39.50
CA LYS D 391 -46.41 -19.85 38.94
C LYS D 391 -47.45 -19.28 39.89
N ASP D 392 -47.29 -18.00 40.18
CA ASP D 392 -48.19 -17.29 41.09
C ASP D 392 -47.87 -17.48 42.57
N VAL D 393 -46.79 -18.19 42.92
CA VAL D 393 -46.50 -18.34 44.33
C VAL D 393 -45.41 -17.38 44.74
N LYS D 394 -45.81 -16.36 45.50
CA LYS D 394 -44.84 -15.41 45.99
C LYS D 394 -44.06 -16.06 47.11
N VAL D 395 -42.75 -15.86 47.13
CA VAL D 395 -41.94 -16.45 48.17
C VAL D 395 -41.34 -15.34 49.01
N PRO D 396 -41.15 -15.62 50.30
CA PRO D 396 -40.34 -14.70 51.10
C PRO D 396 -38.89 -14.94 50.78
N THR D 397 -37.99 -14.16 51.35
CA THR D 397 -36.59 -14.28 51.00
C THR D 397 -35.94 -15.45 51.71
N LYS D 398 -36.33 -15.63 52.96
CA LYS D 398 -35.68 -16.58 53.86
C LYS D 398 -35.50 -17.97 53.28
N VAL D 399 -36.54 -18.48 52.62
CA VAL D 399 -36.50 -19.82 52.08
C VAL D 399 -35.32 -20.00 51.14
N LEU D 400 -34.99 -18.94 50.41
CA LEU D 400 -33.87 -18.98 49.50
C LEU D 400 -32.57 -19.00 50.28
N CYS D 401 -32.55 -18.32 51.41
CA CYS D 401 -31.40 -18.36 52.29
C CYS D 401 -31.18 -19.80 52.69
N ILE D 402 -32.28 -20.47 53.02
CA ILE D 402 -32.24 -21.88 53.35
C ILE D 402 -31.66 -22.68 52.21
N LEU D 403 -32.05 -22.33 50.99
CA LEU D 403 -31.60 -23.10 49.85
C LEU D 403 -30.10 -22.94 49.58
N TRP D 404 -29.62 -21.70 49.47
CA TRP D 404 -28.21 -21.51 49.15
C TRP D 404 -27.33 -21.49 50.39
N ASP D 405 -27.92 -21.64 51.56
CA ASP D 405 -27.17 -21.73 52.81
C ASP D 405 -26.26 -20.53 53.08
N MET D 406 -26.82 -19.33 53.06
CA MET D 406 -26.03 -18.14 53.34
C MET D 406 -26.86 -16.97 53.86
N GLU D 407 -26.16 -15.96 54.38
CA GLU D 407 -26.76 -14.82 55.04
C GLU D 407 -27.78 -14.10 54.16
N THR D 408 -28.79 -13.52 54.80
CA THR D 408 -29.88 -12.80 54.14
C THR D 408 -29.45 -11.84 53.03
N GLU D 409 -28.79 -10.76 53.42
CA GLU D 409 -28.45 -9.71 52.47
C GLU D 409 -27.65 -10.26 51.32
N GLU D 410 -26.69 -11.13 51.66
CA GLU D 410 -25.85 -11.80 50.68
C GLU D 410 -26.69 -12.41 49.55
N VAL D 411 -27.84 -12.96 49.91
CA VAL D 411 -28.75 -13.50 48.92
C VAL D 411 -29.49 -12.38 48.20
N GLU D 412 -29.98 -11.44 48.98
CA GLU D 412 -30.82 -10.38 48.46
C GLU D 412 -30.14 -9.61 47.34
N ASP D 413 -28.82 -9.54 47.39
CA ASP D 413 -28.08 -8.87 46.33
C ASP D 413 -28.16 -9.62 45.01
N ILE D 414 -27.83 -10.89 45.03
CA ILE D 414 -27.92 -11.72 43.84
C ILE D 414 -29.32 -11.62 43.25
N LEU D 415 -30.31 -11.81 44.11
CA LEU D 415 -31.68 -11.71 43.64
C LEU D 415 -31.92 -10.37 42.95
N GLN D 416 -31.37 -9.30 43.54
CA GLN D 416 -31.52 -8.00 42.93
C GLN D 416 -30.91 -7.97 41.54
N GLU D 417 -29.79 -8.67 41.37
CA GLU D 417 -29.19 -8.77 40.05
C GLU D 417 -30.13 -9.44 39.06
N PHE D 418 -30.78 -10.52 39.48
CA PHE D 418 -31.81 -11.10 38.62
C PHE D 418 -32.92 -10.13 38.32
N VAL D 419 -33.23 -9.23 39.24
CA VAL D 419 -34.25 -8.24 38.94
C VAL D 419 -33.74 -7.31 37.85
N ASN D 420 -32.47 -6.97 37.93
CA ASN D 420 -31.86 -6.09 36.94
C ASN D 420 -31.93 -6.70 35.56
N LYS D 421 -31.57 -7.96 35.43
CA LYS D 421 -31.64 -8.63 34.13
C LYS D 421 -33.08 -8.94 33.71
N SER D 422 -34.04 -8.62 34.57
CA SER D 422 -35.45 -8.83 34.28
C SER D 422 -35.81 -10.30 34.10
N LEU D 423 -35.17 -11.17 34.87
CA LEU D 423 -35.56 -12.56 34.92
C LEU D 423 -36.52 -12.84 36.05
N LEU D 424 -36.70 -11.88 36.94
CA LEU D 424 -37.44 -12.12 38.17
C LEU D 424 -38.05 -10.85 38.69
N PHE D 425 -39.22 -10.93 39.31
CA PHE D 425 -39.85 -9.70 39.74
C PHE D 425 -39.92 -9.59 41.25
N CYS D 426 -39.88 -8.37 41.74
CA CYS D 426 -39.76 -8.09 43.15
C CYS D 426 -40.80 -7.11 43.65
N ASP D 427 -41.57 -7.54 44.63
CA ASP D 427 -42.58 -6.70 45.26
C ASP D 427 -42.11 -6.27 46.64
N ARG D 428 -42.30 -4.99 46.94
CA ARG D 428 -41.80 -4.43 48.19
C ARG D 428 -42.93 -4.06 49.13
N ASN D 429 -43.07 -4.83 50.20
CA ASN D 429 -44.02 -4.53 51.25
C ASN D 429 -43.52 -5.08 52.58
N GLY D 430 -43.77 -4.36 53.66
CA GLY D 430 -43.20 -4.71 54.95
C GLY D 430 -41.70 -4.57 54.86
N LYS D 431 -40.98 -5.22 55.77
CA LYS D 431 -39.54 -5.19 55.71
C LYS D 431 -39.01 -6.18 54.68
N SER D 432 -39.59 -7.37 54.67
CA SER D 432 -39.13 -8.44 53.80
C SER D 432 -39.59 -8.26 52.37
N PHE D 433 -38.67 -8.29 51.44
CA PHE D 433 -39.04 -8.26 50.03
C PHE D 433 -39.69 -9.57 49.61
N ARG D 434 -40.42 -9.52 48.51
CA ARG D 434 -41.17 -10.69 48.06
C ARG D 434 -40.94 -10.95 46.58
N TYR D 435 -40.32 -12.08 46.25
CA TYR D 435 -39.94 -12.35 44.88
C TYR D 435 -40.85 -13.35 44.19
N TYR D 436 -41.10 -13.15 42.90
CA TYR D 436 -41.87 -14.13 42.14
C TYR D 436 -41.60 -14.02 40.66
N LEU D 437 -41.92 -15.09 39.95
CA LEU D 437 -41.68 -15.15 38.51
C LEU D 437 -42.88 -14.71 37.71
N HIS D 438 -42.69 -14.70 36.41
CA HIS D 438 -43.78 -14.51 35.47
C HIS D 438 -43.98 -15.85 34.78
N ASP D 439 -45.21 -16.13 34.39
CA ASP D 439 -45.60 -17.47 33.95
C ASP D 439 -44.72 -18.06 32.86
N LEU D 440 -44.58 -17.31 31.77
CA LEU D 440 -43.88 -17.79 30.60
C LEU D 440 -42.51 -18.29 30.97
N GLN D 441 -41.82 -17.52 31.80
CA GLN D 441 -40.51 -17.90 32.25
C GLN D 441 -40.56 -19.22 33.01
N VAL D 442 -41.62 -19.41 33.78
CA VAL D 442 -41.75 -20.63 34.56
C VAL D 442 -41.84 -21.82 33.64
N ASP D 443 -42.75 -21.73 32.67
CA ASP D 443 -42.92 -22.85 31.75
C ASP D 443 -41.64 -23.10 30.96
N PHE D 444 -40.96 -22.01 30.63
CA PHE D 444 -39.69 -22.10 29.94
C PHE D 444 -38.70 -22.94 30.75
N LEU D 445 -38.49 -22.57 32.00
CA LEU D 445 -37.56 -23.31 32.85
C LEU D 445 -38.02 -24.74 33.05
N THR D 446 -39.33 -24.92 33.05
CA THR D 446 -39.91 -26.25 33.16
C THR D 446 -39.43 -27.11 32.01
N GLU D 447 -39.38 -26.53 30.82
CA GLU D 447 -38.96 -27.28 29.66
C GLU D 447 -37.45 -27.44 29.58
N LYS D 448 -36.72 -26.39 29.93
CA LYS D 448 -35.27 -26.39 29.82
C LYS D 448 -34.61 -27.40 30.74
N ASN D 449 -34.96 -27.35 32.02
CA ASN D 449 -34.44 -28.30 32.98
C ASN D 449 -35.53 -29.23 33.47
N CYS D 450 -35.43 -30.50 33.10
CA CYS D 450 -36.44 -31.49 33.47
C CYS D 450 -35.87 -32.51 34.43
N SER D 451 -34.87 -33.25 33.96
CA SER D 451 -34.28 -34.36 34.71
C SER D 451 -33.77 -33.98 36.09
N GLN D 452 -33.53 -32.69 36.32
CA GLN D 452 -32.89 -32.25 37.54
C GLN D 452 -33.87 -31.87 38.64
N LEU D 453 -35.17 -32.06 38.40
CA LEU D 453 -36.19 -31.73 39.39
C LEU D 453 -35.98 -32.46 40.72
N GLN D 454 -35.88 -33.78 40.64
CA GLN D 454 -35.70 -34.62 41.81
C GLN D 454 -34.58 -34.11 42.69
N ASP D 455 -33.44 -33.84 42.05
CA ASP D 455 -32.27 -33.33 42.74
C ASP D 455 -32.64 -32.12 43.56
N LEU D 456 -33.34 -31.19 42.93
CA LEU D 456 -33.66 -29.92 43.54
C LEU D 456 -34.59 -30.09 44.73
N HIS D 457 -35.69 -30.79 44.52
CA HIS D 457 -36.65 -30.97 45.60
C HIS D 457 -36.04 -31.69 46.79
N LYS D 458 -35.36 -32.79 46.54
CA LYS D 458 -34.73 -33.53 47.63
C LYS D 458 -33.67 -32.67 48.30
N LYS D 459 -33.09 -31.76 47.53
CA LYS D 459 -32.11 -30.83 48.05
C LYS D 459 -32.74 -29.89 49.08
N ILE D 460 -33.81 -29.22 48.68
CA ILE D 460 -34.43 -28.24 49.58
C ILE D 460 -35.01 -28.94 50.80
N ILE D 461 -35.50 -30.17 50.61
CA ILE D 461 -36.04 -30.92 51.74
C ILE D 461 -34.94 -31.26 52.73
N THR D 462 -33.87 -31.86 52.21
CA THR D 462 -32.70 -32.19 53.02
C THR D 462 -32.24 -30.99 53.82
N GLN D 463 -32.12 -29.85 53.14
CA GLN D 463 -31.75 -28.62 53.79
C GLN D 463 -32.72 -28.27 54.92
N PHE D 464 -34.00 -28.40 54.63
CA PHE D 464 -35.03 -28.01 55.57
C PHE D 464 -34.92 -28.83 56.84
N GLN D 465 -34.74 -30.14 56.69
CA GLN D 465 -34.54 -31.00 57.84
C GLN D 465 -33.29 -30.62 58.59
N ARG D 466 -32.21 -30.38 57.85
CA ARG D 466 -30.93 -30.09 58.44
C ARG D 466 -30.97 -28.81 59.25
N TYR D 467 -31.92 -27.92 58.94
CA TYR D 467 -32.09 -26.73 59.76
C TYR D 467 -33.26 -26.84 60.74
N HIS D 468 -34.47 -26.74 60.24
CA HIS D 468 -35.63 -26.75 61.12
C HIS D 468 -36.15 -28.15 61.40
N GLN D 469 -37.19 -28.22 62.21
CA GLN D 469 -37.86 -29.47 62.52
C GLN D 469 -39.29 -29.43 62.03
N PRO D 470 -39.82 -30.57 61.59
CA PRO D 470 -41.16 -30.63 61.00
C PRO D 470 -42.26 -30.15 61.95
N HIS D 471 -42.23 -30.59 63.19
CA HIS D 471 -43.25 -30.19 64.15
C HIS D 471 -42.83 -28.97 64.96
N THR D 472 -41.64 -28.44 64.65
CA THR D 472 -41.17 -27.25 65.33
C THR D 472 -41.11 -26.07 64.37
N LEU D 473 -42.06 -25.17 64.49
CA LEU D 473 -42.10 -23.95 63.69
C LEU D 473 -42.58 -22.77 64.53
N SER D 474 -41.95 -21.64 64.33
CA SER D 474 -42.39 -20.42 64.98
C SER D 474 -43.28 -19.65 64.03
N PRO D 475 -44.58 -19.53 64.39
CA PRO D 475 -45.53 -18.76 63.61
C PRO D 475 -45.13 -17.30 63.54
N ASP D 476 -44.21 -16.90 64.41
CA ASP D 476 -43.69 -15.54 64.41
C ASP D 476 -42.60 -15.32 63.37
N GLN D 477 -42.13 -16.41 62.75
CA GLN D 477 -41.12 -16.28 61.72
C GLN D 477 -41.73 -15.70 60.46
N GLU D 478 -40.88 -15.42 59.48
CA GLU D 478 -41.35 -14.84 58.24
C GLU D 478 -41.59 -15.89 57.16
N ASP D 479 -41.06 -17.08 57.37
CA ASP D 479 -41.16 -18.13 56.36
C ASP D 479 -42.22 -19.19 56.62
N CYS D 480 -42.92 -19.09 57.75
CA CYS D 480 -43.81 -20.16 58.19
C CYS D 480 -44.86 -20.54 57.15
N MET D 481 -45.64 -19.54 56.75
CA MET D 481 -46.79 -19.74 55.88
C MET D 481 -46.43 -20.57 54.66
N TYR D 482 -45.36 -20.15 53.98
CA TYR D 482 -44.92 -20.85 52.80
C TYR D 482 -44.64 -22.32 53.10
N TRP D 483 -43.93 -22.58 54.19
CA TRP D 483 -43.62 -23.95 54.51
C TRP D 483 -44.89 -24.75 54.69
N TYR D 484 -45.77 -24.28 55.57
CA TYR D 484 -47.02 -24.98 55.80
C TYR D 484 -47.75 -25.30 54.51
N ASN D 485 -47.88 -24.32 53.62
CA ASN D 485 -48.61 -24.58 52.39
C ASN D 485 -47.91 -25.59 51.47
N PHE D 486 -46.69 -25.29 51.06
CA PHE D 486 -46.11 -26.02 49.94
C PHE D 486 -45.14 -27.15 50.30
N LEU D 487 -44.88 -27.36 51.58
CA LEU D 487 -43.91 -28.39 51.98
C LEU D 487 -44.34 -29.75 51.47
N ALA D 488 -45.63 -30.04 51.63
CA ALA D 488 -46.21 -31.27 51.12
C ALA D 488 -45.89 -31.43 49.64
N TYR D 489 -46.12 -30.36 48.89
CA TYR D 489 -45.82 -30.36 47.46
C TYR D 489 -44.36 -30.71 47.19
N HIS D 490 -43.45 -29.96 47.80
CA HIS D 490 -42.03 -30.18 47.57
C HIS D 490 -41.64 -31.61 47.90
N MET D 491 -42.32 -32.21 48.87
CA MET D 491 -42.10 -33.62 49.12
C MET D 491 -42.64 -34.47 47.98
N ALA D 492 -43.81 -34.09 47.47
CA ALA D 492 -44.48 -34.88 46.45
C ALA D 492 -43.67 -34.95 45.17
N SER D 493 -43.21 -33.81 44.69
CA SER D 493 -42.43 -33.77 43.47
C SER D 493 -41.12 -34.54 43.64
N ALA D 494 -40.70 -34.69 44.88
CA ALA D 494 -39.49 -35.44 45.19
C ALA D 494 -39.77 -36.93 45.10
N LYS D 495 -41.05 -37.27 44.96
CA LYS D 495 -41.50 -38.66 44.88
C LYS D 495 -41.08 -39.47 46.09
N MET D 496 -40.89 -38.81 47.22
CA MET D 496 -40.54 -39.51 48.45
C MET D 496 -41.76 -39.61 49.34
N HIS D 497 -42.31 -40.82 49.43
CA HIS D 497 -43.53 -41.03 50.20
C HIS D 497 -43.22 -41.35 51.65
N LYS D 498 -41.98 -41.69 51.95
CA LYS D 498 -41.62 -42.12 53.29
C LYS D 498 -41.68 -40.96 54.26
N GLU D 499 -40.92 -39.92 53.93
CA GLU D 499 -40.94 -38.70 54.73
C GLU D 499 -42.30 -38.05 54.60
N LEU D 500 -42.95 -38.31 53.47
CA LEU D 500 -44.30 -37.82 53.23
C LEU D 500 -45.27 -38.40 54.24
N CYS D 501 -45.34 -39.72 54.27
CA CYS D 501 -46.20 -40.43 55.20
C CYS D 501 -45.85 -40.03 56.62
N ALA D 502 -44.56 -39.85 56.87
CA ALA D 502 -44.08 -39.44 58.17
C ALA D 502 -44.70 -38.11 58.58
N LEU D 503 -44.69 -37.14 57.67
CA LEU D 503 -45.23 -35.82 57.96
C LEU D 503 -46.74 -35.78 58.06
N MET D 504 -47.42 -36.24 57.02
CA MET D 504 -48.85 -36.02 56.90
C MET D 504 -49.65 -36.81 57.92
N PHE D 505 -49.32 -38.09 58.05
CA PHE D 505 -50.11 -38.97 58.90
C PHE D 505 -49.99 -38.60 60.38
N SER D 506 -48.97 -37.81 60.69
CA SER D 506 -48.78 -37.30 62.04
C SER D 506 -49.97 -36.44 62.43
N LEU D 507 -50.43 -36.58 63.67
CA LEU D 507 -51.61 -35.88 64.13
C LEU D 507 -51.34 -34.43 64.50
N ASP D 508 -50.24 -34.18 65.18
CA ASP D 508 -49.92 -32.84 65.65
C ASP D 508 -49.74 -31.88 64.49
N TRP D 509 -49.13 -32.36 63.41
CA TRP D 509 -48.99 -31.59 62.19
C TRP D 509 -50.35 -31.11 61.73
N ILE D 510 -51.30 -32.04 61.73
CA ILE D 510 -52.67 -31.74 61.37
C ILE D 510 -53.23 -30.68 62.30
N LYS D 511 -53.00 -30.86 63.59
CA LYS D 511 -53.49 -29.91 64.59
C LYS D 511 -53.02 -28.49 64.30
N ALA D 512 -51.71 -28.33 64.23
CA ALA D 512 -51.11 -27.03 64.00
C ALA D 512 -51.63 -26.39 62.72
N LYS D 513 -51.58 -27.16 61.63
CA LYS D 513 -52.03 -26.66 60.34
C LYS D 513 -53.47 -26.18 60.43
N THR D 514 -54.36 -27.07 60.86
CA THR D 514 -55.78 -26.75 60.99
C THR D 514 -56.02 -25.51 61.81
N GLU D 515 -55.36 -25.41 62.95
CA GLU D 515 -55.48 -24.24 63.80
C GLU D 515 -55.12 -22.97 63.04
N LEU D 516 -53.98 -23.02 62.34
CA LEU D 516 -53.52 -21.85 61.62
C LEU D 516 -54.26 -21.67 60.30
N VAL D 517 -54.43 -22.76 59.57
CA VAL D 517 -54.95 -22.70 58.21
C VAL D 517 -56.44 -23.03 58.12
N GLY D 518 -56.79 -24.24 58.54
CA GLY D 518 -58.11 -24.79 58.27
C GLY D 518 -57.98 -25.96 57.32
N PRO D 519 -58.98 -26.85 57.34
CA PRO D 519 -58.93 -28.19 56.74
C PRO D 519 -58.84 -28.23 55.22
N ALA D 520 -59.55 -27.33 54.55
CA ALA D 520 -59.79 -27.42 53.12
C ALA D 520 -58.51 -27.65 52.32
N HIS D 521 -57.53 -26.78 52.53
CA HIS D 521 -56.25 -26.89 51.86
C HIS D 521 -55.67 -28.28 52.01
N LEU D 522 -55.65 -28.76 53.24
CA LEU D 522 -55.06 -30.05 53.56
C LEU D 522 -55.79 -31.17 52.82
N ILE D 523 -57.12 -31.12 52.87
CA ILE D 523 -57.96 -32.05 52.13
C ILE D 523 -57.52 -32.13 50.69
N HIS D 524 -57.47 -30.95 50.07
CA HIS D 524 -57.04 -30.82 48.69
C HIS D 524 -55.71 -31.51 48.47
N GLU D 525 -54.79 -31.33 49.41
CA GLU D 525 -53.47 -31.93 49.29
C GLU D 525 -53.56 -33.45 49.30
N PHE D 526 -54.39 -34.00 50.19
CA PHE D 526 -54.63 -35.44 50.18
C PHE D 526 -55.13 -35.92 48.81
N VAL D 527 -56.23 -35.31 48.39
CA VAL D 527 -56.88 -35.70 47.14
C VAL D 527 -55.91 -35.69 45.99
N GLU D 528 -55.07 -34.65 45.94
CA GLU D 528 -54.08 -34.54 44.88
C GLU D 528 -53.00 -35.61 44.98
N TYR D 529 -52.35 -35.70 46.13
CA TYR D 529 -51.12 -36.46 46.24
C TYR D 529 -51.36 -37.94 46.49
N ARG D 530 -52.62 -38.33 46.57
CA ARG D 530 -52.98 -39.72 46.89
C ARG D 530 -52.34 -40.73 45.92
N HIS D 531 -51.99 -40.27 44.74
CA HIS D 531 -51.46 -41.15 43.69
C HIS D 531 -50.16 -41.83 44.09
N ILE D 532 -49.18 -41.04 44.52
CA ILE D 532 -47.85 -41.57 44.82
C ILE D 532 -47.91 -42.53 46.00
N LEU D 533 -48.90 -42.34 46.85
CA LEU D 533 -49.11 -43.21 48.01
C LEU D 533 -49.39 -44.65 47.60
N ASP D 534 -49.00 -45.59 48.44
CA ASP D 534 -49.18 -47.01 48.12
C ASP D 534 -50.62 -47.45 48.25
N GLU D 535 -50.86 -48.72 47.94
CA GLU D 535 -52.21 -49.28 47.96
C GLU D 535 -52.76 -49.28 49.39
N LYS D 536 -51.97 -49.77 50.32
CA LYS D 536 -52.34 -49.76 51.73
C LYS D 536 -52.51 -48.32 52.21
N ASP D 537 -51.68 -47.44 51.68
CA ASP D 537 -51.71 -46.03 52.06
C ASP D 537 -53.03 -45.39 51.69
N CYS D 538 -53.58 -45.83 50.56
CA CYS D 538 -54.84 -45.29 50.05
C CYS D 538 -55.95 -45.37 51.09
N ALA D 539 -55.99 -46.46 51.84
CA ALA D 539 -56.99 -46.66 52.87
C ALA D 539 -56.90 -45.56 53.92
N VAL D 540 -55.70 -45.38 54.46
CA VAL D 540 -55.44 -44.38 55.49
C VAL D 540 -55.79 -42.99 55.01
N SER D 541 -55.20 -42.64 53.86
CA SER D 541 -55.45 -41.35 53.23
C SER D 541 -56.93 -41.10 53.12
N GLU D 542 -57.65 -42.10 52.64
CA GLU D 542 -59.10 -42.05 52.52
C GLU D 542 -59.75 -41.74 53.86
N ASN D 543 -59.39 -42.53 54.87
CA ASN D 543 -59.92 -42.34 56.22
C ASN D 543 -59.83 -40.88 56.63
N PHE D 544 -58.70 -40.26 56.33
CA PHE D 544 -58.58 -38.83 56.54
C PHE D 544 -59.53 -38.04 55.64
N GLN D 545 -59.63 -38.45 54.38
CA GLN D 545 -60.42 -37.72 53.39
C GLN D 545 -61.84 -37.53 53.87
N GLU D 546 -62.43 -38.57 54.43
CA GLU D 546 -63.75 -38.39 55.04
C GLU D 546 -63.65 -37.74 56.40
N PHE D 547 -62.56 -38.01 57.13
CA PHE D 547 -62.41 -37.49 58.49
C PHE D 547 -62.55 -35.97 58.52
N LEU D 548 -61.70 -35.30 57.75
CA LEU D 548 -61.67 -33.85 57.73
C LEU D 548 -62.96 -33.28 57.13
N SER D 549 -63.47 -33.94 56.09
CA SER D 549 -64.68 -33.49 55.43
C SER D 549 -65.86 -33.48 56.38
N LEU D 550 -65.87 -34.45 57.29
CA LEU D 550 -66.94 -34.53 58.28
C LEU D 550 -66.69 -33.56 59.44
N ASN D 551 -65.43 -33.39 59.81
CA ASN D 551 -65.09 -32.54 60.94
C ASN D 551 -64.99 -31.07 60.57
N GLY D 552 -65.26 -30.78 59.30
CA GLY D 552 -65.03 -29.46 58.73
C GLY D 552 -65.60 -28.28 59.49
N HIS D 553 -66.75 -28.46 60.12
CA HIS D 553 -67.42 -27.37 60.82
C HIS D 553 -66.78 -27.09 62.17
N LEU D 554 -66.28 -28.13 62.81
CA LEU D 554 -65.68 -27.99 64.13
C LEU D 554 -64.25 -27.45 64.10
N LEU D 555 -63.43 -28.02 63.24
CA LEU D 555 -61.99 -27.79 63.27
C LEU D 555 -61.57 -26.36 62.93
N GLY D 556 -60.39 -25.99 63.40
CA GLY D 556 -59.74 -24.76 63.00
C GLY D 556 -60.39 -23.50 63.56
N ARG D 557 -61.55 -23.67 64.17
CA ARG D 557 -62.27 -22.53 64.71
C ARG D 557 -62.29 -22.62 66.23
N GLN D 558 -61.50 -21.78 66.87
CA GLN D 558 -61.34 -21.87 68.32
C GLN D 558 -62.34 -20.99 69.06
N PRO D 559 -62.77 -21.39 70.28
CA PRO D 559 -62.33 -22.47 71.18
C PRO D 559 -62.13 -23.83 70.53
N PHE D 560 -61.04 -24.49 70.87
CA PHE D 560 -60.53 -25.59 70.06
C PHE D 560 -60.44 -26.88 70.87
N PRO D 561 -60.81 -28.00 70.25
CA PRO D 561 -60.87 -29.31 70.93
C PRO D 561 -59.57 -30.10 70.84
N ASN D 562 -59.56 -31.28 71.45
CA ASN D 562 -58.41 -32.18 71.34
C ASN D 562 -58.50 -33.01 70.07
N ILE D 563 -57.35 -33.25 69.45
CA ILE D 563 -57.28 -34.09 68.27
C ILE D 563 -57.62 -35.52 68.64
N VAL D 564 -56.96 -36.01 69.69
CA VAL D 564 -57.09 -37.38 70.13
C VAL D 564 -58.53 -37.80 70.34
N GLN D 565 -59.24 -37.03 71.16
CA GLN D 565 -60.60 -37.37 71.54
C GLN D 565 -61.54 -37.42 70.35
N LEU D 566 -61.31 -36.56 69.38
CA LEU D 566 -62.11 -36.57 68.17
C LEU D 566 -61.76 -37.80 67.36
N GLY D 567 -60.48 -38.19 67.44
CA GLY D 567 -60.03 -39.38 66.75
C GLY D 567 -60.61 -40.63 67.36
N LEU D 568 -61.02 -40.53 68.63
CA LEU D 568 -61.59 -41.67 69.34
C LEU D 568 -62.99 -42.00 68.84
N CYS D 569 -63.63 -41.04 68.18
CA CYS D 569 -64.98 -41.22 67.68
C CYS D 569 -65.00 -41.88 66.31
N GLU D 570 -63.82 -42.19 65.79
CA GLU D 570 -63.71 -42.76 64.46
C GLU D 570 -63.82 -44.28 64.47
N PRO D 571 -64.29 -44.86 63.36
CA PRO D 571 -64.35 -46.31 63.23
C PRO D 571 -62.99 -46.96 63.47
N GLU D 572 -62.97 -48.12 64.09
CA GLU D 572 -61.73 -48.79 64.46
C GLU D 572 -60.85 -49.07 63.26
N THR D 573 -61.48 -49.41 62.14
CA THR D 573 -60.76 -49.68 60.90
C THR D 573 -60.00 -48.46 60.41
N SER D 574 -60.55 -47.29 60.67
CA SER D 574 -59.89 -46.04 60.27
C SER D 574 -58.61 -45.84 61.06
N GLU D 575 -57.53 -45.53 60.36
CA GLU D 575 -56.23 -45.34 60.98
C GLU D 575 -56.27 -44.24 62.01
N VAL D 576 -57.13 -43.24 61.76
CA VAL D 576 -57.29 -42.12 62.68
C VAL D 576 -57.62 -42.60 64.08
N TYR D 577 -58.60 -43.49 64.18
CA TYR D 577 -59.00 -44.03 65.47
C TYR D 577 -57.87 -44.79 66.13
N GLN D 578 -57.07 -45.48 65.34
CA GLN D 578 -56.02 -46.32 65.88
C GLN D 578 -54.88 -45.48 66.43
N GLN D 579 -54.55 -44.40 65.72
CA GLN D 579 -53.50 -43.50 66.16
C GLN D 579 -53.96 -42.71 67.39
N ALA D 580 -55.17 -42.19 67.32
CA ALA D 580 -55.75 -41.43 68.43
C ALA D 580 -55.84 -42.29 69.67
N LYS D 581 -56.28 -43.53 69.50
CA LYS D 581 -56.35 -44.47 70.61
C LYS D 581 -54.95 -44.78 71.14
N LEU D 582 -54.00 -44.90 70.22
CA LEU D 582 -52.61 -45.17 70.59
C LEU D 582 -52.09 -44.08 71.52
N GLN D 583 -52.11 -42.84 71.05
CA GLN D 583 -51.61 -41.71 71.85
C GLN D 583 -52.41 -41.54 73.13
N ALA D 584 -53.72 -41.81 73.04
CA ALA D 584 -54.58 -41.74 74.21
C ALA D 584 -54.08 -42.67 75.29
N LYS D 585 -53.83 -43.91 74.91
CA LYS D 585 -53.30 -44.92 75.81
C LYS D 585 -51.92 -44.53 76.30
N GLN D 586 -51.17 -43.81 75.47
CA GLN D 586 -49.83 -43.39 75.83
C GLN D 586 -49.85 -42.39 76.98
N GLU D 587 -50.78 -41.44 76.94
CA GLU D 587 -50.94 -40.51 78.05
C GLU D 587 -51.76 -41.15 79.14
N VAL D 588 -51.10 -41.40 80.28
CA VAL D 588 -51.74 -42.07 81.41
C VAL D 588 -51.46 -41.30 82.68
N ASP D 589 -52.37 -41.41 83.64
CA ASP D 589 -52.21 -40.66 84.88
C ASP D 589 -52.16 -39.20 84.47
N ASN D 590 -52.88 -38.87 83.40
CA ASN D 590 -52.94 -37.54 82.86
C ASN D 590 -54.36 -37.01 82.92
N GLY D 591 -54.49 -35.82 83.46
CA GLY D 591 -55.77 -35.16 83.62
C GLY D 591 -56.54 -35.06 82.32
N MET D 592 -56.15 -35.89 81.35
CA MET D 592 -56.80 -35.89 80.04
C MET D 592 -58.16 -36.56 80.12
N LEU D 593 -58.19 -37.73 80.74
CA LEU D 593 -59.44 -38.50 80.93
C LEU D 593 -60.13 -38.79 79.61
N TYR D 594 -59.52 -39.65 78.80
CA TYR D 594 -60.05 -40.00 77.48
C TYR D 594 -61.30 -40.88 77.60
N LEU D 595 -62.09 -40.89 76.53
CA LEU D 595 -63.33 -41.67 76.51
C LEU D 595 -63.33 -42.64 75.33
N GLU D 596 -64.17 -43.67 75.40
CA GLU D 596 -64.22 -44.69 74.37
C GLU D 596 -65.65 -44.93 73.90
N TRP D 597 -65.83 -45.08 72.59
CA TRP D 597 -67.16 -45.28 72.01
C TRP D 597 -67.34 -46.67 71.39
N ILE D 598 -68.14 -47.49 72.02
CA ILE D 598 -68.51 -48.79 71.46
C ILE D 598 -69.66 -48.67 70.45
N ASN D 599 -70.49 -47.65 70.63
CA ASN D 599 -71.72 -47.52 69.84
C ASN D 599 -71.53 -46.94 68.44
N LYS D 600 -70.54 -46.06 68.28
CA LYS D 600 -70.37 -45.34 67.01
C LYS D 600 -69.97 -46.23 65.82
N LYS D 601 -69.68 -47.50 66.08
CA LYS D 601 -69.33 -48.41 65.01
C LYS D 601 -70.53 -48.70 64.10
N ASN D 602 -71.73 -48.76 64.68
CA ASN D 602 -72.94 -49.04 63.92
C ASN D 602 -73.72 -47.78 63.52
N ILE D 603 -73.27 -46.62 63.98
CA ILE D 603 -73.97 -45.37 63.73
C ILE D 603 -73.01 -44.26 63.26
N THR D 604 -73.56 -43.06 63.11
CA THR D 604 -72.83 -41.92 62.55
C THR D 604 -72.34 -42.28 61.14
N ASN D 605 -73.28 -42.34 60.21
CA ASN D 605 -72.97 -42.65 58.81
C ASN D 605 -72.04 -41.62 58.18
N LEU D 606 -71.23 -42.05 57.23
CA LEU D 606 -70.27 -41.18 56.56
C LEU D 606 -70.96 -40.14 55.68
N SER D 607 -70.25 -39.05 55.39
CA SER D 607 -70.78 -38.01 54.52
C SER D 607 -69.78 -37.67 53.42
N ARG D 608 -70.27 -37.18 52.29
CA ARG D 608 -69.38 -36.81 51.20
C ARG D 608 -68.57 -35.57 51.57
N LEU D 609 -69.26 -34.51 51.99
CA LEU D 609 -68.53 -33.29 52.36
C LEU D 609 -69.27 -32.45 53.40
N VAL D 610 -68.51 -31.78 54.26
CA VAL D 610 -69.06 -30.78 55.19
C VAL D 610 -68.20 -29.53 55.18
N VAL D 611 -68.76 -28.40 54.76
CA VAL D 611 -68.00 -27.15 54.68
C VAL D 611 -68.75 -25.95 55.23
N ARG D 612 -68.16 -25.31 56.25
CA ARG D 612 -68.67 -24.03 56.73
C ARG D 612 -67.67 -22.89 56.52
N PRO D 613 -67.88 -22.06 55.49
CA PRO D 613 -67.19 -20.77 55.46
C PRO D 613 -68.07 -19.62 55.95
N HIS D 614 -68.69 -19.75 57.11
CA HIS D 614 -69.71 -18.81 57.56
C HIS D 614 -69.71 -18.54 59.06
N THR D 615 -69.83 -17.28 59.44
CA THR D 615 -70.09 -16.91 60.81
C THR D 615 -71.60 -16.75 61.06
N ASP D 616 -72.36 -16.77 59.99
CA ASP D 616 -73.81 -16.55 60.05
C ASP D 616 -74.59 -17.58 59.24
N ALA D 617 -75.91 -17.59 59.43
CA ALA D 617 -76.79 -18.58 58.80
C ALA D 617 -76.80 -18.48 57.28
N VAL D 618 -77.16 -19.59 56.63
CA VAL D 618 -77.20 -19.65 55.17
C VAL D 618 -78.62 -19.48 54.64
N TYR D 619 -78.83 -18.43 53.83
CA TYR D 619 -80.14 -18.23 53.22
C TYR D 619 -80.33 -19.12 51.98
N HIS D 620 -79.30 -19.20 51.15
CA HIS D 620 -79.36 -20.09 49.99
C HIS D 620 -77.97 -20.58 49.58
N ALA D 621 -77.92 -21.82 49.10
CA ALA D 621 -76.68 -22.39 48.57
C ALA D 621 -76.98 -23.31 47.39
N CYS D 622 -76.19 -23.20 46.33
CA CYS D 622 -76.39 -24.03 45.15
C CYS D 622 -75.10 -24.24 44.36
N PHE D 623 -75.03 -25.34 43.64
CA PHE D 623 -73.87 -25.64 42.80
C PHE D 623 -73.94 -24.92 41.46
N SER D 624 -72.78 -24.60 40.90
CA SER D 624 -72.69 -24.01 39.56
C SER D 624 -73.12 -25.03 38.51
N GLU D 625 -73.50 -24.54 37.33
CA GLU D 625 -73.96 -25.40 36.24
C GLU D 625 -72.88 -26.38 35.80
N ASP D 626 -71.61 -25.94 35.87
CA ASP D 626 -70.49 -26.79 35.48
C ASP D 626 -70.03 -27.69 36.63
N GLY D 627 -70.57 -27.43 37.83
CA GLY D 627 -70.21 -28.20 39.00
C GLY D 627 -68.77 -27.97 39.40
N GLN D 628 -68.41 -26.70 39.59
CA GLN D 628 -67.03 -26.33 39.90
C GLN D 628 -66.94 -25.49 41.16
N ARG D 629 -67.54 -24.31 41.13
CA ARG D 629 -67.46 -23.36 42.24
C ARG D 629 -68.80 -23.12 42.90
N ILE D 630 -68.77 -22.76 44.18
CA ILE D 630 -69.99 -22.51 44.95
C ILE D 630 -70.06 -21.07 45.44
N ALA D 631 -71.16 -20.39 45.15
CA ALA D 631 -71.41 -19.06 45.66
C ALA D 631 -72.58 -19.08 46.64
N SER D 632 -72.29 -18.86 47.92
CA SER D 632 -73.31 -18.95 48.95
C SER D 632 -73.64 -17.58 49.55
N CYS D 633 -74.89 -17.41 49.95
CA CYS D 633 -75.35 -16.16 50.54
C CYS D 633 -76.12 -16.40 51.84
N GLY D 634 -75.98 -15.49 52.79
CA GLY D 634 -76.59 -15.65 54.09
C GLY D 634 -76.65 -14.38 54.91
N ALA D 635 -76.91 -14.54 56.21
CA ALA D 635 -77.06 -13.41 57.13
C ALA D 635 -75.75 -12.67 57.35
N ASP D 636 -74.65 -13.23 56.86
CA ASP D 636 -73.34 -12.60 56.98
C ASP D 636 -73.21 -11.40 56.05
N LYS D 637 -74.21 -11.22 55.18
CA LYS D 637 -74.25 -10.12 54.22
C LYS D 637 -73.04 -10.16 53.28
N THR D 638 -72.47 -11.34 53.11
CA THR D 638 -71.28 -11.50 52.29
C THR D 638 -71.37 -12.73 51.40
N LEU D 639 -71.30 -12.51 50.09
CA LEU D 639 -71.28 -13.61 49.14
C LEU D 639 -69.95 -14.37 49.23
N GLN D 640 -70.05 -15.68 49.45
CA GLN D 640 -68.88 -16.53 49.62
C GLN D 640 -68.67 -17.45 48.42
N VAL D 641 -67.60 -17.20 47.67
CA VAL D 641 -67.24 -18.04 46.54
C VAL D 641 -66.09 -18.95 46.91
N PHE D 642 -66.34 -20.26 46.92
CA PHE D 642 -65.31 -21.23 47.31
C PHE D 642 -65.38 -22.50 46.46
N LYS D 643 -64.31 -23.29 46.49
CA LYS D 643 -64.24 -24.52 45.70
C LYS D 643 -65.21 -25.57 46.23
N ALA D 644 -65.84 -26.30 45.32
CA ALA D 644 -66.87 -27.26 45.69
C ALA D 644 -66.30 -28.61 46.15
N GLU D 645 -65.06 -28.89 45.78
CA GLU D 645 -64.48 -30.20 46.07
C GLU D 645 -63.81 -30.26 47.44
N THR D 646 -62.65 -29.62 47.57
CA THR D 646 -61.90 -29.64 48.82
C THR D 646 -62.27 -28.47 49.73
N GLY D 647 -63.03 -27.52 49.19
CA GLY D 647 -63.53 -26.41 49.98
C GLY D 647 -62.52 -25.32 50.30
N GLU D 648 -61.62 -25.03 49.37
CA GLU D 648 -60.65 -23.95 49.55
C GLU D 648 -61.32 -22.59 49.38
N LYS D 649 -60.78 -21.58 50.07
CA LYS D 649 -61.30 -20.23 49.96
C LYS D 649 -60.83 -19.58 48.66
N LEU D 650 -61.78 -19.14 47.84
CA LEU D 650 -61.46 -18.50 46.57
C LEU D 650 -61.62 -16.99 46.66
N LEU D 651 -62.87 -16.53 46.71
CA LEU D 651 -63.15 -15.10 46.78
C LEU D 651 -64.28 -14.79 47.76
N GLU D 652 -64.13 -13.69 48.50
CA GLU D 652 -65.17 -13.23 49.40
C GLU D 652 -65.62 -11.83 48.97
N ILE D 653 -66.86 -11.72 48.51
CA ILE D 653 -67.33 -10.46 47.93
C ILE D 653 -68.50 -9.88 48.73
N LYS D 654 -68.42 -8.60 49.06
CA LYS D 654 -69.52 -7.96 49.78
C LYS D 654 -70.65 -7.61 48.82
N ALA D 655 -71.81 -8.21 49.02
CA ALA D 655 -72.95 -7.99 48.13
C ALA D 655 -73.68 -6.70 48.43
N HIS D 656 -73.99 -6.47 49.71
CA HIS D 656 -74.79 -5.33 50.12
C HIS D 656 -74.45 -4.89 51.54
N GLU D 657 -75.14 -3.84 51.99
CA GLU D 657 -75.04 -3.39 53.38
C GLU D 657 -76.12 -4.07 54.22
N ASP D 658 -77.00 -4.80 53.54
CA ASP D 658 -78.10 -5.50 54.19
C ASP D 658 -78.13 -6.97 53.79
N GLU D 659 -78.89 -7.76 54.54
CA GLU D 659 -78.98 -9.20 54.32
C GLU D 659 -79.53 -9.53 52.93
N VAL D 660 -78.83 -10.42 52.23
CA VAL D 660 -79.22 -10.83 50.89
C VAL D 660 -80.35 -11.86 50.93
N LEU D 661 -81.47 -11.53 50.29
CA LEU D 661 -82.64 -12.40 50.31
C LEU D 661 -82.43 -13.67 49.50
N CYS D 662 -82.01 -13.51 48.24
CA CYS D 662 -81.81 -14.65 47.36
C CYS D 662 -80.72 -14.39 46.32
N CYS D 663 -80.06 -15.46 45.89
CA CYS D 663 -79.00 -15.37 44.89
C CYS D 663 -78.90 -16.64 44.07
N ALA D 664 -78.52 -16.52 42.79
CA ALA D 664 -78.42 -17.67 41.92
C ALA D 664 -77.42 -17.44 40.78
N PHE D 665 -76.92 -18.54 40.22
CA PHE D 665 -75.98 -18.49 39.11
C PHE D 665 -76.66 -18.16 37.78
N SER D 666 -75.87 -17.65 36.84
CA SER D 666 -76.37 -17.37 35.49
C SER D 666 -76.13 -18.56 34.57
N THR D 667 -76.35 -18.36 33.28
CA THR D 667 -76.11 -19.41 32.29
C THR D 667 -74.63 -19.77 32.22
N ASP D 668 -73.79 -18.75 32.10
CA ASP D 668 -72.34 -18.96 32.02
C ASP D 668 -71.68 -18.84 33.39
N ASP D 669 -72.49 -18.60 34.42
CA ASP D 669 -72.04 -18.52 35.81
C ASP D 669 -71.11 -17.33 36.10
N ARG D 670 -70.78 -16.57 35.05
CA ARG D 670 -69.83 -15.47 35.18
C ARG D 670 -70.44 -14.21 35.78
N PHE D 671 -71.77 -14.21 35.94
CA PHE D 671 -72.46 -13.06 36.50
C PHE D 671 -73.50 -13.47 37.54
N ILE D 672 -73.37 -12.91 38.75
CA ILE D 672 -74.32 -13.19 39.81
C ILE D 672 -74.85 -11.91 40.43
N ALA D 673 -76.14 -11.67 40.27
CA ALA D 673 -76.79 -10.47 40.83
C ALA D 673 -77.42 -10.80 42.18
N THR D 674 -77.36 -9.84 43.10
CA THR D 674 -77.87 -10.04 44.44
C THR D 674 -79.03 -9.10 44.78
N CYS D 675 -79.98 -9.62 45.53
CA CYS D 675 -81.15 -8.86 46.00
C CYS D 675 -81.14 -8.84 47.53
N SER D 676 -81.42 -7.69 48.12
CA SER D 676 -81.34 -7.56 49.58
C SER D 676 -82.44 -6.69 50.18
N VAL D 677 -82.31 -6.43 51.48
CA VAL D 677 -83.30 -5.68 52.24
C VAL D 677 -83.29 -4.20 51.87
N ASP D 678 -82.19 -3.75 51.27
CA ASP D 678 -82.04 -2.34 50.94
C ASP D 678 -82.79 -1.99 49.64
N LYS D 679 -83.46 -2.98 49.07
CA LYS D 679 -84.33 -2.81 47.92
C LYS D 679 -83.54 -2.37 46.69
N LYS D 680 -82.32 -2.87 46.57
CA LYS D 680 -81.47 -2.56 45.43
C LYS D 680 -80.83 -3.84 44.88
N VAL D 681 -81.10 -4.11 43.60
CA VAL D 681 -80.53 -5.29 42.95
C VAL D 681 -79.18 -4.94 42.33
N LYS D 682 -78.12 -5.61 42.80
CA LYS D 682 -76.78 -5.28 42.32
C LYS D 682 -76.10 -6.46 41.64
N ILE D 683 -75.76 -6.28 40.37
CA ILE D 683 -75.06 -7.32 39.60
C ILE D 683 -73.59 -7.35 39.97
N TRP D 684 -73.12 -8.52 40.40
CA TRP D 684 -71.72 -8.70 40.78
C TRP D 684 -71.02 -9.70 39.88
N ASN D 685 -69.79 -9.41 39.50
CA ASN D 685 -69.00 -10.31 38.69
C ASN D 685 -68.29 -11.33 39.58
N SER D 686 -68.28 -12.58 39.14
CA SER D 686 -67.72 -13.67 39.94
C SER D 686 -66.19 -13.69 39.88
N MET D 687 -65.64 -13.42 38.71
CA MET D 687 -64.19 -13.48 38.52
C MET D 687 -63.54 -12.12 38.71
N THR D 688 -64.34 -11.11 39.05
CA THR D 688 -63.83 -9.76 39.25
C THR D 688 -64.15 -9.24 40.65
N GLY D 689 -65.44 -9.06 40.92
CA GLY D 689 -65.88 -8.56 42.21
C GLY D 689 -66.21 -7.08 42.19
N GLU D 690 -66.31 -6.51 40.99
CA GLU D 690 -66.62 -5.10 40.83
C GLU D 690 -68.01 -4.91 40.23
N LEU D 691 -68.63 -3.77 40.55
CA LEU D 691 -69.97 -3.45 40.05
C LEU D 691 -70.00 -3.37 38.54
N VAL D 692 -70.98 -4.04 37.94
CA VAL D 692 -71.14 -4.04 36.49
C VAL D 692 -72.34 -3.17 36.11
N HIS D 693 -73.53 -3.62 36.52
CA HIS D 693 -74.75 -2.81 36.38
C HIS D 693 -75.57 -2.85 37.66
N THR D 694 -76.29 -1.78 37.93
CA THR D 694 -77.18 -1.72 39.09
C THR D 694 -78.57 -1.22 38.70
N TYR D 695 -79.60 -1.82 39.30
CA TYR D 695 -80.98 -1.49 38.97
C TYR D 695 -81.80 -1.22 40.22
N ASP D 696 -82.30 0.01 40.35
CA ASP D 696 -83.19 0.35 41.46
C ASP D 696 -84.54 0.84 40.94
N GLU D 697 -85.57 0.01 41.13
CA GLU D 697 -86.92 0.36 40.72
C GLU D 697 -87.92 0.09 41.85
N HIS D 698 -88.00 -1.19 42.24
CA HIS D 698 -88.96 -1.66 43.24
C HIS D 698 -88.92 -0.85 44.53
N SER D 699 -90.10 -0.50 45.03
CA SER D 699 -90.23 0.20 46.30
C SER D 699 -90.39 -0.81 47.44
N GLU D 700 -90.32 -2.09 47.09
CA GLU D 700 -90.43 -3.17 48.07
C GLU D 700 -89.31 -4.18 47.88
N GLN D 701 -89.13 -5.06 48.86
CA GLN D 701 -88.08 -6.07 48.81
C GLN D 701 -88.34 -7.07 47.69
N VAL D 702 -87.25 -7.60 47.11
CA VAL D 702 -87.36 -8.55 46.02
C VAL D 702 -86.99 -9.96 46.47
N ASN D 703 -87.98 -10.84 46.52
CA ASN D 703 -87.76 -12.21 46.96
C ASN D 703 -87.45 -13.16 45.80
N CYS D 704 -87.58 -12.65 44.57
CA CYS D 704 -87.35 -13.47 43.38
C CYS D 704 -86.15 -13.00 42.57
N CYS D 705 -85.09 -13.82 42.56
CA CYS D 705 -83.98 -13.61 41.65
C CYS D 705 -83.65 -14.91 40.94
N HIS D 706 -83.88 -14.94 39.63
CA HIS D 706 -83.64 -16.14 38.84
C HIS D 706 -83.11 -15.78 37.45
N PHE D 707 -82.08 -16.50 37.01
CA PHE D 707 -81.45 -16.20 35.73
C PHE D 707 -81.83 -17.22 34.67
N THR D 708 -81.34 -17.01 33.45
CA THR D 708 -81.66 -17.89 32.33
C THR D 708 -80.78 -19.13 32.31
N ASN D 709 -81.34 -20.26 31.87
CA ASN D 709 -80.60 -21.50 31.75
C ASN D 709 -80.05 -21.69 30.35
N SER D 710 -80.30 -20.71 29.48
CA SER D 710 -79.84 -20.77 28.10
C SER D 710 -79.09 -19.50 27.71
N SER D 711 -78.33 -19.57 26.62
CA SER D 711 -77.55 -18.43 26.15
C SER D 711 -78.31 -17.63 25.11
N HIS D 712 -79.56 -18.02 24.86
CA HIS D 712 -80.41 -17.36 23.88
C HIS D 712 -80.56 -15.87 24.21
N HIS D 713 -81.21 -15.58 25.34
CA HIS D 713 -81.26 -14.23 25.87
C HIS D 713 -81.02 -14.20 27.38
N LEU D 714 -81.04 -13.01 27.95
CA LEU D 714 -80.81 -12.83 29.38
C LEU D 714 -81.92 -12.02 30.03
N LEU D 715 -82.65 -12.64 30.94
CA LEU D 715 -83.78 -11.99 31.62
C LEU D 715 -83.74 -12.23 33.12
N LEU D 716 -84.48 -11.41 33.87
CA LEU D 716 -84.55 -11.57 35.32
C LEU D 716 -85.98 -11.43 35.84
N ALA D 717 -86.46 -12.45 36.53
CA ALA D 717 -87.81 -12.43 37.08
C ALA D 717 -87.83 -11.79 38.46
N THR D 718 -88.57 -10.69 38.59
CA THR D 718 -88.67 -10.00 39.88
C THR D 718 -90.11 -9.71 40.26
N GLY D 719 -90.38 -9.75 41.57
CA GLY D 719 -91.71 -9.46 42.09
C GLY D 719 -91.63 -8.97 43.52
N SER D 720 -92.64 -8.24 43.95
CA SER D 720 -92.65 -7.66 45.30
C SER D 720 -94.07 -7.37 45.79
N SER D 721 -94.15 -6.65 46.90
CA SER D 721 -95.43 -6.34 47.55
C SER D 721 -96.27 -5.32 46.77
N ASP D 722 -95.70 -4.78 45.69
CA ASP D 722 -96.39 -3.78 44.88
C ASP D 722 -97.36 -4.43 43.89
N CYS D 723 -97.43 -5.75 43.94
CA CYS D 723 -98.35 -6.55 43.11
C CYS D 723 -98.02 -6.42 41.63
N PHE D 724 -96.74 -6.17 41.33
CA PHE D 724 -96.27 -6.06 39.95
C PHE D 724 -95.23 -7.13 39.65
N LEU D 725 -95.34 -7.75 38.48
CA LEU D 725 -94.33 -8.70 38.04
C LEU D 725 -93.42 -8.03 37.01
N LYS D 726 -92.18 -7.76 37.40
CA LYS D 726 -91.27 -7.04 36.52
C LYS D 726 -90.16 -7.95 36.00
N LEU D 727 -90.05 -8.00 34.68
CA LEU D 727 -89.02 -8.80 34.02
C LEU D 727 -87.92 -7.89 33.48
N TRP D 728 -86.75 -7.96 34.13
CA TRP D 728 -85.59 -7.16 33.78
C TRP D 728 -84.83 -7.73 32.59
N ASP D 729 -84.16 -6.86 31.85
CA ASP D 729 -83.28 -7.26 30.76
C ASP D 729 -81.84 -6.87 31.09
N LEU D 730 -80.97 -7.86 31.17
CA LEU D 730 -79.58 -7.63 31.55
C LEU D 730 -78.81 -6.85 30.50
N ASN D 731 -79.31 -6.86 29.27
CA ASN D 731 -78.65 -6.15 28.17
C ASN D 731 -78.92 -4.66 28.20
N GLN D 732 -80.10 -4.27 28.69
CA GLN D 732 -80.46 -2.86 28.77
C GLN D 732 -80.35 -2.32 30.19
N LYS D 733 -80.61 -1.02 30.34
CA LYS D 733 -80.51 -0.37 31.64
C LYS D 733 -81.89 -0.30 32.31
N GLU D 734 -82.91 -0.73 31.59
CA GLU D 734 -84.28 -0.65 32.09
C GLU D 734 -84.94 -2.01 32.21
N CYS D 735 -86.19 -2.01 32.67
CA CYS D 735 -86.96 -3.25 32.82
C CYS D 735 -87.76 -3.54 31.56
N ARG D 736 -87.73 -4.80 31.13
CA ARG D 736 -88.39 -5.19 29.88
C ARG D 736 -89.91 -5.29 30.02
N ASN D 737 -90.38 -5.98 31.06
CA ASN D 737 -91.82 -6.23 31.19
C ASN D 737 -92.41 -5.88 32.55
N THR D 738 -93.70 -5.57 32.56
CA THR D 738 -94.44 -5.28 33.78
C THR D 738 -95.84 -5.91 33.69
N MET D 739 -96.22 -6.67 34.71
CA MET D 739 -97.48 -7.41 34.67
C MET D 739 -98.33 -7.22 35.93
N PHE D 740 -99.60 -6.92 35.72
CA PHE D 740 -100.58 -6.77 36.78
C PHE D 740 -101.01 -8.11 37.38
N GLY D 741 -101.62 -8.06 38.56
CA GLY D 741 -102.08 -9.27 39.23
C GLY D 741 -101.28 -9.64 40.46
N HIS D 742 -101.62 -10.78 41.06
CA HIS D 742 -101.00 -11.23 42.31
C HIS D 742 -101.17 -10.20 43.42
N THR D 743 -102.39 -10.09 43.92
CA THR D 743 -102.73 -9.13 44.97
C THR D 743 -101.90 -9.31 46.24
N ASN D 744 -101.29 -10.47 46.40
CA ASN D 744 -100.44 -10.72 47.56
C ASN D 744 -98.98 -10.87 47.11
N SER D 745 -98.08 -11.07 48.06
CA SER D 745 -96.66 -11.19 47.75
C SER D 745 -96.35 -12.51 47.04
N VAL D 746 -95.45 -12.45 46.06
CA VAL D 746 -95.05 -13.63 45.31
C VAL D 746 -93.80 -14.24 45.93
N ASN D 747 -93.94 -15.44 46.50
CA ASN D 747 -92.83 -16.11 47.16
C ASN D 747 -91.79 -16.65 46.19
N HIS D 748 -92.24 -17.39 45.18
CA HIS D 748 -91.31 -18.03 44.25
C HIS D 748 -91.61 -17.70 42.79
N CYS D 749 -90.69 -16.99 42.15
CA CYS D 749 -90.81 -16.68 40.73
C CYS D 749 -89.65 -17.32 39.97
N ARG D 750 -89.98 -18.14 38.98
CA ARG D 750 -88.96 -18.93 38.30
C ARG D 750 -89.21 -19.05 36.80
N PHE D 751 -88.12 -19.07 36.02
CA PHE D 751 -88.22 -19.29 34.59
C PHE D 751 -88.61 -20.74 34.27
N SER D 752 -89.19 -20.93 33.10
CA SER D 752 -89.51 -22.26 32.59
C SER D 752 -88.23 -22.88 32.02
N PRO D 753 -88.27 -24.14 31.55
CA PRO D 753 -87.07 -24.63 30.86
C PRO D 753 -86.77 -23.87 29.57
N ASP D 754 -87.78 -23.17 29.05
CA ASP D 754 -87.58 -22.27 27.92
C ASP D 754 -87.76 -20.83 28.37
N ASP D 755 -86.99 -19.92 27.79
CA ASP D 755 -87.05 -18.52 28.18
C ASP D 755 -88.30 -17.82 27.65
N LYS D 756 -89.06 -18.52 26.82
CA LYS D 756 -90.27 -17.97 26.22
C LYS D 756 -91.41 -17.86 27.22
N LEU D 757 -91.26 -18.50 28.38
CA LEU D 757 -92.30 -18.50 29.39
C LEU D 757 -91.80 -18.06 30.77
N LEU D 758 -92.73 -17.70 31.64
CA LEU D 758 -92.39 -17.29 33.00
C LEU D 758 -93.39 -17.84 34.01
N ALA D 759 -92.88 -18.44 35.08
CA ALA D 759 -93.73 -19.05 36.10
C ALA D 759 -93.77 -18.22 37.38
N SER D 760 -94.97 -17.82 37.78
CA SER D 760 -95.17 -17.05 39.00
C SER D 760 -95.95 -17.87 40.03
N CYS D 761 -95.32 -18.10 41.18
CA CYS D 761 -95.92 -18.90 42.25
C CYS D 761 -95.96 -18.12 43.57
N SER D 762 -97.15 -17.99 44.12
CA SER D 762 -97.35 -17.27 45.38
C SER D 762 -98.20 -18.09 46.36
N ALA D 763 -98.22 -17.67 47.62
CA ALA D 763 -98.91 -18.41 48.67
C ALA D 763 -100.37 -17.99 48.81
N ASP D 764 -100.82 -17.05 47.98
CA ASP D 764 -102.20 -16.58 48.03
C ASP D 764 -103.14 -17.56 47.34
N GLY D 765 -102.58 -18.55 46.68
CA GLY D 765 -103.38 -19.57 46.00
C GLY D 765 -103.44 -19.34 44.50
N THR D 766 -102.66 -18.38 44.01
CA THR D 766 -102.64 -18.06 42.59
C THR D 766 -101.34 -18.53 41.94
N LEU D 767 -101.44 -19.54 41.08
CA LEU D 767 -100.30 -20.02 40.33
C LEU D 767 -100.45 -19.64 38.86
N LYS D 768 -99.62 -18.71 38.39
CA LYS D 768 -99.79 -18.18 37.05
C LYS D 768 -98.63 -18.50 36.12
N LEU D 769 -98.95 -18.69 34.84
CA LEU D 769 -97.95 -18.90 33.81
C LEU D 769 -98.12 -17.87 32.70
N TRP D 770 -97.10 -17.02 32.54
CA TRP D 770 -97.16 -15.87 31.65
C TRP D 770 -96.25 -16.03 30.44
N ASP D 771 -96.63 -15.40 29.33
CA ASP D 771 -95.79 -15.36 28.14
C ASP D 771 -94.73 -14.28 28.27
N ALA D 772 -93.47 -14.66 28.05
CA ALA D 772 -92.37 -13.71 28.17
C ALA D 772 -92.28 -12.78 26.97
N THR D 773 -92.36 -13.35 25.77
CA THR D 773 -92.26 -12.58 24.54
C THR D 773 -93.56 -11.84 24.22
N SER D 774 -94.68 -12.54 24.34
CA SER D 774 -95.98 -11.96 24.01
C SER D 774 -96.44 -10.99 25.09
N ALA D 775 -95.88 -11.13 26.29
CA ALA D 775 -96.15 -10.25 27.44
C ALA D 775 -97.59 -10.36 27.95
N ASN D 776 -98.42 -11.14 27.25
CA ASN D 776 -99.82 -11.31 27.63
C ASN D 776 -100.01 -12.48 28.59
N GLU D 777 -101.26 -12.81 28.87
CA GLU D 777 -101.59 -13.90 29.77
C GLU D 777 -101.75 -15.22 29.04
N ARG D 778 -101.01 -16.24 29.47
CA ARG D 778 -101.13 -17.56 28.87
C ARG D 778 -102.09 -18.41 29.69
N LYS D 779 -101.72 -18.73 30.92
CA LYS D 779 -102.59 -19.52 31.79
C LYS D 779 -102.60 -19.01 33.23
N SER D 780 -103.73 -19.19 33.90
CA SER D 780 -103.88 -18.83 35.31
C SER D 780 -104.60 -19.94 36.05
N ILE D 781 -103.98 -20.44 37.12
CA ILE D 781 -104.51 -21.59 37.83
C ILE D 781 -104.70 -21.32 39.33
N ASN D 782 -105.93 -21.49 39.79
CA ASN D 782 -106.23 -21.42 41.22
C ASN D 782 -106.57 -22.80 41.75
N VAL D 783 -105.83 -23.25 42.76
CA VAL D 783 -105.97 -24.62 43.25
C VAL D 783 -106.94 -24.74 44.42
N LYS D 784 -108.09 -25.35 44.16
CA LYS D 784 -109.07 -25.67 45.20
C LYS D 784 -108.93 -27.12 45.64
N GLN D 785 -107.97 -27.83 45.06
CA GLN D 785 -107.81 -29.27 45.27
C GLN D 785 -107.71 -29.68 46.73
N PHE D 786 -106.96 -28.91 47.52
CA PHE D 786 -106.79 -29.22 48.93
C PHE D 786 -108.09 -28.95 49.69
N PHE D 787 -108.57 -29.96 50.41
CA PHE D 787 -109.84 -29.87 51.12
C PHE D 787 -109.67 -29.43 52.56
N LEU D 788 -110.40 -28.39 52.95
CA LEU D 788 -110.39 -27.92 54.33
C LEU D 788 -111.48 -28.61 55.15
N ASN D 789 -112.33 -29.36 54.46
CA ASN D 789 -113.44 -30.08 55.08
C ASN D 789 -114.34 -29.17 55.92
N GLU D 795 -114.90 -18.03 55.98
CA GLU D 795 -114.02 -19.19 55.97
C GLU D 795 -113.80 -19.71 54.55
N ASP D 796 -113.26 -18.85 53.70
CA ASP D 796 -113.01 -19.22 52.31
C ASP D 796 -111.82 -20.16 52.20
N MET D 797 -111.79 -20.94 51.12
CA MET D 797 -110.71 -21.90 50.90
C MET D 797 -109.41 -21.19 50.54
N GLU D 798 -108.35 -21.50 51.29
CA GLU D 798 -107.05 -20.87 51.06
C GLU D 798 -105.94 -21.93 51.02
N VAL D 799 -105.25 -22.02 49.88
CA VAL D 799 -104.17 -22.97 49.72
C VAL D 799 -102.85 -22.26 49.44
N ILE D 800 -101.91 -22.37 50.38
CA ILE D 800 -100.61 -21.73 50.23
C ILE D 800 -99.66 -22.57 49.38
N VAL D 801 -98.80 -21.88 48.63
CA VAL D 801 -97.81 -22.56 47.81
C VAL D 801 -96.40 -22.14 48.19
N LYS D 802 -95.60 -23.09 48.65
CA LYS D 802 -94.25 -22.81 49.10
C LYS D 802 -93.29 -22.60 47.92
N CYS D 803 -93.07 -23.65 47.15
CA CYS D 803 -92.12 -23.59 46.03
C CYS D 803 -92.67 -24.24 44.77
N CYS D 804 -92.01 -24.00 43.65
CA CYS D 804 -92.39 -24.58 42.37
C CYS D 804 -91.17 -25.16 41.66
N SER D 805 -91.20 -26.46 41.39
CA SER D 805 -90.07 -27.12 40.73
C SER D 805 -90.48 -27.73 39.40
N TRP D 806 -89.75 -27.38 38.35
CA TRP D 806 -90.04 -27.89 37.01
C TRP D 806 -89.58 -29.34 36.84
N SER D 807 -90.40 -30.13 36.15
CA SER D 807 -90.09 -31.51 35.87
C SER D 807 -88.99 -31.63 34.80
N ALA D 808 -88.33 -32.78 34.76
CA ALA D 808 -87.27 -33.02 33.79
C ALA D 808 -87.81 -33.03 32.36
N ASP D 809 -89.09 -33.35 32.21
CA ASP D 809 -89.72 -33.40 30.90
C ASP D 809 -89.89 -31.99 30.32
N GLY D 810 -89.97 -31.00 31.19
CA GLY D 810 -90.13 -29.62 30.77
C GLY D 810 -91.59 -29.27 30.52
N ALA D 811 -92.48 -30.06 31.09
CA ALA D 811 -93.92 -29.86 30.93
C ALA D 811 -94.62 -29.80 32.27
N ARG D 812 -94.58 -30.91 33.00
CA ARG D 812 -95.25 -31.02 34.29
C ARG D 812 -94.63 -30.08 35.33
N ILE D 813 -95.42 -29.71 36.32
CA ILE D 813 -94.96 -28.83 37.39
C ILE D 813 -95.15 -29.50 38.75
N MET D 814 -94.04 -29.74 39.45
CA MET D 814 -94.08 -30.36 40.77
C MET D 814 -94.11 -29.30 41.86
N VAL D 815 -95.18 -29.31 42.67
CA VAL D 815 -95.32 -28.36 43.77
C VAL D 815 -95.72 -29.08 45.05
N ALA D 816 -95.64 -28.36 46.16
CA ALA D 816 -96.06 -28.91 47.45
C ALA D 816 -96.95 -27.93 48.19
N ALA D 817 -98.17 -28.34 48.50
CA ALA D 817 -99.14 -27.46 49.15
C ALA D 817 -99.68 -28.06 50.44
N LYS D 818 -99.67 -27.24 51.49
CA LYS D 818 -100.18 -27.64 52.81
C LYS D 818 -99.52 -28.93 53.30
N ASN D 819 -100.35 -29.95 53.51
CA ASN D 819 -99.88 -31.23 54.04
C ASN D 819 -99.58 -32.26 52.95
N LYS D 820 -99.73 -31.86 51.69
CA LYS D 820 -99.58 -32.82 50.59
C LYS D 820 -98.73 -32.30 49.43
N ILE D 821 -98.32 -33.22 48.56
CA ILE D 821 -97.55 -32.89 47.37
C ILE D 821 -98.45 -33.00 46.14
N PHE D 822 -98.37 -32.01 45.26
CA PHE D 822 -99.22 -31.98 44.07
C PHE D 822 -98.41 -31.91 42.78
N LEU D 823 -98.81 -32.71 41.79
CA LEU D 823 -98.19 -32.71 40.47
C LEU D 823 -99.17 -32.20 39.43
N PHE D 824 -98.87 -31.04 38.85
CA PHE D 824 -99.77 -30.37 37.92
C PHE D 824 -99.36 -30.56 36.46
N ASP D 825 -100.35 -30.65 35.59
CA ASP D 825 -100.11 -30.72 34.15
C ASP D 825 -100.55 -29.42 33.50
N ILE D 826 -99.65 -28.80 32.75
CA ILE D 826 -99.93 -27.52 32.11
C ILE D 826 -100.96 -27.65 30.99
N HIS D 827 -101.05 -28.85 30.43
CA HIS D 827 -101.99 -29.11 29.34
C HIS D 827 -103.43 -29.16 29.84
N THR D 828 -103.66 -29.96 30.87
CA THR D 828 -105.00 -30.12 31.43
C THR D 828 -105.35 -29.00 32.40
N SER D 829 -104.32 -28.32 32.90
CA SER D 829 -104.47 -27.19 33.82
C SER D 829 -105.05 -27.57 35.18
N GLY D 830 -105.45 -28.83 35.32
CA GLY D 830 -106.02 -29.33 36.56
C GLY D 830 -105.00 -30.08 37.39
N LEU D 831 -105.48 -31.08 38.14
CA LEU D 831 -104.60 -31.89 38.98
C LEU D 831 -104.30 -33.22 38.31
N LEU D 832 -103.06 -33.39 37.84
CA LEU D 832 -102.66 -34.61 37.15
C LEU D 832 -102.32 -35.74 38.11
N GLY D 833 -101.60 -35.41 39.19
CA GLY D 833 -101.16 -36.41 40.14
C GLY D 833 -101.02 -35.90 41.56
N GLU D 834 -101.03 -36.83 42.51
CA GLU D 834 -100.96 -36.47 43.92
C GLU D 834 -100.03 -37.39 44.70
N ILE D 835 -99.11 -36.79 45.46
CA ILE D 835 -98.18 -37.55 46.28
C ILE D 835 -98.41 -37.27 47.76
N HIS D 836 -98.57 -38.34 48.54
CA HIS D 836 -98.86 -38.21 49.96
C HIS D 836 -97.62 -37.82 50.77
N THR D 837 -97.83 -37.06 51.83
CA THR D 837 -96.75 -36.63 52.72
C THR D 837 -97.05 -37.13 54.13
N GLY D 838 -96.01 -37.41 54.90
CA GLY D 838 -96.16 -38.01 56.22
C GLY D 838 -97.05 -37.27 57.20
N HIS D 839 -98.06 -37.99 57.70
CA HIS D 839 -99.00 -37.49 58.70
C HIS D 839 -99.65 -36.16 58.35
N HIS D 840 -99.83 -35.31 59.37
CA HIS D 840 -100.47 -34.02 59.20
C HIS D 840 -99.47 -32.87 59.07
N SER D 841 -98.19 -33.20 59.10
CA SER D 841 -97.14 -32.19 59.11
C SER D 841 -97.14 -31.34 57.84
N THR D 842 -96.97 -30.03 58.01
CA THR D 842 -96.98 -29.08 56.90
C THR D 842 -95.63 -29.07 56.18
N ILE D 843 -95.67 -29.04 54.85
CA ILE D 843 -94.45 -29.06 54.05
C ILE D 843 -93.78 -27.69 54.00
N GLN D 844 -92.54 -27.63 54.49
CA GLN D 844 -91.78 -26.39 54.50
C GLN D 844 -91.11 -26.10 53.15
N TYR D 845 -90.56 -27.14 52.53
CA TYR D 845 -89.83 -26.96 51.28
C TYR D 845 -89.90 -28.20 50.40
N CYS D 846 -89.72 -28.01 49.09
CA CYS D 846 -89.76 -29.12 48.14
C CYS D 846 -88.78 -28.93 46.99
N ASP D 847 -88.25 -30.04 46.47
CA ASP D 847 -87.35 -29.99 45.32
C ASP D 847 -87.44 -31.31 44.56
N PHE D 848 -87.17 -31.25 43.26
CA PHE D 848 -87.28 -32.43 42.40
C PHE D 848 -85.99 -32.68 41.61
N SER D 849 -85.60 -33.94 41.51
CA SER D 849 -84.40 -34.33 40.78
C SER D 849 -84.74 -34.84 39.38
N PRO D 850 -84.05 -34.32 38.37
CA PRO D 850 -84.28 -34.71 36.97
C PRO D 850 -83.95 -36.19 36.72
N GLN D 851 -82.98 -36.72 37.47
CA GLN D 851 -82.60 -38.13 37.34
C GLN D 851 -83.35 -38.98 38.36
N ASN D 852 -83.77 -40.17 37.94
CA ASN D 852 -84.45 -41.14 38.79
C ASN D 852 -85.84 -40.69 39.26
N HIS D 853 -86.20 -39.46 38.90
CA HIS D 853 -87.50 -38.87 39.26
C HIS D 853 -87.69 -38.78 40.78
N LEU D 854 -86.58 -38.72 41.51
CA LEU D 854 -86.62 -38.59 42.96
C LEU D 854 -86.88 -37.15 43.37
N ALA D 855 -87.47 -36.96 44.55
CA ALA D 855 -87.78 -35.63 45.04
C ALA D 855 -87.55 -35.53 46.56
N VAL D 856 -86.91 -34.45 46.99
CA VAL D 856 -86.68 -34.24 48.42
C VAL D 856 -87.64 -33.21 48.99
N VAL D 857 -88.05 -33.41 50.24
CA VAL D 857 -89.01 -32.54 50.89
C VAL D 857 -88.58 -32.22 52.32
N ALA D 858 -88.47 -30.92 52.63
CA ALA D 858 -88.24 -30.49 54.00
C ALA D 858 -89.59 -30.30 54.68
N LEU D 859 -89.84 -31.11 55.71
CA LEU D 859 -91.17 -31.18 56.30
C LEU D 859 -91.23 -30.56 57.69
N SER D 860 -90.68 -31.25 58.68
CA SER D 860 -90.67 -30.75 60.04
C SER D 860 -89.47 -31.25 60.84
N GLN D 861 -88.94 -30.40 61.70
CA GLN D 861 -87.82 -30.73 62.58
C GLN D 861 -86.62 -31.30 61.82
N TYR D 862 -85.97 -30.45 61.04
CA TYR D 862 -84.74 -30.78 60.31
C TYR D 862 -84.80 -32.12 59.56
N CYS D 863 -85.98 -32.45 59.04
CA CYS D 863 -86.17 -33.73 58.35
C CYS D 863 -86.30 -33.54 56.84
N VAL D 864 -85.30 -34.00 56.11
CA VAL D 864 -85.36 -33.99 54.65
C VAL D 864 -85.68 -35.40 54.16
N GLU D 865 -86.89 -35.57 53.62
CA GLU D 865 -87.36 -36.88 53.22
C GLU D 865 -87.33 -37.06 51.70
N LEU D 866 -86.76 -38.17 51.26
CA LEU D 866 -86.66 -38.46 49.83
C LEU D 866 -87.73 -39.45 49.40
N TRP D 867 -88.58 -38.99 48.48
CA TRP D 867 -89.70 -39.78 47.95
C TRP D 867 -89.56 -39.96 46.45
N ASN D 868 -90.23 -40.98 45.91
CA ASN D 868 -90.22 -41.24 44.47
C ASN D 868 -91.60 -40.97 43.87
N THR D 869 -91.61 -40.50 42.63
CA THR D 869 -92.87 -40.21 41.93
C THR D 869 -93.54 -41.50 41.47
N ASP D 870 -94.88 -41.48 41.46
CA ASP D 870 -95.68 -42.64 41.08
C ASP D 870 -95.32 -43.86 41.93
N SER D 871 -95.04 -43.62 43.21
CA SER D 871 -94.61 -44.66 44.11
C SER D 871 -95.46 -44.69 45.39
N ARG D 872 -95.41 -43.58 46.12
CA ARG D 872 -96.10 -43.43 47.41
C ARG D 872 -95.54 -44.42 48.43
N SER D 873 -94.24 -44.70 48.31
CA SER D 873 -93.54 -45.54 49.26
C SER D 873 -92.27 -44.81 49.72
N LYS D 874 -91.91 -45.01 50.99
CA LYS D 874 -90.77 -44.30 51.56
C LYS D 874 -89.46 -44.78 50.94
N VAL D 875 -88.69 -43.84 50.40
CA VAL D 875 -87.43 -44.16 49.75
C VAL D 875 -86.25 -43.90 50.68
N ALA D 876 -86.03 -42.64 51.04
CA ALA D 876 -84.91 -42.30 51.90
C ALA D 876 -85.24 -41.24 52.94
N ASP D 877 -84.38 -41.10 53.94
CA ASP D 877 -84.54 -40.10 54.98
C ASP D 877 -83.17 -39.54 55.38
N CYS D 878 -83.09 -38.22 55.51
CA CYS D 878 -81.83 -37.56 55.81
C CYS D 878 -81.77 -37.08 57.26
N ARG D 879 -80.76 -37.56 57.98
CA ARG D 879 -80.55 -37.16 59.37
C ARG D 879 -79.08 -36.82 59.63
N GLY D 880 -78.81 -36.23 60.79
CA GLY D 880 -77.46 -35.85 61.14
C GLY D 880 -77.23 -34.34 61.09
N HIS D 881 -78.29 -33.60 60.76
CA HIS D 881 -78.22 -32.15 60.72
C HIS D 881 -78.16 -31.57 62.12
N LEU D 882 -77.47 -30.43 62.25
CA LEU D 882 -77.51 -29.63 63.44
C LEU D 882 -78.92 -28.94 63.64
N SER D 883 -79.54 -28.47 62.56
CA SER D 883 -80.86 -27.75 62.60
C SER D 883 -81.88 -27.99 61.43
N TRP D 884 -83.14 -27.55 61.59
CA TRP D 884 -84.16 -27.78 60.57
C TRP D 884 -83.70 -27.10 59.28
N VAL D 885 -83.71 -27.91 58.24
CA VAL D 885 -83.13 -27.51 56.98
C VAL D 885 -83.81 -26.32 56.39
N HIS D 886 -82.99 -25.31 56.18
CA HIS D 886 -83.48 -24.12 55.57
C HIS D 886 -83.82 -24.51 54.16
N GLY D 887 -82.94 -25.30 53.56
CA GLY D 887 -83.23 -25.73 52.21
C GLY D 887 -82.21 -26.70 51.64
N VAL D 888 -82.64 -27.48 50.64
CA VAL D 888 -81.77 -28.47 50.02
C VAL D 888 -81.91 -28.44 48.49
N MET D 889 -80.85 -28.85 47.80
CA MET D 889 -80.86 -28.86 46.33
C MET D 889 -80.21 -30.13 45.79
N PHE D 890 -80.34 -30.35 44.49
CA PHE D 890 -79.69 -31.49 43.84
C PHE D 890 -78.49 -31.05 43.02
N SER D 891 -77.47 -31.92 42.96
CA SER D 891 -76.38 -31.71 42.02
C SER D 891 -76.71 -32.45 40.73
N PRO D 892 -76.95 -31.70 39.63
CA PRO D 892 -77.45 -32.37 38.43
C PRO D 892 -76.40 -33.18 37.69
N ASP D 893 -75.63 -33.99 38.41
CA ASP D 893 -74.85 -35.05 37.82
C ASP D 893 -75.59 -36.37 37.98
N GLY D 894 -76.72 -36.29 38.68
CA GLY D 894 -77.50 -37.47 39.02
C GLY D 894 -76.93 -38.24 40.20
N SER D 895 -75.70 -37.91 40.58
CA SER D 895 -74.98 -38.65 41.60
C SER D 895 -75.36 -38.28 43.04
N SER D 896 -75.47 -36.98 43.32
CA SER D 896 -75.62 -36.54 44.71
C SER D 896 -76.41 -35.24 44.86
N PHE D 897 -76.56 -34.79 46.10
CA PHE D 897 -77.30 -33.57 46.41
C PHE D 897 -76.66 -32.77 47.54
N LEU D 898 -77.05 -31.51 47.66
CA LEU D 898 -76.50 -30.62 48.68
C LEU D 898 -77.56 -30.25 49.72
N THR D 899 -77.11 -30.07 50.97
CA THR D 899 -78.01 -29.69 52.06
C THR D 899 -77.53 -28.41 52.74
N SER D 900 -78.48 -27.55 53.09
CA SER D 900 -78.19 -26.29 53.77
C SER D 900 -79.17 -26.05 54.91
N SER D 901 -78.64 -25.74 56.10
CA SER D 901 -79.46 -25.60 57.29
C SER D 901 -79.14 -24.31 58.05
N ASP D 902 -79.74 -24.17 59.23
CA ASP D 902 -79.49 -23.03 60.09
C ASP D 902 -78.24 -23.26 60.94
N ASP D 903 -77.57 -24.37 60.69
CA ASP D 903 -76.33 -24.72 61.38
C ASP D 903 -75.15 -24.01 60.73
N GLN D 904 -75.46 -23.17 59.75
CA GLN D 904 -74.50 -22.29 59.08
C GLN D 904 -73.48 -23.07 58.27
N THR D 905 -73.83 -24.28 57.84
CA THR D 905 -72.89 -25.15 57.15
C THR D 905 -73.49 -25.78 55.89
N ILE D 906 -72.75 -25.71 54.79
CA ILE D 906 -73.18 -26.34 53.54
C ILE D 906 -72.60 -27.75 53.45
N ARG D 907 -73.45 -28.74 53.18
CA ARG D 907 -72.99 -30.12 53.12
C ARG D 907 -73.29 -30.80 51.79
N LEU D 908 -72.45 -31.77 51.44
CA LEU D 908 -72.63 -32.60 50.26
C LEU D 908 -72.94 -34.04 50.68
N TRP D 909 -74.10 -34.52 50.25
CA TRP D 909 -74.60 -35.85 50.61
C TRP D 909 -74.86 -36.70 49.36
N GLU D 910 -74.67 -38.02 49.50
CA GLU D 910 -74.90 -38.95 48.40
C GLU D 910 -76.34 -39.47 48.40
N THR D 911 -76.92 -39.61 47.22
CA THR D 911 -78.30 -40.05 47.09
C THR D 911 -78.48 -41.52 47.49
N LYS D 912 -77.66 -42.39 46.92
CA LYS D 912 -77.80 -43.82 47.13
C LYS D 912 -77.31 -44.28 48.51
N LYS D 913 -76.40 -43.50 49.10
CA LYS D 913 -75.80 -43.86 50.38
C LYS D 913 -76.73 -43.57 51.55
N VAL D 914 -77.40 -42.43 51.51
CA VAL D 914 -78.33 -42.03 52.56
C VAL D 914 -79.58 -42.91 52.52
N CYS D 915 -79.86 -43.47 51.35
CA CYS D 915 -81.04 -44.32 51.13
C CYS D 915 -81.16 -45.46 52.14
N LYS D 916 -80.02 -45.99 52.58
CA LYS D 916 -80.01 -47.05 53.57
C LYS D 916 -80.19 -46.50 54.98
N ASN D 917 -81.22 -46.98 55.67
CA ASN D 917 -81.51 -46.50 57.02
C ASN D 917 -81.60 -47.65 58.02
N SER D 918 -80.99 -47.45 59.20
CA SER D 918 -80.98 -48.47 60.24
C SER D 918 -82.16 -48.33 61.20
N ALA D 919 -82.92 -47.25 61.04
CA ALA D 919 -84.10 -46.97 61.86
C ALA D 919 -83.76 -46.95 63.36
N VAL D 920 -82.73 -46.20 63.71
CA VAL D 920 -82.31 -46.07 65.11
C VAL D 920 -82.94 -44.85 65.76
N MET D 921 -83.82 -44.18 65.02
CA MET D 921 -84.45 -42.93 65.45
C MET D 921 -85.13 -43.01 66.81
N LEU D 922 -84.86 -42.02 67.65
CA LEU D 922 -85.47 -41.92 68.98
C LEU D 922 -86.05 -40.51 69.12
N LYS D 923 -87.30 -40.38 69.55
CA LYS D 923 -87.93 -39.07 69.46
C LYS D 923 -87.61 -38.13 70.61
N GLN D 924 -88.31 -38.28 71.74
CA GLN D 924 -88.11 -37.37 72.87
C GLN D 924 -87.32 -37.92 74.05
N GLU D 925 -87.00 -39.21 74.04
CA GLU D 925 -86.56 -39.84 75.28
C GLU D 925 -85.66 -41.06 75.12
N VAL D 926 -84.75 -41.23 76.07
CA VAL D 926 -84.03 -42.49 76.25
C VAL D 926 -84.18 -42.94 77.71
N ASP D 927 -84.16 -44.24 77.95
CA ASP D 927 -84.36 -44.77 79.28
C ASP D 927 -83.20 -45.65 79.74
N VAL D 928 -82.58 -45.26 80.85
CA VAL D 928 -81.46 -46.03 81.40
C VAL D 928 -81.96 -47.19 82.27
N VAL D 929 -81.23 -48.29 82.24
CA VAL D 929 -81.56 -49.46 83.05
C VAL D 929 -80.37 -49.78 83.96
N PHE D 930 -80.64 -50.22 85.18
CA PHE D 930 -79.57 -50.53 86.12
C PHE D 930 -79.56 -51.99 86.54
N GLN D 931 -78.54 -52.73 86.11
CA GLN D 931 -78.33 -54.10 86.58
C GLN D 931 -77.08 -54.14 87.45
N GLU D 932 -77.28 -54.29 88.76
CA GLU D 932 -76.19 -54.14 89.73
C GLU D 932 -75.40 -52.86 89.44
N ASN D 933 -74.09 -53.00 89.25
CA ASN D 933 -73.25 -51.87 88.87
C ASN D 933 -73.35 -51.56 87.38
N GLU D 934 -73.51 -52.60 86.58
CA GLU D 934 -73.57 -52.47 85.12
C GLU D 934 -74.83 -51.74 84.65
N VAL D 935 -74.70 -50.99 83.56
CA VAL D 935 -75.82 -50.24 83.00
C VAL D 935 -76.32 -50.88 81.71
N MET D 936 -77.63 -50.87 81.51
CA MET D 936 -78.25 -51.42 80.31
C MET D 936 -79.05 -50.32 79.60
N VAL D 937 -79.32 -50.52 78.32
CA VAL D 937 -79.99 -49.49 77.52
C VAL D 937 -81.41 -49.86 77.14
N LEU D 938 -82.35 -48.96 77.43
CA LEU D 938 -83.73 -49.12 76.99
C LEU D 938 -84.15 -47.93 76.13
N ALA D 939 -84.38 -48.17 74.84
CA ALA D 939 -84.71 -47.09 73.91
C ALA D 939 -86.19 -47.14 73.51
N VAL D 940 -86.76 -45.97 73.27
CA VAL D 940 -88.14 -45.89 72.79
C VAL D 940 -88.17 -45.81 71.26
N ASP D 941 -88.64 -46.88 70.63
CA ASP D 941 -88.57 -47.00 69.17
C ASP D 941 -89.43 -45.97 68.46
N HIS D 942 -88.94 -45.51 67.31
CA HIS D 942 -89.65 -44.54 66.49
C HIS D 942 -90.93 -45.14 65.91
N ILE D 943 -90.79 -46.30 65.29
CA ILE D 943 -91.89 -46.91 64.55
C ILE D 943 -93.09 -47.32 65.43
N ARG D 944 -92.86 -48.18 66.41
CA ARG D 944 -93.98 -48.69 67.20
C ARG D 944 -93.86 -48.46 68.71
N ARG D 945 -93.03 -49.25 69.40
CA ARG D 945 -92.93 -49.11 70.85
C ARG D 945 -91.51 -48.87 71.35
N LEU D 946 -90.69 -49.91 71.38
CA LEU D 946 -89.37 -49.78 71.99
C LEU D 946 -88.34 -50.81 71.50
N GLN D 947 -87.08 -50.49 71.73
CA GLN D 947 -85.97 -51.39 71.43
C GLN D 947 -85.08 -51.58 72.65
N LEU D 948 -84.84 -52.83 73.02
CA LEU D 948 -84.02 -53.13 74.18
C LEU D 948 -82.58 -53.44 73.78
N ILE D 949 -81.65 -52.61 74.25
CA ILE D 949 -80.24 -52.77 73.94
C ILE D 949 -79.45 -53.23 75.16
N ASN D 950 -78.91 -54.44 75.10
CA ASN D 950 -78.10 -55.00 76.18
C ASN D 950 -76.72 -54.36 76.19
N GLY D 951 -76.15 -54.21 77.38
CA GLY D 951 -74.88 -53.54 77.55
C GLY D 951 -73.67 -54.34 77.09
N ARG D 952 -72.72 -53.65 76.47
CA ARG D 952 -71.45 -54.23 76.04
C ARG D 952 -71.61 -55.40 75.07
N THR D 953 -72.72 -55.41 74.34
CA THR D 953 -72.98 -56.44 73.34
C THR D 953 -73.96 -55.95 72.28
N GLY D 954 -74.01 -56.65 71.14
CA GLY D 954 -74.87 -56.27 70.05
C GLY D 954 -76.25 -56.90 70.12
N GLN D 955 -76.64 -57.35 71.30
CA GLN D 955 -77.95 -57.97 71.49
C GLN D 955 -79.05 -56.92 71.52
N ILE D 956 -80.03 -57.06 70.63
CA ILE D 956 -81.14 -56.12 70.54
C ILE D 956 -82.48 -56.84 70.46
N ASP D 957 -83.37 -56.53 71.39
CA ASP D 957 -84.71 -57.13 71.41
C ASP D 957 -85.77 -56.09 71.06
N TYR D 958 -86.38 -56.24 69.90
CA TYR D 958 -87.36 -55.28 69.41
C TYR D 958 -88.77 -55.59 69.91
N LEU D 959 -89.36 -54.63 70.61
CA LEU D 959 -90.72 -54.78 71.12
C LEU D 959 -91.68 -53.82 70.42
N THR D 960 -92.72 -54.38 69.82
CA THR D 960 -93.69 -53.61 69.03
C THR D 960 -95.09 -53.58 69.63
N GLU D 961 -95.58 -52.36 69.86
CA GLU D 961 -96.94 -52.12 70.34
C GLU D 961 -97.46 -50.81 69.77
N ALA D 962 -98.59 -50.34 70.30
CA ALA D 962 -99.17 -49.07 69.88
C ALA D 962 -98.24 -47.91 70.25
N GLN D 963 -98.39 -46.79 69.54
CA GLN D 963 -97.54 -45.62 69.75
C GLN D 963 -97.63 -45.10 71.18
N VAL D 964 -96.51 -44.57 71.68
CA VAL D 964 -96.44 -44.06 73.04
C VAL D 964 -96.03 -42.60 73.08
N SER D 965 -96.66 -41.82 73.96
CA SER D 965 -96.30 -40.42 74.12
C SER D 965 -95.07 -40.29 75.00
N CYS D 966 -95.02 -41.07 76.07
CA CYS D 966 -93.89 -41.04 76.99
C CYS D 966 -93.72 -42.38 77.70
N CYS D 967 -92.51 -42.63 78.19
CA CYS D 967 -92.21 -43.88 78.88
C CYS D 967 -91.44 -43.64 80.18
N CYS D 968 -91.72 -44.47 81.18
CA CYS D 968 -91.07 -44.34 82.48
C CYS D 968 -90.80 -45.72 83.09
N LEU D 969 -89.59 -45.86 83.64
CA LEU D 969 -89.17 -47.12 84.24
C LEU D 969 -89.41 -47.11 85.75
N SER D 970 -89.84 -48.25 86.28
CA SER D 970 -90.18 -48.39 87.69
C SER D 970 -88.97 -48.78 88.54
N PRO D 971 -88.94 -48.34 89.81
CA PRO D 971 -87.92 -48.80 90.76
C PRO D 971 -88.11 -50.28 91.08
N HIS D 972 -87.03 -50.97 91.43
CA HIS D 972 -87.04 -52.42 91.66
C HIS D 972 -87.27 -53.19 90.35
N LEU D 973 -87.48 -52.43 89.27
CA LEU D 973 -87.75 -52.95 87.94
C LEU D 973 -88.97 -53.85 87.91
N GLN D 974 -88.89 -54.92 87.12
CA GLN D 974 -89.96 -55.91 86.96
C GLN D 974 -91.23 -55.34 86.33
N TYR D 975 -91.30 -54.01 86.21
CA TYR D 975 -92.47 -53.31 85.70
C TYR D 975 -92.07 -52.15 84.81
N ILE D 976 -93.04 -51.61 84.07
CA ILE D 976 -92.83 -50.39 83.28
C ILE D 976 -94.13 -49.61 83.20
N ALA D 977 -94.04 -48.27 83.24
CA ALA D 977 -95.23 -47.43 83.19
C ALA D 977 -95.08 -46.35 82.14
N PHE D 978 -95.93 -46.38 81.12
CA PHE D 978 -95.80 -45.44 80.00
C PHE D 978 -97.13 -44.78 79.63
N GLY D 979 -97.07 -43.48 79.38
CA GLY D 979 -98.23 -42.74 78.91
C GLY D 979 -98.31 -42.77 77.39
N ASP D 980 -99.53 -42.72 76.86
CA ASP D 980 -99.74 -42.77 75.43
C ASP D 980 -100.38 -41.48 74.91
N GLU D 981 -100.59 -41.42 73.60
CA GLU D 981 -101.25 -40.27 72.99
C GLU D 981 -102.77 -40.46 73.00
N ASN D 982 -103.20 -41.65 73.41
CA ASN D 982 -104.62 -41.97 73.51
C ASN D 982 -105.21 -41.48 74.83
N GLY D 983 -104.34 -40.97 75.71
CA GLY D 983 -104.78 -40.42 76.97
C GLY D 983 -104.43 -41.28 78.18
N ALA D 984 -104.55 -40.68 79.35
CA ALA D 984 -104.29 -41.33 80.64
C ALA D 984 -102.91 -41.97 80.74
N ILE D 985 -102.86 -43.15 81.35
CA ILE D 985 -101.60 -43.83 81.63
C ILE D 985 -101.75 -45.35 81.45
N GLU D 986 -100.78 -45.98 80.81
CA GLU D 986 -100.81 -47.44 80.66
C GLU D 986 -99.65 -48.09 81.42
N ILE D 987 -99.98 -49.02 82.31
CA ILE D 987 -98.99 -49.74 83.08
C ILE D 987 -98.85 -51.18 82.58
N LEU D 988 -97.62 -51.59 82.28
CA LEU D 988 -97.38 -52.92 81.73
C LEU D 988 -96.28 -53.64 82.51
N GLU D 989 -96.39 -54.97 82.59
CA GLU D 989 -95.42 -55.78 83.30
C GLU D 989 -94.35 -56.35 82.37
N LEU D 990 -93.09 -56.18 82.75
CA LEU D 990 -91.97 -56.63 81.94
C LEU D 990 -91.97 -58.16 81.75
N VAL D 991 -92.56 -58.87 82.70
CA VAL D 991 -92.64 -60.33 82.62
C VAL D 991 -93.59 -60.78 81.52
N ASN D 992 -94.80 -60.24 81.54
CA ASN D 992 -95.81 -60.54 80.51
C ASN D 992 -96.37 -59.27 79.89
N ASN D 993 -96.19 -59.12 78.58
CA ASN D 993 -96.66 -57.94 77.87
C ASN D 993 -98.17 -57.98 77.61
N ARG D 994 -98.77 -59.14 77.78
CA ARG D 994 -100.20 -59.30 77.56
C ARG D 994 -101.01 -58.76 78.73
N ILE D 995 -100.36 -58.63 79.89
CA ILE D 995 -101.02 -58.11 81.09
C ILE D 995 -100.74 -56.62 81.26
N PHE D 996 -101.79 -55.82 81.25
CA PHE D 996 -101.66 -54.38 81.41
C PHE D 996 -102.85 -53.78 82.14
N GLN D 997 -102.60 -52.66 82.83
CA GLN D 997 -103.65 -51.98 83.58
C GLN D 997 -103.69 -50.49 83.26
N SER D 998 -104.89 -49.97 83.05
CA SER D 998 -105.07 -48.55 82.74
C SER D 998 -106.42 -48.04 83.20
N ARG D 999 -106.48 -46.76 83.58
CA ARG D 999 -107.74 -46.13 83.99
C ARG D 999 -107.84 -44.74 83.40
N PHE D 1000 -109.05 -44.32 83.05
CA PHE D 1000 -109.25 -43.05 82.35
C PHE D 1000 -109.55 -41.91 83.33
N GLN D 1001 -108.60 -40.99 83.46
CA GLN D 1001 -108.76 -39.81 84.29
C GLN D 1001 -107.83 -38.71 83.78
N HIS D 1002 -108.19 -37.44 84.04
CA HIS D 1002 -107.38 -36.29 83.64
C HIS D 1002 -107.13 -36.28 82.13
N LYS D 1003 -108.16 -35.93 81.37
CA LYS D 1003 -108.14 -35.94 79.92
C LYS D 1003 -106.95 -35.21 79.30
N LYS D 1004 -106.43 -34.22 80.02
CA LYS D 1004 -105.29 -33.45 79.55
C LYS D 1004 -104.02 -34.32 79.44
N THR D 1005 -103.07 -33.87 78.64
CA THR D 1005 -101.85 -34.62 78.38
C THR D 1005 -101.06 -34.92 79.65
N VAL D 1006 -100.75 -36.20 79.86
CA VAL D 1006 -99.98 -36.63 81.02
C VAL D 1006 -98.49 -36.41 80.80
N TRP D 1007 -97.84 -35.76 81.77
CA TRP D 1007 -96.42 -35.44 81.64
C TRP D 1007 -95.55 -36.35 82.50
N HIS D 1008 -95.66 -36.23 83.81
CA HIS D 1008 -94.80 -36.98 84.73
C HIS D 1008 -95.57 -38.11 85.42
N ILE D 1009 -94.94 -39.28 85.46
CA ILE D 1009 -95.55 -40.47 86.06
C ILE D 1009 -94.56 -41.14 87.01
N GLN D 1010 -94.92 -41.28 88.28
CA GLN D 1010 -93.98 -41.88 89.22
C GLN D 1010 -94.64 -42.77 90.29
N PHE D 1011 -94.05 -43.94 90.49
CA PHE D 1011 -94.41 -44.81 91.61
C PHE D 1011 -93.81 -44.31 92.91
N THR D 1012 -94.35 -44.77 94.03
CA THR D 1012 -93.80 -44.46 95.35
C THR D 1012 -92.55 -45.29 95.61
N ALA D 1013 -92.07 -45.25 96.85
CA ALA D 1013 -90.89 -46.02 97.25
C ALA D 1013 -91.11 -47.51 97.00
N ASP D 1014 -92.35 -47.95 97.14
CA ASP D 1014 -92.71 -49.34 96.85
C ASP D 1014 -93.16 -49.49 95.40
N GLU D 1015 -93.68 -50.66 95.06
CA GLU D 1015 -94.14 -50.93 93.70
C GLU D 1015 -95.61 -50.56 93.53
N LYS D 1016 -96.21 -50.02 94.57
CA LYS D 1016 -97.63 -49.68 94.56
C LYS D 1016 -97.85 -48.18 94.67
N THR D 1017 -99.13 -47.79 94.75
CA THR D 1017 -99.53 -46.39 94.93
C THR D 1017 -99.00 -45.51 93.79
N LEU D 1018 -99.59 -45.66 92.62
CA LEU D 1018 -99.25 -44.82 91.47
C LEU D 1018 -99.52 -43.34 91.72
N ILE D 1019 -98.50 -42.51 91.49
CA ILE D 1019 -98.67 -41.07 91.57
C ILE D 1019 -98.51 -40.44 90.19
N SER D 1020 -99.57 -39.80 89.70
CA SER D 1020 -99.55 -39.22 88.37
C SER D 1020 -100.15 -37.82 88.33
N SER D 1021 -99.66 -37.00 87.41
CA SER D 1021 -100.15 -35.63 87.26
C SER D 1021 -100.31 -35.28 85.78
N SER D 1022 -100.99 -34.17 85.54
CA SER D 1022 -101.24 -33.67 84.19
C SER D 1022 -101.35 -32.15 84.26
N ASP D 1023 -101.81 -31.53 83.17
CA ASP D 1023 -102.04 -30.09 83.22
C ASP D 1023 -103.49 -29.85 83.64
N ASP D 1024 -103.64 -29.39 84.87
CA ASP D 1024 -104.94 -29.29 85.53
C ASP D 1024 -104.77 -28.84 86.99
N ALA D 1025 -105.87 -28.64 87.69
CA ALA D 1025 -105.84 -28.24 89.09
C ALA D 1025 -105.81 -29.45 90.03
N GLU D 1026 -105.76 -30.65 89.46
CA GLU D 1026 -105.82 -31.87 90.27
C GLU D 1026 -104.69 -32.85 89.95
N ILE D 1027 -104.15 -33.48 90.99
CA ILE D 1027 -103.12 -34.51 90.85
C ILE D 1027 -103.68 -35.84 91.35
N GLN D 1028 -103.50 -36.91 90.57
CA GLN D 1028 -104.12 -38.18 90.94
C GLN D 1028 -103.16 -39.15 91.64
N VAL D 1029 -103.66 -39.75 92.71
CA VAL D 1029 -102.98 -40.85 93.39
C VAL D 1029 -103.89 -42.07 93.36
N TRP D 1030 -103.47 -43.11 92.65
CA TRP D 1030 -104.34 -44.25 92.41
C TRP D 1030 -103.63 -45.58 92.70
N ASN D 1031 -104.33 -46.45 93.40
CA ASN D 1031 -103.79 -47.75 93.80
C ASN D 1031 -104.32 -48.89 92.93
N TRP D 1032 -103.39 -49.70 92.41
CA TRP D 1032 -103.71 -50.79 91.49
C TRP D 1032 -103.61 -52.14 92.19
N GLN D 1033 -104.40 -53.11 91.71
CA GLN D 1033 -104.66 -54.40 92.37
C GLN D 1033 -105.61 -54.12 93.54
N LEU D 1034 -105.92 -52.84 93.68
CA LEU D 1034 -106.75 -52.27 94.72
C LEU D 1034 -107.91 -51.55 94.02
N ASP D 1035 -107.55 -50.67 93.09
CA ASP D 1035 -108.45 -49.76 92.39
C ASP D 1035 -108.95 -48.69 93.34
N LYS D 1036 -108.04 -48.21 94.19
CA LYS D 1036 -108.35 -47.10 95.09
C LYS D 1036 -108.10 -45.76 94.41
N CYS D 1037 -109.15 -44.96 94.29
CA CYS D 1037 -109.05 -43.66 93.64
C CYS D 1037 -108.96 -42.53 94.66
N ILE D 1038 -107.80 -41.87 94.71
CA ILE D 1038 -107.61 -40.77 95.63
C ILE D 1038 -107.12 -39.52 94.89
N PHE D 1039 -107.97 -38.49 94.87
CA PHE D 1039 -107.64 -37.26 94.14
C PHE D 1039 -107.14 -36.17 95.08
N LEU D 1040 -106.05 -35.52 94.68
CA LEU D 1040 -105.46 -34.46 95.47
C LEU D 1040 -105.58 -33.12 94.75
N ARG D 1041 -106.41 -32.22 95.31
CA ARG D 1041 -106.64 -30.93 94.69
C ARG D 1041 -105.73 -29.85 95.28
N GLY D 1042 -105.05 -29.12 94.42
CA GLY D 1042 -104.18 -28.03 94.84
C GLY D 1042 -104.88 -26.69 94.75
N HIS D 1043 -106.03 -26.69 94.06
CA HIS D 1043 -106.83 -25.49 93.87
C HIS D 1043 -106.03 -24.34 93.27
N GLN D 1044 -105.55 -24.53 92.04
CA GLN D 1044 -104.79 -23.52 91.33
C GLN D 1044 -105.18 -23.48 89.86
N GLU D 1045 -104.47 -22.66 89.09
CA GLU D 1045 -104.71 -22.58 87.65
C GLU D 1045 -104.25 -23.84 86.95
N THR D 1046 -103.01 -24.24 87.22
CA THR D 1046 -102.44 -25.44 86.63
C THR D 1046 -101.28 -25.99 87.46
N VAL D 1047 -100.94 -27.26 87.23
CA VAL D 1047 -99.83 -27.89 87.93
C VAL D 1047 -98.87 -28.52 86.92
N LYS D 1048 -97.57 -28.26 87.09
CA LYS D 1048 -96.59 -28.77 86.14
C LYS D 1048 -96.19 -30.21 86.41
N ASP D 1049 -95.38 -30.43 87.45
CA ASP D 1049 -94.79 -31.74 87.73
C ASP D 1049 -94.55 -31.96 89.21
N PHE D 1050 -93.90 -33.08 89.52
CA PHE D 1050 -93.55 -33.42 90.90
C PHE D 1050 -92.28 -34.29 90.97
N ARG D 1051 -91.85 -34.58 92.19
CA ARG D 1051 -90.71 -35.45 92.43
C ARG D 1051 -90.80 -36.07 93.82
N LEU D 1052 -90.17 -37.23 93.99
CA LEU D 1052 -90.15 -37.90 95.29
C LEU D 1052 -88.80 -37.71 95.97
N LEU D 1053 -88.84 -37.27 97.22
CA LEU D 1053 -87.63 -37.06 98.00
C LEU D 1053 -87.22 -38.34 98.73
N LYS D 1054 -86.25 -38.21 99.64
CA LYS D 1054 -85.77 -39.35 100.42
C LYS D 1054 -86.81 -39.82 101.43
N ASN D 1055 -87.87 -39.02 101.59
CA ASN D 1055 -88.95 -39.36 102.50
C ASN D 1055 -90.24 -39.64 101.76
N SER D 1056 -91.31 -39.90 102.50
CA SER D 1056 -92.62 -40.20 101.90
C SER D 1056 -93.30 -38.95 101.34
N ARG D 1057 -92.72 -37.78 101.62
CA ARG D 1057 -93.26 -36.52 101.15
C ARG D 1057 -93.12 -36.39 99.63
N LEU D 1058 -94.04 -35.66 99.02
CA LEU D 1058 -94.05 -35.47 97.57
C LEU D 1058 -93.85 -34.00 97.22
N LEU D 1059 -92.71 -33.68 96.61
CA LEU D 1059 -92.37 -32.28 96.34
C LEU D 1059 -92.77 -31.89 94.91
N SER D 1060 -93.79 -31.04 94.80
CA SER D 1060 -94.36 -30.72 93.49
C SER D 1060 -94.28 -29.24 93.14
N TRP D 1061 -94.21 -28.96 91.84
CA TRP D 1061 -94.12 -27.60 91.33
C TRP D 1061 -95.07 -27.35 90.16
N SER D 1062 -95.44 -26.08 89.97
CA SER D 1062 -96.39 -25.70 88.93
C SER D 1062 -95.94 -24.47 88.16
N PHE D 1063 -96.80 -23.99 87.25
CA PHE D 1063 -96.51 -22.79 86.46
C PHE D 1063 -96.78 -21.51 87.25
N ASP D 1064 -97.51 -21.64 88.36
CA ASP D 1064 -97.90 -20.48 89.16
C ASP D 1064 -96.85 -20.14 90.19
N GLY D 1065 -95.76 -20.88 90.19
CA GLY D 1065 -94.67 -20.65 91.13
C GLY D 1065 -95.00 -21.15 92.52
N THR D 1066 -95.94 -22.10 92.59
CA THR D 1066 -96.36 -22.65 93.87
C THR D 1066 -95.73 -24.02 94.10
N VAL D 1067 -94.83 -24.09 95.08
CA VAL D 1067 -94.17 -25.34 95.44
C VAL D 1067 -94.87 -25.98 96.62
N LYS D 1068 -95.41 -27.17 96.42
CA LYS D 1068 -96.21 -27.83 97.47
C LYS D 1068 -95.60 -29.15 97.92
N VAL D 1069 -95.82 -29.47 99.19
CA VAL D 1069 -95.38 -30.75 99.75
C VAL D 1069 -96.59 -31.59 100.13
N TRP D 1070 -96.81 -32.68 99.39
CA TRP D 1070 -97.97 -33.53 99.62
C TRP D 1070 -97.58 -34.83 100.32
N ASN D 1071 -98.58 -35.66 100.58
CA ASN D 1071 -98.37 -36.97 101.20
C ASN D 1071 -99.16 -38.06 100.48
N ILE D 1072 -98.83 -39.31 100.77
CA ILE D 1072 -99.49 -40.44 100.11
C ILE D 1072 -100.83 -40.78 100.76
N ILE D 1073 -101.80 -41.12 99.90
CA ILE D 1073 -103.12 -41.64 100.30
C ILE D 1073 -104.01 -40.54 100.89
N THR D 1074 -103.40 -39.44 101.31
CA THR D 1074 -104.16 -38.31 101.86
C THR D 1074 -103.57 -36.98 101.42
N GLY D 1075 -104.41 -36.08 100.92
CA GLY D 1075 -103.98 -34.75 100.54
C GLY D 1075 -103.60 -33.92 101.75
N ASN D 1076 -102.37 -33.41 101.76
CA ASN D 1076 -101.87 -32.58 102.85
C ASN D 1076 -100.89 -31.52 102.37
N LYS D 1077 -100.96 -30.34 102.97
CA LYS D 1077 -100.01 -29.27 102.68
C LYS D 1077 -99.23 -28.88 103.93
N GLU D 1078 -97.94 -29.20 103.96
CA GLU D 1078 -97.10 -28.83 105.08
C GLU D 1078 -96.69 -27.37 105.01
N LYS D 1079 -96.19 -26.94 103.86
CA LYS D 1079 -95.72 -25.58 103.65
C LYS D 1079 -95.96 -25.13 102.21
N ASP D 1080 -95.91 -23.83 101.98
CA ASP D 1080 -96.06 -23.27 100.64
C ASP D 1080 -94.91 -22.32 100.33
N PHE D 1081 -94.11 -22.66 99.33
CA PHE D 1081 -92.95 -21.86 98.96
C PHE D 1081 -93.10 -21.22 97.59
N VAL D 1082 -93.24 -19.90 97.57
CA VAL D 1082 -93.25 -19.15 96.32
C VAL D 1082 -92.04 -18.23 96.23
N CYS D 1083 -91.10 -18.57 95.35
CA CYS D 1083 -89.90 -17.76 95.18
C CYS D 1083 -90.16 -16.48 94.40
N HIS D 1084 -90.80 -16.63 93.25
CA HIS D 1084 -91.09 -15.51 92.37
C HIS D 1084 -92.36 -15.75 91.56
N GLN D 1085 -92.62 -14.87 90.60
CA GLN D 1085 -93.77 -15.00 89.72
C GLN D 1085 -93.37 -15.67 88.40
N GLY D 1086 -94.23 -16.52 87.88
CA GLY D 1086 -93.95 -17.21 86.64
C GLY D 1086 -93.62 -18.68 86.84
N THR D 1087 -93.28 -19.36 85.75
CA THR D 1087 -92.99 -20.79 85.79
C THR D 1087 -91.68 -21.09 86.51
N VAL D 1088 -91.76 -22.00 87.48
CA VAL D 1088 -90.58 -22.44 88.23
C VAL D 1088 -90.13 -23.81 87.74
N LEU D 1089 -88.84 -23.95 87.47
CA LEU D 1089 -88.32 -25.18 86.88
C LEU D 1089 -87.80 -26.16 87.94
N SER D 1090 -88.53 -27.26 88.08
CA SER D 1090 -88.17 -28.37 88.96
C SER D 1090 -87.84 -27.95 90.40
N CYS D 1091 -86.85 -28.61 90.98
CA CYS D 1091 -86.40 -28.35 92.34
C CYS D 1091 -84.93 -28.72 92.48
N ASP D 1092 -84.23 -28.01 93.37
CA ASP D 1092 -82.80 -28.27 93.57
C ASP D 1092 -82.49 -28.51 95.06
N ILE D 1093 -82.05 -29.72 95.36
CA ILE D 1093 -81.73 -30.10 96.73
C ILE D 1093 -80.23 -30.34 96.93
N SER D 1094 -79.76 -30.13 98.14
CA SER D 1094 -78.34 -30.27 98.46
C SER D 1094 -77.89 -31.74 98.49
N HIS D 1095 -78.87 -32.64 98.56
CA HIS D 1095 -78.64 -34.09 98.59
C HIS D 1095 -77.95 -34.56 99.87
N ASP D 1096 -77.49 -33.62 100.69
CA ASP D 1096 -76.86 -33.94 101.97
C ASP D 1096 -77.91 -34.22 103.03
N ALA D 1097 -79.09 -33.65 102.83
CA ALA D 1097 -80.19 -33.74 103.78
C ALA D 1097 -81.43 -33.06 103.23
N THR D 1098 -82.54 -33.20 103.92
CA THR D 1098 -83.81 -32.60 103.48
C THR D 1098 -83.96 -31.17 103.98
N LYS D 1099 -83.06 -30.75 104.86
CA LYS D 1099 -83.09 -29.41 105.42
C LYS D 1099 -83.01 -28.33 104.35
N PHE D 1100 -81.86 -28.24 103.68
CA PHE D 1100 -81.66 -27.24 102.64
C PHE D 1100 -82.36 -27.65 101.35
N SER D 1101 -83.19 -26.76 100.81
CA SER D 1101 -83.88 -27.02 99.56
C SER D 1101 -84.05 -25.74 98.75
N SER D 1102 -83.92 -25.86 97.43
CA SER D 1102 -84.07 -24.70 96.55
C SER D 1102 -84.72 -25.07 95.24
N THR D 1103 -84.95 -24.08 94.38
CA THR D 1103 -85.55 -24.30 93.08
C THR D 1103 -85.22 -23.14 92.14
N SER D 1104 -85.42 -23.35 90.84
CA SER D 1104 -85.14 -22.31 89.85
C SER D 1104 -86.41 -21.59 89.42
N ALA D 1105 -86.52 -20.32 89.81
CA ALA D 1105 -87.70 -19.51 89.52
C ALA D 1105 -87.51 -18.72 88.22
N ASP D 1106 -86.41 -18.99 87.54
CA ASP D 1106 -86.04 -18.33 86.29
C ASP D 1106 -85.80 -16.83 86.48
N LYS D 1107 -85.49 -16.43 87.71
CA LYS D 1107 -85.11 -15.06 88.02
C LYS D 1107 -83.85 -15.01 88.87
N THR D 1108 -83.96 -15.47 90.11
CA THR D 1108 -82.85 -15.51 91.04
C THR D 1108 -82.70 -16.90 91.64
N ALA D 1109 -81.71 -17.09 92.50
CA ALA D 1109 -81.53 -18.38 93.16
C ALA D 1109 -81.78 -18.29 94.66
N LYS D 1110 -82.89 -18.85 95.11
CA LYS D 1110 -83.29 -18.73 96.50
C LYS D 1110 -83.35 -20.08 97.21
N ILE D 1111 -82.81 -20.14 98.42
CA ILE D 1111 -82.76 -21.38 99.18
C ILE D 1111 -83.46 -21.24 100.55
N TRP D 1112 -84.17 -22.28 100.95
CA TRP D 1112 -84.86 -22.32 102.23
C TRP D 1112 -84.49 -23.57 103.03
N SER D 1113 -84.35 -23.38 104.35
CA SER D 1113 -83.98 -24.45 105.27
C SER D 1113 -85.18 -25.11 105.93
N PHE D 1114 -86.38 -24.75 105.48
CA PHE D 1114 -87.65 -25.13 106.14
C PHE D 1114 -87.77 -24.47 107.50
N ASP D 1115 -87.13 -23.32 107.67
CA ASP D 1115 -87.23 -22.57 108.91
C ASP D 1115 -88.32 -21.51 108.83
N LEU D 1116 -88.95 -21.40 107.66
CA LEU D 1116 -90.01 -20.43 107.44
C LEU D 1116 -90.83 -20.86 106.22
N LEU D 1117 -91.90 -20.12 105.92
CA LEU D 1117 -92.72 -20.41 104.75
C LEU D 1117 -92.14 -19.78 103.49
N LEU D 1118 -91.19 -18.87 103.68
CA LEU D 1118 -90.53 -18.19 102.57
C LEU D 1118 -89.05 -18.53 102.56
N PRO D 1119 -88.43 -18.56 101.36
CA PRO D 1119 -87.00 -18.85 101.22
C PRO D 1119 -86.13 -17.92 102.05
N LEU D 1120 -85.20 -18.49 102.80
CA LEU D 1120 -84.38 -17.72 103.72
C LEU D 1120 -83.32 -16.88 103.00
N HIS D 1121 -82.57 -17.51 102.11
CA HIS D 1121 -81.48 -16.81 101.42
C HIS D 1121 -81.80 -16.55 99.96
N GLU D 1122 -81.44 -15.35 99.49
CA GLU D 1122 -81.69 -14.95 98.11
C GLU D 1122 -80.39 -14.56 97.41
N LEU D 1123 -80.20 -15.09 96.20
CA LEU D 1123 -79.02 -14.79 95.41
C LEU D 1123 -79.39 -14.16 94.08
N ARG D 1124 -79.03 -12.90 93.92
CA ARG D 1124 -79.41 -12.08 92.78
C ARG D 1124 -78.37 -12.06 91.66
N GLY D 1125 -77.34 -12.89 91.81
CA GLY D 1125 -76.16 -12.84 90.95
C GLY D 1125 -76.41 -12.71 89.46
N HIS D 1126 -77.32 -13.52 88.92
CA HIS D 1126 -77.76 -13.34 87.55
C HIS D 1126 -79.27 -13.27 87.49
N ASN D 1127 -79.80 -12.09 87.19
CA ASN D 1127 -81.24 -11.90 87.17
C ASN D 1127 -81.88 -11.97 85.77
N GLY D 1128 -81.05 -12.11 84.75
CA GLY D 1128 -81.57 -12.16 83.39
C GLY D 1128 -82.34 -13.43 83.12
N CYS D 1129 -81.67 -14.57 83.26
CA CYS D 1129 -82.28 -15.88 83.09
C CYS D 1129 -81.58 -16.92 83.96
N VAL D 1130 -82.35 -17.83 84.54
CA VAL D 1130 -81.78 -18.96 85.26
C VAL D 1130 -82.40 -20.27 84.77
N ARG D 1131 -81.59 -21.10 84.12
CA ARG D 1131 -82.08 -22.38 83.64
C ARG D 1131 -82.11 -23.42 84.75
N CYS D 1132 -81.05 -23.46 85.56
CA CYS D 1132 -80.96 -24.44 86.65
C CYS D 1132 -79.89 -24.05 87.66
N SER D 1133 -79.76 -24.88 88.69
CA SER D 1133 -78.76 -24.67 89.73
C SER D 1133 -78.37 -26.01 90.35
N ALA D 1134 -77.17 -26.06 90.95
CA ALA D 1134 -76.66 -27.32 91.48
C ALA D 1134 -75.93 -27.14 92.81
N PHE D 1135 -76.25 -28.01 93.77
CA PHE D 1135 -75.57 -28.07 95.05
C PHE D 1135 -74.73 -29.35 95.14
N SER D 1136 -73.41 -29.20 95.11
CA SER D 1136 -72.52 -30.34 95.19
C SER D 1136 -72.39 -30.84 96.62
N VAL D 1137 -72.39 -32.15 96.80
CA VAL D 1137 -72.31 -32.76 98.13
C VAL D 1137 -70.98 -32.46 98.82
N ASP D 1138 -71.02 -32.36 100.15
CA ASP D 1138 -69.85 -32.10 100.98
C ASP D 1138 -69.26 -30.70 100.76
N SER D 1139 -69.82 -29.98 99.79
CA SER D 1139 -69.36 -28.64 99.45
C SER D 1139 -70.48 -27.62 99.66
N THR D 1140 -71.57 -27.83 98.91
CA THR D 1140 -72.83 -27.06 98.88
C THR D 1140 -72.68 -25.84 97.97
N LEU D 1141 -71.47 -25.65 97.43
CA LEU D 1141 -71.21 -24.58 96.49
C LEU D 1141 -72.18 -24.61 95.31
N LEU D 1142 -72.64 -23.44 94.91
CA LEU D 1142 -73.70 -23.33 93.90
C LEU D 1142 -73.16 -23.23 92.48
N ALA D 1143 -73.70 -24.07 91.59
CA ALA D 1143 -73.38 -24.00 90.17
C ALA D 1143 -74.63 -23.61 89.37
N THR D 1144 -74.62 -22.39 88.83
CA THR D 1144 -75.81 -21.87 88.15
C THR D 1144 -75.76 -22.03 86.64
N GLY D 1145 -76.65 -22.87 86.12
CA GLY D 1145 -76.89 -22.96 84.69
C GLY D 1145 -77.90 -21.91 84.24
N ASP D 1146 -77.70 -21.36 83.06
CA ASP D 1146 -78.56 -20.29 82.55
C ASP D 1146 -79.06 -20.60 81.14
N ASP D 1147 -80.06 -19.84 80.69
CA ASP D 1147 -80.62 -19.99 79.36
C ASP D 1147 -79.57 -19.76 78.28
N ASN D 1148 -78.58 -18.93 78.58
CA ASN D 1148 -77.49 -18.66 77.67
C ASN D 1148 -76.51 -19.83 77.58
N GLY D 1149 -76.72 -20.83 78.44
CA GLY D 1149 -75.89 -22.02 78.47
C GLY D 1149 -74.61 -21.79 79.24
N GLU D 1150 -74.59 -20.74 80.05
CA GLU D 1150 -73.42 -20.41 80.85
C GLU D 1150 -73.50 -21.07 82.22
N ILE D 1151 -72.39 -21.64 82.67
CA ILE D 1151 -72.31 -22.26 83.98
C ILE D 1151 -71.44 -21.43 84.91
N ARG D 1152 -72.06 -20.81 85.91
CA ARG D 1152 -71.31 -19.95 86.83
C ARG D 1152 -71.08 -20.62 88.18
N ILE D 1153 -69.84 -20.55 88.66
CA ILE D 1153 -69.48 -21.13 89.95
C ILE D 1153 -69.52 -20.07 91.05
N TRP D 1154 -70.27 -20.35 92.10
CA TRP D 1154 -70.42 -19.42 93.22
C TRP D 1154 -70.21 -20.12 94.56
N ASN D 1155 -69.27 -19.63 95.35
CA ASN D 1155 -68.98 -20.18 96.66
C ASN D 1155 -70.10 -19.89 97.66
N VAL D 1156 -70.61 -20.93 98.30
CA VAL D 1156 -71.70 -20.78 99.26
C VAL D 1156 -71.33 -21.31 100.64
N SER D 1157 -71.36 -20.41 101.63
CA SER D 1157 -71.10 -20.79 103.01
C SER D 1157 -72.22 -20.26 103.91
N ASN D 1158 -72.33 -18.94 103.98
CA ASN D 1158 -73.38 -18.29 104.75
C ASN D 1158 -74.61 -18.02 103.89
N GLY D 1159 -74.58 -18.53 102.66
CA GLY D 1159 -75.63 -18.27 101.69
C GLY D 1159 -75.47 -16.91 101.04
N GLU D 1160 -74.23 -16.58 100.71
CA GLU D 1160 -73.91 -15.33 100.02
C GLU D 1160 -72.87 -15.58 98.93
N LEU D 1161 -72.72 -14.61 98.03
CA LEU D 1161 -71.83 -14.77 96.89
C LEU D 1161 -70.41 -14.34 97.21
N LEU D 1162 -69.43 -15.20 96.90
CA LEU D 1162 -68.03 -14.90 97.18
C LEU D 1162 -67.17 -14.91 95.93
N HIS D 1163 -66.91 -16.10 95.39
CA HIS D 1163 -66.01 -16.27 94.27
C HIS D 1163 -66.68 -15.81 92.97
N LEU D 1164 -65.94 -15.79 91.87
CA LEU D 1164 -66.50 -15.39 90.58
C LEU D 1164 -65.79 -16.10 89.43
N CYS D 1165 -66.57 -16.48 88.42
CA CYS D 1165 -66.00 -17.13 87.23
C CYS D 1165 -66.83 -16.80 86.00
N ALA D 1166 -66.17 -16.64 84.86
CA ALA D 1166 -66.87 -16.37 83.62
C ALA D 1166 -66.74 -17.53 82.63
N PRO D 1167 -67.83 -18.29 82.46
CA PRO D 1167 -67.87 -19.41 81.50
C PRO D 1167 -67.86 -18.94 80.05
N LEU D 1168 -68.48 -17.79 79.78
CA LEU D 1168 -68.55 -17.26 78.42
C LEU D 1168 -67.18 -16.83 77.93
N SER D 1169 -67.00 -16.86 76.61
CA SER D 1169 -65.74 -16.51 75.99
C SER D 1169 -65.76 -15.07 75.45
N GLU D 1170 -64.63 -14.39 75.54
CA GLU D 1170 -64.51 -13.03 75.04
C GLU D 1170 -64.10 -13.04 73.57
N GLU D 1171 -64.01 -14.24 73.00
CA GLU D 1171 -63.65 -14.43 71.60
C GLU D 1171 -64.79 -14.05 70.66
N GLY D 1172 -65.94 -13.71 71.23
CA GLY D 1172 -67.11 -13.35 70.46
C GLY D 1172 -68.20 -14.39 70.48
N ALA D 1173 -69.25 -14.15 69.70
CA ALA D 1173 -70.45 -14.99 69.70
C ALA D 1173 -70.16 -16.44 69.32
N ALA D 1174 -70.95 -17.36 69.88
CA ALA D 1174 -70.80 -18.78 69.62
C ALA D 1174 -71.90 -19.28 68.70
N THR D 1175 -71.58 -20.29 67.88
CA THR D 1175 -72.53 -20.83 66.92
C THR D 1175 -73.50 -21.80 67.57
N HIS D 1176 -73.00 -22.97 67.96
CA HIS D 1176 -73.84 -23.99 68.59
C HIS D 1176 -73.59 -24.07 70.09
N GLY D 1177 -74.67 -24.06 70.86
CA GLY D 1177 -74.58 -24.12 72.31
C GLY D 1177 -75.74 -23.39 72.97
N GLY D 1178 -75.59 -23.09 74.25
CA GLY D 1178 -76.59 -22.35 74.98
C GLY D 1178 -77.76 -23.18 75.46
N TRP D 1179 -77.50 -24.44 75.78
CA TRP D 1179 -78.54 -25.33 76.29
C TRP D 1179 -78.03 -26.22 77.41
N VAL D 1180 -78.79 -26.29 78.50
CA VAL D 1180 -78.45 -27.16 79.63
C VAL D 1180 -79.72 -27.63 80.33
N THR D 1181 -79.70 -28.87 80.82
CA THR D 1181 -80.87 -29.44 81.50
C THR D 1181 -80.51 -29.97 82.88
N ASP D 1182 -79.73 -31.05 82.91
CA ASP D 1182 -79.35 -31.68 84.16
C ASP D 1182 -77.84 -31.65 84.37
N LEU D 1183 -77.43 -31.47 85.62
CA LEU D 1183 -76.01 -31.44 85.96
C LEU D 1183 -75.64 -32.66 86.79
N CYS D 1184 -74.39 -33.11 86.65
CA CYS D 1184 -73.94 -34.31 87.33
C CYS D 1184 -72.72 -34.04 88.22
N PHE D 1185 -72.47 -34.96 89.15
CA PHE D 1185 -71.40 -34.78 90.14
C PHE D 1185 -70.32 -35.84 90.02
N SER D 1186 -69.12 -35.51 90.49
CA SER D 1186 -67.99 -36.44 90.49
C SER D 1186 -67.97 -37.27 91.76
N PRO D 1187 -67.43 -38.49 91.70
CA PRO D 1187 -67.34 -39.34 92.90
C PRO D 1187 -66.39 -38.79 93.95
N ASP D 1188 -65.41 -37.98 93.52
CA ASP D 1188 -64.48 -37.35 94.43
C ASP D 1188 -65.15 -36.17 95.12
N GLY D 1189 -65.92 -35.41 94.34
CA GLY D 1189 -66.61 -34.24 94.86
C GLY D 1189 -65.91 -32.96 94.47
N LYS D 1190 -64.62 -33.07 94.13
CA LYS D 1190 -63.83 -31.92 93.73
C LYS D 1190 -64.16 -31.50 92.30
N MET D 1191 -64.22 -32.48 91.40
CA MET D 1191 -64.53 -32.24 90.00
C MET D 1191 -66.02 -32.00 89.81
N LEU D 1192 -66.37 -31.32 88.72
CA LEU D 1192 -67.78 -31.04 88.41
C LEU D 1192 -68.08 -31.38 86.96
N ILE D 1193 -69.31 -31.84 86.70
CA ILE D 1193 -69.73 -32.18 85.35
C ILE D 1193 -70.88 -31.27 84.90
N SER D 1194 -70.71 -30.60 83.77
CA SER D 1194 -71.71 -29.67 83.27
C SER D 1194 -71.87 -29.71 81.75
N ALA D 1195 -72.99 -29.19 81.27
CA ALA D 1195 -73.28 -29.14 79.84
C ALA D 1195 -73.47 -27.71 79.36
N GLY D 1196 -72.55 -27.24 78.53
CA GLY D 1196 -72.63 -25.91 77.95
C GLY D 1196 -73.09 -25.97 76.51
N GLY D 1197 -73.78 -27.05 76.16
CA GLY D 1197 -74.12 -27.36 74.78
C GLY D 1197 -73.25 -28.51 74.33
N TYR D 1198 -72.24 -28.79 75.13
CA TYR D 1198 -71.37 -29.95 74.94
C TYR D 1198 -70.94 -30.47 76.31
N ILE D 1199 -70.06 -31.46 76.34
CA ILE D 1199 -69.60 -31.99 77.62
C ILE D 1199 -68.46 -31.15 78.15
N LYS D 1200 -68.68 -30.50 79.28
CA LYS D 1200 -67.70 -29.59 79.85
C LYS D 1200 -67.57 -29.77 81.36
N TRP D 1201 -66.36 -30.08 81.82
CA TRP D 1201 -66.15 -30.38 83.24
C TRP D 1201 -65.49 -29.22 83.96
N TRP D 1202 -66.11 -28.77 85.04
CA TRP D 1202 -65.60 -27.66 85.82
C TRP D 1202 -64.83 -28.13 87.06
N ASN D 1203 -64.27 -27.18 87.79
CA ASN D 1203 -63.55 -27.49 89.01
C ASN D 1203 -63.59 -26.30 89.98
N VAL D 1204 -63.57 -26.59 91.26
CA VAL D 1204 -63.56 -25.58 92.32
C VAL D 1204 -62.14 -24.97 92.41
N VAL D 1205 -62.03 -23.78 93.00
CA VAL D 1205 -60.74 -23.15 93.29
C VAL D 1205 -59.92 -22.84 92.02
N THR D 1206 -60.31 -21.77 91.33
CA THR D 1206 -59.50 -21.16 90.29
C THR D 1206 -59.22 -22.08 89.10
N GLY D 1207 -60.22 -22.25 88.25
CA GLY D 1207 -60.08 -23.02 87.03
C GLY D 1207 -60.87 -24.32 87.01
N GLU D 1208 -61.00 -24.89 85.82
CA GLU D 1208 -61.91 -26.02 85.61
C GLU D 1208 -61.17 -27.32 85.33
N SER D 1209 -61.94 -28.38 85.10
CA SER D 1209 -61.38 -29.70 84.87
C SER D 1209 -61.01 -29.92 83.40
N SER D 1210 -62.02 -30.07 82.56
CA SER D 1210 -61.77 -30.33 81.14
C SER D 1210 -62.86 -29.77 80.21
N GLN D 1211 -62.42 -29.27 79.06
CA GLN D 1211 -63.31 -28.83 78.00
C GLN D 1211 -63.48 -29.95 76.98
N THR D 1212 -62.95 -31.12 77.33
CA THR D 1212 -62.74 -32.22 76.39
C THR D 1212 -63.96 -32.72 75.62
N PHE D 1213 -63.68 -33.23 74.42
CA PHE D 1213 -64.63 -33.83 73.49
C PHE D 1213 -65.74 -32.83 73.14
N TYR D 1214 -67.00 -33.27 73.02
CA TYR D 1214 -68.07 -32.44 72.47
C TYR D 1214 -69.39 -33.19 72.39
N THR D 1215 -70.50 -32.45 72.27
CA THR D 1215 -71.80 -33.08 72.06
C THR D 1215 -72.42 -32.63 70.74
N ASN D 1216 -72.57 -33.57 69.81
CA ASN D 1216 -73.15 -33.28 68.51
C ASN D 1216 -74.60 -32.83 68.62
N GLY D 1217 -74.97 -31.85 67.81
CA GLY D 1217 -76.33 -31.32 67.84
C GLY D 1217 -76.43 -30.14 68.78
N THR D 1218 -77.65 -29.85 69.23
CA THR D 1218 -77.90 -28.73 70.13
C THR D 1218 -78.68 -29.17 71.38
N ASN D 1219 -79.92 -29.58 71.16
CA ASN D 1219 -80.81 -29.93 72.27
C ASN D 1219 -80.42 -31.22 72.98
N LEU D 1220 -80.60 -31.23 74.30
CA LEU D 1220 -80.35 -32.40 75.13
C LEU D 1220 -81.52 -32.64 76.06
N LYS D 1221 -81.81 -33.92 76.35
CA LYS D 1221 -82.96 -34.25 77.17
C LYS D 1221 -82.63 -35.28 78.26
N LYS D 1222 -82.79 -34.87 79.51
CA LYS D 1222 -82.65 -35.76 80.67
C LYS D 1222 -81.34 -36.53 80.71
N ILE D 1223 -80.25 -35.81 80.99
CA ILE D 1223 -78.94 -36.43 81.13
C ILE D 1223 -78.91 -37.41 82.31
N HIS D 1224 -78.49 -38.64 82.04
CA HIS D 1224 -78.38 -39.65 83.09
C HIS D 1224 -76.98 -40.25 83.15
N VAL D 1225 -76.57 -40.65 84.36
CA VAL D 1225 -75.26 -41.27 84.57
C VAL D 1225 -75.36 -42.49 85.46
N SER D 1226 -74.29 -43.29 85.48
CA SER D 1226 -74.22 -44.48 86.32
C SER D 1226 -73.95 -44.08 87.78
N PRO D 1227 -74.37 -44.92 88.73
CA PRO D 1227 -74.13 -44.63 90.15
C PRO D 1227 -72.65 -44.68 90.52
N ASP D 1228 -71.84 -45.33 89.69
CA ASP D 1228 -70.41 -45.40 89.91
C ASP D 1228 -69.70 -44.19 89.31
N PHE D 1229 -70.47 -43.35 88.62
CA PHE D 1229 -69.96 -42.13 87.99
C PHE D 1229 -68.82 -42.41 87.02
N LYS D 1230 -68.95 -43.50 86.28
CA LYS D 1230 -67.94 -43.88 85.28
C LYS D 1230 -68.56 -43.96 83.89
N THR D 1231 -69.38 -44.99 83.67
CA THR D 1231 -70.07 -45.16 82.40
C THR D 1231 -71.20 -44.14 82.27
N TYR D 1232 -71.36 -43.59 81.08
CA TYR D 1232 -72.37 -42.55 80.86
C TYR D 1232 -73.35 -42.94 79.76
N VAL D 1233 -74.58 -42.44 79.87
CA VAL D 1233 -75.61 -42.68 78.87
C VAL D 1233 -76.35 -41.39 78.52
N THR D 1234 -76.31 -40.98 77.27
CA THR D 1234 -76.99 -39.76 76.86
C THR D 1234 -77.48 -39.81 75.41
N VAL D 1235 -78.15 -38.75 74.99
CA VAL D 1235 -78.70 -38.67 73.64
C VAL D 1235 -78.79 -37.21 73.17
N ASP D 1236 -78.63 -37.00 71.88
CA ASP D 1236 -78.78 -35.67 71.30
C ASP D 1236 -80.18 -35.47 70.73
N ASN D 1237 -80.40 -34.35 70.05
CA ASN D 1237 -81.68 -34.07 69.42
C ASN D 1237 -81.94 -34.97 68.22
N LEU D 1238 -80.88 -35.57 67.69
CA LEU D 1238 -81.00 -36.46 66.55
C LEU D 1238 -81.61 -37.81 66.94
N GLY D 1239 -81.63 -38.08 68.25
CA GLY D 1239 -82.16 -39.33 68.75
C GLY D 1239 -81.19 -40.48 68.55
N ILE D 1240 -79.90 -40.20 68.74
CA ILE D 1240 -78.86 -41.20 68.58
C ILE D 1240 -78.30 -41.62 69.94
N LEU D 1241 -78.28 -42.92 70.20
CA LEU D 1241 -77.79 -43.45 71.46
C LEU D 1241 -76.31 -43.15 71.67
N TYR D 1242 -75.98 -42.58 72.82
CA TYR D 1242 -74.59 -42.27 73.15
C TYR D 1242 -74.16 -42.95 74.45
N ILE D 1243 -73.15 -43.82 74.34
CA ILE D 1243 -72.65 -44.57 75.47
C ILE D 1243 -71.17 -44.30 75.72
N LEU D 1244 -70.85 -43.91 76.95
CA LEU D 1244 -69.47 -43.67 77.35
C LEU D 1244 -68.99 -44.72 78.35
N GLN D 1245 -67.73 -45.13 78.24
CA GLN D 1245 -67.14 -46.10 79.15
C GLN D 1245 -65.77 -45.63 79.61
N THR D 1246 -65.60 -45.54 80.93
CA THR D 1246 -64.35 -45.08 81.51
C THR D 1246 -63.42 -46.26 81.84
N LEU D 1247 -62.30 -46.32 81.14
CA LEU D 1247 -61.32 -47.40 81.37
C LEU D 1247 -59.89 -46.86 81.27
N GLU D 1248 -59.05 -47.27 82.21
CA GLU D 1248 -57.65 -46.84 82.24
C GLU D 1248 -56.78 -47.75 81.38
N MET E 1 -33.95 13.63 -22.15
CA MET E 1 -34.38 14.03 -23.47
C MET E 1 -33.91 13.04 -24.51
N ASP E 2 -34.54 13.09 -25.68
CA ASP E 2 -34.20 12.24 -26.82
C ASP E 2 -32.70 12.33 -27.07
N ALA E 3 -32.12 11.26 -27.59
CA ALA E 3 -30.70 11.18 -27.87
C ALA E 3 -30.25 12.16 -28.95
N LYS E 4 -31.12 12.43 -29.90
CA LYS E 4 -30.86 13.42 -30.93
C LYS E 4 -30.62 14.78 -30.28
N ALA E 5 -31.55 15.20 -29.44
CA ALA E 5 -31.45 16.49 -28.75
C ALA E 5 -30.19 16.55 -27.92
N ARG E 6 -30.00 15.56 -27.05
CA ARG E 6 -28.84 15.53 -26.17
C ARG E 6 -27.50 15.58 -26.91
N ASN E 7 -27.40 14.85 -28.00
CA ASN E 7 -26.18 14.84 -28.79
C ASN E 7 -25.95 16.17 -29.48
N CYS E 8 -27.02 16.85 -29.84
CA CYS E 8 -26.93 18.19 -30.41
C CYS E 8 -26.35 19.17 -29.38
N LEU E 9 -26.77 19.03 -28.13
CA LEU E 9 -26.24 19.87 -27.07
C LEU E 9 -24.78 19.58 -26.83
N LEU E 10 -24.42 18.30 -26.83
CA LEU E 10 -23.06 17.88 -26.58
C LEU E 10 -22.14 18.38 -27.69
N GLN E 11 -22.58 18.27 -28.92
CA GLN E 11 -21.80 18.72 -30.06
C GLN E 11 -21.47 20.22 -29.98
N HIS E 12 -22.41 21.03 -29.52
CA HIS E 12 -22.26 22.48 -29.56
C HIS E 12 -21.99 23.12 -28.21
N ARG E 13 -21.58 22.30 -27.27
CA ARG E 13 -21.50 22.70 -25.89
C ARG E 13 -20.53 23.84 -25.66
N GLU E 14 -19.41 23.77 -26.36
CA GLU E 14 -18.36 24.76 -26.19
C GLU E 14 -18.78 26.13 -26.67
N ALA E 15 -19.46 26.18 -27.81
CA ALA E 15 -19.98 27.43 -28.32
C ALA E 15 -20.97 27.99 -27.31
N LEU E 16 -21.87 27.13 -26.85
CA LEU E 16 -22.89 27.55 -25.89
C LEU E 16 -22.28 28.08 -24.59
N GLU E 17 -21.25 27.42 -24.10
CA GLU E 17 -20.62 27.81 -22.84
C GLU E 17 -19.91 29.15 -22.94
N LYS E 18 -19.38 29.43 -24.12
CA LYS E 18 -18.64 30.66 -24.34
C LYS E 18 -19.54 31.90 -24.36
N ASP E 19 -20.76 31.75 -24.84
CA ASP E 19 -21.58 32.91 -25.11
C ASP E 19 -22.78 33.16 -24.18
N ILE E 20 -23.29 32.12 -23.57
CA ILE E 20 -24.54 32.25 -22.83
C ILE E 20 -24.41 33.12 -21.58
N LYS E 21 -25.19 34.17 -21.50
CA LYS E 21 -25.30 34.91 -20.26
C LYS E 21 -26.53 34.42 -19.50
N THR E 22 -26.28 33.48 -18.59
CA THR E 22 -27.31 32.71 -17.91
C THR E 22 -28.48 33.50 -17.29
N SER E 23 -28.22 34.72 -16.85
CA SER E 23 -29.26 35.54 -16.23
C SER E 23 -30.41 35.87 -17.17
N TYR E 24 -30.15 35.80 -18.47
CA TYR E 24 -31.20 36.04 -19.45
C TYR E 24 -31.89 34.78 -19.94
N ILE E 25 -31.41 33.63 -19.50
CA ILE E 25 -31.97 32.35 -19.89
C ILE E 25 -32.72 31.66 -18.74
N MET E 26 -32.08 31.55 -17.58
CA MET E 26 -32.65 30.92 -16.41
C MET E 26 -34.03 31.47 -16.01
N ASP E 27 -34.23 32.76 -16.19
CA ASP E 27 -35.52 33.39 -15.92
C ASP E 27 -36.65 32.78 -16.75
N HIS E 28 -36.44 32.71 -18.06
CA HIS E 28 -37.42 32.13 -18.95
C HIS E 28 -37.71 30.71 -18.53
N MET E 29 -36.66 29.93 -18.35
CA MET E 29 -36.78 28.52 -18.01
C MET E 29 -37.50 28.29 -16.68
N ILE E 30 -37.29 29.20 -15.73
CA ILE E 30 -37.99 29.12 -14.45
C ILE E 30 -39.47 29.42 -14.63
N SER E 31 -39.75 30.45 -15.42
CA SER E 31 -41.11 30.83 -15.77
C SER E 31 -41.83 29.67 -16.44
N ASP E 32 -41.13 28.99 -17.33
CA ASP E 32 -41.72 27.89 -18.07
C ASP E 32 -41.91 26.65 -17.21
N GLY E 33 -41.30 26.63 -16.03
CA GLY E 33 -41.41 25.52 -15.13
C GLY E 33 -40.44 24.38 -15.33
N PHE E 34 -39.36 24.63 -16.07
CA PHE E 34 -38.42 23.57 -16.38
C PHE E 34 -37.00 23.77 -15.80
N LEU E 35 -36.85 24.76 -14.94
CA LEU E 35 -35.63 24.94 -14.18
C LEU E 35 -36.02 25.33 -12.75
N THR E 36 -35.38 24.73 -11.77
CA THR E 36 -35.75 25.00 -10.40
C THR E 36 -34.87 26.09 -9.79
N ILE E 37 -35.37 26.68 -8.72
CA ILE E 37 -34.63 27.68 -8.00
C ILE E 37 -33.31 27.14 -7.50
N SER E 38 -33.30 25.93 -6.98
CA SER E 38 -32.05 25.41 -6.43
C SER E 38 -31.02 25.17 -7.50
N GLU E 39 -31.46 24.80 -8.70
CA GLU E 39 -30.54 24.67 -9.83
C GLU E 39 -29.95 26.04 -10.21
N GLU E 40 -30.81 27.04 -10.18
CA GLU E 40 -30.44 28.41 -10.47
C GLU E 40 -29.46 29.00 -9.44
N GLU E 41 -29.61 28.58 -8.19
CA GLU E 41 -28.72 29.03 -7.15
C GLU E 41 -27.37 28.34 -7.33
N LYS E 42 -27.39 27.07 -7.66
CA LYS E 42 -26.17 26.36 -7.99
C LYS E 42 -25.47 27.02 -9.18
N VAL E 43 -26.22 27.43 -10.19
CA VAL E 43 -25.62 28.15 -11.32
C VAL E 43 -25.00 29.47 -10.87
N ARG E 44 -25.78 30.26 -10.14
CA ARG E 44 -25.38 31.60 -9.72
C ARG E 44 -24.08 31.56 -8.95
N ASN E 45 -23.89 30.47 -8.24
CA ASN E 45 -22.72 30.31 -7.39
C ASN E 45 -21.40 30.17 -8.17
N GLU E 46 -21.46 29.88 -9.46
CA GLU E 46 -20.24 29.88 -10.26
C GLU E 46 -19.77 31.33 -10.49
N PRO E 47 -18.46 31.58 -10.36
CA PRO E 47 -17.92 32.94 -10.34
C PRO E 47 -17.87 33.67 -11.71
N THR E 48 -17.77 32.96 -12.82
CA THR E 48 -17.68 33.63 -14.12
C THR E 48 -18.81 33.23 -15.06
N GLN E 49 -19.06 34.08 -16.05
CA GLN E 49 -20.14 33.91 -17.02
C GLN E 49 -20.11 32.55 -17.75
N GLN E 50 -18.93 32.13 -18.16
CA GLN E 50 -18.74 30.87 -18.85
C GLN E 50 -18.87 29.67 -17.92
N GLN E 51 -18.45 29.84 -16.68
CA GLN E 51 -18.63 28.81 -15.65
C GLN E 51 -20.12 28.63 -15.32
N ARG E 52 -20.86 29.71 -15.23
CA ARG E 52 -22.30 29.63 -15.06
C ARG E 52 -22.97 28.93 -16.25
N ALA E 53 -22.64 29.33 -17.47
CA ALA E 53 -23.17 28.69 -18.67
C ALA E 53 -22.86 27.20 -18.67
N ALA E 54 -21.64 26.84 -18.31
CA ALA E 54 -21.22 25.45 -18.24
C ALA E 54 -22.08 24.65 -17.26
N MET E 55 -22.30 25.20 -16.07
CA MET E 55 -23.15 24.57 -15.09
C MET E 55 -24.58 24.39 -15.59
N LEU E 56 -25.12 25.41 -16.23
CA LEU E 56 -26.48 25.37 -16.68
C LEU E 56 -26.68 24.28 -17.73
N ILE E 57 -25.73 24.16 -18.64
CA ILE E 57 -25.81 23.16 -19.67
C ILE E 57 -25.70 21.76 -19.07
N LYS E 58 -24.81 21.59 -18.10
CA LYS E 58 -24.69 20.36 -17.34
C LYS E 58 -26.04 19.90 -16.85
N MET E 59 -26.78 20.82 -16.24
CA MET E 59 -28.11 20.60 -15.73
C MET E 59 -29.11 20.25 -16.84
N ILE E 60 -29.02 20.98 -17.95
CA ILE E 60 -30.02 20.80 -19.00
C ILE E 60 -29.88 19.46 -19.71
N LEU E 61 -28.64 18.99 -19.85
CA LEU E 61 -28.37 17.72 -20.50
C LEU E 61 -29.12 16.57 -19.86
N LYS E 62 -29.47 16.73 -18.60
CA LYS E 62 -30.18 15.71 -17.85
C LYS E 62 -31.69 15.84 -17.92
N LYS E 63 -32.21 16.90 -18.53
CA LYS E 63 -33.64 17.18 -18.52
C LYS E 63 -34.40 16.61 -19.72
N ASP E 64 -35.70 16.87 -19.76
CA ASP E 64 -36.54 16.24 -20.77
C ASP E 64 -36.69 17.04 -22.06
N ASN E 65 -37.51 16.55 -22.98
CA ASN E 65 -37.72 17.19 -24.26
C ASN E 65 -38.22 18.63 -24.13
N ASP E 66 -39.25 18.84 -23.33
CA ASP E 66 -39.80 20.16 -23.03
C ASP E 66 -38.72 21.14 -22.59
N SER E 67 -37.79 20.69 -21.76
CA SER E 67 -36.74 21.52 -21.22
C SER E 67 -35.81 22.06 -22.31
N TYR E 68 -35.43 21.17 -23.21
CA TYR E 68 -34.62 21.52 -24.36
C TYR E 68 -35.32 22.60 -25.14
N VAL E 69 -36.61 22.41 -25.38
CA VAL E 69 -37.38 23.40 -26.09
C VAL E 69 -37.43 24.73 -25.32
N SER E 70 -37.62 24.66 -24.02
CA SER E 70 -37.64 25.84 -23.17
C SER E 70 -36.35 26.62 -23.39
N PHE E 71 -35.23 25.94 -23.24
CA PHE E 71 -33.89 26.45 -23.46
C PHE E 71 -33.73 27.09 -24.85
N TYR E 72 -34.13 26.35 -25.87
CA TYR E 72 -34.01 26.82 -27.23
C TYR E 72 -34.79 28.09 -27.43
N ASN E 73 -36.03 28.10 -26.96
CA ASN E 73 -36.92 29.24 -27.09
C ASN E 73 -36.31 30.47 -26.42
N ALA E 74 -35.79 30.30 -25.22
CA ALA E 74 -35.22 31.42 -24.48
C ALA E 74 -34.02 32.00 -25.23
N LEU E 75 -33.23 31.14 -25.82
CA LEU E 75 -32.09 31.51 -26.62
C LEU E 75 -32.49 32.36 -27.81
N LEU E 76 -33.47 31.86 -28.55
CA LEU E 76 -34.04 32.58 -29.64
C LEU E 76 -34.62 33.90 -29.15
N HIS E 77 -35.41 33.86 -28.11
CA HIS E 77 -36.08 35.06 -27.64
C HIS E 77 -35.11 36.11 -27.15
N GLU E 78 -33.93 35.70 -26.73
CA GLU E 78 -32.97 36.66 -26.19
C GLU E 78 -31.90 37.07 -27.18
N GLY E 79 -32.15 36.80 -28.46
CA GLY E 79 -31.31 37.30 -29.53
C GLY E 79 -30.07 36.48 -29.84
N TYR E 80 -29.95 35.29 -29.25
CA TYR E 80 -28.83 34.42 -29.57
C TYR E 80 -29.11 33.64 -30.85
N LYS E 81 -29.16 34.33 -31.98
CA LYS E 81 -29.58 33.74 -33.24
C LYS E 81 -28.70 32.59 -33.65
N ASP E 82 -27.41 32.83 -33.62
CA ASP E 82 -26.47 31.81 -34.03
C ASP E 82 -26.54 30.56 -33.16
N LEU E 83 -26.66 30.75 -31.85
CA LEU E 83 -26.73 29.63 -30.93
C LEU E 83 -27.99 28.81 -31.12
N ALA E 84 -29.12 29.47 -31.29
CA ALA E 84 -30.36 28.77 -31.56
C ALA E 84 -30.26 27.94 -32.85
N ALA E 85 -29.65 28.53 -33.87
CA ALA E 85 -29.46 27.84 -35.14
C ALA E 85 -28.70 26.52 -34.96
N LEU E 86 -27.74 26.51 -34.05
CA LEU E 86 -26.98 25.31 -33.79
C LEU E 86 -27.87 24.26 -33.17
N LEU E 87 -28.87 24.70 -32.43
CA LEU E 87 -29.71 23.78 -31.69
C LEU E 87 -31.00 23.43 -32.42
N HIS E 88 -31.26 24.10 -33.53
CA HIS E 88 -32.49 23.88 -34.28
C HIS E 88 -32.74 22.43 -34.74
N ASP E 89 -31.75 21.84 -35.38
CA ASP E 89 -31.90 20.49 -35.91
C ASP E 89 -32.03 19.41 -34.82
N GLY E 90 -31.77 19.79 -33.58
CA GLY E 90 -31.81 18.86 -32.48
C GLY E 90 -33.07 18.94 -31.64
N ILE E 91 -33.97 19.83 -32.03
CA ILE E 91 -35.25 19.99 -31.35
C ILE E 91 -36.10 18.73 -31.43
N PRO E 92 -36.52 18.26 -30.26
CA PRO E 92 -37.33 17.07 -30.13
C PRO E 92 -38.79 17.40 -30.21
N VAL E 93 -39.56 16.41 -30.66
CA VAL E 93 -40.99 16.52 -30.71
C VAL E 93 -41.52 16.55 -29.30
N VAL E 94 -42.45 17.45 -29.02
CA VAL E 94 -42.99 17.59 -27.67
C VAL E 94 -44.50 17.52 -27.64
N SER E 95 -45.03 17.23 -26.46
CA SER E 95 -46.46 17.17 -26.22
C SER E 95 -47.16 16.11 -27.07
N GLY E 105 -48.90 2.77 -25.04
CA GLY E 105 -48.10 2.23 -26.13
C GLY E 105 -46.71 2.83 -26.15
N ILE E 106 -45.83 2.23 -26.96
CA ILE E 106 -44.47 2.71 -27.07
C ILE E 106 -44.41 4.09 -27.70
N THR E 107 -43.78 5.02 -27.00
CA THR E 107 -43.65 6.40 -27.45
C THR E 107 -42.27 6.92 -27.08
N SER E 108 -42.07 8.22 -27.24
CA SER E 108 -40.81 8.87 -26.89
C SER E 108 -40.40 8.56 -25.46
N TYR E 109 -41.31 8.81 -24.51
CA TYR E 109 -41.06 8.53 -23.10
C TYR E 109 -40.48 7.15 -22.90
N VAL E 110 -41.13 6.18 -23.54
CA VAL E 110 -40.84 4.79 -23.29
C VAL E 110 -39.38 4.47 -23.52
N ARG E 111 -38.89 4.70 -24.73
CA ARG E 111 -37.49 4.42 -24.99
C ARG E 111 -36.60 5.45 -24.35
N THR E 112 -37.20 6.55 -23.89
CA THR E 112 -36.39 7.57 -23.25
C THR E 112 -35.90 7.10 -21.88
N VAL E 113 -36.87 6.77 -21.02
CA VAL E 113 -36.57 6.47 -19.63
C VAL E 113 -36.14 5.02 -19.42
N LEU E 114 -36.60 4.15 -20.29
CA LEU E 114 -36.51 2.72 -20.05
C LEU E 114 -35.27 2.11 -20.71
N CYS E 115 -34.48 2.94 -21.36
CA CYS E 115 -33.20 2.49 -21.93
C CYS E 115 -32.08 2.63 -20.93
N GLU E 116 -32.44 2.93 -19.68
CA GLU E 116 -31.45 3.20 -18.65
C GLU E 116 -30.90 1.91 -18.08
N GLY E 117 -31.30 0.79 -18.70
CA GLY E 117 -30.80 -0.51 -18.33
C GLY E 117 -31.94 -1.19 -17.64
N GLY E 118 -32.92 -0.37 -17.31
CA GLY E 118 -34.08 -0.82 -16.56
C GLY E 118 -34.79 -2.01 -17.15
N VAL E 119 -34.76 -2.18 -18.46
CA VAL E 119 -35.49 -3.28 -19.01
C VAL E 119 -34.73 -3.97 -20.11
N PRO E 120 -34.75 -5.30 -20.13
CA PRO E 120 -34.31 -6.02 -21.32
C PRO E 120 -35.38 -5.95 -22.39
N GLN E 121 -35.00 -5.75 -23.64
CA GLN E 121 -36.00 -5.64 -24.70
C GLN E 121 -36.84 -6.89 -24.80
N ARG E 122 -38.14 -6.70 -25.00
CA ARG E 122 -39.05 -7.82 -25.15
C ARG E 122 -38.65 -8.61 -26.38
N PRO E 123 -38.90 -9.92 -26.38
CA PRO E 123 -38.37 -10.82 -27.39
C PRO E 123 -38.83 -10.49 -28.79
N VAL E 124 -38.34 -11.24 -29.77
CA VAL E 124 -38.66 -10.96 -31.16
C VAL E 124 -40.11 -11.34 -31.41
N VAL E 125 -40.54 -12.42 -30.78
CA VAL E 125 -41.88 -12.93 -30.98
C VAL E 125 -42.62 -13.14 -29.67
N PHE E 126 -43.65 -12.36 -29.40
CA PHE E 126 -44.42 -12.61 -28.20
C PHE E 126 -45.89 -12.34 -28.44
N VAL E 127 -46.73 -13.25 -27.95
CA VAL E 127 -48.15 -12.98 -27.91
C VAL E 127 -48.40 -12.06 -26.74
N THR E 128 -49.50 -11.31 -26.79
CA THR E 128 -49.77 -10.35 -25.75
C THR E 128 -50.77 -10.88 -24.74
N ARG E 129 -50.35 -10.99 -23.48
CA ARG E 129 -51.24 -11.43 -22.45
C ARG E 129 -51.70 -10.21 -21.69
N LYS E 130 -52.93 -9.79 -21.92
CA LYS E 130 -53.44 -8.53 -21.39
C LYS E 130 -53.96 -8.69 -19.97
N LYS E 131 -54.66 -9.79 -19.78
CA LYS E 131 -55.41 -10.07 -18.57
C LYS E 131 -54.56 -9.97 -17.31
N LEU E 132 -53.34 -10.49 -17.37
CA LEU E 132 -52.45 -10.46 -16.21
C LEU E 132 -51.79 -9.09 -16.05
N VAL E 133 -51.26 -8.57 -17.15
CA VAL E 133 -50.59 -7.27 -17.12
C VAL E 133 -51.47 -6.23 -16.46
N ASN E 134 -52.75 -6.25 -16.81
CA ASN E 134 -53.69 -5.32 -16.23
C ASN E 134 -53.74 -5.46 -14.70
N ALA E 135 -53.80 -6.69 -14.24
CA ALA E 135 -53.83 -6.96 -12.80
C ALA E 135 -52.61 -6.36 -12.13
N ILE E 136 -51.43 -6.66 -12.67
CA ILE E 136 -50.21 -6.12 -12.09
C ILE E 136 -50.26 -4.61 -12.06
N GLN E 137 -50.75 -4.00 -13.14
CA GLN E 137 -50.88 -2.55 -13.14
C GLN E 137 -51.78 -2.07 -12.01
N GLN E 138 -52.87 -2.78 -11.74
CA GLN E 138 -53.73 -2.39 -10.64
C GLN E 138 -53.01 -2.46 -9.30
N LYS E 139 -52.52 -3.65 -8.96
CA LYS E 139 -51.88 -3.85 -7.67
C LYS E 139 -50.80 -2.83 -7.49
N LEU E 140 -50.03 -2.63 -8.55
CA LEU E 140 -48.92 -1.70 -8.50
C LEU E 140 -49.41 -0.26 -8.40
N SER E 141 -50.63 -0.03 -8.83
CA SER E 141 -51.18 1.32 -8.76
C SER E 141 -51.87 1.59 -7.44
N LYS E 142 -52.06 0.55 -6.62
CA LYS E 142 -52.63 0.77 -5.30
C LYS E 142 -51.74 1.64 -4.43
N LEU E 143 -50.46 1.71 -4.80
CA LEU E 143 -49.50 2.40 -3.96
C LEU E 143 -49.79 3.90 -3.80
N LYS E 144 -49.78 4.63 -4.92
CA LYS E 144 -49.81 6.10 -4.94
C LYS E 144 -48.53 6.65 -4.32
N GLY E 145 -47.72 5.71 -3.86
CA GLY E 145 -46.41 5.90 -3.29
C GLY E 145 -46.40 5.88 -1.78
N GLU E 146 -45.43 5.13 -1.28
CA GLU E 146 -45.15 4.79 0.11
C GLU E 146 -44.01 3.83 -0.08
N PRO E 147 -43.40 3.36 1.01
CA PRO E 147 -42.69 2.12 0.72
C PRO E 147 -43.71 1.01 0.49
N GLY E 148 -43.37 0.01 -0.30
CA GLY E 148 -44.31 -1.03 -0.66
C GLY E 148 -43.70 -2.15 -1.47
N TRP E 149 -44.44 -3.25 -1.58
CA TRP E 149 -43.91 -4.46 -2.16
C TRP E 149 -44.92 -5.09 -3.07
N VAL E 150 -44.47 -5.53 -4.24
CA VAL E 150 -45.34 -6.25 -5.13
C VAL E 150 -44.60 -7.47 -5.62
N THR E 151 -45.20 -8.63 -5.48
CA THR E 151 -44.51 -9.86 -5.77
C THR E 151 -45.23 -10.67 -6.81
N ILE E 152 -44.49 -11.20 -7.77
CA ILE E 152 -45.08 -12.23 -8.60
C ILE E 152 -44.22 -13.46 -8.56
N HIS E 153 -44.82 -14.55 -8.11
CA HIS E 153 -44.14 -15.83 -8.09
C HIS E 153 -44.90 -16.72 -9.03
N GLY E 154 -44.20 -17.67 -9.63
CA GLY E 154 -44.87 -18.55 -10.57
C GLY E 154 -44.23 -19.91 -10.75
N MET E 155 -44.88 -20.74 -11.55
CA MET E 155 -44.39 -22.05 -11.89
C MET E 155 -43.00 -21.94 -12.47
N ALA E 156 -42.17 -22.94 -12.19
CA ALA E 156 -40.83 -22.98 -12.74
C ALA E 156 -40.89 -22.97 -14.25
N GLY E 157 -40.21 -22.02 -14.86
CA GLY E 157 -40.14 -21.96 -16.30
C GLY E 157 -41.31 -21.28 -16.97
N CYS E 158 -42.28 -20.85 -16.18
CA CYS E 158 -43.43 -20.15 -16.75
C CYS E 158 -43.02 -18.81 -17.30
N GLY E 159 -43.84 -18.23 -18.17
CA GLY E 159 -43.54 -16.89 -18.64
C GLY E 159 -43.74 -15.96 -17.47
N LYS E 160 -42.68 -15.31 -17.02
CA LYS E 160 -42.79 -14.47 -15.84
C LYS E 160 -41.98 -13.17 -15.95
N SER E 161 -40.67 -13.30 -15.98
CA SER E 161 -39.77 -12.15 -16.05
C SER E 161 -40.17 -11.22 -17.18
N VAL E 162 -40.31 -11.78 -18.36
CA VAL E 162 -40.79 -11.03 -19.51
C VAL E 162 -42.09 -10.31 -19.20
N LEU E 163 -43.01 -11.04 -18.59
CA LEU E 163 -44.32 -10.50 -18.27
C LEU E 163 -44.19 -9.23 -17.44
N ALA E 164 -43.27 -9.25 -16.48
CA ALA E 164 -43.02 -8.07 -15.68
C ALA E 164 -42.42 -6.98 -16.54
N ALA E 165 -41.52 -7.36 -17.44
CA ALA E 165 -40.85 -6.38 -18.27
C ALA E 165 -41.82 -5.59 -19.14
N GLU E 166 -42.95 -6.18 -19.48
CA GLU E 166 -43.97 -5.47 -20.25
C GLU E 166 -45.03 -4.88 -19.37
N ALA E 167 -44.88 -5.03 -18.06
CA ALA E 167 -45.83 -4.43 -17.13
C ALA E 167 -45.59 -2.94 -17.07
N VAL E 168 -44.32 -2.59 -16.96
CA VAL E 168 -43.91 -1.20 -16.84
C VAL E 168 -43.73 -0.59 -18.21
N ARG E 169 -44.40 -1.13 -19.43
CA ARG E 169 -44.24 -0.64 -20.79
C ARG E 169 -45.10 0.57 -21.09
N ASP E 170 -46.28 0.62 -20.48
CA ASP E 170 -47.25 1.69 -20.74
C ASP E 170 -46.69 3.07 -20.46
N HIS E 171 -47.11 4.04 -21.26
CA HIS E 171 -46.74 5.42 -21.05
C HIS E 171 -47.52 6.04 -19.89
N SER E 172 -48.83 5.86 -19.89
CA SER E 172 -49.70 6.49 -18.91
C SER E 172 -49.28 6.18 -17.49
N LEU E 173 -49.06 4.90 -17.22
CA LEU E 173 -48.62 4.47 -15.91
C LEU E 173 -47.30 5.09 -15.54
N LEU E 174 -46.29 4.86 -16.37
CA LEU E 174 -44.93 5.27 -16.06
C LEU E 174 -44.85 6.77 -15.82
N GLU E 175 -45.47 7.53 -16.70
CA GLU E 175 -45.44 8.98 -16.59
C GLU E 175 -46.07 9.44 -15.28
N GLY E 176 -47.34 9.08 -15.07
CA GLY E 176 -48.07 9.55 -13.92
C GLY E 176 -47.58 9.05 -12.58
N CYS E 177 -47.53 7.73 -12.43
CA CYS E 177 -47.26 7.12 -11.13
C CYS E 177 -45.78 7.08 -10.78
N PHE E 178 -44.91 6.98 -11.78
CA PHE E 178 -43.49 6.88 -11.50
C PHE E 178 -42.62 7.83 -12.30
N PRO E 179 -42.81 9.14 -12.14
CA PRO E 179 -41.86 9.95 -12.90
C PRO E 179 -40.58 10.19 -12.14
N GLY E 180 -39.98 9.10 -11.53
CA GLY E 180 -38.65 9.22 -10.95
C GLY E 180 -37.62 8.51 -11.78
N GLY E 181 -38.09 7.73 -12.75
CA GLY E 181 -37.24 6.78 -13.44
C GLY E 181 -37.54 5.39 -12.93
N VAL E 182 -36.93 4.39 -13.54
CA VAL E 182 -37.18 2.99 -13.21
C VAL E 182 -35.88 2.21 -13.27
N HIS E 183 -35.65 1.35 -12.28
CA HIS E 183 -34.39 0.62 -12.27
C HIS E 183 -34.58 -0.89 -12.21
N TRP E 184 -33.52 -1.60 -12.54
CA TRP E 184 -33.57 -3.05 -12.73
C TRP E 184 -32.32 -3.68 -12.19
N VAL E 185 -32.47 -4.78 -11.46
CA VAL E 185 -31.29 -5.45 -10.95
C VAL E 185 -31.37 -6.95 -11.09
N SER E 186 -30.46 -7.54 -11.85
CA SER E 186 -30.42 -8.98 -11.90
C SER E 186 -29.70 -9.49 -10.68
N VAL E 187 -30.38 -10.28 -9.87
CA VAL E 187 -29.79 -10.81 -8.65
C VAL E 187 -29.32 -12.24 -8.84
N GLY E 188 -30.27 -13.15 -9.04
CA GLY E 188 -29.92 -14.54 -9.26
C GLY E 188 -29.37 -15.17 -8.00
N LYS E 189 -29.08 -16.46 -8.06
CA LYS E 189 -28.51 -17.16 -6.91
C LYS E 189 -27.15 -16.57 -6.56
N GLN E 190 -26.99 -16.18 -5.30
CA GLN E 190 -25.79 -15.47 -4.89
C GLN E 190 -25.31 -15.82 -3.49
N ASP E 191 -24.07 -15.42 -3.21
CA ASP E 191 -23.48 -15.54 -1.90
C ASP E 191 -23.25 -14.16 -1.33
N LYS E 192 -22.67 -14.08 -0.13
CA LYS E 192 -22.47 -12.79 0.51
C LYS E 192 -21.55 -11.88 -0.29
N SER E 193 -20.44 -12.44 -0.75
CA SER E 193 -19.50 -11.70 -1.57
C SER E 193 -20.18 -11.12 -2.79
N GLY E 194 -20.79 -12.00 -3.57
CA GLY E 194 -21.45 -11.59 -4.80
C GLY E 194 -22.47 -10.51 -4.54
N LEU E 195 -23.32 -10.73 -3.55
CA LEU E 195 -24.34 -9.77 -3.18
C LEU E 195 -23.73 -8.41 -2.91
N LEU E 196 -22.66 -8.42 -2.14
CA LEU E 196 -21.93 -7.20 -1.85
C LEU E 196 -21.55 -6.52 -3.16
N MET E 197 -21.02 -7.30 -4.09
CA MET E 197 -20.63 -6.78 -5.39
C MET E 197 -21.78 -6.09 -6.08
N LYS E 198 -22.91 -6.78 -6.19
CA LYS E 198 -24.08 -6.20 -6.83
C LYS E 198 -24.45 -4.90 -6.17
N LEU E 199 -24.20 -4.81 -4.86
CA LEU E 199 -24.46 -3.58 -4.16
C LEU E 199 -23.56 -2.43 -4.61
N GLN E 200 -22.24 -2.63 -4.57
CA GLN E 200 -21.37 -1.53 -5.02
C GLN E 200 -21.73 -1.12 -6.43
N ASN E 201 -21.96 -2.10 -7.29
CA ASN E 201 -22.30 -1.81 -8.67
C ASN E 201 -23.56 -0.99 -8.76
N LEU E 202 -24.52 -1.30 -7.91
CA LEU E 202 -25.81 -0.63 -7.97
C LEU E 202 -25.65 0.82 -7.57
N CYS E 203 -25.11 1.04 -6.37
CA CYS E 203 -24.98 2.39 -5.87
C CYS E 203 -24.12 3.22 -6.80
N THR E 204 -23.17 2.56 -7.45
CA THR E 204 -22.36 3.22 -8.45
C THR E 204 -23.23 3.66 -9.62
N ARG E 205 -24.16 2.80 -10.01
CA ARG E 205 -25.03 3.09 -11.13
C ARG E 205 -25.95 4.27 -10.85
N LEU E 206 -26.35 4.39 -9.59
CA LEU E 206 -27.37 5.38 -9.23
C LEU E 206 -26.96 6.83 -9.39
N ASP E 207 -25.75 7.16 -8.97
CA ASP E 207 -25.29 8.55 -9.05
C ASP E 207 -24.34 8.76 -10.21
N GLN E 208 -24.82 9.44 -11.25
CA GLN E 208 -24.02 9.65 -12.44
C GLN E 208 -23.19 10.92 -12.32
N ASP E 209 -23.56 11.76 -11.36
CA ASP E 209 -22.90 13.05 -11.17
C ASP E 209 -21.82 13.00 -10.11
N GLU E 210 -21.58 11.79 -9.59
CA GLU E 210 -20.67 11.54 -8.47
C GLU E 210 -20.89 12.56 -7.36
N SER E 211 -22.15 12.77 -7.01
CA SER E 211 -22.51 13.73 -5.96
C SER E 211 -21.93 13.33 -4.61
N PHE E 212 -21.49 12.08 -4.52
CA PHE E 212 -20.83 11.59 -3.33
C PHE E 212 -19.38 11.29 -3.71
N SER E 213 -18.55 10.94 -2.74
CA SER E 213 -17.16 10.65 -3.02
C SER E 213 -17.01 9.34 -3.76
N GLN E 214 -15.86 9.15 -4.41
CA GLN E 214 -15.58 7.88 -5.04
C GLN E 214 -14.85 7.04 -4.02
N ARG E 215 -15.56 6.04 -3.50
CA ARG E 215 -14.98 5.12 -2.53
C ARG E 215 -15.87 3.88 -2.50
N LEU E 216 -15.36 2.77 -2.01
CA LEU E 216 -16.15 1.54 -2.01
C LEU E 216 -16.46 1.04 -0.60
N PRO E 217 -17.73 1.16 -0.19
CA PRO E 217 -18.19 0.67 1.11
C PRO E 217 -17.95 -0.82 1.26
N LEU E 218 -17.35 -1.22 2.38
CA LEU E 218 -16.94 -2.60 2.56
C LEU E 218 -17.90 -3.49 3.33
N ASN E 219 -18.99 -2.91 3.85
CA ASN E 219 -19.96 -3.74 4.53
C ASN E 219 -21.32 -3.60 3.89
N ILE E 220 -22.18 -4.57 4.14
CA ILE E 220 -23.49 -4.59 3.52
C ILE E 220 -24.29 -3.40 4.03
N GLU E 221 -24.06 -3.07 5.29
CA GLU E 221 -24.78 -2.05 6.01
C GLU E 221 -24.67 -0.68 5.36
N GLU E 222 -23.45 -0.20 5.21
CA GLU E 222 -23.23 1.14 4.67
C GLU E 222 -23.77 1.21 3.26
N ALA E 223 -23.66 0.11 2.54
CA ALA E 223 -24.24 0.01 1.21
C ALA E 223 -25.72 0.33 1.29
N LYS E 224 -26.41 -0.44 2.13
CA LYS E 224 -27.82 -0.23 2.40
C LYS E 224 -28.12 1.24 2.69
N ASP E 225 -27.23 1.83 3.46
CA ASP E 225 -27.38 3.22 3.89
C ASP E 225 -27.39 4.16 2.71
N ARG E 226 -26.33 4.10 1.92
CA ARG E 226 -26.18 5.02 0.81
C ARG E 226 -27.33 4.80 -0.15
N LEU E 227 -27.76 3.55 -0.27
CA LEU E 227 -28.95 3.26 -1.07
C LEU E 227 -30.12 4.09 -0.60
N ARG E 228 -30.44 4.00 0.69
CA ARG E 228 -31.61 4.70 1.19
C ARG E 228 -31.47 6.20 0.98
N ILE E 229 -30.29 6.73 1.31
CA ILE E 229 -30.07 8.17 1.18
C ILE E 229 -30.30 8.63 -0.24
N LEU E 230 -29.68 7.93 -1.19
CA LEU E 230 -29.81 8.28 -2.59
C LEU E 230 -31.25 8.20 -3.05
N MET E 231 -31.83 7.02 -2.89
CA MET E 231 -33.20 6.78 -3.34
C MET E 231 -34.16 7.83 -2.81
N LEU E 232 -34.03 8.18 -1.54
CA LEU E 232 -34.89 9.21 -0.99
C LEU E 232 -34.58 10.58 -1.59
N ARG E 233 -33.33 11.01 -1.50
CA ARG E 233 -32.93 12.32 -1.98
C ARG E 233 -32.84 12.42 -3.50
N LYS E 234 -32.08 11.50 -4.09
CA LYS E 234 -31.69 11.67 -5.48
C LYS E 234 -32.79 11.27 -6.44
N HIS E 235 -33.47 10.17 -6.13
CA HIS E 235 -34.47 9.65 -7.05
C HIS E 235 -35.81 9.43 -6.36
N PRO E 236 -36.53 10.53 -6.08
CA PRO E 236 -37.84 10.44 -5.42
C PRO E 236 -38.90 9.81 -6.29
N ARG E 237 -39.69 8.92 -5.70
CA ARG E 237 -40.79 8.25 -6.40
C ARG E 237 -40.33 7.59 -7.68
N SER E 238 -39.54 6.53 -7.54
CA SER E 238 -39.03 5.77 -8.66
C SER E 238 -38.96 4.29 -8.30
N LEU E 239 -39.34 3.43 -9.23
CA LEU E 239 -39.50 2.02 -8.90
C LEU E 239 -38.25 1.19 -9.11
N LEU E 240 -37.87 0.47 -8.07
CA LEU E 240 -36.69 -0.38 -8.09
C LEU E 240 -37.07 -1.84 -8.23
N ILE E 241 -36.73 -2.44 -9.37
CA ILE E 241 -37.15 -3.81 -9.63
C ILE E 241 -36.04 -4.83 -9.40
N LEU E 242 -36.35 -5.85 -8.62
CA LEU E 242 -35.44 -6.96 -8.43
C LEU E 242 -35.77 -8.09 -9.39
N ASP E 243 -34.77 -8.84 -9.81
CA ASP E 243 -35.06 -10.00 -10.63
C ASP E 243 -34.51 -11.30 -10.05
N ASP E 244 -35.40 -12.29 -9.93
CA ASP E 244 -35.02 -13.63 -9.49
C ASP E 244 -34.38 -13.65 -8.12
N VAL E 245 -35.17 -13.42 -7.08
CA VAL E 245 -34.64 -13.34 -5.73
C VAL E 245 -34.84 -14.64 -4.96
N TRP E 246 -33.74 -15.33 -4.65
CA TRP E 246 -33.82 -16.64 -4.01
C TRP E 246 -34.00 -16.71 -2.51
N ASP E 247 -33.27 -15.93 -1.73
CA ASP E 247 -33.27 -16.16 -0.28
C ASP E 247 -33.62 -14.93 0.54
N SER E 248 -34.00 -15.15 1.80
CA SER E 248 -34.49 -14.07 2.66
C SER E 248 -33.42 -13.03 2.95
N TRP E 249 -32.28 -13.50 3.47
CA TRP E 249 -31.22 -12.58 3.86
C TRP E 249 -30.65 -11.85 2.65
N VAL E 250 -30.88 -12.40 1.48
CA VAL E 250 -30.53 -11.70 0.26
C VAL E 250 -31.43 -10.49 0.13
N LEU E 251 -32.68 -10.64 0.53
CA LEU E 251 -33.63 -9.57 0.42
C LEU E 251 -33.44 -8.53 1.50
N LYS E 252 -33.00 -8.97 2.68
CA LYS E 252 -32.82 -8.07 3.81
C LYS E 252 -32.04 -6.81 3.45
N ALA E 253 -30.93 -6.99 2.74
CA ALA E 253 -30.03 -5.89 2.44
C ALA E 253 -30.70 -4.79 1.66
N PHE E 254 -31.39 -5.16 0.58
CA PHE E 254 -32.02 -4.19 -0.31
C PHE E 254 -33.12 -3.39 0.35
N ASP E 255 -33.47 -3.72 1.59
CA ASP E 255 -34.64 -3.11 2.17
C ASP E 255 -34.33 -1.83 2.91
N SER E 256 -34.63 -0.71 2.26
CA SER E 256 -34.94 0.50 3.00
C SER E 256 -36.01 1.28 2.29
N GLN E 257 -37.18 1.39 2.90
CA GLN E 257 -38.15 2.44 2.62
C GLN E 257 -38.39 2.73 1.13
N CYS E 258 -38.31 1.71 0.29
CA CYS E 258 -38.49 1.92 -1.14
C CYS E 258 -39.52 1.00 -1.76
N GLN E 259 -39.96 1.32 -2.97
CA GLN E 259 -40.96 0.53 -3.66
C GLN E 259 -40.27 -0.59 -4.41
N ILE E 260 -40.78 -1.81 -4.34
CA ILE E 260 -40.13 -2.89 -5.04
C ILE E 260 -41.10 -3.79 -5.74
N LEU E 261 -40.81 -4.10 -6.99
CA LEU E 261 -41.54 -5.12 -7.72
C LEU E 261 -40.62 -6.29 -8.00
N LEU E 262 -40.81 -7.41 -7.33
CA LEU E 262 -39.91 -8.51 -7.53
C LEU E 262 -40.59 -9.73 -8.14
N THR E 263 -39.85 -10.40 -9.02
CA THR E 263 -40.34 -11.58 -9.69
C THR E 263 -39.52 -12.72 -9.14
N THR E 264 -40.10 -13.91 -9.08
CA THR E 264 -39.38 -15.03 -8.51
C THR E 264 -40.11 -16.34 -8.57
N ARG E 265 -39.45 -17.40 -8.13
CA ARG E 265 -40.19 -18.57 -7.74
C ARG E 265 -40.01 -18.80 -6.24
N ASP E 266 -40.99 -18.28 -5.51
CA ASP E 266 -41.27 -18.55 -4.10
C ASP E 266 -42.31 -17.52 -3.68
N LYS E 267 -43.14 -17.81 -2.70
CA LYS E 267 -43.90 -16.73 -2.08
C LYS E 267 -43.39 -16.38 -0.69
N SER E 268 -42.38 -17.10 -0.21
CA SER E 268 -41.98 -16.95 1.18
C SER E 268 -41.08 -15.74 1.41
N VAL E 269 -40.13 -15.49 0.51
CA VAL E 269 -39.04 -14.56 0.76
C VAL E 269 -39.48 -13.12 1.01
N THR E 270 -40.76 -12.84 0.88
CA THR E 270 -41.32 -11.56 1.31
C THR E 270 -41.47 -11.61 2.81
N ASP E 271 -41.00 -12.72 3.35
CA ASP E 271 -40.94 -13.00 4.78
C ASP E 271 -40.48 -11.84 5.66
N SER E 272 -39.21 -11.47 5.55
CA SER E 272 -38.57 -10.66 6.56
C SER E 272 -38.75 -9.17 6.42
N VAL E 273 -39.50 -8.72 5.42
CA VAL E 273 -39.64 -7.29 5.22
C VAL E 273 -40.92 -6.73 5.82
N MET E 274 -40.80 -5.59 6.49
CA MET E 274 -41.95 -4.89 7.04
C MET E 274 -42.68 -4.10 5.98
N GLY E 275 -43.94 -3.79 6.22
CA GLY E 275 -44.71 -2.95 5.34
C GLY E 275 -45.74 -3.73 4.55
N PRO E 276 -46.56 -3.03 3.75
CA PRO E 276 -47.65 -3.64 3.00
C PRO E 276 -47.12 -4.59 1.94
N LYS E 277 -47.89 -5.62 1.61
CA LYS E 277 -47.43 -6.64 0.69
C LYS E 277 -48.58 -7.11 -0.20
N TYR E 278 -48.24 -7.73 -1.32
CA TYR E 278 -49.25 -8.23 -2.25
C TYR E 278 -48.67 -9.40 -3.01
N VAL E 279 -49.53 -10.24 -3.60
CA VAL E 279 -49.05 -11.29 -4.49
C VAL E 279 -49.97 -11.48 -5.69
N VAL E 280 -49.39 -11.61 -6.86
CA VAL E 280 -50.16 -11.95 -8.05
C VAL E 280 -49.69 -13.27 -8.63
N PRO E 281 -50.46 -14.35 -8.44
CA PRO E 281 -49.97 -15.61 -9.00
C PRO E 281 -50.02 -15.62 -10.52
N VAL E 282 -48.89 -15.95 -11.14
CA VAL E 282 -48.80 -16.06 -12.58
C VAL E 282 -48.81 -17.55 -12.96
N GLU E 283 -48.98 -18.40 -11.96
CA GLU E 283 -48.72 -19.83 -12.10
C GLU E 283 -49.49 -20.52 -13.23
N SER E 284 -50.43 -19.80 -13.82
CA SER E 284 -51.26 -20.35 -14.87
C SER E 284 -50.47 -20.61 -16.15
N SER E 285 -51.15 -21.04 -17.20
CA SER E 285 -50.48 -21.33 -18.46
C SER E 285 -51.37 -21.04 -19.66
N LEU E 286 -50.75 -20.93 -20.84
CA LEU E 286 -51.40 -20.42 -22.04
C LEU E 286 -52.48 -21.31 -22.60
N GLY E 287 -53.34 -20.73 -23.43
CA GLY E 287 -54.39 -21.47 -24.11
C GLY E 287 -54.02 -21.79 -25.54
N LYS E 288 -54.84 -22.61 -26.17
CA LYS E 288 -54.58 -23.12 -27.53
C LYS E 288 -54.22 -22.03 -28.52
N GLU E 289 -55.04 -20.99 -28.55
CA GLU E 289 -54.89 -19.88 -29.48
C GLU E 289 -53.50 -19.25 -29.50
N LYS E 290 -53.05 -18.80 -28.34
CA LYS E 290 -51.76 -18.15 -28.25
C LYS E 290 -50.65 -19.05 -28.74
N GLY E 291 -50.70 -20.32 -28.35
CA GLY E 291 -49.71 -21.28 -28.81
C GLY E 291 -49.65 -21.24 -30.32
N LEU E 292 -50.82 -21.39 -30.92
CA LEU E 292 -50.90 -21.30 -32.36
C LEU E 292 -50.28 -20.03 -32.92
N GLU E 293 -50.51 -18.88 -32.29
CA GLU E 293 -49.92 -17.66 -32.83
C GLU E 293 -48.40 -17.65 -32.71
N ILE E 294 -47.87 -18.19 -31.62
CA ILE E 294 -46.42 -18.21 -31.47
C ILE E 294 -45.80 -19.05 -32.57
N LEU E 295 -46.27 -20.28 -32.73
CA LEU E 295 -45.73 -21.11 -33.79
C LEU E 295 -45.91 -20.44 -35.14
N SER E 296 -47.03 -19.74 -35.28
CA SER E 296 -47.32 -19.01 -36.51
C SER E 296 -46.20 -18.04 -36.81
N LEU E 297 -45.87 -17.20 -35.86
CA LEU E 297 -44.86 -16.19 -36.09
C LEU E 297 -43.48 -16.78 -36.25
N PHE E 298 -43.26 -17.96 -35.68
CA PHE E 298 -41.96 -18.60 -35.87
C PHE E 298 -41.76 -19.23 -37.23
N VAL E 299 -42.74 -19.97 -37.74
CA VAL E 299 -42.54 -20.60 -39.05
C VAL E 299 -43.09 -19.76 -40.20
N ASN E 300 -43.56 -18.56 -39.89
CA ASN E 300 -44.04 -17.63 -40.91
C ASN E 300 -45.18 -18.15 -41.77
N MET E 301 -46.35 -18.31 -41.17
CA MET E 301 -47.53 -18.74 -41.92
C MET E 301 -48.79 -18.06 -41.40
N LYS E 302 -49.90 -18.40 -42.01
CA LYS E 302 -51.20 -18.11 -41.42
C LYS E 302 -51.84 -19.43 -41.07
N LYS E 303 -52.69 -19.42 -40.04
CA LYS E 303 -53.15 -20.64 -39.39
C LYS E 303 -53.61 -21.72 -40.34
N ALA E 304 -54.33 -21.33 -41.39
CA ALA E 304 -54.85 -22.30 -42.35
C ALA E 304 -53.72 -23.00 -43.09
N ASP E 305 -52.58 -22.32 -43.22
CA ASP E 305 -51.45 -22.87 -43.95
C ASP E 305 -50.65 -23.83 -43.11
N LEU E 306 -50.99 -23.92 -41.82
CA LEU E 306 -50.30 -24.81 -40.91
C LEU E 306 -50.65 -26.26 -41.21
N PRO E 307 -49.67 -27.16 -41.05
CA PRO E 307 -49.90 -28.60 -41.13
C PRO E 307 -50.85 -29.03 -40.02
N GLU E 308 -51.43 -30.21 -40.14
CA GLU E 308 -52.39 -30.66 -39.13
C GLU E 308 -51.73 -30.92 -37.79
N GLN E 309 -50.52 -31.49 -37.82
CA GLN E 309 -49.86 -31.92 -36.60
C GLN E 309 -49.68 -30.77 -35.61
N ALA E 310 -49.72 -29.55 -36.13
CA ALA E 310 -49.66 -28.35 -35.32
C ALA E 310 -50.67 -28.40 -34.18
N HIS E 311 -51.91 -28.76 -34.49
CA HIS E 311 -52.91 -28.82 -33.44
C HIS E 311 -52.55 -29.84 -32.38
N SER E 312 -51.98 -30.97 -32.80
CA SER E 312 -51.75 -32.05 -31.87
C SER E 312 -50.61 -31.73 -30.92
N ILE E 313 -49.48 -31.33 -31.48
CA ILE E 313 -48.27 -31.11 -30.70
C ILE E 313 -48.48 -30.11 -29.55
N ILE E 314 -49.13 -29.00 -29.84
CA ILE E 314 -49.43 -28.00 -28.82
C ILE E 314 -50.15 -28.61 -27.63
N LYS E 315 -51.03 -29.55 -27.90
CA LYS E 315 -51.80 -30.18 -26.84
C LYS E 315 -50.89 -30.87 -25.84
N GLU E 316 -49.80 -31.45 -26.34
CA GLU E 316 -48.88 -32.14 -25.45
C GLU E 316 -47.94 -31.16 -24.79
N CYS E 317 -47.83 -29.97 -25.38
CA CYS E 317 -46.92 -28.96 -24.88
C CYS E 317 -47.36 -28.43 -23.52
N LYS E 318 -48.67 -28.35 -23.33
CA LYS E 318 -49.28 -28.05 -22.04
C LYS E 318 -49.01 -26.65 -21.53
N GLY E 319 -48.92 -25.68 -22.43
CA GLY E 319 -49.04 -24.28 -22.07
C GLY E 319 -47.79 -23.52 -21.69
N SER E 320 -46.74 -24.21 -21.27
CA SER E 320 -45.52 -23.52 -20.87
C SER E 320 -44.86 -22.85 -22.04
N PRO E 321 -44.81 -21.51 -22.03
CA PRO E 321 -44.28 -20.68 -23.09
C PRO E 321 -42.86 -21.08 -23.44
N LEU E 322 -42.16 -21.67 -22.49
CA LEU E 322 -40.85 -22.22 -22.78
C LEU E 322 -40.94 -23.24 -23.89
N VAL E 323 -41.60 -24.36 -23.64
CA VAL E 323 -41.57 -25.48 -24.57
C VAL E 323 -42.12 -25.08 -25.94
N VAL E 324 -43.18 -24.27 -25.94
CA VAL E 324 -43.64 -23.67 -27.18
C VAL E 324 -42.49 -22.95 -27.86
N SER E 325 -41.82 -22.05 -27.14
CA SER E 325 -40.71 -21.30 -27.72
C SER E 325 -39.66 -22.23 -28.30
N LEU E 326 -39.46 -23.37 -27.67
CA LEU E 326 -38.53 -24.33 -28.23
C LEU E 326 -38.94 -24.91 -29.55
N ILE E 327 -40.11 -25.51 -29.59
CA ILE E 327 -40.54 -26.14 -30.81
C ILE E 327 -40.58 -25.09 -31.92
N GLY E 328 -41.08 -23.93 -31.59
CA GLY E 328 -41.11 -22.84 -32.54
C GLY E 328 -39.74 -22.34 -32.93
N ALA E 329 -38.73 -22.65 -32.11
CA ALA E 329 -37.38 -22.28 -32.47
C ALA E 329 -36.76 -23.30 -33.42
N LEU E 330 -36.99 -24.58 -33.15
CA LEU E 330 -36.37 -25.62 -33.93
C LEU E 330 -37.01 -25.76 -35.30
N LEU E 331 -38.33 -25.64 -35.36
CA LEU E 331 -39.02 -25.77 -36.63
C LEU E 331 -38.65 -24.65 -37.57
N ARG E 332 -37.96 -23.64 -37.04
CA ARG E 332 -37.51 -22.52 -37.84
C ARG E 332 -36.36 -22.95 -38.72
N ASP E 333 -35.51 -23.84 -38.19
CA ASP E 333 -34.38 -24.35 -38.94
C ASP E 333 -34.71 -25.45 -39.92
N PHE E 334 -35.48 -26.44 -39.47
CA PHE E 334 -35.64 -27.67 -40.23
C PHE E 334 -37.09 -27.84 -40.60
N PRO E 335 -37.57 -27.03 -41.54
CA PRO E 335 -38.99 -26.80 -41.79
C PRO E 335 -39.84 -28.05 -41.81
N ASN E 336 -39.31 -29.20 -42.26
CA ASN E 336 -39.98 -30.42 -41.89
C ASN E 336 -39.14 -31.34 -41.03
N ARG E 337 -39.31 -31.23 -39.71
CA ARG E 337 -39.16 -32.34 -38.78
C ARG E 337 -40.46 -32.73 -38.09
N TRP E 338 -41.56 -32.10 -38.49
CA TRP E 338 -42.80 -32.10 -37.72
C TRP E 338 -43.19 -33.43 -37.11
N GLU E 339 -43.11 -34.50 -37.88
CA GLU E 339 -43.46 -35.79 -37.34
C GLU E 339 -42.49 -36.17 -36.23
N TYR E 340 -41.21 -35.89 -36.44
CA TYR E 340 -40.18 -36.30 -35.51
C TYR E 340 -40.45 -35.74 -34.14
N TYR E 341 -40.77 -34.46 -34.05
CA TYR E 341 -41.07 -33.87 -32.77
C TYR E 341 -42.43 -34.28 -32.24
N LEU E 342 -43.39 -34.46 -33.14
CA LEU E 342 -44.71 -34.88 -32.69
C LEU E 342 -44.62 -36.20 -31.94
N LYS E 343 -43.77 -37.10 -32.40
CA LYS E 343 -43.57 -38.35 -31.67
C LYS E 343 -42.64 -38.18 -30.48
N GLN E 344 -41.55 -37.44 -30.68
CA GLN E 344 -40.52 -37.36 -29.65
C GLN E 344 -41.00 -36.62 -28.41
N LEU E 345 -41.98 -35.76 -28.59
CA LEU E 345 -42.55 -35.00 -27.49
C LEU E 345 -43.57 -35.88 -26.78
N GLN E 346 -44.05 -36.90 -27.49
CA GLN E 346 -45.03 -37.82 -26.94
C GLN E 346 -44.35 -38.75 -25.94
N ASN E 347 -43.33 -39.48 -26.40
CA ASN E 347 -42.60 -40.39 -25.52
C ASN E 347 -42.08 -39.71 -24.27
N LYS E 348 -42.32 -38.41 -24.17
CA LYS E 348 -42.25 -37.68 -22.91
C LYS E 348 -40.83 -37.30 -22.51
N GLN E 349 -39.85 -37.74 -23.28
CA GLN E 349 -38.47 -37.38 -22.95
C GLN E 349 -38.12 -36.00 -23.49
N PHE E 350 -37.71 -35.12 -22.58
CA PHE E 350 -37.38 -33.75 -22.94
C PHE E 350 -35.90 -33.50 -23.16
N LYS E 351 -35.08 -34.53 -22.91
CA LYS E 351 -33.64 -34.41 -23.12
C LYS E 351 -33.30 -34.12 -24.57
N ARG E 352 -34.14 -34.63 -25.46
CA ARG E 352 -33.86 -34.54 -26.88
C ARG E 352 -34.00 -33.10 -27.37
N ILE E 353 -34.73 -32.29 -26.61
CA ILE E 353 -34.90 -30.89 -26.98
C ILE E 353 -33.83 -30.01 -26.36
N ARG E 354 -33.05 -29.35 -27.19
CA ARG E 354 -32.07 -28.38 -26.71
C ARG E 354 -31.99 -27.17 -27.61
N LYS E 355 -31.83 -26.00 -27.00
CA LYS E 355 -31.63 -24.79 -27.77
C LYS E 355 -30.98 -23.75 -26.87
N SER E 356 -30.37 -22.73 -27.46
CA SER E 356 -29.86 -21.61 -26.68
C SER E 356 -30.60 -20.36 -27.09
N SER E 357 -30.82 -19.47 -26.14
CA SER E 357 -31.59 -18.26 -26.41
C SER E 357 -31.42 -17.26 -25.27
N SER E 358 -32.21 -16.19 -25.31
CA SER E 358 -32.19 -15.19 -24.25
C SER E 358 -32.33 -15.85 -22.89
N TYR E 359 -33.09 -16.92 -22.84
CA TYR E 359 -33.35 -17.64 -21.62
C TYR E 359 -32.02 -18.20 -21.11
N ASP E 360 -31.91 -18.41 -19.81
CA ASP E 360 -30.63 -18.75 -19.21
C ASP E 360 -30.22 -20.20 -19.32
N TYR E 361 -31.17 -21.10 -19.53
CA TYR E 361 -30.85 -22.51 -19.57
C TYR E 361 -31.19 -23.10 -20.91
N GLU E 362 -30.48 -24.17 -21.28
CA GLU E 362 -30.73 -24.81 -22.56
C GLU E 362 -32.12 -25.40 -22.66
N ALA E 363 -32.46 -26.32 -21.77
CA ALA E 363 -33.67 -27.10 -21.93
C ALA E 363 -34.55 -27.06 -20.70
N LEU E 364 -35.79 -27.49 -20.87
CA LEU E 364 -36.75 -27.47 -19.77
C LEU E 364 -36.23 -28.15 -18.53
N ASP E 365 -35.67 -29.34 -18.69
CA ASP E 365 -35.22 -30.14 -17.57
C ASP E 365 -34.34 -29.37 -16.59
N GLU E 366 -33.50 -28.51 -17.13
CA GLU E 366 -32.57 -27.75 -16.31
C GLU E 366 -33.27 -26.91 -15.26
N ALA E 367 -34.25 -26.12 -15.68
CA ALA E 367 -34.97 -25.24 -14.77
C ALA E 367 -35.44 -25.98 -13.54
N MET E 368 -36.19 -27.05 -13.78
CA MET E 368 -36.70 -27.90 -12.72
C MET E 368 -35.53 -28.34 -11.87
N SER E 369 -34.50 -28.83 -12.55
CA SER E 369 -33.33 -29.37 -11.86
C SER E 369 -32.71 -28.34 -10.94
N ILE E 370 -32.81 -27.07 -11.28
CA ILE E 370 -32.29 -26.04 -10.40
C ILE E 370 -33.21 -25.87 -9.21
N SER E 371 -34.49 -25.75 -9.47
CA SER E 371 -35.44 -25.52 -8.38
C SER E 371 -35.34 -26.60 -7.32
N VAL E 372 -35.09 -27.82 -7.76
CA VAL E 372 -35.02 -28.96 -6.84
C VAL E 372 -33.86 -28.87 -5.86
N GLU E 373 -32.70 -28.46 -6.33
CA GLU E 373 -31.48 -28.58 -5.54
C GLU E 373 -31.42 -27.68 -4.31
N MET E 374 -32.14 -26.56 -4.34
CA MET E 374 -32.04 -25.59 -3.26
C MET E 374 -32.70 -26.04 -1.97
N LEU E 375 -33.37 -27.18 -2.00
CA LEU E 375 -34.04 -27.69 -0.80
C LEU E 375 -33.05 -28.12 0.26
N ARG E 376 -33.52 -28.21 1.50
CA ARG E 376 -32.69 -28.66 2.61
C ARG E 376 -32.32 -30.12 2.43
N GLU E 377 -31.27 -30.54 3.12
CA GLU E 377 -30.84 -31.93 3.04
C GLU E 377 -31.87 -32.85 3.67
N ASP E 378 -32.59 -32.31 4.65
CA ASP E 378 -33.58 -33.08 5.37
C ASP E 378 -34.71 -33.54 4.47
N ILE E 379 -35.28 -32.60 3.72
CA ILE E 379 -36.54 -32.83 3.02
C ILE E 379 -36.39 -33.58 1.68
N LYS E 380 -35.26 -33.44 1.06
CA LYS E 380 -34.93 -33.86 -0.30
C LYS E 380 -35.34 -35.30 -0.56
N ASP E 381 -35.35 -36.11 0.49
CA ASP E 381 -35.81 -37.47 0.35
C ASP E 381 -37.33 -37.49 0.30
N TYR E 382 -37.96 -36.76 1.21
CA TYR E 382 -39.41 -36.74 1.28
C TYR E 382 -40.03 -36.30 -0.03
N TYR E 383 -39.31 -35.51 -0.80
CA TYR E 383 -39.87 -35.04 -2.06
C TYR E 383 -40.00 -36.20 -3.03
N THR E 384 -38.92 -36.96 -3.15
CA THR E 384 -38.85 -38.07 -4.09
C THR E 384 -40.05 -39.00 -4.00
N ASP E 385 -40.48 -39.26 -2.77
CA ASP E 385 -41.60 -40.16 -2.52
C ASP E 385 -42.84 -39.73 -3.27
N LEU E 386 -42.95 -38.43 -3.52
CA LEU E 386 -44.19 -37.90 -4.05
C LEU E 386 -44.35 -38.24 -5.53
N SER E 387 -43.32 -38.82 -6.12
CA SER E 387 -43.33 -39.18 -7.53
C SER E 387 -44.41 -40.18 -7.91
N ILE E 388 -45.02 -40.80 -6.91
CA ILE E 388 -45.99 -41.87 -7.15
C ILE E 388 -47.31 -41.38 -7.74
N LEU E 389 -47.55 -40.07 -7.65
CA LEU E 389 -48.83 -39.52 -8.11
C LEU E 389 -48.99 -39.64 -9.62
N GLN E 390 -50.23 -39.73 -10.05
CA GLN E 390 -50.56 -39.85 -11.46
C GLN E 390 -50.97 -38.46 -11.87
N LYS E 391 -50.53 -38.02 -13.05
CA LYS E 391 -50.89 -36.67 -13.48
C LYS E 391 -52.41 -36.58 -13.48
N ASP E 392 -52.91 -35.51 -12.88
CA ASP E 392 -54.35 -35.28 -12.78
C ASP E 392 -55.04 -36.02 -11.64
N VAL E 393 -54.29 -36.73 -10.79
CA VAL E 393 -54.97 -37.40 -9.71
C VAL E 393 -54.81 -36.62 -8.42
N LYS E 394 -55.90 -36.01 -7.98
CA LYS E 394 -55.87 -35.27 -6.74
C LYS E 394 -55.85 -36.26 -5.61
N VAL E 395 -55.04 -36.00 -4.60
CA VAL E 395 -54.97 -36.89 -3.46
C VAL E 395 -55.47 -36.18 -2.23
N PRO E 396 -56.09 -36.92 -1.32
CA PRO E 396 -56.36 -36.35 0.00
C PRO E 396 -55.08 -36.35 0.79
N THR E 397 -55.09 -35.80 1.99
CA THR E 397 -53.87 -35.68 2.75
C THR E 397 -53.51 -36.99 3.42
N LYS E 398 -54.53 -37.68 3.91
CA LYS E 398 -54.37 -38.86 4.75
C LYS E 398 -53.41 -39.89 4.18
N VAL E 399 -53.53 -40.17 2.88
CA VAL E 399 -52.69 -41.18 2.25
C VAL E 399 -51.23 -40.89 2.46
N LEU E 400 -50.86 -39.62 2.47
CA LEU E 400 -49.49 -39.23 2.68
C LEU E 400 -49.11 -39.48 4.13
N CYS E 401 -50.06 -39.29 5.04
CA CYS E 401 -49.82 -39.60 6.43
C CYS E 401 -49.47 -41.07 6.53
N ILE E 402 -50.21 -41.88 5.79
CA ILE E 402 -49.95 -43.31 5.71
C ILE E 402 -48.54 -43.56 5.20
N LEU E 403 -48.12 -42.77 4.21
CA LEU E 403 -46.82 -43.00 3.62
C LEU E 403 -45.68 -42.65 4.56
N TRP E 404 -45.67 -41.45 5.13
CA TRP E 404 -44.57 -41.06 6.00
C TRP E 404 -44.77 -41.47 7.45
N ASP E 405 -45.91 -42.11 7.74
CA ASP E 405 -46.18 -42.63 9.08
C ASP E 405 -46.12 -41.58 10.18
N MET E 406 -46.88 -40.50 10.04
CA MET E 406 -46.91 -39.47 11.07
C MET E 406 -48.21 -38.66 11.06
N GLU E 407 -48.39 -37.89 12.14
CA GLU E 407 -49.60 -37.14 12.39
C GLU E 407 -49.96 -36.20 11.24
N THR E 408 -51.26 -35.98 11.06
CA THR E 408 -51.81 -35.13 10.01
C THR E 408 -51.11 -33.79 9.81
N GLU E 409 -51.26 -32.91 10.80
CA GLU E 409 -50.76 -31.55 10.66
C GLU E 409 -49.27 -31.55 10.37
N GLU E 410 -48.56 -32.42 11.09
CA GLU E 410 -47.13 -32.60 10.91
C GLU E 410 -46.77 -32.77 9.43
N VAL E 411 -47.60 -33.49 8.70
CA VAL E 411 -47.41 -33.65 7.28
C VAL E 411 -47.81 -32.39 6.54
N GLU E 412 -48.96 -31.86 6.90
CA GLU E 412 -49.54 -30.74 6.18
C GLU E 412 -48.59 -29.55 6.12
N ASP E 413 -47.75 -29.43 7.13
CA ASP E 413 -46.77 -28.35 7.14
C ASP E 413 -45.72 -28.51 6.06
N ILE E 414 -45.08 -29.68 6.02
CA ILE E 414 -44.10 -29.97 5.00
C ILE E 414 -44.71 -29.73 3.63
N LEU E 415 -45.89 -30.30 3.42
CA LEU E 415 -46.56 -30.12 2.13
C LEU E 415 -46.70 -28.63 1.83
N GLN E 416 -47.05 -27.85 2.84
CA GLN E 416 -47.18 -26.42 2.64
C GLN E 416 -45.86 -25.82 2.19
N GLU E 417 -44.77 -26.31 2.73
CA GLU E 417 -43.46 -25.86 2.29
C GLU E 417 -43.24 -26.14 0.80
N PHE E 418 -43.60 -27.34 0.36
CA PHE E 418 -43.56 -27.60 -1.07
C PHE E 418 -44.44 -26.66 -1.86
N VAL E 419 -45.55 -26.22 -1.28
CA VAL E 419 -46.37 -25.25 -1.99
C VAL E 419 -45.62 -23.94 -2.12
N ASN E 420 -44.91 -23.57 -1.06
CA ASN E 420 -44.13 -22.35 -1.06
C ASN E 420 -43.08 -22.35 -2.14
N LYS E 421 -42.34 -23.45 -2.25
CA LYS E 421 -41.32 -23.57 -3.29
C LYS E 421 -41.93 -23.77 -4.69
N SER E 422 -43.24 -23.88 -4.76
CA SER E 422 -43.96 -24.05 -6.01
C SER E 422 -43.61 -25.34 -6.72
N LEU E 423 -43.39 -26.40 -5.95
CA LEU E 423 -43.23 -27.72 -6.53
C LEU E 423 -44.53 -28.49 -6.56
N LEU E 424 -45.55 -27.95 -5.89
CA LEU E 424 -46.77 -28.71 -5.69
C LEU E 424 -47.96 -27.78 -5.51
N PHE E 425 -49.13 -28.18 -5.97
CA PHE E 425 -50.25 -27.26 -5.87
C PHE E 425 -51.32 -27.77 -4.92
N CYS E 426 -52.01 -26.82 -4.30
CA CYS E 426 -52.93 -27.12 -3.22
C CYS E 426 -54.29 -26.48 -3.44
N ASP E 427 -55.32 -27.31 -3.46
CA ASP E 427 -56.69 -26.84 -3.59
C ASP E 427 -57.41 -26.97 -2.27
N ARG E 428 -58.16 -25.93 -1.92
CA ARG E 428 -58.82 -25.87 -0.62
C ARG E 428 -60.32 -25.97 -0.74
N ASN E 429 -60.86 -27.10 -0.32
CA ASN E 429 -62.30 -27.30 -0.26
C ASN E 429 -62.64 -28.30 0.83
N GLY E 430 -63.76 -28.08 1.52
CA GLY E 430 -64.09 -28.87 2.68
C GLY E 430 -63.05 -28.61 3.74
N LYS E 431 -62.94 -29.52 4.71
CA LYS E 431 -61.92 -29.37 5.73
C LYS E 431 -60.58 -29.85 5.22
N SER E 432 -60.57 -30.97 4.52
CA SER E 432 -59.33 -31.59 4.06
C SER E 432 -58.79 -30.89 2.82
N PHE E 433 -57.53 -30.48 2.88
CA PHE E 433 -56.87 -29.93 1.71
C PHE E 433 -56.63 -31.01 0.68
N ARG E 434 -56.41 -30.58 -0.56
CA ARG E 434 -56.25 -31.52 -1.66
C ARG E 434 -55.04 -31.16 -2.52
N TYR E 435 -54.04 -32.03 -2.54
CA TYR E 435 -52.79 -31.72 -3.21
C TYR E 435 -52.64 -32.43 -4.55
N TYR E 436 -52.05 -31.75 -5.52
CA TYR E 436 -51.75 -32.39 -6.80
C TYR E 436 -50.63 -31.69 -7.53
N LEU E 437 -50.03 -32.42 -8.47
CA LEU E 437 -48.93 -31.89 -9.24
C LEU E 437 -49.35 -31.25 -10.53
N HIS E 438 -48.38 -30.71 -11.23
CA HIS E 438 -48.58 -30.24 -12.60
C HIS E 438 -47.83 -31.21 -13.49
N ASP E 439 -48.32 -31.40 -14.70
CA ASP E 439 -47.86 -32.47 -15.57
C ASP E 439 -46.35 -32.53 -15.77
N LEU E 440 -45.80 -31.41 -16.21
CA LEU E 440 -44.40 -31.34 -16.57
C LEU E 440 -43.54 -31.86 -15.44
N GLN E 441 -43.86 -31.44 -14.23
CA GLN E 441 -43.14 -31.88 -13.07
C GLN E 441 -43.23 -33.39 -12.92
N VAL E 442 -44.39 -33.94 -13.23
CA VAL E 442 -44.59 -35.37 -13.10
C VAL E 442 -43.68 -36.11 -14.03
N ASP E 443 -43.68 -35.71 -15.30
CA ASP E 443 -42.84 -36.38 -16.27
C ASP E 443 -41.37 -36.21 -15.90
N PHE E 444 -41.04 -35.05 -15.38
CA PHE E 444 -39.69 -34.78 -14.92
C PHE E 444 -39.27 -35.79 -13.87
N LEU E 445 -40.06 -35.94 -12.83
CA LEU E 445 -39.74 -36.89 -11.77
C LEU E 445 -39.72 -38.31 -12.30
N THR E 446 -40.56 -38.57 -13.30
CA THR E 446 -40.59 -39.86 -13.94
C THR E 446 -39.23 -40.17 -14.53
N GLU E 447 -38.61 -39.16 -15.14
CA GLU E 447 -37.31 -39.38 -15.76
C GLU E 447 -36.18 -39.38 -14.75
N LYS E 448 -36.26 -38.52 -13.75
CA LYS E 448 -35.19 -38.38 -12.77
C LYS E 448 -35.01 -39.64 -11.92
N ASN E 449 -36.10 -40.11 -11.34
CA ASN E 449 -36.05 -41.34 -10.55
C ASN E 449 -36.82 -42.45 -11.23
N CYS E 450 -36.09 -43.45 -11.69
CA CYS E 450 -36.71 -44.57 -12.40
C CYS E 450 -36.61 -45.86 -11.61
N SER E 451 -35.37 -46.28 -11.35
CA SER E 451 -35.11 -47.55 -10.70
C SER E 451 -35.78 -47.72 -9.33
N GLN E 452 -36.18 -46.61 -8.73
CA GLN E 452 -36.69 -46.65 -7.37
C GLN E 452 -38.20 -46.79 -7.28
N LEU E 453 -38.86 -46.96 -8.42
CA LEU E 453 -40.32 -47.11 -8.45
C LEU E 453 -40.80 -48.28 -7.61
N GLN E 454 -40.25 -49.45 -7.88
CA GLN E 454 -40.61 -50.68 -7.18
C GLN E 454 -40.60 -50.47 -5.68
N ASP E 455 -39.49 -49.92 -5.21
CA ASP E 455 -39.29 -49.64 -3.80
C ASP E 455 -40.48 -48.87 -3.25
N LEU E 456 -40.85 -47.81 -3.96
CA LEU E 456 -41.90 -46.91 -3.51
C LEU E 456 -43.24 -47.59 -3.45
N HIS E 457 -43.63 -48.23 -4.54
CA HIS E 457 -44.94 -48.88 -4.59
C HIS E 457 -45.07 -49.96 -3.54
N LYS E 458 -44.07 -50.84 -3.45
CA LYS E 458 -44.11 -51.90 -2.46
C LYS E 458 -44.10 -51.31 -1.06
N LYS E 459 -43.50 -50.13 -0.93
CA LYS E 459 -43.48 -49.41 0.34
C LYS E 459 -44.88 -49.01 0.75
N ILE E 460 -45.57 -48.30 -0.13
CA ILE E 460 -46.90 -47.80 0.22
C ILE E 460 -47.86 -48.95 0.43
N ILE E 461 -47.69 -50.03 -0.33
CA ILE E 461 -48.54 -51.20 -0.16
C ILE E 461 -48.32 -51.83 1.21
N THR E 462 -47.06 -52.11 1.51
CA THR E 462 -46.68 -52.65 2.81
C THR E 462 -47.28 -51.85 3.93
N GLN E 463 -47.12 -50.52 3.84
CA GLN E 463 -47.71 -49.62 4.82
C GLN E 463 -49.20 -49.81 4.92
N PHE E 464 -49.85 -49.89 3.76
CA PHE E 464 -51.30 -49.97 3.73
C PHE E 464 -51.79 -51.22 4.45
N GLN E 465 -51.14 -52.34 4.18
CA GLN E 465 -51.47 -53.58 4.87
C GLN E 465 -51.22 -53.44 6.35
N ARG E 466 -50.08 -52.87 6.70
CA ARG E 466 -49.69 -52.75 8.10
C ARG E 466 -50.67 -51.90 8.88
N TYR E 467 -51.40 -51.02 8.18
CA TYR E 467 -52.45 -50.26 8.87
C TYR E 467 -53.84 -50.82 8.63
N HIS E 468 -54.38 -50.61 7.44
CA HIS E 468 -55.75 -51.04 7.17
C HIS E 468 -55.82 -52.46 6.66
N GLN E 469 -57.05 -52.91 6.41
CA GLN E 469 -57.29 -54.22 5.84
C GLN E 469 -57.96 -54.08 4.49
N PRO E 470 -57.66 -55.00 3.56
CA PRO E 470 -58.18 -54.89 2.19
C PRO E 470 -59.70 -54.90 2.11
N HIS E 471 -60.36 -55.80 2.84
CA HIS E 471 -61.81 -55.86 2.81
C HIS E 471 -62.43 -55.03 3.92
N THR E 472 -61.60 -54.36 4.71
CA THR E 472 -62.12 -53.49 5.75
C THR E 472 -61.83 -52.04 5.45
N LEU E 473 -62.87 -51.32 5.03
CA LEU E 473 -62.75 -49.89 4.78
C LEU E 473 -64.02 -49.18 5.23
N SER E 474 -63.82 -48.00 5.82
CA SER E 474 -64.95 -47.17 6.20
C SER E 474 -65.19 -46.15 5.11
N PRO E 475 -66.35 -46.27 4.43
CA PRO E 475 -66.76 -45.31 3.40
C PRO E 475 -66.90 -43.91 3.98
N ASP E 476 -66.97 -43.82 5.30
CA ASP E 476 -67.06 -42.55 6.00
C ASP E 476 -65.70 -41.88 6.16
N GLN E 477 -64.64 -42.61 5.85
CA GLN E 477 -63.31 -42.01 5.95
C GLN E 477 -63.09 -41.03 4.83
N GLU E 478 -61.96 -40.33 4.87
CA GLU E 478 -61.67 -39.34 3.85
C GLU E 478 -60.78 -39.89 2.74
N ASP E 479 -60.16 -41.03 2.99
CA ASP E 479 -59.23 -41.60 2.02
C ASP E 479 -59.78 -42.74 1.18
N CYS E 480 -61.02 -43.15 1.43
CA CYS E 480 -61.57 -44.36 0.82
C CYS E 480 -61.49 -44.36 -0.70
N MET E 481 -62.09 -43.34 -1.30
CA MET E 481 -62.24 -43.26 -2.74
C MET E 481 -60.93 -43.50 -3.46
N TYR E 482 -59.90 -42.80 -3.03
CA TYR E 482 -58.59 -42.95 -3.63
C TYR E 482 -58.12 -44.39 -3.57
N TRP E 483 -58.26 -45.01 -2.41
CA TRP E 483 -57.81 -46.38 -2.28
C TRP E 483 -58.53 -47.26 -3.27
N TYR E 484 -59.85 -47.23 -3.23
CA TYR E 484 -60.63 -48.04 -4.16
C TYR E 484 -60.19 -47.87 -5.60
N ASN E 485 -60.02 -46.63 -6.05
CA ASN E 485 -59.63 -46.44 -7.43
C ASN E 485 -58.23 -46.95 -7.75
N PHE E 486 -57.22 -46.44 -7.05
CA PHE E 486 -55.86 -46.64 -7.53
C PHE E 486 -55.06 -47.75 -6.84
N LEU E 487 -55.64 -48.43 -5.87
CA LEU E 487 -54.91 -49.46 -5.15
C LEU E 487 -54.42 -50.55 -6.09
N ALA E 488 -55.31 -50.96 -7.00
CA ALA E 488 -54.98 -51.91 -8.03
C ALA E 488 -53.75 -51.46 -8.79
N TYR E 489 -53.76 -50.20 -9.21
CA TYR E 489 -52.62 -49.63 -9.90
C TYR E 489 -51.33 -49.75 -9.11
N HIS E 490 -51.35 -49.24 -7.88
CA HIS E 490 -50.16 -49.27 -7.05
C HIS E 490 -49.64 -50.68 -6.88
N MET E 491 -50.54 -51.65 -6.87
CA MET E 491 -50.09 -53.03 -6.87
C MET E 491 -49.44 -53.40 -8.19
N ALA E 492 -50.03 -52.92 -9.29
CA ALA E 492 -49.57 -53.29 -10.62
C ALA E 492 -48.16 -52.80 -10.89
N SER E 493 -47.90 -51.53 -10.59
CA SER E 493 -46.57 -50.97 -10.80
C SER E 493 -45.55 -51.66 -9.92
N ALA E 494 -46.03 -52.26 -8.84
CA ALA E 494 -45.15 -52.99 -7.93
C ALA E 494 -44.79 -54.34 -8.54
N LYS E 495 -45.47 -54.68 -9.64
CA LYS E 495 -45.28 -55.95 -10.33
C LYS E 495 -45.52 -57.15 -9.42
N MET E 496 -46.33 -56.96 -8.40
CA MET E 496 -46.66 -58.07 -7.51
C MET E 496 -48.05 -58.60 -7.85
N HIS E 497 -48.09 -59.76 -8.47
CA HIS E 497 -49.35 -60.35 -8.90
C HIS E 497 -49.99 -61.19 -7.81
N LYS E 498 -49.21 -61.54 -6.79
CA LYS E 498 -49.70 -62.44 -5.76
C LYS E 498 -50.76 -61.75 -4.90
N GLU E 499 -50.37 -60.63 -4.32
CA GLU E 499 -51.30 -59.83 -3.55
C GLU E 499 -52.36 -59.26 -4.48
N LEU E 500 -51.98 -59.10 -5.74
CA LEU E 500 -52.90 -58.64 -6.76
C LEU E 500 -54.04 -59.63 -6.95
N CYS E 501 -53.67 -60.86 -7.28
CA CYS E 501 -54.65 -61.93 -7.46
C CYS E 501 -55.47 -62.10 -6.19
N ALA E 502 -54.80 -61.95 -5.06
CA ALA E 502 -55.45 -62.05 -3.77
C ALA E 502 -56.58 -61.03 -3.66
N LEU E 503 -56.30 -59.79 -4.02
CA LEU E 503 -57.28 -58.73 -3.92
C LEU E 503 -58.40 -58.82 -4.95
N MET E 504 -58.02 -58.87 -6.21
CA MET E 504 -59.00 -58.72 -7.28
C MET E 504 -59.96 -59.90 -7.38
N PHE E 505 -59.40 -61.10 -7.35
CA PHE E 505 -60.20 -62.30 -7.57
C PHE E 505 -61.20 -62.52 -6.44
N SER E 506 -60.96 -61.86 -5.32
CA SER E 506 -61.89 -61.91 -4.20
C SER E 506 -63.25 -61.34 -4.60
N LEU E 507 -64.32 -61.99 -4.17
CA LEU E 507 -65.66 -61.60 -4.58
C LEU E 507 -66.19 -60.41 -3.81
N ASP E 508 -65.95 -60.38 -2.50
CA ASP E 508 -66.48 -59.30 -1.67
C ASP E 508 -65.91 -57.95 -2.08
N TRP E 509 -64.64 -57.94 -2.43
CA TRP E 509 -64.00 -56.74 -2.94
C TRP E 509 -64.79 -56.20 -4.12
N ILE E 510 -65.13 -57.12 -5.03
CA ILE E 510 -65.93 -56.79 -6.19
C ILE E 510 -67.26 -56.22 -5.75
N LYS E 511 -67.89 -56.88 -4.79
CA LYS E 511 -69.19 -56.44 -4.29
C LYS E 511 -69.14 -54.99 -3.82
N ALA E 512 -68.24 -54.72 -2.87
CA ALA E 512 -68.11 -53.39 -2.28
C ALA E 512 -67.84 -52.35 -3.35
N LYS E 513 -66.85 -52.62 -4.19
CA LYS E 513 -66.48 -51.69 -5.24
C LYS E 513 -67.67 -51.36 -6.12
N THR E 514 -68.28 -52.40 -6.69
CA THR E 514 -69.44 -52.25 -7.57
C THR E 514 -70.55 -51.45 -6.93
N GLU E 515 -70.87 -51.77 -5.67
CA GLU E 515 -71.90 -51.04 -4.95
C GLU E 515 -71.55 -49.56 -4.89
N LEU E 516 -70.31 -49.25 -4.53
CA LEU E 516 -69.90 -47.87 -4.40
C LEU E 516 -69.60 -47.23 -5.75
N VAL E 517 -68.89 -47.95 -6.60
CA VAL E 517 -68.37 -47.40 -7.85
C VAL E 517 -69.23 -47.76 -9.05
N GLY E 518 -69.35 -49.05 -9.32
CA GLY E 518 -69.89 -49.55 -10.57
C GLY E 518 -68.81 -50.23 -11.37
N PRO E 519 -69.21 -51.12 -12.27
CA PRO E 519 -68.35 -52.11 -12.94
C PRO E 519 -67.28 -51.54 -13.86
N ALA E 520 -67.63 -50.51 -14.61
CA ALA E 520 -66.82 -50.03 -15.73
C ALA E 520 -65.36 -49.85 -15.37
N HIS E 521 -65.10 -49.08 -14.32
CA HIS E 521 -63.75 -48.83 -13.86
C HIS E 521 -62.99 -50.13 -13.65
N LEU E 522 -63.63 -51.05 -12.94
CA LEU E 522 -63.02 -52.32 -12.62
C LEU E 522 -62.67 -53.10 -13.87
N ILE E 523 -63.62 -53.15 -14.79
CA ILE E 523 -63.41 -53.79 -16.09
C ILE E 523 -62.14 -53.25 -16.73
N HIS E 524 -62.10 -51.93 -16.82
CA HIS E 524 -60.94 -51.24 -17.37
C HIS E 524 -59.66 -51.70 -16.70
N GLU E 525 -59.71 -51.84 -15.38
CA GLU E 525 -58.53 -52.28 -14.65
C GLU E 525 -58.10 -53.68 -15.04
N PHE E 526 -59.07 -54.58 -15.20
CA PHE E 526 -58.75 -55.91 -15.71
C PHE E 526 -58.06 -55.84 -17.05
N VAL E 527 -58.73 -55.19 -18.01
CA VAL E 527 -58.24 -55.11 -19.38
C VAL E 527 -56.81 -54.57 -19.41
N GLU E 528 -56.55 -53.55 -18.59
CA GLU E 528 -55.22 -52.97 -18.53
C GLU E 528 -54.20 -53.91 -17.93
N TYR E 529 -54.47 -54.41 -16.73
CA TYR E 529 -53.45 -55.08 -15.95
C TYR E 529 -53.30 -56.55 -16.28
N ARG E 530 -54.08 -57.02 -17.24
CA ARG E 530 -54.08 -58.44 -17.61
C ARG E 530 -52.69 -58.95 -18.00
N HIS E 531 -51.82 -58.03 -18.42
CA HIS E 531 -50.49 -58.40 -18.90
C HIS E 531 -49.64 -59.10 -17.86
N ILE E 532 -49.51 -58.49 -16.68
CA ILE E 532 -48.62 -59.00 -15.65
C ILE E 532 -49.11 -60.35 -15.15
N LEU E 533 -50.41 -60.58 -15.28
CA LEU E 533 -51.03 -61.83 -14.87
C LEU E 533 -50.48 -63.00 -15.67
N ASP E 534 -50.45 -64.19 -15.05
CA ASP E 534 -49.91 -65.37 -15.71
C ASP E 534 -50.83 -65.92 -16.77
N GLU E 535 -50.38 -66.98 -17.44
CA GLU E 535 -51.13 -67.58 -18.53
C GLU E 535 -52.44 -68.18 -18.01
N LYS E 536 -52.35 -68.95 -16.94
CA LYS E 536 -53.53 -69.50 -16.30
C LYS E 536 -54.43 -68.39 -15.78
N ASP E 537 -53.80 -67.32 -15.32
CA ASP E 537 -54.52 -66.18 -14.77
C ASP E 537 -55.40 -65.53 -15.83
N CYS E 538 -54.90 -65.53 -17.06
CA CYS E 538 -55.60 -64.92 -18.18
C CYS E 538 -57.01 -65.46 -18.34
N ALA E 539 -57.17 -66.76 -18.12
CA ALA E 539 -58.46 -67.41 -18.24
C ALA E 539 -59.45 -66.81 -17.23
N VAL E 540 -59.03 -66.79 -15.97
CA VAL E 540 -59.84 -66.25 -14.88
C VAL E 540 -60.24 -64.81 -15.14
N SER E 541 -59.20 -64.00 -15.38
CA SER E 541 -59.37 -62.59 -15.67
C SER E 541 -60.40 -62.40 -16.76
N GLU E 542 -60.26 -63.18 -17.82
CA GLU E 542 -61.18 -63.18 -18.94
C GLU E 542 -62.60 -63.46 -18.49
N ASN E 543 -62.76 -64.55 -17.74
CA ASN E 543 -64.06 -64.95 -17.21
C ASN E 543 -64.74 -63.76 -16.55
N PHE E 544 -63.98 -63.01 -15.77
CA PHE E 544 -64.51 -61.77 -15.23
C PHE E 544 -64.82 -60.76 -16.32
N GLN E 545 -63.93 -60.65 -17.30
CA GLN E 545 -64.06 -59.63 -18.35
C GLN E 545 -65.41 -59.73 -19.03
N GLU E 546 -65.84 -60.94 -19.33
CA GLU E 546 -67.19 -61.11 -19.85
C GLU E 546 -68.24 -61.04 -18.75
N PHE E 547 -67.88 -61.50 -17.55
CA PHE E 547 -68.83 -61.54 -16.44
C PHE E 547 -69.44 -60.18 -16.18
N LEU E 548 -68.58 -59.21 -15.91
CA LEU E 548 -69.02 -57.86 -15.58
C LEU E 548 -69.69 -57.18 -16.76
N SER E 549 -69.14 -57.42 -17.95
CA SER E 549 -69.68 -56.82 -19.16
C SER E 549 -71.11 -57.27 -19.40
N LEU E 550 -71.41 -58.51 -19.04
CA LEU E 550 -72.75 -59.04 -19.20
C LEU E 550 -73.65 -58.59 -18.05
N ASN E 551 -73.10 -58.50 -16.85
CA ASN E 551 -73.88 -58.14 -15.67
C ASN E 551 -74.06 -56.64 -15.52
N GLY E 552 -73.51 -55.89 -16.46
CA GLY E 552 -73.40 -54.45 -16.36
C GLY E 552 -74.68 -53.69 -16.02
N HIS E 553 -75.81 -54.19 -16.50
CA HIS E 553 -77.08 -53.49 -16.27
C HIS E 553 -77.61 -53.72 -14.87
N LEU E 554 -77.35 -54.91 -14.33
CA LEU E 554 -77.85 -55.26 -13.00
C LEU E 554 -77.03 -54.66 -11.87
N LEU E 555 -75.71 -54.78 -11.96
CA LEU E 555 -74.83 -54.50 -10.83
C LEU E 555 -74.78 -53.03 -10.43
N GLY E 556 -74.41 -52.80 -9.18
CA GLY E 556 -74.11 -51.46 -8.68
C GLY E 556 -75.32 -50.58 -8.51
N ARG E 557 -76.47 -51.04 -8.99
CA ARG E 557 -77.68 -50.26 -8.91
C ARG E 557 -78.66 -50.94 -7.97
N GLN E 558 -78.82 -50.37 -6.77
CA GLN E 558 -79.62 -51.02 -5.75
C GLN E 558 -81.07 -50.56 -5.78
N PRO E 559 -82.02 -51.43 -5.41
CA PRO E 559 -81.97 -52.75 -4.74
C PRO E 559 -80.95 -53.73 -5.33
N PHE E 560 -80.22 -54.40 -4.47
CA PHE E 560 -78.99 -55.06 -4.88
C PHE E 560 -79.03 -56.55 -4.58
N PRO E 561 -78.52 -57.37 -5.51
CA PRO E 561 -78.57 -58.83 -5.40
C PRO E 561 -77.37 -59.45 -4.70
N ASN E 562 -77.36 -60.76 -4.56
CA ASN E 562 -76.21 -61.47 -4.01
C ASN E 562 -75.18 -61.74 -5.08
N ILE E 563 -73.90 -61.64 -4.70
CA ILE E 563 -72.82 -61.95 -5.60
C ILE E 563 -72.82 -63.42 -5.94
N VAL E 564 -72.89 -64.23 -4.88
CA VAL E 564 -72.82 -65.68 -5.00
C VAL E 564 -73.81 -66.24 -6.01
N GLN E 565 -75.09 -65.90 -5.82
CA GLN E 565 -76.15 -66.46 -6.64
C GLN E 565 -76.00 -66.10 -8.11
N LEU E 566 -75.49 -64.89 -8.38
CA LEU E 566 -75.25 -64.49 -9.74
C LEU E 566 -74.07 -65.28 -10.28
N GLY E 567 -73.13 -65.58 -9.41
CA GLY E 567 -71.98 -66.37 -9.79
C GLY E 567 -72.36 -67.80 -10.10
N LEU E 568 -73.50 -68.24 -9.55
CA LEU E 568 -73.98 -69.59 -9.77
C LEU E 568 -74.52 -69.79 -11.18
N CYS E 569 -74.82 -68.69 -11.85
CA CYS E 569 -75.37 -68.74 -13.21
C CYS E 569 -74.27 -68.81 -14.26
N GLU E 570 -73.03 -68.83 -13.80
CA GLU E 570 -71.89 -68.81 -14.71
C GLU E 570 -71.50 -70.21 -15.13
N PRO E 571 -70.88 -70.34 -16.32
CA PRO E 571 -70.36 -71.63 -16.79
C PRO E 571 -69.38 -72.22 -15.80
N GLU E 572 -69.40 -73.54 -15.64
CA GLU E 572 -68.58 -74.22 -14.65
C GLU E 572 -67.09 -73.95 -14.85
N THR E 573 -66.68 -73.85 -16.12
CA THR E 573 -65.30 -73.59 -16.46
C THR E 573 -64.85 -72.22 -15.95
N SER E 574 -65.78 -71.27 -15.91
CA SER E 574 -65.48 -69.93 -15.40
C SER E 574 -65.19 -69.98 -13.91
N GLU E 575 -64.09 -69.35 -13.52
CA GLU E 575 -63.66 -69.34 -12.13
C GLU E 575 -64.73 -68.73 -11.23
N VAL E 576 -65.47 -67.78 -11.79
CA VAL E 576 -66.55 -67.11 -11.07
C VAL E 576 -67.54 -68.12 -10.50
N TYR E 577 -67.97 -69.05 -11.35
CA TYR E 577 -68.92 -70.06 -10.92
C TYR E 577 -68.33 -70.97 -9.85
N GLN E 578 -67.04 -71.23 -9.94
CA GLN E 578 -66.40 -72.15 -9.01
C GLN E 578 -66.25 -71.52 -7.64
N GLN E 579 -65.92 -70.24 -7.61
CA GLN E 579 -65.79 -69.51 -6.37
C GLN E 579 -67.15 -69.31 -5.72
N ALA E 580 -68.11 -68.87 -6.53
CA ALA E 580 -69.47 -68.65 -6.06
C ALA E 580 -70.07 -69.93 -5.51
N LYS E 581 -69.85 -71.03 -6.22
CA LYS E 581 -70.32 -72.34 -5.77
C LYS E 581 -69.61 -72.73 -4.49
N LEU E 582 -68.31 -72.41 -4.41
CA LEU E 582 -67.53 -72.72 -3.23
C LEU E 582 -68.12 -72.06 -1.99
N GLN E 583 -68.24 -70.74 -2.03
CA GLN E 583 -68.78 -69.99 -0.90
C GLN E 583 -70.22 -70.38 -0.62
N ALA E 584 -70.97 -70.68 -1.68
CA ALA E 584 -72.35 -71.13 -1.54
C ALA E 584 -72.40 -72.37 -0.68
N LYS E 585 -71.58 -73.35 -1.03
CA LYS E 585 -71.47 -74.60 -0.29
C LYS E 585 -70.97 -74.34 1.12
N GLN E 586 -70.15 -73.31 1.29
CA GLN E 586 -69.61 -72.98 2.60
C GLN E 586 -70.71 -72.52 3.56
N GLU E 587 -71.62 -71.69 3.07
CA GLU E 587 -72.75 -71.28 3.88
C GLU E 587 -73.83 -72.35 3.85
N VAL E 588 -74.04 -72.98 5.00
CA VAL E 588 -74.99 -74.08 5.12
C VAL E 588 -75.89 -73.86 6.33
N ASP E 589 -77.09 -74.39 6.26
CA ASP E 589 -78.04 -74.19 7.35
C ASP E 589 -78.22 -72.67 7.46
N ASN E 590 -78.12 -72.00 6.31
CA ASN E 590 -78.24 -70.56 6.22
C ASN E 590 -79.42 -70.20 5.35
N GLY E 591 -80.25 -69.33 5.87
CA GLY E 591 -81.46 -68.87 5.20
C GLY E 591 -81.16 -68.32 3.82
N MET E 592 -79.99 -68.66 3.29
CA MET E 592 -79.58 -68.19 1.97
C MET E 592 -80.34 -68.92 0.86
N LEU E 593 -80.39 -70.25 0.98
CA LEU E 593 -81.11 -71.10 0.03
C LEU E 593 -80.63 -70.90 -1.40
N TYR E 594 -79.41 -71.33 -1.67
CA TYR E 594 -78.80 -71.17 -3.00
C TYR E 594 -79.44 -72.10 -4.02
N LEU E 595 -79.28 -71.74 -5.30
CA LEU E 595 -79.85 -72.52 -6.39
C LEU E 595 -78.77 -72.95 -7.37
N GLU E 596 -79.06 -73.97 -8.16
CA GLU E 596 -78.07 -74.50 -9.11
C GLU E 596 -78.68 -74.64 -10.51
N TRP E 597 -77.89 -74.27 -11.52
CA TRP E 597 -78.36 -74.31 -12.91
C TRP E 597 -77.62 -75.34 -13.75
N ILE E 598 -78.31 -76.41 -14.12
CA ILE E 598 -77.78 -77.40 -15.04
C ILE E 598 -77.94 -76.97 -16.50
N ASN E 599 -78.95 -76.15 -16.77
CA ASN E 599 -79.33 -75.80 -18.13
C ASN E 599 -78.47 -74.70 -18.78
N LYS E 600 -77.97 -73.77 -17.96
CA LYS E 600 -77.26 -72.60 -18.48
C LYS E 600 -75.94 -72.92 -19.18
N LYS E 601 -75.49 -74.17 -19.09
CA LYS E 601 -74.25 -74.56 -19.74
C LYS E 601 -74.39 -74.54 -21.27
N ASN E 602 -75.56 -74.91 -21.77
CA ASN E 602 -75.80 -74.94 -23.21
C ASN E 602 -76.49 -73.69 -23.74
N ILE E 603 -76.86 -72.77 -22.85
CA ILE E 603 -77.58 -71.57 -23.25
C ILE E 603 -76.99 -70.31 -22.61
N THR E 604 -77.65 -69.17 -22.81
CA THR E 604 -77.15 -67.86 -22.39
C THR E 604 -75.79 -67.61 -23.03
N ASN E 605 -75.80 -67.35 -24.34
CA ASN E 605 -74.57 -67.08 -25.08
C ASN E 605 -73.88 -65.82 -24.58
N LEU E 606 -72.55 -65.79 -24.72
CA LEU E 606 -71.74 -64.67 -24.25
C LEU E 606 -71.97 -63.42 -25.09
N SER E 607 -71.66 -62.27 -24.51
CA SER E 607 -71.79 -60.99 -25.21
C SER E 607 -70.50 -60.19 -25.12
N ARG E 608 -70.26 -59.34 -26.10
CA ARG E 608 -69.07 -58.50 -26.08
C ARG E 608 -69.16 -57.46 -24.97
N LEU E 609 -70.24 -56.69 -24.96
CA LEU E 609 -70.39 -55.68 -23.91
C LEU E 609 -71.84 -55.35 -23.58
N VAL E 610 -72.11 -55.03 -22.32
CA VAL E 610 -73.41 -54.53 -21.89
C VAL E 610 -73.23 -53.32 -20.97
N VAL E 611 -73.71 -52.15 -21.41
CA VAL E 611 -73.53 -50.92 -20.63
C VAL E 611 -74.81 -50.07 -20.53
N ARG E 612 -75.28 -49.85 -19.31
CA ARG E 612 -76.36 -48.90 -19.07
C ARG E 612 -75.91 -47.71 -18.22
N PRO E 613 -75.66 -46.56 -18.86
CA PRO E 613 -75.58 -45.32 -18.09
C PRO E 613 -76.88 -44.51 -18.14
N HIS E 614 -78.01 -45.14 -17.87
CA HIS E 614 -79.32 -44.50 -18.11
C HIS E 614 -80.38 -44.85 -17.07
N THR E 615 -81.13 -43.84 -16.63
CA THR E 615 -82.32 -44.06 -15.83
C THR E 615 -83.56 -44.12 -16.73
N ASP E 616 -83.38 -43.75 -18.00
CA ASP E 616 -84.49 -43.66 -18.95
C ASP E 616 -84.15 -44.35 -20.28
N ALA E 617 -85.18 -44.52 -21.12
CA ALA E 617 -85.04 -45.23 -22.39
C ALA E 617 -84.10 -44.54 -23.37
N VAL E 618 -83.55 -45.32 -24.30
CA VAL E 618 -82.61 -44.82 -25.29
C VAL E 618 -83.29 -44.53 -26.62
N TYR E 619 -83.24 -43.28 -27.06
CA TYR E 619 -83.81 -42.93 -28.37
C TYR E 619 -82.84 -43.26 -29.50
N HIS E 620 -81.56 -42.95 -29.31
CA HIS E 620 -80.55 -43.31 -30.31
C HIS E 620 -79.18 -43.52 -29.68
N ALA E 621 -78.42 -44.46 -30.24
CA ALA E 621 -77.05 -44.70 -29.82
C ALA E 621 -76.18 -45.10 -31.01
N CYS E 622 -74.99 -44.53 -31.10
CA CYS E 622 -74.08 -44.84 -32.20
C CYS E 622 -72.62 -44.64 -31.80
N PHE E 623 -71.74 -45.36 -32.48
CA PHE E 623 -70.29 -45.24 -32.25
C PHE E 623 -69.70 -44.06 -33.01
N SER E 624 -68.65 -43.47 -32.45
CA SER E 624 -67.91 -42.40 -33.12
C SER E 624 -67.19 -42.94 -34.35
N GLU E 625 -66.84 -42.06 -35.27
CA GLU E 625 -66.16 -42.44 -36.50
C GLU E 625 -64.81 -43.10 -36.22
N ASP E 626 -64.14 -42.65 -35.17
CA ASP E 626 -62.84 -43.21 -34.79
C ASP E 626 -62.99 -44.44 -33.92
N GLY E 627 -64.21 -44.73 -33.49
CA GLY E 627 -64.48 -45.86 -32.63
C GLY E 627 -63.83 -45.71 -31.27
N GLN E 628 -64.12 -44.61 -30.60
CA GLN E 628 -63.50 -44.30 -29.31
C GLN E 628 -64.54 -44.02 -28.22
N ARG E 629 -65.32 -42.96 -28.42
CA ARG E 629 -66.29 -42.52 -27.42
C ARG E 629 -67.72 -42.65 -27.92
N ILE E 630 -68.66 -42.82 -26.99
CA ILE E 630 -70.07 -42.97 -27.32
C ILE E 630 -70.91 -41.84 -26.72
N ALA E 631 -71.69 -41.17 -27.57
CA ALA E 631 -72.64 -40.17 -27.11
C ALA E 631 -74.07 -40.65 -27.33
N SER E 632 -74.77 -40.93 -26.24
CA SER E 632 -76.12 -41.48 -26.32
C SER E 632 -77.18 -40.48 -25.87
N CYS E 633 -78.35 -40.56 -26.49
CA CYS E 633 -79.47 -39.67 -26.15
C CYS E 633 -80.75 -40.47 -25.92
N GLY E 634 -81.58 -39.98 -25.00
CA GLY E 634 -82.79 -40.69 -24.63
C GLY E 634 -83.78 -39.85 -23.85
N ALA E 635 -84.76 -40.52 -23.24
CA ALA E 635 -85.81 -39.85 -22.50
C ALA E 635 -85.31 -39.17 -21.23
N ASP E 636 -84.05 -39.43 -20.88
CA ASP E 636 -83.45 -38.80 -19.71
C ASP E 636 -83.14 -37.33 -19.94
N LYS E 637 -83.31 -36.89 -21.18
CA LYS E 637 -83.07 -35.51 -21.59
C LYS E 637 -81.63 -35.09 -21.33
N THR E 638 -80.75 -36.08 -21.28
CA THR E 638 -79.34 -35.83 -21.00
C THR E 638 -78.42 -36.61 -21.93
N LEU E 639 -77.58 -35.90 -22.66
CA LEU E 639 -76.58 -36.52 -23.52
C LEU E 639 -75.49 -37.18 -22.67
N GLN E 640 -75.28 -38.47 -22.89
CA GLN E 640 -74.32 -39.24 -22.13
C GLN E 640 -73.09 -39.61 -22.95
N VAL E 641 -71.95 -39.01 -22.61
CA VAL E 641 -70.69 -39.31 -23.29
C VAL E 641 -69.84 -40.22 -22.40
N PHE E 642 -69.60 -41.44 -22.88
CA PHE E 642 -68.82 -42.42 -22.10
C PHE E 642 -67.91 -43.25 -22.99
N LYS E 643 -66.95 -43.92 -22.37
CA LYS E 643 -65.98 -44.74 -23.11
C LYS E 643 -66.64 -45.98 -23.70
N ALA E 644 -66.24 -46.33 -24.93
CA ALA E 644 -66.87 -47.42 -25.66
C ALA E 644 -66.34 -48.80 -25.24
N GLU E 645 -65.16 -48.85 -24.65
CA GLU E 645 -64.52 -50.11 -24.34
C GLU E 645 -64.94 -50.67 -22.98
N THR E 646 -64.44 -50.05 -21.91
CA THR E 646 -64.74 -50.52 -20.56
C THR E 646 -65.96 -49.82 -19.97
N GLY E 647 -66.45 -48.78 -20.65
CA GLY E 647 -67.66 -48.11 -20.25
C GLY E 647 -67.54 -47.17 -19.05
N GLU E 648 -66.41 -46.49 -18.95
CA GLU E 648 -66.22 -45.50 -17.88
C GLU E 648 -67.01 -44.23 -18.17
N LYS E 649 -67.42 -43.54 -17.10
CA LYS E 649 -68.14 -42.29 -17.24
C LYS E 649 -67.18 -41.16 -17.59
N LEU E 650 -67.45 -40.49 -18.72
CA LEU E 650 -66.61 -39.39 -19.16
C LEU E 650 -67.27 -38.05 -18.87
N LEU E 651 -68.30 -37.72 -19.64
CA LEU E 651 -69.01 -36.45 -19.47
C LEU E 651 -70.52 -36.62 -19.59
N GLU E 652 -71.26 -35.90 -18.75
CA GLU E 652 -72.71 -35.89 -18.82
C GLU E 652 -73.19 -34.47 -19.11
N ILE E 653 -73.78 -34.27 -20.28
CA ILE E 653 -74.13 -32.92 -20.71
C ILE E 653 -75.64 -32.77 -20.93
N LYS E 654 -76.24 -31.73 -20.35
CA LYS E 654 -77.66 -31.49 -20.54
C LYS E 654 -77.91 -30.85 -21.91
N ALA E 655 -78.64 -31.56 -22.76
CA ALA E 655 -78.91 -31.08 -24.11
C ALA E 655 -80.04 -30.06 -24.15
N HIS E 656 -81.15 -30.37 -23.50
CA HIS E 656 -82.34 -29.53 -23.55
C HIS E 656 -83.18 -29.67 -22.29
N GLU E 657 -84.29 -28.93 -22.25
CA GLU E 657 -85.27 -29.07 -21.19
C GLU E 657 -86.33 -30.09 -21.58
N ASP E 658 -86.25 -30.54 -22.83
CA ASP E 658 -87.21 -31.50 -23.37
C ASP E 658 -86.49 -32.70 -23.97
N GLU E 659 -87.24 -33.76 -24.22
CA GLU E 659 -86.68 -35.00 -24.76
C GLU E 659 -86.03 -34.80 -26.12
N VAL E 660 -84.81 -35.29 -26.28
CA VAL E 660 -84.07 -35.17 -27.53
C VAL E 660 -84.54 -36.20 -28.55
N LEU E 661 -85.00 -35.72 -29.70
CA LEU E 661 -85.52 -36.60 -30.73
C LEU E 661 -84.43 -37.42 -31.40
N CYS E 662 -83.38 -36.76 -31.88
CA CYS E 662 -82.29 -37.46 -32.56
C CYS E 662 -80.95 -36.73 -32.39
N CYS E 663 -79.87 -37.50 -32.43
CA CYS E 663 -78.52 -36.96 -32.28
C CYS E 663 -77.51 -37.80 -33.04
N ALA E 664 -76.46 -37.16 -33.55
CA ALA E 664 -75.44 -37.87 -34.32
C ALA E 664 -74.09 -37.15 -34.28
N PHE E 665 -73.02 -37.90 -34.52
CA PHE E 665 -71.67 -37.36 -34.55
C PHE E 665 -71.38 -36.58 -35.82
N SER E 666 -70.39 -35.70 -35.75
CA SER E 666 -69.93 -34.94 -36.92
C SER E 666 -68.78 -35.66 -37.61
N THR E 667 -68.16 -34.98 -38.56
CA THR E 667 -67.01 -35.53 -39.27
C THR E 667 -65.83 -35.74 -38.32
N ASP E 668 -65.51 -34.70 -37.55
CA ASP E 668 -64.40 -34.78 -36.60
C ASP E 668 -64.88 -35.16 -35.20
N ASP E 669 -66.19 -35.38 -35.07
CA ASP E 669 -66.82 -35.85 -33.82
C ASP E 669 -66.76 -34.81 -32.70
N ARG E 670 -66.09 -33.68 -32.96
CA ARG E 670 -65.88 -32.66 -31.93
C ARG E 670 -67.10 -31.78 -31.71
N PHE E 671 -68.12 -31.92 -32.56
CA PHE E 671 -69.33 -31.13 -32.44
C PHE E 671 -70.58 -31.98 -32.61
N ILE E 672 -71.47 -31.94 -31.61
CA ILE E 672 -72.72 -32.68 -31.68
C ILE E 672 -73.91 -31.78 -31.37
N ALA E 673 -74.77 -31.57 -32.36
CA ALA E 673 -75.96 -30.73 -32.19
C ALA E 673 -77.17 -31.60 -31.86
N THR E 674 -78.04 -31.08 -30.99
CA THR E 674 -79.20 -31.83 -30.54
C THR E 674 -80.51 -31.16 -30.95
N CYS E 675 -81.50 -32.00 -31.28
CA CYS E 675 -82.84 -31.56 -31.64
C CYS E 675 -83.85 -32.14 -30.65
N SER E 676 -84.80 -31.34 -30.21
CA SER E 676 -85.73 -31.79 -29.17
C SER E 676 -87.16 -31.29 -29.39
N VAL E 677 -88.00 -31.56 -28.38
CA VAL E 677 -89.43 -31.24 -28.44
C VAL E 677 -89.66 -29.73 -28.34
N ASP E 678 -88.67 -29.01 -27.83
CA ASP E 678 -88.81 -27.57 -27.61
C ASP E 678 -88.59 -26.79 -28.91
N LYS E 679 -88.35 -27.53 -29.99
CA LYS E 679 -88.25 -26.97 -31.34
C LYS E 679 -87.05 -26.03 -31.47
N LYS E 680 -85.97 -26.36 -30.77
CA LYS E 680 -84.75 -25.58 -30.82
C LYS E 680 -83.53 -26.49 -31.01
N VAL E 681 -82.79 -26.26 -32.08
CA VAL E 681 -81.59 -27.04 -32.37
C VAL E 681 -80.38 -26.40 -31.70
N LYS E 682 -79.75 -27.12 -30.78
CA LYS E 682 -78.63 -26.56 -30.04
C LYS E 682 -77.33 -27.33 -30.26
N ILE E 683 -76.33 -26.64 -30.79
CA ILE E 683 -75.02 -27.24 -31.01
C ILE E 683 -74.23 -27.33 -29.71
N TRP E 684 -73.81 -28.54 -29.36
CA TRP E 684 -73.05 -28.77 -28.14
C TRP E 684 -71.65 -29.29 -28.45
N ASN E 685 -70.66 -28.79 -27.72
CA ASN E 685 -69.29 -29.25 -27.88
C ASN E 685 -69.05 -30.49 -27.02
N SER E 686 -68.36 -31.47 -27.59
CA SER E 686 -68.14 -32.74 -26.91
C SER E 686 -67.05 -32.64 -25.83
N MET E 687 -65.99 -31.90 -26.13
CA MET E 687 -64.86 -31.78 -25.22
C MET E 687 -64.98 -30.57 -24.31
N THR E 688 -66.08 -29.83 -24.44
CA THR E 688 -66.30 -28.64 -23.63
C THR E 688 -67.61 -28.74 -22.84
N GLY E 689 -68.73 -28.75 -23.57
CA GLY E 689 -70.03 -28.83 -22.94
C GLY E 689 -70.73 -27.49 -22.85
N GLU E 690 -70.20 -26.51 -23.57
CA GLU E 690 -70.77 -25.17 -23.58
C GLU E 690 -71.39 -24.84 -24.93
N LEU E 691 -72.39 -23.96 -24.92
CA LEU E 691 -73.09 -23.56 -26.14
C LEU E 691 -72.14 -22.89 -27.14
N VAL E 692 -72.21 -23.33 -28.39
CA VAL E 692 -71.37 -22.78 -29.43
C VAL E 692 -72.23 -21.91 -30.36
N HIS E 693 -73.17 -22.54 -31.07
CA HIS E 693 -74.16 -21.82 -31.85
C HIS E 693 -75.55 -22.42 -31.64
N THR E 694 -76.58 -21.59 -31.74
CA THR E 694 -77.96 -22.05 -31.61
C THR E 694 -78.81 -21.52 -32.76
N TYR E 695 -79.71 -22.37 -33.25
CA TYR E 695 -80.55 -22.03 -34.40
C TYR E 695 -82.02 -22.32 -34.12
N ASP E 696 -82.84 -21.27 -34.13
CA ASP E 696 -84.28 -21.46 -33.98
C ASP E 696 -85.03 -20.89 -35.19
N GLU E 697 -85.59 -21.79 -36.00
CA GLU E 697 -86.36 -21.39 -37.16
C GLU E 697 -87.68 -22.16 -37.21
N HIS E 698 -87.58 -23.48 -37.32
CA HIS E 698 -88.74 -24.37 -37.48
C HIS E 698 -89.82 -24.13 -36.42
N SER E 699 -91.07 -24.07 -36.89
CA SER E 699 -92.21 -23.95 -35.99
C SER E 699 -92.74 -25.32 -35.61
N GLU E 700 -92.04 -26.36 -36.06
CA GLU E 700 -92.40 -27.74 -35.76
C GLU E 700 -91.18 -28.52 -35.30
N GLN E 701 -91.41 -29.71 -34.73
CA GLN E 701 -90.34 -30.54 -34.23
C GLN E 701 -89.45 -31.04 -35.37
N VAL E 702 -88.16 -31.23 -35.08
CA VAL E 702 -87.21 -31.67 -36.08
C VAL E 702 -86.78 -33.13 -35.84
N ASN E 703 -87.21 -34.01 -36.73
CA ASN E 703 -86.89 -35.43 -36.60
C ASN E 703 -85.61 -35.82 -37.34
N CYS E 704 -85.07 -34.88 -38.11
CA CYS E 704 -83.88 -35.15 -38.90
C CYS E 704 -82.68 -34.33 -38.45
N CYS E 705 -81.68 -35.01 -37.87
CA CYS E 705 -80.39 -34.39 -37.60
C CYS E 705 -79.28 -35.29 -38.12
N HIS E 706 -78.56 -34.81 -39.15
CA HIS E 706 -77.50 -35.59 -39.76
C HIS E 706 -76.35 -34.68 -40.18
N PHE E 707 -75.12 -35.09 -39.88
CA PHE E 707 -73.94 -34.28 -40.18
C PHE E 707 -73.19 -34.82 -41.39
N THR E 708 -72.12 -34.12 -41.77
CA THR E 708 -71.32 -34.51 -42.93
C THR E 708 -70.30 -35.58 -42.58
N ASN E 709 -70.04 -36.47 -43.54
CA ASN E 709 -69.05 -37.52 -43.35
C ASN E 709 -67.69 -37.10 -43.91
N SER E 710 -67.62 -35.89 -44.43
CA SER E 710 -66.38 -35.37 -45.01
C SER E 710 -66.03 -34.00 -44.42
N SER E 711 -64.77 -33.60 -44.59
CA SER E 711 -64.30 -32.32 -44.07
C SER E 711 -64.40 -31.22 -45.12
N HIS E 712 -64.97 -31.56 -46.28
CA HIS E 712 -65.13 -30.62 -47.38
C HIS E 712 -65.93 -29.39 -46.94
N HIS E 713 -67.21 -29.62 -46.60
CA HIS E 713 -68.03 -28.57 -45.99
C HIS E 713 -68.86 -29.14 -44.83
N LEU E 714 -69.64 -28.26 -44.21
CA LEU E 714 -70.47 -28.65 -43.07
C LEU E 714 -71.92 -28.22 -43.29
N LEU E 715 -72.81 -29.21 -43.35
CA LEU E 715 -74.24 -28.95 -43.59
C LEU E 715 -75.11 -29.76 -42.64
N LEU E 716 -76.37 -29.35 -42.51
CA LEU E 716 -77.31 -30.06 -41.66
C LEU E 716 -78.68 -30.23 -42.33
N ALA E 717 -79.13 -31.48 -42.47
CA ALA E 717 -80.41 -31.75 -43.09
C ALA E 717 -81.54 -31.71 -42.06
N THR E 718 -82.48 -30.80 -42.25
CA THR E 718 -83.62 -30.67 -41.33
C THR E 718 -84.95 -30.66 -42.07
N GLY E 719 -85.97 -31.22 -41.43
CA GLY E 719 -87.31 -31.24 -41.99
C GLY E 719 -88.35 -31.34 -40.89
N SER E 720 -89.58 -30.91 -41.19
CA SER E 720 -90.64 -30.90 -40.20
C SER E 720 -92.03 -30.93 -40.84
N SER E 721 -93.04 -30.71 -40.02
CA SER E 721 -94.44 -30.76 -40.45
C SER E 721 -94.83 -29.58 -41.33
N ASP E 722 -93.92 -28.61 -41.50
CA ASP E 722 -94.19 -27.43 -42.29
C ASP E 722 -94.00 -27.69 -43.79
N CYS E 723 -93.65 -28.94 -44.12
CA CYS E 723 -93.47 -29.38 -45.50
C CYS E 723 -92.32 -28.67 -46.19
N PHE E 724 -91.34 -28.24 -45.40
CA PHE E 724 -90.16 -27.57 -45.93
C PHE E 724 -88.90 -28.37 -45.61
N LEU E 725 -88.00 -28.49 -46.58
CA LEU E 725 -86.71 -29.12 -46.35
C LEU E 725 -85.64 -28.04 -46.20
N LYS E 726 -85.14 -27.87 -44.98
CA LYS E 726 -84.17 -26.81 -44.73
C LYS E 726 -82.78 -27.37 -44.47
N LEU E 727 -81.82 -26.89 -45.25
CA LEU E 727 -80.43 -27.29 -45.12
C LEU E 727 -79.63 -26.17 -44.45
N TRP E 728 -79.23 -26.43 -43.21
CA TRP E 728 -78.46 -25.47 -42.42
C TRP E 728 -76.98 -25.49 -42.76
N ASP E 729 -76.33 -24.35 -42.55
CA ASP E 729 -74.89 -24.23 -42.71
C ASP E 729 -74.24 -23.91 -41.36
N LEU E 730 -73.37 -24.81 -40.90
CA LEU E 730 -72.75 -24.67 -39.59
C LEU E 730 -71.79 -23.48 -39.53
N ASN E 731 -71.32 -23.03 -40.69
CA ASN E 731 -70.39 -21.92 -40.77
C ASN E 731 -71.09 -20.57 -40.60
N GLN E 732 -72.33 -20.49 -41.05
CA GLN E 732 -73.09 -19.25 -40.95
C GLN E 732 -74.11 -19.30 -39.82
N LYS E 733 -74.81 -18.19 -39.62
CA LYS E 733 -75.82 -18.09 -38.55
C LYS E 733 -77.21 -18.38 -39.11
N GLU E 734 -77.30 -18.56 -40.42
CA GLU E 734 -78.59 -18.76 -41.07
C GLU E 734 -78.68 -20.10 -41.78
N CYS E 735 -79.83 -20.36 -42.40
CA CYS E 735 -80.06 -21.60 -43.13
C CYS E 735 -79.68 -21.43 -44.60
N ARG E 736 -78.96 -22.40 -45.15
CA ARG E 736 -78.48 -22.31 -46.52
C ARG E 736 -79.57 -22.56 -47.55
N ASN E 737 -80.35 -23.63 -47.39
CA ASN E 737 -81.33 -24.00 -48.40
C ASN E 737 -82.74 -24.26 -47.87
N THR E 738 -83.74 -24.04 -48.73
CA THR E 738 -85.13 -24.32 -48.42
C THR E 738 -85.82 -24.95 -49.63
N MET E 739 -86.50 -26.07 -49.42
CA MET E 739 -87.10 -26.82 -50.53
C MET E 739 -88.55 -27.19 -50.29
N PHE E 740 -89.39 -26.90 -51.28
CA PHE E 740 -90.80 -27.25 -51.27
C PHE E 740 -91.04 -28.74 -51.50
N GLY E 741 -92.25 -29.21 -51.17
CA GLY E 741 -92.62 -30.60 -51.34
C GLY E 741 -92.74 -31.37 -50.05
N HIS E 742 -92.99 -32.68 -50.16
CA HIS E 742 -93.23 -33.54 -49.01
C HIS E 742 -94.41 -33.04 -48.18
N THR E 743 -95.62 -33.21 -48.72
CA THR E 743 -96.85 -32.77 -48.06
C THR E 743 -97.06 -33.37 -46.67
N ASN E 744 -96.36 -34.47 -46.39
CA ASN E 744 -96.44 -35.10 -45.09
C ASN E 744 -95.11 -34.97 -44.36
N SER E 745 -95.05 -35.47 -43.13
CA SER E 745 -93.83 -35.37 -42.32
C SER E 745 -92.72 -36.27 -42.86
N VAL E 746 -91.50 -35.78 -42.83
CA VAL E 746 -90.35 -36.55 -43.27
C VAL E 746 -89.68 -37.27 -42.11
N ASN E 747 -89.76 -38.60 -42.12
CA ASN E 747 -89.22 -39.40 -41.04
C ASN E 747 -87.70 -39.46 -41.03
N HIS E 748 -87.11 -39.77 -42.18
CA HIS E 748 -85.65 -39.93 -42.25
C HIS E 748 -85.02 -39.07 -43.34
N CYS E 749 -84.20 -38.11 -42.92
CA CYS E 749 -83.46 -37.27 -43.85
C CYS E 749 -81.96 -37.49 -43.66
N ARG E 750 -81.27 -37.88 -44.72
CA ARG E 750 -79.87 -38.27 -44.61
C ARG E 750 -79.03 -37.80 -45.78
N PHE E 751 -77.77 -37.46 -45.50
CA PHE E 751 -76.82 -37.10 -46.56
C PHE E 751 -76.41 -38.32 -47.36
N SER E 752 -75.99 -38.07 -48.60
CA SER E 752 -75.43 -39.11 -49.45
C SER E 752 -73.98 -39.36 -49.04
N PRO E 753 -73.29 -40.34 -49.67
CA PRO E 753 -71.87 -40.46 -49.35
C PRO E 753 -71.07 -39.23 -49.79
N ASP E 754 -71.64 -38.45 -50.71
CA ASP E 754 -71.07 -37.17 -51.09
C ASP E 754 -71.96 -36.03 -50.60
N ASP E 755 -71.34 -34.92 -50.21
CA ASP E 755 -72.09 -33.78 -49.68
C ASP E 755 -72.83 -33.02 -50.77
N LYS E 756 -72.59 -33.40 -52.02
CA LYS E 756 -73.19 -32.73 -53.17
C LYS E 756 -74.67 -33.09 -53.33
N LEU E 757 -75.11 -34.12 -52.60
CA LEU E 757 -76.49 -34.59 -52.72
C LEU E 757 -77.18 -34.69 -51.35
N LEU E 758 -78.50 -34.77 -51.38
CA LEU E 758 -79.30 -34.90 -50.17
C LEU E 758 -80.46 -35.86 -50.36
N ALA E 759 -80.61 -36.80 -49.43
CA ALA E 759 -81.66 -37.81 -49.53
C ALA E 759 -82.80 -37.55 -48.53
N SER E 760 -84.00 -37.42 -49.06
CA SER E 760 -85.19 -37.21 -48.23
C SER E 760 -86.13 -38.42 -48.33
N CYS E 761 -86.38 -39.04 -47.18
CA CYS E 761 -87.22 -40.23 -47.10
C CYS E 761 -88.36 -40.04 -46.10
N SER E 762 -89.58 -40.21 -46.57
CA SER E 762 -90.78 -40.06 -45.74
C SER E 762 -91.72 -41.24 -45.91
N ALA E 763 -92.70 -41.36 -45.01
CA ALA E 763 -93.61 -42.50 -45.01
C ALA E 763 -94.84 -42.25 -45.89
N ASP E 764 -94.91 -41.10 -46.53
CA ASP E 764 -96.04 -40.77 -47.38
C ASP E 764 -95.92 -41.45 -48.75
N GLY E 765 -94.77 -42.08 -48.99
CA GLY E 765 -94.55 -42.78 -50.24
C GLY E 765 -93.68 -41.99 -51.21
N THR E 766 -93.15 -40.87 -50.74
CA THR E 766 -92.30 -40.02 -51.57
C THR E 766 -90.84 -40.11 -51.15
N LEU E 767 -90.02 -40.71 -52.01
CA LEU E 767 -88.59 -40.79 -51.77
C LEU E 767 -87.85 -39.88 -52.75
N LYS E 768 -87.30 -38.78 -52.24
CA LYS E 768 -86.71 -37.78 -53.13
C LYS E 768 -85.21 -37.63 -52.95
N LEU E 769 -84.53 -37.31 -54.06
CA LEU E 769 -83.09 -37.05 -54.04
C LEU E 769 -82.83 -35.67 -54.65
N TRP E 770 -82.30 -34.77 -53.82
CA TRP E 770 -82.14 -33.36 -54.18
C TRP E 770 -80.68 -32.98 -54.34
N ASP E 771 -80.42 -31.99 -55.18
CA ASP E 771 -79.08 -31.43 -55.34
C ASP E 771 -78.79 -30.43 -54.24
N ALA E 772 -77.66 -30.60 -53.55
CA ALA E 772 -77.30 -29.72 -52.46
C ALA E 772 -76.76 -28.39 -52.96
N THR E 773 -75.84 -28.45 -53.92
CA THR E 773 -75.22 -27.25 -54.48
C THR E 773 -76.15 -26.52 -55.45
N SER E 774 -76.76 -27.28 -56.35
CA SER E 774 -77.62 -26.70 -57.37
C SER E 774 -78.97 -26.26 -56.80
N ALA E 775 -79.31 -26.84 -55.65
CA ALA E 775 -80.54 -26.49 -54.90
C ALA E 775 -81.82 -26.88 -55.65
N ASN E 776 -81.68 -27.37 -56.87
CA ASN E 776 -82.82 -27.77 -57.67
C ASN E 776 -83.21 -29.23 -57.46
N GLU E 777 -84.13 -29.72 -58.27
CA GLU E 777 -84.59 -31.10 -58.17
C GLU E 777 -83.78 -32.04 -59.06
N ARG E 778 -83.24 -33.09 -58.47
CA ARG E 778 -82.49 -34.08 -59.25
C ARG E 778 -83.40 -35.24 -59.61
N LYS E 779 -83.85 -35.99 -58.62
CA LYS E 779 -84.75 -37.11 -58.87
C LYS E 779 -85.86 -37.21 -57.82
N SER E 780 -87.02 -37.70 -58.25
CA SER E 780 -88.15 -37.94 -57.36
C SER E 780 -88.77 -39.29 -57.66
N ILE E 781 -88.87 -40.14 -56.63
CA ILE E 781 -89.33 -41.51 -56.82
C ILE E 781 -90.52 -41.85 -55.92
N ASN E 782 -91.61 -42.27 -56.55
CA ASN E 782 -92.77 -42.79 -55.84
C ASN E 782 -92.90 -44.29 -56.05
N VAL E 783 -92.92 -45.05 -54.96
CA VAL E 783 -92.88 -46.51 -55.06
C VAL E 783 -94.26 -47.14 -55.03
N LYS E 784 -94.67 -47.67 -56.18
CA LYS E 784 -95.91 -48.43 -56.28
C LYS E 784 -95.65 -49.93 -56.23
N GLN E 785 -94.38 -50.29 -56.05
CA GLN E 785 -93.93 -51.68 -56.15
C GLN E 785 -94.68 -52.63 -55.21
N PHE E 786 -94.94 -52.18 -53.98
CA PHE E 786 -95.64 -53.01 -53.02
C PHE E 786 -97.11 -53.15 -53.40
N PHE E 787 -97.58 -54.39 -53.52
CA PHE E 787 -98.94 -54.65 -53.97
C PHE E 787 -99.91 -54.82 -52.81
N LEU E 788 -101.01 -54.06 -52.85
CA LEU E 788 -102.05 -54.17 -51.83
C LEU E 788 -103.11 -55.19 -52.25
N ASN E 789 -102.99 -55.66 -53.50
CA ASN E 789 -103.92 -56.64 -54.06
C ASN E 789 -105.37 -56.19 -53.97
N GLU E 795 -109.44 -46.03 -51.79
CA GLU E 795 -108.45 -47.04 -51.43
C GLU E 795 -107.21 -46.93 -52.30
N ASP E 796 -106.56 -45.78 -52.27
CA ASP E 796 -105.36 -45.54 -53.07
C ASP E 796 -104.17 -46.31 -52.49
N MET E 797 -103.19 -46.59 -53.35
CA MET E 797 -102.00 -47.31 -52.93
C MET E 797 -101.10 -46.43 -52.05
N GLU E 798 -100.77 -46.94 -50.86
CA GLU E 798 -99.93 -46.21 -49.93
C GLU E 798 -98.80 -47.09 -49.38
N VAL E 799 -97.57 -46.68 -49.64
CA VAL E 799 -96.40 -47.43 -49.18
C VAL E 799 -95.55 -46.58 -48.24
N ILE E 800 -95.49 -46.98 -46.98
CA ILE E 800 -94.71 -46.26 -45.98
C ILE E 800 -93.24 -46.63 -46.03
N VAL E 801 -92.38 -45.66 -45.73
CA VAL E 801 -90.94 -45.89 -45.70
C VAL E 801 -90.37 -45.57 -44.33
N LYS E 802 -89.80 -46.58 -43.67
CA LYS E 802 -89.26 -46.41 -42.33
C LYS E 802 -87.91 -45.68 -42.35
N CYS E 803 -86.92 -46.33 -42.94
CA CYS E 803 -85.56 -45.79 -42.96
C CYS E 803 -84.90 -45.92 -44.32
N CYS E 804 -83.80 -45.21 -44.50
CA CYS E 804 -83.03 -45.26 -45.75
C CYS E 804 -81.55 -45.44 -45.44
N SER E 805 -80.96 -46.52 -45.94
CA SER E 805 -79.55 -46.81 -45.70
C SER E 805 -78.75 -46.86 -47.00
N TRP E 806 -77.68 -46.09 -47.07
CA TRP E 806 -76.84 -46.04 -48.26
C TRP E 806 -75.95 -47.29 -48.38
N SER E 807 -75.81 -47.78 -49.60
CA SER E 807 -74.95 -48.93 -49.86
C SER E 807 -73.47 -48.55 -49.79
N ALA E 808 -72.61 -49.55 -49.60
CA ALA E 808 -71.17 -49.31 -49.50
C ALA E 808 -70.61 -48.80 -50.82
N ASP E 809 -71.28 -49.12 -51.92
CA ASP E 809 -70.85 -48.68 -53.25
C ASP E 809 -71.03 -47.18 -53.42
N GLY E 810 -71.98 -46.61 -52.69
CA GLY E 810 -72.27 -45.19 -52.77
C GLY E 810 -73.22 -44.86 -53.90
N ALA E 811 -73.94 -45.88 -54.37
CA ALA E 811 -74.88 -45.71 -55.47
C ALA E 811 -76.26 -46.23 -55.10
N ARG E 812 -76.35 -47.54 -54.85
CA ARG E 812 -77.61 -48.18 -54.52
C ARG E 812 -78.18 -47.68 -53.19
N ILE E 813 -79.48 -47.79 -53.03
CA ILE E 813 -80.15 -47.38 -51.81
C ILE E 813 -80.95 -48.52 -51.21
N MET E 814 -80.57 -48.96 -50.02
CA MET E 814 -81.26 -50.04 -49.32
C MET E 814 -82.34 -49.50 -48.39
N VAL E 815 -83.58 -49.90 -48.65
CA VAL E 815 -84.71 -49.47 -47.83
C VAL E 815 -85.59 -50.65 -47.45
N ALA E 816 -86.50 -50.43 -46.51
CA ALA E 816 -87.44 -51.48 -46.11
C ALA E 816 -88.86 -50.91 -46.05
N ALA E 817 -89.76 -51.49 -46.84
CA ALA E 817 -91.13 -51.00 -46.92
C ALA E 817 -92.14 -52.09 -46.60
N LYS E 818 -93.10 -51.75 -45.73
CA LYS E 818 -94.16 -52.67 -45.33
C LYS E 818 -93.62 -54.01 -44.84
N ASN E 819 -93.99 -55.07 -45.53
CA ASN E 819 -93.59 -56.42 -45.14
C ASN E 819 -92.35 -56.92 -45.86
N LYS E 820 -91.74 -56.07 -46.70
CA LYS E 820 -90.62 -56.52 -47.52
C LYS E 820 -89.44 -55.53 -47.53
N ILE E 821 -88.30 -56.01 -48.01
CA ILE E 821 -87.11 -55.18 -48.15
C ILE E 821 -86.88 -54.85 -49.62
N PHE E 822 -86.58 -53.59 -49.92
CA PHE E 822 -86.39 -53.15 -51.30
C PHE E 822 -85.01 -52.53 -51.53
N LEU E 823 -84.39 -52.90 -52.63
CA LEU E 823 -83.11 -52.35 -53.03
C LEU E 823 -83.26 -51.53 -54.32
N PHE E 824 -83.05 -50.22 -54.20
CA PHE E 824 -83.28 -49.30 -55.32
C PHE E 824 -81.99 -48.88 -56.00
N ASP E 825 -82.06 -48.68 -57.31
CA ASP E 825 -80.93 -48.16 -58.08
C ASP E 825 -81.24 -46.74 -58.52
N ILE E 826 -80.33 -45.81 -58.21
CA ILE E 826 -80.53 -44.41 -58.54
C ILE E 826 -80.46 -44.16 -60.04
N HIS E 827 -79.77 -45.04 -60.75
CA HIS E 827 -79.61 -44.90 -62.20
C HIS E 827 -80.91 -45.24 -62.93
N THR E 828 -81.47 -46.40 -62.62
CA THR E 828 -82.70 -46.85 -63.27
C THR E 828 -83.94 -46.22 -62.63
N SER E 829 -83.79 -45.73 -61.41
CA SER E 829 -84.86 -45.06 -60.66
C SER E 829 -86.01 -45.99 -60.29
N GLY E 830 -85.97 -47.23 -60.77
CA GLY E 830 -87.00 -48.20 -60.49
C GLY E 830 -86.61 -49.16 -59.39
N LEU E 831 -87.09 -50.40 -59.48
CA LEU E 831 -86.77 -51.41 -58.48
C LEU E 831 -85.70 -52.35 -59.01
N LEU E 832 -84.50 -52.24 -58.44
CA LEU E 832 -83.37 -53.07 -58.87
C LEU E 832 -83.40 -54.46 -58.25
N GLY E 833 -83.72 -54.53 -56.96
CA GLY E 833 -83.71 -55.80 -56.26
C GLY E 833 -84.70 -55.88 -55.12
N GLU E 834 -85.03 -57.10 -54.72
CA GLU E 834 -86.02 -57.32 -53.67
C GLU E 834 -85.59 -58.42 -52.70
N ILE E 835 -85.65 -58.11 -51.41
CA ILE E 835 -85.30 -59.07 -50.38
C ILE E 835 -86.52 -59.41 -49.51
N HIS E 836 -86.79 -60.70 -49.37
CA HIS E 836 -87.96 -61.17 -48.63
C HIS E 836 -87.76 -61.05 -47.11
N THR E 837 -88.84 -60.77 -46.41
CA THR E 837 -88.83 -60.66 -44.95
C THR E 837 -89.79 -61.69 -44.37
N GLY E 838 -89.49 -62.19 -43.18
CA GLY E 838 -90.25 -63.27 -42.57
C GLY E 838 -91.74 -63.03 -42.41
N HIS E 839 -92.52 -63.95 -42.98
CA HIS E 839 -93.98 -63.95 -42.90
C HIS E 839 -94.64 -62.63 -43.30
N HIS E 840 -95.70 -62.26 -42.58
CA HIS E 840 -96.46 -61.05 -42.86
C HIS E 840 -96.07 -59.88 -41.96
N SER E 841 -95.10 -60.11 -41.08
CA SER E 841 -94.71 -59.12 -40.08
C SER E 841 -94.16 -57.84 -40.72
N THR E 842 -94.58 -56.70 -40.17
CA THR E 842 -94.18 -55.40 -40.69
C THR E 842 -92.79 -55.02 -40.18
N ILE E 843 -91.96 -54.47 -41.06
CA ILE E 843 -90.60 -54.10 -40.70
C ILE E 843 -90.56 -52.77 -39.93
N GLN E 844 -90.04 -52.83 -38.71
CA GLN E 844 -89.93 -51.65 -37.86
C GLN E 844 -88.70 -50.81 -38.18
N TYR E 845 -87.57 -51.48 -38.42
CA TYR E 845 -86.31 -50.78 -38.66
C TYR E 845 -85.38 -51.58 -39.56
N CYS E 846 -84.47 -50.88 -40.23
CA CYS E 846 -83.52 -51.54 -41.13
C CYS E 846 -82.16 -50.84 -41.11
N ASP E 847 -81.09 -51.62 -41.31
CA ASP E 847 -79.74 -51.07 -41.40
C ASP E 847 -78.87 -51.99 -42.26
N PHE E 848 -77.86 -51.41 -42.90
CA PHE E 848 -76.99 -52.15 -43.79
C PHE E 848 -75.52 -51.99 -43.43
N SER E 849 -74.77 -53.09 -43.49
CA SER E 849 -73.35 -53.08 -43.19
C SER E 849 -72.50 -53.03 -44.45
N PRO E 850 -71.53 -52.10 -44.49
CA PRO E 850 -70.65 -51.93 -45.65
C PRO E 850 -69.78 -53.16 -45.91
N GLN E 851 -69.43 -53.89 -44.84
CA GLN E 851 -68.64 -55.10 -44.97
C GLN E 851 -69.53 -56.33 -45.05
N ASN E 852 -69.15 -57.28 -45.90
CA ASN E 852 -69.85 -58.55 -46.07
C ASN E 852 -71.26 -58.41 -46.66
N HIS E 853 -71.67 -57.17 -46.88
CA HIS E 853 -72.99 -56.84 -47.45
C HIS E 853 -74.14 -57.38 -46.59
N LEU E 854 -73.87 -57.54 -45.29
CA LEU E 854 -74.89 -57.99 -44.36
C LEU E 854 -75.81 -56.84 -43.96
N ALA E 855 -77.04 -57.17 -43.58
CA ALA E 855 -78.01 -56.17 -43.16
C ALA E 855 -78.87 -56.65 -42.01
N VAL E 856 -79.07 -55.79 -41.02
CA VAL E 856 -79.92 -56.14 -39.87
C VAL E 856 -81.28 -55.48 -39.97
N VAL E 857 -82.31 -56.19 -39.50
CA VAL E 857 -83.67 -55.71 -39.57
C VAL E 857 -84.43 -55.94 -38.26
N ALA E 858 -84.97 -54.88 -37.69
CA ALA E 858 -85.86 -54.99 -36.54
C ALA E 858 -87.28 -55.18 -37.03
N LEU E 859 -87.86 -56.33 -36.74
CA LEU E 859 -89.13 -56.72 -37.33
C LEU E 859 -90.28 -56.70 -36.33
N SER E 860 -90.32 -57.69 -35.45
CA SER E 860 -91.38 -57.77 -34.45
C SER E 860 -90.90 -58.46 -33.18
N GLN E 861 -91.38 -57.97 -32.03
CA GLN E 861 -91.08 -58.56 -30.73
C GLN E 861 -89.59 -58.72 -30.48
N TYR E 862 -88.90 -57.58 -30.32
CA TYR E 862 -87.48 -57.52 -29.98
C TYR E 862 -86.59 -58.46 -30.81
N CYS E 863 -86.96 -58.64 -32.07
CA CYS E 863 -86.21 -59.54 -32.95
C CYS E 863 -85.38 -58.79 -33.98
N VAL E 864 -84.06 -58.87 -33.83
CA VAL E 864 -83.16 -58.28 -34.81
C VAL E 864 -82.60 -59.40 -35.69
N GLU E 865 -83.03 -59.42 -36.95
CA GLU E 865 -82.65 -60.50 -37.85
C GLU E 865 -81.58 -60.07 -38.86
N LEU E 866 -80.54 -60.88 -38.98
CA LEU E 866 -79.44 -60.58 -39.90
C LEU E 866 -79.57 -61.37 -41.20
N TRP E 867 -79.71 -60.65 -42.30
CA TRP E 867 -79.86 -61.23 -43.63
C TRP E 867 -78.73 -60.80 -44.55
N ASN E 868 -78.51 -61.57 -45.62
CA ASN E 868 -77.48 -61.24 -46.58
C ASN E 868 -78.11 -60.84 -47.92
N THR E 869 -77.47 -59.92 -48.63
CA THR E 869 -77.96 -59.47 -49.93
C THR E 869 -77.71 -60.51 -51.01
N ASP E 870 -78.62 -60.57 -51.99
CA ASP E 870 -78.54 -61.54 -53.08
C ASP E 870 -78.45 -62.96 -52.54
N SER E 871 -79.17 -63.23 -51.46
CA SER E 871 -79.13 -64.52 -50.79
C SER E 871 -80.53 -65.09 -50.59
N ARG E 872 -81.35 -64.36 -49.83
CA ARG E 872 -82.70 -64.77 -49.47
C ARG E 872 -82.66 -66.04 -48.62
N SER E 873 -81.61 -66.18 -47.82
CA SER E 873 -81.47 -67.27 -46.88
C SER E 873 -81.14 -66.71 -45.50
N LYS E 874 -81.65 -67.36 -44.45
CA LYS E 874 -81.47 -66.87 -43.09
C LYS E 874 -80.01 -66.98 -42.66
N VAL E 875 -79.45 -65.86 -42.24
CA VAL E 875 -78.06 -65.82 -41.81
C VAL E 875 -77.94 -65.87 -40.30
N ALA E 876 -78.44 -64.84 -39.62
CA ALA E 876 -78.34 -64.79 -38.16
C ALA E 876 -79.60 -64.25 -37.49
N ASP E 877 -79.70 -64.47 -36.19
CA ASP E 877 -80.82 -63.97 -35.40
C ASP E 877 -80.34 -63.52 -34.02
N CYS E 878 -80.79 -62.35 -33.57
CA CYS E 878 -80.34 -61.79 -32.31
C CYS E 878 -81.39 -61.91 -31.21
N ARG E 879 -81.03 -62.57 -30.12
CA ARG E 879 -81.92 -62.74 -28.97
C ARG E 879 -81.19 -62.44 -27.67
N GLY E 880 -81.96 -62.33 -26.59
CA GLY E 880 -81.39 -62.03 -25.28
C GLY E 880 -81.69 -60.61 -24.82
N HIS E 881 -82.43 -59.88 -25.64
CA HIS E 881 -82.84 -58.52 -25.28
C HIS E 881 -83.91 -58.54 -24.19
N LEU E 882 -83.88 -57.50 -23.36
CA LEU E 882 -84.97 -57.23 -22.42
C LEU E 882 -86.27 -56.78 -23.16
N SER E 883 -86.14 -55.95 -24.21
CA SER E 883 -87.30 -55.39 -24.98
C SER E 883 -87.16 -55.22 -26.52
N TRP E 884 -88.27 -54.96 -27.25
CA TRP E 884 -88.24 -54.83 -28.69
C TRP E 884 -87.30 -53.67 -29.04
N VAL E 885 -86.35 -54.01 -29.91
CA VAL E 885 -85.28 -53.10 -30.20
C VAL E 885 -85.74 -51.83 -30.81
N HIS E 886 -85.38 -50.76 -30.12
CA HIS E 886 -85.71 -49.46 -30.61
C HIS E 886 -84.89 -49.29 -31.86
N GLY E 887 -83.63 -49.72 -31.79
CA GLY E 887 -82.81 -49.61 -32.98
C GLY E 887 -81.43 -50.21 -32.83
N VAL E 888 -80.81 -50.56 -33.95
CA VAL E 888 -79.48 -51.16 -33.96
C VAL E 888 -78.60 -50.55 -35.04
N MET E 889 -77.29 -50.59 -34.82
CA MET E 889 -76.33 -50.02 -35.76
C MET E 889 -75.12 -50.93 -35.93
N PHE E 890 -74.29 -50.63 -36.92
CA PHE E 890 -73.05 -51.38 -37.13
C PHE E 890 -71.83 -50.58 -36.70
N SER E 891 -70.81 -51.28 -36.19
CA SER E 891 -69.52 -50.66 -35.95
C SER E 891 -68.66 -50.85 -37.20
N PRO E 892 -68.36 -49.75 -37.92
CA PRO E 892 -67.70 -49.92 -39.21
C PRO E 892 -66.22 -50.30 -39.11
N ASP E 893 -65.92 -51.29 -38.27
CA ASP E 893 -64.63 -51.97 -38.32
C ASP E 893 -64.83 -53.30 -39.06
N GLY E 894 -66.08 -53.58 -39.41
CA GLY E 894 -66.45 -54.83 -40.03
C GLY E 894 -66.58 -55.96 -39.02
N SER E 895 -66.09 -55.73 -37.81
CA SER E 895 -66.03 -56.77 -36.79
C SER E 895 -67.34 -57.02 -36.04
N SER E 896 -68.03 -55.95 -35.66
CA SER E 896 -69.18 -56.09 -34.76
C SER E 896 -70.24 -55.00 -34.93
N PHE E 897 -71.30 -55.10 -34.14
CA PHE E 897 -72.42 -54.15 -34.21
C PHE E 897 -72.98 -53.82 -32.83
N LEU E 898 -73.73 -52.73 -32.74
CA LEU E 898 -74.31 -52.29 -31.49
C LEU E 898 -75.84 -52.42 -31.49
N THR E 899 -76.40 -52.72 -30.32
CA THR E 899 -77.84 -52.85 -30.17
C THR E 899 -78.39 -51.91 -29.09
N SER E 900 -79.54 -51.33 -29.35
CA SER E 900 -80.19 -50.42 -28.42
C SER E 900 -81.70 -50.70 -28.35
N SER E 901 -82.21 -50.85 -27.12
CA SER E 901 -83.59 -51.25 -26.91
C SER E 901 -84.29 -50.35 -25.90
N ASP E 902 -85.51 -50.71 -25.53
CA ASP E 902 -86.28 -49.98 -24.53
C ASP E 902 -85.90 -50.44 -23.12
N ASP E 903 -84.92 -51.33 -23.06
CA ASP E 903 -84.41 -51.84 -21.79
C ASP E 903 -83.41 -50.87 -21.19
N GLN E 904 -83.24 -49.74 -21.87
CA GLN E 904 -82.44 -48.61 -21.39
C GLN E 904 -80.96 -48.94 -21.35
N THR E 905 -80.53 -49.89 -22.17
CA THR E 905 -79.15 -50.36 -22.13
C THR E 905 -78.54 -50.48 -23.51
N ILE E 906 -77.33 -49.95 -23.68
CA ILE E 906 -76.61 -50.06 -24.94
C ILE E 906 -75.68 -51.27 -24.91
N ARG E 907 -75.78 -52.13 -25.92
CA ARG E 907 -74.97 -53.35 -25.94
C ARG E 907 -74.08 -53.47 -27.18
N LEU E 908 -72.97 -54.17 -27.00
CA LEU E 908 -72.05 -54.48 -28.09
C LEU E 908 -72.07 -55.98 -28.37
N TRP E 909 -72.42 -56.33 -29.61
CA TRP E 909 -72.55 -57.72 -30.04
C TRP E 909 -71.64 -58.02 -31.23
N GLU E 910 -71.18 -59.27 -31.31
CA GLU E 910 -70.31 -59.71 -32.40
C GLU E 910 -71.13 -60.28 -33.55
N THR E 911 -70.71 -59.98 -34.78
CA THR E 911 -71.42 -60.42 -35.96
C THR E 911 -71.33 -61.94 -36.17
N LYS E 912 -70.11 -62.46 -36.14
CA LYS E 912 -69.87 -63.88 -36.43
C LYS E 912 -70.29 -64.80 -35.29
N LYS E 913 -70.31 -64.26 -34.07
CA LYS E 913 -70.61 -65.05 -32.88
C LYS E 913 -72.11 -65.31 -32.73
N VAL E 914 -72.92 -64.29 -32.99
CA VAL E 914 -74.37 -64.39 -32.89
C VAL E 914 -74.91 -65.26 -34.03
N CYS E 915 -74.15 -65.33 -35.13
CA CYS E 915 -74.53 -66.09 -36.30
C CYS E 915 -74.91 -67.55 -36.00
N LYS E 916 -74.24 -68.14 -35.01
CA LYS E 916 -74.53 -69.50 -34.60
C LYS E 916 -75.76 -69.55 -33.69
N ASN E 917 -76.75 -70.33 -34.10
CA ASN E 917 -77.99 -70.45 -33.33
C ASN E 917 -78.33 -71.91 -33.00
N SER E 918 -78.75 -72.13 -31.76
CA SER E 918 -79.08 -73.48 -31.30
C SER E 918 -80.56 -73.80 -31.51
N ALA E 919 -81.32 -72.80 -31.93
CA ALA E 919 -82.77 -72.94 -32.18
C ALA E 919 -83.52 -73.49 -30.97
N VAL E 920 -83.29 -72.88 -29.81
CA VAL E 920 -83.95 -73.28 -28.57
C VAL E 920 -85.21 -72.46 -28.33
N MET E 921 -85.55 -71.61 -29.30
CA MET E 921 -86.66 -70.67 -29.19
C MET E 921 -87.99 -71.32 -28.82
N LEU E 922 -88.69 -70.73 -27.86
CA LEU E 922 -89.99 -71.19 -27.42
C LEU E 922 -90.94 -69.99 -27.43
N LYS E 923 -92.12 -70.12 -28.03
CA LYS E 923 -92.92 -68.92 -28.25
C LYS E 923 -93.76 -68.49 -27.04
N GLN E 924 -94.92 -69.11 -26.86
CA GLN E 924 -95.83 -68.71 -25.79
C GLN E 924 -95.88 -69.63 -24.56
N GLU E 925 -95.23 -70.79 -24.64
CA GLU E 925 -95.53 -71.82 -23.65
C GLU E 925 -94.40 -72.83 -23.39
N VAL E 926 -94.36 -73.30 -22.14
CA VAL E 926 -93.57 -74.48 -21.79
C VAL E 926 -94.47 -75.47 -21.05
N ASP E 927 -94.19 -76.76 -21.19
CA ASP E 927 -95.03 -77.79 -20.59
C ASP E 927 -94.25 -78.70 -19.65
N VAL E 928 -94.67 -78.74 -18.39
CA VAL E 928 -94.02 -79.59 -17.40
C VAL E 928 -94.55 -81.02 -17.46
N VAL E 929 -93.67 -81.98 -17.19
CA VAL E 929 -94.04 -83.39 -17.17
C VAL E 929 -93.71 -83.97 -15.80
N PHE E 930 -94.56 -84.88 -15.30
CA PHE E 930 -94.33 -85.44 -13.98
C PHE E 930 -94.13 -86.96 -14.04
N GLN E 931 -92.91 -87.40 -13.74
CA GLN E 931 -92.62 -88.82 -13.60
C GLN E 931 -92.32 -89.13 -12.13
N GLU E 932 -93.26 -89.80 -11.45
CA GLU E 932 -93.20 -89.96 -10.01
C GLU E 932 -92.89 -88.64 -9.33
N ASN E 933 -91.82 -88.60 -8.54
CA ASN E 933 -91.37 -87.37 -7.91
C ASN E 933 -90.56 -86.49 -8.88
N GLU E 934 -89.81 -87.15 -9.75
CA GLU E 934 -88.94 -86.47 -10.71
C GLU E 934 -89.74 -85.68 -11.76
N VAL E 935 -89.19 -84.56 -12.20
CA VAL E 935 -89.83 -83.72 -13.20
C VAL E 935 -89.12 -83.84 -14.55
N MET E 936 -89.89 -83.82 -15.63
CA MET E 936 -89.35 -83.90 -16.98
C MET E 936 -89.79 -82.66 -17.78
N VAL E 937 -89.08 -82.37 -18.86
CA VAL E 937 -89.34 -81.15 -19.61
C VAL E 937 -89.95 -81.42 -20.99
N LEU E 938 -91.08 -80.78 -21.28
CA LEU E 938 -91.68 -80.83 -22.61
C LEU E 938 -91.80 -79.43 -23.19
N ALA E 939 -91.03 -79.16 -24.25
CA ALA E 939 -91.00 -77.83 -24.84
C ALA E 939 -91.75 -77.81 -26.18
N VAL E 940 -92.36 -76.67 -26.50
CA VAL E 940 -93.01 -76.51 -27.79
C VAL E 940 -92.06 -75.83 -28.78
N ASP E 941 -91.62 -76.59 -29.78
CA ASP E 941 -90.58 -76.13 -30.70
C ASP E 941 -91.04 -74.96 -31.55
N HIS E 942 -90.11 -74.05 -31.83
CA HIS E 942 -90.38 -72.89 -32.66
C HIS E 942 -90.67 -73.28 -34.11
N ILE E 943 -89.80 -74.10 -34.68
CA ILE E 943 -89.87 -74.44 -36.09
C ILE E 943 -91.12 -75.22 -36.48
N ARG E 944 -91.33 -76.39 -35.87
CA ARG E 944 -92.45 -77.24 -36.28
C ARG E 944 -93.42 -77.61 -35.17
N ARG E 945 -93.04 -78.56 -34.31
CA ARG E 945 -93.97 -79.00 -33.26
C ARG E 945 -93.40 -78.88 -31.85
N LEU E 946 -92.52 -79.80 -31.47
CA LEU E 946 -92.06 -79.83 -30.09
C LEU E 946 -90.71 -80.52 -29.89
N GLN E 947 -90.09 -80.24 -28.75
CA GLN E 947 -88.84 -80.88 -28.36
C GLN E 947 -88.97 -81.47 -26.96
N LEU E 948 -88.64 -82.74 -26.82
CA LEU E 948 -88.74 -83.43 -25.54
C LEU E 948 -87.39 -83.46 -24.82
N ILE E 949 -87.33 -82.82 -23.66
CA ILE E 949 -86.11 -82.78 -22.87
C ILE E 949 -86.22 -83.61 -21.61
N ASN E 950 -85.41 -84.66 -21.53
CA ASN E 950 -85.39 -85.55 -20.37
C ASN E 950 -84.66 -84.88 -19.21
N GLY E 951 -85.10 -85.18 -17.99
CA GLY E 951 -84.55 -84.55 -16.81
C GLY E 951 -83.16 -85.03 -16.41
N ARG E 952 -82.34 -84.09 -15.96
CA ARG E 952 -80.99 -84.37 -15.45
C ARG E 952 -80.09 -85.08 -16.46
N THR E 953 -80.37 -84.85 -17.75
CA THR E 953 -79.55 -85.43 -18.82
C THR E 953 -79.70 -84.64 -20.10
N GLY E 954 -78.76 -84.83 -21.02
CA GLY E 954 -78.76 -84.11 -22.28
C GLY E 954 -79.54 -84.80 -23.39
N GLN E 955 -80.44 -85.70 -23.00
CA GLN E 955 -81.26 -86.42 -23.97
C GLN E 955 -82.38 -85.55 -24.51
N ILE E 956 -82.41 -85.38 -25.84
CA ILE E 956 -83.41 -84.55 -26.48
C ILE E 956 -84.05 -85.28 -27.67
N ASP E 957 -85.37 -85.41 -27.66
CA ASP E 957 -86.10 -86.05 -28.75
C ASP E 957 -86.93 -85.03 -29.51
N TYR E 958 -86.53 -84.75 -30.75
CA TYR E 958 -87.21 -83.74 -31.56
C TYR E 958 -88.40 -84.31 -32.32
N LEU E 959 -89.57 -83.74 -32.08
CA LEU E 959 -90.79 -84.16 -32.78
C LEU E 959 -91.30 -83.07 -33.70
N THR E 960 -91.44 -83.41 -34.98
CA THR E 960 -91.83 -82.45 -36.01
C THR E 960 -93.20 -82.75 -36.64
N GLU E 961 -94.07 -81.75 -36.57
CA GLU E 961 -95.40 -81.81 -37.20
C GLU E 961 -95.81 -80.41 -37.64
N ALA E 962 -97.08 -80.27 -38.02
CA ALA E 962 -97.62 -78.97 -38.42
C ALA E 962 -97.60 -77.99 -37.24
N GLN E 963 -97.61 -76.70 -37.56
CA GLN E 963 -97.55 -75.65 -36.54
C GLN E 963 -98.71 -75.74 -35.56
N VAL E 964 -98.44 -75.39 -34.29
CA VAL E 964 -99.46 -75.45 -33.25
C VAL E 964 -99.68 -74.09 -32.59
N SER E 965 -100.93 -73.76 -32.31
CA SER E 965 -101.25 -72.52 -31.62
C SER E 965 -101.03 -72.66 -30.12
N CYS E 966 -101.43 -73.80 -29.57
CA CYS E 966 -101.27 -74.06 -28.14
C CYS E 966 -101.18 -75.56 -27.86
N CYS E 967 -100.59 -75.90 -26.73
CA CYS E 967 -100.42 -77.31 -26.35
C CYS E 967 -100.83 -77.54 -24.89
N CYS E 968 -101.41 -78.71 -24.64
CA CYS E 968 -101.85 -79.08 -23.30
C CYS E 968 -101.61 -80.55 -23.01
N LEU E 969 -101.10 -80.83 -21.80
CA LEU E 969 -100.79 -82.20 -21.39
C LEU E 969 -101.94 -82.80 -20.59
N SER E 970 -102.20 -84.08 -20.83
CA SER E 970 -103.32 -84.77 -20.19
C SER E 970 -102.92 -85.40 -18.85
N PRO E 971 -103.86 -85.49 -17.90
CA PRO E 971 -103.64 -86.21 -16.65
C PRO E 971 -103.50 -87.71 -16.92
N HIS E 972 -102.76 -88.42 -16.06
CA HIS E 972 -102.44 -89.84 -16.24
C HIS E 972 -101.51 -90.04 -17.44
N LEU E 973 -101.17 -88.94 -18.11
CA LEU E 973 -100.33 -88.91 -19.29
C LEU E 973 -100.85 -89.80 -20.42
N GLN E 974 -99.92 -90.46 -21.11
CA GLN E 974 -100.23 -91.37 -22.22
C GLN E 974 -100.88 -90.68 -23.42
N TYR E 975 -101.28 -89.42 -23.23
CA TYR E 975 -101.98 -88.66 -24.26
C TYR E 975 -101.50 -87.21 -24.29
N ILE E 976 -101.86 -86.49 -25.35
CA ILE E 976 -101.60 -85.05 -25.42
C ILE E 976 -102.69 -84.38 -26.25
N ALA E 977 -103.08 -83.17 -25.85
CA ALA E 977 -104.14 -82.45 -26.56
C ALA E 977 -103.70 -81.02 -26.88
N PHE E 978 -103.61 -80.71 -28.17
CA PHE E 978 -103.11 -79.42 -28.59
C PHE E 978 -103.98 -78.74 -29.64
N GLY E 979 -104.21 -77.44 -29.47
CA GLY E 979 -104.93 -76.65 -30.45
C GLY E 979 -103.99 -76.08 -31.50
N ASP E 980 -104.50 -75.92 -32.71
CA ASP E 980 -103.69 -75.40 -33.82
C ASP E 980 -104.20 -74.06 -34.30
N GLU E 981 -103.53 -73.51 -35.31
CA GLU E 981 -103.95 -72.25 -35.92
C GLU E 981 -104.92 -72.53 -37.06
N ASN E 982 -105.10 -73.81 -37.37
CA ASN E 982 -106.03 -74.22 -38.41
C ASN E 982 -107.45 -74.34 -37.87
N GLY E 983 -107.60 -74.15 -36.56
CA GLY E 983 -108.91 -74.18 -35.93
C GLY E 983 -109.17 -75.42 -35.10
N ALA E 984 -110.22 -75.33 -34.28
CA ALA E 984 -110.66 -76.42 -33.41
C ALA E 984 -109.58 -76.96 -32.49
N ILE E 985 -109.55 -78.28 -32.32
CA ILE E 985 -108.65 -78.93 -31.37
C ILE E 985 -108.15 -80.26 -31.95
N GLU E 986 -106.86 -80.54 -31.81
CA GLU E 986 -106.31 -81.81 -32.25
C GLU E 986 -105.79 -82.63 -31.07
N ILE E 987 -106.30 -83.86 -30.94
CA ILE E 987 -105.88 -84.76 -29.88
C ILE E 987 -104.99 -85.87 -30.44
N LEU E 988 -103.83 -86.06 -29.83
CA LEU E 988 -102.87 -87.05 -30.32
C LEU E 988 -102.39 -87.94 -29.18
N GLU E 989 -102.09 -89.20 -29.50
CA GLU E 989 -101.62 -90.16 -28.52
C GLU E 989 -100.10 -90.25 -28.48
N LEU E 990 -99.54 -90.18 -27.28
CA LEU E 990 -98.09 -90.20 -27.09
C LEU E 990 -97.47 -91.51 -27.56
N VAL E 991 -98.27 -92.58 -27.55
CA VAL E 991 -97.79 -93.89 -27.97
C VAL E 991 -97.58 -93.93 -29.48
N ASN E 992 -98.59 -93.52 -30.23
CA ASN E 992 -98.50 -93.46 -31.69
C ASN E 992 -98.91 -92.08 -32.23
N ASN E 993 -97.97 -91.42 -32.91
CA ASN E 993 -98.22 -90.09 -33.44
C ASN E 993 -99.07 -90.12 -34.70
N ARG E 994 -99.21 -91.30 -35.30
CA ARG E 994 -99.99 -91.44 -36.52
C ARG E 994 -101.49 -91.45 -36.22
N ILE E 995 -101.84 -91.75 -34.97
CA ILE E 995 -103.24 -91.79 -34.57
C ILE E 995 -103.64 -90.47 -33.90
N PHE E 996 -104.63 -89.80 -34.50
CA PHE E 996 -105.10 -88.52 -33.96
C PHE E 996 -106.60 -88.34 -34.22
N GLN E 997 -107.25 -87.57 -33.34
CA GLN E 997 -108.67 -87.31 -33.45
C GLN E 997 -108.97 -85.81 -33.35
N SER E 998 -109.83 -85.32 -34.25
CA SER E 998 -110.21 -83.91 -34.26
C SER E 998 -111.61 -83.73 -34.83
N ARG E 999 -112.31 -82.70 -34.34
CA ARG E 999 -113.63 -82.36 -34.83
C ARG E 999 -113.78 -80.85 -34.98
N PHE E 1000 -114.51 -80.41 -35.99
CA PHE E 1000 -114.62 -78.99 -36.29
C PHE E 1000 -115.83 -78.34 -35.62
N GLN E 1001 -115.56 -77.49 -34.64
CA GLN E 1001 -116.61 -76.73 -33.94
C GLN E 1001 -116.00 -75.47 -33.34
N HIS E 1002 -116.83 -74.44 -33.16
CA HIS E 1002 -116.38 -73.17 -32.57
C HIS E 1002 -115.23 -72.55 -33.36
N LYS E 1003 -115.56 -72.00 -34.52
CA LYS E 1003 -114.59 -71.44 -35.45
C LYS E 1003 -113.62 -70.44 -34.82
N LYS E 1004 -114.04 -69.79 -33.74
CA LYS E 1004 -113.20 -68.82 -33.05
C LYS E 1004 -112.00 -69.50 -32.40
N THR E 1005 -110.97 -68.72 -32.12
CA THR E 1005 -109.71 -69.23 -31.57
C THR E 1005 -109.91 -69.95 -30.24
N VAL E 1006 -109.41 -71.18 -30.17
CA VAL E 1006 -109.51 -71.98 -28.96
C VAL E 1006 -108.42 -71.60 -27.96
N TRP E 1007 -108.82 -71.34 -26.72
CA TRP E 1007 -107.87 -70.91 -25.69
C TRP E 1007 -107.53 -72.03 -24.71
N HIS E 1008 -108.51 -72.44 -23.92
CA HIS E 1008 -108.27 -73.43 -22.88
C HIS E 1008 -108.87 -74.80 -23.24
N ILE E 1009 -108.08 -75.85 -23.03
CA ILE E 1009 -108.50 -77.21 -23.35
C ILE E 1009 -108.23 -78.14 -22.16
N GLN E 1010 -109.26 -78.78 -21.63
CA GLN E 1010 -109.04 -79.65 -20.48
C GLN E 1010 -109.89 -80.92 -20.47
N PHE E 1011 -109.25 -82.04 -20.17
CA PHE E 1011 -109.92 -83.30 -19.91
C PHE E 1011 -110.53 -83.32 -18.51
N THR E 1012 -111.49 -84.21 -18.29
CA THR E 1012 -112.07 -84.41 -16.97
C THR E 1012 -111.12 -85.20 -16.08
N ALA E 1013 -111.61 -85.61 -14.91
CA ALA E 1013 -110.82 -86.41 -13.98
C ALA E 1013 -110.31 -87.69 -14.63
N ASP E 1014 -111.10 -88.22 -15.55
CA ASP E 1014 -110.70 -89.41 -16.30
C ASP E 1014 -110.02 -89.00 -17.61
N GLU E 1015 -109.77 -89.97 -18.48
CA GLU E 1015 -109.12 -89.71 -19.75
C GLU E 1015 -110.12 -89.40 -20.85
N LYS E 1016 -111.40 -89.36 -20.48
CA LYS E 1016 -112.47 -89.13 -21.45
C LYS E 1016 -113.19 -87.81 -21.19
N THR E 1017 -114.23 -87.56 -21.98
CA THR E 1017 -115.08 -86.38 -21.84
C THR E 1017 -114.27 -85.09 -21.99
N LEU E 1018 -113.85 -84.80 -23.21
CA LEU E 1018 -113.15 -83.56 -23.52
C LEU E 1018 -113.98 -82.32 -23.22
N ILE E 1019 -113.40 -81.40 -22.44
CA ILE E 1019 -114.04 -80.12 -22.18
C ILE E 1019 -113.23 -79.00 -22.82
N SER E 1020 -113.85 -78.28 -23.75
CA SER E 1020 -113.16 -77.22 -24.48
C SER E 1020 -114.01 -75.97 -24.62
N SER E 1021 -113.33 -74.82 -24.67
CA SER E 1021 -114.01 -73.54 -24.82
C SER E 1021 -113.28 -72.64 -25.81
N SER E 1022 -113.96 -71.56 -26.21
CA SER E 1022 -113.40 -70.59 -27.15
C SER E 1022 -114.02 -69.23 -26.85
N ASP E 1023 -113.82 -68.26 -27.73
CA ASP E 1023 -114.48 -66.98 -27.55
C ASP E 1023 -115.82 -67.02 -28.27
N ASP E 1024 -116.89 -67.09 -27.48
CA ASP E 1024 -118.25 -67.34 -27.97
C ASP E 1024 -119.21 -67.49 -26.79
N ALA E 1025 -120.49 -67.65 -27.12
CA ALA E 1025 -121.51 -67.83 -26.08
C ALA E 1025 -121.71 -69.31 -25.73
N GLU E 1026 -120.92 -70.19 -26.33
CA GLU E 1026 -121.08 -71.62 -26.12
C GLU E 1026 -119.78 -72.33 -25.74
N ILE E 1027 -119.90 -73.28 -24.81
CA ILE E 1027 -118.76 -74.10 -24.40
C ILE E 1027 -119.04 -75.56 -24.78
N GLN E 1028 -118.06 -76.22 -25.40
CA GLN E 1028 -118.30 -77.57 -25.90
C GLN E 1028 -117.78 -78.67 -24.96
N VAL E 1029 -118.63 -79.67 -24.77
CA VAL E 1029 -118.25 -80.91 -24.08
C VAL E 1029 -118.46 -82.07 -25.05
N TRP E 1030 -117.37 -82.72 -25.42
CA TRP E 1030 -117.42 -83.73 -26.47
C TRP E 1030 -116.69 -85.01 -26.08
N ASN E 1031 -117.35 -86.14 -26.34
CA ASN E 1031 -116.82 -87.45 -25.98
C ASN E 1031 -116.24 -88.19 -27.19
N TRP E 1032 -115.00 -88.66 -27.03
CA TRP E 1032 -114.25 -89.32 -28.10
C TRP E 1032 -114.21 -90.84 -27.89
N GLN E 1033 -114.12 -91.59 -29.00
CA GLN E 1033 -114.31 -93.04 -29.05
C GLN E 1033 -115.81 -93.31 -28.92
N LEU E 1034 -116.52 -92.21 -28.77
CA LEU E 1034 -117.96 -92.14 -28.56
C LEU E 1034 -118.53 -91.29 -29.70
N ASP E 1035 -117.97 -90.09 -29.83
CA ASP E 1035 -118.43 -89.03 -30.73
C ASP E 1035 -119.74 -88.46 -30.24
N LYS E 1036 -119.82 -88.29 -28.92
CA LYS E 1036 -120.98 -87.65 -28.31
C LYS E 1036 -120.80 -86.13 -28.27
N CYS E 1037 -121.71 -85.42 -28.92
CA CYS E 1037 -121.65 -83.97 -28.98
C CYS E 1037 -122.61 -83.32 -28.00
N ILE E 1038 -122.07 -82.66 -26.96
CA ILE E 1038 -122.91 -82.00 -25.98
C ILE E 1038 -122.50 -80.54 -25.82
N PHE E 1039 -123.40 -79.64 -26.21
CA PHE E 1039 -123.11 -78.21 -26.17
C PHE E 1039 -123.73 -77.54 -24.95
N LEU E 1040 -122.93 -76.72 -24.27
CA LEU E 1040 -123.39 -76.01 -23.08
C LEU E 1040 -123.44 -74.51 -23.33
N ARG E 1041 -124.65 -73.97 -23.37
CA ARG E 1041 -124.84 -72.54 -23.64
C ARG E 1041 -124.96 -71.74 -22.35
N GLY E 1042 -124.16 -70.68 -22.26
CA GLY E 1042 -124.21 -69.79 -21.11
C GLY E 1042 -125.06 -68.58 -21.37
N HIS E 1043 -125.40 -68.37 -22.64
CA HIS E 1043 -126.22 -67.24 -23.08
C HIS E 1043 -125.64 -65.91 -22.62
N GLN E 1044 -124.46 -65.57 -23.12
CA GLN E 1044 -123.80 -64.31 -22.79
C GLN E 1044 -123.12 -63.72 -24.02
N GLU E 1045 -122.40 -62.63 -23.82
CA GLU E 1045 -121.66 -62.00 -24.90
C GLU E 1045 -120.47 -62.86 -25.31
N THR E 1046 -119.67 -63.25 -24.32
CA THR E 1046 -118.50 -64.08 -24.57
C THR E 1046 -118.07 -64.84 -23.31
N VAL E 1047 -117.28 -65.88 -23.50
CA VAL E 1047 -116.76 -66.67 -22.39
C VAL E 1047 -115.24 -66.80 -22.48
N LYS E 1048 -114.55 -66.55 -21.37
CA LYS E 1048 -113.09 -66.57 -21.38
C LYS E 1048 -112.53 -67.98 -21.25
N ASP E 1049 -112.58 -68.53 -20.04
CA ASP E 1049 -111.94 -69.81 -19.74
C ASP E 1049 -112.66 -70.59 -18.64
N PHE E 1050 -112.05 -71.69 -18.22
CA PHE E 1050 -112.60 -72.51 -17.15
C PHE E 1050 -111.50 -73.26 -16.39
N ARG E 1051 -111.90 -73.98 -15.34
CA ARG E 1051 -110.99 -74.80 -14.55
C ARG E 1051 -111.76 -75.92 -13.87
N LEU E 1052 -111.07 -77.02 -13.56
CA LEU E 1052 -111.67 -78.14 -12.86
C LEU E 1052 -111.27 -78.15 -11.40
N LEU E 1053 -112.26 -78.24 -10.51
CA LEU E 1053 -112.00 -78.27 -9.07
C LEU E 1053 -111.78 -79.71 -8.59
N LYS E 1054 -111.74 -79.88 -7.27
CA LYS E 1054 -111.55 -81.21 -6.68
C LYS E 1054 -112.78 -82.10 -6.89
N ASN E 1055 -113.87 -81.50 -7.36
CA ASN E 1055 -115.09 -82.24 -7.64
C ASN E 1055 -115.40 -82.28 -9.14
N SER E 1056 -116.53 -82.87 -9.49
CA SER E 1056 -116.93 -83.01 -10.89
C SER E 1056 -117.43 -81.67 -11.47
N ARG E 1057 -117.60 -80.69 -10.59
CA ARG E 1057 -118.08 -79.37 -11.01
C ARG E 1057 -117.04 -78.65 -11.86
N LEU E 1058 -117.51 -77.80 -12.77
CA LEU E 1058 -116.62 -77.05 -13.66
C LEU E 1058 -116.73 -75.56 -13.40
N LEU E 1059 -115.67 -74.94 -12.89
CA LEU E 1059 -115.71 -73.53 -12.52
C LEU E 1059 -115.19 -72.65 -13.64
N SER E 1060 -116.08 -71.88 -14.26
CA SER E 1060 -115.73 -71.11 -15.45
C SER E 1060 -115.92 -69.61 -15.28
N TRP E 1061 -115.12 -68.84 -16.02
CA TRP E 1061 -115.18 -67.38 -15.96
C TRP E 1061 -115.14 -66.75 -17.36
N SER E 1062 -115.68 -65.54 -17.46
CA SER E 1062 -115.78 -64.84 -18.74
C SER E 1062 -115.36 -63.37 -18.63
N PHE E 1063 -115.52 -62.64 -19.72
CA PHE E 1063 -115.20 -61.21 -19.76
C PHE E 1063 -116.32 -60.37 -19.16
N ASP E 1064 -117.50 -60.96 -19.00
CA ASP E 1064 -118.67 -60.24 -18.50
C ASP E 1064 -118.73 -60.26 -16.99
N GLY E 1065 -117.74 -60.87 -16.37
CA GLY E 1065 -117.68 -60.96 -14.92
C GLY E 1065 -118.66 -61.99 -14.37
N THR E 1066 -119.04 -62.94 -15.22
CA THR E 1066 -119.98 -63.98 -14.83
C THR E 1066 -119.25 -65.29 -14.53
N VAL E 1067 -119.25 -65.67 -13.26
CA VAL E 1067 -118.62 -66.93 -12.83
C VAL E 1067 -119.67 -68.02 -12.71
N LYS E 1068 -119.52 -69.08 -13.51
CA LYS E 1068 -120.53 -70.13 -13.56
C LYS E 1068 -119.99 -71.49 -13.13
N VAL E 1069 -120.86 -72.30 -12.53
CA VAL E 1069 -120.50 -73.66 -12.14
C VAL E 1069 -121.30 -74.66 -12.96
N TRP E 1070 -120.62 -75.38 -13.85
CA TRP E 1070 -121.27 -76.33 -14.74
C TRP E 1070 -121.05 -77.77 -14.30
N ASN E 1071 -121.62 -78.70 -15.05
CA ASN E 1071 -121.45 -80.13 -14.79
C ASN E 1071 -121.17 -80.90 -16.08
N ILE E 1072 -120.73 -82.14 -15.94
CA ILE E 1072 -120.38 -82.96 -17.09
C ILE E 1072 -121.61 -83.60 -17.73
N ILE E 1073 -121.61 -83.64 -19.07
CA ILE E 1073 -122.59 -84.36 -19.89
C ILE E 1073 -123.95 -83.64 -19.90
N THR E 1074 -124.16 -82.74 -18.94
CA THR E 1074 -125.40 -81.98 -18.88
C THR E 1074 -125.16 -80.54 -18.43
N GLY E 1075 -125.69 -79.59 -19.16
CA GLY E 1075 -125.58 -78.19 -18.78
C GLY E 1075 -126.39 -77.87 -17.54
N ASN E 1076 -125.72 -77.33 -16.52
CA ASN E 1076 -126.36 -76.98 -15.27
C ASN E 1076 -125.73 -75.74 -14.63
N LYS E 1077 -126.55 -74.90 -14.02
CA LYS E 1077 -126.05 -73.75 -13.28
C LYS E 1077 -126.47 -73.82 -11.81
N GLU E 1078 -125.50 -74.04 -10.93
CA GLU E 1078 -125.78 -74.11 -9.50
C GLU E 1078 -125.94 -72.71 -8.91
N LYS E 1079 -124.97 -71.84 -9.21
CA LYS E 1079 -124.96 -70.46 -8.69
C LYS E 1079 -124.33 -69.51 -9.70
N ASP E 1080 -124.58 -68.22 -9.51
CA ASP E 1080 -123.99 -67.19 -10.36
C ASP E 1080 -123.31 -66.12 -9.50
N PHE E 1081 -121.99 -66.00 -9.64
CA PHE E 1081 -121.23 -65.04 -8.86
C PHE E 1081 -120.64 -63.92 -9.72
N VAL E 1082 -121.15 -62.71 -9.52
CA VAL E 1082 -120.59 -61.54 -10.18
C VAL E 1082 -120.01 -60.58 -9.15
N CYS E 1083 -118.69 -60.49 -9.12
CA CYS E 1083 -118.01 -59.62 -8.15
C CYS E 1083 -118.10 -58.14 -8.57
N HIS E 1084 -117.74 -57.87 -9.81
CA HIS E 1084 -117.73 -56.51 -10.35
C HIS E 1084 -117.99 -56.50 -11.85
N GLN E 1085 -117.83 -55.33 -12.46
CA GLN E 1085 -117.99 -55.17 -13.89
C GLN E 1085 -116.65 -55.24 -14.59
N GLY E 1086 -116.62 -55.86 -15.77
CA GLY E 1086 -115.39 -56.00 -16.52
C GLY E 1086 -114.81 -57.40 -16.48
N THR E 1087 -113.65 -57.58 -17.10
CA THR E 1087 -113.01 -58.88 -17.18
C THR E 1087 -112.49 -59.37 -15.83
N VAL E 1088 -112.87 -60.58 -15.47
CA VAL E 1088 -112.42 -61.21 -14.22
C VAL E 1088 -111.34 -62.24 -14.53
N LEU E 1089 -110.23 -62.17 -13.80
CA LEU E 1089 -109.09 -63.05 -14.07
C LEU E 1089 -109.11 -64.32 -13.25
N SER E 1090 -109.34 -65.45 -13.93
CA SER E 1090 -109.31 -66.79 -13.35
C SER E 1090 -110.16 -66.94 -12.09
N CYS E 1091 -109.64 -67.71 -11.14
CA CYS E 1091 -110.31 -67.98 -9.87
C CYS E 1091 -109.27 -68.28 -8.79
N ASP E 1092 -109.59 -67.93 -7.54
CA ASP E 1092 -108.68 -68.16 -6.43
C ASP E 1092 -109.35 -68.95 -5.31
N ILE E 1093 -108.86 -70.15 -5.06
CA ILE E 1093 -109.41 -71.01 -4.02
C ILE E 1093 -108.43 -71.22 -2.87
N SER E 1094 -108.97 -71.47 -1.69
CA SER E 1094 -108.15 -71.63 -0.49
C SER E 1094 -107.40 -72.97 -0.47
N HIS E 1095 -107.81 -73.89 -1.34
CA HIS E 1095 -107.20 -75.21 -1.48
C HIS E 1095 -107.42 -76.11 -0.26
N ASP E 1096 -107.94 -75.53 0.82
CA ASP E 1096 -108.24 -76.29 2.04
C ASP E 1096 -109.56 -77.04 1.89
N ALA E 1097 -110.42 -76.50 1.04
CA ALA E 1097 -111.77 -77.03 0.84
C ALA E 1097 -112.47 -76.27 -0.28
N THR E 1098 -113.65 -76.74 -0.67
CA THR E 1098 -114.41 -76.10 -1.73
C THR E 1098 -115.32 -74.98 -1.20
N LYS E 1099 -115.41 -74.89 0.13
CA LYS E 1099 -116.24 -73.88 0.78
C LYS E 1099 -115.83 -72.46 0.38
N PHE E 1100 -114.64 -72.05 0.81
CA PHE E 1100 -114.14 -70.71 0.51
C PHE E 1100 -113.65 -70.62 -0.94
N SER E 1101 -114.16 -69.64 -1.68
CA SER E 1101 -113.73 -69.43 -3.06
C SER E 1101 -113.74 -67.95 -3.41
N SER E 1102 -112.75 -67.53 -4.19
CA SER E 1102 -112.65 -66.14 -4.61
C SER E 1102 -112.12 -66.01 -6.04
N THR E 1103 -112.05 -64.78 -6.52
CA THR E 1103 -111.53 -64.50 -7.86
C THR E 1103 -111.07 -63.05 -7.97
N SER E 1104 -110.30 -62.74 -9.00
CA SER E 1104 -109.79 -61.38 -9.19
C SER E 1104 -110.61 -60.63 -10.24
N ALA E 1105 -111.37 -59.64 -9.77
CA ALA E 1105 -112.24 -58.84 -10.64
C ALA E 1105 -111.53 -57.60 -11.16
N ASP E 1106 -110.25 -57.50 -10.85
CA ASP E 1106 -109.39 -56.38 -11.24
C ASP E 1106 -109.84 -55.07 -10.60
N LYS E 1107 -110.56 -55.18 -9.49
CA LYS E 1107 -110.95 -54.01 -8.72
C LYS E 1107 -110.65 -54.22 -7.24
N THR E 1108 -111.39 -55.13 -6.61
CA THR E 1108 -111.22 -55.46 -5.21
C THR E 1108 -111.07 -56.96 -5.04
N ALA E 1109 -110.89 -57.42 -3.80
CA ALA E 1109 -110.76 -58.85 -3.54
C ALA E 1109 -111.95 -59.37 -2.72
N LYS E 1110 -112.81 -60.14 -3.36
CA LYS E 1110 -114.04 -60.59 -2.73
C LYS E 1110 -114.10 -62.12 -2.62
N ILE E 1111 -114.50 -62.61 -1.45
CA ILE E 1111 -114.57 -64.04 -1.20
C ILE E 1111 -115.98 -64.49 -0.79
N TRP E 1112 -116.38 -65.65 -1.29
CA TRP E 1112 -117.67 -66.25 -0.98
C TRP E 1112 -117.55 -67.68 -0.47
N SER E 1113 -118.36 -68.01 0.53
CA SER E 1113 -118.37 -69.33 1.16
C SER E 1113 -119.40 -70.28 0.56
N PHE E 1114 -120.04 -69.84 -0.52
CA PHE E 1114 -121.22 -70.52 -1.10
C PHE E 1114 -122.41 -70.46 -0.16
N ASP E 1115 -122.46 -69.44 0.67
CA ASP E 1115 -123.57 -69.24 1.58
C ASP E 1115 -124.62 -68.30 0.98
N LEU E 1116 -124.31 -67.79 -0.21
CA LEU E 1116 -125.21 -66.87 -0.91
C LEU E 1116 -124.84 -66.83 -2.40
N LEU E 1117 -125.61 -66.11 -3.20
CA LEU E 1117 -125.33 -65.97 -4.62
C LEU E 1117 -124.31 -64.86 -4.86
N LEU E 1118 -124.08 -64.04 -3.85
CA LEU E 1118 -123.12 -62.94 -3.93
C LEU E 1118 -121.98 -63.15 -2.93
N PRO E 1119 -120.78 -62.67 -3.28
CA PRO E 1119 -119.61 -62.78 -2.40
C PRO E 1119 -119.87 -62.20 -1.01
N LEU E 1120 -119.54 -62.97 0.03
CA LEU E 1120 -119.82 -62.57 1.40
C LEU E 1120 -118.90 -61.45 1.89
N HIS E 1121 -117.60 -61.63 1.71
CA HIS E 1121 -116.65 -60.65 2.21
C HIS E 1121 -115.99 -59.86 1.09
N GLU E 1122 -115.82 -58.55 1.33
CA GLU E 1122 -115.23 -57.66 0.34
C GLU E 1122 -114.01 -56.94 0.92
N LEU E 1123 -112.92 -56.94 0.16
CA LEU E 1123 -111.68 -56.29 0.58
C LEU E 1123 -111.28 -55.20 -0.43
N ARG E 1124 -111.35 -53.96 0.03
CA ARG E 1124 -111.13 -52.79 -0.80
C ARG E 1124 -109.70 -52.27 -0.77
N GLY E 1125 -108.81 -53.02 -0.11
CA GLY E 1125 -107.47 -52.57 0.20
C GLY E 1125 -106.70 -51.87 -0.92
N HIS E 1126 -106.71 -52.46 -2.11
CA HIS E 1126 -106.17 -51.78 -3.28
C HIS E 1126 -107.19 -51.79 -4.40
N ASN E 1127 -107.74 -50.62 -4.72
CA ASN E 1127 -108.79 -50.52 -5.74
C ASN E 1127 -108.28 -50.10 -7.11
N GLY E 1128 -107.01 -49.75 -7.21
CA GLY E 1128 -106.46 -49.31 -8.48
C GLY E 1128 -106.39 -50.42 -9.51
N CYS E 1129 -105.65 -51.47 -9.18
CA CYS E 1129 -105.53 -52.65 -10.04
C CYS E 1129 -105.28 -53.89 -9.20
N VAL E 1130 -105.88 -55.01 -9.60
CA VAL E 1130 -105.59 -56.29 -8.96
C VAL E 1130 -105.28 -57.33 -10.02
N ARG E 1131 -104.03 -57.80 -10.05
CA ARG E 1131 -103.63 -58.82 -11.00
C ARG E 1131 -104.03 -60.20 -10.55
N CYS E 1132 -103.83 -60.50 -9.26
CA CYS E 1132 -104.15 -61.80 -8.71
C CYS E 1132 -104.21 -61.79 -7.19
N SER E 1133 -104.52 -62.95 -6.61
CA SER E 1133 -104.58 -63.10 -5.16
C SER E 1133 -104.28 -64.54 -4.79
N ALA E 1134 -103.84 -64.75 -3.55
CA ALA E 1134 -103.42 -66.08 -3.11
C ALA E 1134 -103.85 -66.39 -1.68
N PHE E 1135 -104.41 -67.59 -1.49
CA PHE E 1135 -104.75 -68.11 -0.18
C PHE E 1135 -103.83 -69.25 0.20
N SER E 1136 -102.95 -69.02 1.17
CA SER E 1136 -102.02 -70.05 1.61
C SER E 1136 -102.72 -71.06 2.52
N VAL E 1137 -102.39 -72.33 2.34
CA VAL E 1137 -103.01 -73.41 3.12
C VAL E 1137 -102.65 -73.32 4.61
N ASP E 1138 -103.58 -73.76 5.45
CA ASP E 1138 -103.41 -73.76 6.91
C ASP E 1138 -103.32 -72.37 7.51
N SER E 1139 -103.30 -71.36 6.64
CA SER E 1139 -103.20 -69.96 7.06
C SER E 1139 -104.43 -69.18 6.61
N THR E 1140 -104.62 -69.14 5.29
CA THR E 1140 -105.71 -68.51 4.53
C THR E 1140 -105.42 -67.02 4.32
N LEU E 1141 -104.31 -66.57 4.90
CA LEU E 1141 -103.85 -65.19 4.72
C LEU E 1141 -103.75 -64.82 3.25
N LEU E 1142 -104.18 -63.61 2.92
CA LEU E 1142 -104.28 -63.18 1.52
C LEU E 1142 -103.01 -62.51 1.01
N ALA E 1143 -102.53 -62.96 -0.15
CA ALA E 1143 -101.42 -62.31 -0.82
C ALA E 1143 -101.86 -61.72 -2.15
N THR E 1144 -101.92 -60.38 -2.23
CA THR E 1144 -102.45 -59.72 -3.41
C THR E 1144 -101.37 -59.28 -4.39
N GLY E 1145 -101.37 -59.89 -5.57
CA GLY E 1145 -100.58 -59.42 -6.69
C GLY E 1145 -101.32 -58.35 -7.47
N ASP E 1146 -100.58 -57.36 -7.96
CA ASP E 1146 -101.19 -56.24 -8.68
C ASP E 1146 -100.51 -56.00 -10.03
N ASP E 1147 -101.16 -55.20 -10.87
CA ASP E 1147 -100.62 -54.84 -12.18
C ASP E 1147 -99.26 -54.14 -12.06
N ASN E 1148 -99.07 -53.44 -10.96
CA ASN E 1148 -97.80 -52.76 -10.69
C ASN E 1148 -96.70 -53.75 -10.31
N GLY E 1149 -97.08 -55.02 -10.14
CA GLY E 1149 -96.13 -56.05 -9.78
C GLY E 1149 -95.84 -56.07 -8.29
N GLU E 1150 -96.70 -55.42 -7.52
CA GLU E 1150 -96.52 -55.37 -6.08
C GLU E 1150 -97.26 -56.51 -5.39
N ILE E 1151 -96.61 -57.13 -4.42
CA ILE E 1151 -97.21 -58.22 -3.66
C ILE E 1151 -97.50 -57.77 -2.23
N ARG E 1152 -98.77 -57.63 -1.90
CA ARG E 1152 -99.14 -57.16 -0.57
C ARG E 1152 -99.65 -58.28 0.33
N ILE E 1153 -99.13 -58.33 1.56
CA ILE E 1153 -99.53 -59.35 2.52
C ILE E 1153 -100.63 -58.81 3.45
N TRP E 1154 -101.73 -59.53 3.52
CA TRP E 1154 -102.86 -59.12 4.35
C TRP E 1154 -103.37 -60.29 5.20
N ASN E 1155 -103.41 -60.07 6.51
CA ASN E 1155 -103.89 -61.09 7.44
C ASN E 1155 -105.39 -61.28 7.34
N VAL E 1156 -105.83 -62.52 7.16
CA VAL E 1156 -107.25 -62.83 7.02
C VAL E 1156 -107.72 -63.83 8.07
N SER E 1157 -108.68 -63.39 8.89
CA SER E 1157 -109.28 -64.27 9.89
C SER E 1157 -110.80 -64.21 9.78
N ASN E 1158 -111.35 -63.04 10.05
CA ASN E 1158 -112.79 -62.80 9.93
C ASN E 1158 -113.15 -62.30 8.53
N GLY E 1159 -112.16 -62.28 7.64
CA GLY E 1159 -112.34 -61.72 6.31
C GLY E 1159 -112.24 -60.21 6.31
N GLU E 1160 -111.29 -59.70 7.08
CA GLU E 1160 -111.04 -58.27 7.14
C GLU E 1160 -109.53 -58.00 7.14
N LEU E 1161 -109.15 -56.74 6.89
CA LEU E 1161 -107.74 -56.39 6.76
C LEU E 1161 -107.13 -56.03 8.10
N LEU E 1162 -105.98 -56.63 8.42
CA LEU E 1162 -105.30 -56.38 9.68
C LEU E 1162 -103.88 -55.84 9.48
N HIS E 1163 -102.98 -56.71 9.05
CA HIS E 1163 -101.56 -56.36 8.95
C HIS E 1163 -101.35 -55.47 7.73
N LEU E 1164 -100.12 -54.98 7.55
CA LEU E 1164 -99.79 -54.15 6.41
C LEU E 1164 -98.32 -54.30 6.02
N CYS E 1165 -98.06 -54.30 4.71
CA CYS E 1165 -96.69 -54.38 4.20
C CYS E 1165 -96.56 -53.66 2.87
N ALA E 1166 -95.42 -53.03 2.65
CA ALA E 1166 -95.17 -52.32 1.40
C ALA E 1166 -94.06 -53.00 0.60
N PRO E 1167 -94.44 -53.70 -0.48
CA PRO E 1167 -93.49 -54.34 -1.39
C PRO E 1167 -92.68 -53.34 -2.21
N LEU E 1168 -93.30 -52.23 -2.58
CA LEU E 1168 -92.65 -51.21 -3.38
C LEU E 1168 -91.52 -50.53 -2.61
N SER E 1169 -90.52 -50.03 -3.35
CA SER E 1169 -89.37 -49.38 -2.75
C SER E 1169 -89.51 -47.86 -2.80
N GLU E 1170 -89.02 -47.20 -1.76
CA GLU E 1170 -89.05 -45.74 -1.68
C GLU E 1170 -87.81 -45.14 -2.34
N GLU E 1171 -86.99 -46.02 -2.91
CA GLU E 1171 -85.77 -45.62 -3.59
C GLU E 1171 -86.06 -44.98 -4.96
N GLY E 1172 -87.33 -44.96 -5.34
CA GLY E 1172 -87.73 -44.40 -6.62
C GLY E 1172 -88.16 -45.43 -7.63
N ALA E 1173 -88.45 -44.98 -8.85
CA ALA E 1173 -88.99 -45.82 -9.91
C ALA E 1173 -88.07 -46.98 -10.27
N ALA E 1174 -88.67 -48.09 -10.69
CA ALA E 1174 -87.94 -49.29 -11.08
C ALA E 1174 -87.93 -49.46 -12.59
N THR E 1175 -86.85 -50.04 -13.10
CA THR E 1175 -86.69 -50.21 -14.55
C THR E 1175 -87.46 -51.43 -15.05
N HIS E 1176 -86.99 -52.61 -14.71
CA HIS E 1176 -87.64 -53.85 -15.14
C HIS E 1176 -88.42 -54.49 -14.00
N GLY E 1177 -89.67 -54.86 -14.28
CA GLY E 1177 -90.54 -55.49 -13.30
C GLY E 1177 -91.99 -55.14 -13.55
N GLY E 1178 -92.83 -55.36 -12.53
CA GLY E 1178 -94.23 -55.03 -12.63
C GLY E 1178 -95.08 -56.06 -13.36
N TRP E 1179 -94.69 -57.33 -13.23
CA TRP E 1179 -95.45 -58.41 -13.87
C TRP E 1179 -95.54 -59.64 -12.98
N VAL E 1180 -96.75 -60.18 -12.84
CA VAL E 1180 -96.97 -61.38 -12.05
C VAL E 1180 -98.14 -62.18 -12.63
N THR E 1181 -98.05 -63.50 -12.59
CA THR E 1181 -99.10 -64.36 -13.12
C THR E 1181 -99.58 -65.38 -12.09
N ASP E 1182 -98.71 -66.33 -11.75
CA ASP E 1182 -99.06 -67.38 -10.81
C ASP E 1182 -98.18 -67.33 -9.56
N LEU E 1183 -98.77 -67.64 -8.41
CA LEU E 1183 -98.05 -67.65 -7.15
C LEU E 1183 -97.92 -69.08 -6.63
N CYS E 1184 -96.84 -69.35 -5.90
CA CYS E 1184 -96.57 -70.70 -5.40
C CYS E 1184 -96.40 -70.72 -3.90
N PHE E 1185 -96.55 -71.90 -3.31
CA PHE E 1185 -96.52 -72.06 -1.86
C PHE E 1185 -95.35 -72.93 -1.39
N SER E 1186 -94.94 -72.73 -0.14
CA SER E 1186 -93.87 -73.51 0.46
C SER E 1186 -94.43 -74.77 1.12
N PRO E 1187 -93.60 -75.84 1.21
CA PRO E 1187 -94.04 -77.08 1.85
C PRO E 1187 -94.26 -76.91 3.35
N ASP E 1188 -93.58 -75.95 3.95
CA ASP E 1188 -93.74 -75.68 5.37
C ASP E 1188 -95.03 -74.89 5.60
N GLY E 1189 -95.30 -73.95 4.71
CA GLY E 1189 -96.49 -73.12 4.80
C GLY E 1189 -96.18 -71.75 5.36
N LYS E 1190 -95.05 -71.63 6.05
CA LYS E 1190 -94.62 -70.37 6.63
C LYS E 1190 -94.04 -69.45 5.55
N MET E 1191 -93.18 -70.01 4.71
CA MET E 1191 -92.56 -69.25 3.62
C MET E 1191 -93.52 -69.05 2.47
N LEU E 1192 -93.28 -68.01 1.67
CA LEU E 1192 -94.13 -67.72 0.52
C LEU E 1192 -93.28 -67.49 -0.74
N ILE E 1193 -93.80 -67.88 -1.89
CA ILE E 1193 -93.11 -67.69 -3.16
C ILE E 1193 -93.89 -66.76 -4.07
N SER E 1194 -93.24 -65.68 -4.53
CA SER E 1194 -93.91 -64.69 -5.37
C SER E 1194 -93.02 -64.16 -6.48
N ALA E 1195 -93.64 -63.55 -7.49
CA ALA E 1195 -92.92 -62.96 -8.61
C ALA E 1195 -93.21 -61.48 -8.74
N GLY E 1196 -92.19 -60.65 -8.49
CA GLY E 1196 -92.30 -59.22 -8.63
C GLY E 1196 -91.66 -58.73 -9.91
N GLY E 1197 -91.54 -59.65 -10.88
CA GLY E 1197 -90.77 -59.39 -12.09
C GLY E 1197 -89.52 -60.23 -12.03
N TYR E 1198 -89.24 -60.74 -10.83
CA TYR E 1198 -88.15 -61.66 -10.59
C TYR E 1198 -88.59 -62.65 -9.51
N ILE E 1199 -87.68 -63.51 -9.07
CA ILE E 1199 -88.02 -64.47 -8.03
C ILE E 1199 -87.87 -63.83 -6.66
N LYS E 1200 -88.97 -63.71 -5.93
CA LYS E 1200 -88.96 -63.03 -4.65
C LYS E 1200 -89.80 -63.79 -3.62
N TRP E 1201 -89.18 -64.17 -2.52
CA TRP E 1201 -89.85 -64.98 -1.52
C TRP E 1201 -90.25 -64.17 -0.29
N TRP E 1202 -91.53 -64.22 0.05
CA TRP E 1202 -92.05 -63.47 1.18
C TRP E 1202 -92.19 -64.34 2.43
N ASN E 1203 -92.59 -63.72 3.54
CA ASN E 1203 -92.80 -64.44 4.79
C ASN E 1203 -93.83 -63.73 5.65
N VAL E 1204 -94.57 -64.50 6.44
CA VAL E 1204 -95.57 -63.98 7.35
C VAL E 1204 -94.86 -63.38 8.57
N VAL E 1205 -95.56 -62.51 9.32
CA VAL E 1205 -95.08 -61.96 10.58
C VAL E 1205 -93.79 -61.13 10.42
N THR E 1206 -93.97 -59.90 9.93
CA THR E 1206 -92.92 -58.87 9.99
C THR E 1206 -91.65 -59.24 9.22
N GLY E 1207 -91.73 -59.12 7.89
CA GLY E 1207 -90.58 -59.34 7.04
C GLY E 1207 -90.69 -60.58 6.16
N GLU E 1208 -89.82 -60.65 5.16
CA GLU E 1208 -89.94 -61.66 4.11
C GLU E 1208 -88.81 -62.69 4.16
N SER E 1209 -88.84 -63.62 3.22
CA SER E 1209 -87.87 -64.70 3.18
C SER E 1209 -86.61 -64.30 2.44
N SER E 1210 -86.69 -64.17 1.12
CA SER E 1210 -85.52 -63.84 0.32
C SER E 1210 -85.83 -63.03 -0.94
N GLN E 1211 -84.95 -62.09 -1.25
CA GLN E 1211 -85.00 -61.32 -2.49
C GLN E 1211 -84.09 -61.97 -3.53
N THR E 1212 -83.57 -63.14 -3.18
CA THR E 1212 -82.45 -63.77 -3.89
C THR E 1212 -82.63 -64.00 -5.39
N PHE E 1213 -81.49 -63.98 -6.07
CA PHE E 1213 -81.34 -64.23 -7.50
C PHE E 1213 -82.19 -63.24 -8.31
N TYR E 1214 -82.83 -63.68 -9.40
CA TYR E 1214 -83.47 -62.76 -10.35
C TYR E 1214 -84.08 -63.51 -11.54
N THR E 1215 -85.00 -62.85 -12.25
CA THR E 1215 -85.54 -63.42 -13.47
C THR E 1215 -85.26 -62.54 -14.68
N ASN E 1216 -84.45 -63.04 -15.60
CA ASN E 1216 -84.08 -62.30 -16.80
C ASN E 1216 -85.29 -62.03 -17.68
N GLY E 1217 -85.35 -60.82 -18.26
CA GLY E 1217 -86.47 -60.44 -19.09
C GLY E 1217 -87.55 -59.73 -18.30
N THR E 1218 -88.76 -59.72 -18.83
CA THR E 1218 -89.88 -59.07 -18.17
C THR E 1218 -91.07 -60.00 -18.03
N ASN E 1219 -91.66 -60.38 -19.16
CA ASN E 1219 -92.86 -61.19 -19.18
C ASN E 1219 -92.65 -62.64 -18.72
N LEU E 1220 -93.63 -63.17 -17.99
CA LEU E 1220 -93.61 -64.55 -17.55
C LEU E 1220 -94.94 -65.22 -17.85
N LYS E 1221 -94.92 -66.51 -18.16
CA LYS E 1221 -96.14 -67.21 -18.54
C LYS E 1221 -96.28 -68.56 -17.84
N LYS E 1222 -97.34 -68.69 -17.04
CA LYS E 1222 -97.72 -69.95 -16.40
C LYS E 1222 -96.59 -70.59 -15.59
N ILE E 1223 -96.26 -69.97 -14.45
CA ILE E 1223 -95.25 -70.52 -13.55
C ILE E 1223 -95.68 -71.87 -12.99
N HIS E 1224 -94.81 -72.88 -13.13
CA HIS E 1224 -95.09 -74.21 -12.60
C HIS E 1224 -93.99 -74.70 -11.67
N VAL E 1225 -94.36 -75.51 -10.70
CA VAL E 1225 -93.40 -76.07 -9.75
C VAL E 1225 -93.65 -77.56 -9.51
N SER E 1226 -92.66 -78.22 -8.90
CA SER E 1226 -92.78 -79.63 -8.58
C SER E 1226 -93.68 -79.83 -7.35
N PRO E 1227 -94.32 -81.01 -7.23
CA PRO E 1227 -95.17 -81.28 -6.08
C PRO E 1227 -94.39 -81.38 -4.77
N ASP E 1228 -93.08 -81.58 -4.87
CA ASP E 1228 -92.23 -81.65 -3.69
C ASP E 1228 -91.74 -80.26 -3.29
N PHE E 1229 -92.10 -79.27 -4.12
CA PHE E 1229 -91.73 -77.87 -3.88
C PHE E 1229 -90.22 -77.69 -3.74
N LYS E 1230 -89.46 -78.40 -4.55
CA LYS E 1230 -88.01 -78.28 -4.55
C LYS E 1230 -87.50 -77.86 -5.92
N THR E 1231 -87.58 -78.77 -6.90
CA THR E 1231 -87.17 -78.46 -8.26
C THR E 1231 -88.18 -77.56 -8.94
N TYR E 1232 -87.70 -76.58 -9.71
CA TYR E 1232 -88.59 -75.61 -10.34
C TYR E 1232 -88.41 -75.60 -11.86
N VAL E 1233 -89.49 -75.26 -12.57
CA VAL E 1233 -89.45 -75.16 -14.02
C VAL E 1233 -90.16 -73.88 -14.48
N THR E 1234 -89.44 -73.01 -15.16
CA THR E 1234 -90.04 -71.77 -15.66
C THR E 1234 -89.42 -71.28 -16.96
N VAL E 1235 -89.94 -70.17 -17.48
CA VAL E 1235 -89.47 -69.62 -18.74
C VAL E 1235 -89.70 -68.10 -18.78
N ASP E 1236 -88.81 -67.38 -19.45
CA ASP E 1236 -88.97 -65.94 -19.63
C ASP E 1236 -89.63 -65.63 -20.97
N ASN E 1237 -89.71 -64.34 -21.31
CA ASN E 1237 -90.26 -63.93 -22.59
C ASN E 1237 -89.37 -64.30 -23.76
N LEU E 1238 -88.10 -64.57 -23.47
CA LEU E 1238 -87.13 -64.95 -24.50
C LEU E 1238 -87.38 -66.38 -25.00
N GLY E 1239 -88.15 -67.14 -24.23
CA GLY E 1239 -88.43 -68.52 -24.57
C GLY E 1239 -87.26 -69.43 -24.26
N ILE E 1240 -86.60 -69.16 -23.14
CA ILE E 1240 -85.45 -69.96 -22.71
C ILE E 1240 -85.82 -70.84 -21.51
N LEU E 1241 -85.55 -72.13 -21.63
CA LEU E 1241 -85.86 -73.09 -20.58
C LEU E 1241 -85.09 -72.80 -19.30
N TYR E 1242 -85.80 -72.71 -18.18
CA TYR E 1242 -85.16 -72.47 -16.89
C TYR E 1242 -85.49 -73.56 -15.89
N ILE E 1243 -84.45 -74.26 -15.42
CA ILE E 1243 -84.60 -75.36 -14.49
C ILE E 1243 -83.84 -75.12 -13.19
N LEU E 1244 -84.55 -75.23 -12.08
CA LEU E 1244 -83.94 -75.08 -10.76
C LEU E 1244 -83.94 -76.40 -10.00
N GLN E 1245 -82.86 -76.65 -9.25
CA GLN E 1245 -82.73 -77.86 -8.46
C GLN E 1245 -82.25 -77.53 -7.05
N THR E 1246 -83.03 -77.95 -6.06
CA THR E 1246 -82.69 -77.69 -4.66
C THR E 1246 -81.89 -78.83 -4.04
N LEU E 1247 -80.64 -78.55 -3.68
CA LEU E 1247 -79.78 -79.55 -3.08
C LEU E 1247 -78.92 -78.94 -1.99
N GLU E 1248 -78.82 -79.64 -0.86
CA GLU E 1248 -78.02 -79.15 0.27
C GLU E 1248 -76.57 -79.60 0.15
N GLY F 105 -18.17 9.10 -51.52
CA GLY F 105 -16.74 9.08 -51.77
C GLY F 105 -15.96 9.73 -50.63
N ILE F 106 -14.65 9.56 -50.65
CA ILE F 106 -13.80 10.12 -49.60
C ILE F 106 -13.80 11.64 -49.66
N THR F 107 -14.14 12.26 -48.54
CA THR F 107 -14.20 13.71 -48.43
C THR F 107 -13.67 14.12 -47.06
N SER F 108 -13.85 15.40 -46.73
CA SER F 108 -13.44 15.93 -45.44
C SER F 108 -13.99 15.10 -44.27
N TYR F 109 -15.32 14.89 -44.27
CA TYR F 109 -15.98 14.10 -43.25
C TYR F 109 -15.27 12.80 -43.01
N VAL F 110 -14.97 12.13 -44.11
CA VAL F 110 -14.48 10.77 -44.05
C VAL F 110 -13.23 10.65 -43.22
N ARG F 111 -12.18 11.37 -43.59
CA ARG F 111 -10.95 11.30 -42.80
C ARG F 111 -11.12 12.06 -41.50
N THR F 112 -12.18 12.85 -41.39
CA THR F 112 -12.38 13.57 -40.15
C THR F 112 -12.79 12.64 -39.03
N VAL F 113 -13.90 11.94 -39.24
CA VAL F 113 -14.51 11.13 -38.20
C VAL F 113 -13.88 9.75 -38.09
N LEU F 114 -13.34 9.26 -39.18
CA LEU F 114 -12.97 7.87 -39.28
C LEU F 114 -11.50 7.63 -38.95
N CYS F 115 -10.79 8.70 -38.59
CA CYS F 115 -9.42 8.60 -38.13
C CYS F 115 -9.35 8.40 -36.64
N GLU F 116 -10.50 8.18 -36.02
CA GLU F 116 -10.59 8.06 -34.58
C GLU F 116 -10.16 6.69 -34.11
N GLY F 117 -9.66 5.90 -35.04
CA GLY F 117 -9.14 4.58 -34.74
C GLY F 117 -10.15 3.61 -35.29
N GLY F 118 -11.31 4.17 -35.60
CA GLY F 118 -12.43 3.39 -36.06
C GLY F 118 -12.15 2.50 -37.24
N VAL F 119 -11.21 2.86 -38.09
CA VAL F 119 -10.99 2.01 -39.24
C VAL F 119 -9.53 1.86 -39.55
N PRO F 120 -9.09 0.65 -39.88
CA PRO F 120 -7.79 0.48 -40.49
C PRO F 120 -7.84 0.90 -41.94
N GLN F 121 -6.83 1.60 -42.43
CA GLN F 121 -6.85 2.05 -43.82
C GLN F 121 -6.94 0.90 -44.78
N ARG F 122 -7.76 1.08 -45.81
CA ARG F 122 -7.92 0.05 -46.83
C ARG F 122 -6.59 -0.17 -47.51
N PRO F 123 -6.34 -1.39 -47.99
CA PRO F 123 -5.01 -1.79 -48.46
C PRO F 123 -4.52 -0.95 -49.62
N VAL F 124 -3.30 -1.22 -50.07
CA VAL F 124 -2.71 -0.45 -51.13
C VAL F 124 -3.39 -0.79 -52.44
N VAL F 125 -3.75 -2.06 -52.59
CA VAL F 125 -4.37 -2.53 -53.82
C VAL F 125 -5.66 -3.28 -53.55
N PHE F 126 -6.79 -2.73 -53.96
CA PHE F 126 -8.02 -3.49 -53.81
C PHE F 126 -8.97 -3.24 -54.96
N VAL F 127 -9.55 -4.30 -55.46
CA VAL F 127 -10.64 -4.17 -56.41
C VAL F 127 -11.87 -3.80 -55.63
N THR F 128 -12.84 -3.17 -56.29
CA THR F 128 -14.02 -2.71 -55.60
C THR F 128 -15.18 -3.66 -55.80
N ARG F 129 -15.68 -4.22 -54.71
CA ARG F 129 -16.82 -5.10 -54.79
C ARG F 129 -18.04 -4.30 -54.35
N LYS F 130 -18.86 -3.89 -55.30
CA LYS F 130 -19.96 -2.98 -55.04
C LYS F 130 -21.19 -3.72 -54.53
N LYS F 131 -21.44 -4.85 -55.18
CA LYS F 131 -22.65 -5.64 -55.00
C LYS F 131 -22.92 -5.97 -53.55
N LEU F 132 -21.89 -6.37 -52.82
CA LEU F 132 -22.04 -6.72 -51.42
C LEU F 132 -22.15 -5.50 -50.51
N VAL F 133 -21.24 -4.54 -50.72
CA VAL F 133 -21.23 -3.33 -49.93
C VAL F 133 -22.60 -2.69 -49.91
N ASN F 134 -23.23 -2.66 -51.06
CA ASN F 134 -24.57 -2.08 -51.15
C ASN F 134 -25.54 -2.81 -50.24
N ALA F 135 -25.49 -4.14 -50.26
CA ALA F 135 -26.35 -4.94 -49.42
C ALA F 135 -26.16 -4.59 -47.96
N ILE F 136 -24.90 -4.57 -47.52
CA ILE F 136 -24.63 -4.23 -46.14
C ILE F 136 -25.17 -2.85 -45.81
N GLN F 137 -25.01 -1.91 -46.73
CA GLN F 137 -25.57 -0.58 -46.49
C GLN F 137 -27.08 -0.64 -46.31
N GLN F 138 -27.77 -1.48 -47.08
CA GLN F 138 -29.21 -1.60 -46.91
C GLN F 138 -29.56 -2.14 -45.54
N LYS F 139 -29.06 -3.34 -45.24
CA LYS F 139 -29.40 -4.00 -43.99
C LYS F 139 -29.12 -3.06 -42.84
N LEU F 140 -27.97 -2.41 -42.91
CA LEU F 140 -27.54 -1.50 -41.87
C LEU F 140 -28.42 -0.26 -41.82
N SER F 141 -29.05 0.05 -42.95
CA SER F 141 -29.90 1.22 -43.00
C SER F 141 -31.33 0.90 -42.59
N LYS F 142 -31.65 -0.38 -42.43
CA LYS F 142 -32.98 -0.74 -41.94
C LYS F 142 -33.22 -0.22 -40.54
N LEU F 143 -32.14 0.07 -39.82
CA LEU F 143 -32.26 0.43 -38.42
C LEU F 143 -33.04 1.73 -38.19
N LYS F 144 -32.54 2.84 -38.75
CA LYS F 144 -33.04 4.18 -38.44
C LYS F 144 -32.74 4.53 -36.98
N GLY F 145 -32.19 3.54 -36.30
CA GLY F 145 -31.73 3.58 -34.94
C GLY F 145 -32.71 2.96 -33.97
N GLU F 146 -32.12 2.13 -33.11
CA GLU F 146 -32.73 1.30 -32.07
C GLU F 146 -31.51 0.55 -31.59
N PRO F 147 -31.65 -0.27 -30.56
CA PRO F 147 -30.58 -1.24 -30.50
C PRO F 147 -30.77 -2.24 -31.64
N GLY F 148 -29.67 -2.81 -32.14
CA GLY F 148 -29.76 -3.69 -33.29
C GLY F 148 -28.44 -4.37 -33.62
N TRP F 149 -28.51 -5.37 -34.48
CA TRP F 149 -27.38 -6.22 -34.75
C TRP F 149 -27.26 -6.51 -36.22
N VAL F 150 -26.05 -6.42 -36.74
CA VAL F 150 -25.81 -6.79 -38.12
C VAL F 150 -24.59 -7.66 -38.17
N THR F 151 -24.72 -8.82 -38.79
CA THR F 151 -23.65 -9.80 -38.75
C THR F 151 -23.20 -10.17 -40.13
N ILE F 152 -21.89 -10.23 -40.34
CA ILE F 152 -21.42 -10.89 -41.54
C ILE F 152 -20.45 -11.98 -41.16
N HIS F 153 -20.80 -13.20 -41.55
CA HIS F 153 -19.93 -14.33 -41.35
C HIS F 153 -19.54 -14.82 -42.70
N GLY F 154 -18.37 -15.42 -42.80
CA GLY F 154 -17.92 -15.91 -44.09
C GLY F 154 -16.92 -17.03 -44.05
N MET F 155 -16.58 -17.52 -45.23
CA MET F 155 -15.58 -18.56 -45.39
C MET F 155 -14.29 -18.15 -44.72
N ALA F 156 -13.58 -19.12 -44.17
CA ALA F 156 -12.30 -18.86 -43.56
C ALA F 156 -11.36 -18.26 -44.57
N GLY F 157 -10.80 -17.10 -44.25
CA GLY F 157 -9.83 -16.48 -45.12
C GLY F 157 -10.41 -15.67 -46.25
N CYS F 158 -11.74 -15.64 -46.35
CA CYS F 158 -12.38 -14.84 -47.40
C CYS F 158 -12.18 -13.36 -47.15
N GLY F 159 -12.34 -12.55 -48.17
CA GLY F 159 -12.27 -11.12 -47.95
C GLY F 159 -13.49 -10.73 -47.14
N LYS F 160 -13.26 -10.26 -45.92
CA LYS F 160 -14.38 -9.95 -45.05
C LYS F 160 -14.20 -8.67 -44.24
N SER F 161 -13.22 -8.69 -43.33
CA SER F 161 -12.95 -7.55 -42.46
C SER F 161 -12.80 -6.28 -43.27
N VAL F 162 -11.92 -6.33 -44.26
CA VAL F 162 -11.75 -5.22 -45.18
C VAL F 162 -13.07 -4.77 -45.76
N LEU F 163 -13.86 -5.74 -46.21
CA LEU F 163 -15.14 -5.44 -46.83
C LEU F 163 -16.01 -4.60 -45.90
N ALA F 164 -16.00 -4.94 -44.63
CA ALA F 164 -16.74 -4.16 -43.66
C ALA F 164 -16.13 -2.77 -43.53
N ALA F 165 -14.81 -2.72 -43.54
CA ALA F 165 -14.12 -1.45 -43.36
C ALA F 165 -14.47 -0.44 -44.46
N GLU F 166 -14.83 -0.93 -45.63
CA GLU F 166 -15.25 -0.04 -46.71
C GLU F 166 -16.75 0.10 -46.78
N ALA F 167 -17.45 -0.55 -45.85
CA ALA F 167 -18.90 -0.43 -45.80
C ALA F 167 -19.27 0.93 -45.25
N VAL F 168 -18.59 1.29 -44.18
CA VAL F 168 -18.83 2.54 -43.49
C VAL F 168 -18.02 3.65 -44.11
N ARG F 169 -17.50 3.59 -45.50
CA ARG F 169 -16.66 4.59 -46.15
C ARG F 169 -17.45 5.77 -46.70
N ASP F 170 -18.67 5.50 -47.16
CA ASP F 170 -19.51 6.52 -47.79
C ASP F 170 -19.76 7.71 -46.87
N HIS F 171 -19.84 8.88 -47.49
CA HIS F 171 -20.18 10.09 -46.77
C HIS F 171 -21.67 10.16 -46.45
N SER F 172 -22.50 9.91 -47.45
CA SER F 172 -23.95 10.06 -47.30
C SER F 172 -24.48 9.23 -46.14
N LEU F 173 -24.09 7.97 -46.10
CA LEU F 173 -24.51 7.08 -45.03
C LEU F 173 -24.05 7.59 -43.68
N LEU F 174 -22.75 7.77 -43.54
CA LEU F 174 -22.15 8.11 -42.26
C LEU F 174 -22.75 9.39 -41.70
N GLU F 175 -22.85 10.40 -42.54
CA GLU F 175 -23.38 11.68 -42.13
C GLU F 175 -24.81 11.56 -41.64
N GLY F 176 -25.69 11.06 -42.50
CA GLY F 176 -27.10 11.00 -42.19
C GLY F 176 -27.48 10.04 -41.08
N CYS F 177 -27.11 8.77 -41.25
CA CYS F 177 -27.57 7.72 -40.36
C CYS F 177 -26.78 7.64 -39.06
N PHE F 178 -25.51 8.01 -39.09
CA PHE F 178 -24.68 7.88 -37.89
C PHE F 178 -23.88 9.12 -37.56
N PRO F 179 -24.53 10.25 -37.31
CA PRO F 179 -23.67 11.35 -36.92
C PRO F 179 -23.37 11.35 -35.43
N GLY F 180 -23.00 10.15 -34.84
CA GLY F 180 -22.51 10.11 -33.48
C GLY F 180 -21.03 9.84 -33.43
N GLY F 181 -20.47 9.49 -34.58
CA GLY F 181 -19.12 8.95 -34.62
C GLY F 181 -19.20 7.45 -34.83
N VAL F 182 -18.05 6.81 -35.00
CA VAL F 182 -17.99 5.38 -35.29
C VAL F 182 -16.82 4.76 -34.57
N HIS F 183 -17.02 3.61 -33.94
CA HIS F 183 -15.93 3.01 -33.19
C HIS F 183 -15.61 1.59 -33.63
N TRP F 184 -14.42 1.12 -33.23
CA TRP F 184 -13.87 -0.12 -33.71
C TRP F 184 -13.16 -0.84 -32.61
N VAL F 185 -13.38 -2.14 -32.49
CA VAL F 185 -12.69 -2.88 -31.46
C VAL F 185 -12.16 -4.22 -31.94
N SER F 186 -10.86 -4.40 -31.92
CA SER F 186 -10.32 -5.70 -32.24
C SER F 186 -10.46 -6.61 -31.04
N VAL F 187 -11.20 -7.69 -31.20
CA VAL F 187 -11.43 -8.61 -30.10
C VAL F 187 -10.51 -9.82 -30.21
N GLY F 188 -10.73 -10.63 -31.24
CA GLY F 188 -9.89 -11.80 -31.44
C GLY F 188 -10.14 -12.84 -30.37
N LYS F 189 -9.47 -13.99 -30.48
CA LYS F 189 -9.61 -15.04 -29.49
C LYS F 189 -9.11 -14.56 -28.15
N GLN F 190 -9.95 -14.69 -27.12
CA GLN F 190 -9.63 -14.12 -25.82
C GLN F 190 -10.10 -14.95 -24.64
N ASP F 191 -9.57 -14.62 -23.47
CA ASP F 191 -9.99 -15.22 -22.21
C ASP F 191 -10.65 -14.15 -21.37
N LYS F 192 -11.07 -14.52 -20.17
CA LYS F 192 -11.78 -13.58 -19.30
C LYS F 192 -10.92 -12.37 -18.95
N SER F 193 -9.68 -12.64 -18.55
CA SER F 193 -8.74 -11.57 -18.22
C SER F 193 -8.60 -10.60 -19.38
N GLY F 194 -8.22 -11.14 -20.53
CA GLY F 194 -8.00 -10.33 -21.71
C GLY F 194 -9.22 -9.50 -22.05
N LEU F 195 -10.38 -10.15 -22.06
CA LEU F 195 -11.63 -9.47 -22.36
C LEU F 195 -11.84 -8.30 -21.44
N LEU F 196 -11.60 -8.54 -20.15
CA LEU F 196 -11.69 -7.50 -19.16
C LEU F 196 -10.80 -6.32 -19.58
N MET F 197 -9.57 -6.64 -19.97
CA MET F 197 -8.62 -5.63 -20.39
C MET F 197 -9.18 -4.79 -21.53
N LYS F 198 -9.65 -5.45 -22.58
CA LYS F 198 -10.22 -4.75 -23.72
C LYS F 198 -11.33 -3.83 -23.25
N LEU F 199 -12.05 -4.25 -22.22
CA LEU F 199 -13.09 -3.41 -21.67
C LEU F 199 -12.55 -2.13 -21.03
N GLN F 200 -11.61 -2.24 -20.10
CA GLN F 200 -11.08 -1.01 -19.51
C GLN F 200 -10.55 -0.09 -20.58
N ASN F 201 -9.83 -0.67 -21.53
CA ASN F 201 -9.24 0.11 -22.60
C ASN F 201 -10.31 0.83 -23.40
N LEU F 202 -11.42 0.15 -23.62
CA LEU F 202 -12.48 0.70 -24.44
C LEU F 202 -13.11 1.89 -23.74
N CYS F 203 -13.59 1.65 -22.52
CA CYS F 203 -14.28 2.71 -21.79
C CYS F 203 -13.35 3.88 -21.57
N THR F 204 -12.06 3.59 -21.46
CA THR F 204 -11.07 4.64 -21.37
C THR F 204 -11.05 5.44 -22.65
N ARG F 205 -11.14 4.75 -23.77
CA ARG F 205 -11.10 5.41 -25.07
C ARG F 205 -12.29 6.31 -25.29
N LEU F 206 -13.43 5.91 -24.75
CA LEU F 206 -14.68 6.61 -25.02
C LEU F 206 -14.77 8.04 -24.51
N ASP F 207 -14.34 8.25 -23.27
CA ASP F 207 -14.42 9.57 -22.67
C ASP F 207 -13.07 10.29 -22.69
N GLN F 208 -12.96 11.29 -23.55
CA GLN F 208 -11.71 12.01 -23.68
C GLN F 208 -11.62 13.18 -22.71
N ASP F 209 -12.77 13.55 -22.16
CA ASP F 209 -12.87 14.70 -21.27
C ASP F 209 -12.81 14.29 -19.81
N GLU F 210 -12.59 13.00 -19.58
CA GLU F 210 -12.63 12.38 -18.26
C GLU F 210 -13.84 12.87 -17.45
N SER F 211 -15.00 12.86 -18.10
CA SER F 211 -16.24 13.29 -17.47
C SER F 211 -16.59 12.43 -16.27
N PHE F 212 -15.94 11.28 -16.17
CA PHE F 212 -16.11 10.39 -15.03
C PHE F 212 -14.78 10.36 -14.30
N SER F 213 -14.73 9.71 -13.14
CA SER F 213 -13.51 9.64 -12.37
C SER F 213 -12.49 8.74 -13.04
N GLN F 214 -11.23 8.90 -12.66
CA GLN F 214 -10.21 7.99 -13.16
C GLN F 214 -10.09 6.87 -12.16
N ARG F 215 -10.59 5.70 -12.57
CA ARG F 215 -10.53 4.51 -11.73
C ARG F 215 -10.75 3.31 -12.64
N LEU F 216 -10.36 2.13 -12.20
CA LEU F 216 -10.50 0.96 -13.06
C LEU F 216 -11.47 -0.07 -12.49
N PRO F 217 -12.64 -0.21 -13.13
CA PRO F 217 -13.65 -1.20 -12.74
C PRO F 217 -13.09 -2.62 -12.79
N LEU F 218 -13.30 -3.38 -11.73
CA LEU F 218 -12.67 -4.70 -11.62
C LEU F 218 -13.55 -5.87 -12.03
N ASN F 219 -14.81 -5.62 -12.36
CA ASN F 219 -15.66 -6.71 -12.81
C ASN F 219 -16.20 -6.40 -14.19
N ILE F 220 -16.64 -7.45 -14.88
CA ILE F 220 -17.12 -7.30 -16.24
C ILE F 220 -18.40 -6.47 -16.22
N GLU F 221 -19.15 -6.65 -15.16
CA GLU F 221 -20.47 -6.04 -14.98
C GLU F 221 -20.41 -4.51 -15.01
N GLU F 222 -19.62 -3.94 -14.11
CA GLU F 222 -19.58 -2.49 -14.00
C GLU F 222 -19.03 -1.89 -15.29
N ALA F 223 -18.13 -2.63 -15.92
CA ALA F 223 -17.62 -2.22 -17.22
C ALA F 223 -18.78 -2.06 -18.17
N LYS F 224 -19.56 -3.13 -18.32
CA LYS F 224 -20.77 -3.13 -19.12
C LYS F 224 -21.64 -1.92 -18.82
N ASP F 225 -21.74 -1.62 -17.53
CA ASP F 225 -22.56 -0.54 -17.05
C ASP F 225 -22.11 0.80 -17.62
N ARG F 226 -20.84 1.11 -17.36
CA ARG F 226 -20.32 2.40 -17.75
C ARG F 226 -20.41 2.51 -19.26
N LEU F 227 -20.22 1.39 -19.94
CA LEU F 227 -20.41 1.36 -21.39
C LEU F 227 -21.79 1.86 -21.75
N ARG F 228 -22.82 1.25 -21.18
CA ARG F 228 -24.17 1.63 -21.54
C ARG F 228 -24.44 3.09 -21.23
N ILE F 229 -24.01 3.53 -20.04
CA ILE F 229 -24.25 4.90 -19.64
C ILE F 229 -23.62 5.88 -20.61
N LEU F 230 -22.35 5.65 -20.94
CA LEU F 230 -21.64 6.51 -21.85
C LEU F 230 -22.30 6.53 -23.22
N MET F 231 -22.41 5.34 -23.82
CA MET F 231 -22.97 5.22 -25.16
C MET F 231 -24.32 5.91 -25.28
N LEU F 232 -25.17 5.74 -24.27
CA LEU F 232 -26.45 6.42 -24.30
C LEU F 232 -26.30 7.93 -24.16
N ARG F 233 -25.65 8.36 -23.09
CA ARG F 233 -25.49 9.78 -22.82
C ARG F 233 -24.46 10.46 -23.70
N LYS F 234 -23.26 9.92 -23.74
CA LYS F 234 -22.13 10.64 -24.31
C LYS F 234 -22.13 10.57 -25.83
N HIS F 235 -22.43 9.41 -26.38
CA HIS F 235 -22.36 9.23 -27.82
C HIS F 235 -23.65 8.68 -28.40
N PRO F 236 -24.68 9.52 -28.49
CA PRO F 236 -25.97 9.11 -29.04
C PRO F 236 -25.92 8.80 -30.52
N ARG F 237 -26.55 7.70 -30.92
CA ARG F 237 -26.62 7.30 -32.31
C ARG F 237 -25.25 7.22 -32.97
N SER F 238 -24.47 6.25 -32.54
CA SER F 238 -23.13 6.02 -33.07
C SER F 238 -22.85 4.53 -33.11
N LEU F 239 -22.21 4.08 -34.19
CA LEU F 239 -22.08 2.65 -34.42
C LEU F 239 -20.82 2.05 -33.82
N LEU F 240 -21.00 0.99 -33.04
CA LEU F 240 -19.91 0.30 -32.39
C LEU F 240 -19.59 -1.00 -33.09
N ILE F 241 -18.42 -1.08 -33.72
CA ILE F 241 -18.09 -2.26 -34.51
C ILE F 241 -17.15 -3.22 -33.79
N LEU F 242 -17.53 -4.49 -33.73
CA LEU F 242 -16.67 -5.53 -33.20
C LEU F 242 -15.90 -6.19 -34.31
N ASP F 243 -14.70 -6.67 -34.02
CA ASP F 243 -13.98 -7.42 -35.04
C ASP F 243 -13.57 -8.81 -34.56
N ASP F 244 -13.92 -9.81 -35.34
CA ASP F 244 -13.52 -11.20 -35.11
C ASP F 244 -13.98 -11.72 -33.75
N VAL F 245 -15.27 -11.96 -33.60
CA VAL F 245 -15.82 -12.39 -32.33
C VAL F 245 -16.02 -13.89 -32.27
N TRP F 246 -15.26 -14.58 -31.42
CA TRP F 246 -15.30 -16.03 -31.37
C TRP F 246 -16.39 -16.72 -30.54
N ASP F 247 -16.65 -16.25 -29.33
CA ASP F 247 -17.53 -17.02 -28.45
C ASP F 247 -18.71 -16.24 -27.90
N SER F 248 -19.71 -16.96 -27.40
CA SER F 248 -20.95 -16.35 -26.95
C SER F 248 -20.76 -15.45 -25.74
N TRP F 249 -20.17 -16.00 -24.70
CA TRP F 249 -20.00 -15.25 -23.46
C TRP F 249 -19.07 -14.07 -23.67
N VAL F 250 -18.27 -14.13 -24.72
CA VAL F 250 -17.47 -12.99 -25.09
C VAL F 250 -18.39 -11.88 -25.56
N LEU F 251 -19.45 -12.26 -26.23
CA LEU F 251 -20.38 -11.28 -26.76
C LEU F 251 -21.30 -10.74 -25.68
N LYS F 252 -21.62 -11.58 -24.70
CA LYS F 252 -22.54 -11.19 -23.64
C LYS F 252 -22.18 -9.85 -23.01
N ALA F 253 -20.90 -9.67 -22.70
CA ALA F 253 -20.45 -8.49 -21.99
C ALA F 253 -20.75 -7.20 -22.74
N PHE F 254 -20.39 -7.16 -24.02
CA PHE F 254 -20.57 -5.97 -24.83
C PHE F 254 -22.01 -5.56 -25.03
N ASP F 255 -22.94 -6.37 -24.56
CA ASP F 255 -24.32 -6.11 -24.89
C ASP F 255 -25.01 -5.20 -23.90
N SER F 256 -25.16 -3.95 -24.27
CA SER F 256 -26.25 -3.14 -23.75
C SER F 256 -26.77 -2.21 -24.82
N GLN F 257 -28.01 -2.43 -25.24
CA GLN F 257 -28.82 -1.42 -25.89
C GLN F 257 -28.12 -0.58 -26.96
N CYS F 258 -27.18 -1.17 -27.69
CA CYS F 258 -26.42 -0.43 -28.70
C CYS F 258 -26.43 -1.11 -30.05
N GLN F 259 -26.03 -0.36 -31.08
CA GLN F 259 -26.01 -0.88 -32.43
C GLN F 259 -24.68 -1.56 -32.67
N ILE F 260 -24.69 -2.73 -33.28
CA ILE F 260 -23.43 -3.41 -33.49
C ILE F 260 -23.34 -4.02 -34.87
N LEU F 261 -22.22 -3.81 -35.53
CA LEU F 261 -21.90 -4.49 -36.76
C LEU F 261 -20.72 -5.39 -36.53
N LEU F 262 -20.92 -6.69 -36.51
CA LEU F 262 -19.80 -7.57 -36.23
C LEU F 262 -19.48 -8.49 -37.39
N THR F 263 -18.18 -8.72 -37.57
CA THR F 263 -17.69 -9.57 -38.63
C THR F 263 -17.11 -10.77 -37.94
N THR F 264 -17.15 -11.93 -38.59
CA THR F 264 -16.68 -13.14 -37.95
C THR F 264 -16.70 -14.36 -38.82
N ARG F 265 -16.20 -15.47 -38.30
CA ARG F 265 -16.57 -16.74 -38.86
C ARG F 265 -17.35 -17.54 -37.81
N ASP F 266 -18.67 -17.40 -37.93
CA ASP F 266 -19.70 -18.22 -37.29
C ASP F 266 -21.01 -17.51 -37.54
N LYS F 267 -22.13 -18.21 -37.58
CA LYS F 267 -23.41 -17.52 -37.48
C LYS F 267 -24.09 -17.70 -36.14
N SER F 268 -23.48 -18.49 -35.26
CA SER F 268 -24.16 -18.87 -34.02
C SER F 268 -24.09 -17.80 -32.94
N VAL F 269 -22.93 -17.16 -32.79
CA VAL F 269 -22.67 -16.34 -31.61
C VAL F 269 -23.59 -15.14 -31.45
N THR F 270 -24.48 -14.91 -32.40
CA THR F 270 -25.56 -13.93 -32.24
C THR F 270 -26.62 -14.58 -31.38
N ASP F 271 -26.30 -15.79 -30.95
CA ASP F 271 -27.09 -16.60 -30.04
C ASP F 271 -27.73 -15.85 -28.88
N SER F 272 -26.91 -15.40 -27.94
CA SER F 272 -27.41 -15.02 -26.64
C SER F 272 -27.93 -13.59 -26.52
N VAL F 273 -27.92 -12.84 -27.62
CA VAL F 273 -28.36 -11.46 -27.52
C VAL F 273 -29.82 -11.26 -27.94
N MET F 274 -30.53 -10.48 -27.15
CA MET F 274 -31.90 -10.12 -27.47
C MET F 274 -31.97 -9.02 -28.52
N GLY F 275 -33.10 -8.92 -29.20
CA GLY F 275 -33.32 -7.84 -30.15
C GLY F 275 -33.24 -8.32 -31.59
N PRO F 276 -33.50 -7.41 -32.53
CA PRO F 276 -33.56 -7.73 -33.96
C PRO F 276 -32.20 -8.15 -34.47
N LYS F 277 -32.17 -9.01 -35.48
CA LYS F 277 -30.93 -9.57 -35.97
C LYS F 277 -30.97 -9.72 -37.48
N TYR F 278 -29.81 -9.83 -38.11
CA TYR F 278 -29.72 -9.98 -39.56
C TYR F 278 -28.44 -10.71 -39.91
N VAL F 279 -28.38 -11.30 -41.09
CA VAL F 279 -27.12 -11.89 -41.56
C VAL F 279 -26.92 -11.65 -43.05
N VAL F 280 -25.70 -11.26 -43.41
CA VAL F 280 -25.33 -11.16 -44.82
C VAL F 280 -24.21 -12.11 -45.15
N PRO F 281 -24.50 -13.23 -45.84
CA PRO F 281 -23.39 -14.14 -46.12
C PRO F 281 -22.43 -13.56 -47.14
N VAL F 282 -21.15 -13.53 -46.79
CA VAL F 282 -20.09 -13.07 -47.69
C VAL F 282 -19.37 -14.28 -48.28
N GLU F 283 -19.87 -15.47 -47.95
CA GLU F 283 -19.13 -16.72 -48.17
C GLU F 283 -18.70 -16.94 -49.62
N SER F 284 -19.18 -16.11 -50.53
CA SER F 284 -18.88 -16.26 -51.93
C SER F 284 -17.41 -15.94 -52.24
N SER F 285 -17.04 -15.97 -53.52
CA SER F 285 -15.68 -15.69 -53.92
C SER F 285 -15.60 -15.01 -55.27
N LEU F 286 -14.44 -14.41 -55.55
CA LEU F 286 -14.26 -13.50 -56.68
C LEU F 286 -14.34 -14.18 -58.03
N GLY F 287 -14.58 -13.37 -59.07
CA GLY F 287 -14.60 -13.84 -60.43
C GLY F 287 -13.31 -13.55 -61.16
N LYS F 288 -13.19 -14.10 -62.36
CA LYS F 288 -11.96 -14.02 -63.16
C LYS F 288 -11.41 -12.60 -63.29
N GLU F 289 -12.31 -11.69 -63.68
CA GLU F 289 -11.94 -10.30 -63.91
C GLU F 289 -11.20 -9.63 -62.76
N LYS F 290 -11.79 -9.64 -61.58
CA LYS F 290 -11.18 -8.99 -60.44
C LYS F 290 -9.81 -9.56 -60.16
N GLY F 291 -9.68 -10.89 -60.23
CA GLY F 291 -8.40 -11.53 -60.01
C GLY F 291 -7.39 -10.89 -60.93
N LEU F 292 -7.74 -10.87 -62.21
CA LEU F 292 -6.88 -10.22 -63.18
C LEU F 292 -6.51 -8.79 -62.80
N GLU F 293 -7.44 -8.01 -62.30
CA GLU F 293 -7.09 -6.64 -61.94
C GLU F 293 -6.14 -6.58 -60.76
N ILE F 294 -6.31 -7.47 -59.79
CA ILE F 294 -5.41 -7.46 -58.65
C ILE F 294 -4.00 -7.75 -59.09
N LEU F 295 -3.81 -8.86 -59.81
CA LEU F 295 -2.48 -9.16 -60.30
C LEU F 295 -1.94 -8.03 -61.14
N SER F 296 -2.84 -7.40 -61.91
CA SER F 296 -2.47 -6.27 -62.73
C SER F 296 -1.82 -5.19 -61.89
N LEU F 297 -2.51 -4.77 -60.85
CA LEU F 297 -1.99 -3.68 -60.03
C LEU F 297 -0.75 -4.08 -59.26
N PHE F 298 -0.59 -5.38 -59.00
CA PHE F 298 0.62 -5.81 -58.32
C PHE F 298 1.87 -5.85 -59.20
N VAL F 299 1.77 -6.37 -60.42
CA VAL F 299 2.97 -6.43 -61.25
C VAL F 299 3.07 -5.24 -62.21
N ASN F 300 2.16 -4.29 -62.08
CA ASN F 300 2.19 -3.06 -62.87
C ASN F 300 2.15 -3.28 -64.38
N MET F 301 1.00 -3.73 -64.88
CA MET F 301 0.83 -3.90 -66.32
C MET F 301 -0.59 -3.55 -66.74
N LYS F 302 -0.84 -3.70 -68.03
CA LYS F 302 -2.20 -3.74 -68.53
C LYS F 302 -2.44 -5.14 -69.06
N LYS F 303 -3.69 -5.58 -69.03
CA LYS F 303 -4.03 -6.99 -69.22
C LYS F 303 -3.36 -7.64 -70.42
N ALA F 304 -3.30 -6.91 -71.52
CA ALA F 304 -2.72 -7.46 -72.74
C ALA F 304 -1.22 -7.74 -72.56
N ASP F 305 -0.59 -6.99 -71.66
CA ASP F 305 0.84 -7.14 -71.43
C ASP F 305 1.15 -8.30 -70.52
N LEU F 306 0.11 -8.91 -69.96
CA LEU F 306 0.27 -10.04 -69.07
C LEU F 306 0.71 -11.27 -69.86
N PRO F 307 1.56 -12.10 -69.23
CA PRO F 307 1.92 -13.41 -69.79
C PRO F 307 0.70 -14.28 -69.86
N GLU F 308 0.76 -15.37 -70.63
CA GLU F 308 -0.40 -16.24 -70.77
C GLU F 308 -0.75 -16.97 -69.49
N GLN F 309 0.28 -17.40 -68.76
CA GLN F 309 0.08 -18.23 -67.58
C GLN F 309 -0.83 -17.55 -66.56
N ALA F 310 -0.91 -16.23 -66.64
CA ALA F 310 -1.80 -15.45 -65.80
C ALA F 310 -3.21 -16.00 -65.80
N HIS F 311 -3.74 -16.29 -66.99
CA HIS F 311 -5.09 -16.83 -67.06
C HIS F 311 -5.20 -18.15 -66.34
N SER F 312 -4.18 -18.98 -66.47
CA SER F 312 -4.26 -20.33 -65.93
C SER F 312 -4.21 -20.34 -64.42
N ILE F 313 -3.21 -19.67 -63.86
CA ILE F 313 -2.97 -19.71 -62.43
C ILE F 313 -4.19 -19.26 -61.62
N ILE F 314 -4.82 -18.16 -62.02
CA ILE F 314 -6.00 -17.67 -61.35
C ILE F 314 -7.07 -18.75 -61.24
N LYS F 315 -7.18 -19.56 -62.28
CA LYS F 315 -8.20 -20.59 -62.30
C LYS F 315 -8.01 -21.56 -61.16
N GLU F 316 -6.76 -21.82 -60.80
CA GLU F 316 -6.48 -22.75 -59.73
C GLU F 316 -6.59 -22.05 -58.39
N CYS F 317 -6.51 -20.72 -58.41
CA CYS F 317 -6.55 -19.94 -57.19
C CYS F 317 -7.91 -20.01 -56.52
N LYS F 318 -8.95 -20.10 -57.33
CA LYS F 318 -10.32 -20.37 -56.87
C LYS F 318 -10.92 -19.27 -56.02
N GLY F 319 -10.59 -18.03 -56.33
CA GLY F 319 -11.37 -16.90 -55.86
C GLY F 319 -11.02 -16.26 -54.53
N SER F 320 -10.34 -17.00 -53.65
CA SER F 320 -10.00 -16.45 -52.35
C SER F 320 -9.00 -15.32 -52.47
N PRO F 321 -9.42 -14.11 -52.12
CA PRO F 321 -8.63 -12.89 -52.23
C PRO F 321 -7.30 -13.03 -51.52
N LEU F 322 -7.25 -13.91 -50.53
CA LEU F 322 -6.00 -14.21 -49.89
C LEU F 322 -4.99 -14.71 -50.91
N VAL F 323 -5.24 -15.88 -51.47
CA VAL F 323 -4.25 -16.54 -52.31
C VAL F 323 -3.86 -15.67 -53.50
N VAL F 324 -4.84 -14.99 -54.09
CA VAL F 324 -4.54 -13.98 -55.09
C VAL F 324 -3.55 -12.98 -54.52
N SER F 325 -3.86 -12.40 -53.37
CA SER F 325 -2.97 -11.41 -52.76
C SER F 325 -1.56 -11.96 -52.59
N LEU F 326 -1.47 -13.25 -52.30
CA LEU F 326 -0.16 -13.86 -52.20
C LEU F 326 0.62 -13.89 -53.47
N ILE F 327 0.03 -14.50 -54.49
CA ILE F 327 0.75 -14.62 -55.74
C ILE F 327 1.11 -13.24 -56.24
N GLY F 328 0.17 -12.32 -56.13
CA GLY F 328 0.42 -10.95 -56.53
C GLY F 328 1.45 -10.26 -55.65
N ALA F 329 1.69 -10.79 -54.46
CA ALA F 329 2.74 -10.25 -53.62
C ALA F 329 4.11 -10.75 -54.02
N LEU F 330 4.19 -12.05 -54.30
CA LEU F 330 5.47 -12.67 -54.60
C LEU F 330 5.97 -12.29 -55.98
N LEU F 331 5.07 -12.23 -56.96
CA LEU F 331 5.48 -11.90 -58.31
C LEU F 331 5.98 -10.47 -58.39
N ARG F 332 5.77 -9.72 -57.31
CA ARG F 332 6.24 -8.36 -57.25
C ARG F 332 7.75 -8.33 -57.06
N ASP F 333 8.25 -9.30 -56.32
CA ASP F 333 9.69 -9.40 -56.08
C ASP F 333 10.47 -10.05 -57.21
N PHE F 334 9.97 -11.18 -57.71
CA PHE F 334 10.76 -12.02 -58.60
C PHE F 334 10.06 -12.12 -59.93
N PRO F 335 10.09 -11.04 -60.71
CA PRO F 335 9.20 -10.81 -61.85
C PRO F 335 9.06 -12.01 -62.78
N ASN F 336 10.08 -12.85 -62.92
CA ASN F 336 9.79 -14.17 -63.46
C ASN F 336 10.09 -15.30 -62.50
N ARG F 337 9.08 -15.71 -61.76
CA ARG F 337 8.94 -17.08 -61.29
C ARG F 337 7.73 -17.80 -61.88
N TRP F 338 7.03 -17.13 -62.79
CA TRP F 338 5.68 -17.51 -63.21
C TRP F 338 5.45 -19.00 -63.40
N GLU F 339 6.36 -19.67 -64.08
CA GLU F 339 6.19 -21.09 -64.28
C GLU F 339 6.25 -21.81 -62.94
N TYR F 340 7.17 -21.39 -62.09
CA TYR F 340 7.41 -22.07 -60.83
C TYR F 340 6.13 -22.12 -60.00
N TYR F 341 5.44 -20.99 -59.90
CA TYR F 341 4.19 -20.97 -59.14
C TYR F 341 3.07 -21.65 -59.89
N LEU F 342 3.05 -21.52 -61.22
CA LEU F 342 1.99 -22.16 -61.97
C LEU F 342 2.00 -23.66 -61.73
N LYS F 343 3.18 -24.25 -61.61
CA LYS F 343 3.25 -25.67 -61.28
C LYS F 343 3.04 -25.92 -59.79
N GLN F 344 3.67 -25.11 -58.96
CA GLN F 344 3.68 -25.37 -57.53
C GLN F 344 2.30 -25.21 -56.91
N LEU F 345 1.47 -24.41 -57.54
CA LEU F 345 0.10 -24.19 -57.08
C LEU F 345 -0.77 -25.34 -57.56
N GLN F 346 -0.30 -26.02 -58.60
CA GLN F 346 -1.02 -27.15 -59.17
C GLN F 346 -0.91 -28.34 -58.24
N ASN F 347 0.31 -28.77 -57.96
CA ASN F 347 0.54 -29.90 -57.08
C ASN F 347 -0.14 -29.74 -55.72
N LYS F 348 -0.79 -28.59 -55.54
CA LYS F 348 -1.81 -28.42 -54.51
C LYS F 348 -1.23 -28.15 -53.13
N GLN F 349 0.09 -28.17 -53.01
CA GLN F 349 0.70 -27.90 -51.72
C GLN F 349 0.83 -26.40 -51.48
N PHE F 350 0.24 -25.92 -50.39
CA PHE F 350 0.25 -24.50 -50.09
C PHE F 350 1.32 -24.10 -49.08
N LYS F 351 2.05 -25.09 -48.56
CA LYS F 351 3.13 -24.81 -47.62
C LYS F 351 4.21 -23.95 -48.24
N ARG F 352 4.40 -24.11 -49.54
CA ARG F 352 5.48 -23.46 -50.25
C ARG F 352 5.24 -21.96 -50.33
N ILE F 353 3.99 -21.55 -50.19
CA ILE F 353 3.65 -20.13 -50.24
C ILE F 353 3.69 -19.51 -48.86
N ARG F 354 4.54 -18.52 -48.67
CA ARG F 354 4.58 -17.76 -47.42
C ARG F 354 4.82 -16.30 -47.68
N LYS F 355 4.16 -15.45 -46.90
CA LYS F 355 4.41 -14.03 -46.98
C LYS F 355 3.92 -13.38 -45.68
N SER F 356 4.39 -12.18 -45.38
CA SER F 356 3.86 -11.43 -44.26
C SER F 356 3.21 -10.16 -44.78
N SER F 357 2.14 -9.74 -44.13
CA SER F 357 1.40 -8.56 -44.57
C SER F 357 0.45 -8.10 -43.50
N SER F 358 -0.41 -7.14 -43.84
CA SER F 358 -1.43 -6.64 -42.92
C SER F 358 -2.19 -7.78 -42.29
N TYR F 359 -2.39 -8.84 -43.07
CA TYR F 359 -3.13 -10.00 -42.63
C TYR F 359 -2.38 -10.63 -41.46
N ASP F 360 -3.09 -11.32 -40.59
CA ASP F 360 -2.49 -11.79 -39.34
C ASP F 360 -1.66 -13.07 -39.45
N TYR F 361 -1.88 -13.85 -40.48
CA TYR F 361 -1.17 -15.12 -40.59
C TYR F 361 -0.33 -15.16 -41.84
N GLU F 362 0.73 -15.95 -41.81
CA GLU F 362 1.62 -16.05 -42.95
C GLU F 362 0.93 -16.62 -44.17
N ALA F 363 0.42 -17.84 -44.04
CA ALA F 363 -0.06 -18.57 -45.22
C ALA F 363 -1.47 -19.07 -45.05
N LEU F 364 -2.07 -19.48 -46.16
CA LEU F 364 -3.45 -19.95 -46.15
C LEU F 364 -3.69 -21.03 -45.11
N ASP F 365 -2.81 -22.02 -45.09
CA ASP F 365 -2.97 -23.17 -44.22
C ASP F 365 -3.27 -22.80 -42.78
N GLU F 366 -2.61 -21.74 -42.31
CA GLU F 366 -2.77 -21.31 -40.94
C GLU F 366 -4.21 -21.00 -40.56
N ALA F 367 -4.86 -20.18 -41.37
CA ALA F 367 -6.23 -19.76 -41.10
C ALA F 367 -7.12 -20.96 -40.83
N MET F 368 -7.12 -21.89 -41.78
CA MET F 368 -7.89 -23.11 -41.66
C MET F 368 -7.50 -23.79 -40.35
N SER F 369 -6.19 -23.90 -40.15
CA SER F 369 -5.66 -24.59 -38.97
C SER F 369 -6.19 -23.98 -37.69
N ILE F 370 -6.44 -22.68 -37.69
CA ILE F 370 -7.00 -22.05 -36.52
C ILE F 370 -8.46 -22.42 -36.38
N SER F 371 -9.21 -22.29 -37.46
CA SER F 371 -10.64 -22.56 -37.38
C SER F 371 -10.92 -23.96 -36.88
N VAL F 372 -10.06 -24.90 -37.25
CA VAL F 372 -10.24 -26.29 -36.87
C VAL F 372 -10.12 -26.54 -35.37
N GLU F 373 -9.15 -25.90 -34.74
CA GLU F 373 -8.80 -26.24 -33.36
C GLU F 373 -9.86 -25.89 -32.33
N MET F 374 -10.69 -24.90 -32.61
CA MET F 374 -11.65 -24.43 -31.62
C MET F 374 -12.80 -25.39 -31.38
N LEU F 375 -12.87 -26.48 -32.15
CA LEU F 375 -13.94 -27.44 -31.97
C LEU F 375 -13.82 -28.21 -30.67
N ARG F 376 -14.91 -28.80 -30.22
CA ARG F 376 -14.94 -29.60 -29.01
C ARG F 376 -14.09 -30.85 -29.18
N GLU F 377 -13.68 -31.44 -28.06
CA GLU F 377 -12.88 -32.65 -28.12
C GLU F 377 -13.70 -33.80 -28.67
N ASP F 378 -15.00 -33.74 -28.46
CA ASP F 378 -15.89 -34.80 -28.87
C ASP F 378 -15.94 -34.93 -30.40
N ILE F 379 -16.14 -33.81 -31.07
CA ILE F 379 -16.45 -33.82 -32.49
C ILE F 379 -15.24 -33.97 -33.42
N LYS F 380 -14.10 -33.52 -32.97
CA LYS F 380 -12.85 -33.36 -33.70
C LYS F 380 -12.49 -34.61 -34.49
N ASP F 381 -12.92 -35.76 -34.00
CA ASP F 381 -12.70 -36.98 -34.74
C ASP F 381 -13.69 -37.08 -35.88
N TYR F 382 -14.97 -36.80 -35.58
CA TYR F 382 -16.00 -36.90 -36.60
C TYR F 382 -15.70 -36.03 -37.80
N TYR F 383 -14.98 -34.95 -37.58
CA TYR F 383 -14.69 -34.06 -38.71
C TYR F 383 -13.77 -34.75 -39.69
N THR F 384 -12.70 -35.34 -39.16
CA THR F 384 -11.67 -35.98 -39.96
C THR F 384 -12.25 -36.94 -40.98
N ASP F 385 -13.26 -37.69 -40.57
CA ASP F 385 -13.89 -38.68 -41.42
C ASP F 385 -14.38 -38.07 -42.72
N LEU F 386 -14.73 -36.79 -42.67
CA LEU F 386 -15.40 -36.16 -43.79
C LEU F 386 -14.43 -35.90 -44.94
N SER F 387 -13.14 -36.15 -44.70
CA SER F 387 -12.12 -35.92 -45.70
C SER F 387 -12.28 -36.75 -46.96
N ILE F 388 -13.14 -37.75 -46.90
CA ILE F 388 -13.30 -38.70 -48.00
C ILE F 388 -13.97 -38.10 -49.23
N LEU F 389 -14.62 -36.95 -49.07
CA LEU F 389 -15.38 -36.34 -50.16
C LEU F 389 -14.46 -35.87 -51.28
N GLN F 390 -15.00 -35.87 -52.48
CA GLN F 390 -14.26 -35.43 -53.65
C GLN F 390 -14.72 -34.02 -53.90
N LYS F 391 -13.80 -33.13 -54.25
CA LYS F 391 -14.21 -31.76 -54.47
C LYS F 391 -15.27 -31.76 -55.57
N ASP F 392 -16.35 -31.05 -55.30
CA ASP F 392 -17.47 -30.96 -56.24
C ASP F 392 -18.45 -32.14 -56.16
N VAL F 393 -18.26 -33.07 -55.23
CA VAL F 393 -19.20 -34.16 -55.18
C VAL F 393 -20.20 -33.94 -54.07
N LYS F 394 -21.43 -33.62 -54.44
CA LYS F 394 -22.46 -33.42 -53.45
C LYS F 394 -22.87 -34.78 -52.92
N VAL F 395 -23.06 -34.88 -51.61
CA VAL F 395 -23.46 -36.15 -51.04
C VAL F 395 -24.84 -36.01 -50.43
N PRO F 396 -25.63 -37.09 -50.47
CA PRO F 396 -26.86 -37.09 -49.69
C PRO F 396 -26.49 -37.32 -48.25
N THR F 397 -27.47 -37.29 -47.35
CA THR F 397 -27.18 -37.41 -45.94
C THR F 397 -26.93 -38.85 -45.54
N LYS F 398 -27.72 -39.74 -46.13
CA LYS F 398 -27.78 -41.15 -45.73
C LYS F 398 -26.42 -41.82 -45.64
N VAL F 399 -25.56 -41.55 -46.62
CA VAL F 399 -24.25 -42.18 -46.66
C VAL F 399 -23.46 -41.91 -45.39
N LEU F 400 -23.65 -40.73 -44.83
CA LEU F 400 -22.98 -40.38 -43.60
C LEU F 400 -23.59 -41.14 -42.44
N CYS F 401 -24.89 -41.38 -42.51
CA CYS F 401 -25.54 -42.20 -41.51
C CYS F 401 -24.88 -43.57 -41.52
N ILE F 402 -24.63 -44.06 -42.72
CA ILE F 402 -23.94 -45.33 -42.90
C ILE F 402 -22.56 -45.26 -42.28
N LEU F 403 -21.90 -44.13 -42.43
CA LEU F 403 -20.54 -44.04 -41.91
C LEU F 403 -20.50 -44.01 -40.39
N TRP F 404 -21.25 -43.13 -39.75
CA TRP F 404 -21.20 -43.04 -38.29
C TRP F 404 -22.15 -44.01 -37.60
N ASP F 405 -22.90 -44.77 -38.38
CA ASP F 405 -23.80 -45.79 -37.83
C ASP F 405 -24.82 -45.26 -36.84
N MET F 406 -25.59 -44.26 -37.24
CA MET F 406 -26.63 -43.72 -36.37
C MET F 406 -27.77 -43.05 -37.12
N GLU F 407 -28.85 -42.79 -36.39
CA GLU F 407 -30.10 -42.27 -36.94
C GLU F 407 -29.90 -40.98 -37.73
N THR F 408 -30.73 -40.79 -38.74
CA THR F 408 -30.69 -39.64 -39.63
C THR F 408 -30.53 -38.28 -38.94
N GLU F 409 -31.56 -37.87 -38.22
CA GLU F 409 -31.57 -36.54 -37.63
C GLU F 409 -30.37 -36.34 -36.72
N GLU F 410 -30.07 -37.37 -35.94
CA GLU F 410 -28.91 -37.37 -35.06
C GLU F 410 -27.65 -36.93 -35.79
N VAL F 411 -27.51 -37.36 -37.03
CA VAL F 411 -26.39 -36.92 -37.85
C VAL F 411 -26.58 -35.50 -38.33
N GLU F 412 -27.79 -35.23 -38.81
CA GLU F 412 -28.08 -33.96 -39.45
C GLU F 412 -27.79 -32.79 -38.52
N ASP F 413 -27.90 -33.02 -37.22
CA ASP F 413 -27.60 -31.97 -36.26
C ASP F 413 -26.12 -31.63 -36.24
N ILE F 414 -25.29 -32.64 -36.06
CA ILE F 414 -23.84 -32.45 -36.08
C ILE F 414 -23.44 -31.73 -37.35
N LEU F 415 -23.92 -32.24 -38.47
CA LEU F 415 -23.60 -31.61 -39.74
C LEU F 415 -23.98 -30.14 -39.71
N GLN F 416 -25.14 -29.84 -39.14
CA GLN F 416 -25.56 -28.45 -39.03
C GLN F 416 -24.57 -27.64 -38.23
N GLU F 417 -24.02 -28.25 -37.19
CA GLU F 417 -22.98 -27.57 -36.42
C GLU F 417 -21.77 -27.23 -37.28
N PHE F 418 -21.33 -28.18 -38.10
CA PHE F 418 -20.29 -27.85 -39.06
C PHE F 418 -20.68 -26.73 -40.00
N VAL F 419 -21.95 -26.63 -40.33
CA VAL F 419 -22.37 -25.51 -41.17
C VAL F 419 -22.20 -24.22 -40.40
N ASN F 420 -22.52 -24.26 -39.12
CA ASN F 420 -22.40 -23.08 -38.27
C ASN F 420 -20.96 -22.59 -38.21
N LYS F 421 -20.03 -23.51 -37.98
CA LYS F 421 -18.63 -23.14 -37.95
C LYS F 421 -18.05 -22.82 -39.33
N SER F 422 -18.88 -22.97 -40.36
CA SER F 422 -18.48 -22.67 -41.73
C SER F 422 -17.35 -23.56 -42.23
N LEU F 423 -17.36 -24.82 -41.82
CA LEU F 423 -16.45 -25.80 -42.37
C LEU F 423 -17.07 -26.57 -43.51
N LEU F 424 -18.37 -26.41 -43.70
CA LEU F 424 -19.09 -27.25 -44.64
C LEU F 424 -20.32 -26.55 -45.17
N PHE F 425 -20.68 -26.80 -46.41
CA PHE F 425 -21.81 -26.07 -46.96
C PHE F 425 -23.00 -26.97 -47.23
N CYS F 426 -24.19 -26.39 -47.13
CA CYS F 426 -25.42 -27.15 -47.16
C CYS F 426 -26.42 -26.57 -48.16
N ASP F 427 -26.83 -27.38 -49.11
CA ASP F 427 -27.83 -26.99 -50.09
C ASP F 427 -29.15 -27.67 -49.78
N ARG F 428 -30.23 -26.90 -49.86
CA ARG F 428 -31.55 -27.39 -49.49
C ARG F 428 -32.47 -27.53 -50.69
N ASN F 429 -32.73 -28.77 -51.07
CA ASN F 429 -33.69 -29.06 -52.13
C ASN F 429 -34.31 -30.43 -51.89
N GLY F 430 -35.59 -30.56 -52.21
CA GLY F 430 -36.31 -31.77 -51.89
C GLY F 430 -36.39 -31.90 -50.38
N LYS F 431 -36.65 -33.09 -49.89
CA LYS F 431 -36.68 -33.30 -48.46
C LYS F 431 -35.27 -33.45 -47.90
N SER F 432 -34.44 -34.20 -48.62
CA SER F 432 -33.09 -34.51 -48.15
C SER F 432 -32.14 -33.35 -48.39
N PHE F 433 -31.46 -32.92 -47.33
CA PHE F 433 -30.42 -31.91 -47.50
C PHE F 433 -29.22 -32.49 -48.22
N ARG F 434 -28.40 -31.59 -48.77
CA ARG F 434 -27.26 -32.00 -49.58
C ARG F 434 -26.00 -31.27 -49.17
N TYR F 435 -25.03 -31.99 -48.65
CA TYR F 435 -23.83 -31.36 -48.11
C TYR F 435 -22.63 -31.47 -49.02
N TYR F 436 -21.80 -30.43 -49.06
CA TYR F 436 -20.56 -30.51 -49.82
C TYR F 436 -19.54 -29.51 -49.32
N LEU F 437 -18.28 -29.77 -49.65
CA LEU F 437 -17.20 -28.91 -49.23
C LEU F 437 -16.85 -27.84 -50.23
N HIS F 438 -15.90 -27.01 -49.84
CA HIS F 438 -15.31 -26.07 -50.75
C HIS F 438 -13.89 -26.55 -51.02
N ASP F 439 -13.37 -26.27 -52.20
CA ASP F 439 -12.14 -26.88 -52.67
C ASP F 439 -10.96 -26.76 -51.72
N LEU F 440 -10.65 -25.52 -51.34
CA LEU F 440 -9.49 -25.25 -50.54
C LEU F 440 -9.47 -26.10 -49.29
N GLN F 441 -10.62 -26.21 -48.66
CA GLN F 441 -10.75 -27.03 -47.47
C GLN F 441 -10.41 -28.48 -47.78
N VAL F 442 -10.83 -28.94 -48.97
CA VAL F 442 -10.58 -30.31 -49.35
C VAL F 442 -9.10 -30.56 -49.46
N ASP F 443 -8.41 -29.70 -50.18
CA ASP F 443 -6.97 -29.87 -50.35
C ASP F 443 -6.27 -29.79 -49.00
N PHE F 444 -6.77 -28.89 -48.15
CA PHE F 444 -6.24 -28.75 -46.82
C PHE F 444 -6.30 -30.07 -46.06
N LEU F 445 -7.49 -30.66 -46.00
CA LEU F 445 -7.64 -31.92 -45.30
C LEU F 445 -6.82 -33.02 -45.95
N THR F 446 -6.65 -32.92 -47.26
CA THR F 446 -5.83 -33.86 -48.00
C THR F 446 -4.42 -33.82 -47.45
N GLU F 447 -3.93 -32.61 -47.17
CA GLU F 447 -2.56 -32.48 -46.68
C GLU F 447 -2.45 -32.83 -45.20
N LYS F 448 -3.45 -32.43 -44.41
CA LYS F 448 -3.40 -32.62 -42.96
C LYS F 448 -3.43 -34.09 -42.58
N ASN F 449 -4.39 -34.83 -43.10
CA ASN F 449 -4.47 -36.25 -42.84
C ASN F 449 -4.18 -37.05 -44.10
N CYS F 450 -3.06 -37.76 -44.10
CA CYS F 450 -2.64 -38.53 -45.25
C CYS F 450 -2.68 -40.02 -44.95
N SER F 451 -1.87 -40.43 -43.99
CA SER F 451 -1.70 -41.85 -43.66
C SER F 451 -2.99 -42.58 -43.31
N GLN F 452 -4.03 -41.83 -42.96
CA GLN F 452 -5.25 -42.42 -42.46
C GLN F 452 -6.29 -42.69 -43.54
N LEU F 453 -5.94 -42.42 -44.79
CA LEU F 453 -6.87 -42.64 -45.90
C LEU F 453 -7.37 -44.08 -45.98
N GLN F 454 -6.42 -45.01 -46.02
CA GLN F 454 -6.73 -46.43 -46.11
C GLN F 454 -7.77 -46.83 -45.08
N ASP F 455 -7.50 -46.44 -43.85
CA ASP F 455 -8.38 -46.73 -42.73
C ASP F 455 -9.80 -46.32 -43.06
N LEU F 456 -9.93 -45.09 -43.55
CA LEU F 456 -11.24 -44.50 -43.81
C LEU F 456 -11.98 -45.24 -44.92
N HIS F 457 -11.31 -45.41 -46.05
CA HIS F 457 -11.96 -46.07 -47.18
C HIS F 457 -12.39 -47.49 -46.84
N LYS F 458 -11.48 -48.26 -46.26
CA LYS F 458 -11.80 -49.63 -45.88
C LYS F 458 -12.91 -49.63 -44.85
N LYS F 459 -12.96 -48.57 -44.05
CA LYS F 459 -14.01 -48.41 -43.06
C LYS F 459 -15.38 -48.28 -43.71
N ILE F 460 -15.51 -47.33 -44.63
CA ILE F 460 -16.80 -47.10 -45.25
C ILE F 460 -17.22 -48.30 -46.09
N ILE F 461 -16.25 -48.98 -46.69
CA ILE F 461 -16.56 -50.16 -47.47
C ILE F 461 -17.10 -51.26 -46.58
N THR F 462 -16.34 -51.57 -45.52
CA THR F 462 -16.76 -52.56 -44.54
C THR F 462 -18.17 -52.29 -44.06
N GLN F 463 -18.42 -51.04 -43.70
CA GLN F 463 -19.75 -50.62 -43.29
C GLN F 463 -20.79 -50.93 -44.36
N PHE F 464 -20.45 -50.59 -45.60
CA PHE F 464 -21.38 -50.74 -46.70
C PHE F 464 -21.78 -52.19 -46.87
N GLN F 465 -20.79 -53.09 -46.82
CA GLN F 465 -21.07 -54.52 -46.91
C GLN F 465 -21.92 -54.96 -45.73
N ARG F 466 -21.55 -54.49 -44.54
CA ARG F 466 -22.23 -54.92 -43.33
C ARG F 466 -23.70 -54.49 -43.34
N TYR F 467 -24.03 -53.47 -44.12
CA TYR F 467 -25.43 -53.10 -44.27
C TYR F 467 -26.05 -53.61 -45.57
N HIS F 468 -25.71 -52.98 -46.68
CA HIS F 468 -26.32 -53.35 -47.95
C HIS F 468 -25.57 -54.46 -48.66
N GLN F 469 -26.10 -54.85 -49.82
CA GLN F 469 -25.47 -55.85 -50.66
C GLN F 469 -25.08 -55.23 -51.99
N PRO F 470 -23.98 -55.68 -52.58
CA PRO F 470 -23.47 -55.08 -53.82
C PRO F 470 -24.45 -55.15 -54.98
N HIS F 471 -25.08 -56.30 -55.19
CA HIS F 471 -26.03 -56.44 -56.29
C HIS F 471 -27.45 -56.15 -55.84
N THR F 472 -27.62 -55.79 -54.57
CA THR F 472 -28.93 -55.45 -54.07
C THR F 472 -29.01 -53.97 -53.73
N LEU F 473 -29.69 -53.21 -54.58
CA LEU F 473 -29.92 -51.79 -54.35
C LEU F 473 -31.30 -51.39 -54.80
N SER F 474 -31.94 -50.54 -54.01
CA SER F 474 -33.22 -50.00 -54.40
C SER F 474 -33.02 -48.65 -55.06
N PRO F 475 -33.32 -48.55 -56.36
CA PRO F 475 -33.24 -47.30 -57.10
C PRO F 475 -34.17 -46.25 -56.52
N ASP F 476 -35.12 -46.70 -55.69
CA ASP F 476 -36.05 -45.81 -55.02
C ASP F 476 -35.45 -45.17 -53.78
N GLN F 477 -34.28 -45.65 -53.36
CA GLN F 477 -33.63 -45.06 -52.20
C GLN F 477 -33.06 -43.70 -52.54
N GLU F 478 -32.56 -43.01 -51.53
CA GLU F 478 -32.01 -41.68 -51.74
C GLU F 478 -30.50 -41.69 -51.94
N ASP F 479 -29.87 -42.81 -51.59
CA ASP F 479 -28.41 -42.90 -51.67
C ASP F 479 -27.87 -43.64 -52.88
N CYS F 480 -28.74 -44.19 -53.70
CA CYS F 480 -28.33 -45.08 -54.77
C CYS F 480 -27.28 -44.49 -55.70
N MET F 481 -27.62 -43.35 -56.29
CA MET F 481 -26.80 -42.72 -57.32
C MET F 481 -25.36 -42.58 -56.89
N TYR F 482 -25.18 -42.04 -55.69
CA TYR F 482 -23.84 -41.86 -55.15
C TYR F 482 -23.09 -43.17 -55.10
N TRP F 483 -23.74 -44.21 -54.59
CA TRP F 483 -23.07 -45.49 -54.49
C TRP F 483 -22.63 -45.96 -55.86
N TYR F 484 -23.56 -46.02 -56.81
CA TYR F 484 -23.22 -46.46 -58.15
C TYR F 484 -22.03 -45.70 -58.72
N ASN F 485 -22.04 -44.38 -58.60
CA ASN F 485 -20.92 -43.64 -59.16
C ASN F 485 -19.59 -43.89 -58.47
N PHE F 486 -19.53 -43.63 -57.17
CA PHE F 486 -18.22 -43.55 -56.53
C PHE F 486 -17.76 -44.78 -55.75
N LEU F 487 -18.58 -45.82 -55.71
CA LEU F 487 -18.20 -47.01 -54.94
C LEU F 487 -16.90 -47.61 -55.44
N ALA F 488 -16.78 -47.67 -56.77
CA ALA F 488 -15.57 -48.13 -57.42
C ALA F 488 -14.38 -47.34 -56.91
N TYR F 489 -14.52 -46.02 -56.89
CA TYR F 489 -13.48 -45.15 -56.38
C TYR F 489 -13.08 -45.50 -54.95
N HIS F 490 -14.06 -45.50 -54.06
CA HIS F 490 -13.79 -45.79 -52.65
C HIS F 490 -13.09 -47.12 -52.48
N MET F 491 -13.38 -48.07 -53.37
CA MET F 491 -12.62 -49.31 -53.35
C MET F 491 -11.20 -49.07 -53.81
N ALA F 492 -11.05 -48.25 -54.84
CA ALA F 492 -9.73 -48.03 -55.46
C ALA F 492 -8.76 -47.40 -54.49
N SER F 493 -9.19 -46.33 -53.82
CA SER F 493 -8.33 -45.65 -52.86
C SER F 493 -7.98 -46.57 -51.70
N ALA F 494 -8.82 -47.57 -51.48
CA ALA F 494 -8.57 -48.54 -50.43
C ALA F 494 -7.50 -49.52 -50.87
N LYS F 495 -7.13 -49.44 -52.15
CA LYS F 495 -6.13 -50.32 -52.74
C LYS F 495 -6.49 -51.79 -52.61
N MET F 496 -7.78 -52.08 -52.50
CA MET F 496 -8.22 -53.46 -52.43
C MET F 496 -8.78 -53.89 -53.76
N HIS F 497 -8.01 -54.73 -54.46
CA HIS F 497 -8.40 -55.17 -55.79
C HIS F 497 -9.29 -56.41 -55.74
N LYS F 498 -9.30 -57.09 -54.60
CA LYS F 498 -10.02 -58.34 -54.50
C LYS F 498 -11.51 -58.13 -54.55
N GLU F 499 -11.99 -57.29 -53.65
CA GLU F 499 -13.40 -56.93 -53.63
C GLU F 499 -13.69 -56.11 -54.88
N LEU F 500 -12.67 -55.43 -55.39
CA LEU F 500 -12.78 -54.67 -56.62
C LEU F 500 -13.12 -55.57 -57.79
N CYS F 501 -12.24 -56.55 -58.00
CA CYS F 501 -12.44 -57.51 -59.08
C CYS F 501 -13.76 -58.22 -58.89
N ALA F 502 -14.11 -58.50 -57.64
CA ALA F 502 -15.37 -59.13 -57.31
C ALA F 502 -16.54 -58.31 -57.82
N LEU F 503 -16.51 -57.01 -57.57
CA LEU F 503 -17.61 -56.14 -57.98
C LEU F 503 -17.67 -55.89 -59.48
N MET F 504 -16.56 -55.41 -60.04
CA MET F 504 -16.58 -54.91 -61.40
C MET F 504 -16.78 -56.01 -62.43
N PHE F 505 -16.03 -57.10 -62.28
CA PHE F 505 -16.03 -58.16 -63.28
C PHE F 505 -17.38 -58.86 -63.34
N SER F 506 -18.18 -58.70 -62.28
CA SER F 506 -19.53 -59.23 -62.24
C SER F 506 -20.36 -58.63 -63.37
N LEU F 507 -21.16 -59.47 -64.01
CA LEU F 507 -21.94 -59.04 -65.17
C LEU F 507 -23.21 -58.27 -64.78
N ASP F 508 -23.90 -58.75 -63.77
CA ASP F 508 -25.16 -58.13 -63.36
C ASP F 508 -24.95 -56.69 -62.90
N TRP F 509 -23.84 -56.46 -62.21
CA TRP F 509 -23.47 -55.12 -61.80
C TRP F 509 -23.41 -54.21 -63.01
N ILE F 510 -22.75 -54.72 -64.05
CA ILE F 510 -22.65 -54.01 -65.32
C ILE F 510 -24.03 -53.73 -65.87
N LYS F 511 -24.88 -54.75 -65.85
CA LYS F 511 -26.23 -54.63 -66.37
C LYS F 511 -26.99 -53.49 -65.70
N ALA F 512 -27.08 -53.56 -64.38
CA ALA F 512 -27.80 -52.57 -63.60
C ALA F 512 -27.27 -51.17 -63.86
N LYS F 513 -25.95 -51.03 -63.74
CA LYS F 513 -25.31 -49.73 -63.93
C LYS F 513 -25.66 -49.17 -65.30
N THR F 514 -25.36 -49.93 -66.34
CA THR F 514 -25.62 -49.52 -67.72
C THR F 514 -27.06 -49.11 -67.94
N GLU F 515 -27.99 -49.92 -67.43
CA GLU F 515 -29.40 -49.59 -67.54
C GLU F 515 -29.69 -48.24 -66.93
N LEU F 516 -29.18 -48.02 -65.72
CA LEU F 516 -29.45 -46.77 -65.02
C LEU F 516 -28.57 -45.63 -65.53
N VAL F 517 -27.28 -45.92 -65.72
CA VAL F 517 -26.30 -44.89 -66.02
C VAL F 517 -25.98 -44.80 -67.51
N GLY F 518 -25.47 -45.90 -68.06
CA GLY F 518 -24.86 -45.88 -69.37
C GLY F 518 -23.37 -46.13 -69.26
N PRO F 519 -22.75 -46.61 -70.34
CA PRO F 519 -21.41 -47.21 -70.37
C PRO F 519 -20.27 -46.26 -70.05
N ALA F 520 -20.35 -45.04 -70.55
CA ALA F 520 -19.22 -44.11 -70.58
C ALA F 520 -18.51 -43.99 -69.24
N HIS F 521 -19.29 -43.68 -68.20
CA HIS F 521 -18.74 -43.55 -66.86
C HIS F 521 -17.94 -44.77 -66.48
N LEU F 522 -18.54 -45.94 -66.69
CA LEU F 522 -17.92 -47.20 -66.32
C LEU F 522 -16.61 -47.40 -67.05
N ILE F 523 -16.63 -47.14 -68.35
CA ILE F 523 -15.44 -47.20 -69.18
C ILE F 523 -14.33 -46.37 -68.56
N HIS F 524 -14.66 -45.12 -68.28
CA HIS F 524 -13.75 -44.20 -67.63
C HIS F 524 -13.16 -44.82 -66.38
N GLU F 525 -14.01 -45.46 -65.59
CA GLU F 525 -13.55 -46.07 -64.36
C GLU F 525 -12.53 -47.18 -64.61
N PHE F 526 -12.80 -48.01 -65.63
CA PHE F 526 -11.81 -49.00 -66.03
C PHE F 526 -10.48 -48.37 -66.38
N VAL F 527 -10.53 -47.45 -67.33
CA VAL F 527 -9.32 -46.79 -67.84
C VAL F 527 -8.51 -46.20 -66.70
N GLU F 528 -9.20 -45.56 -65.75
CA GLU F 528 -8.52 -44.97 -64.61
C GLU F 528 -7.90 -46.02 -63.70
N TYR F 529 -8.72 -46.96 -63.23
CA TYR F 529 -8.31 -47.82 -62.13
C TYR F 529 -7.50 -49.02 -62.57
N ARG F 530 -7.26 -49.13 -63.87
CA ARG F 530 -6.56 -50.28 -64.43
C ARG F 530 -5.19 -50.51 -63.78
N HIS F 531 -4.62 -49.46 -63.21
CA HIS F 531 -3.28 -49.52 -62.64
C HIS F 531 -3.15 -50.52 -61.50
N ILE F 532 -4.02 -50.41 -60.51
CA ILE F 532 -3.93 -51.23 -59.31
C ILE F 532 -4.15 -52.70 -59.66
N LEU F 533 -4.89 -52.94 -60.73
CA LEU F 533 -5.17 -54.29 -61.21
C LEU F 533 -3.88 -55.02 -61.58
N ASP F 534 -3.88 -56.34 -61.44
CA ASP F 534 -2.69 -57.13 -61.74
C ASP F 534 -2.44 -57.27 -63.23
N GLU F 535 -1.35 -57.95 -63.56
CA GLU F 535 -0.96 -58.13 -64.96
C GLU F 535 -1.99 -58.96 -65.71
N LYS F 536 -2.37 -60.08 -65.13
CA LYS F 536 -3.42 -60.92 -65.70
C LYS F 536 -4.73 -60.16 -65.77
N ASP F 537 -4.96 -59.31 -64.77
CA ASP F 537 -6.18 -58.53 -64.68
C ASP F 537 -6.30 -57.58 -65.85
N CYS F 538 -5.15 -57.05 -66.28
CA CYS F 538 -5.10 -56.09 -67.38
C CYS F 538 -5.79 -56.63 -68.64
N ALA F 539 -5.60 -57.91 -68.90
CA ALA F 539 -6.21 -58.54 -70.07
C ALA F 539 -7.73 -58.45 -69.99
N VAL F 540 -8.28 -58.89 -68.88
CA VAL F 540 -9.72 -58.89 -68.65
C VAL F 540 -10.29 -57.48 -68.77
N SER F 541 -9.70 -56.59 -67.99
CA SER F 541 -10.08 -55.18 -67.98
C SER F 541 -10.12 -54.65 -69.39
N GLU F 542 -9.08 -54.94 -70.15
CA GLU F 542 -8.98 -54.55 -71.54
C GLU F 542 -10.15 -55.08 -72.35
N ASN F 543 -10.39 -56.39 -72.24
CA ASN F 543 -11.50 -57.03 -72.93
C ASN F 543 -12.79 -56.25 -72.72
N PHE F 544 -13.01 -55.81 -71.50
CA PHE F 544 -14.14 -54.93 -71.25
C PHE F 544 -13.97 -53.59 -71.94
N GLN F 545 -12.75 -53.04 -71.91
CA GLN F 545 -12.48 -51.71 -72.46
C GLN F 545 -12.93 -51.61 -73.89
N GLU F 546 -12.63 -52.64 -74.69
CA GLU F 546 -13.16 -52.67 -76.04
C GLU F 546 -14.61 -53.11 -76.07
N PHE F 547 -15.00 -53.97 -75.15
CA PHE F 547 -16.36 -54.51 -75.14
C PHE F 547 -17.41 -53.40 -75.09
N LEU F 548 -17.31 -52.56 -74.06
CA LEU F 548 -18.26 -51.49 -73.87
C LEU F 548 -18.16 -50.44 -74.98
N SER F 549 -16.95 -50.15 -75.40
CA SER F 549 -16.72 -49.16 -76.43
C SER F 549 -17.39 -49.56 -77.74
N LEU F 550 -17.42 -50.87 -78.00
CA LEU F 550 -18.06 -51.38 -79.19
C LEU F 550 -19.57 -51.47 -79.01
N ASN F 551 -20.00 -51.83 -77.80
CA ASN F 551 -21.42 -52.02 -77.54
C ASN F 551 -22.13 -50.71 -77.22
N GLY F 552 -21.39 -49.61 -77.26
CA GLY F 552 -21.87 -48.32 -76.79
C GLY F 552 -23.19 -47.84 -77.33
N HIS F 553 -23.50 -48.17 -78.58
CA HIS F 553 -24.73 -47.71 -79.19
C HIS F 553 -25.94 -48.51 -78.73
N LEU F 554 -25.73 -49.79 -78.46
CA LEU F 554 -26.82 -50.66 -78.05
C LEU F 554 -27.21 -50.51 -76.58
N LEU F 555 -26.20 -50.51 -75.71
CA LEU F 555 -26.43 -50.63 -74.27
C LEU F 555 -27.14 -49.44 -73.65
N GLY F 556 -27.78 -49.70 -72.51
CA GLY F 556 -28.33 -48.65 -71.67
C GLY F 556 -29.56 -47.99 -72.24
N ARG F 557 -29.88 -48.29 -73.49
CA ARG F 557 -31.02 -47.67 -74.15
C ARG F 557 -32.08 -48.73 -74.40
N GLN F 558 -33.14 -48.69 -73.62
CA GLN F 558 -34.16 -49.73 -73.68
C GLN F 558 -35.27 -49.39 -74.67
N PRO F 559 -35.88 -50.40 -75.31
CA PRO F 559 -35.85 -51.86 -75.13
C PRO F 559 -34.45 -52.47 -75.01
N PHE F 560 -34.30 -53.38 -74.06
CA PHE F 560 -32.98 -53.75 -73.58
C PHE F 560 -32.71 -55.24 -73.76
N PRO F 561 -31.49 -55.59 -74.17
CA PRO F 561 -31.11 -56.98 -74.47
C PRO F 561 -30.56 -57.74 -73.28
N ASN F 562 -30.20 -59.00 -73.50
CA ASN F 562 -29.56 -59.80 -72.47
C ASN F 562 -28.06 -59.56 -72.45
N ILE F 563 -27.47 -59.54 -71.26
CA ILE F 563 -26.04 -59.39 -71.13
C ILE F 563 -25.34 -60.62 -71.68
N VAL F 564 -25.81 -61.79 -71.24
CA VAL F 564 -25.21 -63.07 -71.59
C VAL F 564 -25.05 -63.24 -73.10
N GLN F 565 -26.15 -63.08 -73.81
CA GLN F 565 -26.17 -63.33 -75.26
C GLN F 565 -25.22 -62.41 -76.01
N LEU F 566 -25.08 -61.18 -75.54
CA LEU F 566 -24.16 -60.24 -76.15
C LEU F 566 -22.75 -60.69 -75.83
N GLY F 567 -22.57 -61.26 -74.64
CA GLY F 567 -21.28 -61.76 -74.22
C GLY F 567 -20.87 -62.97 -75.03
N LEU F 568 -21.87 -63.65 -75.61
CA LEU F 568 -21.61 -64.85 -76.40
C LEU F 568 -20.98 -64.50 -77.75
N CYS F 569 -21.12 -63.24 -78.16
CA CYS F 569 -20.58 -62.80 -79.45
C CYS F 569 -19.13 -62.37 -79.34
N GLU F 570 -18.58 -62.49 -78.14
CA GLU F 570 -17.21 -62.04 -77.89
C GLU F 570 -16.20 -63.14 -78.20
N PRO F 571 -14.97 -62.75 -78.56
CA PRO F 571 -13.89 -63.73 -78.77
C PRO F 571 -13.67 -64.60 -77.54
N GLU F 572 -13.35 -65.86 -77.76
CA GLU F 572 -13.22 -66.82 -76.67
C GLU F 572 -12.16 -66.40 -75.66
N THR F 573 -11.10 -65.80 -76.16
CA THR F 573 -10.01 -65.34 -75.31
C THR F 573 -10.49 -64.25 -74.34
N SER F 574 -11.46 -63.46 -74.77
CA SER F 574 -12.02 -62.41 -73.93
C SER F 574 -12.78 -63.02 -72.76
N GLU F 575 -12.49 -62.53 -71.56
CA GLU F 575 -13.11 -63.04 -70.35
C GLU F 575 -14.63 -62.90 -70.41
N VAL F 576 -15.08 -61.86 -71.09
CA VAL F 576 -16.50 -61.60 -71.27
C VAL F 576 -17.22 -62.81 -71.85
N TYR F 577 -16.66 -63.35 -72.92
CA TYR F 577 -17.25 -64.51 -73.57
C TYR F 577 -17.26 -65.71 -72.66
N GLN F 578 -16.22 -65.84 -71.83
CA GLN F 578 -16.10 -67.01 -70.98
C GLN F 578 -17.10 -66.96 -69.83
N GLN F 579 -17.31 -65.77 -69.29
CA GLN F 579 -18.28 -65.60 -68.21
C GLN F 579 -19.69 -65.74 -68.75
N ALA F 580 -19.96 -65.09 -69.87
CA ALA F 580 -21.27 -65.15 -70.51
C ALA F 580 -21.62 -66.58 -70.87
N LYS F 581 -20.65 -67.30 -71.44
CA LYS F 581 -20.83 -68.70 -71.78
C LYS F 581 -21.06 -69.53 -70.51
N LEU F 582 -20.33 -69.19 -69.45
CA LEU F 582 -20.46 -69.89 -68.19
C LEU F 582 -21.89 -69.80 -67.68
N GLN F 583 -22.38 -68.58 -67.48
CA GLN F 583 -23.74 -68.37 -66.98
C GLN F 583 -24.78 -68.94 -67.93
N ALA F 584 -24.50 -68.84 -69.23
CA ALA F 584 -25.39 -69.39 -70.25
C ALA F 584 -25.58 -70.87 -70.02
N LYS F 585 -24.46 -71.57 -69.86
CA LYS F 585 -24.46 -73.00 -69.59
C LYS F 585 -25.13 -73.29 -68.26
N GLN F 586 -25.03 -72.36 -67.32
CA GLN F 586 -25.62 -72.54 -66.00
C GLN F 586 -27.14 -72.57 -66.08
N GLU F 587 -27.71 -71.67 -66.87
CA GLU F 587 -29.15 -71.68 -67.08
C GLU F 587 -29.52 -72.72 -68.13
N VAL F 588 -30.20 -73.77 -67.67
CA VAL F 588 -30.58 -74.88 -68.54
C VAL F 588 -32.04 -75.21 -68.37
N ASP F 589 -32.66 -75.74 -69.42
CA ASP F 589 -34.08 -76.04 -69.35
C ASP F 589 -34.76 -74.71 -69.07
N ASN F 590 -34.16 -73.64 -69.58
CA ASN F 590 -34.66 -72.29 -69.39
C ASN F 590 -35.01 -71.69 -70.74
N GLY F 591 -36.22 -71.14 -70.81
CA GLY F 591 -36.73 -70.54 -72.02
C GLY F 591 -35.81 -69.46 -72.57
N MET F 592 -34.55 -69.50 -72.13
CA MET F 592 -33.56 -68.53 -72.59
C MET F 592 -33.13 -68.81 -74.02
N LEU F 593 -32.80 -70.08 -74.28
CA LEU F 593 -32.39 -70.53 -75.61
C LEU F 593 -31.20 -69.75 -76.14
N TYR F 594 -30.04 -69.96 -75.52
CA TYR F 594 -28.81 -69.25 -75.90
C TYR F 594 -28.28 -69.73 -77.24
N LEU F 595 -27.45 -68.90 -77.87
CA LEU F 595 -26.87 -69.21 -79.17
C LEU F 595 -25.35 -69.16 -79.10
N GLU F 596 -24.69 -69.81 -80.07
CA GLU F 596 -23.23 -69.86 -80.08
C GLU F 596 -22.68 -69.47 -81.45
N TRP F 597 -21.61 -68.69 -81.45
CA TRP F 597 -21.00 -68.20 -82.69
C TRP F 597 -19.60 -68.77 -82.93
N ILE F 598 -19.49 -69.65 -83.92
CA ILE F 598 -18.19 -70.16 -84.36
C ILE F 598 -17.50 -69.20 -85.32
N ASN F 599 -18.28 -68.41 -86.03
CA ASN F 599 -17.76 -67.58 -87.11
C ASN F 599 -17.11 -66.26 -86.66
N LYS F 600 -17.61 -65.70 -85.56
CA LYS F 600 -17.16 -64.38 -85.11
C LYS F 600 -15.71 -64.32 -84.66
N LYS F 601 -15.05 -65.47 -84.56
CA LYS F 601 -13.65 -65.50 -84.17
C LYS F 601 -12.75 -64.89 -85.25
N ASN F 602 -13.11 -65.10 -86.52
CA ASN F 602 -12.31 -64.57 -87.63
C ASN F 602 -12.84 -63.25 -88.19
N ILE F 603 -13.98 -62.79 -87.68
CA ILE F 603 -14.60 -61.57 -88.18
C ILE F 603 -15.03 -60.64 -87.05
N THR F 604 -15.72 -59.55 -87.41
CA THR F 604 -16.08 -58.48 -86.48
C THR F 604 -14.82 -57.91 -85.84
N ASN F 605 -14.05 -57.17 -86.63
CA ASN F 605 -12.82 -56.54 -86.16
C ASN F 605 -13.08 -55.55 -85.03
N LEU F 606 -12.10 -55.39 -84.15
CA LEU F 606 -12.23 -54.49 -83.01
C LEU F 606 -12.24 -53.03 -83.44
N SER F 607 -12.77 -52.18 -82.57
CA SER F 607 -12.83 -50.74 -82.83
C SER F 607 -12.27 -49.96 -81.65
N ARG F 608 -11.74 -48.78 -81.91
CA ARG F 608 -11.22 -47.94 -80.83
C ARG F 608 -12.35 -47.43 -79.94
N LEU F 609 -13.35 -46.80 -80.55
CA LEU F 609 -14.46 -46.28 -79.75
C LEU F 609 -15.78 -46.21 -80.53
N VAL F 610 -16.89 -46.43 -79.82
CA VAL F 610 -18.22 -46.21 -80.39
C VAL F 610 -19.09 -45.45 -79.39
N VAL F 611 -19.52 -44.25 -79.75
CA VAL F 611 -20.31 -43.42 -78.85
C VAL F 611 -21.51 -42.76 -79.52
N ARG F 612 -22.71 -43.06 -79.02
CA ARG F 612 -23.91 -42.35 -79.43
C ARG F 612 -24.55 -41.56 -78.28
N PRO F 613 -24.34 -40.24 -78.26
CA PRO F 613 -25.20 -39.40 -77.42
C PRO F 613 -26.31 -38.72 -78.21
N HIS F 614 -27.06 -39.47 -79.01
CA HIS F 614 -28.00 -38.88 -79.96
C HIS F 614 -29.29 -39.67 -80.15
N THR F 615 -30.42 -38.97 -80.18
CA THR F 615 -31.68 -39.56 -80.59
C THR F 615 -31.92 -39.32 -82.08
N ASP F 616 -31.09 -38.49 -82.69
CA ASP F 616 -31.24 -38.10 -84.09
C ASP F 616 -29.93 -38.18 -84.86
N ALA F 617 -30.02 -38.07 -86.19
CA ALA F 617 -28.86 -38.22 -87.07
C ALA F 617 -27.80 -37.15 -86.85
N VAL F 618 -26.56 -37.46 -87.24
CA VAL F 618 -25.44 -36.54 -87.08
C VAL F 618 -25.12 -35.80 -88.36
N TYR F 619 -25.22 -34.47 -88.34
CA TYR F 619 -24.87 -33.68 -89.51
C TYR F 619 -23.35 -33.48 -89.61
N HIS F 620 -22.71 -33.19 -88.49
CA HIS F 620 -21.25 -33.07 -88.48
C HIS F 620 -20.65 -33.42 -87.12
N ALA F 621 -19.47 -34.02 -87.14
CA ALA F 621 -18.73 -34.31 -85.92
C ALA F 621 -17.23 -34.16 -86.15
N CYS F 622 -16.54 -33.52 -85.21
CA CYS F 622 -15.10 -33.32 -85.33
C CYS F 622 -14.42 -33.20 -83.96
N PHE F 623 -13.15 -33.54 -83.91
CA PHE F 623 -12.36 -33.43 -82.70
C PHE F 623 -11.84 -32.00 -82.49
N SER F 624 -11.68 -31.62 -81.22
CA SER F 624 -11.09 -30.34 -80.88
C SER F 624 -9.62 -30.31 -81.27
N GLU F 625 -9.07 -29.10 -81.40
CA GLU F 625 -7.67 -28.94 -81.78
C GLU F 625 -6.71 -29.57 -80.78
N ASP F 626 -7.09 -29.53 -79.50
CA ASP F 626 -6.27 -30.09 -78.44
C ASP F 626 -6.53 -31.59 -78.27
N GLY F 627 -7.56 -32.08 -78.95
CA GLY F 627 -7.94 -33.49 -78.84
C GLY F 627 -8.43 -33.85 -77.46
N GLN F 628 -9.43 -33.11 -76.98
CA GLN F 628 -9.95 -33.31 -75.63
C GLN F 628 -11.46 -33.53 -75.63
N ARG F 629 -12.21 -32.53 -76.07
CA ARG F 629 -13.66 -32.59 -76.04
C ARG F 629 -14.27 -32.59 -77.44
N ILE F 630 -15.47 -33.17 -77.56
CA ILE F 630 -16.17 -33.27 -78.83
C ILE F 630 -17.50 -32.52 -78.80
N ALA F 631 -17.70 -31.64 -79.76
CA ALA F 631 -18.97 -30.94 -79.93
C ALA F 631 -19.64 -31.39 -81.22
N SER F 632 -20.74 -32.12 -81.09
CA SER F 632 -21.42 -32.68 -82.26
C SER F 632 -22.78 -32.00 -82.50
N CYS F 633 -23.15 -31.90 -83.77
CA CYS F 633 -24.42 -31.29 -84.16
C CYS F 633 -25.19 -32.18 -85.14
N GLY F 634 -26.51 -32.16 -85.04
CA GLY F 634 -27.35 -33.03 -85.84
C GLY F 634 -28.81 -32.63 -85.86
N ALA F 635 -29.66 -33.54 -86.34
CA ALA F 635 -31.09 -33.29 -86.48
C ALA F 635 -31.78 -33.13 -85.14
N ASP F 636 -31.08 -33.43 -84.05
CA ASP F 636 -31.64 -33.29 -82.71
C ASP F 636 -31.76 -31.82 -82.30
N LYS F 637 -31.20 -30.93 -83.13
CA LYS F 637 -31.22 -29.49 -82.91
C LYS F 637 -30.55 -29.13 -81.59
N THR F 638 -29.65 -29.99 -81.14
CA THR F 638 -28.96 -29.79 -79.87
C THR F 638 -27.47 -30.09 -79.98
N LEU F 639 -26.65 -29.08 -79.69
CA LEU F 639 -25.20 -29.26 -79.66
C LEU F 639 -24.80 -30.12 -78.46
N GLN F 640 -24.09 -31.21 -78.75
CA GLN F 640 -23.67 -32.16 -77.72
C GLN F 640 -22.18 -32.09 -77.45
N VAL F 641 -21.83 -31.61 -76.26
CA VAL F 641 -20.42 -31.55 -75.84
C VAL F 641 -20.12 -32.68 -74.86
N PHE F 642 -19.25 -33.59 -75.26
CA PHE F 642 -18.91 -34.74 -74.43
C PHE F 642 -17.44 -35.10 -74.53
N LYS F 643 -16.96 -35.91 -73.58
CA LYS F 643 -15.55 -36.29 -73.52
C LYS F 643 -15.21 -37.23 -74.68
N ALA F 644 -14.02 -37.06 -75.26
CA ALA F 644 -13.62 -37.82 -76.43
C ALA F 644 -13.08 -39.20 -76.11
N GLU F 645 -12.64 -39.40 -74.86
CA GLU F 645 -11.99 -40.66 -74.49
C GLU F 645 -12.99 -41.72 -74.04
N THR F 646 -13.55 -41.54 -72.85
CA THR F 646 -14.49 -42.52 -72.30
C THR F 646 -15.94 -42.19 -72.64
N GLY F 647 -16.16 -41.00 -73.20
CA GLY F 647 -17.47 -40.62 -73.68
C GLY F 647 -18.47 -40.22 -72.61
N GLU F 648 -18.00 -39.56 -71.55
CA GLU F 648 -18.89 -39.07 -70.51
C GLU F 648 -19.66 -37.84 -70.97
N LYS F 649 -20.86 -37.66 -70.43
CA LYS F 649 -21.68 -36.50 -70.76
C LYS F 649 -21.16 -35.26 -70.04
N LEU F 650 -20.82 -34.22 -70.80
CA LEU F 650 -20.32 -32.99 -70.22
C LEU F 650 -21.40 -31.90 -70.21
N LEU F 651 -21.70 -31.36 -71.39
CA LEU F 651 -22.70 -30.32 -71.51
C LEU F 651 -23.60 -30.52 -72.72
N GLU F 652 -24.89 -30.23 -72.55
CA GLU F 652 -25.84 -30.29 -73.65
C GLU F 652 -26.45 -28.90 -73.87
N ILE F 653 -26.14 -28.29 -75.00
CA ILE F 653 -26.55 -26.91 -75.24
C ILE F 653 -27.49 -26.79 -76.44
N LYS F 654 -28.60 -26.08 -76.27
CA LYS F 654 -29.53 -25.89 -77.37
C LYS F 654 -29.01 -24.78 -78.28
N ALA F 655 -28.73 -25.14 -79.53
CA ALA F 655 -28.18 -24.18 -80.49
C ALA F 655 -29.26 -23.29 -81.10
N HIS F 656 -30.34 -23.91 -81.57
CA HIS F 656 -31.39 -23.19 -82.27
C HIS F 656 -32.75 -23.87 -82.10
N GLU F 657 -33.77 -23.27 -82.72
CA GLU F 657 -35.10 -23.88 -82.77
C GLU F 657 -35.22 -24.72 -84.03
N ASP F 658 -34.21 -24.64 -84.89
CA ASP F 658 -34.19 -25.37 -86.15
C ASP F 658 -32.91 -26.20 -86.29
N GLU F 659 -32.91 -27.12 -87.24
CA GLU F 659 -31.77 -28.01 -87.47
C GLU F 659 -30.51 -27.24 -87.84
N VAL F 660 -29.41 -27.56 -87.15
CA VAL F 660 -28.13 -26.91 -87.39
C VAL F 660 -27.44 -27.48 -88.62
N LEU F 661 -27.16 -26.62 -89.60
CA LEU F 661 -26.55 -27.05 -90.85
C LEU F 661 -25.10 -27.48 -90.67
N CYS F 662 -24.29 -26.61 -90.06
CA CYS F 662 -22.88 -26.92 -89.86
C CYS F 662 -22.32 -26.24 -88.62
N CYS F 663 -21.30 -26.86 -88.03
CA CYS F 663 -20.66 -26.33 -86.83
C CYS F 663 -19.19 -26.74 -86.76
N ALA F 664 -18.35 -25.89 -86.19
CA ALA F 664 -16.91 -26.17 -86.10
C ALA F 664 -16.25 -25.45 -84.93
N PHE F 665 -15.12 -25.98 -84.48
CA PHE F 665 -14.36 -25.39 -83.38
C PHE F 665 -13.59 -24.15 -83.82
N SER F 666 -13.25 -23.30 -82.86
CA SER F 666 -12.42 -22.13 -83.10
C SER F 666 -10.95 -22.44 -82.87
N THR F 667 -10.12 -21.40 -82.87
CA THR F 667 -8.70 -21.55 -82.63
C THR F 667 -8.45 -22.05 -81.20
N ASP F 668 -9.07 -21.38 -80.23
CA ASP F 668 -8.91 -21.75 -78.83
C ASP F 668 -10.03 -22.69 -78.36
N ASP F 669 -10.93 -23.03 -79.28
CA ASP F 669 -12.02 -23.98 -79.04
C ASP F 669 -13.05 -23.46 -78.03
N ARG F 670 -12.80 -22.28 -77.47
CA ARG F 670 -13.65 -21.74 -76.42
C ARG F 670 -14.93 -21.09 -76.96
N PHE F 671 -15.01 -20.96 -78.28
CA PHE F 671 -16.19 -20.35 -78.90
C PHE F 671 -16.66 -21.14 -80.12
N ILE F 672 -17.92 -21.55 -80.11
CA ILE F 672 -18.49 -22.29 -81.24
C ILE F 672 -19.80 -21.65 -81.70
N ALA F 673 -19.80 -21.12 -82.92
CA ALA F 673 -21.00 -20.51 -83.49
C ALA F 673 -21.77 -21.50 -84.34
N THR F 674 -23.09 -21.41 -84.30
CA THR F 674 -23.93 -22.35 -85.03
C THR F 674 -24.78 -21.66 -86.10
N CYS F 675 -24.95 -22.36 -87.22
CA CYS F 675 -25.78 -21.90 -88.33
C CYS F 675 -26.92 -22.89 -88.55
N SER F 676 -28.13 -22.38 -88.77
CA SER F 676 -29.29 -23.26 -88.90
C SER F 676 -30.29 -22.82 -89.96
N VAL F 677 -31.44 -23.50 -89.99
CA VAL F 677 -32.47 -23.27 -90.99
C VAL F 677 -33.20 -21.95 -90.75
N ASP F 678 -33.09 -21.43 -89.53
CA ASP F 678 -33.79 -20.20 -89.17
C ASP F 678 -33.05 -18.96 -89.67
N LYS F 679 -31.93 -19.20 -90.36
CA LYS F 679 -31.17 -18.15 -91.03
C LYS F 679 -30.58 -17.16 -90.02
N LYS F 680 -30.18 -17.67 -88.87
CA LYS F 680 -29.57 -16.85 -87.82
C LYS F 680 -28.33 -17.54 -87.26
N VAL F 681 -27.19 -16.86 -87.37
CA VAL F 681 -25.94 -17.40 -86.86
C VAL F 681 -25.75 -17.00 -85.40
N LYS F 682 -25.69 -17.98 -84.52
CA LYS F 682 -25.59 -17.68 -83.09
C LYS F 682 -24.31 -18.23 -82.46
N ILE F 683 -23.50 -17.33 -81.91
CA ILE F 683 -22.26 -17.70 -81.24
C ILE F 683 -22.55 -18.25 -79.85
N TRP F 684 -22.10 -19.47 -79.59
CA TRP F 684 -22.30 -20.11 -78.30
C TRP F 684 -20.98 -20.39 -77.60
N ASN F 685 -20.94 -20.15 -76.29
CA ASN F 685 -19.75 -20.42 -75.50
C ASN F 685 -19.75 -21.88 -75.05
N SER F 686 -18.59 -22.51 -75.14
CA SER F 686 -18.47 -23.93 -74.82
C SER F 686 -18.46 -24.20 -73.33
N MET F 687 -17.78 -23.34 -72.57
CA MET F 687 -17.64 -23.52 -71.13
C MET F 687 -18.72 -22.76 -70.36
N THR F 688 -19.62 -22.11 -71.07
CA THR F 688 -20.69 -21.35 -70.44
C THR F 688 -22.07 -21.82 -70.91
N GLY F 689 -22.35 -21.63 -72.19
CA GLY F 689 -23.63 -22.03 -72.75
C GLY F 689 -24.60 -20.87 -72.90
N GLU F 690 -24.08 -19.66 -72.75
CA GLU F 690 -24.91 -18.45 -72.87
C GLU F 690 -24.56 -17.66 -74.12
N LEU F 691 -25.53 -16.93 -74.64
CA LEU F 691 -25.34 -16.12 -75.85
C LEU F 691 -24.27 -15.06 -75.65
N VAL F 692 -23.35 -14.98 -76.60
CA VAL F 692 -22.27 -13.99 -76.55
C VAL F 692 -22.54 -12.89 -77.57
N HIS F 693 -22.50 -13.25 -78.86
CA HIS F 693 -22.90 -12.35 -79.93
C HIS F 693 -23.80 -13.08 -80.94
N THR F 694 -24.70 -12.32 -81.55
CA THR F 694 -25.58 -12.88 -82.59
C THR F 694 -25.57 -12.00 -83.84
N TYR F 695 -25.59 -12.64 -85.00
CA TYR F 695 -25.53 -11.93 -86.28
C TYR F 695 -26.62 -12.39 -87.23
N ASP F 696 -27.53 -11.49 -87.59
CA ASP F 696 -28.53 -11.81 -88.59
C ASP F 696 -28.43 -10.86 -89.79
N GLU F 697 -27.99 -11.39 -90.92
CA GLU F 697 -27.90 -10.62 -92.15
C GLU F 697 -28.51 -11.38 -93.31
N HIS F 698 -27.94 -12.55 -93.62
CA HIS F 698 -28.34 -13.38 -94.75
C HIS F 698 -29.83 -13.65 -94.81
N SER F 699 -30.41 -13.48 -96.01
CA SER F 699 -31.81 -13.78 -96.23
C SER F 699 -31.98 -15.24 -96.68
N GLU F 700 -30.86 -15.97 -96.71
CA GLU F 700 -30.85 -17.37 -97.08
C GLU F 700 -30.07 -18.20 -96.07
N GLN F 701 -30.22 -19.52 -96.15
CA GLN F 701 -29.53 -20.42 -95.23
C GLN F 701 -28.01 -20.36 -95.43
N VAL F 702 -27.27 -20.57 -94.36
CA VAL F 702 -25.81 -20.53 -94.40
C VAL F 702 -25.22 -21.94 -94.27
N ASN F 703 -24.64 -22.43 -95.36
CA ASN F 703 -24.03 -23.75 -95.37
C ASN F 703 -22.56 -23.74 -95.00
N CYS F 704 -21.98 -22.54 -94.89
CA CYS F 704 -20.56 -22.40 -94.59
C CYS F 704 -20.31 -21.76 -93.24
N CYS F 705 -19.79 -22.54 -92.29
CA CYS F 705 -19.29 -22.00 -91.04
C CYS F 705 -17.89 -22.55 -90.77
N HIS F 706 -16.90 -21.66 -90.80
CA HIS F 706 -15.51 -22.06 -90.60
C HIS F 706 -14.75 -21.00 -89.83
N PHE F 707 -13.97 -21.42 -88.83
CA PHE F 707 -13.24 -20.49 -87.99
C PHE F 707 -11.75 -20.46 -88.33
N THR F 708 -11.01 -19.59 -87.65
CA THR F 708 -9.58 -19.45 -87.90
C THR F 708 -8.75 -20.51 -87.18
N ASN F 709 -7.66 -20.93 -87.81
CA ASN F 709 -6.76 -21.91 -87.20
C ASN F 709 -5.61 -21.22 -86.48
N SER F 710 -5.62 -19.89 -86.49
CA SER F 710 -4.57 -19.11 -85.84
C SER F 710 -5.16 -18.07 -84.89
N SER F 711 -4.33 -17.55 -83.99
CA SER F 711 -4.76 -16.55 -83.02
C SER F 711 -4.51 -15.14 -83.53
N HIS F 712 -4.01 -15.03 -84.76
CA HIS F 712 -3.71 -13.75 -85.38
C HIS F 712 -4.96 -12.84 -85.40
N HIS F 713 -5.96 -13.26 -86.16
CA HIS F 713 -7.27 -12.61 -86.13
C HIS F 713 -8.40 -13.62 -86.11
N LEU F 714 -9.64 -13.11 -86.07
CA LEU F 714 -10.82 -13.97 -86.04
C LEU F 714 -11.81 -13.58 -87.13
N LEU F 715 -12.04 -14.51 -88.06
CA LEU F 715 -12.95 -14.27 -89.18
C LEU F 715 -13.90 -15.44 -89.39
N LEU F 716 -14.98 -15.20 -90.13
CA LEU F 716 -15.95 -16.25 -90.43
C LEU F 716 -16.39 -16.22 -91.89
N ALA F 717 -16.20 -17.33 -92.59
CA ALA F 717 -16.58 -17.42 -93.99
C ALA F 717 -18.03 -17.85 -94.13
N THR F 718 -18.85 -17.01 -94.75
CA THR F 718 -20.26 -17.32 -94.96
C THR F 718 -20.70 -17.10 -96.40
N GLY F 719 -21.62 -17.94 -96.85
CA GLY F 719 -22.16 -17.81 -98.20
C GLY F 719 -23.56 -18.41 -98.28
N SER F 720 -24.34 -17.97 -99.25
CA SER F 720 -25.72 -18.42 -99.39
C SER F 720 -26.24 -18.28 -100.82
N SER F 721 -27.55 -18.46 -100.98
CA SER F 721 -28.18 -18.43 -102.30
C SER F 721 -28.27 -17.01 -102.88
N ASP F 722 -27.86 -16.01 -102.10
CA ASP F 722 -27.91 -14.62 -102.55
C ASP F 722 -26.71 -14.27 -103.43
N CYS F 723 -25.85 -15.26 -103.66
CA CYS F 723 -24.68 -15.12 -104.53
C CYS F 723 -23.68 -14.11 -103.97
N PHE F 724 -23.66 -13.98 -102.65
CA PHE F 724 -22.73 -13.08 -101.98
C PHE F 724 -21.82 -13.85 -101.04
N LEU F 725 -20.53 -13.53 -101.05
CA LEU F 725 -19.60 -14.12 -100.10
C LEU F 725 -19.32 -13.12 -98.98
N LYS F 726 -19.83 -13.41 -97.79
CA LYS F 726 -19.69 -12.49 -96.67
C LYS F 726 -18.72 -13.00 -95.62
N LEU F 727 -17.71 -12.19 -95.32
CA LEU F 727 -16.71 -12.53 -94.31
C LEU F 727 -16.97 -11.73 -93.04
N TRP F 728 -17.43 -12.42 -92.00
CA TRP F 728 -17.73 -11.81 -90.72
C TRP F 728 -16.49 -11.60 -89.87
N ASP F 729 -16.56 -10.59 -88.99
CA ASP F 729 -15.51 -10.33 -88.02
C ASP F 729 -16.06 -10.53 -86.61
N LEU F 730 -15.47 -11.48 -85.88
CA LEU F 730 -15.96 -11.81 -84.54
C LEU F 730 -15.72 -10.69 -83.53
N ASN F 731 -14.78 -9.80 -83.84
CA ASN F 731 -14.47 -8.70 -82.96
C ASN F 731 -15.50 -7.56 -83.04
N GLN F 732 -16.08 -7.39 -84.23
CA GLN F 732 -17.07 -6.34 -84.43
C GLN F 732 -18.48 -6.89 -84.46
N LYS F 733 -19.46 -6.00 -84.59
CA LYS F 733 -20.87 -6.39 -84.61
C LYS F 733 -21.37 -6.53 -86.05
N GLU F 734 -20.51 -6.18 -87.00
CA GLU F 734 -20.90 -6.19 -88.41
C GLU F 734 -20.05 -7.15 -89.24
N CYS F 735 -20.35 -7.21 -90.53
CA CYS F 735 -19.62 -8.07 -91.46
C CYS F 735 -18.46 -7.31 -92.09
N ARG F 736 -17.29 -7.95 -92.13
CA ARG F 736 -16.10 -7.30 -92.66
C ARG F 736 -16.09 -7.18 -94.19
N ASN F 737 -16.38 -8.29 -94.87
CA ASN F 737 -16.26 -8.28 -96.33
C ASN F 737 -17.48 -8.82 -97.08
N THR F 738 -17.66 -8.34 -98.31
CA THR F 738 -18.73 -8.80 -99.18
C THR F 738 -18.21 -8.94 -100.61
N MET F 739 -18.45 -10.09 -101.23
CA MET F 739 -17.88 -10.39 -102.54
C MET F 739 -18.91 -10.92 -103.54
N PHE F 740 -18.91 -10.32 -104.73
CA PHE F 740 -19.78 -10.72 -105.83
C PHE F 740 -19.30 -12.01 -106.50
N GLY F 741 -20.19 -12.65 -107.26
CA GLY F 741 -19.87 -13.88 -107.96
C GLY F 741 -20.55 -15.10 -107.39
N HIS F 742 -20.22 -16.27 -107.95
CA HIS F 742 -20.86 -17.53 -107.57
C HIS F 742 -22.37 -17.47 -107.78
N THR F 743 -22.79 -17.50 -109.04
CA THR F 743 -24.20 -17.42 -109.43
C THR F 743 -25.04 -18.54 -108.82
N ASN F 744 -24.41 -19.61 -108.37
CA ASN F 744 -25.11 -20.70 -107.73
C ASN F 744 -24.71 -20.79 -106.25
N SER F 745 -25.32 -21.73 -105.53
CA SER F 745 -25.05 -21.87 -104.10
C SER F 745 -23.65 -22.43 -103.85
N VAL F 746 -22.99 -21.91 -102.82
CA VAL F 746 -21.66 -22.36 -102.45
C VAL F 746 -21.73 -23.45 -101.38
N ASN F 747 -21.34 -24.67 -101.75
CA ASN F 747 -21.42 -25.80 -100.84
C ASN F 747 -20.37 -25.76 -99.74
N HIS F 748 -19.11 -25.55 -100.11
CA HIS F 748 -18.02 -25.58 -99.14
C HIS F 748 -17.16 -24.32 -99.19
N CYS F 749 -17.19 -23.56 -98.11
CA CYS F 749 -16.35 -22.38 -97.97
C CYS F 749 -15.39 -22.56 -96.80
N ARG F 750 -14.09 -22.45 -97.08
CA ARG F 750 -13.09 -22.77 -96.07
C ARG F 750 -11.89 -21.82 -96.11
N PHE F 751 -11.33 -21.53 -94.93
CA PHE F 751 -10.11 -20.74 -94.84
C PHE F 751 -8.89 -21.52 -95.34
N SER F 752 -7.88 -20.77 -95.77
CA SER F 752 -6.61 -21.37 -96.16
C SER F 752 -5.81 -21.67 -94.89
N PRO F 753 -4.61 -22.27 -95.02
CA PRO F 753 -3.80 -22.42 -93.80
C PRO F 753 -3.36 -21.06 -93.22
N ASP F 754 -3.42 -20.02 -94.06
CA ASP F 754 -3.19 -18.65 -93.59
C ASP F 754 -4.50 -17.87 -93.66
N ASP F 755 -4.70 -16.97 -92.71
CA ASP F 755 -5.93 -16.18 -92.66
C ASP F 755 -5.96 -15.09 -93.72
N LYS F 756 -4.85 -14.93 -94.44
CA LYS F 756 -4.74 -13.90 -95.47
C LYS F 756 -5.53 -14.26 -96.73
N LEU F 757 -5.97 -15.52 -96.82
CA LEU F 757 -6.68 -15.99 -98.00
C LEU F 757 -8.00 -16.66 -97.65
N LEU F 758 -8.87 -16.80 -98.66
CA LEU F 758 -10.16 -17.46 -98.48
C LEU F 758 -10.51 -18.34 -99.66
N ALA F 759 -10.91 -19.57 -99.39
CA ALA F 759 -11.24 -20.52 -100.44
C ALA F 759 -12.74 -20.76 -100.57
N SER F 760 -13.26 -20.49 -101.77
CA SER F 760 -14.68 -20.70 -102.05
C SER F 760 -14.87 -21.83 -103.06
N CYS F 761 -15.59 -22.87 -102.64
CA CYS F 761 -15.82 -24.04 -103.47
C CYS F 761 -17.32 -24.34 -103.62
N SER F 762 -17.78 -24.38 -104.86
CA SER F 762 -19.19 -24.64 -105.16
C SER F 762 -19.34 -25.73 -106.23
N ALA F 763 -20.55 -26.23 -106.37
CA ALA F 763 -20.80 -27.34 -107.29
C ALA F 763 -21.16 -26.86 -108.71
N ASP F 764 -21.16 -25.55 -108.91
CA ASP F 764 -21.47 -24.98 -110.22
C ASP F 764 -20.28 -25.06 -111.16
N GLY F 765 -19.13 -25.47 -110.62
CA GLY F 765 -17.93 -25.61 -111.43
C GLY F 765 -16.97 -24.45 -111.24
N THR F 766 -17.28 -23.57 -110.30
CA THR F 766 -16.44 -22.42 -110.03
C THR F 766 -15.68 -22.56 -108.71
N LEU F 767 -14.36 -22.72 -108.81
CA LEU F 767 -13.52 -22.80 -107.62
C LEU F 767 -12.68 -21.54 -107.51
N LYS F 768 -12.98 -20.70 -106.52
CA LYS F 768 -12.33 -19.39 -106.44
C LYS F 768 -11.47 -19.23 -105.20
N LEU F 769 -10.39 -18.47 -105.35
CA LEU F 769 -9.51 -18.13 -104.24
C LEU F 769 -9.37 -16.62 -104.12
N TRP F 770 -9.86 -16.09 -102.99
CA TRP F 770 -9.97 -14.65 -102.79
C TRP F 770 -8.99 -14.14 -101.73
N ASP F 771 -8.59 -12.88 -101.87
CA ASP F 771 -7.75 -12.23 -100.87
C ASP F 771 -8.60 -11.71 -99.72
N ALA F 772 -8.23 -12.08 -98.50
CA ALA F 772 -8.99 -11.68 -97.32
C ALA F 772 -8.72 -10.22 -96.95
N THR F 773 -7.45 -9.84 -96.91
CA THR F 773 -7.06 -8.49 -96.55
C THR F 773 -7.28 -7.49 -97.68
N SER F 774 -6.86 -7.87 -98.88
CA SER F 774 -6.98 -6.99 -100.04
C SER F 774 -8.41 -6.90 -100.55
N ALA F 775 -9.22 -7.90 -100.19
CA ALA F 775 -10.65 -7.95 -100.52
C ALA F 775 -10.92 -8.10 -102.02
N ASN F 776 -9.85 -8.07 -102.83
CA ASN F 776 -9.98 -8.18 -104.27
C ASN F 776 -9.89 -9.63 -104.74
N GLU F 777 -9.84 -9.82 -106.05
CA GLU F 777 -9.77 -11.15 -106.64
C GLU F 777 -8.33 -11.60 -106.84
N ARG F 778 -8.00 -12.77 -106.29
CA ARG F 778 -6.66 -13.33 -106.48
C ARG F 778 -6.66 -14.30 -107.65
N LYS F 779 -7.37 -15.42 -107.49
CA LYS F 779 -7.47 -16.40 -108.57
C LYS F 779 -8.87 -16.97 -108.73
N SER F 780 -9.22 -17.33 -109.96
CA SER F 780 -10.49 -17.96 -110.26
C SER F 780 -10.28 -19.14 -111.22
N ILE F 781 -10.74 -20.31 -110.82
CA ILE F 781 -10.49 -21.52 -111.60
C ILE F 781 -11.77 -22.27 -111.96
N ASN F 782 -11.97 -22.47 -113.25
CA ASN F 782 -13.06 -23.30 -113.75
C ASN F 782 -12.51 -24.60 -114.32
N VAL F 783 -12.99 -25.73 -113.81
CA VAL F 783 -12.41 -27.02 -114.17
C VAL F 783 -13.18 -27.71 -115.31
N LYS F 784 -12.54 -27.77 -116.46
CA LYS F 784 -13.06 -28.50 -117.61
C LYS F 784 -12.42 -29.87 -117.73
N GLN F 785 -11.55 -30.20 -116.77
CA GLN F 785 -10.74 -31.40 -116.82
C GLN F 785 -11.55 -32.69 -116.98
N PHE F 786 -12.67 -32.78 -116.28
CA PHE F 786 -13.53 -33.96 -116.35
C PHE F 786 -14.22 -34.03 -117.70
N PHE F 787 -14.05 -35.15 -118.40
CA PHE F 787 -14.60 -35.30 -119.74
C PHE F 787 -15.98 -35.96 -119.73
N LEU F 788 -16.94 -35.32 -120.38
CA LEU F 788 -18.28 -35.88 -120.52
C LEU F 788 -18.39 -36.72 -121.79
N ASN F 789 -17.35 -36.67 -122.61
CA ASN F 789 -17.29 -37.40 -123.88
C ASN F 789 -18.49 -37.11 -124.78
N GLU F 795 -26.01 -28.90 -124.02
CA GLU F 795 -25.25 -29.90 -123.29
C GLU F 795 -23.85 -29.39 -122.94
N ASP F 796 -23.81 -28.30 -122.18
CA ASP F 796 -22.55 -27.71 -121.77
C ASP F 796 -21.87 -28.55 -120.70
N MET F 797 -20.55 -28.41 -120.60
CA MET F 797 -19.77 -29.17 -119.62
C MET F 797 -20.03 -28.66 -118.20
N GLU F 798 -20.40 -29.57 -117.31
CA GLU F 798 -20.69 -29.21 -115.93
C GLU F 798 -19.98 -30.15 -114.96
N VAL F 799 -19.10 -29.60 -114.13
CA VAL F 799 -18.37 -30.39 -113.15
C VAL F 799 -18.68 -29.94 -111.73
N ILE F 800 -19.33 -30.81 -110.96
CA ILE F 800 -19.69 -30.48 -109.59
C ILE F 800 -18.53 -30.72 -108.63
N VAL F 801 -18.45 -29.89 -107.59
CA VAL F 801 -17.41 -30.02 -106.58
C VAL F 801 -18.03 -30.23 -105.20
N LYS F 802 -17.75 -31.37 -104.60
CA LYS F 802 -18.31 -31.71 -103.29
C LYS F 802 -17.62 -30.96 -102.16
N CYS F 803 -16.34 -31.26 -101.95
CA CYS F 803 -15.59 -30.68 -100.86
C CYS F 803 -14.19 -30.22 -101.29
N CYS F 804 -13.56 -29.42 -100.44
CA CYS F 804 -12.21 -28.94 -100.69
C CYS F 804 -11.33 -29.12 -99.46
N SER F 805 -10.25 -29.88 -99.60
CA SER F 805 -9.36 -30.15 -98.49
C SER F 805 -7.95 -29.64 -98.76
N TRP F 806 -7.42 -28.83 -97.85
CA TRP F 806 -6.08 -28.28 -97.99
C TRP F 806 -5.00 -29.31 -97.70
N SER F 807 -3.93 -29.28 -98.49
CA SER F 807 -2.80 -30.17 -98.30
C SER F 807 -1.97 -29.76 -97.10
N ALA F 808 -1.19 -30.69 -96.57
CA ALA F 808 -0.33 -30.43 -95.41
C ALA F 808 0.75 -29.40 -95.72
N ASP F 809 1.11 -29.31 -97.00
CA ASP F 809 2.13 -28.35 -97.44
C ASP F 809 1.62 -26.92 -97.35
N GLY F 810 0.31 -26.75 -97.44
CA GLY F 810 -0.30 -25.44 -97.37
C GLY F 810 -0.30 -24.75 -98.73
N ALA F 811 -0.17 -25.54 -99.79
CA ALA F 811 -0.14 -25.01 -101.15
C ALA F 811 -1.15 -25.72 -102.03
N ARG F 812 -0.95 -27.02 -102.23
CA ARG F 812 -1.81 -27.82 -103.08
C ARG F 812 -3.23 -27.92 -102.52
N ILE F 813 -4.20 -28.15 -103.40
CA ILE F 813 -5.59 -28.31 -103.00
C ILE F 813 -6.15 -29.65 -103.46
N MET F 814 -6.52 -30.48 -102.50
CA MET F 814 -7.09 -31.80 -102.80
C MET F 814 -8.62 -31.73 -102.87
N VAL F 815 -9.16 -32.08 -104.03
CA VAL F 815 -10.60 -32.08 -104.23
C VAL F 815 -11.07 -33.36 -104.90
N ALA F 816 -12.38 -33.60 -104.89
CA ALA F 816 -12.95 -34.76 -105.56
C ALA F 816 -14.13 -34.35 -106.42
N ALA F 817 -14.05 -34.64 -107.72
CA ALA F 817 -15.09 -34.24 -108.66
C ALA F 817 -15.63 -35.43 -109.45
N LYS F 818 -16.95 -35.52 -109.50
CA LYS F 818 -17.64 -36.59 -110.23
C LYS F 818 -17.16 -37.96 -109.81
N ASN F 819 -16.61 -38.70 -110.78
CA ASN F 819 -16.16 -40.06 -110.55
C ASN F 819 -14.67 -40.16 -110.21
N LYS F 820 -13.99 -39.01 -110.12
CA LYS F 820 -12.54 -39.02 -109.93
C LYS F 820 -12.05 -38.05 -108.87
N ILE F 821 -10.80 -38.23 -108.45
CA ILE F 821 -10.17 -37.33 -107.48
C ILE F 821 -9.16 -36.44 -108.20
N PHE F 822 -9.17 -35.15 -107.87
CA PHE F 822 -8.29 -34.19 -108.52
C PHE F 822 -7.40 -33.44 -107.53
N LEU F 823 -6.13 -33.31 -107.88
CA LEU F 823 -5.17 -32.56 -107.08
C LEU F 823 -4.71 -31.32 -107.83
N PHE F 824 -5.06 -30.16 -107.31
CA PHE F 824 -4.80 -28.88 -107.98
C PHE F 824 -3.60 -28.15 -107.39
N ASP F 825 -2.86 -27.46 -108.24
CA ASP F 825 -1.76 -26.61 -107.79
C ASP F 825 -2.15 -25.14 -107.98
N ILE F 826 -2.03 -24.36 -106.91
CA ILE F 826 -2.42 -22.96 -106.95
C ILE F 826 -1.46 -22.14 -107.81
N HIS F 827 -0.23 -22.61 -107.96
CA HIS F 827 0.77 -21.91 -108.76
C HIS F 827 0.48 -22.01 -110.25
N THR F 828 0.27 -23.24 -110.73
CA THR F 828 0.00 -23.47 -112.14
C THR F 828 -1.47 -23.22 -112.49
N SER F 829 -2.33 -23.25 -111.47
CA SER F 829 -3.76 -22.99 -111.61
C SER F 829 -4.50 -24.06 -112.43
N GLY F 830 -3.73 -25.01 -112.99
CA GLY F 830 -4.30 -26.08 -113.79
C GLY F 830 -4.45 -27.37 -113.00
N LEU F 831 -4.31 -28.49 -113.69
CA LEU F 831 -4.41 -29.80 -113.05
C LEU F 831 -3.02 -30.39 -112.82
N LEU F 832 -2.62 -30.44 -111.55
CA LEU F 832 -1.30 -30.95 -111.20
C LEU F 832 -1.27 -32.47 -111.14
N GLY F 833 -2.30 -33.06 -110.56
CA GLY F 833 -2.34 -34.50 -110.39
C GLY F 833 -3.73 -35.08 -110.39
N GLU F 834 -3.83 -36.39 -110.65
CA GLU F 834 -5.12 -37.06 -110.75
C GLU F 834 -5.10 -38.42 -110.05
N ILE F 835 -6.08 -38.65 -109.20
CA ILE F 835 -6.21 -39.91 -108.48
C ILE F 835 -7.49 -40.64 -108.89
N HIS F 836 -7.35 -41.90 -109.30
CA HIS F 836 -8.48 -42.70 -109.77
C HIS F 836 -9.37 -43.17 -108.62
N THR F 837 -10.66 -43.26 -108.89
CA THR F 837 -11.65 -43.73 -107.91
C THR F 837 -12.35 -44.97 -108.48
N GLY F 838 -12.76 -45.87 -107.59
CA GLY F 838 -13.33 -47.15 -108.01
C GLY F 838 -14.52 -47.08 -108.94
N HIS F 839 -14.38 -47.75 -110.09
CA HIS F 839 -15.43 -47.87 -111.10
C HIS F 839 -16.04 -46.55 -111.53
N HIS F 840 -17.36 -46.56 -111.75
CA HIS F 840 -18.09 -45.39 -112.21
C HIS F 840 -18.79 -44.64 -111.08
N SER F 841 -18.63 -45.15 -109.85
CA SER F 841 -19.35 -44.60 -108.70
C SER F 841 -18.97 -43.14 -108.42
N THR F 842 -19.99 -42.33 -108.13
CA THR F 842 -19.80 -40.91 -107.86
C THR F 842 -19.32 -40.68 -106.43
N ILE F 843 -18.35 -39.77 -106.28
CA ILE F 843 -17.78 -39.50 -104.96
C ILE F 843 -18.68 -38.58 -104.13
N GLN F 844 -19.12 -39.09 -102.99
CA GLN F 844 -19.99 -38.33 -102.09
C GLN F 844 -19.20 -37.36 -101.21
N TYR F 845 -18.06 -37.80 -100.68
CA TYR F 845 -17.28 -36.99 -99.77
C TYR F 845 -15.79 -37.31 -99.86
N CYS F 846 -14.95 -36.35 -99.47
CA CYS F 846 -13.50 -36.53 -99.50
C CYS F 846 -12.81 -35.82 -98.34
N ASP F 847 -11.71 -36.39 -97.87
CA ASP F 847 -10.91 -35.77 -96.82
C ASP F 847 -9.45 -36.21 -96.94
N PHE F 848 -8.53 -35.37 -96.48
CA PHE F 848 -7.10 -35.65 -96.60
C PHE F 848 -6.40 -35.55 -95.25
N SER F 849 -5.48 -36.48 -95.01
CA SER F 849 -4.71 -36.52 -93.77
C SER F 849 -3.33 -35.91 -93.96
N PRO F 850 -2.95 -34.98 -93.07
CA PRO F 850 -1.64 -34.32 -93.13
C PRO F 850 -0.48 -35.28 -92.94
N GLN F 851 -0.70 -36.35 -92.17
CA GLN F 851 0.32 -37.36 -91.95
C GLN F 851 0.16 -38.52 -92.93
N ASN F 852 1.29 -39.03 -93.42
CA ASN F 852 1.34 -40.18 -94.33
C ASN F 852 0.72 -39.90 -95.71
N HIS F 853 0.17 -38.70 -95.87
CA HIS F 853 -0.45 -38.26 -97.12
C HIS F 853 -1.63 -39.16 -97.52
N LEU F 854 -2.24 -39.79 -96.53
CA LEU F 854 -3.39 -40.65 -96.76
C LEU F 854 -4.67 -39.81 -96.92
N ALA F 855 -5.64 -40.34 -97.64
CA ALA F 855 -6.90 -39.63 -97.85
C ALA F 855 -8.09 -40.59 -97.86
N VAL F 856 -9.16 -40.21 -97.16
CA VAL F 856 -10.36 -41.03 -97.11
C VAL F 856 -11.45 -40.47 -98.03
N VAL F 857 -12.22 -41.37 -98.63
CA VAL F 857 -13.27 -40.99 -99.56
C VAL F 857 -14.56 -41.75 -99.31
N ALA F 858 -15.65 -41.04 -99.09
CA ALA F 858 -16.97 -41.66 -99.02
C ALA F 858 -17.56 -41.72 -100.42
N LEU F 859 -17.76 -42.93 -100.91
CA LEU F 859 -18.12 -43.13 -102.32
C LEU F 859 -19.57 -43.57 -102.51
N SER F 860 -19.85 -44.83 -102.19
CA SER F 860 -21.20 -45.36 -102.33
C SER F 860 -21.48 -46.47 -101.32
N GLN F 861 -22.71 -46.51 -100.82
CA GLN F 861 -23.17 -47.54 -99.90
C GLN F 861 -22.27 -47.69 -98.67
N TYR F 862 -22.28 -46.67 -97.81
CA TYR F 862 -21.54 -46.66 -96.54
C TYR F 862 -20.09 -47.14 -96.65
N CYS F 863 -19.45 -46.82 -97.77
CA CYS F 863 -18.08 -47.27 -98.00
C CYS F 863 -17.09 -46.11 -97.89
N VAL F 864 -16.26 -46.16 -96.85
CA VAL F 864 -15.19 -45.19 -96.69
C VAL F 864 -13.87 -45.82 -97.10
N GLU F 865 -13.33 -45.38 -98.24
CA GLU F 865 -12.13 -45.98 -98.80
C GLU F 865 -10.88 -45.13 -98.56
N LEU F 866 -9.82 -45.76 -98.07
CA LEU F 866 -8.58 -45.06 -97.80
C LEU F 866 -7.55 -45.29 -98.91
N TRP F 867 -7.16 -44.19 -99.55
CA TRP F 867 -6.21 -44.22 -100.66
C TRP F 867 -4.97 -43.38 -100.33
N ASN F 868 -3.88 -43.65 -101.03
CA ASN F 868 -2.64 -42.91 -100.83
C ASN F 868 -2.33 -42.06 -102.07
N THR F 869 -1.73 -40.90 -101.85
CA THR F 869 -1.37 -40.00 -102.94
C THR F 869 -0.14 -40.51 -103.69
N ASP F 870 -0.11 -40.24 -105.00
CA ASP F 870 0.98 -40.70 -105.87
C ASP F 870 1.16 -42.21 -105.78
N SER F 871 0.04 -42.92 -105.66
CA SER F 871 0.06 -44.37 -105.49
C SER F 871 -0.84 -45.05 -106.52
N ARG F 872 -2.14 -44.73 -106.45
CA ARG F 872 -3.15 -45.35 -107.30
C ARG F 872 -3.27 -46.84 -107.02
N SER F 873 -3.04 -47.21 -105.77
CA SER F 873 -3.21 -48.58 -105.30
C SER F 873 -4.07 -48.59 -104.05
N LYS F 874 -4.88 -49.62 -103.89
CA LYS F 874 -5.81 -49.70 -102.77
C LYS F 874 -5.07 -49.88 -101.45
N VAL F 875 -5.33 -48.98 -100.51
CA VAL F 875 -4.66 -49.03 -99.21
C VAL F 875 -5.57 -49.66 -98.16
N ALA F 876 -6.68 -49.01 -97.85
CA ALA F 876 -7.58 -49.54 -96.83
C ALA F 876 -9.06 -49.38 -97.19
N ASP F 877 -9.91 -50.10 -96.47
CA ASP F 877 -11.35 -50.01 -96.66
C ASP F 877 -12.06 -50.12 -95.31
N CYS F 878 -13.05 -49.26 -95.09
CA CYS F 878 -13.76 -49.21 -93.82
C CYS F 878 -15.15 -49.81 -93.91
N ARG F 879 -15.39 -50.83 -93.10
CA ARG F 879 -16.70 -51.48 -93.03
C ARG F 879 -17.16 -51.68 -91.60
N GLY F 880 -18.43 -52.06 -91.42
CA GLY F 880 -18.99 -52.26 -90.11
C GLY F 880 -19.96 -51.17 -89.70
N HIS F 881 -20.18 -50.22 -90.60
CA HIS F 881 -21.13 -49.14 -90.36
C HIS F 881 -22.56 -49.65 -90.44
N LEU F 882 -23.43 -49.02 -89.64
CA LEU F 882 -24.86 -49.21 -89.76
C LEU F 882 -25.43 -48.58 -91.08
N SER F 883 -24.92 -47.40 -91.49
CA SER F 883 -25.39 -46.66 -92.70
C SER F 883 -24.34 -45.88 -93.56
N TRP F 884 -24.71 -45.43 -94.77
CA TRP F 884 -23.78 -44.74 -95.65
C TRP F 884 -23.29 -43.49 -94.94
N VAL F 885 -21.97 -43.39 -94.89
CA VAL F 885 -21.34 -42.38 -94.08
C VAL F 885 -21.67 -41.00 -94.53
N HIS F 886 -22.23 -40.27 -93.57
CA HIS F 886 -22.56 -38.91 -93.83
C HIS F 886 -21.24 -38.21 -94.00
N GLY F 887 -20.29 -38.56 -93.13
CA GLY F 887 -18.99 -37.93 -93.28
C GLY F 887 -17.94 -38.46 -92.32
N VAL F 888 -16.67 -38.29 -92.67
CA VAL F 888 -15.57 -38.77 -91.85
C VAL F 888 -14.46 -37.72 -91.76
N MET F 889 -13.70 -37.76 -90.67
CA MET F 889 -12.61 -36.81 -90.45
C MET F 889 -11.38 -37.50 -89.89
N PHE F 890 -10.26 -36.78 -89.85
CA PHE F 890 -9.04 -37.31 -89.25
C PHE F 890 -8.74 -36.68 -87.90
N SER F 891 -8.15 -37.46 -86.99
CA SER F 891 -7.62 -36.89 -85.75
C SER F 891 -6.17 -36.52 -85.99
N PRO F 892 -5.85 -35.22 -85.97
CA PRO F 892 -4.50 -34.83 -86.37
C PRO F 892 -3.43 -35.13 -85.31
N ASP F 893 -3.45 -36.33 -84.78
CA ASP F 893 -2.32 -36.87 -84.03
C ASP F 893 -1.54 -37.79 -84.95
N GLY F 894 -2.07 -38.00 -86.14
CA GLY F 894 -1.50 -38.93 -87.10
C GLY F 894 -1.88 -40.37 -86.81
N SER F 895 -2.43 -40.60 -85.62
CA SER F 895 -2.70 -41.95 -85.15
C SER F 895 -4.01 -42.55 -85.68
N SER F 896 -5.09 -41.77 -85.68
CA SER F 896 -6.41 -42.32 -85.98
C SER F 896 -7.37 -41.33 -86.62
N PHE F 897 -8.59 -41.79 -86.90
CA PHE F 897 -9.61 -40.96 -87.53
C PHE F 897 -11.00 -41.23 -86.97
N LEU F 898 -11.93 -40.32 -87.23
CA LEU F 898 -13.29 -40.44 -86.73
C LEU F 898 -14.28 -40.66 -87.88
N THR F 899 -15.34 -41.43 -87.61
CA THR F 899 -16.38 -41.70 -88.59
C THR F 899 -17.76 -41.30 -88.07
N SER F 900 -18.56 -40.72 -88.96
CA SER F 900 -19.92 -40.30 -88.62
C SER F 900 -20.90 -40.69 -89.72
N SER F 901 -21.99 -41.34 -89.34
CA SER F 901 -22.96 -41.86 -90.31
C SER F 901 -24.39 -41.48 -89.95
N ASP F 902 -25.34 -42.04 -90.69
CA ASP F 902 -26.76 -41.82 -90.43
C ASP F 902 -27.27 -42.77 -89.35
N ASP F 903 -26.35 -43.55 -88.79
CA ASP F 903 -26.66 -44.49 -87.73
C ASP F 903 -26.70 -43.76 -86.38
N GLN F 904 -26.52 -42.44 -86.45
CA GLN F 904 -26.65 -41.55 -85.31
C GLN F 904 -25.55 -41.78 -84.26
N THR F 905 -24.41 -42.30 -84.70
CA THR F 905 -23.34 -42.66 -83.77
C THR F 905 -21.97 -42.19 -84.25
N ILE F 906 -21.21 -41.56 -83.36
CA ILE F 906 -19.86 -41.12 -83.68
C ILE F 906 -18.86 -42.19 -83.26
N ARG F 907 -17.99 -42.59 -84.17
CA ARG F 907 -17.02 -43.64 -83.87
C ARG F 907 -15.57 -43.21 -84.06
N LEU F 908 -14.69 -43.85 -83.28
CA LEU F 908 -13.25 -43.64 -83.39
C LEU F 908 -12.59 -44.92 -83.93
N TRP F 909 -11.91 -44.77 -85.06
CA TRP F 909 -11.26 -45.89 -85.76
C TRP F 909 -9.77 -45.64 -85.93
N GLU F 910 -8.99 -46.73 -85.93
CA GLU F 910 -7.54 -46.64 -86.10
C GLU F 910 -7.15 -46.76 -87.57
N THR F 911 -6.16 -45.98 -87.98
CA THR F 911 -5.72 -45.96 -89.38
C THR F 911 -5.03 -47.26 -89.79
N LYS F 912 -4.06 -47.69 -88.99
CA LYS F 912 -3.24 -48.85 -89.33
C LYS F 912 -3.97 -50.17 -89.11
N LYS F 913 -4.96 -50.15 -88.21
CA LYS F 913 -5.68 -51.37 -87.84
C LYS F 913 -6.71 -51.76 -88.90
N VAL F 914 -7.43 -50.77 -89.42
CA VAL F 914 -8.45 -51.00 -90.44
C VAL F 914 -7.79 -51.38 -91.76
N CYS F 915 -6.54 -50.97 -91.93
CA CYS F 915 -5.77 -51.23 -93.15
C CYS F 915 -5.76 -52.71 -93.56
N LYS F 916 -5.75 -53.58 -92.56
CA LYS F 916 -5.77 -55.03 -92.82
C LYS F 916 -7.18 -55.50 -93.14
N ASN F 917 -7.34 -56.12 -94.31
CA ASN F 917 -8.65 -56.60 -94.74
C ASN F 917 -8.62 -58.08 -95.10
N SER F 918 -9.65 -58.82 -94.66
CA SER F 918 -9.73 -60.25 -94.91
C SER F 918 -10.50 -60.56 -96.20
N ALA F 919 -11.08 -59.52 -96.80
CA ALA F 919 -11.85 -59.65 -98.04
C ALA F 919 -12.98 -60.67 -97.93
N VAL F 920 -13.78 -60.55 -96.88
CA VAL F 920 -14.91 -61.45 -96.66
C VAL F 920 -16.19 -60.86 -97.23
N MET F 921 -16.06 -59.73 -97.91
CA MET F 921 -17.21 -58.97 -98.43
C MET F 921 -18.14 -59.80 -99.32
N LEU F 922 -19.44 -59.68 -99.06
CA LEU F 922 -20.47 -60.36 -99.84
C LEU F 922 -21.50 -59.31 -100.25
N LYS F 923 -21.87 -59.27 -101.53
CA LYS F 923 -22.66 -58.14 -101.99
C LYS F 923 -24.16 -58.26 -101.73
N GLN F 924 -24.88 -58.98 -102.60
CA GLN F 924 -26.32 -59.09 -102.46
C GLN F 924 -26.86 -60.42 -101.92
N GLU F 925 -25.99 -61.41 -101.76
CA GLU F 925 -26.50 -62.77 -101.58
C GLU F 925 -25.58 -63.73 -100.82
N VAL F 926 -26.20 -64.65 -100.08
CA VAL F 926 -25.51 -65.82 -99.56
C VAL F 926 -26.30 -67.07 -99.97
N ASP F 927 -25.59 -68.18 -100.13
CA ASP F 927 -26.22 -69.42 -100.60
C ASP F 927 -26.00 -70.56 -99.62
N VAL F 928 -27.10 -71.13 -99.13
CA VAL F 928 -27.03 -72.26 -98.21
C VAL F 928 -26.87 -73.59 -98.96
N VAL F 929 -26.13 -74.51 -98.36
CA VAL F 929 -25.94 -75.83 -98.94
C VAL F 929 -26.43 -76.88 -97.95
N PHE F 930 -27.03 -77.96 -98.44
CA PHE F 930 -27.56 -79.00 -97.56
C PHE F 930 -26.89 -80.35 -97.79
N GLN F 931 -26.10 -80.80 -96.81
CA GLN F 931 -25.54 -82.14 -96.84
C GLN F 931 -26.20 -82.97 -95.74
N GLU F 932 -27.05 -83.91 -96.14
CA GLU F 932 -27.90 -84.62 -95.20
C GLU F 932 -28.57 -83.66 -94.24
N ASN F 933 -28.37 -83.87 -92.94
CA ASN F 933 -28.88 -82.96 -91.91
C ASN F 933 -27.98 -81.73 -91.76
N GLU F 934 -26.67 -81.94 -91.92
CA GLU F 934 -25.68 -80.88 -91.75
C GLU F 934 -25.80 -79.81 -92.84
N VAL F 935 -25.51 -78.56 -92.46
CA VAL F 935 -25.56 -77.45 -93.39
C VAL F 935 -24.16 -76.97 -93.77
N MET F 936 -23.98 -76.58 -95.02
CA MET F 936 -22.70 -76.08 -95.51
C MET F 936 -22.88 -74.67 -96.08
N VAL F 937 -21.79 -73.92 -96.18
CA VAL F 937 -21.88 -72.52 -96.59
C VAL F 937 -21.30 -72.28 -97.99
N LEU F 938 -22.09 -71.64 -98.84
CA LEU F 938 -21.61 -71.21 -100.15
C LEU F 938 -21.76 -69.70 -100.29
N ALA F 939 -20.64 -68.99 -100.37
CA ALA F 939 -20.67 -67.52 -100.43
C ALA F 939 -20.30 -67.03 -101.82
N VAL F 940 -20.88 -65.89 -102.21
CA VAL F 940 -20.54 -65.27 -103.49
C VAL F 940 -19.47 -64.21 -103.27
N ASP F 941 -18.26 -64.49 -103.78
CA ASP F 941 -17.11 -63.64 -103.51
C ASP F 941 -17.24 -62.25 -104.13
N HIS F 942 -16.72 -61.25 -103.43
CA HIS F 942 -16.74 -59.88 -103.89
C HIS F 942 -15.87 -59.69 -105.12
N ILE F 943 -14.63 -60.16 -105.04
CA ILE F 943 -13.64 -59.92 -106.09
C ILE F 943 -13.99 -60.57 -107.43
N ARG F 944 -14.15 -61.89 -107.45
CA ARG F 944 -14.36 -62.57 -108.73
C ARG F 944 -15.64 -63.42 -108.80
N ARG F 945 -15.63 -64.60 -108.19
CA ARG F 945 -16.80 -65.46 -108.28
C ARG F 945 -17.37 -65.88 -106.93
N LEU F 946 -16.72 -66.81 -106.25
CA LEU F 946 -17.31 -67.37 -105.03
C LEU F 946 -16.28 -67.99 -104.07
N GLN F 947 -16.70 -68.14 -102.83
CA GLN F 947 -15.90 -68.80 -101.81
C GLN F 947 -16.71 -69.91 -101.13
N LEU F 948 -16.16 -71.11 -101.09
CA LEU F 948 -16.83 -72.25 -100.50
C LEU F 948 -16.38 -72.48 -99.05
N ILE F 949 -17.31 -72.35 -98.12
CA ILE F 949 -17.01 -72.53 -96.70
C ILE F 949 -17.64 -73.81 -96.16
N ASN F 950 -16.79 -74.75 -95.76
CA ASN F 950 -17.24 -76.02 -95.20
C ASN F 950 -17.72 -75.81 -93.76
N GLY F 951 -18.72 -76.59 -93.36
CA GLY F 951 -19.33 -76.45 -92.06
C GLY F 951 -18.48 -76.96 -90.90
N ARG F 952 -18.52 -76.22 -89.79
CA ARG F 952 -17.85 -76.60 -88.55
C ARG F 952 -16.34 -76.79 -88.71
N THR F 953 -15.75 -76.10 -89.68
CA THR F 953 -14.31 -76.16 -89.91
C THR F 953 -13.83 -74.93 -90.66
N GLY F 954 -12.53 -74.69 -90.63
CA GLY F 954 -11.94 -73.53 -91.28
C GLY F 954 -11.53 -73.78 -92.71
N GLN F 955 -12.10 -74.81 -93.33
CA GLN F 955 -11.78 -75.15 -94.70
C GLN F 955 -12.47 -74.19 -95.67
N ILE F 956 -11.69 -73.53 -96.52
CA ILE F 956 -12.22 -72.57 -97.49
C ILE F 956 -11.63 -72.81 -98.88
N ASP F 957 -12.51 -73.02 -99.85
CA ASP F 957 -12.08 -73.23 -101.23
C ASP F 957 -12.49 -72.04 -102.11
N TYR F 958 -11.50 -71.27 -102.55
CA TYR F 958 -11.76 -70.07 -103.34
C TYR F 958 -11.88 -70.36 -104.82
N LEU F 959 -13.03 -70.01 -105.40
CA LEU F 959 -13.26 -70.20 -106.83
C LEU F 959 -13.36 -68.86 -107.55
N THR F 960 -12.51 -68.69 -108.56
CA THR F 960 -12.41 -67.42 -109.29
C THR F 960 -12.83 -67.53 -110.75
N GLU F 961 -13.81 -66.70 -111.13
CA GLU F 961 -14.29 -66.59 -112.51
C GLU F 961 -14.73 -65.16 -112.77
N ALA F 962 -15.40 -64.95 -113.91
CA ALA F 962 -15.93 -63.64 -114.27
C ALA F 962 -17.00 -63.21 -113.28
N GLN F 963 -17.23 -61.90 -113.19
CA GLN F 963 -18.20 -61.33 -112.24
C GLN F 963 -19.61 -61.88 -112.48
N VAL F 964 -20.36 -62.02 -111.39
CA VAL F 964 -21.71 -62.56 -111.47
C VAL F 964 -22.73 -61.58 -110.89
N SER F 965 -23.88 -61.47 -111.55
CA SER F 965 -24.97 -60.63 -111.06
C SER F 965 -25.75 -61.33 -109.96
N CYS F 966 -26.01 -62.62 -110.15
CA CYS F 966 -26.74 -63.41 -109.18
C CYS F 966 -26.38 -64.88 -109.27
N CYS F 967 -26.60 -65.62 -108.18
CA CYS F 967 -26.27 -67.04 -108.13
C CYS F 967 -27.44 -67.85 -107.55
N CYS F 968 -27.61 -69.06 -108.07
CA CYS F 968 -28.67 -69.95 -107.60
C CYS F 968 -28.21 -71.41 -107.58
N LEU F 969 -28.56 -72.10 -106.50
CA LEU F 969 -28.18 -73.50 -106.31
C LEU F 969 -29.28 -74.44 -106.77
N SER F 970 -28.90 -75.53 -107.41
CA SER F 970 -29.85 -76.49 -107.97
C SER F 970 -30.24 -77.57 -106.95
N PRO F 971 -31.47 -78.08 -107.06
CA PRO F 971 -31.91 -79.23 -106.25
C PRO F 971 -31.14 -80.48 -106.65
N HIS F 972 -30.97 -81.42 -105.72
CA HIS F 972 -30.17 -82.63 -105.93
C HIS F 972 -28.68 -82.29 -106.07
N LEU F 973 -28.38 -81.00 -106.02
CA LEU F 973 -27.03 -80.45 -106.15
C LEU F 973 -26.37 -80.87 -107.46
N GLN F 974 -25.07 -81.14 -107.38
CA GLN F 974 -24.25 -81.56 -108.53
C GLN F 974 -24.14 -80.48 -109.63
N TYR F 975 -24.93 -79.43 -109.52
CA TYR F 975 -25.00 -78.37 -110.51
C TYR F 975 -25.12 -77.00 -109.84
N ILE F 976 -24.91 -75.94 -110.63
CA ILE F 976 -25.15 -74.58 -110.16
C ILE F 976 -25.57 -73.70 -111.33
N ALA F 977 -26.50 -72.77 -111.09
CA ALA F 977 -27.00 -71.91 -112.15
C ALA F 977 -26.95 -70.44 -111.72
N PHE F 978 -26.15 -69.64 -112.41
CA PHE F 978 -25.96 -68.26 -112.01
C PHE F 978 -26.09 -67.29 -113.18
N GLY F 979 -26.78 -66.17 -112.94
CA GLY F 979 -26.89 -65.10 -113.92
C GLY F 979 -25.75 -64.11 -113.78
N ASP F 980 -25.35 -63.51 -114.90
CA ASP F 980 -24.25 -62.56 -114.90
C ASP F 980 -24.71 -61.16 -115.29
N GLU F 981 -23.78 -60.23 -115.31
CA GLU F 981 -24.08 -58.86 -115.73
C GLU F 981 -23.90 -58.72 -117.24
N ASN F 982 -23.40 -59.78 -117.87
CA ASN F 982 -23.22 -59.82 -119.31
C ASN F 982 -24.51 -60.22 -120.02
N GLY F 983 -25.52 -60.57 -119.24
CA GLY F 983 -26.82 -60.92 -119.80
C GLY F 983 -27.14 -62.41 -119.73
N ALA F 984 -28.42 -62.71 -119.94
CA ALA F 984 -28.94 -64.08 -119.97
C ALA F 984 -28.62 -64.87 -118.69
N ILE F 985 -28.29 -66.15 -118.86
CA ILE F 985 -28.07 -67.06 -117.75
C ILE F 985 -26.92 -68.03 -118.05
N GLU F 986 -26.04 -68.25 -117.08
CA GLU F 986 -24.96 -69.22 -117.26
C GLU F 986 -25.11 -70.40 -116.32
N ILE F 987 -25.14 -71.60 -116.88
CA ILE F 987 -25.26 -72.83 -116.09
C ILE F 987 -23.93 -73.57 -116.06
N LEU F 988 -23.47 -73.91 -114.86
CA LEU F 988 -22.17 -74.57 -114.70
C LEU F 988 -22.29 -75.81 -113.82
N GLU F 989 -21.46 -76.81 -114.09
CA GLU F 989 -21.47 -78.06 -113.34
C GLU F 989 -20.43 -78.05 -112.23
N LEU F 990 -20.86 -78.42 -111.03
CA LEU F 990 -19.99 -78.42 -109.85
C LEU F 990 -18.83 -79.42 -110.01
N VAL F 991 -19.03 -80.45 -110.81
CA VAL F 991 -18.00 -81.45 -111.04
C VAL F 991 -16.85 -80.87 -111.88
N ASN F 992 -17.19 -80.26 -113.01
CA ASN F 992 -16.20 -79.63 -113.86
C ASN F 992 -16.57 -78.19 -114.19
N ASN F 993 -15.71 -77.25 -113.80
CA ASN F 993 -15.96 -75.84 -114.02
C ASN F 993 -15.70 -75.41 -115.46
N ARG F 994 -15.02 -76.27 -116.21
CA ARG F 994 -14.71 -75.98 -117.61
C ARG F 994 -15.92 -76.19 -118.51
N ILE F 995 -16.89 -76.98 -118.03
CA ILE F 995 -18.10 -77.27 -118.79
C ILE F 995 -19.23 -76.34 -118.36
N PHE F 996 -19.74 -75.56 -119.31
CA PHE F 996 -20.82 -74.63 -119.02
C PHE F 996 -21.74 -74.44 -120.23
N GLN F 997 -23.00 -74.13 -119.96
CA GLN F 997 -23.99 -73.93 -121.02
C GLN F 997 -24.74 -72.62 -120.82
N SER F 998 -24.90 -71.87 -121.92
CA SER F 998 -25.63 -70.60 -121.88
C SER F 998 -26.27 -70.29 -123.23
N ARG F 999 -27.39 -69.59 -123.19
CA ARG F 999 -28.09 -69.17 -124.40
C ARG F 999 -28.59 -67.73 -124.25
N PHE F 1000 -28.57 -66.97 -125.34
CA PHE F 1000 -28.90 -65.56 -125.28
C PHE F 1000 -30.38 -65.30 -125.58
N GLN F 1001 -31.12 -64.89 -124.56
CA GLN F 1001 -32.54 -64.54 -124.71
C GLN F 1001 -32.92 -63.57 -123.59
N HIS F 1002 -33.95 -62.76 -123.84
CA HIS F 1002 -34.45 -61.80 -122.84
C HIS F 1002 -33.35 -60.85 -122.36
N LYS F 1003 -32.99 -59.90 -123.24
CA LYS F 1003 -31.90 -58.96 -123.00
C LYS F 1003 -31.98 -58.23 -121.66
N LYS F 1004 -33.19 -58.08 -121.13
CA LYS F 1004 -33.39 -57.41 -119.84
C LYS F 1004 -32.77 -58.22 -118.71
N THR F 1005 -32.50 -57.54 -117.59
CA THR F 1005 -31.84 -58.16 -116.44
C THR F 1005 -32.61 -59.35 -115.89
N VAL F 1006 -31.91 -60.47 -115.76
CA VAL F 1006 -32.51 -61.69 -115.24
C VAL F 1006 -32.54 -61.67 -113.70
N TRP F 1007 -33.71 -61.94 -113.13
CA TRP F 1007 -33.88 -61.89 -111.68
C TRP F 1007 -33.92 -63.28 -111.05
N HIS F 1008 -34.98 -64.04 -111.36
CA HIS F 1008 -35.17 -65.34 -110.73
C HIS F 1008 -34.90 -66.48 -111.71
N ILE F 1009 -34.15 -67.49 -111.25
CA ILE F 1009 -33.79 -68.64 -112.06
C ILE F 1009 -34.07 -69.92 -111.31
N GLN F 1010 -34.91 -70.80 -111.87
CA GLN F 1010 -35.23 -72.03 -111.16
C GLN F 1010 -35.41 -73.25 -112.06
N PHE F 1011 -34.78 -74.36 -111.65
CA PHE F 1011 -35.01 -75.67 -112.27
C PHE F 1011 -36.34 -76.27 -111.81
N THR F 1012 -36.84 -77.23 -112.57
CA THR F 1012 -38.05 -77.97 -112.18
C THR F 1012 -37.72 -78.98 -111.09
N ALA F 1013 -38.68 -79.85 -110.78
CA ALA F 1013 -38.49 -80.90 -109.79
C ALA F 1013 -37.30 -81.79 -110.13
N ASP F 1014 -37.06 -81.98 -111.43
CA ASP F 1014 -35.91 -82.73 -111.90
C ASP F 1014 -34.72 -81.80 -112.14
N GLU F 1015 -33.67 -82.34 -112.75
CA GLU F 1015 -32.46 -81.55 -113.03
C GLU F 1015 -32.54 -80.90 -114.41
N LYS F 1016 -33.66 -81.09 -115.09
CA LYS F 1016 -33.83 -80.56 -116.44
C LYS F 1016 -34.92 -79.49 -116.51
N THR F 1017 -35.21 -79.02 -117.72
CA THR F 1017 -36.26 -78.04 -117.98
C THR F 1017 -36.04 -76.76 -117.19
N LEU F 1018 -35.04 -75.97 -117.61
CA LEU F 1018 -34.76 -74.68 -117.00
C LEU F 1018 -35.94 -73.72 -117.13
N ILE F 1019 -36.35 -73.14 -116.00
CA ILE F 1019 -37.37 -72.10 -116.01
C ILE F 1019 -36.77 -70.78 -115.57
N SER F 1020 -36.82 -69.79 -116.46
CA SER F 1020 -36.21 -68.49 -116.19
C SER F 1020 -37.11 -67.33 -116.62
N SER F 1021 -37.00 -66.23 -115.89
CA SER F 1021 -37.78 -65.03 -116.19
C SER F 1021 -36.92 -63.77 -116.09
N SER F 1022 -37.48 -62.67 -116.60
CA SER F 1022 -36.81 -61.38 -116.58
C SER F 1022 -37.87 -60.29 -116.53
N ASP F 1023 -37.47 -59.03 -116.74
CA ASP F 1023 -38.46 -57.97 -116.81
C ASP F 1023 -38.89 -57.80 -118.26
N ASP F 1024 -40.11 -58.25 -118.54
CA ASP F 1024 -40.63 -58.37 -119.89
C ASP F 1024 -42.01 -59.03 -119.88
N ALA F 1025 -42.62 -59.14 -121.05
CA ALA F 1025 -43.93 -59.77 -121.17
C ALA F 1025 -43.83 -61.27 -121.43
N GLU F 1026 -42.60 -61.80 -121.44
CA GLU F 1026 -42.37 -63.20 -121.75
C GLU F 1026 -41.51 -63.92 -120.72
N ILE F 1027 -41.88 -65.16 -120.42
CA ILE F 1027 -41.11 -66.01 -119.51
C ILE F 1027 -40.58 -67.22 -120.28
N GLN F 1028 -39.29 -67.51 -120.12
CA GLN F 1028 -38.69 -68.56 -120.93
C GLN F 1028 -38.59 -69.91 -120.20
N VAL F 1029 -38.96 -70.97 -120.92
CA VAL F 1029 -38.75 -72.34 -120.48
C VAL F 1029 -37.88 -73.04 -121.52
N TRP F 1030 -36.67 -73.42 -121.12
CA TRP F 1030 -35.69 -73.94 -122.06
C TRP F 1030 -35.04 -75.22 -121.57
N ASN F 1031 -34.94 -76.21 -122.48
CA ASN F 1031 -34.38 -77.51 -122.16
C ASN F 1031 -32.96 -77.68 -122.67
N TRP F 1032 -32.06 -78.09 -121.79
CA TRP F 1032 -30.63 -78.23 -122.08
C TRP F 1032 -30.25 -79.69 -122.26
N GLN F 1033 -29.23 -79.94 -123.08
CA GLN F 1033 -28.84 -81.28 -123.58
C GLN F 1033 -29.87 -81.66 -124.65
N LEU F 1034 -30.81 -80.75 -124.83
CA LEU F 1034 -31.94 -80.87 -125.73
C LEU F 1034 -31.87 -79.67 -126.68
N ASP F 1035 -31.79 -78.49 -126.08
CA ASP F 1035 -31.86 -77.20 -126.76
C ASP F 1035 -33.27 -76.94 -127.26
N LYS F 1036 -34.24 -77.31 -126.43
CA LYS F 1036 -35.64 -77.03 -126.73
C LYS F 1036 -36.05 -75.66 -126.24
N CYS F 1037 -36.47 -74.79 -127.16
CA CYS F 1037 -36.85 -73.43 -126.82
C CYS F 1037 -38.37 -73.30 -126.73
N ILE F 1038 -38.89 -73.07 -125.53
CA ILE F 1038 -40.32 -72.89 -125.35
C ILE F 1038 -40.62 -71.58 -124.62
N PHE F 1039 -41.27 -70.66 -125.32
CA PHE F 1039 -41.58 -69.35 -124.75
C PHE F 1039 -43.00 -69.25 -124.27
N LEU F 1040 -43.18 -68.72 -123.06
CA LEU F 1040 -44.50 -68.57 -122.46
C LEU F 1040 -44.87 -67.09 -122.33
N ARG F 1041 -45.85 -66.66 -123.11
CA ARG F 1041 -46.26 -65.26 -123.10
C ARG F 1041 -47.45 -65.03 -122.17
N GLY F 1042 -47.32 -64.05 -121.28
CA GLY F 1042 -48.39 -63.70 -120.37
C GLY F 1042 -49.19 -62.52 -120.89
N HIS F 1043 -48.67 -61.86 -121.91
CA HIS F 1043 -49.30 -60.70 -122.53
C HIS F 1043 -49.65 -59.62 -121.51
N GLN F 1044 -48.62 -59.04 -120.89
CA GLN F 1044 -48.80 -57.98 -119.91
C GLN F 1044 -47.73 -56.90 -120.08
N GLU F 1045 -47.73 -55.93 -119.17
CA GLU F 1045 -46.71 -54.88 -119.19
C GLU F 1045 -45.35 -55.44 -118.78
N THR F 1046 -45.32 -56.14 -117.65
CA THR F 1046 -44.09 -56.74 -117.15
C THR F 1046 -44.38 -57.89 -116.20
N VAL F 1047 -43.37 -58.74 -115.98
CA VAL F 1047 -43.49 -59.87 -115.06
C VAL F 1047 -42.35 -59.84 -114.05
N LYS F 1048 -42.69 -60.01 -112.77
CA LYS F 1048 -41.67 -59.94 -111.72
C LYS F 1048 -40.92 -61.25 -111.54
N ASP F 1049 -41.57 -62.23 -110.93
CA ASP F 1049 -40.91 -63.49 -110.54
C ASP F 1049 -41.87 -64.68 -110.55
N PHE F 1050 -41.36 -65.81 -110.08
CA PHE F 1050 -42.17 -67.03 -109.97
C PHE F 1050 -41.68 -67.94 -108.85
N ARG F 1051 -42.40 -69.03 -108.64
CA ARG F 1051 -42.02 -70.04 -107.65
C ARG F 1051 -42.63 -71.39 -108.02
N LEU F 1052 -42.01 -72.47 -107.56
CA LEU F 1052 -42.50 -73.81 -107.82
C LEU F 1052 -43.18 -74.38 -106.57
N LEU F 1053 -44.40 -74.87 -106.73
CA LEU F 1053 -45.16 -75.45 -105.63
C LEU F 1053 -44.85 -76.94 -105.49
N LYS F 1054 -45.63 -77.61 -104.65
CA LYS F 1054 -45.46 -79.04 -104.43
C LYS F 1054 -45.87 -79.86 -105.66
N ASN F 1055 -46.49 -79.20 -106.62
CA ASN F 1055 -46.91 -79.83 -107.86
C ASN F 1055 -46.12 -79.30 -109.06
N SER F 1056 -46.47 -79.78 -110.25
CA SER F 1056 -45.79 -79.38 -111.47
C SER F 1056 -46.19 -77.97 -111.91
N ARG F 1057 -47.20 -77.41 -111.24
CA ARG F 1057 -47.68 -76.06 -111.57
C ARG F 1057 -46.65 -75.01 -111.19
N LEU F 1058 -46.65 -73.89 -111.92
CA LEU F 1058 -45.71 -72.81 -111.68
C LEU F 1058 -46.45 -71.54 -111.26
N LEU F 1059 -46.25 -71.12 -110.02
CA LEU F 1059 -46.99 -69.98 -109.48
C LEU F 1059 -46.18 -68.69 -109.63
N SER F 1060 -46.64 -67.79 -110.50
CA SER F 1060 -45.87 -66.60 -110.84
C SER F 1060 -46.60 -65.29 -110.53
N TRP F 1061 -45.83 -64.25 -110.25
CA TRP F 1061 -46.38 -62.94 -109.92
C TRP F 1061 -45.65 -61.81 -110.66
N SER F 1062 -46.36 -60.69 -110.83
CA SER F 1062 -45.81 -59.56 -111.57
C SER F 1062 -46.08 -58.23 -110.88
N PHE F 1063 -45.71 -57.13 -111.53
CA PHE F 1063 -45.93 -55.79 -110.99
C PHE F 1063 -47.37 -55.32 -111.22
N ASP F 1064 -48.08 -56.01 -112.11
CA ASP F 1064 -49.43 -55.60 -112.47
C ASP F 1064 -50.46 -56.22 -111.55
N GLY F 1065 -49.99 -56.98 -110.57
CA GLY F 1065 -50.88 -57.62 -109.61
C GLY F 1065 -51.56 -58.84 -110.20
N THR F 1066 -50.95 -59.40 -111.24
CA THR F 1066 -51.51 -60.57 -111.91
C THR F 1066 -50.78 -61.84 -111.49
N VAL F 1067 -51.49 -62.69 -110.75
CA VAL F 1067 -50.93 -63.97 -110.30
C VAL F 1067 -51.37 -65.09 -111.24
N LYS F 1068 -50.40 -65.74 -111.88
CA LYS F 1068 -50.70 -66.74 -112.89
C LYS F 1068 -50.18 -68.12 -112.53
N VAL F 1069 -50.90 -69.15 -112.96
CA VAL F 1069 -50.46 -70.53 -112.76
C VAL F 1069 -50.14 -71.18 -114.10
N TRP F 1070 -48.86 -71.45 -114.34
CA TRP F 1070 -48.41 -72.01 -115.60
C TRP F 1070 -48.07 -73.48 -115.48
N ASN F 1071 -47.67 -74.08 -116.60
CA ASN F 1071 -47.26 -75.48 -116.63
C ASN F 1071 -45.97 -75.66 -117.43
N ILE F 1072 -45.35 -76.83 -117.31
CA ILE F 1072 -44.09 -77.10 -117.98
C ILE F 1072 -44.31 -77.52 -119.44
N ILE F 1073 -43.42 -77.03 -120.31
CA ILE F 1073 -43.32 -77.43 -121.72
C ILE F 1073 -44.48 -76.86 -122.56
N THR F 1074 -45.54 -76.42 -121.88
CA THR F 1074 -46.67 -75.82 -122.58
C THR F 1074 -47.28 -74.67 -121.77
N GLY F 1075 -47.47 -73.53 -122.43
CA GLY F 1075 -48.10 -72.39 -121.79
C GLY F 1075 -49.57 -72.64 -121.49
N ASN F 1076 -49.95 -72.50 -120.23
CA ASN F 1076 -51.33 -72.72 -119.81
C ASN F 1076 -51.72 -71.80 -118.65
N LYS F 1077 -52.95 -71.31 -118.66
CA LYS F 1077 -53.48 -70.52 -117.56
C LYS F 1077 -54.69 -71.18 -116.93
N GLU F 1078 -54.54 -71.68 -115.70
CA GLU F 1078 -55.64 -72.31 -115.00
C GLU F 1078 -56.59 -71.27 -114.41
N LYS F 1079 -56.03 -70.30 -113.71
CA LYS F 1079 -56.80 -69.24 -113.06
C LYS F 1079 -56.03 -67.93 -113.03
N ASP F 1080 -56.75 -66.83 -112.79
CA ASP F 1080 -56.12 -65.52 -112.68
C ASP F 1080 -56.56 -64.84 -111.39
N PHE F 1081 -55.61 -64.59 -110.50
CA PHE F 1081 -55.92 -63.97 -109.21
C PHE F 1081 -55.33 -62.56 -109.07
N VAL F 1082 -56.19 -61.56 -109.05
CA VAL F 1082 -55.77 -60.20 -108.80
C VAL F 1082 -56.36 -59.68 -107.49
N CYS F 1083 -55.51 -59.52 -106.48
CA CYS F 1083 -55.96 -59.06 -105.17
C CYS F 1083 -56.23 -57.57 -105.17
N HIS F 1084 -55.26 -56.79 -105.65
CA HIS F 1084 -55.36 -55.34 -105.68
C HIS F 1084 -54.55 -54.76 -106.83
N GLN F 1085 -54.44 -53.43 -106.84
CA GLN F 1085 -53.65 -52.74 -107.85
C GLN F 1085 -52.25 -52.43 -107.34
N GLY F 1086 -51.26 -52.55 -108.22
CA GLY F 1086 -49.88 -52.30 -107.84
C GLY F 1086 -49.06 -53.57 -107.72
N THR F 1087 -47.80 -53.41 -107.31
CA THR F 1087 -46.88 -54.54 -107.19
C THR F 1087 -47.26 -55.47 -106.05
N VAL F 1088 -47.36 -56.76 -106.37
CA VAL F 1088 -47.66 -57.79 -105.38
C VAL F 1088 -46.38 -58.56 -105.03
N LEU F 1089 -46.13 -58.71 -103.73
CA LEU F 1089 -44.89 -59.33 -103.28
C LEU F 1089 -45.02 -60.83 -103.04
N SER F 1090 -44.37 -61.61 -103.91
CA SER F 1090 -44.29 -63.06 -103.82
C SER F 1090 -45.64 -63.75 -103.66
N CYS F 1091 -45.65 -64.80 -102.84
CA CYS F 1091 -46.85 -65.58 -102.57
C CYS F 1091 -46.75 -66.21 -101.19
N ASP F 1092 -47.90 -66.42 -100.54
CA ASP F 1092 -47.92 -67.00 -99.20
C ASP F 1092 -48.87 -68.21 -99.15
N ILE F 1093 -48.30 -69.38 -98.90
CA ILE F 1093 -49.08 -70.61 -98.83
C ILE F 1093 -49.09 -71.19 -97.42
N SER F 1094 -50.15 -71.93 -97.10
CA SER F 1094 -50.32 -72.50 -95.77
C SER F 1094 -49.39 -73.67 -95.51
N HIS F 1095 -48.79 -74.20 -96.60
CA HIS F 1095 -47.85 -75.32 -96.54
C HIS F 1095 -48.51 -76.64 -96.12
N ASP F 1096 -49.76 -76.57 -95.66
CA ASP F 1096 -50.50 -77.76 -95.26
C ASP F 1096 -51.07 -78.47 -96.49
N ALA F 1097 -51.28 -77.70 -97.55
CA ALA F 1097 -51.89 -78.19 -98.78
C ALA F 1097 -51.90 -77.10 -99.84
N THR F 1098 -52.29 -77.45 -101.06
CA THR F 1098 -52.32 -76.49 -102.15
C THR F 1098 -53.65 -75.73 -102.21
N LYS F 1099 -54.61 -76.17 -101.41
CA LYS F 1099 -55.93 -75.55 -101.35
C LYS F 1099 -55.86 -74.07 -101.00
N PHE F 1100 -55.46 -73.79 -99.76
CA PHE F 1100 -55.35 -72.41 -99.29
C PHE F 1100 -54.10 -71.73 -99.84
N SER F 1101 -54.29 -70.57 -100.47
CA SER F 1101 -53.17 -69.81 -101.00
C SER F 1101 -53.42 -68.32 -100.89
N SER F 1102 -52.37 -67.56 -100.59
CA SER F 1102 -52.49 -66.11 -100.47
C SER F 1102 -51.24 -65.40 -100.96
N THR F 1103 -51.27 -64.07 -100.95
CA THR F 1103 -50.13 -63.26 -101.36
C THR F 1103 -50.23 -61.86 -100.77
N SER F 1104 -49.13 -61.12 -100.80
CA SER F 1104 -49.10 -59.77 -100.26
C SER F 1104 -49.23 -58.72 -101.36
N ALA F 1105 -50.37 -58.03 -101.38
CA ALA F 1105 -50.66 -57.02 -102.39
C ALA F 1105 -50.23 -55.63 -101.93
N ASP F 1106 -49.58 -55.58 -100.77
CA ASP F 1106 -49.11 -54.34 -100.15
C ASP F 1106 -50.28 -53.42 -99.76
N LYS F 1107 -51.45 -54.01 -99.60
CA LYS F 1107 -52.62 -53.26 -99.11
C LYS F 1107 -53.31 -54.02 -97.98
N THR F 1108 -53.92 -55.14 -98.34
CA THR F 1108 -54.61 -55.99 -97.37
C THR F 1108 -54.13 -57.43 -97.49
N ALA F 1109 -54.68 -58.32 -96.67
CA ALA F 1109 -54.29 -59.73 -96.74
C ALA F 1109 -55.45 -60.59 -97.19
N LYS F 1110 -55.37 -61.11 -98.42
CA LYS F 1110 -56.48 -61.86 -98.99
C LYS F 1110 -56.09 -63.29 -99.32
N ILE F 1111 -56.98 -64.23 -98.97
CA ILE F 1111 -56.71 -65.66 -99.18
C ILE F 1111 -57.79 -66.31 -100.04
N TRP F 1112 -57.36 -67.20 -100.92
CA TRP F 1112 -58.26 -67.95 -101.80
C TRP F 1112 -58.04 -69.45 -101.70
N SER F 1113 -59.13 -70.21 -101.73
CA SER F 1113 -59.11 -71.66 -101.62
C SER F 1113 -59.13 -72.36 -102.99
N PHE F 1114 -59.00 -71.58 -104.05
CA PHE F 1114 -59.19 -72.05 -105.43
C PHE F 1114 -60.64 -72.44 -105.69
N ASP F 1115 -61.56 -71.83 -104.94
CA ASP F 1115 -62.98 -72.07 -105.13
C ASP F 1115 -63.60 -71.04 -106.06
N LEU F 1116 -62.79 -70.08 -106.50
CA LEU F 1116 -63.24 -69.03 -107.39
C LEU F 1116 -62.02 -68.38 -108.07
N LEU F 1117 -62.27 -67.45 -108.99
CA LEU F 1117 -61.18 -66.74 -109.67
C LEU F 1117 -60.69 -65.56 -108.83
N LEU F 1118 -61.48 -65.20 -107.81
CA LEU F 1118 -61.12 -64.10 -106.93
C LEU F 1118 -60.93 -64.61 -105.51
N PRO F 1119 -60.04 -63.96 -104.74
CA PRO F 1119 -59.79 -64.34 -103.34
C PRO F 1119 -61.05 -64.37 -102.50
N LEU F 1120 -61.25 -65.46 -101.77
CA LEU F 1120 -62.47 -65.64 -101.00
C LEU F 1120 -62.53 -64.76 -99.76
N HIS F 1121 -61.47 -64.77 -98.96
CA HIS F 1121 -61.47 -64.02 -97.71
C HIS F 1121 -60.55 -62.80 -97.77
N GLU F 1122 -61.03 -61.69 -97.21
CA GLU F 1122 -60.26 -60.44 -97.20
C GLU F 1122 -60.04 -59.94 -95.78
N LEU F 1123 -58.80 -59.57 -95.48
CA LEU F 1123 -58.45 -59.05 -94.16
C LEU F 1123 -57.87 -57.65 -94.27
N ARG F 1124 -58.62 -56.68 -93.75
CA ARG F 1124 -58.31 -55.26 -93.86
C ARG F 1124 -57.53 -54.72 -92.66
N GLY F 1125 -57.10 -55.61 -91.77
CA GLY F 1125 -56.54 -55.23 -90.48
C GLY F 1125 -55.51 -54.11 -90.49
N HIS F 1126 -54.55 -54.18 -91.40
CA HIS F 1126 -53.64 -53.06 -91.61
C HIS F 1126 -53.59 -52.69 -93.08
N ASN F 1127 -54.15 -51.53 -93.43
CA ASN F 1127 -54.22 -51.10 -94.82
C ASN F 1127 -53.12 -50.14 -95.24
N GLY F 1128 -52.29 -49.71 -94.30
CA GLY F 1128 -51.24 -48.77 -94.61
C GLY F 1128 -50.15 -49.37 -95.48
N CYS F 1129 -49.52 -50.43 -94.97
CA CYS F 1129 -48.49 -51.16 -95.70
C CYS F 1129 -48.48 -52.61 -95.26
N VAL F 1130 -48.25 -53.52 -96.22
CA VAL F 1130 -48.06 -54.93 -95.89
C VAL F 1130 -46.80 -55.45 -96.58
N ARG F 1131 -45.78 -55.78 -95.79
CA ARG F 1131 -44.55 -56.31 -96.35
C ARG F 1131 -44.67 -57.80 -96.67
N CYS F 1132 -45.27 -58.55 -95.75
CA CYS F 1132 -45.43 -59.99 -95.93
C CYS F 1132 -46.46 -60.58 -94.98
N SER F 1133 -46.69 -61.88 -95.10
CA SER F 1133 -47.62 -62.60 -94.25
C SER F 1133 -47.19 -64.06 -94.10
N ALA F 1134 -47.62 -64.71 -93.04
CA ALA F 1134 -47.20 -66.08 -92.76
C ALA F 1134 -48.32 -66.95 -92.21
N PHE F 1135 -48.44 -68.15 -92.78
CA PHE F 1135 -49.36 -69.16 -92.30
C PHE F 1135 -48.60 -70.31 -91.64
N SER F 1136 -48.71 -70.43 -90.32
CA SER F 1136 -48.03 -71.49 -89.59
C SER F 1136 -48.77 -72.82 -89.73
N VAL F 1137 -48.01 -73.89 -89.91
CA VAL F 1137 -48.60 -75.22 -90.10
C VAL F 1137 -49.35 -75.69 -88.85
N ASP F 1138 -50.40 -76.49 -89.08
CA ASP F 1138 -51.23 -77.07 -88.02
C ASP F 1138 -52.02 -76.01 -87.25
N SER F 1139 -51.77 -74.74 -87.56
CA SER F 1139 -52.43 -73.62 -86.91
C SER F 1139 -53.23 -72.81 -87.92
N THR F 1140 -52.51 -72.27 -88.90
CA THR F 1140 -52.96 -71.45 -90.05
C THR F 1140 -53.12 -69.98 -89.62
N LEU F 1141 -52.88 -69.73 -88.34
CA LEU F 1141 -52.91 -68.36 -87.81
C LEU F 1141 -51.99 -67.44 -88.60
N LEU F 1142 -52.46 -66.22 -88.86
CA LEU F 1142 -51.75 -65.29 -89.72
C LEU F 1142 -50.78 -64.39 -88.98
N ALA F 1143 -49.55 -64.32 -89.48
CA ALA F 1143 -48.56 -63.39 -88.95
C ALA F 1143 -48.19 -62.35 -90.01
N THR F 1144 -48.61 -61.10 -89.80
CA THR F 1144 -48.41 -60.06 -90.79
C THR F 1144 -47.19 -59.20 -90.55
N GLY F 1145 -46.21 -59.30 -91.45
CA GLY F 1145 -45.09 -58.38 -91.48
C GLY F 1145 -45.44 -57.14 -92.28
N ASP F 1146 -44.94 -55.99 -91.84
CA ASP F 1146 -45.24 -54.71 -92.49
C ASP F 1146 -43.98 -53.93 -92.80
N ASP F 1147 -44.13 -52.89 -93.64
CA ASP F 1147 -43.02 -52.03 -94.01
C ASP F 1147 -42.41 -51.34 -92.79
N ASN F 1148 -43.22 -51.11 -91.77
CA ASN F 1148 -42.76 -50.53 -90.52
C ASN F 1148 -41.93 -51.51 -89.70
N GLY F 1149 -41.89 -52.76 -90.16
CA GLY F 1149 -41.14 -53.79 -89.47
C GLY F 1149 -41.90 -54.38 -88.30
N GLU F 1150 -43.21 -54.14 -88.28
CA GLU F 1150 -44.05 -54.65 -87.21
C GLU F 1150 -44.64 -56.02 -87.56
N ILE F 1151 -44.61 -56.92 -86.61
CA ILE F 1151 -45.17 -58.26 -86.80
C ILE F 1151 -46.44 -58.43 -85.98
N ARG F 1152 -47.59 -58.51 -86.65
CA ARG F 1152 -48.86 -58.62 -85.95
C ARG F 1152 -49.43 -60.04 -86.00
N ILE F 1153 -49.85 -60.54 -84.85
CA ILE F 1153 -50.43 -61.87 -84.75
C ILE F 1153 -51.95 -61.81 -84.83
N TRP F 1154 -52.52 -62.57 -85.76
CA TRP F 1154 -53.97 -62.59 -85.94
C TRP F 1154 -54.49 -64.03 -86.03
N ASN F 1155 -55.45 -64.35 -85.16
CA ASN F 1155 -56.05 -65.68 -85.14
C ASN F 1155 -56.95 -65.90 -86.35
N VAL F 1156 -56.72 -67.00 -87.06
CA VAL F 1156 -57.49 -67.32 -88.25
C VAL F 1156 -58.18 -68.67 -88.16
N SER F 1157 -59.50 -68.66 -88.22
CA SER F 1157 -60.29 -69.89 -88.21
C SER F 1157 -61.27 -69.89 -89.38
N ASN F 1158 -62.21 -68.95 -89.34
CA ASN F 1158 -63.19 -68.78 -90.41
C ASN F 1158 -62.68 -67.79 -91.46
N GLY F 1159 -61.44 -67.36 -91.32
CA GLY F 1159 -60.87 -66.34 -92.18
C GLY F 1159 -61.29 -64.95 -91.76
N GLU F 1160 -61.32 -64.72 -90.45
CA GLU F 1160 -61.66 -63.41 -89.89
C GLU F 1160 -60.71 -63.07 -88.75
N LEU F 1161 -60.70 -61.81 -88.35
CA LEU F 1161 -59.76 -61.34 -87.33
C LEU F 1161 -60.35 -61.50 -85.92
N LEU F 1162 -59.56 -62.10 -85.03
CA LEU F 1162 -60.02 -62.32 -83.66
C LEU F 1162 -59.11 -61.66 -82.62
N HIS F 1163 -57.92 -62.24 -82.43
CA HIS F 1163 -56.99 -61.80 -81.40
C HIS F 1163 -56.34 -60.48 -81.82
N LEU F 1164 -55.55 -59.88 -80.93
CA LEU F 1164 -54.85 -58.64 -81.24
C LEU F 1164 -53.54 -58.54 -80.47
N CYS F 1165 -52.51 -58.01 -81.11
CA CYS F 1165 -51.22 -57.81 -80.47
C CYS F 1165 -50.49 -56.61 -81.07
N ALA F 1166 -49.77 -55.87 -80.23
CA ALA F 1166 -49.02 -54.72 -80.70
C ALA F 1166 -47.51 -54.94 -80.55
N PRO F 1167 -46.84 -55.19 -81.69
CA PRO F 1167 -45.38 -55.37 -81.74
C PRO F 1167 -44.62 -54.08 -81.45
N LEU F 1168 -45.18 -52.94 -81.88
CA LEU F 1168 -44.53 -51.65 -81.70
C LEU F 1168 -44.48 -51.26 -80.22
N SER F 1169 -43.49 -50.46 -79.86
CA SER F 1169 -43.31 -50.02 -78.48
C SER F 1169 -43.87 -48.62 -78.26
N GLU F 1170 -44.43 -48.39 -77.08
CA GLU F 1170 -44.98 -47.09 -76.73
C GLU F 1170 -43.89 -46.20 -76.11
N GLU F 1171 -42.67 -46.73 -76.08
CA GLU F 1171 -41.52 -46.02 -75.55
C GLU F 1171 -41.04 -44.91 -76.48
N GLY F 1172 -41.66 -44.82 -77.66
CA GLY F 1172 -41.28 -43.83 -78.65
C GLY F 1172 -40.58 -44.41 -79.86
N ALA F 1173 -40.13 -43.53 -80.74
CA ALA F 1173 -39.53 -43.91 -82.02
C ALA F 1173 -38.29 -44.78 -81.85
N ALA F 1174 -38.05 -45.67 -82.82
CA ALA F 1174 -36.92 -46.57 -82.79
C ALA F 1174 -35.87 -46.13 -83.80
N THR F 1175 -34.60 -46.39 -83.48
CA THR F 1175 -33.49 -45.97 -84.34
C THR F 1175 -33.29 -46.94 -85.50
N HIS F 1176 -32.81 -48.14 -85.21
CA HIS F 1176 -32.57 -49.15 -86.25
C HIS F 1176 -33.63 -50.23 -86.23
N GLY F 1177 -34.17 -50.53 -87.40
CA GLY F 1177 -35.21 -51.55 -87.54
C GLY F 1177 -36.15 -51.23 -88.69
N GLY F 1178 -37.31 -51.87 -88.68
CA GLY F 1178 -38.32 -51.63 -89.69
C GLY F 1178 -38.08 -52.33 -91.01
N TRP F 1179 -37.48 -53.52 -90.94
CA TRP F 1179 -37.23 -54.30 -92.15
C TRP F 1179 -37.48 -55.79 -91.92
N VAL F 1180 -38.22 -56.42 -92.83
CA VAL F 1180 -38.49 -57.85 -92.77
C VAL F 1180 -38.64 -58.41 -94.17
N THR F 1181 -38.17 -59.65 -94.38
CA THR F 1181 -38.26 -60.29 -95.68
C THR F 1181 -38.93 -61.66 -95.60
N ASP F 1182 -38.25 -62.60 -94.97
CA ASP F 1182 -38.77 -63.97 -94.85
C ASP F 1182 -38.99 -64.36 -93.39
N LEU F 1183 -40.05 -65.13 -93.15
CA LEU F 1183 -40.37 -65.58 -91.80
C LEU F 1183 -40.17 -67.10 -91.70
N CYS F 1184 -39.81 -67.56 -90.51
CA CYS F 1184 -39.51 -68.98 -90.30
C CYS F 1184 -40.38 -69.59 -89.21
N PHE F 1185 -40.47 -70.90 -89.20
CA PHE F 1185 -41.35 -71.62 -88.27
C PHE F 1185 -40.58 -72.53 -87.31
N SER F 1186 -41.18 -72.82 -86.17
CA SER F 1186 -40.59 -73.70 -85.18
C SER F 1186 -40.98 -75.15 -85.45
N PRO F 1187 -40.13 -76.11 -85.03
CA PRO F 1187 -40.45 -77.53 -85.23
C PRO F 1187 -41.63 -77.98 -84.38
N ASP F 1188 -41.88 -77.29 -83.26
CA ASP F 1188 -43.01 -77.61 -82.40
C ASP F 1188 -44.29 -77.06 -83.03
N GLY F 1189 -44.20 -75.85 -83.59
CA GLY F 1189 -45.35 -75.22 -84.20
C GLY F 1189 -45.94 -74.15 -83.30
N LYS F 1190 -45.66 -74.25 -82.01
CA LYS F 1190 -46.15 -73.29 -81.03
C LYS F 1190 -45.36 -71.99 -81.09
N MET F 1191 -44.04 -72.11 -81.13
CA MET F 1191 -43.16 -70.96 -81.21
C MET F 1191 -43.13 -70.38 -82.61
N LEU F 1192 -42.78 -69.10 -82.73
CA LEU F 1192 -42.70 -68.43 -84.02
C LEU F 1192 -41.38 -67.67 -84.15
N ILE F 1193 -40.84 -67.60 -85.37
CA ILE F 1193 -39.60 -66.89 -85.63
C ILE F 1193 -39.84 -65.72 -86.59
N SER F 1194 -39.45 -64.52 -86.17
CA SER F 1194 -39.69 -63.33 -86.97
C SER F 1194 -38.52 -62.33 -86.92
N ALA F 1195 -38.49 -61.43 -87.88
CA ALA F 1195 -37.45 -60.40 -87.94
C ALA F 1195 -38.06 -58.99 -87.90
N GLY F 1196 -37.78 -58.28 -86.81
CA GLY F 1196 -38.25 -56.91 -86.66
C GLY F 1196 -37.12 -55.93 -86.90
N GLY F 1197 -36.12 -56.36 -87.65
CA GLY F 1197 -34.89 -55.61 -87.82
C GLY F 1197 -33.80 -56.33 -87.05
N TYR F 1198 -34.23 -57.25 -86.19
CA TYR F 1198 -33.33 -58.13 -85.45
C TYR F 1198 -34.01 -59.49 -85.29
N ILE F 1199 -33.40 -60.39 -84.54
CA ILE F 1199 -34.00 -61.71 -84.35
C ILE F 1199 -35.00 -61.64 -83.20
N LYS F 1200 -36.27 -61.88 -83.52
CA LYS F 1200 -37.32 -61.76 -82.52
C LYS F 1200 -38.32 -62.92 -82.64
N TRP F 1201 -38.49 -63.67 -81.56
CA TRP F 1201 -39.34 -64.86 -81.59
C TRP F 1201 -40.68 -64.61 -80.90
N TRP F 1202 -41.76 -64.87 -81.63
CA TRP F 1202 -43.11 -64.66 -81.11
C TRP F 1202 -43.72 -65.95 -80.60
N ASN F 1203 -44.93 -65.85 -80.03
CA ASN F 1203 -45.65 -67.01 -79.54
C ASN F 1203 -47.15 -66.76 -79.57
N VAL F 1204 -47.92 -67.83 -79.78
CA VAL F 1204 -49.37 -67.78 -79.80
C VAL F 1204 -49.88 -67.66 -78.36
N VAL F 1205 -51.13 -67.20 -78.20
CA VAL F 1205 -51.81 -67.16 -76.90
C VAL F 1205 -51.10 -66.26 -75.86
N THR F 1206 -51.30 -64.94 -76.03
CA THR F 1206 -50.96 -63.96 -75.00
C THR F 1206 -49.47 -63.92 -74.66
N GLY F 1207 -48.70 -63.29 -75.54
CA GLY F 1207 -47.28 -63.08 -75.31
C GLY F 1207 -46.37 -63.88 -76.23
N GLU F 1208 -45.10 -63.49 -76.26
CA GLU F 1208 -44.17 -64.01 -77.26
C GLU F 1208 -43.10 -64.91 -76.65
N SER F 1209 -42.19 -65.40 -77.49
CA SER F 1209 -41.15 -66.32 -77.06
C SER F 1209 -39.95 -65.57 -76.50
N SER F 1210 -39.18 -64.94 -77.39
CA SER F 1210 -37.96 -64.26 -76.98
C SER F 1210 -37.62 -63.04 -77.84
N GLN F 1211 -37.12 -62.00 -77.18
CA GLN F 1211 -36.59 -60.81 -77.85
C GLN F 1211 -35.08 -60.93 -77.99
N THR F 1212 -34.57 -62.11 -77.68
CA THR F 1212 -33.14 -62.34 -77.46
C THR F 1212 -32.21 -61.97 -78.60
N PHE F 1213 -30.99 -61.62 -78.21
CA PHE F 1213 -29.87 -61.27 -79.08
C PHE F 1213 -30.24 -60.10 -80.00
N TYR F 1214 -29.82 -60.11 -81.26
CA TYR F 1214 -29.94 -58.94 -82.13
C TYR F 1214 -29.33 -59.19 -83.52
N THR F 1215 -29.71 -58.37 -84.50
CA THR F 1215 -29.09 -58.45 -85.82
C THR F 1215 -28.40 -57.14 -86.19
N ASN F 1216 -27.07 -57.19 -86.30
CA ASN F 1216 -26.29 -56.02 -86.65
C ASN F 1216 -26.63 -55.50 -88.03
N GLY F 1217 -26.68 -54.18 -88.17
CA GLY F 1217 -27.02 -53.55 -89.44
C GLY F 1217 -28.51 -53.28 -89.55
N THR F 1218 -29.00 -53.14 -90.78
CA THR F 1218 -30.41 -52.87 -91.01
C THR F 1218 -31.01 -53.85 -92.01
N ASN F 1219 -30.53 -53.80 -93.25
CA ASN F 1219 -31.09 -54.61 -94.33
C ASN F 1219 -30.76 -56.09 -94.21
N LEU F 1220 -31.73 -56.94 -94.56
CA LEU F 1220 -31.56 -58.38 -94.57
C LEU F 1220 -32.05 -58.95 -95.90
N LYS F 1221 -31.41 -60.01 -96.38
CA LYS F 1221 -31.76 -60.59 -97.68
C LYS F 1221 -31.89 -62.11 -97.63
N LYS F 1222 -33.09 -62.60 -97.92
CA LYS F 1222 -33.35 -64.04 -98.06
C LYS F 1222 -32.90 -64.87 -96.86
N ILE F 1223 -33.62 -64.74 -95.75
CA ILE F 1223 -33.34 -65.52 -94.55
C ILE F 1223 -33.56 -67.02 -94.82
N HIS F 1224 -32.55 -67.83 -94.51
CA HIS F 1224 -32.65 -69.28 -94.68
C HIS F 1224 -32.35 -70.02 -93.37
N VAL F 1225 -32.97 -71.18 -93.20
CA VAL F 1225 -32.75 -72.00 -92.01
C VAL F 1225 -32.58 -73.47 -92.38
N SER F 1226 -32.10 -74.26 -91.43
CA SER F 1226 -31.94 -75.70 -91.62
C SER F 1226 -33.28 -76.41 -91.53
N PRO F 1227 -33.41 -77.57 -92.18
CA PRO F 1227 -34.66 -78.34 -92.12
C PRO F 1227 -34.95 -78.89 -90.73
N ASP F 1228 -33.92 -78.96 -89.89
CA ASP F 1228 -34.09 -79.43 -88.52
C ASP F 1228 -34.47 -78.28 -87.60
N PHE F 1229 -34.51 -77.07 -88.15
CA PHE F 1229 -34.87 -75.86 -87.42
C PHE F 1229 -33.99 -75.65 -86.19
N LYS F 1230 -32.71 -75.93 -86.32
CA LYS F 1230 -31.75 -75.74 -85.24
C LYS F 1230 -30.65 -74.78 -85.66
N THR F 1231 -29.77 -75.23 -86.55
CA THR F 1231 -28.69 -74.39 -87.06
C THR F 1231 -29.24 -73.36 -88.03
N TYR F 1232 -28.73 -72.14 -87.95
CA TYR F 1232 -29.23 -71.05 -88.78
C TYR F 1232 -28.13 -70.42 -89.64
N VAL F 1233 -28.51 -69.91 -90.80
CA VAL F 1233 -27.57 -69.23 -91.69
C VAL F 1233 -28.17 -67.93 -92.22
N THR F 1234 -27.51 -66.80 -91.93
CA THR F 1234 -28.01 -65.52 -92.40
C THR F 1234 -26.88 -64.52 -92.68
N VAL F 1235 -27.26 -63.34 -93.15
CA VAL F 1235 -26.30 -62.30 -93.49
C VAL F 1235 -26.93 -60.91 -93.34
N ASP F 1236 -26.12 -59.93 -92.96
CA ASP F 1236 -26.58 -58.55 -92.87
C ASP F 1236 -26.26 -57.77 -94.14
N ASN F 1237 -26.50 -56.47 -94.12
CA ASN F 1237 -26.19 -55.62 -95.26
C ASN F 1237 -24.68 -55.43 -95.45
N LEU F 1238 -23.91 -55.72 -94.40
CA LEU F 1238 -22.46 -55.61 -94.45
C LEU F 1238 -21.84 -56.73 -95.26
N GLY F 1239 -22.62 -57.78 -95.50
CA GLY F 1239 -22.14 -58.93 -96.25
C GLY F 1239 -21.24 -59.82 -95.40
N ILE F 1240 -21.61 -59.98 -94.13
CA ILE F 1240 -20.85 -60.80 -93.21
C ILE F 1240 -21.60 -62.10 -92.90
N LEU F 1241 -20.91 -63.22 -93.08
CA LEU F 1241 -21.50 -64.53 -92.84
C LEU F 1241 -21.91 -64.72 -91.38
N TYR F 1242 -23.15 -65.13 -91.16
CA TYR F 1242 -23.64 -65.37 -89.80
C TYR F 1242 -24.16 -66.79 -89.65
N ILE F 1243 -23.53 -67.54 -88.75
CA ILE F 1243 -23.88 -68.94 -88.51
C ILE F 1243 -24.29 -69.18 -87.06
N LEU F 1244 -25.47 -69.76 -86.88
CA LEU F 1244 -25.96 -70.11 -85.55
C LEU F 1244 -26.02 -71.62 -85.36
N GLN F 1245 -25.70 -72.07 -84.14
CA GLN F 1245 -25.74 -73.49 -83.81
C GLN F 1245 -26.44 -73.71 -82.47
N THR F 1246 -27.48 -74.53 -82.50
CA THR F 1246 -28.26 -74.81 -81.29
C THR F 1246 -27.74 -76.06 -80.58
N LEU F 1247 -27.21 -75.86 -79.37
CA LEU F 1247 -26.69 -76.97 -78.58
C LEU F 1247 -27.01 -76.78 -77.10
N GLU F 1248 -27.46 -77.86 -76.46
CA GLU F 1248 -27.81 -77.82 -75.04
C GLU F 1248 -26.59 -78.08 -74.16
N MET G 1 10.51 36.13 -17.72
CA MET G 1 11.35 37.29 -17.93
C MET G 1 12.72 37.07 -17.30
N ASP G 2 13.68 37.88 -17.72
CA ASP G 2 15.05 37.84 -17.19
C ASP G 2 14.99 37.92 -15.67
N ALA G 3 15.98 37.31 -15.02
CA ALA G 3 16.05 37.27 -13.58
C ALA G 3 16.25 38.64 -12.94
N LYS G 4 16.95 39.52 -13.65
CA LYS G 4 17.11 40.90 -13.22
C LYS G 4 15.75 41.56 -13.08
N ALA G 5 14.95 41.50 -14.13
CA ALA G 5 13.63 42.10 -14.15
C ALA G 5 12.78 41.52 -13.06
N ARG G 6 12.67 40.19 -13.01
CA ARG G 6 11.84 39.52 -12.01
C ARG G 6 12.21 39.86 -10.57
N ASN G 7 13.50 39.92 -10.28
CA ASN G 7 13.96 40.26 -8.95
C ASN G 7 13.68 41.71 -8.60
N CYS G 8 13.68 42.58 -9.61
CA CYS G 8 13.30 43.97 -9.42
C CYS G 8 11.83 44.07 -9.01
N LEU G 9 10.98 43.28 -9.63
CA LEU G 9 9.58 43.24 -9.30
C LEU G 9 9.37 42.73 -7.88
N LEU G 10 10.10 41.67 -7.54
CA LEU G 10 9.98 41.04 -6.24
C LEU G 10 10.42 42.00 -5.15
N GLN G 11 11.51 42.70 -5.38
CA GLN G 11 12.03 43.66 -4.41
C GLN G 11 11.02 44.77 -4.09
N HIS G 12 10.29 45.24 -5.11
CA HIS G 12 9.42 46.40 -4.94
C HIS G 12 7.94 46.07 -4.91
N ARG G 13 7.65 44.82 -4.66
CA ARG G 13 6.31 44.30 -4.81
C ARG G 13 5.32 44.97 -3.88
N GLU G 14 5.75 45.22 -2.66
CA GLU G 14 4.88 45.80 -1.64
C GLU G 14 4.48 47.21 -1.99
N ALA G 15 5.44 48.00 -2.47
CA ALA G 15 5.14 49.36 -2.88
C ALA G 15 4.15 49.30 -4.03
N LEU G 16 4.43 48.44 -5.00
CA LEU G 16 3.56 48.30 -6.17
C LEU G 16 2.13 47.89 -5.78
N GLU G 17 2.01 46.95 -4.86
CA GLU G 17 0.70 46.45 -4.43
C GLU G 17 -0.12 47.51 -3.72
N LYS G 18 0.56 48.38 -2.99
CA LYS G 18 -0.12 49.41 -2.23
C LYS G 18 -0.73 50.50 -3.10
N ASP G 19 -0.10 50.80 -4.23
CA ASP G 19 -0.48 51.98 -5.00
C ASP G 19 -1.20 51.73 -6.32
N ILE G 20 -0.99 50.59 -6.94
CA ILE G 20 -1.48 50.39 -8.29
C ILE G 20 -3.01 50.32 -8.37
N LYS G 21 -3.60 51.19 -9.16
CA LYS G 21 -5.01 51.05 -9.47
C LYS G 21 -5.14 50.32 -10.81
N THR G 22 -5.32 49.02 -10.71
CA THR G 22 -5.26 48.10 -11.85
C THR G 22 -6.07 48.48 -13.10
N SER G 23 -7.19 49.16 -12.91
CA SER G 23 -8.03 49.54 -14.04
C SER G 23 -7.34 50.48 -15.02
N TYR G 24 -6.31 51.18 -14.55
CA TYR G 24 -5.55 52.08 -15.41
C TYR G 24 -4.30 51.43 -16.02
N ILE G 25 -4.01 50.20 -15.62
CA ILE G 25 -2.86 49.47 -16.11
C ILE G 25 -3.24 48.31 -17.04
N MET G 26 -4.18 47.47 -16.60
CA MET G 26 -4.64 46.33 -17.36
C MET G 26 -5.11 46.67 -18.79
N ASP G 27 -5.73 47.83 -18.96
CA ASP G 27 -6.15 48.30 -20.27
C ASP G 27 -4.98 48.43 -21.24
N HIS G 28 -3.93 49.13 -20.82
CA HIS G 28 -2.75 49.31 -21.64
C HIS G 28 -2.18 47.95 -22.00
N MET G 29 -1.99 47.11 -21.00
CA MET G 29 -1.39 45.80 -21.18
C MET G 29 -2.20 44.90 -22.09
N ILE G 30 -3.52 45.03 -22.07
CA ILE G 30 -4.38 44.28 -22.95
C ILE G 30 -4.23 44.79 -24.38
N SER G 31 -4.20 46.11 -24.54
CA SER G 31 -3.97 46.75 -25.82
C SER G 31 -2.65 46.31 -26.42
N ASP G 32 -1.63 46.23 -25.58
CA ASP G 32 -0.31 45.86 -26.03
C ASP G 32 -0.20 44.37 -26.37
N GLY G 33 -1.19 43.59 -25.97
CA GLY G 33 -1.23 42.17 -26.23
C GLY G 33 -0.50 41.29 -25.24
N PHE G 34 -0.21 41.81 -24.06
CA PHE G 34 0.55 41.07 -23.07
C PHE G 34 -0.20 40.73 -21.78
N LEU G 35 -1.50 40.99 -21.76
CA LEU G 35 -2.38 40.55 -20.69
C LEU G 35 -3.68 40.05 -21.31
N THR G 36 -4.17 38.92 -20.84
CA THR G 36 -5.36 38.35 -21.44
C THR G 36 -6.62 38.76 -20.68
N ILE G 37 -7.74 38.64 -21.35
CA ILE G 37 -9.01 38.95 -20.73
C ILE G 37 -9.25 38.07 -19.52
N SER G 38 -8.93 36.79 -19.60
CA SER G 38 -9.22 35.93 -18.46
C SER G 38 -8.35 36.26 -17.26
N GLU G 39 -7.14 36.74 -17.50
CA GLU G 39 -6.29 37.21 -16.40
C GLU G 39 -6.91 38.47 -15.76
N GLU G 40 -7.42 39.34 -16.60
CA GLU G 40 -8.08 40.56 -16.20
C GLU G 40 -9.36 40.31 -15.40
N GLU G 41 -10.07 39.25 -15.75
CA GLU G 41 -11.27 38.89 -15.04
C GLU G 41 -10.90 38.31 -13.68
N LYS G 42 -9.86 37.49 -13.66
CA LYS G 42 -9.34 37.01 -12.40
C LYS G 42 -8.90 38.16 -11.50
N VAL G 43 -8.25 39.17 -12.08
CA VAL G 43 -7.88 40.36 -11.29
C VAL G 43 -9.12 41.08 -10.76
N ARG G 44 -10.06 41.36 -11.64
CA ARG G 44 -11.26 42.14 -11.32
C ARG G 44 -12.01 41.50 -10.17
N ASN G 45 -11.92 40.19 -10.10
CA ASN G 45 -12.65 39.43 -9.09
C ASN G 45 -12.14 39.65 -7.66
N GLU G 46 -10.94 40.20 -7.50
CA GLU G 46 -10.47 40.55 -6.16
C GLU G 46 -11.23 41.80 -5.66
N PRO G 47 -11.65 41.78 -4.38
CA PRO G 47 -12.57 42.80 -3.85
C PRO G 47 -11.95 44.18 -3.58
N THR G 48 -10.65 44.28 -3.30
CA THR G 48 -10.04 45.57 -2.98
C THR G 48 -8.92 45.94 -3.94
N GLN G 49 -8.63 47.23 -4.03
CA GLN G 49 -7.62 47.78 -4.92
C GLN G 49 -6.24 47.14 -4.78
N GLN G 50 -5.82 46.92 -3.54
CA GLN G 50 -4.52 46.32 -3.24
C GLN G 50 -4.52 44.82 -3.54
N GLN G 51 -5.65 44.16 -3.32
CA GLN G 51 -5.80 42.76 -3.69
C GLN G 51 -5.76 42.56 -5.20
N ARG G 52 -6.39 43.45 -5.94
CA ARG G 52 -6.29 43.43 -7.39
C ARG G 52 -4.83 43.66 -7.86
N ALA G 53 -4.16 44.67 -7.32
CA ALA G 53 -2.77 44.93 -7.64
C ALA G 53 -1.90 43.70 -7.35
N ALA G 54 -2.13 43.08 -6.21
CA ALA G 54 -1.40 41.88 -5.81
C ALA G 54 -1.57 40.76 -6.81
N MET G 55 -2.80 40.51 -7.23
CA MET G 55 -3.07 39.51 -8.25
C MET G 55 -2.39 39.81 -9.57
N LEU G 56 -2.44 41.06 -9.98
CA LEU G 56 -1.88 41.44 -11.25
C LEU G 56 -0.37 41.22 -11.28
N ILE G 57 0.29 41.57 -10.19
CA ILE G 57 1.72 41.39 -10.09
C ILE G 57 2.08 39.90 -10.09
N LYS G 58 1.31 39.11 -9.37
CA LYS G 58 1.44 37.66 -9.40
C LYS G 58 1.51 37.14 -10.80
N MET G 59 0.57 37.59 -11.62
CA MET G 59 0.48 37.25 -13.03
C MET G 59 1.69 37.73 -13.83
N ILE G 60 2.11 38.97 -13.56
CA ILE G 60 3.17 39.55 -14.36
C ILE G 60 4.52 38.90 -14.10
N LEU G 61 4.76 38.49 -12.87
CA LEU G 61 6.00 37.83 -12.49
C LEU G 61 6.30 36.60 -13.34
N LYS G 62 5.25 36.02 -13.90
CA LYS G 62 5.39 34.83 -14.72
C LYS G 62 5.56 35.14 -16.21
N LYS G 63 5.45 36.40 -16.61
CA LYS G 63 5.47 36.77 -18.02
C LYS G 63 6.86 37.11 -18.58
N ASP G 64 6.91 37.48 -19.84
CA ASP G 64 8.18 37.66 -20.51
C ASP G 64 8.73 39.08 -20.44
N ASN G 65 9.86 39.31 -21.09
CA ASN G 65 10.51 40.62 -21.08
C ASN G 65 9.60 41.75 -21.60
N ASP G 66 8.98 41.53 -22.74
CA ASP G 66 8.02 42.45 -23.33
C ASP G 66 6.93 42.87 -22.34
N SER G 67 6.43 41.92 -21.56
CA SER G 67 5.36 42.16 -20.62
C SER G 67 5.77 43.13 -19.52
N TYR G 68 6.97 42.92 -18.99
CA TYR G 68 7.55 43.80 -18.00
C TYR G 68 7.61 45.20 -18.56
N VAL G 69 8.07 45.33 -19.79
CA VAL G 69 8.14 46.62 -20.44
C VAL G 69 6.74 47.22 -20.60
N SER G 70 5.77 46.40 -21.01
CA SER G 70 4.40 46.84 -21.18
C SER G 70 3.93 47.47 -19.85
N PHE G 71 4.07 46.71 -18.78
CA PHE G 71 3.76 47.12 -17.42
C PHE G 71 4.44 48.44 -17.03
N TYR G 72 5.74 48.49 -17.25
CA TYR G 72 6.51 49.67 -16.91
C TYR G 72 6.01 50.89 -17.65
N ASN G 73 5.79 50.73 -18.94
CA ASN G 73 5.33 51.82 -19.78
C ASN G 73 3.98 52.33 -19.31
N ALA G 74 3.07 51.42 -18.99
CA ALA G 74 1.73 51.81 -18.54
C ALA G 74 1.80 52.60 -17.24
N LEU G 75 2.68 52.17 -16.36
CA LEU G 75 2.94 52.83 -15.10
C LEU G 75 3.41 54.27 -15.30
N LEU G 76 4.41 54.40 -16.14
CA LEU G 76 4.92 55.70 -16.52
C LEU G 76 3.81 56.52 -17.17
N HIS G 77 3.12 55.94 -18.13
CA HIS G 77 2.11 56.68 -18.86
C HIS G 77 0.97 57.12 -17.98
N GLU G 78 0.73 56.42 -16.89
CA GLU G 78 -0.41 56.77 -16.03
C GLU G 78 -0.02 57.58 -14.81
N GLY G 79 1.18 58.15 -14.85
CA GLY G 79 1.61 59.10 -13.83
C GLY G 79 2.18 58.51 -12.56
N TYR G 80 2.43 57.19 -12.55
CA TYR G 80 3.06 56.58 -11.40
C TYR G 80 4.57 56.75 -11.46
N LYS G 81 5.04 57.98 -11.32
CA LYS G 81 6.45 58.31 -11.52
C LYS G 81 7.35 57.55 -10.58
N ASP G 82 7.01 57.59 -9.31
CA ASP G 82 7.83 56.93 -8.32
C ASP G 82 7.91 55.42 -8.54
N LEU G 83 6.79 54.79 -8.87
CA LEU G 83 6.76 53.36 -9.10
C LEU G 83 7.56 52.95 -10.32
N ALA G 84 7.45 53.70 -11.40
CA ALA G 84 8.25 53.43 -12.58
C ALA G 84 9.74 53.53 -12.26
N ALA G 85 10.12 54.54 -11.50
CA ALA G 85 11.51 54.72 -11.10
C ALA G 85 12.06 53.50 -10.38
N LEU G 86 11.22 52.85 -9.59
CA LEU G 86 11.64 51.66 -8.88
C LEU G 86 11.91 50.55 -9.86
N LEU G 87 11.20 50.56 -10.98
CA LEU G 87 11.28 49.47 -11.93
C LEU G 87 12.24 49.76 -13.07
N HIS G 88 12.75 50.98 -13.14
CA HIS G 88 13.63 51.38 -14.23
C HIS G 88 14.90 50.53 -14.41
N ASP G 89 15.63 50.33 -13.32
CA ASP G 89 16.88 49.60 -13.39
C ASP G 89 16.69 48.11 -13.70
N GLY G 90 15.45 47.64 -13.65
CA GLY G 90 15.15 46.24 -13.88
C GLY G 90 14.63 45.94 -15.26
N ILE G 91 14.52 46.97 -16.08
CA ILE G 91 14.05 46.83 -17.45
C ILE G 91 14.98 45.95 -18.28
N PRO G 92 14.40 44.93 -18.90
CA PRO G 92 15.14 43.99 -19.71
C PRO G 92 15.20 44.44 -21.15
N VAL G 93 16.24 44.01 -21.82
CA VAL G 93 16.41 44.27 -23.23
C VAL G 93 15.35 43.51 -23.98
N VAL G 94 14.70 44.15 -24.96
CA VAL G 94 13.63 43.52 -25.70
C VAL G 94 13.85 43.61 -27.21
N SER G 95 13.17 42.73 -27.93
CA SER G 95 13.21 42.68 -29.37
C SER G 95 14.60 42.41 -29.93
N GLY G 105 18.01 27.27 -44.87
CA GLY G 105 19.15 27.43 -43.98
C GLY G 105 18.73 27.63 -42.54
N ILE G 106 19.70 27.56 -41.63
CA ILE G 106 19.41 27.73 -40.21
C ILE G 106 18.95 29.14 -39.91
N THR G 107 17.78 29.24 -39.29
CA THR G 107 17.19 30.53 -38.93
C THR G 107 16.53 30.41 -37.56
N SER G 108 15.77 31.43 -37.19
CA SER G 108 15.03 31.43 -35.93
C SER G 108 14.16 30.19 -35.78
N TYR G 109 13.33 29.92 -36.78
CA TYR G 109 12.46 28.75 -36.79
C TYR G 109 13.21 27.51 -36.41
N VAL G 110 14.36 27.34 -37.06
CA VAL G 110 15.10 26.10 -36.97
C VAL G 110 15.45 25.74 -35.54
N ARG G 111 16.17 26.61 -34.85
CA ARG G 111 16.51 26.32 -33.48
C ARG G 111 15.31 26.50 -32.58
N THR G 112 14.25 27.11 -33.10
CA THR G 112 13.07 27.27 -32.28
C THR G 112 12.36 25.95 -32.07
N VAL G 113 11.98 25.32 -33.17
CA VAL G 113 11.14 24.14 -33.13
C VAL G 113 11.93 22.86 -32.91
N LEU G 114 13.19 22.88 -33.33
CA LEU G 114 13.96 21.66 -33.44
C LEU G 114 14.82 21.41 -32.20
N CYS G 115 14.72 22.29 -31.23
CA CYS G 115 15.40 22.11 -29.95
C CYS G 115 14.52 21.34 -28.97
N GLU G 116 13.42 20.82 -29.47
CA GLU G 116 12.44 20.14 -28.62
C GLU G 116 12.88 18.73 -28.31
N GLY G 117 14.08 18.39 -28.74
CA GLY G 117 14.68 17.11 -28.46
C GLY G 117 14.66 16.37 -29.76
N GLY G 118 13.90 16.93 -30.69
CA GLY G 118 13.68 16.33 -31.97
C GLY G 118 14.94 15.98 -32.74
N VAL G 119 16.02 16.71 -32.53
CA VAL G 119 17.20 16.40 -33.30
C VAL G 119 18.45 16.47 -32.46
N PRO G 120 19.35 15.51 -32.64
CA PRO G 120 20.69 15.69 -32.12
C PRO G 120 21.48 16.64 -33.01
N GLN G 121 22.25 17.53 -32.43
CA GLN G 121 23.00 18.49 -33.23
C GLN G 121 23.95 17.81 -34.20
N ARG G 122 24.01 18.32 -35.42
CA ARG G 122 24.89 17.76 -36.42
C ARG G 122 26.32 17.92 -35.94
N PRO G 123 27.20 17.00 -36.35
CA PRO G 123 28.55 16.91 -35.77
C PRO G 123 29.37 18.16 -35.97
N VAL G 124 30.58 18.16 -35.44
CA VAL G 124 31.43 19.32 -35.52
C VAL G 124 31.93 19.49 -36.94
N VAL G 125 32.20 18.36 -37.59
CA VAL G 125 32.73 18.37 -38.94
C VAL G 125 31.92 17.49 -39.87
N PHE G 126 31.24 18.09 -40.84
CA PHE G 126 30.55 17.25 -41.81
C PHE G 126 30.58 17.88 -43.18
N VAL G 127 30.85 17.06 -44.18
CA VAL G 127 30.69 17.48 -45.56
C VAL G 127 29.20 17.44 -45.87
N THR G 128 28.78 18.22 -46.85
CA THR G 128 27.36 18.30 -47.16
C THR G 128 27.01 17.42 -48.34
N ARG G 129 26.14 16.46 -48.12
CA ARG G 129 25.70 15.61 -49.21
C ARG G 129 24.32 16.09 -49.63
N LYS G 130 24.26 16.78 -50.76
CA LYS G 130 23.04 17.45 -51.19
C LYS G 130 22.11 16.49 -51.92
N LYS G 131 22.72 15.70 -52.78
CA LYS G 131 22.04 14.84 -53.71
C LYS G 131 21.01 13.93 -53.05
N LEU G 132 21.37 13.36 -51.92
CA LEU G 132 20.47 12.46 -51.21
C LEU G 132 19.41 13.23 -50.42
N VAL G 133 19.85 14.23 -49.68
CA VAL G 133 18.94 15.05 -48.88
C VAL G 133 17.78 15.54 -49.71
N ASN G 134 18.10 15.99 -50.91
CA ASN G 134 17.06 16.45 -51.82
C ASN G 134 16.03 15.38 -52.11
N ALA G 135 16.51 14.17 -52.39
CA ALA G 135 15.64 13.04 -52.65
C ALA G 135 14.71 12.81 -51.48
N ILE G 136 15.26 12.73 -50.29
CA ILE G 136 14.43 12.51 -49.11
C ILE G 136 13.40 13.62 -48.98
N GLN G 137 13.80 14.86 -49.24
CA GLN G 137 12.83 15.94 -49.20
C GLN G 137 11.70 15.72 -50.19
N GLN G 138 12.01 15.22 -51.38
CA GLN G 138 10.96 14.94 -52.35
C GLN G 138 10.00 13.88 -51.84
N LYS G 139 10.54 12.70 -51.56
CA LYS G 139 9.69 11.59 -51.15
C LYS G 139 8.83 12.01 -49.98
N LEU G 140 9.45 12.71 -49.04
CA LEU G 140 8.76 13.16 -47.85
C LEU G 140 7.73 14.23 -48.18
N SER G 141 7.93 14.91 -49.29
CA SER G 141 7.00 15.95 -49.68
C SER G 141 5.86 15.41 -50.52
N LYS G 142 5.96 14.16 -50.95
CA LYS G 142 4.85 13.55 -51.69
C LYS G 142 3.60 13.46 -50.84
N LEU G 143 3.78 13.51 -49.52
CA LEU G 143 2.66 13.29 -48.61
C LEU G 143 1.56 14.33 -48.75
N LYS G 144 1.89 15.60 -48.49
CA LYS G 144 0.91 16.69 -48.34
C LYS G 144 0.05 16.45 -47.10
N GLY G 145 0.31 15.31 -46.50
CA GLY G 145 -0.28 14.84 -45.26
C GLY G 145 -1.37 13.83 -45.49
N GLU G 146 -1.28 12.77 -44.70
CA GLU G 146 -2.09 11.56 -44.66
C GLU G 146 -1.34 10.77 -43.62
N PRO G 147 -1.85 9.60 -43.25
CA PRO G 147 -0.82 8.74 -42.65
C PRO G 147 0.12 8.27 -43.74
N GLY G 148 1.38 8.00 -43.41
CA GLY G 148 2.36 7.65 -44.42
C GLY G 148 3.70 7.24 -43.82
N TRP G 149 4.54 6.65 -44.65
CA TRP G 149 5.76 6.05 -44.19
C TRP G 149 6.91 6.37 -45.12
N VAL G 150 8.04 6.73 -44.56
CA VAL G 150 9.21 6.95 -45.36
C VAL G 150 10.37 6.24 -44.71
N THR G 151 11.06 5.41 -45.46
CA THR G 151 12.09 4.57 -44.88
C THR G 151 13.42 4.80 -45.52
N ILE G 152 14.47 4.90 -44.73
CA ILE G 152 15.79 4.80 -45.31
C ILE G 152 16.56 3.71 -44.60
N HIS G 153 16.97 2.73 -45.39
CA HIS G 153 17.80 1.66 -44.88
C HIS G 153 19.12 1.77 -45.58
N GLY G 154 20.18 1.33 -44.93
CA GLY G 154 21.49 1.42 -45.55
C GLY G 154 22.51 0.44 -45.04
N MET G 155 23.68 0.47 -45.67
CA MET G 155 24.79 -0.36 -45.29
C MET G 155 25.12 -0.15 -43.82
N ALA G 156 25.55 -1.23 -43.17
CA ALA G 156 25.94 -1.14 -41.78
C ALA G 156 27.05 -0.13 -41.61
N GLY G 157 26.85 0.84 -40.74
CA GLY G 157 27.87 1.81 -40.45
C GLY G 157 27.94 2.96 -41.42
N CYS G 158 27.10 2.95 -42.44
CA CYS G 158 27.08 4.04 -43.40
C CYS G 158 26.57 5.30 -42.77
N GLY G 159 26.87 6.45 -43.37
CA GLY G 159 26.30 7.68 -42.85
C GLY G 159 24.82 7.64 -43.12
N LYS G 160 24.01 7.61 -42.06
CA LYS G 160 22.59 7.49 -42.24
C LYS G 160 21.77 8.35 -41.29
N SER G 161 21.84 8.03 -40.00
CA SER G 161 21.08 8.75 -38.98
C SER G 161 21.30 10.25 -39.11
N VAL G 162 22.57 10.65 -39.12
CA VAL G 162 22.93 12.05 -39.34
C VAL G 162 22.26 12.60 -40.57
N LEU G 163 22.32 11.84 -41.65
CA LEU G 163 21.76 12.28 -42.92
C LEU G 163 20.29 12.62 -42.77
N ALA G 164 19.57 11.81 -42.01
CA ALA G 164 18.17 12.11 -41.74
C ALA G 164 18.06 13.36 -40.90
N ALA G 165 18.95 13.50 -39.93
CA ALA G 165 18.89 14.63 -39.03
C ALA G 165 19.03 15.97 -39.75
N GLU G 166 19.71 15.96 -40.89
CA GLU G 166 19.84 17.18 -41.69
C GLU G 166 18.81 17.24 -42.80
N ALA G 167 17.94 16.24 -42.86
CA ALA G 167 16.89 16.24 -43.86
C ALA G 167 15.83 17.24 -43.45
N VAL G 168 15.47 17.20 -42.19
CA VAL G 168 14.44 18.06 -41.65
C VAL G 168 15.04 19.37 -41.20
N ARG G 169 16.33 19.89 -41.73
CA ARG G 169 17.02 21.12 -41.32
C ARG G 169 16.44 22.36 -41.97
N ASP G 170 16.00 22.22 -43.22
CA ASP G 170 15.50 23.34 -44.01
C ASP G 170 14.35 24.07 -43.34
N HIS G 171 14.30 25.38 -43.52
CA HIS G 171 13.20 26.19 -43.03
C HIS G 171 11.96 26.03 -43.89
N SER G 172 12.13 26.14 -45.20
CA SER G 172 11.00 26.13 -46.12
C SER G 172 10.15 24.88 -45.95
N LEU G 173 10.80 23.73 -45.92
CA LEU G 173 10.10 22.46 -45.74
C LEU G 173 9.36 22.44 -44.42
N LEU G 174 10.11 22.63 -43.34
CA LEU G 174 9.56 22.48 -42.00
C LEU G 174 8.37 23.39 -41.78
N GLU G 175 8.52 24.64 -42.18
CA GLU G 175 7.47 25.63 -42.00
C GLU G 175 6.22 25.22 -42.75
N GLY G 176 6.34 25.06 -44.06
CA GLY G 176 5.20 24.79 -44.90
C GLY G 176 4.53 23.44 -44.67
N CYS G 177 5.30 22.37 -44.81
CA CYS G 177 4.75 21.03 -44.80
C CYS G 177 4.46 20.49 -43.40
N PHE G 178 5.23 20.92 -42.41
CA PHE G 178 5.06 20.40 -41.08
C PHE G 178 4.99 21.44 -39.98
N PRO G 179 3.99 22.34 -40.04
CA PRO G 179 3.99 23.25 -38.91
C PRO G 179 3.21 22.70 -37.73
N GLY G 180 3.48 21.38 -37.35
CA GLY G 180 2.93 20.85 -36.13
C GLY G 180 3.99 20.67 -35.08
N GLY G 181 5.24 20.82 -35.49
CA GLY G 181 6.36 20.43 -34.66
C GLY G 181 6.93 19.13 -35.19
N VAL G 182 8.03 18.69 -34.61
CA VAL G 182 8.74 17.50 -35.08
C VAL G 182 9.26 16.72 -33.89
N HIS G 183 9.10 15.40 -33.90
CA HIS G 183 9.54 14.62 -32.76
C HIS G 183 10.53 13.51 -33.13
N TRP G 184 11.21 13.01 -32.12
CA TRP G 184 12.31 12.09 -32.31
C TRP G 184 12.31 11.04 -31.25
N VAL G 185 12.51 9.79 -31.61
CA VAL G 185 12.55 8.74 -30.62
C VAL G 185 13.65 7.74 -30.85
N SER G 186 14.58 7.64 -29.92
CA SER G 186 15.59 6.61 -30.03
C SER G 186 15.01 5.30 -29.57
N VAL G 187 14.96 4.33 -30.46
CA VAL G 187 14.40 3.03 -30.12
C VAL G 187 15.48 2.02 -29.79
N GLY G 188 16.28 1.67 -30.79
CA GLY G 188 17.35 0.72 -30.59
C GLY G 188 16.83 -0.66 -30.30
N LYS G 189 17.72 -1.62 -30.16
CA LYS G 189 17.33 -2.98 -29.85
C LYS G 189 16.64 -3.05 -28.51
N GLN G 190 15.43 -3.62 -28.48
CA GLN G 190 14.62 -3.60 -27.28
C GLN G 190 13.79 -4.84 -27.06
N ASP G 191 13.28 -4.97 -25.84
CA ASP G 191 12.38 -6.04 -25.46
C ASP G 191 11.02 -5.43 -25.16
N LYS G 192 10.07 -6.27 -24.77
CA LYS G 192 8.71 -5.79 -24.52
C LYS G 192 8.67 -4.76 -23.38
N SER G 193 9.34 -5.08 -22.29
CA SER G 193 9.42 -4.18 -21.15
C SER G 193 9.96 -2.82 -21.57
N GLY G 194 11.15 -2.84 -22.16
CA GLY G 194 11.80 -1.62 -22.58
C GLY G 194 10.93 -0.80 -23.50
N LEU G 195 10.36 -1.47 -24.50
CA LEU G 195 9.47 -0.81 -25.45
C LEU G 195 8.34 -0.11 -24.73
N LEU G 196 7.75 -0.82 -23.79
CA LEU G 196 6.69 -0.25 -22.98
C LEU G 196 7.18 1.04 -22.33
N MET G 197 8.39 0.98 -21.76
CA MET G 197 8.99 2.14 -21.11
C MET G 197 9.07 3.32 -22.07
N LYS G 198 9.66 3.09 -23.23
CA LYS G 198 9.78 4.14 -24.23
C LYS G 198 8.42 4.74 -24.53
N LEU G 199 7.40 3.90 -24.48
CA LEU G 199 6.05 4.39 -24.69
C LEU G 199 5.58 5.36 -23.60
N GLN G 200 5.64 4.94 -22.33
CA GLN G 200 5.22 5.87 -21.29
C GLN G 200 5.99 7.17 -21.38
N ASN G 201 7.30 7.05 -21.61
CA ASN G 201 8.13 8.23 -21.70
C ASN G 201 7.69 9.14 -22.83
N LEU G 202 7.29 8.52 -23.94
CA LEU G 202 6.93 9.30 -25.11
C LEU G 202 5.65 10.07 -24.84
N CYS G 203 4.61 9.34 -24.46
CA CYS G 203 3.32 9.97 -24.26
C CYS G 203 3.43 11.03 -23.17
N THR G 204 4.32 10.80 -22.22
CA THR G 204 4.60 11.79 -21.19
C THR G 204 5.20 13.03 -21.83
N ARG G 205 6.09 12.83 -22.78
CA ARG G 205 6.75 13.94 -23.44
C ARG G 205 5.78 14.78 -24.25
N LEU G 206 4.78 14.13 -24.82
CA LEU G 206 3.88 14.80 -25.75
C LEU G 206 3.02 15.90 -25.15
N ASP G 207 2.44 15.64 -23.99
CA ASP G 207 1.56 16.61 -23.36
C ASP G 207 2.25 17.36 -22.24
N GLN G 208 2.56 18.63 -22.48
CA GLN G 208 3.28 19.42 -21.49
C GLN G 208 2.31 20.12 -20.54
N ASP G 209 1.05 20.17 -20.94
CA ASP G 209 0.03 20.87 -20.18
C ASP G 209 -0.76 19.93 -19.28
N GLU G 210 -0.34 18.66 -19.26
CA GLU G 210 -1.02 17.58 -18.56
C GLU G 210 -2.54 17.63 -18.82
N SER G 211 -2.90 17.80 -20.08
CA SER G 211 -4.30 17.87 -20.49
C SER G 211 -5.05 16.59 -20.16
N PHE G 212 -4.29 15.53 -19.89
CA PHE G 212 -4.86 14.27 -19.48
C PHE G 212 -4.43 14.04 -18.03
N SER G 213 -4.94 12.98 -17.40
CA SER G 213 -4.58 12.69 -16.02
C SER G 213 -3.15 12.20 -15.91
N GLN G 214 -2.59 12.27 -14.72
CA GLN G 214 -1.28 11.69 -14.49
C GLN G 214 -1.48 10.28 -14.03
N ARG G 215 -1.18 9.33 -14.91
CA ARG G 215 -1.29 7.92 -14.61
C ARG G 215 -0.46 7.17 -15.63
N LEU G 216 -0.09 5.92 -15.33
CA LEU G 216 0.75 5.18 -16.25
C LEU G 216 0.06 3.95 -16.83
N PRO G 217 -0.28 4.00 -18.12
CA PRO G 217 -0.90 2.88 -18.82
C PRO G 217 -0.02 1.63 -18.78
N LEU G 218 -0.60 0.50 -18.40
CA LEU G 218 0.18 -0.71 -18.18
C LEU G 218 0.23 -1.68 -19.35
N ASN G 219 -0.50 -1.40 -20.42
CA ASN G 219 -0.42 -2.27 -21.57
C ASN G 219 0.01 -1.48 -22.80
N ILE G 220 0.50 -2.20 -23.80
CA ILE G 220 1.01 -1.57 -25.00
C ILE G 220 -0.14 -0.88 -25.72
N GLU G 221 -1.30 -1.52 -25.63
CA GLU G 221 -2.51 -1.10 -26.32
C GLU G 221 -2.94 0.30 -25.96
N GLU G 222 -3.18 0.53 -24.68
CA GLU G 222 -3.70 1.82 -24.24
C GLU G 222 -2.69 2.90 -24.54
N ALA G 223 -1.41 2.54 -24.47
CA ALA G 223 -0.34 3.44 -24.84
C ALA G 223 -0.57 3.90 -26.27
N LYS G 224 -0.66 2.93 -27.17
CA LYS G 224 -0.95 3.17 -28.57
C LYS G 224 -2.14 4.10 -28.73
N ASP G 225 -3.15 3.87 -27.91
CA ASP G 225 -4.38 4.62 -27.95
C ASP G 225 -4.14 6.09 -27.67
N ARG G 226 -3.55 6.36 -26.53
CA ARG G 226 -3.35 7.73 -26.10
C ARG G 226 -2.46 8.43 -27.12
N LEU G 227 -1.52 7.67 -27.68
CA LEU G 227 -0.70 8.19 -28.75
C LEU G 227 -1.56 8.71 -29.88
N ARG G 228 -2.44 7.86 -30.40
CA ARG G 228 -3.25 8.27 -31.53
C ARG G 228 -4.11 9.47 -31.19
N ILE G 229 -4.74 9.44 -30.02
CA ILE G 229 -5.62 10.53 -29.61
C ILE G 229 -4.87 11.84 -29.57
N LEU G 230 -3.72 11.83 -28.91
CA LEU G 230 -2.92 13.04 -28.79
C LEU G 230 -2.47 13.53 -30.14
N MET G 231 -1.77 12.68 -30.89
CA MET G 231 -1.24 13.06 -32.18
C MET G 231 -2.30 13.65 -33.08
N LEU G 232 -3.49 13.06 -33.09
CA LEU G 232 -4.56 13.61 -33.90
C LEU G 232 -5.04 14.94 -33.36
N ARG G 233 -5.44 14.96 -32.09
CA ARG G 233 -5.97 16.17 -31.47
C ARG G 233 -4.92 17.21 -31.14
N LYS G 234 -3.89 16.79 -30.42
CA LYS G 234 -2.99 17.75 -29.81
C LYS G 234 -1.97 18.29 -30.80
N HIS G 235 -1.43 17.42 -31.64
CA HIS G 235 -0.38 17.82 -32.55
C HIS G 235 -0.71 17.45 -33.99
N PRO G 236 -1.62 18.20 -34.61
CA PRO G 236 -2.02 17.96 -35.99
C PRO G 236 -0.92 18.27 -36.99
N ARG G 237 -0.73 17.38 -37.95
CA ARG G 237 0.27 17.54 -39.01
C ARG G 237 1.66 17.82 -38.45
N SER G 238 2.23 16.80 -37.82
CA SER G 238 3.56 16.88 -37.24
C SER G 238 4.28 15.56 -37.40
N LEU G 239 5.57 15.60 -37.74
CA LEU G 239 6.27 14.39 -38.11
C LEU G 239 6.94 13.69 -36.95
N LEU G 240 6.64 12.41 -36.81
CA LEU G 240 7.18 11.58 -35.75
C LEU G 240 8.28 10.67 -36.27
N ILE G 241 9.52 10.92 -35.84
CA ILE G 241 10.65 10.17 -36.37
C ILE G 241 11.13 9.07 -35.44
N LEU G 242 11.25 7.85 -35.97
CA LEU G 242 11.83 6.75 -35.23
C LEU G 242 13.30 6.63 -35.56
N ASP G 243 14.09 6.15 -34.60
CA ASP G 243 15.48 5.91 -34.89
C ASP G 243 15.91 4.47 -34.60
N ASP G 244 16.51 3.83 -35.60
CA ASP G 244 17.08 2.49 -35.46
C ASP G 244 16.04 1.46 -35.03
N VAL G 245 15.15 1.09 -35.93
CA VAL G 245 14.08 0.16 -35.61
C VAL G 245 14.40 -1.25 -36.06
N TRP G 246 14.59 -2.15 -35.11
CA TRP G 246 15.00 -3.52 -35.43
C TRP G 246 13.94 -4.54 -35.84
N ASP G 247 12.81 -4.61 -35.15
CA ASP G 247 11.89 -5.72 -35.39
C ASP G 247 10.47 -5.30 -35.71
N SER G 248 9.71 -6.21 -36.30
CA SER G 248 8.35 -5.90 -36.77
C SER G 248 7.40 -5.53 -35.65
N TRP G 249 7.30 -6.42 -34.66
CA TRP G 249 6.36 -6.20 -33.56
C TRP G 249 6.75 -4.99 -32.76
N VAL G 250 8.00 -4.57 -32.86
CA VAL G 250 8.42 -3.33 -32.26
C VAL G 250 7.73 -2.19 -32.98
N LEU G 251 7.58 -2.34 -34.28
CA LEU G 251 6.97 -1.29 -35.08
C LEU G 251 5.46 -1.28 -34.93
N LYS G 252 4.88 -2.46 -34.71
CA LYS G 252 3.42 -2.57 -34.60
C LYS G 252 2.82 -1.56 -33.64
N ALA G 253 3.43 -1.44 -32.46
CA ALA G 253 2.89 -0.60 -31.40
C ALA G 253 2.75 0.85 -31.82
N PHE G 254 3.82 1.41 -32.38
CA PHE G 254 3.85 2.82 -32.76
C PHE G 254 2.86 3.18 -33.84
N ASP G 255 2.17 2.19 -34.40
CA ASP G 255 1.36 2.47 -35.57
C ASP G 255 -0.05 2.87 -35.22
N SER G 256 -0.32 4.16 -35.29
CA SER G 256 -1.66 4.63 -35.56
C SER G 256 -1.63 5.87 -36.42
N GLN G 257 -2.12 5.76 -37.64
CA GLN G 257 -2.58 6.89 -38.43
C GLN G 257 -1.68 8.12 -38.41
N CYS G 258 -0.37 7.91 -38.33
CA CYS G 258 0.57 9.04 -38.27
C CYS G 258 1.68 8.95 -39.30
N GLN G 259 2.36 10.07 -39.51
CA GLN G 259 3.44 10.13 -40.48
C GLN G 259 4.72 9.67 -39.82
N ILE G 260 5.49 8.84 -40.50
CA ILE G 260 6.72 8.38 -39.87
C ILE G 260 7.89 8.37 -40.84
N LEU G 261 9.01 8.89 -40.39
CA LEU G 261 10.26 8.78 -41.11
C LEU G 261 11.21 7.93 -40.31
N LEU G 262 11.47 6.71 -40.74
CA LEU G 262 12.34 5.87 -39.94
C LEU G 262 13.62 5.50 -40.67
N THR G 263 14.70 5.45 -39.89
CA THR G 263 16.00 5.11 -40.40
C THR G 263 16.34 3.77 -39.82
N THR G 264 17.12 2.96 -40.53
CA THR G 264 17.42 1.63 -40.04
C THR G 264 18.37 0.85 -40.91
N ARG G 265 18.73 -0.34 -40.45
CA ARG G 265 19.26 -1.31 -41.37
C ARG G 265 18.30 -2.50 -41.44
N ASP G 266 17.44 -2.41 -42.45
CA ASP G 266 16.58 -3.48 -42.97
C ASP G 266 15.62 -2.81 -43.93
N LYS G 267 15.10 -3.51 -44.92
CA LYS G 267 13.95 -2.99 -45.63
C LYS G 267 12.67 -3.74 -45.30
N SER G 268 12.76 -4.76 -44.46
CA SER G 268 11.61 -5.64 -44.24
C SER G 268 10.61 -5.08 -43.26
N VAL G 269 11.08 -4.48 -42.17
CA VAL G 269 10.24 -4.17 -41.03
C VAL G 269 9.09 -3.20 -41.32
N THR G 270 9.04 -2.67 -42.54
CA THR G 270 7.89 -1.90 -42.99
C THR G 270 6.81 -2.89 -43.36
N ASP G 271 7.14 -4.16 -43.12
CA ASP G 271 6.27 -5.30 -43.30
C ASP G 271 4.83 -5.12 -42.84
N SER G 272 4.62 -5.01 -41.53
CA SER G 272 3.30 -5.21 -40.97
C SER G 272 2.42 -3.98 -40.95
N VAL G 273 2.89 -2.86 -41.48
CA VAL G 273 2.07 -1.66 -41.43
C VAL G 273 1.29 -1.40 -42.70
N MET G 274 0.03 -1.03 -42.54
CA MET G 274 -0.82 -0.67 -43.67
C MET G 274 -0.53 0.74 -44.14
N GLY G 275 -0.89 1.05 -45.38
CA GLY G 275 -0.77 2.39 -45.91
C GLY G 275 0.37 2.52 -46.89
N PRO G 276 0.51 3.71 -47.49
CA PRO G 276 1.51 3.95 -48.53
C PRO G 276 2.92 3.86 -47.97
N LYS G 277 3.87 3.47 -48.79
CA LYS G 277 5.23 3.24 -48.33
C LYS G 277 6.24 3.69 -49.38
N TYR G 278 7.48 3.90 -48.96
CA TYR G 278 8.53 4.34 -49.86
C TYR G 278 9.87 3.88 -49.32
N VAL G 279 10.89 3.81 -50.17
CA VAL G 279 12.24 3.53 -49.70
C VAL G 279 13.28 4.35 -50.45
N VAL G 280 14.22 4.92 -49.72
CA VAL G 280 15.35 5.59 -50.34
C VAL G 280 16.65 4.92 -49.95
N PRO G 281 17.26 4.15 -50.86
CA PRO G 281 18.50 3.50 -50.44
C PRO G 281 19.64 4.49 -50.26
N VAL G 282 20.28 4.45 -49.10
CA VAL G 282 21.43 5.29 -48.81
C VAL G 282 22.70 4.47 -48.95
N GLU G 283 22.54 3.21 -49.36
CA GLU G 283 23.59 2.20 -49.25
C GLU G 283 24.91 2.59 -49.92
N SER G 284 24.90 3.68 -50.67
CA SER G 284 26.08 4.12 -51.40
C SER G 284 27.17 4.62 -50.46
N SER G 285 28.26 5.13 -51.02
CA SER G 285 29.37 5.61 -50.22
C SER G 285 30.10 6.78 -50.88
N LEU G 286 30.87 7.51 -50.08
CA LEU G 286 31.44 8.80 -50.48
C LEU G 286 32.49 8.70 -51.56
N GLY G 287 32.73 9.84 -52.23
CA GLY G 287 33.76 9.94 -53.23
C GLY G 287 35.02 10.58 -52.70
N LYS G 288 36.08 10.54 -53.51
CA LYS G 288 37.41 11.01 -53.11
C LYS G 288 37.40 12.40 -52.48
N GLU G 289 36.75 13.32 -53.17
CA GLU G 289 36.69 14.72 -52.75
C GLU G 289 36.24 14.93 -51.31
N LYS G 290 35.06 14.42 -50.98
CA LYS G 290 34.52 14.61 -49.65
C LYS G 290 35.46 14.06 -48.60
N GLY G 291 36.02 12.88 -48.85
CA GLY G 291 36.97 12.29 -47.93
C GLY G 291 38.06 13.30 -47.64
N LEU G 292 38.64 13.80 -48.71
CA LEU G 292 39.65 14.83 -48.57
C LEU G 292 39.19 16.00 -47.72
N GLU G 293 37.96 16.47 -47.91
CA GLU G 293 37.52 17.61 -47.11
C GLU G 293 37.39 17.27 -45.63
N ILE G 294 36.93 16.05 -45.34
CA ILE G 294 36.78 15.67 -43.94
C ILE G 294 38.14 15.67 -43.27
N LEU G 295 39.10 14.95 -43.86
CA LEU G 295 40.43 14.94 -43.26
C LEU G 295 40.97 16.35 -43.16
N SER G 296 40.66 17.16 -44.16
CA SER G 296 41.07 18.55 -44.18
C SER G 296 40.62 19.26 -42.91
N LEU G 297 39.33 19.19 -42.64
CA LEU G 297 38.79 19.89 -41.49
C LEU G 297 39.27 19.30 -40.18
N PHE G 298 39.63 18.03 -40.19
CA PHE G 298 40.15 17.44 -38.96
C PHE G 298 41.59 17.83 -38.63
N VAL G 299 42.49 17.82 -39.61
CA VAL G 299 43.87 18.17 -39.29
C VAL G 299 44.18 19.63 -39.56
N ASN G 300 43.16 20.41 -39.93
CA ASN G 300 43.31 21.85 -40.14
C ASN G 300 44.32 22.24 -41.19
N MET G 301 44.02 21.95 -42.45
CA MET G 301 44.89 22.35 -43.55
C MET G 301 44.10 22.73 -44.78
N LYS G 302 44.82 23.09 -45.84
CA LYS G 302 44.22 23.17 -47.16
C LYS G 302 44.87 22.08 -47.99
N LYS G 303 44.14 21.58 -48.98
CA LYS G 303 44.48 20.34 -49.67
C LYS G 303 45.94 20.25 -50.11
N ALA G 304 46.47 21.36 -50.61
CA ALA G 304 47.84 21.37 -51.09
C ALA G 304 48.83 21.14 -49.95
N ASP G 305 48.43 21.51 -48.74
CA ASP G 305 49.31 21.38 -47.58
C ASP G 305 49.30 19.97 -47.03
N LEU G 306 48.42 19.13 -47.57
CA LEU G 306 48.32 17.75 -47.13
C LEU G 306 49.53 16.96 -47.60
N PRO G 307 49.98 16.01 -46.77
CA PRO G 307 51.01 15.05 -47.15
C PRO G 307 50.51 14.19 -48.29
N GLU G 308 51.41 13.51 -48.99
CA GLU G 308 51.00 12.69 -50.13
C GLU G 308 50.16 11.49 -49.71
N GLN G 309 50.52 10.89 -48.59
CA GLN G 309 49.89 9.64 -48.16
C GLN G 309 48.38 9.81 -48.01
N ALA G 310 47.95 11.05 -47.82
CA ALA G 310 46.53 11.37 -47.74
C ALA G 310 45.75 10.78 -48.91
N HIS G 311 46.27 10.95 -50.12
CA HIS G 311 45.57 10.40 -51.26
C HIS G 311 45.45 8.90 -51.18
N SER G 312 46.50 8.24 -50.70
CA SER G 312 46.53 6.79 -50.73
C SER G 312 45.58 6.20 -49.72
N ILE G 313 45.69 6.65 -48.48
CA ILE G 313 44.93 6.07 -47.39
C ILE G 313 43.41 6.08 -47.64
N ILE G 314 42.90 7.21 -48.11
CA ILE G 314 41.48 7.32 -48.43
C ILE G 314 41.04 6.23 -49.39
N LYS G 315 41.90 5.89 -50.32
CA LYS G 315 41.55 4.88 -51.31
C LYS G 315 41.26 3.55 -50.65
N GLU G 316 41.97 3.25 -49.57
CA GLU G 316 41.75 2.00 -48.88
C GLU G 316 40.57 2.10 -47.93
N CYS G 317 40.21 3.33 -47.60
CA CYS G 317 39.13 3.58 -46.66
C CYS G 317 37.78 3.16 -47.24
N LYS G 318 37.63 3.33 -48.54
CA LYS G 318 36.48 2.82 -49.29
C LYS G 318 35.15 3.46 -48.93
N GLY G 319 35.19 4.74 -48.61
CA GLY G 319 33.97 5.54 -48.61
C GLY G 319 33.14 5.63 -47.35
N SER G 320 33.27 4.64 -46.46
CA SER G 320 32.47 4.66 -45.24
C SER G 320 32.87 5.81 -44.34
N PRO G 321 31.94 6.76 -44.14
CA PRO G 321 32.16 7.97 -43.37
C PRO G 321 32.65 7.65 -41.97
N LEU G 322 32.32 6.46 -41.49
CA LEU G 322 32.86 6.00 -40.23
C LEU G 322 34.39 6.00 -40.27
N VAL G 323 34.97 5.13 -41.09
CA VAL G 323 36.40 4.93 -41.05
C VAL G 323 37.16 6.22 -41.34
N VAL G 324 36.65 7.00 -42.28
CA VAL G 324 37.18 8.35 -42.48
C VAL G 324 37.16 9.11 -41.16
N SER G 325 36.00 9.17 -40.51
CA SER G 325 35.90 9.89 -39.25
C SER G 325 36.91 9.40 -38.24
N LEU G 326 37.21 8.11 -38.28
CA LEU G 326 38.25 7.59 -37.39
C LEU G 326 39.62 8.11 -37.66
N ILE G 327 40.09 7.92 -38.89
CA ILE G 327 41.43 8.34 -39.20
C ILE G 327 41.54 9.84 -38.94
N GLY G 328 40.53 10.58 -39.35
CA GLY G 328 40.52 12.00 -39.11
C GLY G 328 40.42 12.36 -37.65
N ALA G 329 40.00 11.42 -36.82
CA ALA G 329 39.97 11.66 -35.38
C ALA G 329 41.34 11.43 -34.77
N LEU G 330 42.00 10.36 -35.18
CA LEU G 330 43.27 10.00 -34.58
C LEU G 330 44.39 10.91 -35.03
N LEU G 331 44.39 11.28 -36.29
CA LEU G 331 45.44 12.15 -36.80
C LEU G 331 45.38 13.52 -36.16
N ARG G 332 44.29 13.78 -35.45
CA ARG G 332 44.11 15.04 -34.75
C ARG G 332 45.02 15.08 -33.54
N ASP G 333 45.19 13.93 -32.90
CA ASP G 333 46.05 13.83 -31.73
C ASP G 333 47.53 13.73 -32.04
N PHE G 334 47.88 12.85 -32.97
CA PHE G 334 49.28 12.49 -33.17
C PHE G 334 49.71 12.88 -34.56
N PRO G 335 49.88 14.17 -34.80
CA PRO G 335 49.96 14.77 -36.13
C PRO G 335 50.85 14.03 -37.10
N ASN G 336 51.91 13.38 -36.65
CA ASN G 336 52.50 12.37 -37.51
C ASN G 336 52.44 10.97 -36.92
N ARG G 337 51.41 10.22 -37.27
CA ARG G 337 51.46 8.78 -37.39
C ARG G 337 51.25 8.28 -38.81
N TRP G 338 51.15 9.21 -39.76
CA TRP G 338 50.62 8.93 -41.09
C TRP G 338 51.07 7.63 -41.72
N GLU G 339 52.36 7.35 -41.66
CA GLU G 339 52.84 6.11 -42.23
C GLU G 339 52.24 4.92 -41.48
N TYR G 340 52.16 5.04 -40.16
CA TYR G 340 51.73 3.93 -39.34
C TYR G 340 50.33 3.48 -39.73
N TYR G 341 49.42 4.43 -39.91
CA TYR G 341 48.07 4.07 -40.33
C TYR G 341 48.02 3.68 -41.78
N LEU G 342 48.83 4.31 -42.62
CA LEU G 342 48.81 3.96 -44.03
C LEU G 342 49.15 2.49 -44.21
N LYS G 343 50.07 1.97 -43.40
CA LYS G 343 50.35 0.54 -43.47
C LYS G 343 49.34 -0.29 -42.72
N GLN G 344 48.95 0.17 -41.53
CA GLN G 344 48.10 -0.63 -40.65
C GLN G 344 46.71 -0.81 -41.22
N LEU G 345 46.29 0.12 -42.06
CA LEU G 345 44.98 0.05 -42.70
C LEU G 345 45.08 -0.87 -43.90
N GLN G 346 46.30 -1.05 -44.39
CA GLN G 346 46.55 -1.91 -45.54
C GLN G 346 46.41 -3.37 -45.13
N ASN G 347 47.21 -3.79 -44.15
CA ASN G 347 47.15 -5.17 -43.67
C ASN G 347 45.75 -5.59 -43.26
N LYS G 348 44.81 -4.65 -43.36
CA LYS G 348 43.38 -4.96 -43.39
C LYS G 348 42.79 -5.22 -42.02
N GLN G 349 43.62 -5.20 -40.98
CA GLN G 349 43.10 -5.42 -39.64
C GLN G 349 42.54 -4.12 -39.05
N PHE G 350 41.27 -4.15 -38.67
CA PHE G 350 40.61 -2.97 -38.14
C PHE G 350 40.56 -2.94 -36.62
N LYS G 351 41.03 -3.99 -35.97
CA LYS G 351 41.07 -4.04 -34.52
C LYS G 351 41.94 -2.93 -33.94
N ARG G 352 42.97 -2.56 -34.68
CA ARG G 352 43.95 -1.61 -34.20
C ARG G 352 43.35 -0.22 -34.10
N ILE G 353 42.27 0.01 -34.82
CA ILE G 353 41.61 1.31 -34.77
C ILE G 353 40.53 1.35 -33.71
N ARG G 354 40.67 2.23 -32.74
CA ARG G 354 39.63 2.44 -31.74
C ARG G 354 39.49 3.90 -31.39
N LYS G 355 38.25 4.33 -31.18
CA LYS G 355 37.99 5.68 -30.73
C LYS G 355 36.61 5.73 -30.10
N SER G 356 36.35 6.75 -29.30
CA SER G 356 35.00 6.97 -28.78
C SER G 356 34.49 8.29 -29.30
N SER G 357 33.19 8.36 -29.56
CA SER G 357 32.59 9.56 -30.12
C SER G 357 31.08 9.51 -30.01
N SER G 358 30.42 10.46 -30.65
CA SER G 358 28.96 10.50 -30.67
C SER G 358 28.40 9.16 -31.09
N TYR G 359 29.12 8.48 -31.98
CA TYR G 359 28.69 7.20 -32.49
C TYR G 359 28.65 6.21 -31.34
N ASP G 360 27.83 5.18 -31.44
CA ASP G 360 27.57 4.31 -30.31
C ASP G 360 28.61 3.23 -30.06
N TYR G 361 29.40 2.89 -31.07
CA TYR G 361 30.37 1.82 -30.91
C TYR G 361 31.77 2.34 -31.11
N GLU G 362 32.74 1.67 -30.49
CA GLU G 362 34.12 2.07 -30.62
C GLU G 362 34.64 1.98 -32.04
N ALA G 363 34.61 0.79 -32.61
CA ALA G 363 35.28 0.54 -33.87
C ALA G 363 34.37 -0.07 -34.91
N LEU G 364 34.82 -0.05 -36.15
CA LEU G 364 34.04 -0.58 -37.26
C LEU G 364 33.55 -1.98 -37.01
N ASP G 365 34.45 -2.85 -36.58
CA ASP G 365 34.15 -4.25 -36.39
C ASP G 365 32.89 -4.49 -35.59
N GLU G 366 32.68 -3.67 -34.57
CA GLU G 366 31.52 -3.82 -33.70
C GLU G 366 30.20 -3.77 -34.43
N ALA G 367 30.02 -2.74 -35.25
CA ALA G 367 28.77 -2.56 -35.98
C ALA G 367 28.38 -3.82 -36.72
N MET G 368 29.30 -4.29 -37.55
CA MET G 368 29.09 -5.51 -38.30
C MET G 368 28.73 -6.63 -37.32
N SER G 369 29.53 -6.73 -36.27
CA SER G 369 29.34 -7.78 -35.28
C SER G 369 27.95 -7.76 -34.70
N ILE G 370 27.35 -6.57 -34.59
CA ILE G 370 26.00 -6.50 -34.09
C ILE G 370 25.03 -6.99 -35.14
N SER G 371 25.18 -6.49 -36.36
CA SER G 371 24.24 -6.86 -37.42
C SER G 371 24.18 -8.36 -37.61
N VAL G 372 25.32 -9.02 -37.44
CA VAL G 372 25.41 -10.46 -37.64
C VAL G 372 24.58 -11.26 -36.65
N GLU G 373 24.62 -10.87 -35.38
CA GLU G 373 24.07 -11.69 -34.31
C GLU G 373 22.56 -11.86 -34.33
N MET G 374 21.85 -10.89 -34.90
CA MET G 374 20.40 -10.90 -34.84
C MET G 374 19.77 -11.96 -35.74
N LEU G 375 20.58 -12.64 -36.54
CA LEU G 375 20.04 -13.68 -37.42
C LEU G 375 19.53 -14.87 -36.66
N ARG G 376 18.68 -15.67 -37.32
CA ARG G 376 18.13 -16.87 -36.72
C ARG G 376 19.24 -17.90 -36.50
N GLU G 377 18.98 -18.85 -35.62
CA GLU G 377 19.95 -19.89 -35.35
C GLU G 377 20.13 -20.79 -36.55
N ASP G 378 19.07 -20.90 -37.35
CA ASP G 378 19.08 -21.77 -38.51
C ASP G 378 20.10 -21.30 -39.55
N ILE G 379 20.04 -20.01 -39.88
CA ILE G 379 20.76 -19.49 -41.04
C ILE G 379 22.23 -19.18 -40.79
N LYS G 380 22.57 -18.88 -39.56
CA LYS G 380 23.85 -18.36 -39.09
C LYS G 380 25.01 -19.17 -39.63
N ASP G 381 24.78 -20.44 -39.89
CA ASP G 381 25.81 -21.27 -40.48
C ASP G 381 25.92 -20.97 -41.96
N TYR G 382 24.77 -20.91 -42.64
CA TYR G 382 24.74 -20.66 -44.07
C TYR G 382 25.45 -19.37 -44.43
N TYR G 383 25.46 -18.42 -43.51
CA TYR G 383 26.10 -17.15 -43.83
C TYR G 383 27.60 -17.34 -43.94
N THR G 384 28.17 -18.02 -42.96
CA THR G 384 29.61 -18.22 -42.88
C THR G 384 30.19 -18.74 -44.18
N ASP G 385 29.47 -19.66 -44.82
CA ASP G 385 29.93 -20.27 -46.05
C ASP G 385 30.24 -19.24 -47.11
N LEU G 386 29.56 -18.09 -47.03
CA LEU G 386 29.62 -17.12 -48.11
C LEU G 386 30.95 -16.37 -48.08
N SER G 387 31.75 -16.61 -47.05
CA SER G 387 33.03 -15.94 -46.89
C SER G 387 34.02 -16.23 -48.03
N ILE G 388 33.71 -17.22 -48.84
CA ILE G 388 34.63 -17.67 -49.88
C ILE G 388 34.78 -16.68 -51.03
N LEU G 389 33.87 -15.73 -51.14
CA LEU G 389 33.86 -14.79 -52.25
C LEU G 389 35.06 -13.87 -52.20
N GLN G 390 35.49 -13.41 -53.37
CA GLN G 390 36.62 -12.51 -53.50
C GLN G 390 36.01 -11.15 -53.67
N LYS G 391 36.56 -10.14 -53.02
CA LYS G 391 35.99 -8.81 -53.15
C LYS G 391 35.98 -8.46 -54.62
N ASP G 392 34.83 -7.97 -55.09
CA ASP G 392 34.65 -7.59 -56.48
C ASP G 392 34.32 -8.77 -57.42
N VAL G 393 34.15 -9.97 -56.90
CA VAL G 393 33.82 -11.06 -57.80
C VAL G 393 32.34 -11.35 -57.74
N LYS G 394 31.64 -10.99 -58.80
CA LYS G 394 30.22 -11.27 -58.88
C LYS G 394 30.05 -12.74 -59.14
N VAL G 395 29.09 -13.36 -58.46
CA VAL G 395 28.85 -14.78 -58.66
C VAL G 395 27.47 -14.97 -59.24
N PRO G 396 27.31 -15.99 -60.08
CA PRO G 396 25.96 -16.38 -60.47
C PRO G 396 25.34 -17.14 -59.33
N THR G 397 24.08 -17.53 -59.46
CA THR G 397 23.40 -18.17 -58.36
C THR G 397 23.78 -19.63 -58.25
N LYS G 398 23.91 -20.27 -59.41
CA LYS G 398 24.07 -21.71 -59.50
C LYS G 398 25.17 -22.28 -58.60
N VAL G 399 26.31 -21.60 -58.56
CA VAL G 399 27.43 -22.08 -57.78
C VAL G 399 27.04 -22.29 -56.32
N LEU G 400 26.16 -21.42 -55.83
CA LEU G 400 25.70 -21.54 -54.46
C LEU G 400 24.78 -22.74 -54.32
N CYS G 401 24.01 -23.02 -55.37
CA CYS G 401 23.19 -24.20 -55.38
C CYS G 401 24.09 -25.41 -55.22
N ILE G 402 25.20 -25.38 -55.94
CA ILE G 402 26.21 -26.42 -55.83
C ILE G 402 26.71 -26.53 -54.41
N LEU G 403 26.91 -25.38 -53.76
CA LEU G 403 27.45 -25.41 -52.42
C LEU G 403 26.48 -25.99 -51.39
N TRP G 404 25.26 -25.48 -51.34
CA TRP G 404 24.32 -25.95 -50.34
C TRP G 404 23.53 -27.17 -50.79
N ASP G 405 23.78 -27.62 -52.02
CA ASP G 405 23.14 -28.84 -52.55
C ASP G 405 21.62 -28.80 -52.53
N MET G 406 21.02 -27.77 -53.13
CA MET G 406 19.57 -27.68 -53.20
C MET G 406 19.07 -26.84 -54.36
N GLU G 407 17.77 -26.96 -54.62
CA GLU G 407 17.11 -26.34 -55.76
C GLU G 407 17.34 -24.84 -55.83
N THR G 408 17.36 -24.32 -57.05
CA THR G 408 17.60 -22.91 -57.34
C THR G 408 16.82 -21.93 -56.47
N GLU G 409 15.50 -21.89 -56.66
CA GLU G 409 14.68 -20.91 -55.98
C GLU G 409 14.84 -21.01 -54.48
N GLU G 410 14.87 -22.24 -53.99
CA GLU G 410 15.09 -22.51 -52.58
C GLU G 410 16.28 -21.74 -52.02
N VAL G 411 17.33 -21.64 -52.82
CA VAL G 411 18.49 -20.85 -52.44
C VAL G 411 18.20 -19.37 -52.57
N GLU G 412 17.62 -19.01 -53.70
CA GLU G 412 17.40 -17.61 -54.04
C GLU G 412 16.63 -16.88 -52.96
N ASP G 413 15.76 -17.60 -52.25
CA ASP G 413 15.01 -16.99 -51.18
C ASP G 413 15.89 -16.60 -50.00
N ILE G 414 16.67 -17.55 -49.51
CA ILE G 414 17.61 -17.28 -48.42
C ILE G 414 18.48 -16.10 -48.79
N LEU G 415 19.06 -16.15 -49.99
CA LEU G 415 19.89 -15.05 -50.43
C LEU G 415 19.13 -13.74 -50.34
N GLN G 416 17.87 -13.76 -50.75
CA GLN G 416 17.06 -12.56 -50.68
C GLN G 416 16.95 -12.07 -49.26
N GLU G 417 16.85 -12.99 -48.32
CA GLU G 417 16.83 -12.62 -46.91
C GLU G 417 18.10 -11.89 -46.51
N PHE G 418 19.25 -12.41 -46.94
CA PHE G 418 20.49 -11.66 -46.72
C PHE G 418 20.47 -10.29 -47.36
N VAL G 419 19.77 -10.15 -48.48
CA VAL G 419 19.67 -8.82 -49.07
C VAL G 419 18.86 -7.92 -48.16
N ASN G 420 17.81 -8.48 -47.57
CA ASN G 420 16.97 -7.73 -46.67
C ASN G 420 17.74 -7.21 -45.48
N LYS G 421 18.54 -8.09 -44.86
CA LYS G 421 19.35 -7.67 -43.72
C LYS G 421 20.54 -6.79 -44.14
N SER G 422 20.71 -6.59 -45.43
CA SER G 422 21.77 -5.75 -45.97
C SER G 422 23.16 -6.30 -45.67
N LEU G 423 23.29 -7.62 -45.69
CA LEU G 423 24.60 -8.24 -45.60
C LEU G 423 25.17 -8.53 -46.97
N LEU G 424 24.36 -8.40 -48.00
CA LEU G 424 24.75 -8.86 -49.32
C LEU G 424 24.03 -8.08 -50.41
N PHE G 425 24.68 -7.83 -51.53
CA PHE G 425 24.03 -7.03 -52.55
C PHE G 425 23.69 -7.82 -53.78
N CYS G 426 22.61 -7.41 -54.45
CA CYS G 426 22.05 -8.17 -55.55
C CYS G 426 21.82 -7.30 -56.77
N ASP G 427 22.43 -7.71 -57.89
CA ASP G 427 22.26 -7.02 -59.15
C ASP G 427 21.38 -7.84 -60.08
N ARG G 428 20.44 -7.17 -60.73
CA ARG G 428 19.46 -7.86 -61.57
C ARG G 428 19.67 -7.57 -63.04
N ASN G 429 20.15 -8.58 -63.77
CA ASN G 429 20.28 -8.50 -65.21
C ASN G 429 20.14 -9.88 -65.82
N GLY G 430 19.52 -9.95 -66.99
CA GLY G 430 19.21 -11.24 -67.58
C GLY G 430 18.21 -11.95 -66.69
N LYS G 431 18.10 -13.25 -66.84
CA LYS G 431 17.22 -14.00 -65.96
C LYS G 431 17.87 -14.27 -64.62
N SER G 432 19.15 -14.64 -64.65
CA SER G 432 19.85 -15.01 -63.43
C SER G 432 20.29 -13.79 -62.64
N PHE G 433 19.93 -13.77 -61.36
CA PHE G 433 20.41 -12.72 -60.48
C PHE G 433 21.89 -12.87 -60.21
N ARG G 434 22.52 -11.80 -59.77
CA ARG G 434 23.96 -11.78 -59.56
C ARG G 434 24.30 -11.19 -58.20
N TYR G 435 24.87 -12.00 -57.32
CA TYR G 435 25.12 -11.56 -55.95
C TYR G 435 26.57 -11.23 -55.70
N TYR G 436 26.83 -10.20 -54.88
CA TYR G 436 28.19 -9.90 -54.48
C TYR G 436 28.25 -9.11 -53.19
N LEU G 437 29.41 -9.15 -52.55
CA LEU G 437 29.58 -8.45 -51.28
C LEU G 437 30.12 -7.06 -51.44
N HIS G 438 30.25 -6.38 -50.31
CA HIS G 438 30.95 -5.11 -50.26
C HIS G 438 32.24 -5.37 -49.51
N ASP G 439 33.27 -4.62 -49.83
CA ASP G 439 34.63 -4.92 -49.38
C ASP G 439 34.77 -5.11 -47.87
N LEU G 440 34.33 -4.10 -47.13
CA LEU G 440 34.50 -4.09 -45.69
C LEU G 440 33.99 -5.36 -45.07
N GLN G 441 32.82 -5.79 -45.53
CA GLN G 441 32.23 -7.01 -45.04
C GLN G 441 33.13 -8.20 -45.32
N VAL G 442 33.77 -8.18 -46.48
CA VAL G 442 34.64 -9.27 -46.87
C VAL G 442 35.80 -9.37 -45.92
N ASP G 443 36.47 -8.25 -45.68
CA ASP G 443 37.61 -8.25 -44.79
C ASP G 443 37.19 -8.65 -43.39
N PHE G 444 36.00 -8.20 -43.00
CA PHE G 444 35.44 -8.56 -41.71
C PHE G 444 35.33 -10.07 -41.57
N LEU G 445 34.68 -10.71 -42.53
CA LEU G 445 34.53 -12.16 -42.47
C LEU G 445 35.87 -12.86 -42.54
N THR G 446 36.80 -12.23 -43.25
CA THR G 446 38.16 -12.75 -43.34
C THR G 446 38.76 -12.84 -41.95
N GLU G 447 38.51 -11.82 -41.14
CA GLU G 447 39.07 -11.81 -39.80
C GLU G 447 38.30 -12.70 -38.83
N LYS G 448 36.97 -12.70 -38.96
CA LYS G 448 36.13 -13.44 -38.04
C LYS G 448 36.34 -14.95 -38.13
N ASN G 449 36.26 -15.47 -39.35
CA ASN G 449 36.49 -16.90 -39.55
C ASN G 449 37.77 -17.13 -40.35
N CYS G 450 38.76 -17.69 -39.68
CA CYS G 450 40.06 -17.92 -40.30
C CYS G 450 40.32 -19.41 -40.47
N SER G 451 40.39 -20.12 -39.36
CA SER G 451 40.75 -21.52 -39.33
C SER G 451 39.87 -22.41 -40.21
N GLN G 452 38.69 -21.93 -40.57
CA GLN G 452 37.72 -22.75 -41.27
C GLN G 452 37.80 -22.63 -42.79
N LEU G 453 38.78 -21.88 -43.29
CA LEU G 453 38.95 -21.70 -44.73
C LEU G 453 39.12 -23.02 -45.47
N GLN G 454 40.10 -23.81 -45.02
CA GLN G 454 40.42 -25.09 -45.63
C GLN G 454 39.16 -25.93 -45.81
N ASP G 455 38.40 -26.04 -44.72
CA ASP G 455 37.17 -26.79 -44.71
C ASP G 455 36.29 -26.38 -45.87
N LEU G 456 36.11 -25.07 -46.00
CA LEU G 456 35.20 -24.51 -46.98
C LEU G 456 35.66 -24.80 -48.41
N HIS G 457 36.91 -24.47 -48.69
CA HIS G 457 37.42 -24.67 -50.04
C HIS G 457 37.37 -26.14 -50.45
N LYS G 458 37.86 -27.01 -49.59
CA LYS G 458 37.85 -28.43 -49.90
C LYS G 458 36.41 -28.92 -50.03
N LYS G 459 35.51 -28.25 -49.31
CA LYS G 459 34.09 -28.57 -49.40
C LYS G 459 33.55 -28.27 -50.79
N ILE G 460 33.75 -27.05 -51.27
CA ILE G 460 33.19 -26.67 -52.56
C ILE G 460 33.85 -27.48 -53.67
N ILE G 461 35.13 -27.80 -53.51
CA ILE G 461 35.81 -28.60 -54.51
C ILE G 461 35.22 -30.00 -54.58
N THR G 462 35.14 -30.64 -53.41
CA THR G 462 34.54 -31.97 -53.30
C THR G 462 33.17 -32.00 -53.95
N GLN G 463 32.36 -31.00 -53.62
CA GLN G 463 31.05 -30.87 -54.23
C GLN G 463 31.14 -30.79 -55.75
N PHE G 464 32.07 -29.97 -56.22
CA PHE G 464 32.20 -29.75 -57.64
C PHE G 464 32.52 -31.04 -58.38
N GLN G 465 33.45 -31.81 -57.83
CA GLN G 465 33.78 -33.11 -58.41
C GLN G 465 32.58 -34.02 -58.37
N ARG G 466 31.90 -34.03 -57.23
CA ARG G 466 30.79 -34.95 -57.04
C ARG G 466 29.65 -34.65 -58.02
N TYR G 467 29.60 -33.42 -58.53
CA TYR G 467 28.62 -33.11 -59.57
C TYR G 467 29.22 -33.11 -60.96
N HIS G 468 29.97 -32.07 -61.29
CA HIS G 468 30.50 -31.95 -62.64
C HIS G 468 31.84 -32.65 -62.81
N GLN G 469 32.36 -32.59 -64.03
CA GLN G 469 33.67 -33.13 -64.34
C GLN G 469 34.60 -32.01 -64.78
N PRO G 470 35.89 -32.12 -64.47
CA PRO G 470 36.85 -31.06 -64.76
C PRO G 470 36.97 -30.73 -66.24
N HIS G 471 37.05 -31.73 -67.09
CA HIS G 471 37.16 -31.50 -68.53
C HIS G 471 35.80 -31.50 -69.21
N THR G 472 34.74 -31.68 -68.42
CA THR G 472 33.40 -31.64 -68.99
C THR G 472 32.64 -30.43 -68.48
N LEU G 473 32.49 -29.44 -69.36
CA LEU G 473 31.72 -28.24 -69.05
C LEU G 473 30.94 -27.79 -70.26
N SER G 474 29.71 -27.36 -70.03
CA SER G 474 28.91 -26.78 -71.09
C SER G 474 29.05 -25.27 -71.06
N PRO G 475 29.66 -24.69 -72.10
CA PRO G 475 29.78 -23.25 -72.23
C PRO G 475 28.43 -22.57 -72.30
N ASP G 476 27.39 -23.37 -72.55
CA ASP G 476 26.02 -22.88 -72.59
C ASP G 476 25.42 -22.73 -71.20
N GLN G 477 26.09 -23.27 -70.19
CA GLN G 477 25.58 -23.15 -68.83
C GLN G 477 25.75 -21.72 -68.35
N GLU G 478 25.21 -21.46 -67.16
CA GLU G 478 25.28 -20.11 -66.60
C GLU G 478 26.45 -19.95 -65.63
N ASP G 479 27.02 -21.07 -65.19
CA ASP G 479 28.08 -21.03 -64.21
C ASP G 479 29.50 -21.21 -64.76
N CYS G 480 29.61 -21.43 -66.06
CA CYS G 480 30.90 -21.82 -66.65
C CYS G 480 32.02 -20.84 -66.35
N MET G 481 31.80 -19.59 -66.72
CA MET G 481 32.82 -18.55 -66.65
C MET G 481 33.48 -18.51 -65.28
N TYR G 482 32.65 -18.46 -64.25
CA TYR G 482 33.16 -18.42 -62.90
C TYR G 482 34.06 -19.60 -62.62
N TRP G 483 33.62 -20.79 -62.99
CA TRP G 483 34.43 -21.97 -62.74
C TRP G 483 35.78 -21.83 -63.40
N TYR G 484 35.78 -21.58 -64.71
CA TYR G 484 37.04 -21.43 -65.42
C TYR G 484 37.97 -20.44 -64.76
N ASN G 485 37.46 -19.27 -64.38
CA ASN G 485 38.35 -18.30 -63.77
C ASN G 485 38.88 -18.72 -62.41
N PHE G 486 38.00 -18.99 -61.46
CA PHE G 486 38.43 -19.08 -60.07
C PHE G 486 38.65 -20.49 -59.52
N LEU G 487 38.40 -21.52 -60.32
CA LEU G 487 38.54 -22.89 -59.82
C LEU G 487 39.96 -23.15 -59.33
N ALA G 488 40.92 -22.68 -60.12
CA ALA G 488 42.33 -22.77 -59.76
C ALA G 488 42.55 -22.17 -58.38
N TYR G 489 42.00 -20.98 -58.18
CA TYR G 489 42.10 -20.30 -56.89
C TYR G 489 41.55 -21.16 -55.76
N HIS G 490 40.30 -21.59 -55.90
CA HIS G 490 39.66 -22.37 -54.86
C HIS G 490 40.47 -23.62 -54.53
N MET G 491 41.15 -24.16 -55.54
CA MET G 491 42.06 -25.26 -55.25
C MET G 491 43.26 -24.78 -54.46
N ALA G 492 43.77 -23.61 -54.82
CA ALA G 492 44.99 -23.08 -54.22
C ALA G 492 44.81 -22.82 -52.73
N SER G 493 43.74 -22.13 -52.38
CA SER G 493 43.48 -21.82 -50.98
C SER G 493 43.25 -23.10 -50.18
N ALA G 494 42.87 -24.16 -50.88
CA ALA G 494 42.67 -25.45 -50.24
C ALA G 494 44.01 -26.10 -49.96
N LYS G 495 45.06 -25.51 -50.50
CA LYS G 495 46.43 -26.02 -50.36
C LYS G 495 46.58 -27.45 -50.86
N MET G 496 45.72 -27.84 -51.81
CA MET G 496 45.81 -29.16 -52.39
C MET G 496 46.45 -29.07 -53.76
N HIS G 497 47.69 -29.52 -53.84
CA HIS G 497 48.44 -29.42 -55.09
C HIS G 497 48.23 -30.64 -55.97
N LYS G 498 47.69 -31.70 -55.40
CA LYS G 498 47.55 -32.94 -56.15
C LYS G 498 46.48 -32.82 -57.23
N GLU G 499 45.29 -32.44 -56.80
CA GLU G 499 44.21 -32.19 -57.73
C GLU G 499 44.55 -30.97 -58.57
N LEU G 500 45.35 -30.09 -57.99
CA LEU G 500 45.83 -28.91 -58.70
C LEU G 500 46.67 -29.30 -59.90
N CYS G 501 47.73 -30.06 -59.63
CA CYS G 501 48.61 -30.53 -60.69
C CYS G 501 47.82 -31.34 -61.70
N ALA G 502 46.85 -32.10 -61.19
CA ALA G 502 45.98 -32.90 -62.04
C ALA G 502 45.25 -32.02 -63.04
N LEU G 503 44.68 -30.92 -62.56
CA LEU G 503 43.92 -30.02 -63.43
C LEU G 503 44.78 -29.21 -64.38
N MET G 504 45.75 -28.49 -63.83
CA MET G 504 46.46 -27.49 -64.61
C MET G 504 47.35 -28.12 -65.67
N PHE G 505 48.12 -29.12 -65.28
CA PHE G 505 49.12 -29.70 -66.17
C PHE G 505 48.46 -30.41 -67.35
N SER G 506 47.18 -30.71 -67.20
CA SER G 506 46.40 -31.32 -68.28
C SER G 506 46.38 -30.38 -69.48
N LEU G 507 46.52 -30.94 -70.67
CA LEU G 507 46.60 -30.14 -71.88
C LEU G 507 45.25 -29.67 -72.39
N ASP G 508 44.25 -30.55 -72.35
CA ASP G 508 42.93 -30.21 -72.86
C ASP G 508 42.31 -29.07 -72.07
N TRP G 509 42.53 -29.05 -70.77
CA TRP G 509 42.08 -27.96 -69.92
C TRP G 509 42.62 -26.65 -70.46
N ILE G 510 43.91 -26.67 -70.78
CA ILE G 510 44.57 -25.51 -71.36
C ILE G 510 43.90 -25.13 -72.66
N LYS G 511 43.65 -26.13 -73.50
CA LYS G 511 43.02 -25.89 -74.79
C LYS G 511 41.71 -25.15 -74.65
N ALA G 512 40.80 -25.74 -73.88
CA ALA G 512 39.46 -25.18 -73.68
C ALA G 512 39.55 -23.77 -73.13
N LYS G 513 40.32 -23.60 -72.06
CA LYS G 513 40.46 -22.30 -71.44
C LYS G 513 40.93 -21.25 -72.44
N THR G 514 42.07 -21.54 -73.07
CA THR G 514 42.65 -20.64 -74.06
C THR G 514 41.68 -20.27 -75.15
N GLU G 515 40.98 -21.27 -75.69
CA GLU G 515 39.98 -21.01 -76.71
C GLU G 515 38.94 -20.02 -76.22
N LEU G 516 38.43 -20.27 -75.02
CA LEU G 516 37.38 -19.42 -74.48
C LEU G 516 37.94 -18.12 -73.90
N VAL G 517 39.04 -18.23 -73.16
CA VAL G 517 39.57 -17.10 -72.41
C VAL G 517 40.74 -16.41 -73.11
N GLY G 518 41.80 -17.17 -73.35
CA GLY G 518 43.07 -16.60 -73.75
C GLY G 518 44.09 -16.78 -72.64
N PRO G 519 45.37 -16.76 -73.01
CA PRO G 519 46.49 -17.21 -72.19
C PRO G 519 46.78 -16.39 -70.93
N ALA G 520 46.64 -15.08 -71.05
CA ALA G 520 47.13 -14.14 -70.03
C ALA G 520 46.70 -14.52 -68.62
N HIS G 521 45.39 -14.69 -68.44
CA HIS G 521 44.83 -15.06 -67.15
C HIS G 521 45.53 -16.29 -66.59
N LEU G 522 45.65 -17.31 -67.42
CA LEU G 522 46.24 -18.57 -67.02
C LEU G 522 47.68 -18.38 -66.59
N ILE G 523 48.43 -17.64 -67.39
CA ILE G 523 49.81 -17.29 -67.07
C ILE G 523 49.88 -16.71 -65.67
N HIS G 524 49.06 -15.69 -65.44
CA HIS G 524 48.96 -15.04 -64.15
C HIS G 524 48.74 -16.06 -63.06
N GLU G 525 47.86 -17.02 -63.30
CA GLU G 525 47.57 -18.04 -62.31
C GLU G 525 48.79 -18.89 -62.00
N PHE G 526 49.55 -19.27 -63.03
CA PHE G 526 50.82 -19.95 -62.80
C PHE G 526 51.74 -19.15 -61.90
N VAL G 527 52.03 -17.93 -62.35
CA VAL G 527 52.97 -17.06 -61.65
C VAL G 527 52.59 -16.92 -60.18
N GLU G 528 51.29 -16.75 -59.93
CA GLU G 528 50.81 -16.61 -58.56
C GLU G 528 50.97 -17.89 -57.76
N TYR G 529 50.42 -18.99 -58.27
CA TYR G 529 50.26 -20.18 -57.46
C TYR G 529 51.50 -21.06 -57.43
N ARG G 530 52.54 -20.63 -58.12
CA ARG G 530 53.77 -21.42 -58.22
C ARG G 530 54.35 -21.81 -56.86
N HIS G 531 54.02 -21.03 -55.83
CA HIS G 531 54.59 -21.22 -54.50
C HIS G 531 54.25 -22.58 -53.90
N ILE G 532 52.97 -22.92 -53.87
CA ILE G 532 52.52 -24.14 -53.22
C ILE G 532 53.08 -25.37 -53.94
N LEU G 533 53.36 -25.21 -55.22
CA LEU G 533 53.92 -26.27 -56.04
C LEU G 533 55.28 -26.72 -55.51
N ASP G 534 55.62 -27.99 -55.71
CA ASP G 534 56.88 -28.53 -55.22
C ASP G 534 58.07 -28.05 -56.03
N GLU G 535 59.26 -28.48 -55.62
CA GLU G 535 60.50 -28.07 -56.26
C GLU G 535 60.55 -28.60 -57.69
N LYS G 536 60.28 -29.89 -57.85
CA LYS G 536 60.21 -30.49 -59.17
C LYS G 536 59.11 -29.85 -60.00
N ASP G 537 58.03 -29.48 -59.33
CA ASP G 537 56.88 -28.88 -59.98
C ASP G 537 57.25 -27.54 -60.61
N CYS G 538 58.14 -26.83 -59.94
CA CYS G 538 58.59 -25.51 -60.40
C CYS G 538 59.11 -25.55 -61.82
N ALA G 539 59.83 -26.61 -62.15
CA ALA G 539 60.38 -26.77 -63.49
C ALA G 539 59.28 -26.81 -64.53
N VAL G 540 58.31 -27.69 -64.31
CA VAL G 540 57.18 -27.86 -65.20
C VAL G 540 56.40 -26.56 -65.38
N SER G 541 56.00 -26.01 -64.24
CA SER G 541 55.28 -24.75 -64.19
C SER G 541 56.00 -23.71 -65.02
N GLU G 542 57.30 -23.62 -64.81
CA GLU G 542 58.15 -22.70 -65.56
C GLU G 542 58.05 -22.95 -67.06
N ASN G 543 58.24 -24.20 -67.44
CA ASN G 543 58.15 -24.60 -68.85
C ASN G 543 56.89 -24.05 -69.47
N PHE G 544 55.79 -24.14 -68.75
CA PHE G 544 54.56 -23.50 -69.20
C PHE G 544 54.70 -21.97 -69.23
N GLN G 545 55.32 -21.41 -68.20
CA GLN G 545 55.43 -19.97 -68.05
C GLN G 545 56.04 -19.34 -69.29
N GLU G 546 57.10 -19.95 -69.81
CA GLU G 546 57.63 -19.47 -71.09
C GLU G 546 56.79 -19.95 -72.26
N PHE G 547 56.22 -21.14 -72.14
CA PHE G 547 55.45 -21.72 -73.24
C PHE G 547 54.35 -20.78 -73.72
N LEU G 548 53.48 -20.42 -72.80
CA LEU G 548 52.34 -19.57 -73.13
C LEU G 548 52.79 -18.17 -73.53
N SER G 549 53.81 -17.66 -72.85
CA SER G 549 54.32 -16.32 -73.13
C SER G 549 54.84 -16.22 -74.55
N LEU G 550 55.42 -17.32 -75.03
CA LEU G 550 55.92 -17.37 -76.40
C LEU G 550 54.80 -17.61 -77.40
N ASN G 551 53.84 -18.44 -77.01
CA ASN G 551 52.76 -18.80 -77.92
C ASN G 551 51.63 -17.78 -77.93
N GLY G 552 51.82 -16.71 -77.17
CA GLY G 552 50.77 -15.73 -76.92
C GLY G 552 50.04 -15.16 -78.12
N HIS G 553 50.76 -15.01 -79.23
CA HIS G 553 50.17 -14.41 -80.43
C HIS G 553 49.31 -15.41 -81.19
N LEU G 554 49.69 -16.67 -81.15
CA LEU G 554 48.97 -17.70 -81.88
C LEU G 554 47.69 -18.16 -81.16
N LEU G 555 47.81 -18.45 -79.87
CA LEU G 555 46.75 -19.14 -79.14
C LEU G 555 45.47 -18.33 -78.98
N GLY G 556 44.37 -19.05 -78.77
CA GLY G 556 43.11 -18.46 -78.40
C GLY G 556 42.42 -17.70 -79.50
N ARG G 557 43.12 -17.51 -80.62
CA ARG G 557 42.57 -16.76 -81.72
C ARG G 557 42.36 -17.70 -82.90
N GLN G 558 41.10 -18.03 -83.16
CA GLN G 558 40.80 -19.03 -84.17
C GLN G 558 40.56 -18.40 -85.56
N PRO G 559 40.91 -19.12 -86.65
CA PRO G 559 41.29 -20.53 -86.84
C PRO G 559 42.35 -21.03 -85.88
N PHE G 560 42.14 -22.24 -85.36
CA PHE G 560 42.85 -22.67 -84.17
C PHE G 560 43.63 -23.96 -84.42
N PRO G 561 44.86 -24.04 -83.88
CA PRO G 561 45.75 -25.17 -84.12
C PRO G 561 45.61 -26.31 -83.12
N ASN G 562 46.40 -27.36 -83.28
CA ASN G 562 46.42 -28.45 -82.32
C ASN G 562 47.36 -28.14 -81.17
N ILE G 563 46.97 -28.56 -79.98
CA ILE G 563 47.81 -28.39 -78.80
C ILE G 563 49.05 -29.25 -78.93
N VAL G 564 48.83 -30.52 -79.26
CA VAL G 564 49.88 -31.52 -79.33
C VAL G 564 51.04 -31.08 -80.23
N GLN G 565 50.70 -30.72 -81.46
CA GLN G 565 51.72 -30.39 -82.46
C GLN G 565 52.56 -29.19 -82.04
N LEU G 566 51.94 -28.23 -81.36
CA LEU G 566 52.66 -27.08 -80.88
C LEU G 566 53.56 -27.52 -79.75
N GLY G 567 53.08 -28.50 -78.98
CA GLY G 567 53.86 -29.05 -77.88
C GLY G 567 55.07 -29.81 -78.38
N LEU G 568 54.99 -30.27 -79.63
CA LEU G 568 56.08 -31.04 -80.23
C LEU G 568 57.27 -30.15 -80.56
N CYS G 569 57.04 -28.84 -80.65
CA CYS G 569 58.09 -27.90 -80.99
C CYS G 569 58.88 -27.46 -79.77
N GLU G 570 58.52 -28.00 -78.61
CA GLU G 570 59.14 -27.60 -77.36
C GLU G 570 60.38 -28.43 -77.06
N PRO G 571 61.33 -27.86 -76.31
CA PRO G 571 62.52 -28.60 -75.89
C PRO G 571 62.16 -29.86 -75.13
N GLU G 572 62.92 -30.92 -75.33
CA GLU G 572 62.62 -32.22 -74.75
C GLU G 572 62.54 -32.17 -73.23
N THR G 573 63.40 -31.35 -72.63
CA THR G 573 63.43 -31.18 -71.19
C THR G 573 62.12 -30.60 -70.66
N SER G 574 61.49 -29.75 -71.47
CA SER G 574 60.20 -29.17 -71.09
C SER G 574 59.13 -30.24 -71.03
N GLU G 575 58.38 -30.23 -69.93
CA GLU G 575 57.33 -31.22 -69.72
C GLU G 575 56.29 -31.16 -70.83
N VAL G 576 56.09 -29.97 -71.36
CA VAL G 576 55.14 -29.76 -72.45
C VAL G 576 55.43 -30.68 -73.63
N TYR G 577 56.69 -30.71 -74.04
CA TYR G 577 57.09 -31.57 -75.15
C TYR G 577 56.88 -33.03 -74.83
N GLN G 578 57.08 -33.41 -73.58
CA GLN G 578 56.99 -34.81 -73.20
C GLN G 578 55.55 -35.28 -73.17
N GLN G 579 54.66 -34.42 -72.71
CA GLN G 579 53.24 -34.73 -72.68
C GLN G 579 52.67 -34.75 -74.09
N ALA G 580 53.01 -33.72 -74.86
CA ALA G 580 52.55 -33.61 -76.24
C ALA G 580 53.02 -34.81 -77.06
N LYS G 581 54.28 -35.18 -76.87
CA LYS G 581 54.83 -36.35 -77.54
C LYS G 581 54.13 -37.61 -77.08
N LEU G 582 53.82 -37.67 -75.79
CA LEU G 582 53.12 -38.82 -75.23
C LEU G 582 51.79 -39.03 -75.91
N GLN G 583 50.93 -38.01 -75.87
CA GLN G 583 49.61 -38.11 -76.48
C GLN G 583 49.71 -38.31 -77.98
N ALA G 584 50.71 -37.69 -78.60
CA ALA G 584 50.95 -37.85 -80.03
C ALA G 584 51.17 -39.32 -80.36
N LYS G 585 52.05 -39.96 -79.60
CA LYS G 585 52.33 -41.38 -79.75
C LYS G 585 51.10 -42.21 -79.43
N GLN G 586 50.26 -41.72 -78.55
CA GLN G 586 49.04 -42.43 -78.16
C GLN G 586 48.06 -42.52 -79.33
N GLU G 587 47.89 -41.42 -80.06
CA GLU G 587 47.06 -41.44 -81.24
C GLU G 587 47.83 -42.01 -82.41
N VAL G 588 47.41 -43.19 -82.86
CA VAL G 588 48.10 -43.90 -83.94
C VAL G 588 47.08 -44.35 -84.98
N ASP G 589 47.52 -44.47 -86.22
CA ASP G 589 46.60 -44.86 -87.28
C ASP G 589 45.52 -43.79 -87.30
N ASN G 590 45.92 -42.58 -86.94
CA ASN G 590 45.02 -41.44 -86.89
C ASN G 590 45.46 -40.39 -87.88
N GLY G 591 44.50 -39.93 -88.67
CA GLY G 591 44.74 -38.94 -89.69
C GLY G 591 45.38 -37.67 -89.13
N MET G 592 45.97 -37.80 -87.95
CA MET G 592 46.61 -36.67 -87.29
C MET G 592 47.95 -36.34 -87.97
N LEU G 593 48.75 -37.37 -88.19
CA LEU G 593 50.05 -37.24 -88.86
C LEU G 593 50.96 -36.25 -88.15
N TYR G 594 51.41 -36.60 -86.95
CA TYR G 594 52.27 -35.74 -86.14
C TYR G 594 53.67 -35.62 -86.73
N LEU G 595 54.36 -34.55 -86.35
CA LEU G 595 55.71 -34.30 -86.84
C LEU G 595 56.70 -34.17 -85.67
N GLU G 596 57.98 -34.35 -85.97
CA GLU G 596 59.02 -34.30 -84.93
C GLU G 596 60.15 -33.36 -85.33
N TRP G 597 60.63 -32.59 -84.36
CA TRP G 597 61.70 -31.61 -84.62
C TRP G 597 63.00 -31.95 -83.89
N ILE G 598 64.00 -32.37 -84.64
CA ILE G 598 65.33 -32.58 -84.09
C ILE G 598 66.13 -31.28 -83.99
N ASN G 599 65.80 -30.32 -84.85
CA ASN G 599 66.59 -29.10 -84.98
C ASN G 599 66.31 -28.03 -83.91
N LYS G 600 65.06 -27.98 -83.43
CA LYS G 600 64.65 -26.91 -82.53
C LYS G 600 65.33 -26.94 -81.16
N LYS G 601 66.09 -27.99 -80.88
CA LYS G 601 66.80 -28.08 -79.61
C LYS G 601 67.92 -27.05 -79.51
N ASN G 602 68.58 -26.76 -80.64
CA ASN G 602 69.67 -25.80 -80.66
C ASN G 602 69.24 -24.40 -81.11
N ILE G 603 67.98 -24.25 -81.50
CA ILE G 603 67.49 -22.97 -82.00
C ILE G 603 66.14 -22.58 -81.37
N THR G 604 65.56 -21.48 -81.86
CA THR G 604 64.36 -20.90 -81.28
C THR G 604 64.62 -20.55 -79.82
N ASN G 605 65.42 -19.51 -79.60
CA ASN G 605 65.74 -19.04 -78.26
C ASN G 605 64.50 -18.59 -77.50
N LEU G 606 64.54 -18.72 -76.18
CA LEU G 606 63.42 -18.35 -75.32
C LEU G 606 63.20 -16.85 -75.27
N SER G 607 61.99 -16.44 -74.91
CA SER G 607 61.66 -15.02 -74.80
C SER G 607 61.02 -14.73 -73.45
N ARG G 608 61.16 -13.51 -72.96
CA ARG G 608 60.55 -13.14 -71.69
C ARG G 608 59.03 -13.08 -71.82
N LEU G 609 58.53 -12.33 -72.80
CA LEU G 609 57.08 -12.25 -72.98
C LEU G 609 56.67 -11.96 -74.43
N VAL G 610 55.53 -12.49 -74.83
CA VAL G 610 54.91 -12.16 -76.11
C VAL G 610 53.41 -11.91 -75.93
N VAL G 611 52.97 -10.68 -76.21
CA VAL G 611 51.56 -10.33 -76.01
C VAL G 611 50.96 -9.54 -77.18
N ARG G 612 49.92 -10.09 -77.78
CA ARG G 612 49.14 -9.36 -78.77
C ARG G 612 47.70 -9.13 -78.31
N PRO G 613 47.39 -7.91 -77.84
CA PRO G 613 45.97 -7.52 -77.73
C PRO G 613 45.52 -6.65 -78.90
N HIS G 614 45.77 -7.08 -80.14
CA HIS G 614 45.56 -6.21 -81.30
C HIS G 614 45.07 -6.95 -82.54
N THR G 615 44.08 -6.36 -83.22
CA THR G 615 43.68 -6.83 -84.54
C THR G 615 44.42 -6.04 -85.62
N ASP G 616 45.11 -4.98 -85.22
CA ASP G 616 45.79 -4.09 -86.15
C ASP G 616 47.22 -3.78 -85.71
N ALA G 617 47.99 -3.16 -86.61
CA ALA G 617 49.41 -2.88 -86.37
C ALA G 617 49.64 -1.91 -85.22
N VAL G 618 50.83 -1.97 -84.64
CA VAL G 618 51.20 -1.12 -83.51
C VAL G 618 52.02 0.09 -83.94
N TYR G 619 51.49 1.29 -83.70
CA TYR G 619 52.25 2.49 -84.01
C TYR G 619 53.28 2.82 -82.94
N HIS G 620 52.90 2.68 -81.67
CA HIS G 620 53.84 2.89 -80.58
C HIS G 620 53.47 2.06 -79.34
N ALA G 621 54.49 1.60 -78.63
CA ALA G 621 54.29 0.89 -77.36
C ALA G 621 55.42 1.22 -76.39
N CYS G 622 55.07 1.48 -75.14
CA CYS G 622 56.06 1.80 -74.12
C CYS G 622 55.59 1.42 -72.72
N PHE G 623 56.54 1.17 -71.84
CA PHE G 623 56.25 0.84 -70.44
C PHE G 623 55.99 2.09 -69.60
N SER G 624 55.16 1.96 -68.59
CA SER G 624 54.91 3.05 -67.64
C SER G 624 56.17 3.31 -66.80
N GLU G 625 56.23 4.50 -66.22
CA GLU G 625 57.38 4.91 -65.42
C GLU G 625 57.58 3.99 -64.22
N ASP G 626 56.48 3.50 -63.66
CA ASP G 626 56.54 2.61 -62.50
C ASP G 626 56.73 1.16 -62.92
N GLY G 627 56.62 0.91 -64.22
CA GLY G 627 56.76 -0.45 -64.75
C GLY G 627 55.64 -1.35 -64.28
N GLN G 628 54.40 -0.93 -64.55
CA GLN G 628 53.24 -1.66 -64.09
C GLN G 628 52.27 -1.97 -65.24
N ARG G 629 51.73 -0.92 -65.85
CA ARG G 629 50.73 -1.08 -66.90
C ARG G 629 51.23 -0.58 -68.25
N ILE G 630 50.67 -1.13 -69.32
CA ILE G 630 51.06 -0.77 -70.68
C ILE G 630 49.89 -0.18 -71.45
N ALA G 631 50.10 1.00 -72.03
CA ALA G 631 49.11 1.62 -72.90
C ALA G 631 49.64 1.68 -74.33
N SER G 632 49.04 0.88 -75.22
CA SER G 632 49.52 0.79 -76.60
C SER G 632 48.54 1.42 -77.58
N CYS G 633 49.09 1.99 -78.65
CA CYS G 633 48.28 2.62 -79.69
C CYS G 633 48.68 2.14 -81.08
N GLY G 634 47.70 2.03 -81.98
CA GLY G 634 47.95 1.50 -83.30
C GLY G 634 46.83 1.78 -84.29
N ALA G 635 46.86 1.08 -85.42
CA ALA G 635 45.89 1.28 -86.49
C ALA G 635 44.48 0.85 -86.10
N ASP G 636 44.35 0.20 -84.96
CA ASP G 636 43.05 -0.24 -84.46
C ASP G 636 42.22 0.95 -83.95
N LYS G 637 42.86 2.11 -83.88
CA LYS G 637 42.22 3.35 -83.43
C LYS G 637 41.70 3.21 -82.00
N THR G 638 42.30 2.29 -81.24
CA THR G 638 41.88 2.03 -79.88
C THR G 638 43.06 1.89 -78.93
N LEU G 639 43.11 2.74 -77.91
CA LEU G 639 44.13 2.66 -76.88
C LEU G 639 43.90 1.43 -76.01
N GLN G 640 44.93 0.60 -75.92
CA GLN G 640 44.85 -0.66 -75.17
C GLN G 640 45.67 -0.60 -73.89
N VAL G 641 44.98 -0.61 -72.76
CA VAL G 641 45.65 -0.63 -71.45
C VAL G 641 45.58 -2.03 -70.85
N PHE G 642 46.74 -2.65 -70.69
CA PHE G 642 46.80 -4.02 -70.16
C PHE G 642 47.99 -4.23 -69.23
N LYS G 643 47.96 -5.30 -68.45
CA LYS G 643 49.01 -5.59 -67.49
C LYS G 643 50.31 -5.97 -68.19
N ALA G 644 51.43 -5.51 -67.66
CA ALA G 644 52.72 -5.72 -68.30
C ALA G 644 53.33 -7.08 -68.01
N GLU G 645 52.88 -7.73 -66.94
CA GLU G 645 53.49 -8.99 -66.51
C GLU G 645 52.85 -10.20 -67.18
N THR G 646 51.64 -10.54 -66.78
CA THR G 646 50.97 -11.72 -67.33
C THR G 646 50.09 -11.37 -68.53
N GLY G 647 49.92 -10.07 -68.78
CA GLY G 647 49.21 -9.62 -69.97
C GLY G 647 47.69 -9.73 -69.90
N GLU G 648 47.11 -9.52 -68.73
CA GLU G 648 45.66 -9.53 -68.60
C GLU G 648 45.04 -8.26 -69.18
N LYS G 649 43.80 -8.39 -69.65
CA LYS G 649 43.09 -7.24 -70.20
C LYS G 649 42.56 -6.36 -69.07
N LEU G 650 42.95 -5.09 -69.09
CA LEU G 650 42.51 -4.15 -68.07
C LEU G 650 41.42 -3.23 -68.60
N LEU G 651 41.81 -2.29 -69.47
CA LEU G 651 40.85 -1.34 -70.04
C LEU G 651 41.10 -1.11 -71.52
N GLU G 652 40.02 -0.99 -72.28
CA GLU G 652 40.10 -0.68 -73.69
C GLU G 652 39.38 0.64 -73.97
N ILE G 653 40.13 1.67 -74.34
CA ILE G 653 39.56 3.00 -74.47
C ILE G 653 39.66 3.53 -75.90
N LYS G 654 38.56 4.04 -76.44
CA LYS G 654 38.57 4.59 -77.80
C LYS G 654 39.17 6.00 -77.75
N ALA G 655 40.30 6.18 -78.44
CA ALA G 655 40.99 7.46 -78.44
C ALA G 655 40.36 8.45 -79.41
N HIS G 656 40.13 8.00 -80.65
CA HIS G 656 39.64 8.87 -81.71
C HIS G 656 38.82 8.10 -82.74
N GLU G 657 38.33 8.82 -83.75
CA GLU G 657 37.66 8.20 -84.88
C GLU G 657 38.67 7.91 -85.99
N ASP G 658 39.90 8.39 -85.78
CA ASP G 658 40.98 8.21 -86.75
C ASP G 658 42.20 7.59 -86.10
N GLU G 659 43.13 7.12 -86.92
CA GLU G 659 44.34 6.46 -86.44
C GLU G 659 45.19 7.39 -85.58
N VAL G 660 45.61 6.90 -84.41
CA VAL G 660 46.42 7.67 -83.48
C VAL G 660 47.88 7.68 -83.91
N LEU G 661 48.43 8.87 -84.14
CA LEU G 661 49.81 9.01 -84.60
C LEU G 661 50.82 8.63 -83.53
N CYS G 662 50.69 9.23 -82.35
CA CYS G 662 51.63 8.97 -81.26
C CYS G 662 50.98 9.14 -79.89
N CYS G 663 51.49 8.40 -78.90
CA CYS G 663 50.97 8.45 -77.55
C CYS G 663 52.06 8.14 -76.53
N ALA G 664 51.99 8.76 -75.35
CA ALA G 664 52.99 8.55 -74.31
C ALA G 664 52.44 8.80 -72.92
N PHE G 665 53.09 8.21 -71.93
CA PHE G 665 52.69 8.37 -70.53
C PHE G 665 53.11 9.72 -69.96
N SER G 666 52.44 10.14 -68.89
CA SER G 666 52.77 11.37 -68.19
C SER G 666 53.73 11.08 -67.05
N THR G 667 53.96 12.09 -66.20
CA THR G 667 54.82 11.94 -65.03
C THR G 667 54.23 10.94 -64.05
N ASP G 668 52.96 11.13 -63.73
CA ASP G 668 52.26 10.25 -62.78
C ASP G 668 51.50 9.14 -63.50
N ASP G 669 51.59 9.14 -64.83
CA ASP G 669 51.00 8.10 -65.68
C ASP G 669 49.46 8.12 -65.67
N ARG G 670 48.88 8.99 -64.86
CA ARG G 670 47.43 9.02 -64.68
C ARG G 670 46.71 9.75 -65.81
N PHE G 671 47.47 10.38 -66.69
CA PHE G 671 46.88 11.12 -67.81
C PHE G 671 47.62 10.84 -69.12
N ILE G 672 46.88 10.38 -70.12
CA ILE G 672 47.47 10.11 -71.44
C ILE G 672 46.67 10.79 -72.55
N ALA G 673 47.29 11.76 -73.21
CA ALA G 673 46.64 12.47 -74.31
C ALA G 673 47.01 11.85 -75.66
N THR G 674 46.05 11.81 -76.57
CA THR G 674 46.25 11.19 -77.87
C THR G 674 46.16 12.19 -79.02
N CYS G 675 46.99 11.97 -80.03
CA CYS G 675 47.01 12.78 -81.24
C CYS G 675 46.69 11.90 -82.45
N SER G 676 45.85 12.37 -83.35
CA SER G 676 45.42 11.54 -84.48
C SER G 676 45.29 12.30 -85.80
N VAL G 677 44.76 11.61 -86.80
CA VAL G 677 44.63 12.14 -88.15
C VAL G 677 43.55 13.22 -88.22
N ASP G 678 42.65 13.23 -87.24
CA ASP G 678 41.53 14.17 -87.23
C ASP G 678 41.96 15.55 -86.74
N LYS G 679 43.25 15.68 -86.43
CA LYS G 679 43.87 16.95 -86.07
C LYS G 679 43.29 17.50 -84.76
N LYS G 680 42.97 16.60 -83.85
CA LYS G 680 42.44 16.97 -82.54
C LYS G 680 43.15 16.21 -81.43
N VAL G 681 43.77 16.94 -80.51
CA VAL G 681 44.47 16.33 -79.38
C VAL G 681 43.51 16.14 -78.22
N LYS G 682 43.30 14.89 -77.82
CA LYS G 682 42.33 14.61 -76.76
C LYS G 682 42.97 13.95 -75.54
N ILE G 683 42.87 14.61 -74.40
CA ILE G 683 43.40 14.08 -73.14
C ILE G 683 42.47 13.01 -72.58
N TRP G 684 43.01 11.82 -72.36
CA TRP G 684 42.23 10.70 -71.82
C TRP G 684 42.77 10.27 -70.46
N ASN G 685 41.87 9.97 -69.54
CA ASN G 685 42.24 9.48 -68.22
C ASN G 685 42.44 7.97 -68.26
N SER G 686 43.49 7.50 -67.62
CA SER G 686 43.83 6.08 -67.64
C SER G 686 42.94 5.25 -66.72
N MET G 687 42.63 5.79 -65.55
CA MET G 687 41.84 5.06 -64.56
C MET G 687 40.36 5.38 -64.68
N THR G 688 39.99 6.21 -65.64
CA THR G 688 38.60 6.59 -65.85
C THR G 688 38.12 6.25 -67.25
N GLY G 689 38.70 6.91 -68.24
CA GLY G 689 38.33 6.69 -69.63
C GLY G 689 37.38 7.75 -70.17
N GLU G 690 37.24 8.84 -69.43
CA GLU G 690 36.36 9.93 -69.83
C GLU G 690 37.17 11.18 -70.20
N LEU G 691 36.60 11.99 -71.09
CA LEU G 691 37.25 13.22 -71.54
C LEU G 691 37.52 14.19 -70.39
N VAL G 692 38.73 14.70 -70.32
CA VAL G 692 39.12 15.64 -69.28
C VAL G 692 39.25 17.03 -69.88
N HIS G 693 40.22 17.21 -70.77
CA HIS G 693 40.36 18.43 -71.55
C HIS G 693 40.64 18.11 -73.02
N THR G 694 40.19 18.99 -73.91
CA THR G 694 40.44 18.83 -75.33
C THR G 694 40.97 20.11 -75.94
N TYR G 695 41.93 19.98 -76.85
CA TYR G 695 42.58 21.14 -77.47
C TYR G 695 42.62 21.02 -78.99
N ASP G 696 41.93 21.94 -79.67
CA ASP G 696 42.00 21.98 -81.14
C ASP G 696 42.54 23.32 -81.62
N GLU G 697 43.76 23.31 -82.15
CA GLU G 697 44.38 24.50 -82.70
C GLU G 697 44.96 24.22 -84.08
N HIS G 698 45.93 23.31 -84.12
CA HIS G 698 46.67 22.97 -85.34
C HIS G 698 45.78 22.65 -86.52
N SER G 699 46.11 23.22 -87.67
CA SER G 699 45.41 22.95 -88.92
C SER G 699 46.06 21.78 -89.65
N GLU G 700 47.07 21.20 -89.02
CA GLU G 700 47.78 20.06 -89.58
C GLU G 700 47.93 18.95 -88.55
N GLN G 701 48.31 17.76 -88.99
CA GLN G 701 48.48 16.62 -88.10
C GLN G 701 49.62 16.84 -87.12
N VAL G 702 49.49 16.27 -85.92
CA VAL G 702 50.50 16.43 -84.89
C VAL G 702 51.29 15.13 -84.69
N ASN G 703 52.55 15.13 -85.07
CA ASN G 703 53.41 13.96 -84.95
C ASN G 703 54.17 13.92 -83.64
N CYS G 704 54.10 15.01 -82.87
CA CYS G 704 54.82 15.11 -81.62
C CYS G 704 53.90 15.19 -80.40
N CYS G 705 53.89 14.13 -79.60
CA CYS G 705 53.24 14.16 -78.29
C CYS G 705 54.20 13.65 -77.23
N HIS G 706 54.61 14.53 -76.33
CA HIS G 706 55.55 14.17 -75.28
C HIS G 706 55.22 14.90 -73.98
N PHE G 707 55.24 14.17 -72.87
CA PHE G 707 54.88 14.75 -71.58
C PHE G 707 56.11 14.99 -70.70
N THR G 708 55.89 15.57 -69.52
CA THR G 708 56.98 15.89 -68.61
C THR G 708 57.42 14.69 -67.79
N ASN G 709 58.72 14.61 -67.49
CA ASN G 709 59.25 13.54 -66.67
C ASN G 709 59.34 13.95 -65.21
N SER G 710 58.91 15.18 -64.91
CA SER G 710 58.94 15.70 -63.55
C SER G 710 57.58 16.25 -63.14
N SER G 711 57.40 16.43 -61.83
CA SER G 711 56.14 16.94 -61.29
C SER G 711 56.18 18.44 -61.11
N HIS G 712 57.28 19.06 -61.53
CA HIS G 712 57.47 20.50 -61.42
C HIS G 712 56.34 21.25 -62.13
N HIS G 713 56.29 21.11 -63.46
CA HIS G 713 55.17 21.62 -64.23
C HIS G 713 54.71 20.61 -65.28
N LEU G 714 53.68 20.98 -66.05
CA LEU G 714 53.13 20.11 -67.07
C LEU G 714 53.05 20.83 -68.42
N LEU G 715 53.79 20.33 -69.40
CA LEU G 715 53.83 20.94 -70.72
C LEU G 715 53.69 19.88 -71.82
N LEU G 716 53.36 20.32 -73.03
CA LEU G 716 53.24 19.42 -74.17
C LEU G 716 53.89 19.99 -75.42
N ALA G 717 54.84 19.26 -75.98
CA ALA G 717 55.53 19.70 -77.19
C ALA G 717 54.77 19.27 -78.44
N THR G 718 54.34 20.24 -79.24
CA THR G 718 53.61 19.93 -80.47
C THR G 718 54.19 20.68 -81.68
N GLY G 719 54.13 20.04 -82.84
CA GLY G 719 54.59 20.63 -84.07
C GLY G 719 53.88 20.03 -85.27
N SER G 720 53.85 20.77 -86.37
CA SER G 720 53.15 20.32 -87.56
C SER G 720 53.67 20.98 -88.84
N SER G 721 52.95 20.80 -89.93
CA SER G 721 53.36 21.30 -91.25
C SER G 721 53.22 22.83 -91.36
N ASP G 722 52.67 23.46 -90.33
CA ASP G 722 52.48 24.90 -90.34
C ASP G 722 53.75 25.66 -89.96
N CYS G 723 54.82 24.89 -89.71
CA CYS G 723 56.14 25.44 -89.38
C CYS G 723 56.13 26.21 -88.07
N PHE G 724 55.23 25.82 -87.17
CA PHE G 724 55.13 26.43 -85.86
C PHE G 724 55.39 25.40 -84.76
N LEU G 725 56.16 25.79 -83.75
CA LEU G 725 56.38 24.94 -82.59
C LEU G 725 55.51 25.42 -81.44
N LYS G 726 54.48 24.66 -81.10
CA LYS G 726 53.55 25.08 -80.07
C LYS G 726 53.69 24.26 -78.80
N LEU G 727 53.92 24.95 -77.69
CA LEU G 727 54.04 24.30 -76.40
C LEU G 727 52.79 24.53 -75.57
N TRP G 728 52.01 23.45 -75.39
CA TRP G 728 50.76 23.49 -74.65
C TRP G 728 50.98 23.43 -73.14
N ASP G 729 50.04 24.00 -72.40
CA ASP G 729 50.03 23.92 -70.94
C ASP G 729 48.80 23.16 -70.47
N LEU G 730 49.03 22.04 -69.79
CA LEU G 730 47.94 21.16 -69.35
C LEU G 730 47.08 21.81 -68.28
N ASN G 731 47.63 22.82 -67.60
CA ASN G 731 46.90 23.51 -66.54
C ASN G 731 45.89 24.51 -67.09
N GLN G 732 46.20 25.10 -68.24
CA GLN G 732 45.33 26.09 -68.86
C GLN G 732 44.56 25.50 -70.03
N LYS G 733 43.68 26.31 -70.63
CA LYS G 733 42.86 25.87 -71.74
C LYS G 733 43.51 26.27 -73.07
N GLU G 734 44.60 27.03 -72.99
CA GLU G 734 45.25 27.54 -74.19
C GLU G 734 46.69 27.04 -74.33
N CYS G 735 47.35 27.47 -75.39
CA CYS G 735 48.74 27.09 -75.65
C CYS G 735 49.71 28.11 -75.04
N ARG G 736 50.74 27.62 -74.37
CA ARG G 736 51.68 28.49 -73.69
C ARG G 736 52.64 29.20 -74.64
N ASN G 737 53.26 28.44 -75.55
CA ASN G 737 54.29 29.02 -76.40
C ASN G 737 54.11 28.75 -77.89
N THR G 738 54.64 29.66 -78.72
CA THR G 738 54.63 29.51 -80.17
C THR G 738 55.97 29.97 -80.75
N MET G 739 56.59 29.14 -81.58
CA MET G 739 57.93 29.43 -82.08
C MET G 739 58.05 29.27 -83.60
N PHE G 740 58.63 30.28 -84.23
CA PHE G 740 58.90 30.29 -85.66
C PHE G 740 60.08 29.39 -86.04
N GLY G 741 60.18 29.06 -87.33
CA GLY G 741 61.26 28.23 -87.82
C GLY G 741 60.82 26.83 -88.22
N HIS G 742 61.79 26.00 -88.62
CA HIS G 742 61.51 24.66 -89.12
C HIS G 742 60.61 24.69 -90.35
N THR G 743 61.16 25.15 -91.47
CA THR G 743 60.41 25.28 -92.73
C THR G 743 59.80 23.96 -93.20
N ASN G 744 60.31 22.84 -92.69
CA ASN G 744 59.76 21.53 -93.03
C ASN G 744 59.09 20.90 -91.81
N SER G 745 58.51 19.73 -91.99
CA SER G 745 57.81 19.04 -90.91
C SER G 745 58.78 18.53 -89.86
N VAL G 746 58.39 18.64 -88.58
CA VAL G 746 59.20 18.15 -87.48
C VAL G 746 58.81 16.74 -87.10
N ASN G 747 59.71 15.79 -87.33
CA ASN G 747 59.43 14.39 -87.04
C ASN G 747 59.41 14.06 -85.56
N HIS G 748 60.45 14.48 -84.85
CA HIS G 748 60.57 14.14 -83.43
C HIS G 748 60.78 15.37 -82.54
N CYS G 749 59.80 15.64 -81.69
CA CYS G 749 59.90 16.73 -80.73
C CYS G 749 59.86 16.16 -79.31
N ARG G 750 60.88 16.45 -78.52
CA ARG G 750 61.01 15.82 -77.21
C ARG G 750 61.55 16.78 -76.14
N PHE G 751 61.06 16.63 -74.92
CA PHE G 751 61.58 17.39 -73.79
C PHE G 751 62.99 16.96 -73.40
N SER G 752 63.72 17.87 -72.77
CA SER G 752 65.03 17.56 -72.23
C SER G 752 64.85 16.84 -70.89
N PRO G 753 65.96 16.40 -70.24
CA PRO G 753 65.75 15.85 -68.89
C PRO G 753 65.23 16.89 -67.90
N ASP G 754 65.40 18.16 -68.24
CA ASP G 754 64.80 19.24 -67.47
C ASP G 754 63.70 19.91 -68.29
N ASP G 755 62.65 20.36 -67.61
CA ASP G 755 61.52 20.98 -68.30
C ASP G 755 61.84 22.40 -68.76
N LYS G 756 63.01 22.90 -68.38
CA LYS G 756 63.42 24.25 -68.74
C LYS G 756 63.83 24.36 -70.20
N LEU G 757 64.00 23.22 -70.86
CA LEU G 757 64.44 23.21 -72.25
C LEU G 757 63.53 22.37 -73.14
N LEU G 758 63.64 22.58 -74.45
CA LEU G 758 62.85 21.83 -75.42
C LEU G 758 63.68 21.46 -76.65
N ALA G 759 63.62 20.20 -77.05
CA ALA G 759 64.41 19.72 -78.18
C ALA G 759 63.53 19.46 -79.41
N SER G 760 63.87 20.14 -80.50
CA SER G 760 63.16 19.97 -81.77
C SER G 760 64.06 19.32 -82.82
N CYS G 761 63.63 18.15 -83.31
CA CYS G 761 64.40 17.39 -84.28
C CYS G 761 63.57 17.08 -85.52
N SER G 762 64.08 17.50 -86.68
CA SER G 762 63.40 17.28 -87.95
C SER G 762 64.35 16.71 -89.00
N ALA G 763 63.79 16.22 -90.10
CA ALA G 763 64.58 15.55 -91.14
C ALA G 763 65.11 16.53 -92.18
N ASP G 764 64.81 17.81 -92.02
CA ASP G 764 65.26 18.82 -92.97
C ASP G 764 66.72 19.19 -92.73
N GLY G 765 67.29 18.69 -91.63
CA GLY G 765 68.68 18.95 -91.30
C GLY G 765 68.84 20.00 -90.23
N THR G 766 67.72 20.41 -89.65
CA THR G 766 67.74 21.42 -88.59
C THR G 766 67.45 20.81 -87.23
N LEU G 767 68.46 20.78 -86.37
CA LEU G 767 68.28 20.31 -85.01
C LEU G 767 68.37 21.48 -84.04
N LYS G 768 67.25 21.84 -83.43
CA LYS G 768 67.21 23.05 -82.60
C LYS G 768 66.93 22.76 -81.14
N LEU G 769 67.52 23.58 -80.27
CA LEU G 769 67.28 23.51 -78.83
C LEU G 769 66.81 24.86 -78.32
N TRP G 770 65.57 24.87 -77.82
CA TRP G 770 64.89 26.11 -77.44
C TRP G 770 64.69 26.22 -75.94
N ASP G 771 64.65 27.46 -75.45
CA ASP G 771 64.35 27.72 -74.04
C ASP G 771 62.85 27.68 -73.80
N ALA G 772 62.42 26.88 -72.82
CA ALA G 772 61.01 26.75 -72.51
C ALA G 772 60.47 27.96 -71.75
N THR G 773 61.20 28.38 -70.72
CA THR G 773 60.77 29.50 -69.89
C THR G 773 61.04 30.84 -70.56
N SER G 774 62.23 30.99 -71.13
CA SER G 774 62.64 32.24 -71.75
C SER G 774 61.95 32.43 -73.10
N ALA G 775 61.49 31.33 -73.69
CA ALA G 775 60.75 31.32 -74.96
C ALA G 775 61.60 31.76 -76.15
N ASN G 776 62.83 32.17 -75.89
CA ASN G 776 63.74 32.63 -76.94
C ASN G 776 64.57 31.48 -77.52
N GLU G 777 65.53 31.83 -78.37
CA GLU G 777 66.40 30.84 -79.00
C GLU G 777 67.65 30.60 -78.18
N ARG G 778 67.91 29.34 -77.85
CA ARG G 778 69.12 28.97 -77.13
C ARG G 778 70.21 28.54 -78.10
N LYS G 779 69.99 27.42 -78.77
CA LYS G 779 70.94 26.93 -79.76
C LYS G 779 70.28 26.38 -81.01
N SER G 780 70.96 26.52 -82.14
CA SER G 780 70.49 25.97 -83.41
C SER G 780 71.65 25.29 -84.14
N ILE G 781 71.45 24.02 -84.48
CA ILE G 781 72.53 23.23 -85.07
C ILE G 781 72.14 22.60 -86.41
N ASN G 782 72.92 22.91 -87.44
CA ASN G 782 72.77 22.28 -88.75
C ASN G 782 73.94 21.34 -89.02
N VAL G 783 73.65 20.07 -89.28
CA VAL G 783 74.70 19.07 -89.40
C VAL G 783 75.14 18.84 -90.83
N LYS G 784 76.35 19.28 -91.14
CA LYS G 784 76.98 19.03 -92.43
C LYS G 784 77.94 17.84 -92.35
N GLN G 785 78.02 17.24 -91.17
CA GLN G 785 79.00 16.19 -90.88
C GLN G 785 78.97 15.02 -91.86
N PHE G 786 77.77 14.60 -92.25
CA PHE G 786 77.64 13.48 -93.18
C PHE G 786 78.06 13.91 -94.58
N PHE G 787 78.99 13.17 -95.16
CA PHE G 787 79.55 13.52 -96.47
C PHE G 787 78.82 12.82 -97.61
N LEU G 788 78.38 13.60 -98.59
CA LEU G 788 77.74 13.06 -99.78
C LEU G 788 78.77 12.77 -100.87
N ASN G 789 80.00 13.22 -100.64
CA ASN G 789 81.10 13.06 -101.58
C ASN G 789 80.77 13.59 -102.97
N GLU G 795 72.47 20.36 -106.09
CA GLU G 795 72.84 19.20 -105.29
C GLU G 795 73.39 19.61 -103.93
N ASP G 796 72.57 20.32 -103.16
CA ASP G 796 72.97 20.79 -101.84
C ASP G 796 73.01 19.63 -100.84
N MET G 797 73.81 19.80 -99.79
CA MET G 797 73.94 18.77 -98.75
C MET G 797 72.67 18.68 -97.92
N GLU G 798 72.13 17.47 -97.82
CA GLU G 798 70.91 17.23 -97.05
C GLU G 798 71.07 16.03 -96.13
N VAL G 799 70.95 16.26 -94.82
CA VAL G 799 71.07 15.19 -93.83
C VAL G 799 69.77 15.04 -93.03
N ILE G 800 69.11 13.90 -93.21
CA ILE G 800 67.86 13.64 -92.51
C ILE G 800 68.10 13.12 -91.10
N VAL G 801 67.20 13.48 -90.19
CA VAL G 801 67.30 13.03 -88.80
C VAL G 801 66.04 12.26 -88.41
N LYS G 802 66.21 10.98 -88.07
CA LYS G 802 65.09 10.13 -87.71
C LYS G 802 64.58 10.42 -86.30
N CYS G 803 65.41 10.13 -85.31
CA CYS G 803 65.02 10.29 -83.92
C CYS G 803 66.10 10.97 -83.07
N CYS G 804 65.72 11.41 -81.88
CA CYS G 804 66.65 12.03 -80.96
C CYS G 804 66.50 11.44 -79.56
N SER G 805 67.58 10.86 -79.05
CA SER G 805 67.55 10.24 -77.72
C SER G 805 68.52 10.90 -76.76
N TRP G 806 68.03 11.32 -75.61
CA TRP G 806 68.85 11.97 -74.60
C TRP G 806 69.74 10.97 -73.85
N SER G 807 70.97 11.38 -73.58
CA SER G 807 71.91 10.55 -72.84
C SER G 807 71.55 10.51 -71.35
N ALA G 808 72.05 9.50 -70.66
CA ALA G 808 71.78 9.34 -69.23
C ALA G 808 72.40 10.48 -68.42
N ASP G 809 73.45 11.09 -68.95
CA ASP G 809 74.12 12.19 -68.28
C ASP G 809 73.24 13.45 -68.26
N GLY G 810 72.35 13.55 -69.24
CA GLY G 810 71.47 14.70 -69.34
C GLY G 810 72.12 15.86 -70.07
N ALA G 811 73.17 15.56 -70.84
CA ALA G 811 73.90 16.58 -71.57
C ALA G 811 74.02 16.21 -73.04
N ARG G 812 74.72 15.11 -73.32
CA ARG G 812 74.94 14.66 -74.68
C ARG G 812 73.64 14.25 -75.37
N ILE G 813 73.63 14.32 -76.70
CA ILE G 813 72.47 13.93 -77.48
C ILE G 813 72.82 12.85 -78.49
N MET G 814 72.22 11.69 -78.34
CA MET G 814 72.46 10.56 -79.25
C MET G 814 71.45 10.55 -80.38
N VAL G 815 71.94 10.66 -81.61
CA VAL G 815 71.08 10.64 -82.79
C VAL G 815 71.62 9.69 -83.85
N ALA G 816 70.80 9.40 -84.85
CA ALA G 816 71.23 8.55 -85.96
C ALA G 816 70.85 9.19 -87.30
N ALA G 817 71.85 9.45 -88.13
CA ALA G 817 71.62 10.12 -89.41
C ALA G 817 72.15 9.30 -90.58
N LYS G 818 71.32 9.16 -91.60
CA LYS G 818 71.67 8.42 -92.82
C LYS G 818 72.18 7.02 -92.52
N ASN G 819 73.43 6.76 -92.89
CA ASN G 819 74.02 5.45 -92.73
C ASN G 819 74.86 5.32 -91.45
N LYS G 820 74.88 6.38 -90.64
CA LYS G 820 75.76 6.39 -89.47
C LYS G 820 75.07 6.89 -88.19
N ILE G 821 75.71 6.64 -87.05
CA ILE G 821 75.22 7.12 -85.77
C ILE G 821 76.08 8.29 -85.30
N PHE G 822 75.44 9.34 -84.80
CA PHE G 822 76.16 10.53 -84.36
C PHE G 822 75.87 10.88 -82.90
N LEU G 823 76.92 11.22 -82.17
CA LEU G 823 76.81 11.66 -80.78
C LEU G 823 77.22 13.12 -80.65
N PHE G 824 76.24 13.97 -80.31
CA PHE G 824 76.46 15.41 -80.26
C PHE G 824 76.64 15.93 -78.84
N ASP G 825 77.48 16.95 -78.70
CA ASP G 825 77.67 17.62 -77.41
C ASP G 825 77.04 19.00 -77.48
N ILE G 826 76.17 19.31 -76.53
CA ILE G 826 75.47 20.60 -76.51
C ILE G 826 76.42 21.75 -76.19
N HIS G 827 77.52 21.44 -75.51
CA HIS G 827 78.49 22.46 -75.12
C HIS G 827 79.30 22.94 -76.34
N THR G 828 79.86 21.98 -77.07
CA THR G 828 80.68 22.31 -78.23
C THR G 828 79.83 22.58 -79.48
N SER G 829 78.59 22.11 -79.45
CA SER G 829 77.61 22.31 -80.52
C SER G 829 78.00 21.61 -81.82
N GLY G 830 79.19 21.00 -81.85
CA GLY G 830 79.67 20.30 -83.02
C GLY G 830 79.48 18.80 -82.91
N LEU G 831 80.39 18.05 -83.52
CA LEU G 831 80.33 16.59 -83.47
C LEU G 831 81.31 16.04 -82.45
N LEU G 832 80.79 15.54 -81.34
CA LEU G 832 81.63 15.01 -80.27
C LEU G 832 82.10 13.59 -80.55
N GLY G 833 81.20 12.74 -81.06
CA GLY G 833 81.54 11.36 -81.30
C GLY G 833 80.78 10.74 -82.46
N GLU G 834 81.30 9.63 -82.98
CA GLU G 834 80.72 8.97 -84.14
C GLU G 834 80.72 7.46 -83.98
N ILE G 835 79.56 6.84 -84.20
CA ILE G 835 79.42 5.40 -84.12
C ILE G 835 79.05 4.81 -85.48
N HIS G 836 79.82 3.82 -85.92
CA HIS G 836 79.62 3.21 -87.23
C HIS G 836 78.42 2.26 -87.25
N THR G 837 77.74 2.20 -88.39
CA THR G 837 76.58 1.33 -88.57
C THR G 837 76.88 0.37 -89.73
N GLY G 838 76.31 -0.83 -89.66
CA GLY G 838 76.61 -1.88 -90.63
C GLY G 838 76.38 -1.53 -92.09
N HIS G 839 77.45 -1.67 -92.88
CA HIS G 839 77.44 -1.46 -94.33
C HIS G 839 76.87 -0.11 -94.75
N HIS G 840 76.12 -0.12 -95.85
CA HIS G 840 75.54 1.10 -96.42
C HIS G 840 74.07 1.29 -96.03
N SER G 841 73.55 0.36 -95.24
CA SER G 841 72.13 0.36 -94.89
C SER G 841 71.73 1.61 -94.11
N THR G 842 70.57 2.17 -94.47
CA THR G 842 70.06 3.39 -93.83
C THR G 842 69.38 3.06 -92.50
N ILE G 843 69.64 3.89 -91.49
CA ILE G 843 69.09 3.68 -90.17
C ILE G 843 67.63 4.13 -90.08
N GLN G 844 66.74 3.19 -89.77
CA GLN G 844 65.32 3.48 -89.65
C GLN G 844 64.96 4.07 -88.29
N TYR G 845 65.55 3.53 -87.23
CA TYR G 845 65.21 3.97 -85.87
C TYR G 845 66.40 3.80 -84.92
N CYS G 846 66.40 4.57 -83.84
CA CYS G 846 67.46 4.51 -82.85
C CYS G 846 66.94 4.76 -81.43
N ASP G 847 67.58 4.12 -80.45
CA ASP G 847 67.24 4.33 -79.06
C ASP G 847 68.46 4.06 -78.17
N PHE G 848 68.50 4.72 -77.02
CA PHE G 848 69.65 4.59 -76.12
C PHE G 848 69.22 4.20 -74.70
N SER G 849 69.99 3.31 -74.10
CA SER G 849 69.71 2.84 -72.74
C SER G 849 70.58 3.56 -71.72
N PRO G 850 69.96 4.08 -70.65
CA PRO G 850 70.68 4.80 -69.59
C PRO G 850 71.66 3.90 -68.84
N GLN G 851 71.35 2.61 -68.75
CA GLN G 851 72.24 1.66 -68.09
C GLN G 851 73.15 0.98 -69.10
N ASN G 852 74.41 0.77 -68.71
CA ASN G 852 75.41 0.07 -69.52
C ASN G 852 75.79 0.84 -70.80
N HIS G 853 75.13 1.97 -71.03
CA HIS G 853 75.38 2.81 -72.20
C HIS G 853 75.14 2.08 -73.51
N LEU G 854 74.27 1.06 -73.47
CA LEU G 854 73.92 0.30 -74.66
C LEU G 854 72.88 1.06 -75.49
N ALA G 855 72.86 0.78 -76.79
CA ALA G 855 71.91 1.44 -77.69
C ALA G 855 71.41 0.48 -78.76
N VAL G 856 70.10 0.50 -79.00
CA VAL G 856 69.51 -0.35 -80.04
C VAL G 856 69.18 0.45 -81.29
N VAL G 857 69.35 -0.18 -82.45
CA VAL G 857 69.12 0.47 -83.73
C VAL G 857 68.33 -0.42 -84.69
N ALA G 858 67.20 0.09 -85.18
CA ALA G 858 66.45 -0.59 -86.22
C ALA G 858 67.00 -0.14 -87.57
N LEU G 859 67.57 -1.08 -88.32
CA LEU G 859 68.32 -0.72 -89.53
C LEU G 859 67.59 -1.15 -90.80
N SER G 860 67.60 -2.45 -91.09
CA SER G 860 66.95 -2.96 -92.28
C SER G 860 66.46 -4.40 -92.09
N GLN G 861 65.29 -4.70 -92.68
CA GLN G 861 64.72 -6.05 -92.64
C GLN G 861 64.58 -6.60 -91.22
N TYR G 862 63.69 -6.00 -90.44
CA TYR G 862 63.35 -6.44 -89.08
C TYR G 862 64.56 -6.74 -88.21
N CYS G 863 65.63 -5.97 -88.39
CA CYS G 863 66.87 -6.21 -87.65
C CYS G 863 67.10 -5.14 -86.59
N VAL G 864 67.00 -5.53 -85.33
CA VAL G 864 67.31 -4.63 -84.22
C VAL G 864 68.68 -4.98 -83.67
N GLU G 865 69.65 -4.09 -83.91
CA GLU G 865 71.04 -4.35 -83.53
C GLU G 865 71.45 -3.57 -82.29
N LEU G 866 72.06 -4.28 -81.34
CA LEU G 866 72.50 -3.66 -80.09
C LEU G 866 73.99 -3.37 -80.12
N TRP G 867 74.33 -2.09 -80.00
CA TRP G 867 75.71 -1.62 -80.03
C TRP G 867 76.07 -0.91 -78.73
N ASN G 868 77.36 -0.82 -78.45
CA ASN G 868 77.84 -0.12 -77.25
C ASN G 868 78.57 1.15 -77.63
N THR G 869 78.46 2.17 -76.78
CA THR G 869 79.12 3.45 -77.03
C THR G 869 80.62 3.35 -76.74
N ASP G 870 81.41 4.11 -77.49
CA ASP G 870 82.87 4.11 -77.37
C ASP G 870 83.44 2.69 -77.52
N SER G 871 82.82 1.92 -78.42
CA SER G 871 83.20 0.53 -78.63
C SER G 871 83.48 0.25 -80.10
N ARG G 872 82.45 0.44 -80.93
CA ARG G 872 82.51 0.14 -82.36
C ARG G 872 82.73 -1.35 -82.61
N SER G 873 82.18 -2.16 -81.70
CA SER G 873 82.22 -3.61 -81.83
C SER G 873 80.81 -4.17 -81.65
N LYS G 874 80.50 -5.23 -82.38
CA LYS G 874 79.15 -5.79 -82.34
C LYS G 874 78.85 -6.44 -80.99
N VAL G 875 77.77 -6.00 -80.36
CA VAL G 875 77.39 -6.50 -79.06
C VAL G 875 76.29 -7.56 -79.18
N ALA G 876 75.12 -7.15 -79.65
CA ALA G 876 74.01 -8.10 -79.76
C ALA G 876 73.19 -7.90 -81.03
N ASP G 877 72.37 -8.90 -81.35
CA ASP G 877 71.48 -8.84 -82.50
C ASP G 877 70.14 -9.51 -82.18
N CYS G 878 69.05 -8.86 -82.56
CA CYS G 878 67.72 -9.36 -82.24
C CYS G 878 67.02 -9.97 -83.44
N ARG G 879 66.66 -11.24 -83.32
CA ARG G 879 65.94 -11.94 -84.39
C ARG G 879 64.75 -12.72 -83.84
N GLY G 880 63.90 -13.21 -84.73
CA GLY G 880 62.72 -13.95 -84.34
C GLY G 880 61.43 -13.17 -84.53
N HIS G 881 61.56 -11.95 -85.06
CA HIS G 881 60.39 -11.13 -85.34
C HIS G 881 59.63 -11.64 -86.56
N LEU G 882 58.32 -11.44 -86.53
CA LEU G 882 57.48 -11.66 -87.70
C LEU G 882 57.76 -10.60 -88.82
N SER G 883 57.98 -9.33 -88.45
CA SER G 883 58.21 -8.19 -89.40
C SER G 883 59.24 -7.08 -89.02
N TRP G 884 59.63 -6.21 -89.97
CA TRP G 884 60.62 -5.17 -89.70
C TRP G 884 60.07 -4.28 -88.60
N VAL G 885 60.91 -4.12 -87.58
CA VAL G 885 60.49 -3.47 -86.37
C VAL G 885 60.09 -2.05 -86.60
N HIS G 886 58.85 -1.78 -86.21
CA HIS G 886 58.36 -0.46 -86.31
C HIS G 886 59.13 0.33 -85.30
N GLY G 887 59.33 -0.27 -84.13
CA GLY G 887 60.11 0.44 -83.14
C GLY G 887 60.36 -0.36 -81.87
N VAL G 888 61.41 0.03 -81.14
CA VAL G 888 61.78 -0.67 -79.91
C VAL G 888 62.14 0.32 -78.80
N MET G 889 61.96 -0.10 -77.56
CA MET G 889 62.24 0.77 -76.41
C MET G 889 62.95 0.00 -75.31
N PHE G 890 63.45 0.70 -74.30
CA PHE G 890 64.06 0.07 -73.14
C PHE G 890 63.17 0.13 -71.91
N SER G 891 63.24 -0.91 -71.07
CA SER G 891 62.61 -0.84 -69.76
C SER G 891 63.63 -0.32 -68.77
N PRO G 892 63.42 0.89 -68.24
CA PRO G 892 64.47 1.49 -67.41
C PRO G 892 64.60 0.88 -66.02
N ASP G 893 64.63 -0.44 -65.96
CA ASP G 893 65.09 -1.16 -64.78
C ASP G 893 66.53 -1.60 -65.01
N GLY G 894 67.01 -1.35 -66.22
CA GLY G 894 68.33 -1.79 -66.64
C GLY G 894 68.35 -3.26 -67.05
N SER G 895 67.28 -3.98 -66.73
CA SER G 895 67.22 -5.41 -66.93
C SER G 895 66.87 -5.83 -68.36
N SER G 896 65.88 -5.18 -68.97
CA SER G 896 65.36 -5.65 -70.24
C SER G 896 64.79 -4.55 -71.14
N PHE G 897 64.30 -4.95 -72.32
CA PHE G 897 63.74 -3.99 -73.27
C PHE G 897 62.52 -4.56 -73.99
N LEU G 898 61.75 -3.67 -74.63
CA LEU G 898 60.54 -4.07 -75.33
C LEU G 898 60.68 -3.87 -76.84
N THR G 899 60.03 -4.75 -77.60
CA THR G 899 60.05 -4.68 -79.06
C THR G 899 58.65 -4.61 -79.64
N SER G 900 58.48 -3.79 -80.66
CA SER G 900 57.20 -3.62 -81.34
C SER G 900 57.37 -3.59 -82.86
N SER G 901 56.59 -4.41 -83.55
CA SER G 901 56.74 -4.58 -84.99
C SER G 901 55.41 -4.46 -85.72
N ASP G 902 55.43 -4.74 -87.02
CA ASP G 902 54.21 -4.72 -87.84
C ASP G 902 53.48 -6.05 -87.72
N ASP G 903 53.99 -6.93 -86.86
CA ASP G 903 53.38 -8.23 -86.62
C ASP G 903 52.25 -8.10 -85.60
N GLN G 904 51.98 -6.85 -85.22
CA GLN G 904 50.85 -6.49 -84.37
C GLN G 904 50.99 -7.04 -82.96
N THR G 905 52.23 -7.27 -82.52
CA THR G 905 52.46 -7.90 -81.22
C THR G 905 53.56 -7.20 -80.43
N ILE G 906 53.29 -6.92 -79.17
CA ILE G 906 54.28 -6.30 -78.29
C ILE G 906 55.03 -7.39 -77.52
N ARG G 907 56.36 -7.34 -77.56
CA ARG G 907 57.16 -8.36 -76.91
C ARG G 907 58.13 -7.80 -75.87
N LEU G 908 58.44 -8.63 -74.89
CA LEU G 908 59.43 -8.32 -73.86
C LEU G 908 60.65 -9.23 -74.02
N TRP G 909 61.80 -8.61 -74.21
CA TRP G 909 63.06 -9.32 -74.45
C TRP G 909 64.12 -8.94 -73.41
N GLU G 910 64.99 -9.88 -73.09
CA GLU G 910 66.08 -9.64 -72.13
C GLU G 910 67.34 -9.16 -72.83
N THR G 911 68.03 -8.21 -72.19
CA THR G 911 69.24 -7.62 -72.78
C THR G 911 70.40 -8.61 -72.82
N LYS G 912 70.69 -9.25 -71.70
CA LYS G 912 71.84 -10.13 -71.60
C LYS G 912 71.63 -11.48 -72.28
N LYS G 913 70.36 -11.88 -72.41
CA LYS G 913 70.03 -13.19 -72.98
C LYS G 913 70.14 -13.19 -74.51
N VAL G 914 69.66 -12.12 -75.14
CA VAL G 914 69.71 -12.00 -76.59
C VAL G 914 71.15 -11.78 -77.05
N CYS G 915 71.99 -11.26 -76.16
CA CYS G 915 73.39 -10.97 -76.45
C CYS G 915 74.14 -12.17 -77.03
N LYS G 916 73.79 -13.37 -76.59
CA LYS G 916 74.41 -14.58 -77.09
C LYS G 916 73.82 -14.99 -78.43
N ASN G 917 74.67 -15.10 -79.45
CA ASN G 917 74.22 -15.47 -80.79
C ASN G 917 74.96 -16.69 -81.34
N SER G 918 74.20 -17.59 -81.96
CA SER G 918 74.78 -18.81 -82.52
C SER G 918 75.20 -18.63 -83.98
N ALA G 919 74.85 -17.49 -84.55
CA ALA G 919 75.19 -17.16 -85.94
C ALA G 919 74.68 -18.21 -86.92
N VAL G 920 73.40 -18.57 -86.80
CA VAL G 920 72.78 -19.55 -87.68
C VAL G 920 72.09 -18.87 -88.86
N MET G 921 72.25 -17.56 -88.94
CA MET G 921 71.57 -16.73 -89.94
C MET G 921 71.79 -17.20 -91.38
N LEU G 922 70.68 -17.27 -92.13
CA LEU G 922 70.71 -17.66 -93.54
C LEU G 922 69.94 -16.59 -94.32
N LYS G 923 70.51 -16.08 -95.41
CA LYS G 923 69.90 -14.91 -96.03
C LYS G 923 68.74 -15.22 -96.98
N GLN G 924 69.06 -15.59 -98.22
CA GLN G 924 68.01 -15.83 -99.22
C GLN G 924 67.74 -17.29 -99.56
N GLU G 925 68.54 -18.21 -99.04
CA GLU G 925 68.52 -19.56 -99.61
C GLU G 925 68.95 -20.68 -98.66
N VAL G 926 68.36 -21.85 -98.85
CA VAL G 926 68.86 -23.09 -98.27
C VAL G 926 69.02 -24.13 -99.38
N ASP G 927 69.97 -25.04 -99.24
CA ASP G 927 70.24 -26.03 -100.27
C ASP G 927 70.13 -27.46 -99.75
N VAL G 928 69.24 -28.23 -100.35
CA VAL G 928 69.06 -29.63 -99.96
C VAL G 928 70.09 -30.53 -100.63
N VAL G 929 70.50 -31.57 -99.92
CA VAL G 929 71.44 -32.54 -100.45
C VAL G 929 70.80 -33.93 -100.40
N PHE G 930 71.07 -34.76 -101.41
CA PHE G 930 70.47 -36.10 -101.46
C PHE G 930 71.52 -37.20 -101.42
N GLN G 931 71.56 -37.95 -100.33
CA GLN G 931 72.40 -39.13 -100.23
C GLN G 931 71.51 -40.37 -100.19
N GLU G 932 71.49 -41.12 -101.28
CA GLU G 932 70.53 -42.21 -101.45
C GLU G 932 69.12 -41.74 -101.10
N ASN G 933 68.48 -42.43 -100.16
CA ASN G 933 67.17 -42.03 -99.66
C ASN G 933 67.28 -40.91 -98.63
N GLU G 934 68.34 -40.95 -97.83
CA GLU G 934 68.56 -39.98 -96.76
C GLU G 934 68.85 -38.58 -97.30
N VAL G 935 68.39 -37.57 -96.56
CA VAL G 935 68.60 -36.18 -96.95
C VAL G 935 69.65 -35.51 -96.06
N MET G 936 70.47 -34.65 -96.66
CA MET G 936 71.50 -33.91 -95.93
C MET G 936 71.27 -32.41 -96.11
N VAL G 937 71.85 -31.61 -95.21
CA VAL G 937 71.59 -30.18 -95.23
C VAL G 937 72.82 -29.37 -95.64
N LEU G 938 72.64 -28.50 -96.63
CA LEU G 938 73.68 -27.55 -97.04
C LEU G 938 73.17 -26.13 -96.90
N ALA G 939 73.75 -25.37 -95.96
CA ALA G 939 73.30 -24.02 -95.69
C ALA G 939 74.30 -22.98 -96.21
N VAL G 940 73.78 -21.82 -96.64
CA VAL G 940 74.65 -20.74 -97.06
C VAL G 940 74.89 -19.77 -95.91
N ASP G 941 76.13 -19.76 -95.41
CA ASP G 941 76.47 -19.01 -94.22
C ASP G 941 76.33 -17.50 -94.40
N HIS G 942 75.90 -16.84 -93.33
CA HIS G 942 75.74 -15.38 -93.34
C HIS G 942 77.09 -14.67 -93.46
N ILE G 943 78.03 -15.06 -92.61
CA ILE G 943 79.32 -14.37 -92.52
C ILE G 943 80.16 -14.45 -93.79
N ARG G 944 80.51 -15.66 -94.22
CA ARG G 944 81.42 -15.81 -95.35
C ARG G 944 80.87 -16.63 -96.52
N ARG G 945 80.86 -17.96 -96.38
CA ARG G 945 80.40 -18.80 -97.49
C ARG G 945 79.26 -19.74 -97.13
N LEU G 946 79.58 -20.83 -96.43
CA LEU G 946 78.55 -21.84 -96.18
C LEU G 946 78.83 -22.72 -94.96
N GLN G 947 77.78 -23.39 -94.50
CA GLN G 947 77.87 -24.34 -93.40
C GLN G 947 77.24 -25.67 -93.81
N LEU G 948 77.98 -26.76 -93.65
CA LEU G 948 77.51 -28.07 -94.02
C LEU G 948 76.95 -28.82 -92.81
N ILE G 949 75.65 -29.13 -92.84
CA ILE G 949 75.00 -29.83 -91.75
C ILE G 949 74.63 -31.26 -92.15
N ASN G 950 75.25 -32.23 -91.48
CA ASN G 950 74.99 -33.64 -91.73
C ASN G 950 73.66 -34.04 -91.11
N GLY G 951 72.97 -34.98 -91.76
CA GLY G 951 71.66 -35.40 -91.32
C GLY G 951 71.64 -36.27 -90.07
N ARG G 952 70.65 -36.03 -89.22
CA ARG G 952 70.42 -36.82 -88.01
C ARG G 952 71.61 -36.84 -87.06
N THR G 953 72.43 -35.79 -87.12
CA THR G 953 73.58 -35.66 -86.22
C THR G 953 74.00 -34.20 -86.08
N GLY G 954 74.79 -33.92 -85.05
CA GLY G 954 75.23 -32.56 -84.78
C GLY G 954 76.54 -32.19 -85.46
N GLN G 955 76.89 -32.94 -86.51
CA GLN G 955 78.12 -32.68 -87.25
C GLN G 955 77.96 -31.48 -88.16
N ILE G 956 78.84 -30.48 -87.99
CA ILE G 956 78.79 -29.27 -88.78
C ILE G 956 80.17 -28.90 -89.31
N ASP G 957 80.29 -28.77 -90.63
CA ASP G 957 81.55 -28.39 -91.25
C ASP G 957 81.46 -26.99 -91.84
N TYR G 958 82.17 -26.04 -91.24
CA TYR G 958 82.11 -24.64 -91.66
C TYR G 958 83.10 -24.34 -92.78
N LEU G 959 82.58 -23.85 -93.91
CA LEU G 959 83.41 -23.49 -95.04
C LEU G 959 83.38 -21.98 -95.29
N THR G 960 84.56 -21.37 -95.27
CA THR G 960 84.69 -19.92 -95.38
C THR G 960 85.41 -19.47 -96.67
N GLU G 961 84.71 -18.62 -97.43
CA GLU G 961 85.24 -18.01 -98.64
C GLU G 961 84.65 -16.62 -98.82
N ALA G 962 84.87 -16.03 -100.00
CA ALA G 962 84.31 -14.72 -100.31
C ALA G 962 82.79 -14.78 -100.36
N GLN G 963 82.15 -13.63 -100.16
CA GLN G 963 80.70 -13.54 -100.13
C GLN G 963 80.06 -14.03 -101.43
N VAL G 964 78.88 -14.64 -101.31
CA VAL G 964 78.18 -15.19 -102.47
C VAL G 964 76.79 -14.58 -102.61
N SER G 965 76.40 -14.30 -103.86
CA SER G 965 75.07 -13.77 -104.13
C SER G 965 74.04 -14.91 -104.15
N CYS G 966 74.41 -16.03 -104.76
CA CYS G 966 73.53 -17.18 -104.85
C CYS G 966 74.32 -18.48 -104.97
N CYS G 967 73.70 -19.59 -104.59
CA CYS G 967 74.35 -20.89 -104.65
C CYS G 967 73.45 -21.94 -105.29
N CYS G 968 74.06 -22.86 -106.04
CA CYS G 968 73.32 -23.92 -106.71
C CYS G 968 74.09 -25.24 -106.69
N LEU G 969 73.38 -26.33 -106.40
CA LEU G 969 73.97 -27.65 -106.32
C LEU G 969 73.82 -28.41 -107.63
N SER G 970 74.86 -29.13 -108.01
CA SER G 970 74.89 -29.85 -109.28
C SER G 970 74.31 -31.27 -109.15
N PRO G 971 73.70 -31.78 -110.24
CA PRO G 971 73.26 -33.17 -110.29
C PRO G 971 74.45 -34.11 -110.28
N HIS G 972 74.27 -35.33 -109.77
CA HIS G 972 75.35 -36.31 -109.59
C HIS G 972 76.34 -35.85 -108.53
N LEU G 973 76.09 -34.66 -107.97
CA LEU G 973 76.92 -34.03 -106.96
C LEU G 973 78.36 -33.85 -107.42
N GLN G 974 79.29 -34.05 -106.49
CA GLN G 974 80.73 -33.94 -106.73
C GLN G 974 81.18 -32.52 -107.10
N TYR G 975 80.21 -31.64 -107.38
CA TYR G 975 80.48 -30.27 -107.83
C TYR G 975 79.50 -29.29 -107.18
N ILE G 976 79.82 -27.99 -107.29
CA ILE G 976 78.90 -26.95 -106.86
C ILE G 976 79.10 -25.70 -107.73
N ALA G 977 78.00 -25.01 -108.02
CA ALA G 977 78.08 -23.82 -108.88
C ALA G 977 77.35 -22.66 -108.23
N PHE G 978 78.09 -21.59 -107.92
CA PHE G 978 77.50 -20.46 -107.20
C PHE G 978 77.87 -19.12 -107.83
N GLY G 979 76.87 -18.25 -107.93
CA GLY G 979 77.09 -16.89 -108.40
C GLY G 979 77.45 -15.95 -107.26
N ASP G 980 78.25 -14.94 -107.56
CA ASP G 980 78.70 -14.00 -106.54
C ASP G 980 78.18 -12.59 -106.81
N GLU G 981 78.53 -11.66 -105.93
CA GLU G 981 78.16 -10.26 -106.11
C GLU G 981 79.22 -9.54 -106.93
N ASN G 982 80.31 -10.24 -107.21
CA ASN G 982 81.38 -9.68 -108.03
C ASN G 982 81.10 -9.85 -109.51
N GLY G 983 80.02 -10.55 -109.83
CA GLY G 983 79.61 -10.74 -111.21
C GLY G 983 79.83 -12.15 -111.73
N ALA G 984 79.20 -12.43 -112.87
CA ALA G 984 79.31 -13.71 -113.58
C ALA G 984 78.95 -14.91 -112.69
N ILE G 985 79.72 -15.99 -112.86
CA ILE G 985 79.43 -17.26 -112.18
C ILE G 985 80.73 -17.95 -111.76
N GLU G 986 80.76 -18.48 -110.54
CA GLU G 986 81.92 -19.23 -110.09
C GLU G 986 81.59 -20.70 -109.85
N ILE G 987 82.34 -21.58 -110.51
CA ILE G 987 82.14 -23.01 -110.37
C ILE G 987 83.27 -23.63 -109.55
N LEU G 988 82.91 -24.38 -108.51
CA LEU G 988 83.90 -24.96 -107.61
C LEU G 988 83.65 -26.46 -107.42
N GLU G 989 84.73 -27.22 -107.21
CA GLU G 989 84.63 -28.66 -107.02
C GLU G 989 84.61 -29.03 -105.54
N LEU G 990 83.66 -29.87 -105.16
CA LEU G 990 83.48 -30.27 -103.77
C LEU G 990 84.70 -31.05 -103.24
N VAL G 991 85.42 -31.69 -104.15
CA VAL G 991 86.60 -32.46 -103.77
C VAL G 991 87.74 -31.53 -103.34
N ASN G 992 88.06 -30.55 -104.19
CA ASN G 992 89.09 -29.57 -103.88
C ASN G 992 88.57 -28.14 -104.03
N ASN G 993 88.60 -27.38 -102.94
CA ASN G 993 88.12 -26.00 -102.94
C ASN G 993 89.09 -25.04 -103.60
N ARG G 994 90.33 -25.49 -103.78
CA ARG G 994 91.36 -24.65 -104.39
C ARG G 994 91.20 -24.56 -105.91
N ILE G 995 90.48 -25.54 -106.47
CA ILE G 995 90.25 -25.58 -107.90
C ILE G 995 88.89 -24.97 -108.25
N PHE G 996 88.90 -23.91 -109.05
CA PHE G 996 87.67 -23.23 -109.45
C PHE G 996 87.77 -22.66 -110.85
N GLN G 997 86.63 -22.55 -111.52
CA GLN G 997 86.58 -22.02 -112.88
C GLN G 997 85.52 -20.93 -113.00
N SER G 998 85.87 -19.83 -113.67
CA SER G 998 84.95 -18.73 -113.87
C SER G 998 85.29 -17.95 -115.15
N ARG G 999 84.26 -17.39 -115.78
CA ARG G 999 84.44 -16.57 -116.98
C ARG G 999 83.54 -15.34 -116.92
N PHE G 1000 84.01 -14.22 -117.43
CA PHE G 1000 83.28 -12.97 -117.32
C PHE G 1000 82.39 -12.71 -118.54
N GLN G 1001 81.09 -12.78 -118.32
CA GLN G 1001 80.10 -12.48 -119.36
C GLN G 1001 78.78 -12.06 -118.70
N HIS G 1002 77.98 -11.28 -119.42
CA HIS G 1002 76.68 -10.83 -118.92
C HIS G 1002 76.81 -10.07 -117.61
N LYS G 1003 77.31 -8.84 -117.69
CA LYS G 1003 77.60 -8.00 -116.53
C LYS G 1003 76.42 -7.87 -115.56
N LYS G 1004 75.20 -8.01 -116.06
CA LYS G 1004 74.01 -7.92 -115.23
C LYS G 1004 73.96 -9.06 -114.22
N THR G 1005 73.18 -8.86 -113.15
CA THR G 1005 73.09 -9.82 -112.06
C THR G 1005 72.59 -11.19 -112.53
N VAL G 1006 73.35 -12.24 -112.20
CA VAL G 1006 72.99 -13.60 -112.58
C VAL G 1006 71.97 -14.17 -111.60
N TRP G 1007 70.88 -14.73 -112.14
CA TRP G 1007 69.81 -15.26 -111.31
C TRP G 1007 69.82 -16.79 -111.25
N HIS G 1008 69.54 -17.42 -112.39
CA HIS G 1008 69.43 -18.88 -112.42
C HIS G 1008 70.63 -19.53 -113.11
N ILE G 1009 71.15 -20.58 -112.51
CA ILE G 1009 72.32 -21.29 -113.01
C ILE G 1009 72.05 -22.79 -113.04
N GLN G 1010 72.13 -23.42 -114.20
CA GLN G 1010 71.84 -24.85 -114.26
C GLN G 1010 72.72 -25.63 -115.25
N PHE G 1011 73.23 -26.77 -114.79
CA PHE G 1011 73.91 -27.73 -115.65
C PHE G 1011 72.90 -28.55 -116.45
N THR G 1012 73.37 -29.17 -117.52
CA THR G 1012 72.53 -30.08 -118.31
C THR G 1012 72.38 -31.42 -117.60
N ALA G 1013 71.80 -32.39 -118.30
CA ALA G 1013 71.63 -33.73 -117.76
C ALA G 1013 72.95 -34.34 -117.31
N ASP G 1014 74.02 -33.98 -118.02
CA ASP G 1014 75.36 -34.43 -117.65
C ASP G 1014 76.03 -33.40 -116.74
N GLU G 1015 77.32 -33.59 -116.48
CA GLU G 1015 78.07 -32.68 -115.62
C GLU G 1015 78.70 -31.55 -116.41
N LYS G 1016 78.44 -31.52 -117.71
CA LYS G 1016 79.04 -30.52 -118.60
C LYS G 1016 77.99 -29.58 -119.19
N THR G 1017 78.43 -28.69 -120.07
CA THR G 1017 77.56 -27.76 -120.78
C THR G 1017 76.78 -26.87 -119.81
N LEU G 1018 77.48 -25.93 -119.19
CA LEU G 1018 76.85 -24.96 -118.30
C LEU G 1018 75.83 -24.10 -119.02
N ILE G 1019 74.61 -24.04 -118.46
CA ILE G 1019 73.58 -23.15 -118.98
C ILE G 1019 73.27 -22.06 -117.95
N SER G 1020 73.49 -20.81 -118.34
CA SER G 1020 73.31 -19.70 -117.42
C SER G 1020 72.60 -18.52 -118.09
N SER G 1021 71.84 -17.77 -117.29
CA SER G 1021 71.11 -16.62 -117.79
C SER G 1021 71.21 -15.44 -116.81
N SER G 1022 70.82 -14.27 -117.29
CA SER G 1022 70.84 -13.04 -116.50
C SER G 1022 69.72 -12.14 -116.98
N ASP G 1023 69.73 -10.88 -116.56
CA ASP G 1023 68.75 -9.94 -117.07
C ASP G 1023 69.35 -9.24 -118.29
N ASP G 1024 68.85 -9.61 -119.46
CA ASP G 1024 69.41 -9.22 -120.75
C ASP G 1024 68.68 -9.92 -121.89
N ALA G 1025 69.06 -9.60 -123.12
CA ALA G 1025 68.45 -10.22 -124.29
C ALA G 1025 69.19 -11.48 -124.72
N GLU G 1026 70.20 -11.89 -123.95
CA GLU G 1026 71.02 -13.04 -124.32
C GLU G 1026 71.16 -14.05 -123.18
N ILE G 1027 71.12 -15.33 -123.53
CA ILE G 1027 71.33 -16.41 -122.57
C ILE G 1027 72.59 -17.19 -122.96
N GLN G 1028 73.46 -17.44 -121.98
CA GLN G 1028 74.74 -18.05 -122.30
C GLN G 1028 74.77 -19.57 -122.07
N VAL G 1029 75.34 -20.28 -123.04
CA VAL G 1029 75.64 -21.69 -122.92
C VAL G 1029 77.14 -21.88 -123.12
N TRP G 1030 77.83 -22.30 -122.06
CA TRP G 1030 79.28 -22.35 -122.08
C TRP G 1030 79.83 -23.68 -121.58
N ASN G 1031 80.81 -24.22 -122.31
CA ASN G 1031 81.41 -25.51 -122.00
C ASN G 1031 82.77 -25.37 -121.33
N TRP G 1032 82.94 -26.05 -120.19
CA TRP G 1032 84.15 -25.96 -119.38
C TRP G 1032 85.01 -27.22 -119.54
N GLN G 1033 86.33 -27.06 -119.39
CA GLN G 1033 87.35 -28.06 -119.74
C GLN G 1033 87.48 -28.06 -121.26
N LEU G 1034 86.65 -27.22 -121.86
CA LEU G 1034 86.51 -27.03 -123.29
C LEU G 1034 86.78 -25.56 -123.59
N ASP G 1035 86.06 -24.70 -122.87
CA ASP G 1035 86.04 -23.25 -123.07
C ASP G 1035 85.32 -22.92 -124.35
N LYS G 1036 84.24 -23.64 -124.61
CA LYS G 1036 83.39 -23.35 -125.77
C LYS G 1036 82.33 -22.31 -125.43
N CYS G 1037 82.36 -21.19 -126.13
CA CYS G 1037 81.44 -20.10 -125.89
C CYS G 1037 80.31 -20.10 -126.91
N ILE G 1038 79.08 -20.39 -126.45
CA ILE G 1038 77.93 -20.40 -127.34
C ILE G 1038 76.82 -19.49 -126.79
N PHE G 1039 76.53 -18.41 -127.51
CA PHE G 1039 75.54 -17.45 -127.06
C PHE G 1039 74.20 -17.64 -127.78
N LEU G 1040 73.12 -17.64 -127.00
CA LEU G 1040 71.78 -17.83 -127.53
C LEU G 1040 70.96 -16.54 -127.38
N ARG G 1041 70.66 -15.89 -128.50
CA ARG G 1041 69.91 -14.64 -128.48
C ARG G 1041 68.42 -14.87 -128.69
N GLY G 1042 67.61 -14.32 -127.80
CA GLY G 1042 66.17 -14.42 -127.90
C GLY G 1042 65.57 -13.19 -128.56
N HIS G 1043 66.38 -12.14 -128.68
CA HIS G 1043 65.98 -10.88 -129.29
C HIS G 1043 64.72 -10.31 -128.64
N GLN G 1044 64.84 -9.95 -127.36
CA GLN G 1044 63.72 -9.37 -126.61
C GLN G 1044 64.22 -8.26 -125.70
N GLU G 1045 63.31 -7.72 -124.89
CA GLU G 1045 63.67 -6.69 -123.93
C GLU G 1045 64.50 -7.27 -122.80
N THR G 1046 64.01 -8.36 -122.21
CA THR G 1046 64.72 -9.02 -121.12
C THR G 1046 64.28 -10.48 -120.98
N VAL G 1047 65.11 -11.27 -120.28
CA VAL G 1047 64.78 -12.67 -120.04
C VAL G 1047 64.89 -12.98 -118.55
N LYS G 1048 63.89 -13.65 -118.00
CA LYS G 1048 63.86 -13.93 -116.58
C LYS G 1048 64.69 -15.16 -116.20
N ASP G 1049 64.17 -16.34 -116.50
CA ASP G 1049 64.77 -17.61 -116.05
C ASP G 1049 64.51 -18.76 -117.03
N PHE G 1050 64.93 -19.95 -116.62
CA PHE G 1050 64.70 -21.16 -117.40
C PHE G 1050 64.60 -22.41 -116.53
N ARG G 1051 64.32 -23.54 -117.17
CA ARG G 1051 64.27 -24.83 -116.48
C ARG G 1051 64.53 -25.96 -117.47
N LEU G 1052 65.02 -27.08 -116.96
CA LEU G 1052 65.28 -28.26 -117.80
C LEU G 1052 64.19 -29.30 -117.60
N LEU G 1053 63.62 -29.77 -118.72
CA LEU G 1053 62.57 -30.77 -118.69
C LEU G 1053 63.17 -32.18 -118.71
N LYS G 1054 62.32 -33.18 -118.89
CA LYS G 1054 62.75 -34.57 -118.95
C LYS G 1054 63.55 -34.86 -120.23
N ASN G 1055 63.53 -33.91 -121.14
CA ASN G 1055 64.28 -34.05 -122.40
C ASN G 1055 65.42 -33.04 -122.48
N SER G 1056 66.11 -33.03 -123.61
CA SER G 1056 67.24 -32.13 -123.81
C SER G 1056 66.79 -30.69 -124.08
N ARG G 1057 65.49 -30.50 -124.25
CA ARG G 1057 64.94 -29.18 -124.50
C ARG G 1057 65.04 -28.29 -123.27
N LEU G 1058 65.15 -26.98 -123.50
CA LEU G 1058 65.29 -26.02 -122.41
C LEU G 1058 64.10 -25.06 -122.38
N LEU G 1059 63.28 -25.16 -121.34
CA LEU G 1059 62.05 -24.37 -121.27
C LEU G 1059 62.28 -23.07 -120.49
N SER G 1060 62.24 -21.94 -121.18
CA SER G 1060 62.61 -20.66 -120.57
C SER G 1060 61.48 -19.64 -120.61
N TRP G 1061 61.47 -18.74 -119.62
CA TRP G 1061 60.46 -17.69 -119.52
C TRP G 1061 61.06 -16.33 -119.21
N SER G 1062 60.35 -15.27 -119.58
CA SER G 1062 60.82 -13.91 -119.40
C SER G 1062 59.75 -12.98 -118.84
N PHE G 1063 60.07 -11.69 -118.74
CA PHE G 1063 59.13 -10.69 -118.26
C PHE G 1063 58.15 -10.26 -119.35
N ASP G 1064 58.47 -10.58 -120.59
CA ASP G 1064 57.65 -10.15 -121.73
C ASP G 1064 56.54 -11.15 -122.02
N GLY G 1065 56.47 -12.20 -121.21
CA GLY G 1065 55.45 -13.22 -121.38
C GLY G 1065 55.76 -14.15 -122.54
N THR G 1066 57.05 -14.22 -122.90
CA THR G 1066 57.49 -15.07 -124.00
C THR G 1066 58.12 -16.35 -123.49
N VAL G 1067 57.44 -17.47 -123.71
CA VAL G 1067 57.94 -18.77 -123.30
C VAL G 1067 58.62 -19.46 -124.48
N LYS G 1068 59.91 -19.74 -124.34
CA LYS G 1068 60.69 -20.29 -125.44
C LYS G 1068 61.26 -21.67 -125.14
N VAL G 1069 61.39 -22.49 -126.18
CA VAL G 1069 62.01 -23.80 -126.04
C VAL G 1069 63.31 -23.85 -126.83
N TRP G 1070 64.43 -23.93 -126.10
CA TRP G 1070 65.75 -23.91 -126.73
C TRP G 1070 66.39 -25.30 -126.74
N ASN G 1071 67.59 -25.38 -127.30
CA ASN G 1071 68.34 -26.63 -127.34
C ASN G 1071 69.81 -26.40 -126.97
N ILE G 1072 70.52 -27.48 -126.70
CA ILE G 1072 71.91 -27.38 -126.28
C ILE G 1072 72.87 -27.21 -127.47
N ILE G 1073 73.87 -26.37 -127.28
CA ILE G 1073 75.00 -26.17 -128.20
C ILE G 1073 74.56 -25.38 -129.46
N THR G 1074 73.26 -25.32 -129.71
CA THR G 1074 72.74 -24.56 -130.84
C THR G 1074 71.43 -23.87 -130.49
N GLY G 1075 71.35 -22.57 -130.80
CA GLY G 1075 70.13 -21.82 -130.59
C GLY G 1075 69.02 -22.25 -131.52
N ASN G 1076 67.88 -22.65 -130.95
CA ASN G 1076 66.74 -23.10 -131.73
C ASN G 1076 65.41 -22.73 -131.05
N LYS G 1077 64.42 -22.36 -131.86
CA LYS G 1077 63.09 -22.10 -131.34
C LYS G 1077 62.06 -23.04 -131.97
N GLU G 1078 61.53 -23.96 -131.17
CA GLU G 1078 60.51 -24.88 -131.67
C GLU G 1078 59.14 -24.23 -131.75
N LYS G 1079 58.75 -23.56 -130.66
CA LYS G 1079 57.46 -22.91 -130.56
C LYS G 1079 57.54 -21.66 -129.68
N ASP G 1080 56.54 -20.80 -129.80
CA ASP G 1080 56.46 -19.59 -128.98
C ASP G 1080 55.09 -19.50 -128.31
N PHE G 1081 55.07 -19.56 -126.98
CA PHE G 1081 53.82 -19.52 -126.23
C PHE G 1081 53.68 -18.24 -125.40
N VAL G 1082 52.75 -17.39 -125.79
CA VAL G 1082 52.42 -16.21 -125.01
C VAL G 1082 50.99 -16.29 -124.47
N CYS G 1083 50.87 -16.49 -123.16
CA CYS G 1083 49.55 -16.60 -122.55
C CYS G 1083 48.87 -15.25 -122.39
N HIS G 1084 49.60 -14.29 -121.82
CA HIS G 1084 49.07 -12.96 -121.58
C HIS G 1084 50.19 -11.91 -121.62
N GLN G 1085 49.84 -10.69 -121.23
CA GLN G 1085 50.81 -9.60 -121.16
C GLN G 1085 51.33 -9.44 -119.73
N GLY G 1086 52.62 -9.14 -119.60
CA GLY G 1086 53.24 -8.96 -118.31
C GLY G 1086 54.12 -10.13 -117.91
N THR G 1087 54.67 -10.07 -116.70
CA THR G 1087 55.59 -11.08 -116.21
C THR G 1087 54.90 -12.42 -115.95
N VAL G 1088 55.45 -13.49 -116.53
CA VAL G 1088 54.94 -14.83 -116.35
C VAL G 1088 55.83 -15.59 -115.35
N LEU G 1089 55.21 -16.23 -114.36
CA LEU G 1089 55.96 -16.90 -113.31
C LEU G 1089 56.21 -18.37 -113.60
N SER G 1090 57.47 -18.70 -113.85
CA SER G 1090 57.94 -20.07 -114.07
C SER G 1090 57.14 -20.85 -115.10
N CYS G 1091 56.94 -22.13 -114.83
CA CYS G 1091 56.20 -23.04 -115.70
C CYS G 1091 55.57 -24.15 -114.88
N ASP G 1092 54.43 -24.66 -115.34
CA ASP G 1092 53.73 -25.73 -114.63
C ASP G 1092 53.43 -26.91 -115.55
N ILE G 1093 54.05 -28.05 -115.25
CA ILE G 1093 53.88 -29.26 -116.05
C ILE G 1093 53.12 -30.34 -115.27
N SER G 1094 52.43 -31.21 -116.01
CA SER G 1094 51.64 -32.27 -115.40
C SER G 1094 52.50 -33.38 -114.82
N HIS G 1095 53.77 -33.41 -115.20
CA HIS G 1095 54.75 -34.40 -114.74
C HIS G 1095 54.45 -35.82 -115.24
N ASP G 1096 53.28 -36.01 -115.84
CA ASP G 1096 52.90 -37.30 -116.39
C ASP G 1096 53.54 -37.51 -117.76
N ALA G 1097 53.85 -36.40 -118.43
CA ALA G 1097 54.40 -36.41 -119.78
C ALA G 1097 54.73 -34.98 -120.21
N THR G 1098 55.37 -34.86 -121.37
CA THR G 1098 55.76 -33.55 -121.89
C THR G 1098 54.64 -32.92 -122.72
N LYS G 1099 53.60 -33.70 -123.00
CA LYS G 1099 52.46 -33.24 -123.79
C LYS G 1099 51.80 -32.01 -123.17
N PHE G 1100 51.16 -32.21 -122.01
CA PHE G 1100 50.48 -31.12 -121.32
C PHE G 1100 51.46 -30.21 -120.61
N SER G 1101 51.37 -28.91 -120.89
CA SER G 1101 52.24 -27.93 -120.25
C SER G 1101 51.51 -26.61 -120.02
N SER G 1102 51.77 -25.97 -118.89
CA SER G 1102 51.14 -24.69 -118.57
C SER G 1102 52.09 -23.77 -117.82
N THR G 1103 51.62 -22.56 -117.53
CA THR G 1103 52.41 -21.58 -116.79
C THR G 1103 51.50 -20.53 -116.16
N SER G 1104 52.03 -19.78 -115.20
CA SER G 1104 51.25 -18.75 -114.53
C SER G 1104 51.54 -17.36 -115.09
N ALA G 1105 50.55 -16.79 -115.78
CA ALA G 1105 50.69 -15.49 -116.42
C ALA G 1105 50.22 -14.37 -115.50
N ASP G 1106 49.88 -14.74 -114.26
CA ASP G 1106 49.40 -13.82 -113.23
C ASP G 1106 48.06 -13.19 -113.62
N LYS G 1107 47.33 -13.87 -114.50
CA LYS G 1107 45.98 -13.45 -114.86
C LYS G 1107 45.01 -14.63 -114.82
N THR G 1108 45.20 -15.56 -115.75
CA THR G 1108 44.37 -16.76 -115.82
C THR G 1108 45.25 -18.01 -115.88
N ALA G 1109 44.63 -19.18 -115.93
CA ALA G 1109 45.39 -20.42 -116.02
C ALA G 1109 45.17 -21.11 -117.36
N LYS G 1110 46.20 -21.09 -118.20
CA LYS G 1110 46.07 -21.62 -119.56
C LYS G 1110 47.01 -22.80 -119.82
N ILE G 1111 46.48 -23.85 -120.43
CA ILE G 1111 47.27 -25.05 -120.70
C ILE G 1111 47.31 -25.38 -122.20
N TRP G 1112 48.48 -25.83 -122.66
CA TRP G 1112 48.68 -26.22 -124.05
C TRP G 1112 49.26 -27.64 -124.17
N SER G 1113 48.77 -28.38 -125.15
CA SER G 1113 49.19 -29.76 -125.40
C SER G 1113 50.30 -29.86 -126.45
N PHE G 1114 50.83 -28.72 -126.86
CA PHE G 1114 51.75 -28.62 -128.00
C PHE G 1114 51.06 -28.97 -129.31
N ASP G 1115 49.75 -28.76 -129.36
CA ASP G 1115 48.98 -29.00 -130.57
C ASP G 1115 48.83 -27.73 -131.39
N LEU G 1116 49.36 -26.63 -130.86
CA LEU G 1116 49.29 -25.33 -131.53
C LEU G 1116 50.35 -24.40 -130.94
N LEU G 1117 50.47 -23.20 -131.49
CA LEU G 1117 51.43 -22.22 -130.99
C LEU G 1117 50.84 -21.43 -129.82
N LEU G 1118 49.52 -21.54 -129.66
CA LEU G 1118 48.82 -20.86 -128.57
C LEU G 1118 48.19 -21.88 -127.63
N PRO G 1119 48.08 -21.52 -126.33
CA PRO G 1119 47.47 -22.41 -125.33
C PRO G 1119 46.06 -22.85 -125.72
N LEU G 1120 45.80 -24.14 -125.65
CA LEU G 1120 44.52 -24.70 -126.07
C LEU G 1120 43.38 -24.36 -125.11
N HIS G 1121 43.59 -24.63 -123.83
CA HIS G 1121 42.52 -24.43 -122.85
C HIS G 1121 42.80 -23.22 -121.95
N GLU G 1122 41.75 -22.45 -121.67
CA GLU G 1122 41.86 -21.27 -120.83
C GLU G 1122 40.91 -21.35 -119.64
N LEU G 1123 41.44 -21.05 -118.46
CA LEU G 1123 40.65 -21.08 -117.22
C LEU G 1123 40.66 -19.70 -116.56
N ARG G 1124 39.48 -19.08 -116.54
CA ARG G 1124 39.31 -17.71 -116.07
C ARG G 1124 38.89 -17.62 -114.60
N GLY G 1125 38.88 -18.77 -113.92
CA GLY G 1125 38.30 -18.89 -112.59
C GLY G 1125 38.64 -17.79 -111.60
N HIS G 1126 39.91 -17.44 -111.50
CA HIS G 1126 40.30 -16.27 -110.71
C HIS G 1126 41.18 -15.35 -111.55
N ASN G 1127 40.65 -14.19 -111.91
CA ASN G 1127 41.36 -13.26 -112.77
C ASN G 1127 42.08 -12.13 -112.03
N GLY G 1128 41.89 -12.06 -110.71
CA GLY G 1128 42.50 -11.00 -109.93
C GLY G 1128 44.01 -11.15 -109.85
N CYS G 1129 44.45 -12.28 -109.29
CA CYS G 1129 45.87 -12.60 -109.19
C CYS G 1129 46.08 -14.11 -109.22
N VAL G 1130 47.14 -14.55 -109.88
CA VAL G 1130 47.52 -15.95 -109.84
C VAL G 1130 49.00 -16.09 -109.49
N ARG G 1131 49.29 -16.63 -108.31
CA ARG G 1131 50.68 -16.83 -107.90
C ARG G 1131 51.29 -18.07 -108.53
N CYS G 1132 50.52 -19.16 -108.55
CA CYS G 1132 51.01 -20.42 -109.11
C CYS G 1132 49.87 -21.39 -109.38
N SER G 1133 50.22 -22.56 -109.91
CA SER G 1133 49.26 -23.61 -110.21
C SER G 1133 49.93 -24.98 -110.13
N ALA G 1134 49.15 -26.03 -109.90
CA ALA G 1134 49.70 -27.36 -109.72
C ALA G 1134 48.87 -28.45 -110.39
N PHE G 1135 49.55 -29.34 -111.10
CA PHE G 1135 48.93 -30.52 -111.70
C PHE G 1135 49.39 -31.78 -110.97
N SER G 1136 48.49 -32.40 -110.23
CA SER G 1136 48.83 -33.62 -109.50
C SER G 1136 48.85 -34.83 -110.43
N VAL G 1137 49.84 -35.71 -110.24
CA VAL G 1137 50.00 -36.88 -111.10
C VAL G 1137 48.83 -37.86 -110.95
N ASP G 1138 48.52 -38.56 -112.03
CA ASP G 1138 47.44 -39.56 -112.08
C ASP G 1138 46.05 -38.95 -111.92
N SER G 1139 46.01 -37.65 -111.66
CA SER G 1139 44.77 -36.91 -111.45
C SER G 1139 44.61 -35.82 -112.51
N THR G 1140 45.58 -34.88 -112.49
CA THR G 1140 45.74 -33.72 -113.38
C THR G 1140 44.89 -32.55 -112.89
N LEU G 1141 44.13 -32.80 -111.82
CA LEU G 1141 43.31 -31.77 -111.20
C LEU G 1141 44.16 -30.54 -110.82
N LEU G 1142 43.61 -29.37 -111.07
CA LEU G 1142 44.35 -28.12 -110.91
C LEU G 1142 44.25 -27.52 -109.50
N ALA G 1143 45.39 -27.18 -108.92
CA ALA G 1143 45.42 -26.48 -107.64
C ALA G 1143 46.01 -25.08 -107.82
N THR G 1144 45.17 -24.06 -107.70
CA THR G 1144 45.62 -22.68 -107.97
C THR G 1144 46.02 -21.92 -106.72
N GLY G 1145 47.31 -21.60 -106.62
CA GLY G 1145 47.79 -20.67 -105.61
C GLY G 1145 47.67 -19.23 -106.10
N ASP G 1146 47.35 -18.32 -105.19
CA ASP G 1146 47.15 -16.92 -105.54
C ASP G 1146 47.97 -15.99 -104.65
N ASP G 1147 48.06 -14.73 -105.07
CA ASP G 1147 48.78 -13.71 -104.31
C ASP G 1147 48.19 -13.53 -102.91
N ASN G 1148 46.89 -13.77 -102.79
CA ASN G 1148 46.20 -13.69 -101.52
C ASN G 1148 46.54 -14.86 -100.61
N GLY G 1149 47.28 -15.83 -101.15
CA GLY G 1149 47.68 -17.00 -100.40
C GLY G 1149 46.59 -18.05 -100.33
N GLU G 1150 45.60 -17.91 -101.21
CA GLU G 1150 44.49 -18.85 -101.25
C GLU G 1150 44.77 -20.01 -102.21
N ILE G 1151 44.45 -21.22 -101.78
CA ILE G 1151 44.64 -22.41 -102.61
C ILE G 1151 43.29 -22.96 -103.05
N ARG G 1152 42.98 -22.83 -104.33
CA ARG G 1152 41.69 -23.30 -104.83
C ARG G 1152 41.80 -24.61 -105.61
N ILE G 1153 40.91 -25.55 -105.28
CA ILE G 1153 40.89 -26.84 -105.94
C ILE G 1153 39.88 -26.86 -107.08
N TRP G 1154 40.34 -27.23 -108.27
CA TRP G 1154 39.49 -27.27 -109.45
C TRP G 1154 39.65 -28.58 -110.21
N ASN G 1155 38.54 -29.28 -110.42
CA ASN G 1155 38.55 -30.54 -111.15
C ASN G 1155 38.80 -30.33 -112.64
N VAL G 1156 39.78 -31.05 -113.18
CA VAL G 1156 40.14 -30.91 -114.59
C VAL G 1156 40.05 -32.24 -115.32
N SER G 1157 39.18 -32.29 -116.33
CA SER G 1157 39.04 -33.46 -117.18
C SER G 1157 39.13 -33.06 -118.65
N ASN G 1158 38.16 -32.28 -119.09
CA ASN G 1158 38.14 -31.77 -120.46
C ASN G 1158 38.85 -30.42 -120.54
N GLY G 1159 39.46 -30.00 -119.44
CA GLY G 1159 40.08 -28.70 -119.36
C GLY G 1159 39.06 -27.60 -119.09
N GLU G 1160 38.11 -27.91 -118.20
CA GLU G 1160 37.10 -26.95 -117.79
C GLU G 1160 36.87 -27.03 -116.28
N LEU G 1161 36.21 -26.03 -115.73
CA LEU G 1161 36.02 -25.94 -114.28
C LEU G 1161 34.77 -26.67 -113.83
N LEU G 1162 34.91 -27.52 -112.82
CA LEU G 1162 33.78 -28.29 -112.31
C LEU G 1162 33.51 -28.04 -110.83
N HIS G 1163 34.39 -28.57 -109.97
CA HIS G 1163 34.19 -28.50 -108.53
C HIS G 1163 34.49 -27.09 -108.03
N LEU G 1164 34.24 -26.84 -106.74
CA LEU G 1164 34.52 -25.54 -106.15
C LEU G 1164 34.88 -25.68 -104.67
N CYS G 1165 35.83 -24.86 -104.23
CA CYS G 1165 36.23 -24.85 -102.82
C CYS G 1165 36.72 -23.47 -102.41
N ALA G 1166 36.41 -23.07 -101.18
CA ALA G 1166 36.87 -21.78 -100.67
C ALA G 1166 37.88 -21.96 -99.53
N PRO G 1167 39.16 -21.68 -99.83
CA PRO G 1167 40.24 -21.75 -98.84
C PRO G 1167 40.15 -20.62 -97.81
N LEU G 1168 39.69 -19.45 -98.23
CA LEU G 1168 39.59 -18.30 -97.34
C LEU G 1168 38.53 -18.52 -96.28
N SER G 1169 38.71 -17.86 -95.13
CA SER G 1169 37.78 -17.98 -94.02
C SER G 1169 36.80 -16.82 -93.97
N GLU G 1170 35.57 -17.11 -93.56
CA GLU G 1170 34.54 -16.08 -93.43
C GLU G 1170 34.59 -15.45 -92.04
N GLU G 1171 35.57 -15.86 -91.25
CA GLU G 1171 35.77 -15.35 -89.90
C GLU G 1171 36.36 -13.93 -89.92
N GLY G 1172 36.67 -13.44 -91.11
CA GLY G 1172 37.25 -12.12 -91.25
C GLY G 1172 38.72 -12.12 -91.64
N ALA G 1173 39.31 -10.93 -91.69
CA ALA G 1173 40.68 -10.77 -92.17
C ALA G 1173 41.70 -11.54 -91.34
N ALA G 1174 42.78 -11.96 -92.01
CA ALA G 1174 43.84 -12.72 -91.37
C ALA G 1174 45.08 -11.87 -91.15
N THR G 1175 45.81 -12.15 -90.08
CA THR G 1175 46.99 -11.36 -89.74
C THR G 1175 48.21 -11.77 -90.56
N HIS G 1176 48.74 -12.96 -90.29
CA HIS G 1176 49.90 -13.45 -91.02
C HIS G 1176 49.52 -14.53 -92.03
N GLY G 1177 50.02 -14.38 -93.25
CA GLY G 1177 49.73 -15.31 -94.32
C GLY G 1177 49.73 -14.63 -95.68
N GLY G 1178 49.16 -15.30 -96.66
CA GLY G 1178 49.04 -14.75 -98.00
C GLY G 1178 50.30 -14.86 -98.83
N TRP G 1179 51.05 -15.94 -98.63
CA TRP G 1179 52.26 -16.17 -99.40
C TRP G 1179 52.44 -17.65 -99.76
N VAL G 1180 52.73 -17.90 -101.04
CA VAL G 1180 52.97 -19.26 -101.51
C VAL G 1180 53.97 -19.24 -102.67
N THR G 1181 54.82 -20.26 -102.74
CA THR G 1181 55.82 -20.34 -103.79
C THR G 1181 55.76 -21.67 -104.53
N ASP G 1182 56.12 -22.75 -103.84
CA ASP G 1182 56.13 -24.07 -104.46
C ASP G 1182 55.16 -25.01 -103.77
N LEU G 1183 54.53 -25.88 -104.55
CA LEU G 1183 53.58 -26.86 -104.02
C LEU G 1183 54.15 -28.27 -104.14
N CYS G 1184 53.76 -29.14 -103.22
CA CYS G 1184 54.29 -30.51 -103.19
C CYS G 1184 53.18 -31.54 -103.25
N PHE G 1185 53.55 -32.77 -103.61
CA PHE G 1185 52.57 -33.84 -103.82
C PHE G 1185 52.77 -35.00 -102.84
N SER G 1186 51.70 -35.75 -102.61
CA SER G 1186 51.75 -36.92 -101.73
C SER G 1186 52.13 -38.17 -102.52
N PRO G 1187 52.75 -39.16 -101.86
CA PRO G 1187 53.12 -40.40 -102.53
C PRO G 1187 51.91 -41.23 -102.95
N ASP G 1188 50.80 -41.04 -102.25
CA ASP G 1188 49.56 -41.74 -102.58
C ASP G 1188 48.91 -41.07 -103.80
N GLY G 1189 48.94 -39.75 -103.82
CA GLY G 1189 48.35 -38.99 -104.90
C GLY G 1189 47.01 -38.41 -104.52
N LYS G 1190 46.39 -38.99 -103.49
CA LYS G 1190 45.10 -38.52 -103.01
C LYS G 1190 45.26 -37.25 -102.18
N MET G 1191 46.23 -37.27 -101.28
CA MET G 1191 46.50 -36.12 -100.41
C MET G 1191 47.25 -35.02 -101.17
N LEU G 1192 47.15 -33.79 -100.69
CA LEU G 1192 47.83 -32.66 -101.32
C LEU G 1192 48.57 -31.83 -100.27
N ILE G 1193 49.71 -31.26 -100.66
CA ILE G 1193 50.49 -30.43 -99.76
C ILE G 1193 50.57 -28.99 -100.29
N SER G 1194 50.17 -28.04 -99.47
CA SER G 1194 50.14 -26.64 -99.89
C SER G 1194 50.58 -25.68 -98.78
N ALA G 1195 50.94 -24.46 -99.17
CA ALA G 1195 51.36 -23.43 -98.22
C ALA G 1195 50.46 -22.19 -98.31
N GLY G 1196 49.70 -21.95 -97.25
CA GLY G 1196 48.83 -20.78 -97.18
C GLY G 1196 49.44 -19.71 -96.29
N GLY G 1197 50.76 -19.76 -96.15
CA GLY G 1197 51.46 -18.92 -95.19
C GLY G 1197 51.94 -19.82 -94.05
N TYR G 1198 51.38 -21.02 -94.02
CA TYR G 1198 51.80 -22.06 -93.09
C TYR G 1198 51.68 -23.42 -93.80
N ILE G 1199 51.90 -24.50 -93.07
CA ILE G 1199 51.78 -25.82 -93.68
C ILE G 1199 50.33 -26.28 -93.65
N LYS G 1200 49.75 -26.45 -94.83
CA LYS G 1200 48.34 -26.81 -94.93
C LYS G 1200 48.11 -27.88 -95.99
N TRP G 1201 47.53 -29.00 -95.59
CA TRP G 1201 47.37 -30.12 -96.50
C TRP G 1201 45.93 -30.26 -96.97
N TRP G 1202 45.74 -30.28 -98.29
CA TRP G 1202 44.41 -30.38 -98.88
C TRP G 1202 44.08 -31.81 -99.29
N ASN G 1203 42.86 -32.01 -99.78
CA ASN G 1203 42.42 -33.31 -100.25
C ASN G 1203 41.33 -33.16 -101.32
N VAL G 1204 41.31 -34.11 -102.24
CA VAL G 1204 40.30 -34.14 -103.30
C VAL G 1204 38.97 -34.63 -102.72
N VAL G 1205 37.86 -34.35 -103.42
CA VAL G 1205 36.54 -34.88 -103.05
C VAL G 1205 36.05 -34.40 -101.67
N THR G 1206 35.61 -33.15 -101.62
CA THR G 1206 34.83 -32.62 -100.49
C THR G 1206 35.61 -32.62 -99.17
N GLY G 1207 36.51 -31.66 -99.04
CA GLY G 1207 37.27 -31.46 -97.81
C GLY G 1207 38.74 -31.77 -97.93
N GLU G 1208 39.51 -31.33 -96.94
CA GLU G 1208 40.96 -31.36 -97.02
C GLU G 1208 41.59 -32.36 -96.04
N SER G 1209 42.91 -32.42 -96.06
CA SER G 1209 43.64 -33.36 -95.22
C SER G 1209 43.87 -32.82 -93.80
N SER G 1210 44.76 -31.85 -93.68
CA SER G 1210 45.10 -31.30 -92.38
C SER G 1210 45.49 -29.83 -92.40
N GLN G 1211 45.07 -29.10 -91.38
CA GLN G 1211 45.46 -27.71 -91.16
C GLN G 1211 46.65 -27.67 -90.19
N THR G 1212 47.17 -28.85 -89.87
CA THR G 1212 48.07 -29.05 -88.74
C THR G 1212 49.34 -28.20 -88.72
N PHE G 1213 49.80 -27.96 -87.49
CA PHE G 1213 51.02 -27.23 -87.16
C PHE G 1213 50.98 -25.82 -87.77
N TYR G 1214 52.11 -25.31 -88.27
CA TYR G 1214 52.21 -23.90 -88.66
C TYR G 1214 53.61 -23.54 -89.18
N THR G 1215 53.72 -22.44 -89.90
CA THR G 1215 55.04 -21.94 -90.32
C THR G 1215 55.32 -20.56 -89.75
N ASN G 1216 56.31 -20.47 -88.87
CA ASN G 1216 56.69 -19.20 -88.26
C ASN G 1216 57.21 -18.21 -89.28
N GLY G 1217 56.83 -16.94 -89.11
CA GLY G 1217 57.22 -15.90 -90.05
C GLY G 1217 56.18 -15.71 -91.14
N THR G 1218 56.61 -15.13 -92.25
CA THR G 1218 55.72 -14.87 -93.37
C THR G 1218 56.28 -15.43 -94.67
N ASN G 1219 57.39 -14.85 -95.13
CA ASN G 1219 57.99 -15.21 -96.41
C ASN G 1219 58.62 -16.60 -96.43
N LEU G 1220 58.46 -17.29 -97.55
CA LEU G 1220 59.05 -18.60 -97.76
C LEU G 1220 59.77 -18.64 -99.12
N LYS G 1221 60.87 -19.38 -99.19
CA LYS G 1221 61.66 -19.43 -100.41
C LYS G 1221 62.05 -20.84 -100.82
N LYS G 1222 61.58 -21.26 -102.00
CA LYS G 1222 61.96 -22.54 -102.60
C LYS G 1222 61.75 -23.74 -101.69
N ILE G 1223 60.49 -24.10 -101.47
CA ILE G 1223 60.16 -25.28 -100.67
C ILE G 1223 60.67 -26.56 -101.34
N HIS G 1224 61.42 -27.36 -100.58
CA HIS G 1224 61.93 -28.63 -101.09
C HIS G 1224 61.54 -29.80 -100.20
N VAL G 1225 61.36 -30.97 -100.80
CA VAL G 1225 61.01 -32.18 -100.06
C VAL G 1225 61.85 -33.38 -100.52
N SER G 1226 61.81 -34.44 -99.72
CA SER G 1226 62.52 -35.67 -100.05
C SER G 1226 61.77 -36.45 -101.13
N PRO G 1227 62.50 -37.27 -101.92
CA PRO G 1227 61.84 -38.06 -102.96
C PRO G 1227 60.92 -39.14 -102.39
N ASP G 1228 61.10 -39.47 -101.11
CA ASP G 1228 60.24 -40.45 -100.46
C ASP G 1228 58.99 -39.79 -99.88
N PHE G 1229 58.95 -38.46 -99.98
CA PHE G 1229 57.82 -37.66 -99.50
C PHE G 1229 57.54 -37.89 -98.02
N LYS G 1230 58.61 -38.01 -97.23
CA LYS G 1230 58.49 -38.21 -95.80
C LYS G 1230 59.19 -37.09 -95.05
N THR G 1231 60.52 -37.10 -95.08
CA THR G 1231 61.32 -36.07 -94.45
C THR G 1231 61.25 -34.76 -95.24
N TYR G 1232 61.15 -33.64 -94.53
CA TYR G 1232 60.99 -32.35 -95.19
C TYR G 1232 62.10 -31.38 -94.81
N VAL G 1233 62.43 -30.47 -95.72
CA VAL G 1233 63.43 -29.45 -95.45
C VAL G 1233 62.94 -28.08 -95.93
N THR G 1234 62.84 -27.12 -95.01
CA THR G 1234 62.39 -25.78 -95.39
C THR G 1234 63.01 -24.69 -94.53
N VAL G 1235 62.68 -23.43 -94.84
CA VAL G 1235 63.21 -22.29 -94.12
C VAL G 1235 62.23 -21.12 -94.17
N ASP G 1236 62.22 -20.31 -93.11
CA ASP G 1236 61.39 -19.11 -93.07
C ASP G 1236 62.19 -17.88 -93.48
N ASN G 1237 61.59 -16.71 -93.35
CA ASN G 1237 62.27 -15.46 -93.66
C ASN G 1237 63.36 -15.11 -92.66
N LEU G 1238 63.29 -15.75 -91.48
CA LEU G 1238 64.27 -15.54 -90.43
C LEU G 1238 65.60 -16.20 -90.76
N GLY G 1239 65.56 -17.12 -91.72
CA GLY G 1239 66.76 -17.86 -92.11
C GLY G 1239 67.10 -18.96 -91.12
N ILE G 1240 66.07 -19.61 -90.60
CA ILE G 1240 66.26 -20.69 -89.63
C ILE G 1240 65.97 -22.04 -90.27
N LEU G 1241 66.92 -22.96 -90.14
CA LEU G 1241 66.80 -24.30 -90.72
C LEU G 1241 65.63 -25.07 -90.11
N TYR G 1242 64.76 -25.60 -90.96
CA TYR G 1242 63.62 -26.39 -90.50
C TYR G 1242 63.63 -27.79 -91.10
N ILE G 1243 63.71 -28.79 -90.22
CA ILE G 1243 63.78 -30.19 -90.64
C ILE G 1243 62.63 -31.00 -90.05
N LEU G 1244 61.89 -31.68 -90.93
CA LEU G 1244 60.80 -32.55 -90.51
C LEU G 1244 61.13 -34.02 -90.77
N GLN G 1245 60.70 -34.88 -89.86
CA GLN G 1245 60.92 -36.31 -89.99
C GLN G 1245 59.64 -37.10 -89.69
N THR G 1246 59.21 -37.91 -90.64
CA THR G 1246 57.99 -38.69 -90.49
C THR G 1246 58.28 -40.07 -89.93
N LEU G 1247 57.79 -40.34 -88.72
CA LEU G 1247 57.99 -41.63 -88.08
C LEU G 1247 56.73 -42.06 -87.32
N GLU G 1248 56.37 -43.33 -87.47
CA GLU G 1248 55.19 -43.86 -86.80
C GLU G 1248 55.53 -44.38 -85.40
N GLY H 1 96.71 54.68 -40.26
CA GLY H 1 95.36 55.17 -40.05
C GLY H 1 95.32 56.61 -39.57
N ASP H 2 94.27 56.95 -38.83
CA ASP H 2 94.11 58.31 -38.34
C ASP H 2 95.12 58.59 -37.23
N VAL H 3 95.74 59.76 -37.28
CA VAL H 3 96.79 60.11 -36.33
C VAL H 3 96.25 60.36 -34.93
N GLU H 4 95.23 61.20 -34.82
CA GLU H 4 94.77 61.66 -33.52
C GLU H 4 93.96 60.60 -32.76
N LYS H 5 93.21 59.77 -33.48
CA LYS H 5 92.58 58.61 -32.85
C LYS H 5 93.68 57.67 -32.39
N GLY H 6 94.80 57.70 -33.10
CA GLY H 6 95.97 56.95 -32.70
C GLY H 6 96.56 57.50 -31.42
N LYS H 7 96.46 58.81 -31.24
CA LYS H 7 96.92 59.46 -30.01
C LYS H 7 95.94 59.19 -28.87
N LYS H 8 94.69 58.92 -29.23
CA LYS H 8 93.68 58.55 -28.26
C LYS H 8 93.90 57.13 -27.75
N ILE H 9 94.10 56.20 -28.66
CA ILE H 9 94.36 54.82 -28.32
C ILE H 9 95.72 54.74 -27.63
N PHE H 10 96.57 55.70 -27.95
CA PHE H 10 97.85 55.85 -27.28
C PHE H 10 97.69 56.30 -25.82
N VAL H 11 96.94 57.37 -25.60
CA VAL H 11 96.80 57.90 -24.25
C VAL H 11 95.98 56.93 -23.39
N GLN H 12 95.15 56.11 -24.03
CA GLN H 12 94.36 55.12 -23.31
C GLN H 12 95.17 53.86 -23.03
N LYS H 13 95.46 53.10 -24.08
CA LYS H 13 95.97 51.75 -23.95
C LYS H 13 97.50 51.67 -24.04
N CYS H 14 98.16 52.80 -24.24
CA CYS H 14 99.60 52.80 -24.48
C CYS H 14 100.37 53.69 -23.49
N ALA H 15 100.06 54.98 -23.50
CA ALA H 15 100.86 56.00 -22.84
C ALA H 15 101.15 55.74 -21.37
N GLN H 16 100.31 54.93 -20.72
CA GLN H 16 100.51 54.61 -19.33
C GLN H 16 101.71 53.68 -19.15
N CYS H 17 101.90 52.75 -20.09
CA CYS H 17 103.03 51.83 -20.04
C CYS H 17 104.21 52.19 -20.94
N HIS H 18 104.09 53.23 -21.75
CA HIS H 18 105.08 53.47 -22.81
C HIS H 18 105.48 54.93 -23.02
N THR H 19 106.65 55.11 -23.62
CA THR H 19 107.08 56.42 -24.10
C THR H 19 107.47 56.32 -25.56
N VAL H 20 106.71 56.95 -26.43
CA VAL H 20 107.05 56.98 -27.85
C VAL H 20 107.76 58.28 -28.22
N GLU H 21 107.85 59.20 -27.26
CA GLU H 21 108.47 60.49 -27.52
C GLU H 21 109.98 60.36 -27.53
N LYS H 22 110.63 61.31 -28.17
CA LYS H 22 112.09 61.31 -28.27
C LYS H 22 112.73 61.47 -26.90
N GLY H 23 113.61 60.54 -26.55
CA GLY H 23 114.28 60.57 -25.26
C GLY H 23 113.35 60.20 -24.12
N GLY H 24 112.39 59.32 -24.39
CA GLY H 24 111.47 58.86 -23.38
C GLY H 24 112.11 57.84 -22.45
N LYS H 25 111.71 57.85 -21.18
CA LYS H 25 112.25 56.89 -20.23
C LYS H 25 111.62 55.53 -20.41
N HIS H 26 112.32 54.49 -19.99
CA HIS H 26 111.76 53.14 -19.98
C HIS H 26 110.83 52.94 -18.80
N LYS H 27 109.86 52.06 -18.97
CA LYS H 27 108.78 51.87 -18.01
C LYS H 27 108.40 50.40 -17.99
N THR H 28 107.26 50.08 -17.38
CA THR H 28 106.72 48.72 -17.43
C THR H 28 106.77 48.20 -18.86
N GLY H 29 106.25 49.00 -19.79
CA GLY H 29 106.49 48.78 -21.20
C GLY H 29 107.69 49.60 -21.63
N PRO H 30 108.38 49.17 -22.68
CA PRO H 30 109.63 49.80 -23.11
C PRO H 30 109.44 51.15 -23.80
N ASN H 31 110.51 51.94 -23.86
CA ASN H 31 110.53 53.14 -24.68
C ASN H 31 110.32 52.74 -26.13
N LEU H 32 109.32 53.32 -26.77
CA LEU H 32 108.97 52.94 -28.12
C LEU H 32 109.53 53.89 -29.16
N HIS H 33 110.29 54.89 -28.71
CA HIS H 33 110.85 55.88 -29.63
C HIS H 33 111.80 55.25 -30.62
N GLY H 34 111.59 55.54 -31.91
CA GLY H 34 112.38 54.95 -32.97
C GLY H 34 112.03 53.48 -33.16
N LEU H 35 110.74 53.17 -33.01
CA LEU H 35 110.26 51.80 -33.08
C LEU H 35 110.45 51.21 -34.47
N PHE H 36 109.95 51.92 -35.48
CA PHE H 36 110.10 51.49 -36.86
C PHE H 36 111.57 51.47 -37.26
N GLY H 37 112.03 50.35 -37.79
CA GLY H 37 113.42 50.21 -38.19
C GLY H 37 114.26 49.55 -37.10
N ARG H 38 113.78 49.59 -35.86
CA ARG H 38 114.48 48.94 -34.77
C ARG H 38 113.87 47.58 -34.47
N LYS H 39 114.73 46.58 -34.28
CA LYS H 39 114.30 45.22 -34.02
C LYS H 39 113.65 45.12 -32.64
N THR H 40 112.87 44.04 -32.45
CA THR H 40 112.17 43.81 -31.20
C THR H 40 113.10 43.74 -30.00
N GLY H 41 112.79 44.54 -28.98
CA GLY H 41 113.51 44.49 -27.73
C GLY H 41 114.97 44.88 -27.78
N GLN H 42 115.30 45.84 -28.64
CA GLN H 42 116.68 46.29 -28.79
C GLN H 42 117.02 47.55 -28.00
N ALA H 43 116.03 48.10 -27.30
CA ALA H 43 116.23 49.37 -26.59
C ALA H 43 116.86 49.15 -25.21
N PRO H 44 118.03 49.77 -24.98
CA PRO H 44 118.75 49.72 -23.71
C PRO H 44 118.01 50.44 -22.58
N GLY H 45 118.21 49.99 -21.34
CA GLY H 45 117.59 50.63 -20.19
C GLY H 45 116.38 49.86 -19.69
N PHE H 46 115.82 49.04 -20.57
CA PHE H 46 114.66 48.21 -20.24
C PHE H 46 115.01 46.75 -20.44
N SER H 47 114.63 45.91 -19.48
CA SER H 47 114.98 44.49 -19.56
C SER H 47 113.88 43.69 -20.25
N TYR H 48 114.17 43.26 -21.47
CA TYR H 48 113.23 42.48 -22.25
C TYR H 48 113.27 41.00 -21.92
N THR H 49 112.15 40.32 -22.15
CA THR H 49 112.13 38.86 -22.11
C THR H 49 112.83 38.34 -23.36
N ASP H 50 113.38 37.14 -23.27
CA ASP H 50 114.04 36.53 -24.43
C ASP H 50 113.05 36.27 -25.55
N ALA H 51 111.77 36.16 -25.20
CA ALA H 51 110.72 35.97 -26.19
C ALA H 51 110.67 37.13 -27.17
N ASN H 52 110.83 38.34 -26.65
CA ASN H 52 110.82 39.54 -27.49
C ASN H 52 112.14 39.75 -28.22
N LYS H 53 113.25 39.51 -27.52
CA LYS H 53 114.56 39.74 -28.09
C LYS H 53 114.89 38.75 -29.20
N ASN H 54 114.34 37.54 -29.10
CA ASN H 54 114.56 36.52 -30.11
C ASN H 54 113.55 36.61 -31.25
N LYS H 55 112.56 37.49 -31.09
CA LYS H 55 111.60 37.76 -32.15
C LYS H 55 112.32 38.41 -33.33
N GLY H 56 113.02 39.49 -33.04
CA GLY H 56 113.94 40.11 -33.99
C GLY H 56 113.35 40.57 -35.31
N ILE H 57 112.07 40.87 -35.34
CA ILE H 57 111.47 41.42 -36.55
C ILE H 57 111.66 42.93 -36.59
N THR H 58 111.25 43.55 -37.69
CA THR H 58 111.35 45.00 -37.83
C THR H 58 109.96 45.61 -37.71
N TRP H 59 109.73 46.35 -36.64
CA TRP H 59 108.41 46.90 -36.37
C TRP H 59 107.95 47.84 -37.48
N GLY H 60 106.71 47.63 -37.91
CA GLY H 60 106.12 48.43 -38.97
C GLY H 60 104.61 48.39 -38.85
N GLU H 61 103.92 48.97 -39.82
CA GLU H 61 102.47 49.03 -39.78
C GLU H 61 101.84 47.64 -39.87
N GLU H 62 102.47 46.76 -40.65
CA GLU H 62 102.00 45.40 -40.82
C GLU H 62 102.40 44.49 -39.66
N THR H 63 103.62 44.67 -39.16
CA THR H 63 104.11 43.88 -38.03
C THR H 63 103.29 44.19 -36.79
N LEU H 64 102.90 45.46 -36.66
CA LEU H 64 101.98 45.87 -35.62
C LEU H 64 100.53 45.52 -35.97
N MET H 65 100.27 45.35 -37.26
CA MET H 65 98.95 44.89 -37.68
C MET H 65 98.71 43.48 -37.15
N GLU H 66 99.74 42.65 -37.25
CA GLU H 66 99.65 41.29 -36.76
C GLU H 66 99.85 41.22 -35.25
N TYR H 67 100.77 42.04 -34.73
CA TYR H 67 101.08 41.99 -33.30
C TYR H 67 99.96 42.56 -32.44
N LEU H 68 99.56 43.79 -32.72
CA LEU H 68 98.54 44.45 -31.90
C LEU H 68 97.22 43.70 -32.00
N GLU H 69 97.08 42.92 -33.06
CA GLU H 69 95.94 42.03 -33.23
C GLU H 69 95.83 41.09 -32.03
N ASN H 70 96.90 40.34 -31.77
CA ASN H 70 97.00 39.51 -30.57
C ASN H 70 98.44 39.45 -30.05
N PRO H 71 98.87 40.46 -29.27
CA PRO H 71 100.26 40.62 -28.83
C PRO H 71 100.88 39.39 -28.17
N LYS H 72 100.04 38.49 -27.65
CA LYS H 72 100.54 37.23 -27.11
C LYS H 72 100.82 36.23 -28.23
N LYS H 73 100.12 36.38 -29.35
CA LYS H 73 100.25 35.47 -30.49
C LYS H 73 101.51 35.74 -31.32
N TYR H 74 101.73 37.01 -31.64
CA TYR H 74 102.80 37.42 -32.54
C TYR H 74 104.16 37.22 -31.89
N ILE H 75 104.27 37.65 -30.63
CA ILE H 75 105.47 37.41 -29.85
C ILE H 75 105.11 36.60 -28.60
N PRO H 76 105.02 35.27 -28.76
CA PRO H 76 104.65 34.39 -27.65
C PRO H 76 105.65 34.44 -26.50
N GLY H 77 105.16 34.59 -25.29
CA GLY H 77 106.02 34.61 -24.12
C GLY H 77 106.40 36.01 -23.68
N THR H 78 105.92 37.02 -24.42
CA THR H 78 106.18 38.40 -24.07
C THR H 78 105.54 38.69 -22.71
N LYS H 79 106.19 39.54 -21.92
CA LYS H 79 105.66 39.89 -20.61
C LYS H 79 104.64 41.01 -20.75
N MET H 80 104.43 41.46 -21.98
CA MET H 80 103.30 42.31 -22.31
C MET H 80 102.00 41.55 -22.05
N ILE H 81 101.11 42.14 -21.27
CA ILE H 81 99.81 41.53 -21.03
C ILE H 81 98.72 42.33 -21.70
N PHE H 82 98.18 41.80 -22.79
CA PHE H 82 97.08 42.46 -23.48
C PHE H 82 96.27 41.40 -24.24
N ALA H 83 94.96 41.61 -24.34
CA ALA H 83 94.07 40.60 -24.90
C ALA H 83 93.93 40.74 -26.42
N GLY H 84 94.65 41.71 -26.98
CA GLY H 84 94.67 41.93 -28.41
C GLY H 84 93.73 43.01 -28.89
N ILE H 85 94.16 43.74 -29.92
CA ILE H 85 93.29 44.72 -30.57
C ILE H 85 92.64 44.04 -31.75
N LYS H 86 91.34 43.80 -31.63
CA LYS H 86 90.65 43.03 -32.65
C LYS H 86 90.32 43.93 -33.84
N LYS H 87 89.95 45.18 -33.56
CA LYS H 87 89.65 46.14 -34.61
C LYS H 87 90.89 46.50 -35.43
N LYS H 88 90.75 46.54 -36.74
CA LYS H 88 91.87 46.91 -37.61
C LYS H 88 92.10 48.41 -37.61
N GLY H 89 91.02 49.17 -37.72
CA GLY H 89 91.09 50.62 -37.75
C GLY H 89 91.86 51.20 -36.58
N GLU H 90 91.62 50.65 -35.40
CA GLU H 90 92.36 51.05 -34.21
C GLU H 90 93.85 50.81 -34.39
N ARG H 91 94.19 49.65 -34.95
CA ARG H 91 95.58 49.31 -35.19
C ARG H 91 96.21 50.34 -36.12
N GLU H 92 95.64 50.50 -37.31
CA GLU H 92 96.16 51.46 -38.30
C GLU H 92 96.32 52.87 -37.72
N ASP H 93 95.31 53.31 -36.99
CA ASP H 93 95.34 54.64 -36.38
C ASP H 93 96.49 54.79 -35.38
N LEU H 94 96.51 53.89 -34.40
CA LEU H 94 97.53 53.90 -33.36
C LEU H 94 98.93 53.85 -33.95
N ILE H 95 99.13 52.90 -34.86
CA ILE H 95 100.40 52.73 -35.56
C ILE H 95 100.78 54.00 -36.30
N ALA H 96 99.78 54.67 -36.88
CA ALA H 96 100.03 55.91 -37.60
C ALA H 96 100.56 56.98 -36.65
N TYR H 97 99.91 57.15 -35.51
CA TYR H 97 100.38 58.13 -34.55
C TYR H 97 101.77 57.76 -34.03
N LEU H 98 102.04 56.46 -33.97
CA LEU H 98 103.38 56.00 -33.62
C LEU H 98 104.38 56.47 -34.66
N LYS H 99 103.97 56.38 -35.93
CA LYS H 99 104.81 56.80 -37.04
C LYS H 99 105.05 58.30 -36.98
N LYS H 100 104.11 59.03 -36.39
CA LYS H 100 104.29 60.46 -36.17
C LYS H 100 105.27 60.74 -35.03
N ALA H 101 104.88 60.35 -33.82
CA ALA H 101 105.63 60.69 -32.61
C ALA H 101 107.03 60.07 -32.57
N THR H 102 107.12 58.77 -32.81
CA THR H 102 108.42 58.07 -32.73
C THR H 102 109.42 58.61 -33.73
N ASN H 103 108.91 59.17 -34.82
CA ASN H 103 109.77 59.84 -35.80
C ASN H 103 110.21 61.21 -35.28
N GLU H 104 109.38 61.81 -34.44
CA GLU H 104 109.66 63.13 -33.90
C GLU H 104 110.54 63.07 -32.66
N GLY I 1 74.22 71.86 56.39
CA GLY I 1 73.00 72.13 55.65
C GLY I 1 72.19 73.26 56.26
N ASP I 2 70.88 73.22 56.06
CA ASP I 2 70.00 74.27 56.58
C ASP I 2 69.88 74.14 58.09
N VAL I 3 69.95 75.28 58.78
CA VAL I 3 69.94 75.30 60.23
C VAL I 3 68.57 74.94 60.80
N GLU I 4 67.53 75.60 60.32
CA GLU I 4 66.21 75.48 60.92
C GLU I 4 65.51 74.16 60.59
N LYS I 5 65.74 73.63 59.39
CA LYS I 5 65.27 72.28 59.08
C LYS I 5 66.03 71.31 59.96
N GLY I 6 67.25 71.69 60.33
CA GLY I 6 68.04 70.92 61.26
C GLY I 6 67.41 70.95 62.65
N LYS I 7 66.80 72.08 62.99
CA LYS I 7 66.12 72.22 64.27
C LYS I 7 64.79 71.47 64.23
N LYS I 8 64.25 71.28 63.02
CA LYS I 8 63.04 70.50 62.84
C LYS I 8 63.33 69.01 63.02
N ILE I 9 64.37 68.53 62.35
CA ILE I 9 64.77 67.13 62.44
C ILE I 9 65.27 66.89 63.86
N PHE I 10 65.75 67.95 64.49
CA PHE I 10 66.14 67.90 65.90
C PHE I 10 64.93 67.72 66.81
N VAL I 11 63.92 68.57 66.66
CA VAL I 11 62.77 68.52 67.55
C VAL I 11 61.96 67.24 67.29
N GLN I 12 62.08 66.69 66.09
CA GLN I 12 61.40 65.44 65.76
C GLN I 12 62.17 64.23 66.24
N LYS I 13 63.31 63.97 65.59
CA LYS I 13 64.02 62.71 65.74
C LYS I 13 65.15 62.76 66.78
N CYS I 14 65.36 63.93 67.39
CA CYS I 14 66.50 64.11 68.29
C CYS I 14 66.08 64.58 69.68
N ALA I 15 65.47 65.76 69.74
CA ALA I 15 65.24 66.48 70.98
C ALA I 15 64.56 65.68 72.09
N GLN I 16 63.84 64.63 71.71
CA GLN I 16 63.16 63.80 72.69
C GLN I 16 64.17 62.95 73.46
N CYS I 17 65.22 62.48 72.78
CA CYS I 17 66.26 61.69 73.43
C CYS I 17 67.53 62.45 73.79
N HIS I 18 67.64 63.72 73.40
CA HIS I 18 68.92 64.41 73.50
C HIS I 18 68.86 65.85 73.99
N THR I 19 69.99 66.34 74.49
CA THR I 19 70.18 67.74 74.80
C THR I 19 71.44 68.26 74.11
N VAL I 20 71.27 69.13 73.14
CA VAL I 20 72.43 69.74 72.48
C VAL I 20 72.73 71.12 73.04
N GLU I 21 71.86 71.58 73.94
CA GLU I 21 72.03 72.92 74.52
C GLU I 21 73.11 72.89 75.58
N LYS I 22 73.67 74.07 75.86
CA LYS I 22 74.72 74.19 76.85
C LYS I 22 74.21 73.83 78.24
N GLY I 23 74.89 72.90 78.89
CA GLY I 23 74.50 72.47 80.22
C GLY I 23 73.24 71.62 80.20
N GLY I 24 73.06 70.86 79.13
CA GLY I 24 71.91 69.98 79.02
C GLY I 24 72.07 68.72 79.84
N LYS I 25 70.97 68.20 80.38
CA LYS I 25 71.03 66.99 81.17
C LYS I 25 71.15 65.76 80.28
N HIS I 26 71.69 64.69 80.82
CA HIS I 26 71.75 63.42 80.12
C HIS I 26 70.41 62.71 80.16
N LYS I 27 70.15 61.90 79.15
CA LYS I 27 68.84 61.29 78.94
C LYS I 27 69.05 59.90 78.35
N THR I 28 67.98 59.31 77.82
CA THR I 28 68.08 58.04 77.10
C THR I 28 69.23 58.13 76.09
N GLY I 29 69.21 59.19 75.29
CA GLY I 29 70.37 59.56 74.50
C GLY I 29 71.20 60.56 75.29
N PRO I 30 72.51 60.62 75.01
CA PRO I 30 73.44 61.45 75.78
C PRO I 30 73.31 62.95 75.50
N ASN I 31 73.83 63.76 76.42
CA ASN I 31 73.98 65.19 76.18
C ASN I 31 74.92 65.38 75.00
N LEU I 32 74.46 66.09 73.99
CA LEU I 32 75.24 66.25 72.77
C LEU I 32 75.99 67.57 72.73
N HIS I 33 75.88 68.37 73.79
CA HIS I 33 76.54 69.67 73.83
C HIS I 33 78.05 69.53 73.74
N GLY I 34 78.65 70.29 72.82
CA GLY I 34 80.07 70.21 72.58
C GLY I 34 80.43 68.92 71.87
N LEU I 35 79.56 68.49 70.96
CA LEU I 35 79.72 67.23 70.25
C LEU I 35 80.96 67.26 69.36
N PHE I 36 81.04 68.27 68.49
CA PHE I 36 82.18 68.44 67.62
C PHE I 36 83.45 68.67 68.43
N GLY I 37 84.48 67.87 68.16
CA GLY I 37 85.73 67.99 68.88
C GLY I 37 85.83 67.01 70.04
N ARG I 38 84.67 66.53 70.50
CA ARG I 38 84.65 65.54 71.58
C ARG I 38 84.49 64.14 71.02
N LYS I 39 85.27 63.21 71.55
CA LYS I 39 85.24 61.83 71.08
C LYS I 39 83.93 61.14 71.47
N THR I 40 83.63 60.04 70.79
CA THR I 40 82.41 59.29 71.03
C THR I 40 82.28 58.81 72.47
N GLY I 41 81.15 59.12 73.09
CA GLY I 41 80.83 58.63 74.42
C GLY I 41 81.75 59.11 75.53
N GLN I 42 82.21 60.35 75.43
CA GLN I 42 83.11 60.89 76.44
C GLN I 42 82.41 61.77 77.49
N ALA I 43 81.10 61.94 77.35
CA ALA I 43 80.36 62.82 78.24
C ALA I 43 79.95 62.14 79.54
N PRO I 44 80.41 62.69 80.68
CA PRO I 44 80.08 62.18 82.02
C PRO I 44 78.60 62.35 82.37
N GLY I 45 78.07 61.47 83.22
CA GLY I 45 76.69 61.56 83.66
C GLY I 45 75.80 60.58 82.93
N PHE I 46 76.25 60.15 81.76
CA PHE I 46 75.52 59.18 80.94
C PHE I 46 76.36 57.94 80.73
N SER I 47 75.75 56.77 80.88
CA SER I 47 76.50 55.52 80.77
C SER I 47 76.46 54.99 79.35
N TYR I 48 77.59 55.09 78.67
CA TYR I 48 77.72 54.62 77.29
C TYR I 48 78.01 53.13 77.20
N THR I 49 77.63 52.52 76.09
CA THR I 49 78.07 51.17 75.77
C THR I 49 79.53 51.23 75.35
N ASP I 50 80.24 50.13 75.52
CA ASP I 50 81.64 50.07 75.13
C ASP I 50 81.79 50.21 73.61
N ALA I 51 80.72 49.89 72.89
CA ALA I 51 80.70 50.03 71.44
C ALA I 51 80.94 51.49 71.04
N ASN I 52 80.31 52.41 71.76
CA ASN I 52 80.46 53.82 71.48
C ASN I 52 81.77 54.39 72.03
N LYS I 53 82.14 53.97 73.23
CA LYS I 53 83.35 54.48 73.87
C LYS I 53 84.62 54.02 73.17
N ASN I 54 84.56 52.85 72.54
CA ASN I 54 85.73 52.32 71.82
C ASN I 54 85.73 52.80 70.37
N LYS I 55 84.67 53.47 69.96
CA LYS I 55 84.62 54.08 68.63
C LYS I 55 85.67 55.17 68.54
N GLY I 56 85.62 56.11 69.49
CA GLY I 56 86.65 57.10 69.68
C GLY I 56 86.97 58.01 68.50
N ILE I 57 86.00 58.22 67.62
CA ILE I 57 86.20 59.15 66.52
C ILE I 57 85.87 60.56 66.98
N THR I 58 86.11 61.54 66.11
CA THR I 58 85.79 62.92 66.41
C THR I 58 84.57 63.36 65.62
N TRP I 59 83.47 63.60 66.33
CA TRP I 59 82.21 63.92 65.66
C TRP I 59 82.31 65.19 64.82
N GLY I 60 81.82 65.10 63.59
CA GLY I 60 81.85 66.20 62.65
C GLY I 60 80.76 66.02 61.63
N GLU I 61 80.72 66.89 60.63
CA GLU I 61 79.69 66.84 59.61
C GLU I 61 79.77 65.57 58.78
N GLU I 62 81.00 65.10 58.54
CA GLU I 62 81.23 63.88 57.77
C GLU I 62 81.05 62.62 58.61
N THR I 63 81.49 62.67 59.86
CA THR I 63 81.35 61.54 60.76
C THR I 63 79.88 61.29 61.04
N LEU I 64 79.11 62.36 61.13
CA LEU I 64 77.66 62.27 61.23
C LEU I 64 77.03 62.01 59.88
N MET I 65 77.74 62.34 58.80
CA MET I 65 77.26 62.00 57.46
C MET I 65 77.22 60.49 57.32
N GLU I 66 78.25 59.83 57.81
CA GLU I 66 78.33 58.37 57.76
C GLU I 66 77.49 57.73 58.86
N TYR I 67 77.51 58.33 60.05
CA TYR I 67 76.80 57.75 61.19
C TYR I 67 75.29 57.86 61.06
N LEU I 68 74.80 59.08 60.87
CA LEU I 68 73.36 59.30 60.81
C LEU I 68 72.76 58.56 59.62
N GLU I 69 73.61 58.26 58.65
CA GLU I 69 73.23 57.44 57.51
C GLU I 69 72.68 56.10 58.00
N ASN I 70 73.49 55.37 58.76
CA ASN I 70 73.05 54.15 59.43
C ASN I 70 73.71 53.96 60.80
N PRO I 71 73.16 54.62 61.84
CA PRO I 71 73.77 54.69 63.18
C PRO I 71 74.17 53.33 63.77
N LYS I 72 73.55 52.25 63.30
CA LYS I 72 73.95 50.92 63.72
C LYS I 72 75.19 50.46 62.97
N LYS I 73 75.40 50.99 61.77
CA LYS I 73 76.53 50.61 60.92
C LYS I 73 77.84 51.27 61.37
N TYR I 74 77.78 52.57 61.61
CA TYR I 74 78.97 53.36 61.90
C TYR I 74 79.54 53.01 63.27
N ILE I 75 78.66 52.92 64.26
CA ILE I 75 79.05 52.47 65.59
C ILE I 75 78.25 51.21 65.94
N PRO I 76 78.72 50.05 65.47
CA PRO I 76 78.03 48.78 65.71
C PRO I 76 77.95 48.44 67.20
N GLY I 77 76.77 48.07 67.67
CA GLY I 77 76.58 47.68 69.05
C GLY I 77 76.10 48.82 69.93
N THR I 78 75.94 50.00 69.33
CA THR I 78 75.42 51.15 70.06
C THR I 78 74.01 50.84 70.54
N LYS I 79 73.66 51.36 71.72
CA LYS I 79 72.33 51.12 72.27
C LYS I 79 71.36 52.14 71.68
N MET I 80 71.87 53.02 70.84
CA MET I 80 71.03 53.86 69.99
C MET I 80 70.23 52.98 69.04
N ILE I 81 68.91 53.16 69.05
CA ILE I 81 68.07 52.43 68.11
C ILE I 81 67.51 53.36 67.05
N PHE I 82 68.02 53.26 65.83
CA PHE I 82 67.51 54.07 64.74
C PHE I 82 67.79 53.35 63.42
N ALA I 83 66.89 53.49 62.45
CA ALA I 83 66.99 52.73 61.20
C ALA I 83 67.83 53.45 60.15
N GLY I 84 68.38 54.61 60.54
CA GLY I 84 69.25 55.37 59.68
C GLY I 84 68.56 56.49 58.93
N ILE I 85 69.29 57.59 58.73
CA ILE I 85 68.81 58.69 57.92
C ILE I 85 69.35 58.49 56.52
N LYS I 86 68.47 58.15 55.59
CA LYS I 86 68.92 57.80 54.26
C LYS I 86 69.17 59.07 53.45
N LYS I 87 68.33 60.08 53.65
CA LYS I 87 68.50 61.36 52.97
C LYS I 87 69.75 62.09 53.44
N LYS I 88 70.51 62.63 52.49
CA LYS I 88 71.73 63.37 52.82
C LYS I 88 71.40 64.77 53.34
N GLY I 89 70.47 65.45 52.65
CA GLY I 89 70.08 66.80 53.00
C GLY I 89 69.65 66.91 54.45
N GLU I 90 68.89 65.93 54.92
CA GLU I 90 68.48 65.86 56.32
C GLU I 90 69.69 65.81 57.23
N ARG I 91 70.68 64.99 56.85
CA ARG I 91 71.89 64.87 57.64
C ARG I 91 72.59 66.21 57.72
N GLU I 92 72.93 66.80 56.57
CA GLU I 92 73.62 68.08 56.54
C GLU I 92 72.89 69.17 57.34
N ASP I 93 71.58 69.22 57.19
CA ASP I 93 70.76 70.21 57.90
C ASP I 93 70.84 70.02 59.42
N LEU I 94 70.51 68.81 59.86
CA LEU I 94 70.53 68.48 61.28
C LEU I 94 71.88 68.74 61.90
N ILE I 95 72.93 68.24 61.25
CA ILE I 95 74.30 68.45 61.67
C ILE I 95 74.64 69.93 61.75
N ALA I 96 74.12 70.71 60.81
CA ALA I 96 74.35 72.15 60.81
C ALA I 96 73.74 72.78 62.05
N TYR I 97 72.49 72.46 62.35
CA TYR I 97 71.88 73.01 63.55
C TYR I 97 72.60 72.55 64.81
N LEU I 98 73.17 71.34 64.75
CA LEU I 98 74.00 70.87 65.84
C LEU I 98 75.22 71.78 66.00
N LYS I 99 75.80 72.16 64.87
CA LYS I 99 76.95 73.05 64.85
C LYS I 99 76.59 74.41 65.41
N LYS I 100 75.33 74.79 65.27
CA LYS I 100 74.84 76.02 65.87
C LYS I 100 74.67 75.90 67.39
N ALA I 101 73.74 75.04 67.79
CA ALA I 101 73.36 74.92 69.20
C ALA I 101 74.48 74.43 70.11
N THR I 102 75.13 73.33 69.72
CA THR I 102 76.19 72.74 70.55
C THR I 102 77.35 73.69 70.76
N ASN I 103 77.54 74.61 69.81
CA ASN I 103 78.54 75.65 69.96
C ASN I 103 78.06 76.73 70.92
N GLU I 104 76.74 76.90 71.00
CA GLU I 104 76.15 77.92 71.85
C GLU I 104 75.95 77.43 73.28
N GLY J 1 -9.94 48.18 106.45
CA GLY J 1 -10.38 48.65 105.14
C GLY J 1 -11.70 49.39 105.21
N ASP J 2 -12.45 49.36 104.10
CA ASP J 2 -13.73 50.05 104.04
C ASP J 2 -14.76 49.34 104.90
N VAL J 3 -15.53 50.12 105.65
CA VAL J 3 -16.50 49.56 106.59
C VAL J 3 -17.69 48.93 105.89
N GLU J 4 -18.30 49.66 104.97
CA GLU J 4 -19.55 49.22 104.37
C GLU J 4 -19.38 48.10 103.35
N LYS J 5 -18.28 48.10 102.61
CA LYS J 5 -17.94 46.96 101.77
C LYS J 5 -17.69 45.76 102.66
N GLY J 6 -17.21 46.05 103.87
CA GLY J 6 -17.04 45.02 104.89
C GLY J 6 -18.37 44.46 105.33
N LYS J 7 -19.39 45.33 105.36
CA LYS J 7 -20.73 44.91 105.72
C LYS J 7 -21.38 44.15 104.56
N LYS J 8 -20.89 44.42 103.35
CA LYS J 8 -21.34 43.69 102.17
C LYS J 8 -20.77 42.28 102.15
N ILE J 9 -19.47 42.17 102.36
CA ILE J 9 -18.80 40.88 102.40
C ILE J 9 -19.30 40.12 103.63
N PHE J 10 -19.74 40.88 104.63
CA PHE J 10 -20.37 40.30 105.81
C PHE J 10 -21.74 39.70 105.48
N VAL J 11 -22.61 40.48 104.84
CA VAL J 11 -23.96 40.02 104.56
C VAL J 11 -23.92 38.90 103.53
N GLN J 12 -22.87 38.87 102.70
CA GLN J 12 -22.71 37.82 101.71
C GLN J 12 -22.10 36.55 102.31
N LYS J 13 -20.82 36.65 102.65
CA LYS J 13 -20.02 35.47 102.99
C LYS J 13 -19.95 35.18 104.49
N CYS J 14 -20.58 36.03 105.31
CA CYS J 14 -20.45 35.92 106.76
C CYS J 14 -21.80 35.77 107.46
N ALA J 15 -22.64 36.78 107.32
CA ALA J 15 -23.85 36.95 108.13
C ALA J 15 -24.76 35.73 108.17
N GLN J 16 -24.68 34.88 107.14
CA GLN J 16 -25.51 33.68 107.11
C GLN J 16 -25.04 32.66 108.14
N CYS J 17 -23.73 32.57 108.36
CA CYS J 17 -23.18 31.66 109.35
C CYS J 17 -22.80 32.30 110.69
N HIS J 18 -22.89 33.61 110.81
CA HIS J 18 -22.30 34.29 111.97
C HIS J 18 -23.13 35.41 112.56
N THR J 19 -22.84 35.73 113.82
CA THR J 19 -23.39 36.92 114.47
C THR J 19 -22.24 37.73 115.06
N VAL J 20 -22.00 38.91 114.51
CA VAL J 20 -20.98 39.80 115.06
C VAL J 20 -21.60 40.86 115.96
N GLU J 21 -22.93 40.88 116.01
CA GLU J 21 -23.63 41.89 116.81
C GLU J 21 -23.58 41.52 118.29
N LYS J 22 -23.77 42.52 119.14
CA LYS J 22 -23.72 42.31 120.58
C LYS J 22 -24.88 41.41 121.02
N GLY J 23 -24.53 40.34 121.73
CA GLY J 23 -25.52 39.39 122.20
C GLY J 23 -26.09 38.55 121.08
N GLY J 24 -25.27 38.25 120.07
CA GLY J 24 -25.69 37.42 118.96
C GLY J 24 -25.70 35.96 119.34
N LYS J 25 -26.64 35.19 118.76
CA LYS J 25 -26.72 33.76 119.05
C LYS J 25 -25.65 33.01 118.28
N HIS J 26 -25.28 31.83 118.78
CA HIS J 26 -24.37 30.96 118.08
C HIS J 26 -25.08 30.21 116.97
N LYS J 27 -24.34 29.85 115.93
CA LYS J 27 -24.89 29.28 114.72
C LYS J 27 -23.90 28.26 114.17
N THR J 28 -24.10 27.86 112.92
CA THR J 28 -23.15 26.98 112.24
C THR J 28 -21.73 27.54 112.42
N GLY J 29 -21.56 28.83 112.14
CA GLY J 29 -20.38 29.54 112.56
C GLY J 29 -20.65 30.20 113.91
N PRO J 30 -19.60 30.45 114.69
CA PRO J 30 -19.74 30.97 116.05
C PRO J 30 -20.13 32.43 116.12
N ASN J 31 -20.65 32.86 117.28
CA ASN J 31 -20.85 34.27 117.55
C ASN J 31 -19.50 34.97 117.52
N LEU J 32 -19.40 35.99 116.68
CA LEU J 32 -18.11 36.67 116.51
C LEU J 32 -18.01 37.94 117.33
N HIS J 33 -19.04 38.24 118.12
CA HIS J 33 -19.04 39.46 118.92
C HIS J 33 -17.90 39.47 119.93
N GLY J 34 -17.14 40.56 119.94
CA GLY J 34 -15.98 40.68 120.80
C GLY J 34 -14.85 39.80 120.30
N LEU J 35 -14.71 39.71 118.99
CA LEU J 35 -13.72 38.84 118.36
C LEU J 35 -12.31 39.30 118.69
N PHE J 36 -12.02 40.57 118.42
CA PHE J 36 -10.72 41.13 118.73
C PHE J 36 -10.46 41.11 120.23
N GLY J 37 -9.32 40.54 120.62
CA GLY J 37 -8.97 40.45 122.03
C GLY J 37 -9.36 39.11 122.62
N ARG J 38 -10.28 38.41 121.97
CA ARG J 38 -10.68 37.08 122.42
C ARG J 38 -9.97 36.00 121.62
N LYS J 39 -9.47 34.99 122.32
CA LYS J 39 -8.74 33.91 121.69
C LYS J 39 -9.65 33.04 120.84
N THR J 40 -9.06 32.28 119.93
CA THR J 40 -9.81 31.42 119.02
C THR J 40 -10.68 30.40 119.75
N GLY J 41 -11.96 30.39 119.40
CA GLY J 41 -12.88 29.38 119.91
C GLY J 41 -13.14 29.44 121.41
N GLN J 42 -13.16 30.65 121.97
CA GLN J 42 -13.38 30.81 123.40
C GLN J 42 -14.83 31.16 123.76
N ALA J 43 -15.69 31.28 122.75
CA ALA J 43 -17.08 31.70 123.00
C ALA J 43 -17.98 30.53 123.38
N PRO J 44 -18.59 30.61 124.57
CA PRO J 44 -19.52 29.60 125.09
C PRO J 44 -20.82 29.53 124.28
N GLY J 45 -21.44 28.36 124.24
CA GLY J 45 -22.70 28.18 123.54
C GLY J 45 -22.51 27.51 122.19
N PHE J 46 -21.30 27.60 121.67
CA PHE J 46 -20.95 26.99 120.39
C PHE J 46 -19.83 25.97 120.59
N SER J 47 -19.96 24.80 119.97
CA SER J 47 -18.97 23.76 120.16
C SER J 47 -17.89 23.83 119.09
N TYR J 48 -16.71 24.26 119.50
CA TYR J 48 -15.57 24.38 118.60
C TYR J 48 -14.83 23.07 118.41
N THR J 49 -14.16 22.92 117.27
CA THR J 49 -13.21 21.84 117.08
C THR J 49 -11.96 22.15 117.89
N ASP J 50 -11.23 21.11 118.27
CA ASP J 50 -9.99 21.30 119.02
C ASP J 50 -8.95 22.03 118.18
N ALA J 51 -9.10 21.96 116.86
CA ALA J 51 -8.21 22.66 115.94
C ALA J 51 -8.26 24.17 116.18
N ASN J 52 -9.46 24.69 116.40
CA ASN J 52 -9.64 26.10 116.65
C ASN J 52 -9.29 26.49 118.08
N LYS J 53 -9.69 25.65 119.04
CA LYS J 53 -9.45 25.95 120.44
C LYS J 53 -7.96 25.89 120.81
N ASN J 54 -7.21 25.04 120.10
CA ASN J 54 -5.79 24.93 120.36
C ASN J 54 -4.98 25.93 119.54
N LYS J 55 -5.65 26.65 118.65
CA LYS J 55 -5.02 27.72 117.90
C LYS J 55 -4.61 28.83 118.86
N GLY J 56 -5.57 29.32 119.63
CA GLY J 56 -5.31 30.21 120.74
C GLY J 56 -4.63 31.52 120.41
N ILE J 57 -4.77 32.00 119.18
CA ILE J 57 -4.23 33.30 118.83
C ILE J 57 -5.21 34.40 119.21
N THR J 58 -4.80 35.65 119.04
CA THR J 58 -5.67 36.79 119.32
C THR J 58 -6.12 37.42 118.01
N TRP J 59 -7.42 37.30 117.72
CA TRP J 59 -7.95 37.77 116.46
C TRP J 59 -7.74 39.27 116.27
N GLY J 60 -7.25 39.63 115.10
CA GLY J 60 -6.97 41.01 114.76
C GLY J 60 -6.99 41.18 113.27
N GLU J 61 -6.65 42.38 112.80
CA GLU J 61 -6.67 42.66 111.37
C GLU J 61 -5.66 41.83 110.60
N GLU J 62 -4.51 41.57 111.23
CA GLU J 62 -3.45 40.78 110.63
C GLU J 62 -3.71 39.28 110.75
N THR J 63 -4.24 38.86 111.90
CA THR J 63 -4.56 37.45 112.11
C THR J 63 -5.66 37.02 111.17
N LEU J 64 -6.60 37.93 110.91
CA LEU J 64 -7.62 37.71 109.90
C LEU J 64 -7.08 37.96 108.50
N MET J 65 -6.00 38.73 108.40
CA MET J 65 -5.34 38.92 107.11
C MET J 65 -4.78 37.58 106.64
N GLU J 66 -4.18 36.85 107.56
CA GLU J 66 -3.62 35.54 107.25
C GLU J 66 -4.70 34.46 107.21
N TYR J 67 -5.67 34.55 108.13
CA TYR J 67 -6.70 33.52 108.22
C TYR J 67 -7.68 33.58 107.07
N LEU J 68 -8.29 34.74 106.85
CA LEU J 68 -9.31 34.88 105.82
C LEU J 68 -8.70 34.63 104.44
N GLU J 69 -7.39 34.78 104.36
CA GLU J 69 -6.63 34.46 103.17
C GLU J 69 -6.88 33.00 102.77
N ASN J 70 -6.60 32.09 103.70
CA ASN J 70 -6.93 30.68 103.52
C ASN J 70 -7.31 30.01 104.85
N PRO J 71 -8.58 30.17 105.29
CA PRO J 71 -9.07 29.74 106.61
C PRO J 71 -8.74 28.29 106.97
N LYS J 72 -8.49 27.45 105.97
CA LYS J 72 -8.07 26.08 106.22
C LYS J 72 -6.57 26.03 106.54
N LYS J 73 -5.83 27.00 106.04
CA LYS J 73 -4.38 27.06 106.23
C LYS J 73 -3.99 27.58 107.62
N TYR J 74 -4.61 28.67 108.03
CA TYR J 74 -4.24 29.35 109.27
C TYR J 74 -4.64 28.53 110.48
N ILE J 75 -5.86 28.00 110.46
CA ILE J 75 -6.32 27.09 111.50
C ILE J 75 -6.68 25.75 110.86
N PRO J 76 -5.67 24.90 110.63
CA PRO J 76 -5.89 23.59 110.01
C PRO J 76 -6.80 22.69 110.83
N GLY J 77 -7.79 22.09 110.19
CA GLY J 77 -8.69 21.18 110.87
C GLY J 77 -9.96 21.85 111.33
N THR J 78 -10.07 23.15 111.09
CA THR J 78 -11.28 23.89 111.45
C THR J 78 -12.46 23.33 110.67
N LYS J 79 -13.63 23.32 111.29
CA LYS J 79 -14.82 22.81 110.62
C LYS J 79 -15.44 23.91 109.77
N MET J 80 -14.82 25.08 109.79
CA MET J 80 -15.12 26.12 108.83
C MET J 80 -14.76 25.65 107.43
N ILE J 81 -15.71 25.73 106.52
CA ILE J 81 -15.43 25.36 105.13
C ILE J 81 -15.44 26.61 104.25
N PHE J 82 -14.26 27.03 103.81
CA PHE J 82 -14.16 28.17 102.92
C PHE J 82 -12.87 28.03 102.10
N ALA J 83 -12.90 28.50 100.86
CA ALA J 83 -11.77 28.30 99.94
C ALA J 83 -10.74 29.43 100.06
N GLY J 84 -11.00 30.36 100.95
CA GLY J 84 -10.09 31.46 101.21
C GLY J 84 -10.43 32.74 100.48
N ILE J 85 -10.17 33.87 101.14
CA ILE J 85 -10.33 35.17 100.50
C ILE J 85 -8.97 35.57 99.94
N LYS J 86 -8.86 35.55 98.63
CA LYS J 86 -7.57 35.80 98.01
C LYS J 86 -7.28 37.29 97.96
N LYS J 87 -8.32 38.09 97.71
CA LYS J 87 -8.18 39.54 97.68
C LYS J 87 -7.85 40.10 99.07
N LYS J 88 -6.90 41.03 99.12
CA LYS J 88 -6.54 41.65 100.39
C LYS J 88 -7.55 42.71 100.80
N GLY J 89 -7.95 43.53 99.84
CA GLY J 89 -8.91 44.61 100.09
C GLY J 89 -10.18 44.12 100.74
N GLU J 90 -10.68 42.99 100.26
CA GLU J 90 -11.85 42.35 100.86
C GLU J 90 -11.61 42.02 102.31
N ARG J 91 -10.42 41.48 102.60
CA ARG J 91 -10.05 41.14 103.96
C ARG J 91 -10.08 42.38 104.84
N GLU J 92 -9.29 43.39 104.47
CA GLU J 92 -9.20 44.63 105.24
C GLU J 92 -10.58 45.25 105.47
N ASP J 93 -11.41 45.29 104.43
CA ASP J 93 -12.74 45.86 104.53
C ASP J 93 -13.62 45.10 105.53
N LEU J 94 -13.74 43.80 105.30
CA LEU J 94 -14.56 42.93 106.15
C LEU J 94 -14.12 43.02 107.60
N ILE J 95 -12.81 42.88 107.82
CA ILE J 95 -12.22 42.99 109.15
C ILE J 95 -12.53 44.34 109.78
N ALA J 96 -12.52 45.39 108.97
CA ALA J 96 -12.83 46.72 109.45
C ALA J 96 -14.27 46.78 109.97
N TYR J 97 -15.21 46.28 109.18
CA TYR J 97 -16.60 46.28 109.62
C TYR J 97 -16.77 45.41 110.86
N LEU J 98 -15.95 44.36 110.97
CA LEU J 98 -15.94 43.54 112.18
C LEU J 98 -15.51 44.40 113.37
N LYS J 99 -14.50 45.23 113.14
CA LYS J 99 -13.99 46.12 114.17
C LYS J 99 -15.05 47.13 114.59
N LYS J 100 -15.94 47.45 113.66
CA LYS J 100 -17.07 48.31 113.97
C LYS J 100 -18.14 47.59 114.80
N ALA J 101 -18.76 46.59 114.19
CA ALA J 101 -19.91 45.90 114.79
C ALA J 101 -19.57 45.16 116.09
N THR J 102 -18.52 44.35 116.07
CA THR J 102 -18.14 43.55 117.23
C THR J 102 -17.79 44.42 118.43
N ASN J 103 -17.34 45.64 118.16
CA ASN J 103 -17.10 46.60 119.22
C ASN J 103 -18.41 47.18 119.75
N GLU J 104 -19.41 47.22 118.88
CA GLU J 104 -20.71 47.79 119.23
C GLU J 104 -21.62 46.77 119.90
N GLY K 1 -92.36 1.49 72.23
CA GLY K 1 -91.96 2.40 71.17
C GLY K 1 -93.14 2.98 70.42
N ASP K 2 -92.93 3.33 69.15
CA ASP K 2 -93.98 3.92 68.34
C ASP K 2 -95.01 2.86 67.99
N VAL K 3 -96.30 3.23 68.08
CA VAL K 3 -97.37 2.28 67.86
C VAL K 3 -97.52 1.90 66.39
N GLU K 4 -97.58 2.90 65.52
CA GLU K 4 -97.91 2.65 64.12
C GLU K 4 -96.75 2.04 63.32
N LYS K 5 -95.52 2.40 63.67
CA LYS K 5 -94.37 1.70 63.09
C LYS K 5 -94.38 0.27 63.59
N GLY K 6 -94.95 0.08 64.78
CA GLY K 6 -95.15 -1.25 65.33
C GLY K 6 -96.17 -2.01 64.52
N LYS K 7 -97.16 -1.29 64.00
CA LYS K 7 -98.19 -1.90 63.15
C LYS K 7 -97.62 -2.19 61.76
N LYS K 8 -96.58 -1.43 61.40
CA LYS K 8 -95.88 -1.66 60.14
C LYS K 8 -95.01 -2.91 60.22
N ILE K 9 -94.23 -3.02 61.28
CA ILE K 9 -93.38 -4.17 61.50
C ILE K 9 -94.28 -5.38 61.76
N PHE K 10 -95.48 -5.11 62.26
CA PHE K 10 -96.49 -6.14 62.43
C PHE K 10 -97.01 -6.65 61.08
N VAL K 11 -97.44 -5.73 60.22
CA VAL K 11 -98.03 -6.14 58.95
C VAL K 11 -96.96 -6.75 58.04
N GLN K 12 -95.70 -6.39 58.28
CA GLN K 12 -94.60 -6.97 57.51
C GLN K 12 -94.15 -8.31 58.05
N LYS K 13 -93.54 -8.29 59.23
CA LYS K 13 -92.83 -9.44 59.75
C LYS K 13 -93.66 -10.29 60.72
N CYS K 14 -94.90 -9.88 60.98
CA CYS K 14 -95.72 -10.54 61.98
C CYS K 14 -97.06 -11.04 61.43
N ALA K 15 -97.87 -10.10 60.95
CA ALA K 15 -99.29 -10.35 60.64
C ALA K 15 -99.53 -11.54 59.72
N GLN K 16 -98.52 -11.92 58.93
CA GLN K 16 -98.68 -13.04 58.03
C GLN K 16 -98.71 -14.36 58.80
N CYS K 17 -97.93 -14.45 59.88
CA CYS K 17 -97.89 -15.65 60.70
C CYS K 17 -98.72 -15.56 62.00
N HIS K 18 -99.29 -14.40 62.30
CA HIS K 18 -99.87 -14.20 63.64
C HIS K 18 -101.19 -13.45 63.67
N THR K 19 -101.92 -13.64 64.77
CA THR K 19 -103.10 -12.84 65.07
C THR K 19 -102.97 -12.25 66.46
N VAL K 20 -102.84 -10.93 66.55
CA VAL K 20 -102.79 -10.28 67.85
C VAL K 20 -104.14 -9.70 68.23
N GLU K 21 -105.10 -9.78 67.30
CA GLU K 21 -106.42 -9.22 67.53
C GLU K 21 -107.23 -10.13 68.44
N LYS K 22 -108.23 -9.57 69.08
CA LYS K 22 -109.08 -10.31 69.99
C LYS K 22 -109.86 -11.39 69.24
N GLY K 23 -109.74 -12.64 69.70
CA GLY K 23 -110.42 -13.75 69.07
C GLY K 23 -109.79 -14.12 67.73
N GLY K 24 -108.48 -13.94 67.62
CA GLY K 24 -107.77 -14.29 66.40
C GLY K 24 -107.54 -15.79 66.30
N LYS K 25 -107.57 -16.32 65.08
CA LYS K 25 -107.34 -17.74 64.88
C LYS K 25 -105.86 -18.06 64.99
N HIS K 26 -105.56 -19.32 65.32
CA HIS K 26 -104.18 -19.78 65.33
C HIS K 26 -103.70 -20.09 63.92
N LYS K 27 -102.40 -19.96 63.71
CA LYS K 27 -101.80 -20.04 62.39
C LYS K 27 -100.43 -20.69 62.52
N THR K 28 -99.60 -20.59 61.48
CA THR K 28 -98.23 -21.07 61.54
C THR K 28 -97.56 -20.54 62.81
N GLY K 29 -97.69 -19.23 63.05
CA GLY K 29 -97.39 -18.67 64.35
C GLY K 29 -98.67 -18.61 65.16
N PRO K 30 -98.54 -18.62 66.49
CA PRO K 30 -99.70 -18.70 67.38
C PRO K 30 -100.49 -17.39 67.48
N ASN K 31 -101.73 -17.50 67.95
CA ASN K 31 -102.52 -16.33 68.30
C ASN K 31 -101.81 -15.59 69.42
N LEU K 32 -101.52 -14.31 69.19
CA LEU K 32 -100.74 -13.54 70.16
C LEU K 32 -101.63 -12.69 71.06
N HIS K 33 -102.95 -12.79 70.89
CA HIS K 33 -103.87 -11.99 71.68
C HIS K 33 -103.76 -12.30 73.17
N GLY K 34 -103.60 -11.25 73.98
CA GLY K 34 -103.41 -11.41 75.40
C GLY K 34 -102.03 -11.96 75.71
N LEU K 35 -101.05 -11.51 74.93
CA LEU K 35 -99.68 -12.00 75.05
C LEU K 35 -99.07 -11.62 76.40
N PHE K 36 -99.12 -10.34 76.72
CA PHE K 36 -98.61 -9.86 78.00
C PHE K 36 -99.40 -10.45 79.15
N GLY K 37 -98.70 -11.05 80.11
CA GLY K 37 -99.36 -11.67 81.25
C GLY K 37 -99.56 -13.16 81.04
N ARG K 38 -99.54 -13.61 79.79
CA ARG K 38 -99.67 -15.03 79.49
C ARG K 38 -98.31 -15.65 79.24
N LYS K 39 -98.10 -16.83 79.84
CA LYS K 39 -96.83 -17.53 79.71
C LYS K 39 -96.62 -18.05 78.30
N THR K 40 -95.37 -18.35 77.97
CA THR K 40 -95.01 -18.83 76.64
C THR K 40 -95.75 -20.10 76.25
N GLY K 41 -96.38 -20.06 75.08
CA GLY K 41 -97.03 -21.23 74.52
C GLY K 41 -98.19 -21.78 75.30
N GLN K 42 -98.97 -20.90 75.93
CA GLN K 42 -100.11 -21.33 76.73
C GLN K 42 -101.44 -21.24 75.98
N ALA K 43 -101.42 -20.79 74.74
CA ALA K 43 -102.65 -20.58 73.99
C ALA K 43 -103.14 -21.87 73.32
N PRO K 44 -104.36 -22.30 73.65
CA PRO K 44 -105.02 -23.48 73.08
C PRO K 44 -105.34 -23.32 71.60
N GLY K 45 -105.35 -24.42 70.86
CA GLY K 45 -105.70 -24.39 69.44
C GLY K 45 -104.48 -24.45 68.55
N PHE K 46 -103.33 -24.09 69.11
CA PHE K 46 -102.06 -24.13 68.41
C PHE K 46 -101.10 -25.06 69.12
N SER K 47 -100.40 -25.90 68.36
CA SER K 47 -99.50 -26.88 68.96
C SER K 47 -98.09 -26.32 69.08
N TYR K 48 -97.68 -26.01 70.30
CA TYR K 48 -96.36 -25.48 70.57
C TYR K 48 -95.30 -26.56 70.69
N THR K 49 -94.06 -26.20 70.41
CA THR K 49 -92.93 -27.06 70.72
C THR K 49 -92.70 -27.02 72.23
N ASP K 50 -92.11 -28.08 72.77
CA ASP K 50 -91.82 -28.12 74.20
C ASP K 50 -90.80 -27.05 74.58
N ALA K 51 -90.02 -26.60 73.61
CA ALA K 51 -89.05 -25.55 73.82
C ALA K 51 -89.72 -24.26 74.28
N ASN K 52 -90.86 -23.95 73.67
CA ASN K 52 -91.61 -22.75 74.02
C ASN K 52 -92.42 -22.94 75.29
N LYS K 53 -93.05 -24.11 75.43
CA LYS K 53 -93.91 -24.38 76.58
C LYS K 53 -93.11 -24.49 77.88
N ASN K 54 -91.87 -24.93 77.78
CA ASN K 54 -91.01 -25.05 78.96
C ASN K 54 -90.25 -23.76 79.25
N LYS K 55 -90.37 -22.80 78.34
CA LYS K 55 -89.79 -21.47 78.55
C LYS K 55 -90.49 -20.81 79.73
N GLY K 56 -91.82 -20.73 79.64
CA GLY K 56 -92.66 -20.32 80.74
C GLY K 56 -92.40 -18.95 81.34
N ILE K 57 -91.86 -18.04 80.54
CA ILE K 57 -91.68 -16.67 81.01
C ILE K 57 -92.97 -15.88 80.79
N THR K 58 -92.98 -14.64 81.26
CA THR K 58 -94.14 -13.76 81.06
C THR K 58 -93.80 -12.70 80.04
N TRP K 59 -94.45 -12.78 78.88
CA TRP K 59 -94.13 -11.88 77.78
C TRP K 59 -94.36 -10.42 78.15
N GLY K 60 -93.38 -9.59 77.84
CA GLY K 60 -93.42 -8.18 78.14
C GLY K 60 -92.51 -7.43 77.19
N GLU K 61 -92.36 -6.13 77.41
CA GLU K 61 -91.54 -5.31 76.53
C GLU K 61 -90.07 -5.70 76.59
N GLU K 62 -89.62 -6.12 77.78
CA GLU K 62 -88.23 -6.55 77.97
C GLU K 62 -88.00 -7.99 77.52
N THR K 63 -88.98 -8.85 77.78
CA THR K 63 -88.89 -10.25 77.37
C THR K 63 -88.87 -10.34 75.85
N LEU K 64 -89.64 -9.46 75.21
CA LEU K 64 -89.61 -9.33 73.76
C LEU K 64 -88.41 -8.52 73.31
N MET K 65 -87.86 -7.70 74.21
CA MET K 65 -86.62 -6.98 73.90
C MET K 65 -85.50 -7.99 73.69
N GLU K 66 -85.45 -8.99 74.57
CA GLU K 66 -84.44 -10.03 74.47
C GLU K 66 -84.80 -11.07 73.41
N TYR K 67 -86.09 -11.41 73.32
CA TYR K 67 -86.52 -12.46 72.40
C TYR K 67 -86.45 -12.01 70.96
N LEU K 68 -87.11 -10.90 70.63
CA LEU K 68 -87.17 -10.43 69.25
C LEU K 68 -85.77 -10.08 68.75
N GLU K 69 -84.88 -9.82 69.69
CA GLU K 69 -83.47 -9.60 69.39
C GLU K 69 -82.91 -10.80 68.62
N ASN K 70 -83.03 -11.99 69.23
CA ASN K 70 -82.68 -13.23 68.54
C ASN K 70 -83.59 -14.39 68.97
N PRO K 71 -84.79 -14.49 68.37
CA PRO K 71 -85.84 -15.44 68.77
C PRO K 71 -85.38 -16.89 68.91
N LYS K 72 -84.28 -17.25 68.25
CA LYS K 72 -83.71 -18.58 68.41
C LYS K 72 -82.88 -18.66 69.69
N LYS K 73 -82.36 -17.52 70.14
CA LYS K 73 -81.52 -17.45 71.33
C LYS K 73 -82.32 -17.50 72.63
N TYR K 74 -83.37 -16.70 72.69
CA TYR K 74 -84.16 -16.54 73.92
C TYR K 74 -84.95 -17.79 74.22
N ILE K 75 -85.60 -18.35 73.20
CA ILE K 75 -86.30 -19.62 73.33
C ILE K 75 -85.69 -20.62 72.35
N PRO K 76 -84.57 -21.25 72.74
CA PRO K 76 -83.88 -22.22 71.89
C PRO K 76 -84.75 -23.42 71.55
N GLY K 77 -84.81 -23.78 70.28
CA GLY K 77 -85.56 -24.94 69.85
C GLY K 77 -86.96 -24.59 69.38
N THR K 78 -87.31 -23.30 69.44
CA THR K 78 -88.60 -22.85 68.96
C THR K 78 -88.71 -23.13 67.47
N LYS K 79 -89.92 -23.46 67.02
CA LYS K 79 -90.13 -23.73 65.60
C LYS K 79 -90.35 -22.43 64.85
N MET K 80 -90.33 -21.32 65.58
CA MET K 80 -90.25 -20.01 64.98
C MET K 80 -88.92 -19.87 64.22
N ILE K 81 -89.01 -19.50 62.95
CA ILE K 81 -87.80 -19.27 62.18
C ILE K 81 -87.63 -17.79 61.89
N PHE K 82 -86.66 -17.16 62.56
CA PHE K 82 -86.39 -15.75 62.32
C PHE K 82 -84.93 -15.47 62.70
N ALA K 83 -84.29 -14.55 61.98
CA ALA K 83 -82.86 -14.31 62.16
C ALA K 83 -82.60 -13.26 63.24
N GLY K 84 -83.67 -12.77 63.84
CA GLY K 84 -83.57 -11.80 64.93
C GLY K 84 -83.75 -10.37 64.49
N ILE K 85 -84.37 -9.57 65.37
CA ILE K 85 -84.48 -8.14 65.13
C ILE K 85 -83.32 -7.47 65.85
N LYS K 86 -82.39 -6.95 65.08
CA LYS K 86 -81.17 -6.41 65.68
C LYS K 86 -81.44 -5.00 66.20
N LYS K 87 -82.24 -4.23 65.46
CA LYS K 87 -82.60 -2.88 65.87
C LYS K 87 -83.47 -2.88 67.13
N LYS K 88 -83.16 -2.00 68.07
CA LYS K 88 -83.94 -1.91 69.30
C LYS K 88 -85.25 -1.17 69.07
N GLY K 89 -85.17 -0.05 68.34
CA GLY K 89 -86.33 0.78 68.06
C GLY K 89 -87.47 -0.01 67.43
N GLU K 90 -87.13 -0.89 66.50
CA GLU K 90 -88.11 -1.78 65.89
C GLU K 90 -88.79 -2.64 66.94
N ARG K 91 -87.98 -3.17 67.86
CA ARG K 91 -88.51 -4.01 68.93
C ARG K 91 -89.50 -3.21 69.76
N GLU K 92 -89.06 -2.09 70.33
CA GLU K 92 -89.91 -1.25 71.17
C GLU K 92 -91.21 -0.85 70.46
N ASP K 93 -91.10 -0.46 69.20
CA ASP K 93 -92.26 -0.06 68.42
C ASP K 93 -93.26 -1.20 68.25
N LEU K 94 -92.77 -2.32 67.72
CA LEU K 94 -93.60 -3.50 67.48
C LEU K 94 -94.28 -3.97 68.76
N ILE K 95 -93.49 -4.09 69.81
CA ILE K 95 -93.97 -4.48 71.13
C ILE K 95 -95.05 -3.51 71.62
N ALA K 96 -94.86 -2.23 71.34
CA ALA K 96 -95.82 -1.21 71.74
C ALA K 96 -97.16 -1.46 71.04
N TYR K 97 -97.12 -1.66 69.72
CA TYR K 97 -98.36 -1.92 69.01
C TYR K 97 -99.00 -3.22 69.48
N LEU K 98 -98.18 -4.17 69.91
CA LEU K 98 -98.69 -5.40 70.50
C LEU K 98 -99.44 -5.06 71.78
N LYS K 99 -98.89 -4.15 72.56
CA LYS K 99 -99.51 -3.70 73.81
C LYS K 99 -100.82 -3.00 73.53
N LYS K 100 -100.93 -2.39 72.35
CA LYS K 100 -102.19 -1.79 71.93
C LYS K 100 -103.22 -2.85 71.52
N ALA K 101 -102.92 -3.58 70.45
CA ALA K 101 -103.87 -4.51 69.86
C ALA K 101 -104.25 -5.68 70.77
N THR K 102 -103.25 -6.35 71.33
CA THR K 102 -103.48 -7.52 72.18
C THR K 102 -104.32 -7.17 73.41
N ASN K 103 -104.24 -5.92 73.83
CA ASN K 103 -105.08 -5.43 74.92
C ASN K 103 -106.51 -5.19 74.44
N GLU K 104 -106.64 -4.88 73.15
CA GLU K 104 -107.94 -4.58 72.57
C GLU K 104 -108.66 -5.83 72.11
N GLY L 1 -111.00 -33.09 -20.45
CA GLY L 1 -110.34 -31.81 -20.63
C GLY L 1 -110.84 -31.06 -21.85
N ASP L 2 -109.98 -30.22 -22.43
CA ASP L 2 -110.37 -29.43 -23.59
C ASP L 2 -110.50 -30.33 -24.83
N VAL L 3 -111.56 -30.11 -25.60
CA VAL L 3 -111.84 -30.96 -26.74
C VAL L 3 -110.86 -30.73 -27.89
N GLU L 4 -110.66 -29.48 -28.27
CA GLU L 4 -109.88 -29.17 -29.47
C GLU L 4 -108.38 -29.35 -29.28
N LYS L 5 -107.87 -29.08 -28.08
CA LYS L 5 -106.49 -29.42 -27.78
C LYS L 5 -106.35 -30.93 -27.79
N GLY L 6 -107.46 -31.61 -27.48
CA GLY L 6 -107.52 -33.06 -27.57
C GLY L 6 -107.44 -33.50 -29.01
N LYS L 7 -108.01 -32.70 -29.91
CA LYS L 7 -107.96 -32.99 -31.34
C LYS L 7 -106.57 -32.67 -31.88
N LYS L 8 -105.87 -31.77 -31.20
CA LYS L 8 -104.50 -31.44 -31.55
C LYS L 8 -103.55 -32.57 -31.16
N ILE L 9 -103.67 -33.03 -29.93
CA ILE L 9 -102.85 -34.12 -29.43
C ILE L 9 -103.24 -35.39 -30.19
N PHE L 10 -104.48 -35.42 -30.67
CA PHE L 10 -104.94 -36.49 -31.53
C PHE L 10 -104.26 -36.46 -32.91
N VAL L 11 -104.28 -35.31 -33.57
CA VAL L 11 -103.72 -35.22 -34.91
C VAL L 11 -102.20 -35.36 -34.86
N GLN L 12 -101.61 -35.04 -33.71
CA GLN L 12 -100.17 -35.19 -33.54
C GLN L 12 -99.78 -36.62 -33.17
N LYS L 13 -100.14 -37.02 -31.95
CA LYS L 13 -99.62 -38.24 -31.36
C LYS L 13 -100.54 -39.45 -31.53
N CYS L 14 -101.69 -39.25 -32.17
CA CYS L 14 -102.69 -40.31 -32.27
C CYS L 14 -103.08 -40.63 -33.71
N ALA L 15 -103.63 -39.63 -34.40
CA ALA L 15 -104.31 -39.82 -35.69
C ALA L 15 -103.49 -40.57 -36.74
N GLN L 16 -102.17 -40.55 -36.60
CA GLN L 16 -101.31 -41.23 -37.55
C GLN L 16 -101.41 -42.74 -37.37
N CYS L 17 -101.54 -43.20 -36.13
CA CYS L 17 -101.68 -44.63 -35.84
C CYS L 17 -103.11 -45.11 -35.58
N HIS L 18 -104.08 -44.19 -35.52
CA HIS L 18 -105.41 -44.57 -35.03
C HIS L 18 -106.58 -43.98 -35.81
N THR L 19 -107.74 -44.63 -35.67
CA THR L 19 -109.00 -44.09 -36.16
C THR L 19 -110.01 -44.09 -35.03
N VAL L 20 -110.41 -42.92 -34.57
CA VAL L 20 -111.44 -42.82 -33.54
C VAL L 20 -112.80 -42.52 -34.16
N GLU L 21 -112.82 -42.29 -35.46
CA GLU L 21 -114.06 -41.95 -36.15
C GLU L 21 -114.91 -43.19 -36.36
N LYS L 22 -116.20 -42.99 -36.55
CA LYS L 22 -117.12 -44.09 -36.74
C LYS L 22 -116.82 -44.83 -38.04
N GLY L 23 -116.63 -46.14 -37.93
CA GLY L 23 -116.31 -46.96 -39.08
C GLY L 23 -114.90 -46.74 -39.59
N GLY L 24 -113.98 -46.45 -38.66
CA GLY L 24 -112.60 -46.24 -39.01
C GLY L 24 -111.88 -47.56 -39.26
N LYS L 25 -110.93 -47.57 -40.19
CA LYS L 25 -110.17 -48.78 -40.47
C LYS L 25 -109.13 -49.02 -39.39
N HIS L 26 -108.72 -50.28 -39.25
CA HIS L 26 -107.63 -50.64 -38.34
C HIS L 26 -106.29 -50.33 -38.98
N LYS L 27 -105.31 -50.05 -38.14
CA LYS L 27 -104.01 -49.56 -38.57
C LYS L 27 -102.94 -50.12 -37.66
N THR L 28 -101.73 -49.57 -37.71
CA THR L 28 -100.67 -49.94 -36.77
C THR L 28 -101.22 -49.92 -35.35
N GLY L 29 -101.90 -48.82 -34.99
CA GLY L 29 -102.72 -48.80 -33.80
C GLY L 29 -104.14 -49.14 -34.19
N PRO L 30 -104.92 -49.66 -33.24
CA PRO L 30 -106.27 -50.16 -33.51
C PRO L 30 -107.30 -49.05 -33.73
N ASN L 31 -108.42 -49.41 -34.36
CA ASN L 31 -109.57 -48.53 -34.44
C ASN L 31 -110.05 -48.24 -33.02
N LEU L 32 -110.13 -46.96 -32.66
CA LEU L 32 -110.48 -46.59 -31.30
C LEU L 32 -111.95 -46.22 -31.16
N HIS L 33 -112.71 -46.32 -32.25
CA HIS L 33 -114.13 -45.95 -32.23
C HIS L 33 -114.91 -46.82 -31.26
N GLY L 34 -115.67 -46.17 -30.38
CA GLY L 34 -116.42 -46.87 -29.36
C GLY L 34 -115.50 -47.39 -28.28
N LEU L 35 -114.46 -46.62 -27.97
CA LEU L 35 -113.45 -47.03 -27.00
C LEU L 35 -114.03 -47.18 -25.61
N PHE L 36 -114.69 -46.13 -25.14
CA PHE L 36 -115.34 -46.15 -23.83
C PHE L 36 -116.44 -47.21 -23.80
N GLY L 37 -116.39 -48.08 -22.80
CA GLY L 37 -117.37 -49.14 -22.68
C GLY L 37 -116.90 -50.44 -23.30
N ARG L 38 -115.92 -50.35 -24.20
CA ARG L 38 -115.36 -51.54 -24.81
C ARG L 38 -114.06 -51.95 -24.12
N LYS L 39 -113.92 -53.23 -23.86
CA LYS L 39 -112.73 -53.75 -23.17
C LYS L 39 -111.50 -53.65 -24.05
N THR L 40 -110.33 -53.72 -23.43
CA THR L 40 -109.05 -53.62 -24.13
C THR L 40 -108.89 -54.68 -25.22
N GLY L 41 -108.57 -54.23 -26.43
CA GLY L 41 -108.27 -55.12 -27.52
C GLY L 41 -109.39 -56.01 -27.99
N GLN L 42 -110.62 -55.49 -27.95
CA GLN L 42 -111.79 -56.27 -28.35
C GLN L 42 -112.25 -55.99 -29.79
N ALA L 43 -111.56 -55.07 -30.47
CA ALA L 43 -111.98 -54.67 -31.82
C ALA L 43 -111.46 -55.62 -32.89
N PRO L 44 -112.38 -56.22 -33.66
CA PRO L 44 -112.05 -57.13 -34.77
C PRO L 44 -111.36 -56.41 -35.93
N GLY L 45 -110.54 -57.13 -36.68
CA GLY L 45 -109.85 -56.56 -37.84
C GLY L 45 -108.42 -56.20 -37.54
N PHE L 46 -108.12 -56.02 -36.26
CA PHE L 46 -106.78 -55.69 -35.80
C PHE L 46 -106.28 -56.77 -34.86
N SER L 47 -105.03 -57.19 -35.03
CA SER L 47 -104.50 -58.27 -34.20
C SER L 47 -103.78 -57.72 -32.98
N TYR L 48 -104.41 -57.89 -31.83
CA TYR L 48 -103.85 -57.42 -30.56
C TYR L 48 -102.85 -58.40 -29.97
N THR L 49 -101.93 -57.88 -29.16
CA THR L 49 -101.09 -58.73 -28.33
C THR L 49 -101.93 -59.26 -27.18
N ASP L 50 -101.54 -60.40 -26.63
CA ASP L 50 -102.26 -60.98 -25.52
C ASP L 50 -102.15 -60.09 -24.28
N ALA L 51 -101.12 -59.25 -24.25
CA ALA L 51 -100.95 -58.31 -23.16
C ALA L 51 -102.12 -57.34 -23.06
N ASN L 52 -102.61 -56.89 -24.22
CA ASN L 52 -103.73 -55.98 -24.25
C ASN L 52 -105.07 -56.70 -24.08
N LYS L 53 -105.21 -57.87 -24.70
CA LYS L 53 -106.45 -58.62 -24.63
C LYS L 53 -106.72 -59.18 -23.24
N ASN L 54 -105.66 -59.47 -22.49
CA ASN L 54 -105.80 -59.99 -21.14
C ASN L 54 -105.90 -58.86 -20.11
N LYS L 55 -105.70 -57.64 -20.57
CA LYS L 55 -105.88 -56.48 -19.71
C LYS L 55 -107.34 -56.36 -19.30
N GLY L 56 -108.22 -56.35 -20.31
CA GLY L 56 -109.65 -56.46 -20.11
C GLY L 56 -110.31 -55.41 -19.23
N ILE L 57 -109.71 -54.23 -19.14
CA ILE L 57 -110.34 -53.15 -18.39
C ILE L 57 -111.34 -52.42 -19.29
N THR L 58 -112.06 -51.47 -18.71
CA THR L 58 -113.00 -50.66 -19.48
C THR L 58 -112.45 -49.26 -19.66
N TRP L 59 -112.12 -48.92 -20.90
CA TRP L 59 -111.47 -47.64 -21.18
C TRP L 59 -112.35 -46.46 -20.78
N GLY L 60 -111.74 -45.52 -20.07
CA GLY L 60 -112.43 -44.33 -19.59
C GLY L 60 -111.43 -43.22 -19.37
N GLU L 61 -111.90 -42.11 -18.82
CA GLU L 61 -111.03 -40.95 -18.60
C GLU L 61 -109.93 -41.25 -17.59
N GLU L 62 -110.26 -42.07 -16.59
CA GLU L 62 -109.30 -42.44 -15.56
C GLU L 62 -108.39 -43.57 -16.01
N THR L 63 -108.94 -44.53 -16.75
CA THR L 63 -108.14 -45.65 -17.25
C THR L 63 -107.12 -45.13 -18.25
N LEU L 64 -107.51 -44.14 -19.03
CA LEU L 64 -106.59 -43.44 -19.92
C LEU L 64 -105.74 -42.44 -19.15
N MET L 65 -106.21 -42.00 -17.98
CA MET L 65 -105.40 -41.15 -17.12
C MET L 65 -104.18 -41.91 -16.66
N GLU L 66 -104.38 -43.17 -16.30
CA GLU L 66 -103.28 -44.02 -15.86
C GLU L 66 -102.51 -44.59 -17.04
N TYR L 67 -103.21 -44.95 -18.11
CA TYR L 67 -102.57 -45.57 -19.26
C TYR L 67 -101.72 -44.58 -20.04
N LEU L 68 -102.33 -43.49 -20.49
CA LEU L 68 -101.62 -42.52 -21.31
C LEU L 68 -100.45 -41.91 -20.55
N GLU L 69 -100.54 -41.99 -19.22
CA GLU L 69 -99.45 -41.58 -18.35
C GLU L 69 -98.18 -42.34 -18.71
N ASN L 70 -98.26 -43.67 -18.67
CA ASN L 70 -97.17 -44.52 -19.14
C ASN L 70 -97.70 -45.82 -19.80
N PRO L 71 -98.09 -45.75 -21.08
CA PRO L 71 -98.76 -46.84 -21.80
C PRO L 71 -98.07 -48.20 -21.70
N LYS L 72 -96.77 -48.20 -21.42
CA LYS L 72 -96.05 -49.45 -21.19
C LYS L 72 -96.29 -49.97 -19.78
N LYS L 73 -96.60 -49.07 -18.86
CA LYS L 73 -96.83 -49.42 -17.45
C LYS L 73 -98.20 -50.03 -17.22
N TYR L 74 -99.22 -49.38 -17.76
CA TYR L 74 -100.61 -49.76 -17.50
C TYR L 74 -100.95 -51.08 -18.16
N ILE L 75 -100.54 -51.23 -19.41
CA ILE L 75 -100.68 -52.49 -20.13
C ILE L 75 -99.30 -52.99 -20.55
N PRO L 76 -98.59 -53.65 -19.62
CA PRO L 76 -97.24 -54.15 -19.90
C PRO L 76 -97.22 -55.19 -21.02
N GLY L 77 -96.31 -55.01 -21.97
CA GLY L 77 -96.17 -55.96 -23.06
C GLY L 77 -96.94 -55.55 -24.30
N THR L 78 -97.63 -54.41 -24.22
CA THR L 78 -98.36 -53.89 -25.37
C THR L 78 -97.36 -53.57 -26.48
N LYS L 79 -97.78 -53.77 -27.73
CA LYS L 79 -96.92 -53.47 -28.86
C LYS L 79 -97.00 -52.00 -29.21
N MET L 80 -97.83 -51.27 -28.47
CA MET L 80 -97.81 -49.82 -28.50
C MET L 80 -96.46 -49.31 -28.00
N ILE L 81 -95.80 -48.48 -28.79
CA ILE L 81 -94.54 -47.88 -28.36
C ILE L 81 -94.73 -46.40 -28.10
N PHE L 82 -94.72 -46.03 -26.81
CA PHE L 82 -94.83 -44.63 -26.45
C PHE L 82 -94.17 -44.43 -25.09
N ALA L 83 -93.56 -43.26 -24.87
CA ALA L 83 -92.78 -43.02 -23.66
C ALA L 83 -93.64 -42.46 -22.53
N GLY L 84 -94.93 -42.31 -22.80
CA GLY L 84 -95.89 -41.85 -21.81
C GLY L 84 -96.20 -40.37 -21.90
N ILE L 85 -97.45 -40.02 -21.60
CA ILE L 85 -97.84 -38.62 -21.51
C ILE L 85 -97.74 -38.22 -20.05
N LYS L 86 -96.77 -37.38 -19.74
CA LYS L 86 -96.50 -37.04 -18.36
C LYS L 86 -97.48 -35.97 -17.90
N LYS L 87 -97.81 -35.03 -18.78
CA LYS L 87 -98.76 -33.98 -18.47
C LYS L 87 -100.17 -34.54 -18.29
N LYS L 88 -100.86 -34.07 -17.24
CA LYS L 88 -102.23 -34.51 -17.00
C LYS L 88 -103.22 -33.83 -17.93
N GLY L 89 -103.05 -32.51 -18.08
CA GLY L 89 -103.92 -31.72 -18.92
C GLY L 89 -104.04 -32.26 -20.33
N GLU L 90 -102.92 -32.68 -20.90
CA GLU L 90 -102.90 -33.32 -22.20
C GLU L 90 -103.76 -34.57 -22.21
N ARG L 91 -103.64 -35.36 -21.15
CA ARG L 91 -104.43 -36.58 -21.03
C ARG L 91 -105.91 -36.24 -21.04
N GLU L 92 -106.33 -35.42 -20.09
CA GLU L 92 -107.75 -35.02 -19.98
C GLU L 92 -108.30 -34.46 -21.29
N ASP L 93 -107.52 -33.61 -21.94
CA ASP L 93 -107.94 -33.00 -23.20
C ASP L 93 -108.15 -34.04 -24.29
N LEU L 94 -107.10 -34.83 -24.53
CA LEU L 94 -107.12 -35.86 -25.56
C LEU L 94 -108.27 -36.84 -25.33
N ILE L 95 -108.37 -37.33 -24.10
CA ILE L 95 -109.45 -38.23 -23.69
C ILE L 95 -110.81 -37.60 -23.93
N ALA L 96 -110.91 -36.30 -23.68
CA ALA L 96 -112.17 -35.58 -23.90
C ALA L 96 -112.55 -35.61 -25.38
N TYR L 97 -111.60 -35.29 -26.25
CA TYR L 97 -111.89 -35.32 -27.67
C TYR L 97 -112.21 -36.74 -28.13
N LEU L 98 -111.62 -37.73 -27.46
CA LEU L 98 -111.96 -39.12 -27.73
C LEU L 98 -113.42 -39.35 -27.38
N LYS L 99 -113.85 -38.79 -26.26
CA LYS L 99 -115.22 -38.91 -25.80
C LYS L 99 -116.17 -38.25 -26.78
N LYS L 100 -115.68 -37.23 -27.48
CA LYS L 100 -116.46 -36.60 -28.54
C LYS L 100 -116.55 -37.48 -29.78
N ALA L 101 -115.41 -37.69 -30.43
CA ALA L 101 -115.37 -38.38 -31.72
C ALA L 101 -115.84 -39.83 -31.66
N THR L 102 -115.30 -40.61 -30.72
CA THR L 102 -115.64 -42.03 -30.62
C THR L 102 -117.13 -42.24 -30.35
N ASN L 103 -117.75 -41.26 -29.73
CA ASN L 103 -119.20 -41.29 -29.52
C ASN L 103 -119.94 -40.97 -30.82
N GLU L 104 -119.30 -40.19 -31.68
CA GLU L 104 -119.89 -39.75 -32.93
C GLU L 104 -119.68 -40.79 -34.04
N GLY M 1 -51.81 -29.45 -101.97
CA GLY M 1 -51.65 -28.17 -101.31
C GLY M 1 -51.45 -27.03 -102.30
N ASP M 2 -50.75 -25.98 -101.86
CA ASP M 2 -50.52 -24.83 -102.71
C ASP M 2 -49.52 -25.17 -103.80
N VAL M 3 -49.80 -24.74 -105.02
CA VAL M 3 -48.96 -25.08 -106.16
C VAL M 3 -47.62 -24.37 -106.14
N GLU M 4 -47.63 -23.05 -105.95
CA GLU M 4 -46.42 -22.25 -106.09
C GLU M 4 -45.46 -22.39 -104.91
N LYS M 5 -45.99 -22.59 -103.70
CA LYS M 5 -45.14 -22.94 -102.58
C LYS M 5 -44.54 -24.30 -102.83
N GLY M 6 -45.28 -25.12 -103.58
CA GLY M 6 -44.79 -26.41 -104.02
C GLY M 6 -43.65 -26.25 -105.00
N LYS M 7 -43.71 -25.20 -105.81
CA LYS M 7 -42.64 -24.90 -106.76
C LYS M 7 -41.45 -24.29 -106.04
N LYS M 8 -41.70 -23.70 -104.88
CA LYS M 8 -40.65 -23.18 -104.02
C LYS M 8 -39.88 -24.30 -103.34
N ILE M 9 -40.63 -25.23 -102.74
CA ILE M 9 -40.03 -26.37 -102.07
C ILE M 9 -39.39 -27.26 -103.12
N PHE M 10 -39.91 -27.17 -104.34
CA PHE M 10 -39.32 -27.84 -105.49
C PHE M 10 -37.96 -27.23 -105.86
N VAL M 11 -37.92 -25.92 -106.05
CA VAL M 11 -36.69 -25.27 -106.48
C VAL M 11 -35.64 -25.33 -105.38
N GLN M 12 -36.09 -25.45 -104.14
CA GLN M 12 -35.17 -25.57 -103.00
C GLN M 12 -34.68 -26.99 -102.82
N LYS M 13 -35.58 -27.86 -102.38
CA LYS M 13 -35.22 -29.18 -101.89
C LYS M 13 -35.35 -30.28 -102.95
N CYS M 14 -35.77 -29.92 -104.15
CA CYS M 14 -36.05 -30.91 -105.19
C CYS M 14 -35.27 -30.67 -106.48
N ALA M 15 -35.51 -29.51 -107.10
CA ALA M 15 -35.07 -29.22 -108.46
C ALA M 15 -33.59 -29.45 -108.71
N GLN M 16 -32.78 -29.40 -107.66
CA GLN M 16 -31.35 -29.60 -107.80
C GLN M 16 -31.05 -31.06 -108.11
N CYS M 17 -31.80 -31.98 -107.50
CA CYS M 17 -31.61 -33.41 -107.73
C CYS M 17 -32.60 -34.04 -108.73
N HIS M 18 -33.60 -33.29 -109.19
CA HIS M 18 -34.70 -33.91 -109.93
C HIS M 18 -35.18 -33.13 -111.16
N THR M 19 -35.85 -33.86 -112.04
CA THR M 19 -36.57 -33.25 -113.15
C THR M 19 -38.00 -33.76 -113.17
N VAL M 20 -38.96 -32.88 -112.89
CA VAL M 20 -40.36 -33.26 -112.95
C VAL M 20 -40.98 -32.83 -114.28
N GLU M 21 -40.22 -32.10 -115.09
CA GLU M 21 -40.72 -31.60 -116.35
C GLU M 21 -40.77 -32.72 -117.38
N LYS M 22 -41.59 -32.53 -118.41
CA LYS M 22 -41.73 -33.52 -119.45
C LYS M 22 -40.43 -33.67 -120.23
N GLY M 23 -39.95 -34.90 -120.34
CA GLY M 23 -38.71 -35.19 -121.03
C GLY M 23 -37.49 -34.70 -120.28
N GLY M 24 -37.56 -34.73 -118.95
CA GLY M 24 -36.45 -34.32 -118.11
C GLY M 24 -35.37 -35.39 -118.05
N LYS M 25 -34.11 -34.97 -117.96
CA LYS M 25 -33.02 -35.93 -117.87
C LYS M 25 -32.92 -36.51 -116.47
N HIS M 26 -32.34 -37.70 -116.36
CA HIS M 26 -32.07 -38.30 -115.08
C HIS M 26 -30.83 -37.68 -114.43
N LYS M 27 -30.81 -37.70 -113.11
CA LYS M 27 -29.79 -37.00 -112.33
C LYS M 27 -29.50 -37.82 -111.09
N THR M 28 -28.81 -37.21 -110.11
CA THR M 28 -28.58 -37.86 -108.82
C THR M 28 -29.90 -38.43 -108.30
N GLY M 29 -30.94 -37.60 -108.30
CA GLY M 29 -32.29 -38.10 -108.12
C GLY M 29 -32.90 -38.35 -109.50
N PRO M 30 -33.88 -39.26 -109.57
CA PRO M 30 -34.46 -39.69 -110.85
C PRO M 30 -35.38 -38.65 -111.49
N ASN M 31 -35.62 -38.79 -112.79
CA ASN M 31 -36.64 -38.02 -113.48
C ASN M 31 -37.98 -38.35 -112.85
N LEU M 32 -38.68 -37.33 -112.38
CA LEU M 32 -39.94 -37.54 -111.67
C LEU M 32 -41.16 -37.34 -112.57
N HIS M 33 -40.92 -37.06 -113.85
CA HIS M 33 -42.03 -36.83 -114.78
C HIS M 33 -42.91 -38.05 -114.92
N GLY M 34 -44.22 -37.84 -114.76
CA GLY M 34 -45.18 -38.93 -114.81
C GLY M 34 -45.08 -39.79 -113.56
N LEU M 35 -44.83 -39.13 -112.43
CA LEU M 35 -44.63 -39.82 -111.16
C LEU M 35 -45.90 -40.55 -110.72
N PHE M 36 -47.00 -39.81 -110.65
CA PHE M 36 -48.29 -40.39 -110.29
C PHE M 36 -48.72 -41.43 -111.30
N GLY M 37 -49.04 -42.62 -110.82
CA GLY M 37 -49.45 -43.71 -111.70
C GLY M 37 -48.30 -44.62 -112.06
N ARG M 38 -47.07 -44.13 -111.90
CA ARG M 38 -45.89 -44.95 -112.16
C ARG M 38 -45.32 -45.50 -110.86
N LYS M 39 -44.98 -46.79 -110.88
CA LYS M 39 -44.45 -47.45 -109.69
C LYS M 39 -43.07 -46.94 -109.35
N THR M 40 -42.66 -47.18 -108.10
CA THR M 40 -41.36 -46.73 -107.60
C THR M 40 -40.19 -47.25 -108.42
N GLY M 41 -39.34 -46.35 -108.87
CA GLY M 41 -38.12 -46.72 -109.56
C GLY M 41 -38.30 -47.42 -110.89
N GLN M 42 -39.32 -47.04 -111.64
CA GLN M 42 -39.60 -47.66 -112.93
C GLN M 42 -39.06 -46.87 -114.12
N ALA M 43 -38.45 -45.72 -113.86
CA ALA M 43 -37.99 -44.85 -114.93
C ALA M 43 -36.62 -45.25 -115.47
N PRO M 44 -36.55 -45.57 -116.77
CA PRO M 44 -35.30 -45.94 -117.46
C PRO M 44 -34.31 -44.78 -117.55
N GLY M 45 -33.02 -45.09 -117.59
CA GLY M 45 -31.98 -44.08 -117.71
C GLY M 45 -31.31 -43.78 -116.39
N PHE M 46 -32.01 -44.10 -115.30
CA PHE M 46 -31.49 -43.88 -113.95
C PHE M 46 -31.42 -45.22 -113.21
N SER M 47 -30.32 -45.46 -112.52
CA SER M 47 -30.15 -46.75 -111.85
C SER M 47 -30.64 -46.67 -110.41
N TYR M 48 -31.76 -47.32 -110.16
CA TYR M 48 -32.36 -47.36 -108.83
C TYR M 48 -31.76 -48.43 -107.94
N THR M 49 -31.82 -48.20 -106.63
CA THR M 49 -31.51 -49.25 -105.67
C THR M 49 -32.66 -50.24 -105.66
N ASP M 50 -32.38 -51.49 -105.29
CA ASP M 50 -33.41 -52.51 -105.21
C ASP M 50 -34.44 -52.17 -104.14
N ALA M 51 -34.04 -51.35 -103.18
CA ALA M 51 -34.94 -50.90 -102.13
C ALA M 51 -36.12 -50.13 -102.71
N ASN M 52 -35.84 -49.29 -103.70
CA ASN M 52 -36.88 -48.51 -104.35
C ASN M 52 -37.67 -49.33 -105.36
N LYS M 53 -36.97 -50.16 -106.13
CA LYS M 53 -37.63 -50.95 -107.17
C LYS M 53 -38.54 -52.03 -106.60
N ASN M 54 -38.20 -52.52 -105.41
CA ASN M 54 -39.01 -53.54 -104.75
C ASN M 54 -40.12 -52.93 -103.90
N LYS M 55 -40.09 -51.60 -103.77
CA LYS M 55 -41.16 -50.88 -103.07
C LYS M 55 -42.46 -51.03 -103.86
N GLY M 56 -42.40 -50.68 -105.14
CA GLY M 56 -43.47 -50.95 -106.08
C GLY M 56 -44.83 -50.37 -105.75
N ILE M 57 -44.87 -49.29 -104.99
CA ILE M 57 -46.14 -48.63 -104.73
C ILE M 57 -46.48 -47.67 -105.87
N THR M 58 -47.66 -47.07 -105.80
CA THR M 58 -48.07 -46.09 -106.80
C THR M 58 -48.03 -44.69 -106.19
N TRP M 59 -47.10 -43.87 -106.67
CA TRP M 59 -46.89 -42.55 -106.10
C TRP M 59 -48.14 -41.68 -106.21
N GLY M 60 -48.50 -41.05 -105.10
CA GLY M 60 -49.67 -40.20 -105.02
C GLY M 60 -49.50 -39.20 -103.90
N GLU M 61 -50.54 -38.43 -103.62
CA GLU M 61 -50.46 -37.40 -102.59
C GLU M 61 -50.28 -38.00 -101.20
N GLU M 62 -50.89 -39.17 -100.98
CA GLU M 62 -50.79 -39.86 -99.70
C GLU M 62 -49.50 -40.66 -99.59
N THR M 63 -49.08 -41.29 -100.68
CA THR M 63 -47.85 -42.06 -100.68
C THR M 63 -46.66 -41.14 -100.46
N LEU M 64 -46.75 -39.93 -101.02
CA LEU M 64 -45.77 -38.89 -100.76
C LEU M 64 -46.01 -38.22 -99.42
N MET M 65 -47.24 -38.31 -98.92
CA MET M 65 -47.53 -37.82 -97.58
C MET M 65 -46.75 -38.63 -96.56
N GLU M 66 -46.71 -39.94 -96.76
CA GLU M 66 -45.98 -40.82 -95.88
C GLU M 66 -44.49 -40.83 -96.20
N TYR M 67 -44.16 -40.78 -97.48
CA TYR M 67 -42.76 -40.85 -97.90
C TYR M 67 -41.98 -39.59 -97.56
N LEU M 68 -42.47 -38.45 -98.03
CA LEU M 68 -41.76 -37.19 -97.84
C LEU M 68 -41.67 -36.85 -96.36
N GLU M 69 -42.57 -37.46 -95.58
CA GLU M 69 -42.53 -37.36 -94.13
C GLU M 69 -41.17 -37.84 -93.60
N ASN M 70 -40.82 -39.08 -93.94
CA ASN M 70 -39.49 -39.60 -93.65
C ASN M 70 -39.01 -40.56 -94.75
N PRO M 71 -38.45 -40.02 -95.84
CA PRO M 71 -38.09 -40.79 -97.05
C PRO M 71 -37.22 -42.02 -96.79
N LYS M 72 -36.53 -42.06 -95.66
CA LYS M 72 -35.78 -43.24 -95.27
C LYS M 72 -36.70 -44.29 -94.66
N LYS M 73 -37.80 -43.85 -94.08
CA LYS M 73 -38.76 -44.73 -93.42
C LYS M 73 -39.65 -45.47 -94.40
N TYR M 74 -40.21 -44.74 -95.36
CA TYR M 74 -41.20 -45.26 -96.28
C TYR M 74 -40.57 -46.25 -97.26
N ILE M 75 -39.42 -45.86 -97.80
CA ILE M 75 -38.64 -46.75 -98.65
C ILE M 75 -37.26 -46.95 -98.04
N PRO M 76 -37.16 -47.88 -97.06
CA PRO M 76 -35.90 -48.15 -96.38
C PRO M 76 -34.82 -48.65 -97.33
N GLY M 77 -33.63 -48.06 -97.24
CA GLY M 77 -32.51 -48.48 -98.06
C GLY M 77 -32.36 -47.66 -99.32
N THR M 78 -33.26 -46.70 -99.52
CA THR M 78 -33.17 -45.81 -100.67
C THR M 78 -31.87 -45.02 -100.59
N LYS M 79 -31.27 -44.74 -101.74
CA LYS M 79 -30.03 -43.97 -101.78
C LYS M 79 -30.34 -42.49 -101.73
N MET M 80 -31.64 -42.16 -101.69
CA MET M 80 -32.08 -40.82 -101.36
C MET M 80 -31.65 -40.46 -99.94
N ILE M 81 -30.96 -39.35 -99.79
CA ILE M 81 -30.58 -38.89 -98.46
C ILE M 81 -31.36 -37.65 -98.08
N PHE M 82 -32.31 -37.81 -97.16
CA PHE M 82 -33.08 -36.68 -96.68
C PHE M 82 -33.59 -36.98 -95.27
N ALA M 83 -33.70 -35.97 -94.43
CA ALA M 83 -34.04 -36.18 -93.03
C ALA M 83 -35.55 -36.16 -92.80
N GLY M 84 -36.29 -36.00 -93.89
CA GLY M 84 -37.74 -36.02 -93.84
C GLY M 84 -38.39 -34.65 -93.78
N ILE M 85 -39.55 -34.53 -94.41
CA ILE M 85 -40.34 -33.31 -94.32
C ILE M 85 -41.35 -33.50 -93.21
N LYS M 86 -41.16 -32.79 -92.12
CA LYS M 86 -41.99 -33.01 -90.95
C LYS M 86 -43.32 -32.27 -91.12
N LYS M 87 -43.26 -31.08 -91.72
CA LYS M 87 -44.47 -30.30 -91.97
C LYS M 87 -45.37 -30.96 -93.01
N LYS M 88 -46.67 -30.99 -92.74
CA LYS M 88 -47.62 -31.58 -93.67
C LYS M 88 -47.91 -30.64 -94.84
N GLY M 89 -48.12 -29.36 -94.52
CA GLY M 89 -48.43 -28.36 -95.51
C GLY M 89 -47.41 -28.31 -96.63
N GLU M 90 -46.14 -28.41 -96.27
CA GLU M 90 -45.06 -28.47 -97.24
C GLU M 90 -45.24 -29.67 -98.16
N ARG M 91 -45.59 -30.82 -97.58
CA ARG M 91 -45.80 -32.03 -98.35
C ARG M 91 -46.92 -31.81 -99.35
N GLU M 92 -48.11 -31.44 -98.86
CA GLU M 92 -49.27 -31.21 -99.73
C GLU M 92 -48.98 -30.22 -100.85
N ASP M 93 -48.30 -29.13 -100.51
CA ASP M 93 -47.95 -28.11 -101.49
C ASP M 93 -47.03 -28.65 -102.59
N LEU M 94 -45.90 -29.21 -102.16
CA LEU M 94 -44.91 -29.76 -103.07
C LEU M 94 -45.53 -30.81 -103.98
N ILE M 95 -46.25 -31.75 -103.38
CA ILE M 95 -46.95 -32.81 -104.10
C ILE M 95 -47.93 -32.22 -105.12
N ALA M 96 -48.59 -31.13 -104.73
CA ALA M 96 -49.52 -30.46 -105.61
C ALA M 96 -48.81 -29.94 -106.85
N TYR M 97 -47.70 -29.24 -106.65
CA TYR M 97 -46.96 -28.73 -107.79
C TYR M 97 -46.41 -29.87 -108.64
N LEU M 98 -46.12 -30.99 -108.00
CA LEU M 98 -45.73 -32.19 -108.75
C LEU M 98 -46.87 -32.64 -109.63
N LYS M 99 -48.09 -32.58 -109.09
CA LYS M 99 -49.29 -32.96 -109.82
C LYS M 99 -49.52 -32.03 -110.99
N LYS M 100 -49.05 -30.79 -110.86
CA LYS M 100 -49.10 -29.84 -111.97
C LYS M 100 -48.06 -30.16 -113.04
N ALA M 101 -46.78 -30.03 -112.68
CA ALA M 101 -45.69 -30.15 -113.64
C ALA M 101 -45.57 -31.54 -114.27
N THR M 102 -45.56 -32.58 -113.45
CA THR M 102 -45.40 -33.95 -113.96
C THR M 102 -46.51 -34.35 -114.90
N ASN M 103 -47.68 -33.73 -114.74
CA ASN M 103 -48.78 -33.93 -115.68
C ASN M 103 -48.54 -33.16 -116.97
N GLU M 104 -47.80 -32.07 -116.88
CA GLU M 104 -47.53 -31.22 -118.03
C GLU M 104 -46.32 -31.71 -118.82
N GLY N 1 40.62 9.57 -110.74
CA GLY N 1 39.88 10.50 -109.91
C GLY N 1 40.29 11.94 -110.13
N ASP N 2 40.13 12.78 -109.11
CA ASP N 2 40.48 14.18 -109.22
C ASP N 2 41.99 14.36 -109.27
N VAL N 3 42.45 15.22 -110.17
CA VAL N 3 43.88 15.40 -110.38
C VAL N 3 44.55 16.14 -109.22
N GLU N 4 43.98 17.27 -108.82
CA GLU N 4 44.64 18.14 -107.85
C GLU N 4 44.57 17.60 -106.41
N LYS N 5 43.49 16.92 -106.07
CA LYS N 5 43.45 16.21 -104.79
C LYS N 5 44.46 15.09 -104.83
N GLY N 6 44.73 14.59 -106.04
CA GLY N 6 45.76 13.61 -106.26
C GLY N 6 47.12 14.21 -106.02
N LYS N 7 47.27 15.49 -106.35
CA LYS N 7 48.53 16.20 -106.13
C LYS N 7 48.67 16.54 -104.65
N LYS N 8 47.54 16.62 -103.95
CA LYS N 8 47.54 16.84 -102.51
C LYS N 8 47.97 15.58 -101.77
N ILE N 9 47.38 14.46 -102.13
CA ILE N 9 47.72 13.18 -101.53
C ILE N 9 49.14 12.81 -101.95
N PHE N 10 49.55 13.36 -103.08
CA PHE N 10 50.92 13.22 -103.54
C PHE N 10 51.90 14.01 -102.66
N VAL N 11 51.62 15.29 -102.46
CA VAL N 11 52.54 16.13 -101.70
C VAL N 11 52.54 15.71 -100.23
N GLN N 12 51.46 15.09 -99.78
CA GLN N 12 51.38 14.59 -98.41
C GLN N 12 52.05 13.24 -98.26
N LYS N 13 51.43 12.21 -98.82
CA LYS N 13 51.81 10.83 -98.55
C LYS N 13 52.77 10.24 -99.57
N CYS N 14 53.15 11.01 -100.58
CA CYS N 14 53.96 10.49 -101.68
C CYS N 14 55.26 11.26 -101.88
N ALA N 15 55.12 12.55 -102.21
CA ALA N 15 56.22 13.39 -102.71
C ALA N 15 57.47 13.37 -101.83
N GLN N 16 57.31 13.06 -100.55
CA GLN N 16 58.45 13.01 -99.65
C GLN N 16 59.34 11.81 -99.95
N CYS N 17 58.72 10.68 -100.31
CA CYS N 17 59.47 9.47 -100.66
C CYS N 17 59.64 9.22 -102.16
N HIS N 18 59.03 10.04 -103.02
CA HIS N 18 58.96 9.68 -104.43
C HIS N 18 59.17 10.84 -105.40
N THR N 19 59.54 10.49 -106.63
CA THR N 19 59.57 11.44 -107.74
C THR N 19 58.77 10.88 -108.90
N VAL N 20 57.65 11.52 -109.22
CA VAL N 20 56.86 11.11 -110.37
C VAL N 20 57.15 11.98 -111.58
N GLU N 21 57.97 13.01 -111.38
CA GLU N 21 58.29 13.94 -112.45
C GLU N 21 59.31 13.32 -113.41
N LYS N 22 59.35 13.84 -114.62
CA LYS N 22 60.26 13.34 -115.63
C LYS N 22 61.71 13.58 -115.22
N GLY N 23 62.50 12.52 -115.22
CA GLY N 23 63.90 12.61 -114.82
C GLY N 23 64.07 12.84 -113.33
N GLY N 24 63.17 12.29 -112.54
CA GLY N 24 63.25 12.40 -111.09
C GLY N 24 64.30 11.47 -110.51
N LYS N 25 64.95 11.89 -109.44
CA LYS N 25 65.96 11.05 -108.80
C LYS N 25 65.30 9.97 -107.96
N HIS N 26 66.02 8.88 -107.73
CA HIS N 26 65.55 7.83 -106.84
C HIS N 26 65.77 8.23 -105.39
N LYS N 27 64.94 7.69 -104.52
CA LYS N 27 64.88 8.10 -103.12
C LYS N 27 64.55 6.87 -102.28
N THR N 28 64.18 7.10 -101.01
CA THR N 28 63.70 6.01 -100.16
C THR N 28 62.65 5.19 -100.90
N GLY N 29 61.67 5.89 -101.48
CA GLY N 29 60.80 5.28 -102.47
C GLY N 29 61.36 5.55 -103.85
N PRO N 30 61.03 4.69 -104.82
CA PRO N 30 61.61 4.76 -106.16
C PRO N 30 61.06 5.90 -107.01
N ASN N 31 61.80 6.26 -108.06
CA ASN N 31 61.30 7.17 -109.08
C ASN N 31 60.07 6.54 -109.72
N LEU N 32 58.96 7.26 -109.70
CA LEU N 32 57.70 6.71 -110.20
C LEU N 32 57.40 7.16 -111.63
N HIS N 33 58.30 7.94 -112.21
CA HIS N 33 58.08 8.45 -113.57
C HIS N 33 57.97 7.33 -114.58
N GLY N 34 56.91 7.37 -115.38
CA GLY N 34 56.64 6.33 -116.35
C GLY N 34 56.17 5.07 -115.67
N LEU N 35 55.39 5.23 -114.60
CA LEU N 35 54.91 4.11 -113.80
C LEU N 35 54.00 3.20 -114.60
N PHE N 36 52.96 3.78 -115.19
CA PHE N 36 52.04 3.03 -116.03
C PHE N 36 52.75 2.44 -117.23
N GLY N 37 52.60 1.13 -117.43
CA GLY N 37 53.25 0.46 -118.54
C GLY N 37 54.57 -0.17 -118.14
N ARG N 38 55.14 0.30 -117.03
CA ARG N 38 56.38 -0.28 -116.53
C ARG N 38 56.11 -1.26 -115.40
N LYS N 39 56.77 -2.40 -115.45
CA LYS N 39 56.57 -3.45 -114.46
C LYS N 39 57.12 -3.03 -113.10
N THR N 40 56.66 -3.71 -112.06
CA THR N 40 57.07 -3.41 -110.69
C THR N 40 58.59 -3.50 -110.49
N GLY N 41 59.16 -2.44 -109.95
CA GLY N 41 60.57 -2.44 -109.58
C GLY N 41 61.55 -2.57 -110.74
N GLN N 42 61.20 -1.98 -111.88
CA GLN N 42 62.07 -2.07 -113.05
C GLN N 42 62.95 -0.84 -113.26
N ALA N 43 62.82 0.15 -112.38
CA ALA N 43 63.56 1.40 -112.55
C ALA N 43 64.97 1.32 -111.98
N PRO N 44 65.98 1.55 -112.84
CA PRO N 44 67.40 1.56 -112.47
C PRO N 44 67.76 2.72 -111.54
N GLY N 45 68.76 2.53 -110.69
CA GLY N 45 69.23 3.57 -109.79
C GLY N 45 68.71 3.37 -108.38
N PHE N 46 67.63 2.62 -108.26
CA PHE N 46 67.04 2.31 -106.97
C PHE N 46 67.04 0.80 -106.74
N SER N 47 67.42 0.37 -105.54
CA SER N 47 67.51 -1.05 -105.27
C SER N 47 66.22 -1.58 -104.68
N TYR N 48 65.49 -2.35 -105.48
CA TYR N 48 64.23 -2.94 -105.07
C TYR N 48 64.41 -4.23 -104.29
N THR N 49 63.43 -4.54 -103.44
CA THR N 49 63.36 -5.86 -102.84
C THR N 49 62.89 -6.86 -103.90
N ASP N 50 63.25 -8.12 -103.73
CA ASP N 50 62.83 -9.16 -104.67
C ASP N 50 61.32 -9.33 -104.64
N ALA N 51 60.69 -8.93 -103.54
CA ALA N 51 59.24 -8.99 -103.41
C ALA N 51 58.57 -8.13 -104.47
N ASN N 52 59.13 -6.95 -104.72
CA ASN N 52 58.59 -6.04 -105.72
C ASN N 52 58.98 -6.45 -107.14
N LYS N 53 60.23 -6.86 -107.32
CA LYS N 53 60.72 -7.22 -108.64
C LYS N 53 60.07 -8.50 -109.17
N ASN N 54 59.69 -9.39 -108.28
CA ASN N 54 59.04 -10.63 -108.68
C ASN N 54 57.52 -10.47 -108.79
N LYS N 55 57.03 -9.30 -108.39
CA LYS N 55 55.61 -8.99 -108.55
C LYS N 55 55.29 -8.90 -110.04
N GLY N 56 56.05 -8.06 -110.74
CA GLY N 56 56.02 -8.01 -112.20
C GLY N 56 54.68 -7.71 -112.85
N ILE N 57 53.81 -7.00 -112.13
CA ILE N 57 52.56 -6.59 -112.74
C ILE N 57 52.76 -5.28 -113.50
N THR N 58 51.71 -4.82 -114.18
CA THR N 58 51.76 -3.56 -114.90
C THR N 58 50.94 -2.52 -114.16
N TRP N 59 51.62 -1.51 -113.61
CA TRP N 59 50.95 -0.52 -112.79
C TRP N 59 49.89 0.24 -113.58
N GLY N 60 48.71 0.36 -112.97
CA GLY N 60 47.58 1.04 -113.59
C GLY N 60 46.65 1.53 -112.50
N GLU N 61 45.50 2.06 -112.91
CA GLU N 61 44.54 2.61 -111.96
C GLU N 61 43.96 1.51 -111.06
N GLU N 62 43.77 0.33 -111.63
CA GLU N 62 43.23 -0.81 -110.89
C GLU N 62 44.29 -1.51 -110.05
N THR N 63 45.50 -1.62 -110.60
CA THR N 63 46.60 -2.25 -109.88
C THR N 63 46.96 -1.42 -108.66
N LEU N 64 46.88 -0.11 -108.81
CA LEU N 64 47.04 0.82 -107.70
C LEU N 64 45.77 0.89 -106.85
N MET N 65 44.64 0.53 -107.44
CA MET N 65 43.40 0.44 -106.68
C MET N 65 43.54 -0.65 -105.63
N GLU N 66 44.11 -1.77 -106.02
CA GLU N 66 44.33 -2.89 -105.12
C GLU N 66 45.56 -2.67 -104.25
N TYR N 67 46.61 -2.10 -104.82
CA TYR N 67 47.86 -1.92 -104.09
C TYR N 67 47.75 -0.84 -103.03
N LEU N 68 47.36 0.37 -103.42
CA LEU N 68 47.31 1.49 -102.50
C LEU N 68 46.29 1.21 -101.39
N GLU N 69 45.36 0.30 -101.68
CA GLU N 69 44.42 -0.18 -100.70
C GLU N 69 45.15 -0.73 -99.48
N ASN N 70 46.02 -1.72 -99.72
CA ASN N 70 46.91 -2.24 -98.68
C ASN N 70 48.27 -2.65 -99.26
N PRO N 71 49.18 -1.69 -99.44
CA PRO N 71 50.47 -1.89 -100.13
C PRO N 71 51.30 -3.07 -99.61
N LYS N 72 51.04 -3.51 -98.38
CA LYS N 72 51.69 -4.70 -97.86
C LYS N 72 51.01 -5.97 -98.37
N LYS N 73 49.73 -5.85 -98.69
CA LYS N 73 48.93 -6.99 -99.17
C LYS N 73 49.20 -7.33 -100.62
N TYR N 74 49.21 -6.32 -101.48
CA TYR N 74 49.31 -6.51 -102.91
C TYR N 74 50.69 -6.98 -103.30
N ILE N 75 51.71 -6.34 -102.73
CA ILE N 75 53.09 -6.77 -102.93
C ILE N 75 53.69 -7.11 -101.56
N PRO N 76 53.43 -8.33 -101.08
CA PRO N 76 53.93 -8.77 -99.77
C PRO N 76 55.45 -8.80 -99.71
N GLY N 77 56.01 -8.22 -98.65
CA GLY N 77 57.45 -8.22 -98.47
C GLY N 77 58.12 -6.95 -98.99
N THR N 78 57.32 -6.06 -99.55
CA THR N 78 57.84 -4.78 -100.03
C THR N 78 58.41 -4.00 -98.85
N LYS N 79 59.48 -3.26 -99.10
CA LYS N 79 60.09 -2.46 -98.05
C LYS N 79 59.37 -1.13 -97.91
N MET N 80 58.36 -0.94 -98.74
CA MET N 80 57.40 0.14 -98.55
C MET N 80 56.65 -0.06 -97.24
N ILE N 81 56.66 0.95 -96.38
CA ILE N 81 55.90 0.87 -95.14
C ILE N 81 54.71 1.80 -95.18
N PHE N 82 53.52 1.24 -95.32
CA PHE N 82 52.31 2.05 -95.31
C PHE N 82 51.14 1.18 -94.85
N ALA N 83 50.19 1.77 -94.15
CA ALA N 83 49.09 1.01 -93.54
C ALA N 83 47.91 0.84 -94.48
N GLY N 84 48.06 1.37 -95.69
CA GLY N 84 47.05 1.24 -96.72
C GLY N 84 46.12 2.43 -96.83
N ILE N 85 45.71 2.72 -98.06
CA ILE N 85 44.72 3.76 -98.31
C ILE N 85 43.35 3.08 -98.37
N LYS N 86 42.54 3.31 -97.36
CA LYS N 86 41.28 2.61 -97.26
C LYS N 86 40.24 3.27 -98.17
N LYS N 87 40.28 4.59 -98.25
CA LYS N 87 39.37 5.34 -99.11
C LYS N 87 39.65 5.07 -100.59
N LYS N 88 38.59 4.86 -101.37
CA LYS N 88 38.75 4.62 -102.79
C LYS N 88 39.01 5.93 -103.55
N GLY N 89 38.23 6.96 -103.20
CA GLY N 89 38.35 8.25 -103.85
C GLY N 89 39.76 8.81 -103.82
N GLU N 90 40.43 8.65 -102.68
CA GLU N 90 41.82 9.03 -102.54
C GLU N 90 42.69 8.29 -103.54
N ARG N 91 42.44 6.98 -103.67
CA ARG N 91 43.20 6.17 -104.61
C ARG N 91 43.01 6.69 -106.02
N GLU N 92 41.77 6.76 -106.48
CA GLU N 92 41.47 7.23 -107.83
C GLU N 92 42.08 8.60 -108.12
N ASP N 93 41.97 9.51 -107.16
CA ASP N 93 42.50 10.86 -107.31
C ASP N 93 44.02 10.85 -107.47
N LEU N 94 44.69 10.24 -106.50
CA LEU N 94 46.15 10.15 -106.49
C LEU N 94 46.68 9.51 -107.77
N ILE N 95 46.09 8.37 -108.11
CA ILE N 95 46.43 7.64 -109.34
C ILE N 95 46.23 8.51 -110.56
N ALA N 96 45.17 9.31 -110.55
CA ALA N 96 44.89 10.22 -111.66
C ALA N 96 46.01 11.23 -111.82
N TYR N 97 46.41 11.86 -110.72
CA TYR N 97 47.50 12.83 -110.80
C TYR N 97 48.80 12.15 -111.22
N LEU N 98 48.95 10.88 -110.85
CA LEU N 98 50.09 10.10 -111.31
C LEU N 98 50.04 9.96 -112.82
N LYS N 99 48.84 9.73 -113.34
CA LYS N 99 48.63 9.59 -114.77
C LYS N 99 48.93 10.90 -115.49
N LYS N 100 48.76 12.01 -114.78
CA LYS N 100 49.13 13.31 -115.32
C LYS N 100 50.65 13.51 -115.32
N ALA N 101 51.25 13.55 -114.14
CA ALA N 101 52.66 13.89 -113.98
C ALA N 101 53.60 12.88 -114.62
N THR N 102 53.41 11.60 -114.33
CA THR N 102 54.30 10.55 -114.84
C THR N 102 54.29 10.49 -116.36
N ASN N 103 53.18 10.92 -116.96
CA ASN N 103 53.11 11.03 -118.41
C ASN N 103 53.87 12.26 -118.90
N GLU N 104 53.96 13.27 -118.06
CA GLU N 104 54.62 14.52 -118.41
C GLU N 104 56.12 14.45 -118.15
N MET O 1 -19.19 36.06 -32.62
CA MET O 1 -18.13 36.89 -33.14
C MET O 1 -16.87 36.07 -33.38
N ASP O 2 -16.32 36.14 -34.58
CA ASP O 2 -15.11 35.41 -34.87
C ASP O 2 -13.92 36.00 -34.12
N GLU O 3 -12.87 35.21 -34.02
CA GLU O 3 -11.69 35.55 -33.27
C GLU O 3 -11.02 36.82 -33.77
N ALA O 4 -11.06 37.05 -35.07
CA ALA O 4 -10.45 38.23 -35.66
C ALA O 4 -11.16 39.52 -35.23
N ASP O 5 -12.48 39.47 -35.14
CA ASP O 5 -13.24 40.63 -34.69
C ASP O 5 -12.98 40.89 -33.20
N ARG O 6 -13.00 39.83 -32.41
CA ARG O 6 -12.70 39.93 -30.99
C ARG O 6 -11.35 40.56 -30.76
N ARG O 7 -10.35 40.01 -31.44
CA ARG O 7 -8.99 40.52 -31.40
C ARG O 7 -8.92 41.99 -31.76
N LEU O 8 -9.70 42.40 -32.76
CA LEU O 8 -9.78 43.79 -33.13
C LEU O 8 -10.29 44.65 -31.99
N LEU O 9 -11.35 44.20 -31.33
CA LEU O 9 -11.89 44.94 -30.19
C LEU O 9 -10.89 45.09 -29.04
N ARG O 10 -10.05 44.09 -28.84
CA ARG O 10 -9.02 44.15 -27.79
C ARG O 10 -7.89 45.11 -28.19
N ARG O 11 -7.48 45.03 -29.45
CA ARG O 11 -6.40 45.87 -29.95
C ARG O 11 -6.78 47.35 -29.89
N CYS O 12 -8.05 47.64 -30.13
CA CYS O 12 -8.54 49.01 -30.09
C CYS O 12 -9.12 49.42 -28.72
N ARG O 13 -8.88 48.61 -27.70
CA ARG O 13 -9.39 48.89 -26.36
C ARG O 13 -9.14 50.32 -25.92
N LEU O 14 -7.89 50.77 -25.98
CA LEU O 14 -7.52 52.07 -25.46
C LEU O 14 -8.26 53.18 -26.18
N ARG O 15 -8.28 53.13 -27.50
CA ARG O 15 -8.96 54.14 -28.29
C ARG O 15 -10.47 54.17 -28.09
N LEU O 16 -11.07 53.00 -28.01
CA LEU O 16 -12.50 52.89 -27.80
C LEU O 16 -12.92 53.52 -26.47
N VAL O 17 -12.27 53.13 -25.39
CA VAL O 17 -12.65 53.63 -24.09
C VAL O 17 -12.28 55.10 -23.90
N GLU O 18 -11.25 55.56 -24.62
CA GLU O 18 -10.90 56.97 -24.60
C GLU O 18 -11.89 57.86 -25.36
N GLU O 19 -12.41 57.38 -26.48
CA GLU O 19 -13.19 58.21 -27.38
C GLU O 19 -14.68 57.91 -27.54
N LEU O 20 -15.14 56.73 -27.16
CA LEU O 20 -16.53 56.34 -27.38
C LEU O 20 -17.51 57.22 -26.60
N GLN O 21 -18.46 57.80 -27.31
CA GLN O 21 -19.54 58.53 -26.69
C GLN O 21 -20.69 57.55 -26.60
N VAL O 22 -21.19 57.33 -25.39
CA VAL O 22 -22.22 56.32 -25.19
C VAL O 22 -23.66 56.81 -25.09
N ASP O 23 -23.85 57.98 -24.49
CA ASP O 23 -25.17 58.52 -24.23
C ASP O 23 -26.03 58.59 -25.49
N GLN O 24 -25.39 58.83 -26.61
CA GLN O 24 -26.04 59.03 -27.90
C GLN O 24 -26.12 57.73 -28.68
N LEU O 25 -25.48 56.68 -28.19
CA LEU O 25 -25.28 55.43 -28.89
C LEU O 25 -26.37 54.39 -28.65
N TRP O 26 -27.08 54.51 -27.53
CA TRP O 26 -28.02 53.49 -27.11
C TRP O 26 -29.16 53.26 -28.11
N ASP O 27 -29.70 54.35 -28.64
CA ASP O 27 -30.78 54.25 -29.60
C ASP O 27 -30.35 53.44 -30.82
N ALA O 28 -29.17 53.75 -31.33
CA ALA O 28 -28.61 53.03 -32.46
C ALA O 28 -28.45 51.55 -32.19
N LEU O 29 -27.88 51.21 -31.05
CA LEU O 29 -27.68 49.84 -30.66
C LEU O 29 -29.01 49.06 -30.60
N LEU O 30 -30.00 49.69 -30.01
CA LEU O 30 -31.34 49.14 -29.99
C LEU O 30 -31.92 48.91 -31.39
N SER O 31 -31.87 49.95 -32.22
CA SER O 31 -32.38 49.86 -33.59
C SER O 31 -31.84 48.65 -34.35
N ARG O 32 -30.58 48.32 -34.13
CA ARG O 32 -29.98 47.18 -34.79
C ARG O 32 -29.98 45.94 -33.91
N GLU O 33 -30.78 45.97 -32.85
CA GLU O 33 -30.96 44.84 -31.93
C GLU O 33 -29.66 44.24 -31.43
N LEU O 34 -28.72 45.10 -31.06
CA LEU O 34 -27.44 44.63 -30.59
C LEU O 34 -27.54 44.27 -29.11
N PHE O 35 -28.35 45.03 -28.38
CA PHE O 35 -28.54 44.80 -26.95
C PHE O 35 -30.00 44.92 -26.58
N ARG O 36 -30.42 44.15 -25.58
CA ARG O 36 -31.73 44.34 -24.97
C ARG O 36 -31.67 45.51 -23.98
N PRO O 37 -32.81 46.14 -23.72
CA PRO O 37 -32.84 47.32 -22.86
C PRO O 37 -32.23 47.10 -21.47
N HIS O 38 -32.53 46.00 -20.80
CA HIS O 38 -31.93 45.77 -19.49
C HIS O 38 -30.41 45.63 -19.54
N MET O 39 -29.92 45.02 -20.62
CA MET O 39 -28.49 44.90 -20.84
C MET O 39 -27.88 46.29 -20.86
N ILE O 40 -28.54 47.21 -21.53
CA ILE O 40 -28.12 48.60 -21.56
C ILE O 40 -28.11 49.22 -20.16
N GLU O 41 -29.14 48.99 -19.36
CA GLU O 41 -29.14 49.56 -18.00
C GLU O 41 -27.94 49.02 -17.20
N ASP O 42 -27.62 47.74 -17.39
CA ASP O 42 -26.50 47.13 -16.68
C ASP O 42 -25.18 47.76 -17.11
N ILE O 43 -25.01 47.96 -18.41
CA ILE O 43 -23.79 48.57 -18.93
C ILE O 43 -23.66 49.98 -18.42
N GLN O 44 -24.78 50.69 -18.32
CA GLN O 44 -24.82 52.08 -17.84
C GLN O 44 -24.33 52.19 -16.41
N ARG O 45 -24.53 51.13 -15.64
CA ARG O 45 -24.16 51.12 -14.23
C ARG O 45 -22.78 50.48 -13.97
N ALA O 46 -22.12 50.01 -15.02
CA ALA O 46 -20.83 49.34 -14.88
C ALA O 46 -19.81 50.20 -14.14
N GLY O 47 -19.12 49.61 -13.17
CA GLY O 47 -18.09 50.33 -12.46
C GLY O 47 -18.61 51.59 -11.78
N SER O 48 -17.97 52.71 -12.06
CA SER O 48 -18.34 53.99 -11.48
C SER O 48 -19.47 54.69 -12.23
N GLY O 49 -19.84 54.18 -13.40
CA GLY O 49 -20.85 54.81 -14.23
C GLY O 49 -20.32 55.94 -15.12
N SER O 50 -19.02 56.19 -15.09
CA SER O 50 -18.42 57.20 -15.97
C SER O 50 -18.60 56.78 -17.43
N ARG O 51 -18.39 57.69 -18.36
CA ARG O 51 -18.40 57.37 -19.78
C ARG O 51 -17.41 56.24 -20.07
N ARG O 52 -16.20 56.35 -19.53
CA ARG O 52 -15.19 55.33 -19.80
C ARG O 52 -15.60 53.94 -19.32
N ASP O 53 -16.14 53.84 -18.10
CA ASP O 53 -16.53 52.54 -17.56
C ASP O 53 -17.67 51.93 -18.36
N GLN O 54 -18.62 52.75 -18.78
CA GLN O 54 -19.72 52.30 -19.60
C GLN O 54 -19.15 51.81 -20.92
N ALA O 55 -18.30 52.63 -21.52
CA ALA O 55 -17.71 52.30 -22.81
C ALA O 55 -17.03 50.94 -22.72
N ARG O 56 -16.26 50.73 -21.65
CA ARG O 56 -15.48 49.50 -21.53
C ARG O 56 -16.36 48.29 -21.48
N GLN O 57 -17.38 48.36 -20.64
CA GLN O 57 -18.30 47.25 -20.50
C GLN O 57 -19.07 47.01 -21.79
N LEU O 58 -19.34 48.09 -22.51
CA LEU O 58 -20.06 47.96 -23.76
C LEU O 58 -19.24 47.07 -24.67
N ILE O 59 -17.98 47.42 -24.86
CA ILE O 59 -17.20 46.76 -25.88
C ILE O 59 -16.82 45.31 -25.51
N ILE O 60 -16.72 45.07 -24.21
CA ILE O 60 -16.53 43.72 -23.71
C ILE O 60 -17.78 42.90 -23.98
N ASP O 61 -18.94 43.42 -23.59
CA ASP O 61 -20.20 42.70 -23.78
C ASP O 61 -20.53 42.51 -25.27
N LEU O 62 -20.03 43.42 -26.10
CA LEU O 62 -20.23 43.42 -27.55
C LEU O 62 -19.77 42.10 -28.18
N GLU O 63 -18.66 41.56 -27.67
CA GLU O 63 -18.08 40.31 -28.15
C GLU O 63 -19.05 39.13 -28.09
N THR O 64 -20.12 39.26 -27.30
CA THR O 64 -21.06 38.15 -27.09
C THR O 64 -22.34 38.30 -27.89
N ARG O 65 -22.47 39.39 -28.65
CA ARG O 65 -23.77 39.70 -29.23
C ARG O 65 -23.96 39.22 -30.67
N GLY O 66 -23.09 38.33 -31.15
CA GLY O 66 -23.32 37.76 -32.46
C GLY O 66 -22.20 37.81 -33.46
N SER O 67 -22.40 37.12 -34.58
CA SER O 67 -21.38 36.99 -35.62
C SER O 67 -21.17 38.33 -36.32
N GLN O 68 -22.23 39.13 -36.37
CA GLN O 68 -22.17 40.41 -37.04
C GLN O 68 -22.15 41.58 -36.05
N ALA O 69 -21.84 41.31 -34.78
CA ALA O 69 -21.86 42.38 -33.78
C ALA O 69 -20.92 43.55 -34.12
N LEU O 70 -19.74 43.24 -34.63
CA LEU O 70 -18.74 44.26 -34.92
C LEU O 70 -19.13 45.18 -36.08
N PRO O 71 -19.47 44.64 -37.24
CA PRO O 71 -19.92 45.52 -38.33
C PRO O 71 -21.19 46.29 -37.96
N LEU O 72 -22.12 45.65 -37.25
CA LEU O 72 -23.31 46.35 -36.83
C LEU O 72 -22.97 47.49 -35.88
N PHE O 73 -21.94 47.26 -35.07
CA PHE O 73 -21.51 48.26 -34.09
C PHE O 73 -20.83 49.46 -34.77
N ILE O 74 -20.03 49.19 -35.79
CA ILE O 74 -19.45 50.24 -36.62
C ILE O 74 -20.57 51.11 -37.20
N SER O 75 -21.62 50.47 -37.74
CA SER O 75 -22.74 51.22 -38.32
C SER O 75 -23.38 52.17 -37.33
N CYS O 76 -23.60 51.70 -36.09
CA CYS O 76 -24.20 52.52 -35.04
C CYS O 76 -23.29 53.71 -34.73
N LEU O 77 -21.99 53.49 -34.79
CA LEU O 77 -21.03 54.56 -34.64
C LEU O 77 -21.27 55.59 -35.75
N GLU O 78 -21.41 55.11 -36.98
CA GLU O 78 -21.63 55.99 -38.10
C GLU O 78 -22.90 56.84 -37.94
N ASP O 79 -23.97 56.17 -37.52
CA ASP O 79 -25.32 56.71 -37.31
C ASP O 79 -25.41 57.78 -36.24
N THR O 80 -24.42 57.84 -35.36
CA THR O 80 -24.46 58.74 -34.24
C THR O 80 -23.36 59.81 -34.36
N GLY O 81 -22.72 59.86 -35.52
CA GLY O 81 -21.72 60.87 -35.76
C GLY O 81 -20.38 60.59 -35.10
N GLN O 82 -19.99 59.34 -35.06
CA GLN O 82 -18.70 58.99 -34.51
C GLN O 82 -17.85 58.38 -35.61
N ASP O 83 -17.89 59.03 -36.75
CA ASP O 83 -17.21 58.61 -37.97
C ASP O 83 -15.72 58.35 -37.78
N MET O 84 -15.05 59.20 -37.01
CA MET O 84 -13.64 59.05 -36.75
C MET O 84 -13.36 57.71 -36.08
N LEU O 85 -14.14 57.37 -35.06
CA LEU O 85 -13.99 56.10 -34.36
C LEU O 85 -14.35 54.94 -35.27
N ALA O 86 -15.47 55.06 -35.96
CA ALA O 86 -15.87 54.02 -36.90
C ALA O 86 -14.79 53.82 -37.95
N SER O 87 -14.19 54.93 -38.38
CA SER O 87 -13.13 54.88 -39.39
C SER O 87 -11.88 54.16 -38.90
N PHE O 88 -11.46 54.46 -37.68
CA PHE O 88 -10.38 53.74 -37.03
C PHE O 88 -10.64 52.22 -36.97
N LEU O 89 -11.88 51.85 -36.70
CA LEU O 89 -12.24 50.44 -36.61
C LEU O 89 -12.22 49.73 -37.96
N ARG O 90 -12.90 50.33 -38.93
CA ARG O 90 -13.04 49.74 -40.25
C ARG O 90 -11.69 49.51 -40.92
N THR O 91 -10.82 50.51 -40.85
CA THR O 91 -9.51 50.40 -41.48
C THR O 91 -8.65 49.35 -40.83
N ASN O 92 -9.14 48.77 -39.75
CA ASN O 92 -8.45 47.65 -39.14
C ASN O 92 -9.03 46.33 -39.59
N ARG O 93 -10.35 46.25 -39.53
CA ARG O 93 -11.05 45.09 -40.01
C ARG O 93 -10.50 44.74 -41.36
N GLN O 94 -10.43 45.74 -42.23
CA GLN O 94 -9.95 45.57 -43.60
C GLN O 94 -8.45 45.24 -43.58
N ALA O 95 -7.69 45.96 -42.76
CA ALA O 95 -6.29 45.65 -42.53
C ALA O 95 -6.19 44.33 -41.78
N MET P 1 3.96 58.69 -1.28
CA MET P 1 3.77 59.53 -0.12
C MET P 1 4.31 58.86 1.13
N ASP P 2 5.16 59.55 1.87
CA ASP P 2 5.68 58.99 3.09
C ASP P 2 4.61 58.88 4.16
N GLU P 3 4.89 58.05 5.15
CA GLU P 3 3.95 57.74 6.20
C GLU P 3 3.52 58.98 6.98
N ALA P 4 4.43 59.91 7.17
CA ALA P 4 4.13 61.14 7.90
C ALA P 4 3.09 61.99 7.17
N ASP P 5 3.19 62.08 5.86
CA ASP P 5 2.23 62.83 5.07
C ASP P 5 0.87 62.14 5.09
N ARG P 6 0.86 60.83 4.91
CA ARG P 6 -0.36 60.05 4.98
C ARG P 6 -1.06 60.25 6.30
N ARG P 7 -0.30 60.09 7.38
CA ARG P 7 -0.80 60.30 8.73
C ARG P 7 -1.39 61.69 8.91
N LEU P 8 -0.76 62.69 8.32
CA LEU P 8 -1.27 64.05 8.33
C LEU P 8 -2.63 64.12 7.68
N LEU P 9 -2.79 63.50 6.51
CA LEU P 9 -4.06 63.50 5.83
C LEU P 9 -5.17 62.83 6.62
N ARG P 10 -4.84 61.79 7.39
CA ARG P 10 -5.82 61.12 8.23
C ARG P 10 -6.20 61.97 9.44
N ARG P 11 -5.20 62.60 10.05
CA ARG P 11 -5.42 63.44 11.22
C ARG P 11 -6.31 64.63 10.89
N CYS P 12 -6.15 65.17 9.69
CA CYS P 12 -6.94 66.30 9.25
C CYS P 12 -8.21 65.90 8.46
N ARG P 13 -8.57 64.62 8.51
CA ARG P 13 -9.74 64.13 7.80
C ARG P 13 -10.98 64.98 8.02
N LEU P 14 -11.33 65.22 9.27
CA LEU P 14 -12.56 65.93 9.59
C LEU P 14 -12.57 67.33 9.03
N ARG P 15 -11.48 68.05 9.21
CA ARG P 15 -11.38 69.41 8.71
C ARG P 15 -11.39 69.51 7.19
N LEU P 16 -10.68 68.60 6.54
CA LEU P 16 -10.63 68.56 5.09
C LEU P 16 -12.02 68.34 4.48
N VAL P 17 -12.72 67.31 4.92
CA VAL P 17 -14.02 67.00 4.37
C VAL P 17 -15.07 68.03 4.76
N GLU P 18 -14.90 68.69 5.89
CA GLU P 18 -15.80 69.77 6.29
C GLU P 18 -15.60 71.05 5.47
N GLU P 19 -14.36 71.38 5.12
CA GLU P 19 -14.06 72.68 4.52
C GLU P 19 -13.59 72.71 3.07
N LEU P 20 -13.14 71.59 2.52
CA LEU P 20 -12.57 71.59 1.16
C LEU P 20 -13.61 71.96 0.10
N GLN P 21 -13.29 72.95 -0.70
CA GLN P 21 -14.09 73.31 -1.84
C GLN P 21 -13.46 72.61 -3.02
N VAL P 22 -14.23 71.79 -3.73
CA VAL P 22 -13.67 70.99 -4.81
C VAL P 22 -13.89 71.51 -6.22
N ASP P 23 -15.04 72.11 -6.47
CA ASP P 23 -15.41 72.55 -7.80
C ASP P 23 -14.37 73.46 -8.44
N GLN P 24 -13.68 74.22 -7.61
CA GLN P 24 -12.71 75.21 -8.03
C GLN P 24 -11.31 74.64 -8.03
N LEU P 25 -11.15 73.43 -7.52
CA LEU P 25 -9.86 72.81 -7.25
C LEU P 25 -9.31 71.97 -8.40
N TRP P 26 -10.19 71.49 -9.27
CA TRP P 26 -9.82 70.55 -10.31
C TRP P 26 -8.77 71.09 -11.28
N ASP P 27 -8.93 72.34 -11.68
CA ASP P 27 -7.98 72.95 -12.60
C ASP P 27 -6.59 72.96 -11.99
N ALA P 28 -6.49 73.37 -10.74
CA ALA P 28 -5.23 73.38 -10.03
C ALA P 28 -4.58 72.01 -9.97
N LEU P 29 -5.34 71.01 -9.61
CA LEU P 29 -4.85 69.65 -9.51
C LEU P 29 -4.30 69.16 -10.86
N LEU P 30 -5.03 69.43 -11.92
CA LEU P 30 -4.57 69.15 -13.27
C LEU P 30 -3.25 69.86 -13.61
N SER P 31 -3.21 71.17 -13.39
CA SER P 31 -2.02 71.97 -13.67
C SER P 31 -0.75 71.36 -13.06
N ARG P 32 -0.87 70.82 -11.85
CA ARG P 32 0.26 70.21 -11.20
C ARG P 32 0.31 68.70 -11.38
N GLU P 33 -0.47 68.20 -12.34
CA GLU P 33 -0.51 66.79 -12.72
C GLU P 33 -0.68 65.86 -11.52
N LEU P 34 -1.59 66.21 -10.64
CA LEU P 34 -1.83 65.40 -9.46
C LEU P 34 -2.80 64.26 -9.81
N PHE P 35 -3.73 64.54 -10.70
CA PHE P 35 -4.71 63.56 -11.13
C PHE P 35 -4.93 63.61 -12.63
N ARG P 36 -5.22 62.46 -13.23
CA ARG P 36 -5.67 62.41 -14.61
C ARG P 36 -7.15 62.78 -14.67
N PRO P 37 -7.60 63.27 -15.82
CA PRO P 37 -8.99 63.71 -15.95
C PRO P 37 -10.03 62.64 -15.58
N HIS P 38 -9.89 61.40 -16.03
CA HIS P 38 -10.85 60.39 -15.65
C HIS P 38 -10.89 60.12 -14.16
N MET P 39 -9.73 60.20 -13.51
CA MET P 39 -9.64 60.05 -12.08
C MET P 39 -10.52 61.10 -11.42
N ILE P 40 -10.46 62.33 -11.93
CA ILE P 40 -11.31 63.39 -11.46
C ILE P 40 -12.79 63.08 -11.66
N GLU P 41 -13.19 62.55 -12.82
CA GLU P 41 -14.59 62.22 -13.02
C GLU P 41 -15.05 61.18 -11.98
N ASP P 42 -14.18 60.22 -11.67
CA ASP P 42 -14.50 59.17 -10.71
C ASP P 42 -14.68 59.76 -9.32
N ILE P 43 -13.79 60.67 -8.94
CA ILE P 43 -13.86 61.31 -7.62
C ILE P 43 -15.13 62.13 -7.53
N GLN P 44 -15.51 62.77 -8.63
CA GLN P 44 -16.71 63.61 -8.70
C GLN P 44 -17.97 62.81 -8.44
N ARG P 45 -17.94 61.53 -8.81
CA ARG P 45 -19.09 60.65 -8.66
C ARG P 45 -19.06 59.81 -7.37
N ALA P 46 -18.01 59.98 -6.57
CA ALA P 46 -17.87 59.19 -5.33
C ALA P 46 -19.10 59.33 -4.41
N GLY P 47 -19.59 58.20 -3.92
CA GLY P 47 -20.70 58.24 -2.99
C GLY P 47 -21.92 58.91 -3.57
N SER P 48 -22.44 59.91 -2.86
CA SER P 48 -23.63 60.64 -3.27
C SER P 48 -23.32 61.78 -4.25
N GLY P 49 -22.04 62.09 -4.43
CA GLY P 49 -21.65 63.22 -5.28
C GLY P 49 -21.69 64.58 -4.58
N SER P 50 -22.00 64.59 -3.28
CA SER P 50 -21.96 65.84 -2.53
C SER P 50 -20.52 66.38 -2.47
N ARG P 51 -20.36 67.64 -2.09
CA ARG P 51 -19.02 68.20 -1.88
C ARG P 51 -18.24 67.35 -0.89
N ARG P 52 -18.87 66.98 0.22
CA ARG P 52 -18.16 66.19 1.23
C ARG P 52 -17.66 64.85 0.69
N ASP P 53 -18.51 64.13 -0.04
CA ASP P 53 -18.13 62.80 -0.57
C ASP P 53 -17.00 62.91 -1.57
N GLN P 54 -17.06 63.93 -2.42
CA GLN P 54 -16.00 64.19 -3.37
C GLN P 54 -14.73 64.49 -2.62
N ALA P 55 -14.83 65.41 -1.66
CA ALA P 55 -13.67 65.81 -0.88
C ALA P 55 -13.00 64.59 -0.26
N ARG P 56 -13.82 63.70 0.32
CA ARG P 56 -13.27 62.55 1.03
C ARG P 56 -12.49 61.65 0.11
N GLN P 57 -13.09 61.34 -1.03
CA GLN P 57 -12.44 60.49 -2.00
C GLN P 57 -11.18 61.15 -2.56
N LEU P 58 -11.23 62.48 -2.67
CA LEU P 58 -10.08 63.18 -3.18
C LEU P 58 -8.91 62.90 -2.26
N ILE P 59 -9.11 63.13 -0.97
CA ILE P 59 -7.99 63.10 -0.05
C ILE P 59 -7.47 61.67 0.21
N ILE P 60 -8.37 60.71 0.10
CA ILE P 60 -7.98 59.31 0.15
C ILE P 60 -7.12 58.96 -1.07
N ASP P 61 -7.63 59.30 -2.25
CA ASP P 61 -6.92 58.98 -3.49
C ASP P 61 -5.57 59.75 -3.58
N LEU P 62 -5.52 60.90 -2.92
CA LEU P 62 -4.33 61.76 -2.89
C LEU P 62 -3.09 61.02 -2.37
N GLU P 63 -3.31 60.16 -1.38
CA GLU P 63 -2.25 59.35 -0.78
C GLU P 63 -1.48 58.49 -1.77
N THR P 64 -2.06 58.26 -2.96
CA THR P 64 -1.48 57.37 -3.95
C THR P 64 -0.78 58.11 -5.08
N ARG P 65 -0.81 59.44 -5.05
CA ARG P 65 -0.39 60.19 -6.23
C ARG P 65 1.07 60.67 -6.21
N GLY P 66 1.88 60.14 -5.30
CA GLY P 66 3.29 60.47 -5.33
C GLY P 66 3.92 60.96 -4.05
N SER P 67 5.25 61.08 -4.10
CA SER P 67 6.04 61.47 -2.94
C SER P 67 5.78 62.91 -2.56
N GLN P 68 5.46 63.71 -3.56
CA GLN P 68 5.23 65.13 -3.36
C GLN P 68 3.74 65.49 -3.46
N ALA P 69 2.86 64.50 -3.36
CA ALA P 69 1.42 64.77 -3.51
C ALA P 69 0.89 65.78 -2.49
N LEU P 70 1.35 65.69 -1.26
CA LEU P 70 0.87 66.56 -0.20
C LEU P 70 1.28 68.02 -0.36
N PRO P 71 2.57 68.31 -0.52
CA PRO P 71 2.96 69.71 -0.76
C PRO P 71 2.34 70.25 -2.05
N LEU P 72 2.27 69.45 -3.10
CA LEU P 72 1.64 69.92 -4.33
C LEU P 72 0.16 70.22 -4.10
N PHE P 73 -0.46 69.46 -3.23
CA PHE P 73 -1.88 69.64 -2.92
C PHE P 73 -2.13 70.91 -2.11
N ILE P 74 -1.24 71.18 -1.16
CA ILE P 74 -1.27 72.44 -0.41
C ILE P 74 -1.19 73.62 -1.40
N SER P 75 -0.28 73.55 -2.37
CA SER P 75 -0.14 74.62 -3.35
C SER P 75 -1.42 74.89 -4.12
N CYS P 76 -2.10 73.82 -4.54
CA CYS P 76 -3.35 73.93 -5.28
C CYS P 76 -4.41 74.60 -4.39
N LEU P 77 -4.37 74.29 -3.11
CA LEU P 77 -5.23 74.95 -2.15
C LEU P 77 -4.94 76.45 -2.18
N GLU P 78 -3.68 76.80 -2.13
CA GLU P 78 -3.28 78.19 -2.14
C GLU P 78 -3.77 78.93 -3.39
N ASP P 79 -3.58 78.28 -4.53
CA ASP P 79 -3.92 78.75 -5.88
C ASP P 79 -5.40 79.00 -6.10
N THR P 80 -6.25 78.41 -5.27
CA THR P 80 -7.67 78.49 -5.46
C THR P 80 -8.34 79.28 -4.32
N GLY P 81 -7.51 79.92 -3.51
CA GLY P 81 -8.03 80.75 -2.44
C GLY P 81 -8.53 79.98 -1.24
N GLN P 82 -7.87 78.90 -0.90
CA GLN P 82 -8.24 78.14 0.26
C GLN P 82 -7.09 78.19 1.26
N ASP P 83 -6.56 79.38 1.43
CA ASP P 83 -5.43 79.67 2.29
C ASP P 83 -5.59 79.16 3.72
N MET P 84 -6.78 79.32 4.28
CA MET P 84 -7.05 78.87 5.62
C MET P 84 -6.82 77.37 5.75
N LEU P 85 -7.34 76.60 4.80
CA LEU P 85 -7.16 75.15 4.80
C LEU P 85 -5.71 74.79 4.54
N ALA P 86 -5.11 75.43 3.56
CA ALA P 86 -3.70 75.20 3.28
C ALA P 86 -2.86 75.52 4.51
N SER P 87 -3.24 76.58 5.22
CA SER P 87 -2.53 77.00 6.42
C SER P 87 -2.63 75.98 7.55
N PHE P 88 -3.83 75.46 7.78
CA PHE P 88 -4.03 74.37 8.71
C PHE P 88 -3.15 73.15 8.39
N LEU P 89 -3.00 72.85 7.12
CA LEU P 89 -2.19 71.70 6.70
C LEU P 89 -0.70 71.92 6.91
N ARG P 90 -0.21 73.05 6.42
CA ARG P 90 1.21 73.38 6.49
C ARG P 90 1.72 73.42 7.91
N THR P 91 0.98 74.06 8.79
CA THR P 91 1.40 74.19 10.18
C THR P 91 1.40 72.86 10.88
N ASN P 92 0.97 71.82 10.21
CA ASN P 92 1.06 70.48 10.75
C ASN P 92 2.27 69.76 10.21
N ARG P 93 2.42 69.82 8.90
CA ARG P 93 3.56 69.25 8.25
C ARG P 93 4.79 69.68 9.00
N GLN P 94 4.88 70.99 9.24
CA GLN P 94 6.02 71.60 9.94
C GLN P 94 6.03 71.13 11.40
N ALA P 95 4.86 71.14 12.03
CA ALA P 95 4.70 70.58 13.36
C ALA P 95 4.88 69.07 13.31
N MET Q 1 -36.08 54.57 19.05
CA MET Q 1 -37.51 54.61 18.85
C MET Q 1 -38.13 53.25 19.07
N ASP Q 2 -39.13 53.17 19.93
CA ASP Q 2 -39.80 51.91 20.17
C ASP Q 2 -40.58 51.45 18.95
N GLU Q 3 -40.91 50.17 18.93
CA GLU Q 3 -41.56 49.55 17.81
C GLU Q 3 -42.92 50.17 17.50
N ALA Q 4 -43.63 50.60 18.54
CA ALA Q 4 -44.94 51.22 18.37
C ALA Q 4 -44.85 52.54 17.61
N ASP Q 5 -43.83 53.34 17.93
CA ASP Q 5 -43.64 54.61 17.24
C ASP Q 5 -43.25 54.36 15.77
N ARG Q 6 -42.32 53.44 15.56
CA ARG Q 6 -41.91 53.06 14.21
C ARG Q 6 -43.09 52.63 13.37
N ARG Q 7 -43.87 51.72 13.94
CA ARG Q 7 -45.09 51.22 13.31
C ARG Q 7 -46.05 52.35 12.96
N LEU Q 8 -46.15 53.33 13.84
CA LEU Q 8 -46.98 54.50 13.58
C LEU Q 8 -46.48 55.25 12.36
N LEU Q 9 -45.17 55.47 12.27
CA LEU Q 9 -44.60 56.15 11.13
C LEU Q 9 -44.84 55.42 9.80
N ARG Q 10 -44.86 54.10 9.84
CA ARG Q 10 -45.14 53.31 8.63
C ARG Q 10 -46.62 53.38 8.26
N ARG Q 11 -47.48 53.29 9.26
CA ARG Q 11 -48.93 53.34 9.03
C ARG Q 11 -49.35 54.67 8.43
N CYS Q 12 -48.69 55.75 8.85
CA CYS Q 12 -48.99 57.07 8.36
C CYS Q 12 -48.13 57.49 7.16
N ARG Q 13 -47.40 56.55 6.57
CA ARG Q 13 -46.53 56.84 5.43
C ARG Q 13 -47.21 57.67 4.36
N LEU Q 14 -48.36 57.22 3.88
CA LEU Q 14 -49.03 57.88 2.77
C LEU Q 14 -49.39 59.31 3.10
N ARG Q 15 -49.98 59.52 4.26
CA ARG Q 15 -50.37 60.86 4.68
C ARG Q 15 -49.19 61.80 4.91
N LEU Q 16 -48.13 61.29 5.52
CA LEU Q 16 -46.94 62.08 5.76
C LEU Q 16 -46.31 62.57 4.46
N VAL Q 17 -46.06 61.67 3.53
CA VAL Q 17 -45.41 62.05 2.29
C VAL Q 17 -46.34 62.88 1.39
N GLU Q 18 -47.64 62.71 1.52
CA GLU Q 18 -48.59 63.55 0.79
C GLU Q 18 -48.68 64.97 1.34
N GLU Q 19 -48.61 65.15 2.64
CA GLU Q 19 -48.88 66.44 3.26
C GLU Q 19 -47.73 67.19 3.94
N LEU Q 20 -46.63 66.52 4.23
CA LEU Q 20 -45.53 67.16 4.97
C LEU Q 20 -44.88 68.29 4.19
N GLN Q 21 -44.83 69.46 4.80
CA GLN Q 21 -44.10 70.58 4.25
C GLN Q 21 -42.74 70.56 4.89
N VAL Q 22 -41.68 70.49 4.10
CA VAL Q 22 -40.34 70.34 4.64
C VAL Q 22 -39.50 71.61 4.72
N ASP Q 23 -39.65 72.50 3.75
CA ASP Q 23 -38.83 73.69 3.66
C ASP Q 23 -38.85 74.52 4.93
N GLN Q 24 -39.98 74.50 5.62
CA GLN Q 24 -40.22 75.29 6.81
C GLN Q 24 -39.89 74.51 8.07
N LEU Q 25 -39.61 73.23 7.92
CA LEU Q 25 -39.46 72.30 9.03
C LEU Q 25 -38.04 72.16 9.58
N TRP Q 26 -37.05 72.49 8.75
CA TRP Q 26 -35.66 72.25 9.09
C TRP Q 26 -35.20 72.99 10.35
N ASP Q 27 -35.61 74.24 10.48
CA ASP Q 27 -35.24 75.03 11.64
C ASP Q 27 -35.73 74.37 12.92
N ALA Q 28 -36.99 73.94 12.90
CA ALA Q 28 -37.58 73.26 14.03
C ALA Q 28 -36.81 71.99 14.41
N LEU Q 29 -36.52 71.17 13.42
CA LEU Q 29 -35.81 69.93 13.64
C LEU Q 29 -34.43 70.18 14.28
N LEU Q 30 -33.73 71.18 13.77
CA LEU Q 30 -32.48 71.62 14.35
C LEU Q 30 -32.62 72.07 15.81
N SER Q 31 -33.57 72.97 16.06
CA SER Q 31 -33.82 73.48 17.41
C SER Q 31 -33.97 72.36 18.44
N ARG Q 32 -34.62 71.28 18.06
CA ARG Q 32 -34.80 70.17 18.95
C ARG Q 32 -33.76 69.06 18.75
N GLU Q 33 -32.70 69.40 18.05
CA GLU Q 33 -31.56 68.51 17.79
C GLU Q 33 -31.97 67.13 17.29
N LEU Q 34 -32.90 67.12 16.34
CA LEU Q 34 -33.37 65.86 15.80
C LEU Q 34 -32.41 65.39 14.70
N PHE Q 35 -31.85 66.33 13.96
CA PHE Q 35 -30.91 66.03 12.89
C PHE Q 35 -29.73 66.97 12.91
N ARG Q 36 -28.56 66.47 12.49
CA ARG Q 36 -27.42 67.33 12.23
C ARG Q 36 -27.57 68.00 10.87
N PRO Q 37 -26.93 69.15 10.68
CA PRO Q 37 -27.08 69.89 9.43
C PRO Q 37 -26.75 69.08 8.17
N HIS Q 38 -25.66 68.33 8.15
CA HIS Q 38 -25.36 67.53 6.97
C HIS Q 38 -26.41 66.48 6.67
N MET Q 39 -26.98 65.91 7.72
CA MET Q 39 -28.07 64.95 7.58
C MET Q 39 -29.20 65.60 6.82
N ILE Q 40 -29.51 66.85 7.19
CA ILE Q 40 -30.51 67.61 6.48
C ILE Q 40 -30.16 67.82 5.01
N GLU Q 41 -28.91 68.16 4.69
CA GLU Q 41 -28.55 68.34 3.29
C GLU Q 41 -28.76 67.03 2.51
N ASP Q 42 -28.45 65.90 3.14
CA ASP Q 42 -28.62 64.59 2.50
C ASP Q 42 -30.09 64.31 2.23
N ILE Q 43 -30.94 64.59 3.22
CA ILE Q 43 -32.38 64.37 3.08
C ILE Q 43 -32.92 65.25 1.98
N GLN Q 44 -32.41 66.47 1.89
CA GLN Q 44 -32.84 67.46 0.89
C GLN Q 44 -32.57 66.97 -0.53
N ARG Q 45 -31.52 66.16 -0.67
CA ARG Q 45 -31.12 65.66 -1.97
C ARG Q 45 -31.67 64.26 -2.29
N ALA Q 46 -32.42 63.68 -1.35
CA ALA Q 46 -32.96 62.33 -1.53
C ALA Q 46 -33.77 62.19 -2.82
N GLY Q 47 -33.50 61.13 -3.58
CA GLY Q 47 -34.28 60.89 -4.78
C GLY Q 47 -34.20 62.04 -5.77
N SER Q 48 -35.35 62.53 -6.20
CA SER Q 48 -35.44 63.61 -7.15
C SER Q 48 -35.33 65.00 -6.51
N GLY Q 49 -35.36 65.05 -5.18
CA GLY Q 49 -35.34 66.33 -4.49
C GLY Q 49 -36.71 67.01 -4.36
N SER Q 50 -37.76 66.36 -4.84
CA SER Q 50 -39.11 66.91 -4.68
C SER Q 50 -39.48 66.97 -3.19
N ARG Q 51 -40.54 67.70 -2.86
CA ARG Q 51 -41.04 67.71 -1.49
C ARG Q 51 -41.34 66.30 -1.01
N ARG Q 52 -42.02 65.52 -1.84
CA ARG Q 52 -42.38 64.16 -1.45
C ARG Q 52 -41.16 63.29 -1.14
N ASP Q 53 -40.13 63.32 -1.99
CA ASP Q 53 -38.94 62.50 -1.79
C ASP Q 53 -38.19 62.91 -0.54
N GLN Q 54 -38.12 64.20 -0.28
CA GLN Q 54 -37.49 64.71 0.92
C GLN Q 54 -38.29 64.22 2.11
N ALA Q 55 -39.60 64.42 2.05
CA ALA Q 55 -40.48 64.02 3.14
C ALA Q 55 -40.26 62.56 3.47
N ARG Q 56 -40.20 61.72 2.45
CA ARG Q 56 -40.11 60.28 2.66
C ARG Q 56 -38.84 59.91 3.39
N GLN Q 57 -37.72 60.46 2.91
CA GLN Q 57 -36.45 60.19 3.53
C GLN Q 57 -36.39 60.73 4.94
N LEU Q 58 -37.08 61.84 5.16
CA LEU Q 58 -37.08 62.43 6.48
C LEU Q 58 -37.67 61.42 7.44
N ILE Q 59 -38.85 60.91 7.10
CA ILE Q 59 -39.59 60.10 8.06
C ILE Q 59 -38.96 58.70 8.26
N ILE Q 60 -38.30 58.22 7.22
CA ILE Q 60 -37.52 57.00 7.34
C ILE Q 60 -36.34 57.23 8.27
N ASP Q 61 -35.58 58.28 8.02
CA ASP Q 61 -34.39 58.58 8.83
C ASP Q 61 -34.78 58.92 10.29
N LEU Q 62 -35.99 59.43 10.46
CA LEU Q 62 -36.52 59.82 11.77
C LEU Q 62 -36.52 58.66 12.76
N GLU Q 63 -36.81 57.46 12.25
CA GLU Q 63 -36.84 56.24 13.06
C GLU Q 63 -35.52 55.96 13.78
N THR Q 64 -34.43 56.58 13.35
CA THR Q 64 -33.10 56.31 13.89
C THR Q 64 -32.63 57.38 14.87
N ARG Q 65 -33.43 58.41 15.07
CA ARG Q 65 -32.94 59.58 15.79
C ARG Q 65 -33.24 59.61 17.29
N GLY Q 66 -33.67 58.48 17.85
CA GLY Q 66 -33.85 58.44 19.29
C GLY Q 66 -35.16 57.94 19.82
N SER Q 67 -35.21 57.76 21.14
CA SER Q 67 -36.39 57.21 21.82
C SER Q 67 -37.54 58.20 21.77
N GLN Q 68 -37.19 59.48 21.75
CA GLN Q 68 -38.19 60.54 21.75
C GLN Q 68 -38.31 61.22 20.38
N ALA Q 69 -37.79 60.59 19.33
CA ALA Q 69 -37.83 61.22 18.01
C ALA Q 69 -39.25 61.57 17.53
N LEU Q 70 -40.19 60.68 17.78
CA LEU Q 70 -41.56 60.86 17.34
C LEU Q 70 -42.29 62.01 18.02
N PRO Q 71 -42.33 62.03 19.35
CA PRO Q 71 -42.96 63.18 20.02
C PRO Q 71 -42.24 64.49 19.70
N LEU Q 72 -40.92 64.47 19.62
CA LEU Q 72 -40.20 65.68 19.28
C LEU Q 72 -40.56 66.15 17.87
N PHE Q 73 -40.80 65.18 17.00
CA PHE Q 73 -41.15 65.48 15.61
C PHE Q 73 -42.55 66.07 15.49
N ILE Q 74 -43.48 65.54 16.26
CA ILE Q 74 -44.83 66.12 16.35
C ILE Q 74 -44.72 67.58 16.79
N SER Q 75 -43.90 67.87 17.80
CA SER Q 75 -43.74 69.25 18.27
C SER Q 75 -43.27 70.19 17.19
N CYS Q 76 -42.29 69.75 16.39
CA CYS Q 76 -41.75 70.55 15.29
C CYS Q 76 -42.86 70.82 14.26
N LEU Q 77 -43.72 69.83 14.05
CA LEU Q 77 -44.88 70.00 13.20
C LEU Q 77 -45.73 71.13 13.77
N GLU Q 78 -45.99 71.08 15.06
CA GLU Q 78 -46.80 72.09 15.70
C GLU Q 78 -46.22 73.50 15.53
N ASP Q 79 -44.91 73.60 15.76
CA ASP Q 79 -44.11 74.82 15.70
C ASP Q 79 -44.06 75.49 14.34
N THR Q 80 -44.37 74.75 13.30
CA THR Q 80 -44.27 75.24 11.94
C THR Q 80 -45.64 75.37 11.29
N GLY Q 81 -46.68 75.21 12.09
CA GLY Q 81 -48.03 75.37 11.59
C GLY Q 81 -48.55 74.21 10.79
N GLN Q 82 -48.19 73.00 11.19
CA GLN Q 82 -48.69 71.82 10.52
C GLN Q 82 -49.52 71.03 11.50
N ASP Q 83 -50.38 71.75 12.22
CA ASP Q 83 -51.24 71.23 13.26
C ASP Q 83 -52.10 70.05 12.81
N MET Q 84 -52.63 70.13 11.60
CA MET Q 84 -53.46 69.07 11.06
C MET Q 84 -52.68 67.76 11.00
N LEU Q 85 -51.45 67.82 10.48
CA LEU Q 85 -50.60 66.63 10.39
C LEU Q 85 -50.20 66.16 11.77
N ALA Q 86 -49.78 67.09 12.62
CA ALA Q 86 -49.42 66.74 13.99
C ALA Q 86 -50.61 66.09 14.68
N SER Q 87 -51.80 66.62 14.41
CA SER Q 87 -53.03 66.10 15.01
C SER Q 87 -53.34 64.66 14.56
N PHE Q 88 -53.22 64.41 13.27
CA PHE Q 88 -53.33 63.06 12.75
C PHE Q 88 -52.36 62.08 13.42
N LEU Q 89 -51.14 62.54 13.69
CA LEU Q 89 -50.14 61.69 14.33
C LEU Q 89 -50.46 61.39 15.78
N ARG Q 90 -50.72 62.45 16.54
CA ARG Q 90 -50.98 62.34 17.97
C ARG Q 90 -52.15 61.44 18.28
N THR Q 91 -53.24 61.61 17.55
CA THR Q 91 -54.43 60.83 17.78
C THR Q 91 -54.23 59.38 17.45
N ASN Q 92 -53.06 59.05 16.92
CA ASN Q 92 -52.72 57.66 16.70
C ASN Q 92 -51.87 57.12 17.82
N ARG Q 93 -50.85 57.88 18.15
CA ARG Q 93 -49.99 57.54 19.24
C ARG Q 93 -50.86 57.18 20.41
N GLN Q 94 -51.83 58.04 20.72
CA GLN Q 94 -52.75 57.86 21.83
C GLN Q 94 -53.66 56.66 21.56
N ALA Q 95 -54.17 56.56 20.34
CA ALA Q 95 -54.92 55.41 19.89
C ALA Q 95 -53.98 54.20 19.79
N MET R 1 -48.44 45.81 -21.62
CA MET R 1 -48.20 46.16 -23.00
C MET R 1 -47.55 45.02 -23.74
N ASP R 2 -48.13 44.62 -24.86
CA ASP R 2 -47.54 43.56 -25.65
C ASP R 2 -46.23 44.00 -26.29
N GLU R 3 -45.45 43.01 -26.70
CA GLU R 3 -44.13 43.24 -27.24
C GLU R 3 -44.15 44.11 -28.49
N ALA R 4 -45.18 43.98 -29.30
CA ALA R 4 -45.30 44.77 -30.53
C ALA R 4 -45.47 46.26 -30.23
N ASP R 5 -46.26 46.59 -29.20
CA ASP R 5 -46.44 47.97 -28.82
C ASP R 5 -45.15 48.55 -28.24
N ARG R 6 -44.50 47.78 -27.37
CA ARG R 6 -43.22 48.18 -26.79
C ARG R 6 -42.20 48.48 -27.88
N ARG R 7 -42.08 47.53 -28.80
CA ARG R 7 -41.19 47.66 -29.95
C ARG R 7 -41.49 48.91 -30.75
N LEU R 8 -42.77 49.22 -30.92
CA LEU R 8 -43.18 50.43 -31.59
C LEU R 8 -42.66 51.67 -30.87
N LEU R 9 -42.80 51.71 -29.55
CA LEU R 9 -42.32 52.82 -28.78
C LEU R 9 -40.81 53.02 -28.88
N ARG R 10 -40.06 51.93 -29.00
CA ARG R 10 -38.61 52.02 -29.16
C ARG R 10 -38.23 52.50 -30.57
N ARG R 11 -38.94 51.98 -31.56
CA ARG R 11 -38.67 52.35 -32.96
C ARG R 11 -38.92 53.84 -33.19
N CYS R 12 -39.94 54.38 -32.52
CA CYS R 12 -40.28 55.77 -32.64
C CYS R 12 -39.61 56.68 -31.57
N ARG R 13 -38.64 56.14 -30.86
CA ARG R 13 -37.96 56.89 -29.81
C ARG R 13 -37.52 58.27 -30.25
N LEU R 14 -36.78 58.34 -31.36
CA LEU R 14 -36.21 59.60 -31.81
C LEU R 14 -37.29 60.63 -32.10
N ARG R 15 -38.31 60.23 -32.83
CA ARG R 15 -39.40 61.13 -33.18
C ARG R 15 -40.21 61.60 -31.98
N LEU R 16 -40.49 60.69 -31.07
CA LEU R 16 -41.23 61.01 -29.86
C LEU R 16 -40.51 62.06 -29.01
N VAL R 17 -39.25 61.82 -28.70
CA VAL R 17 -38.50 62.73 -27.86
C VAL R 17 -38.20 64.05 -28.57
N GLU R 18 -38.11 64.02 -29.89
CA GLU R 18 -37.93 65.25 -30.66
C GLU R 18 -39.20 66.12 -30.71
N GLU R 19 -40.36 65.51 -30.82
CA GLU R 19 -41.59 66.25 -31.08
C GLU R 19 -42.65 66.30 -29.98
N LEU R 20 -42.59 65.44 -28.98
CA LEU R 20 -43.64 65.37 -27.96
C LEU R 20 -43.71 66.65 -27.13
N GLN R 21 -44.89 67.23 -27.07
CA GLN R 21 -45.14 68.35 -26.19
C GLN R 21 -45.75 67.76 -24.94
N VAL R 22 -45.14 68.01 -23.79
CA VAL R 22 -45.60 67.38 -22.55
C VAL R 22 -46.46 68.25 -21.64
N ASP R 23 -46.17 69.54 -21.58
CA ASP R 23 -46.84 70.43 -20.67
C ASP R 23 -48.36 70.41 -20.80
N GLN R 24 -48.82 70.15 -22.01
CA GLN R 24 -50.22 70.16 -22.36
C GLN R 24 -50.83 68.76 -22.28
N LEU R 25 -49.99 67.76 -22.07
CA LEU R 25 -50.35 66.36 -22.15
C LEU R 25 -50.82 65.74 -20.84
N TRP R 26 -50.41 66.32 -19.72
CA TRP R 26 -50.65 65.74 -18.42
C TRP R 26 -52.13 65.56 -18.10
N ASP R 27 -52.93 66.56 -18.41
CA ASP R 27 -54.36 66.48 -18.15
C ASP R 27 -54.97 65.30 -18.88
N ALA R 28 -54.64 65.15 -20.14
CA ALA R 28 -55.11 64.03 -20.94
C ALA R 28 -54.73 62.68 -20.35
N LEU R 29 -53.47 62.53 -19.98
CA LEU R 29 -52.99 61.30 -19.39
C LEU R 29 -53.75 60.94 -18.11
N LEU R 30 -53.97 61.94 -17.27
CA LEU R 30 -54.78 61.78 -16.08
C LEU R 30 -56.21 61.34 -16.40
N SER R 31 -56.87 62.06 -17.30
CA SER R 31 -58.24 61.75 -17.70
C SER R 31 -58.42 60.28 -18.08
N ARG R 32 -57.44 59.71 -18.75
CA ARG R 32 -57.51 58.33 -19.15
C ARG R 32 -56.78 57.40 -18.18
N GLU R 33 -56.47 57.92 -17.00
CA GLU R 33 -55.84 57.17 -15.91
C GLU R 33 -54.60 56.41 -16.34
N LEU R 34 -53.75 57.06 -17.12
CA LEU R 34 -52.55 56.42 -17.61
C LEU R 34 -51.46 56.52 -16.55
N PHE R 35 -51.44 57.62 -15.80
CA PHE R 35 -50.47 57.84 -14.76
C PHE R 35 -51.11 58.43 -13.52
N ARG R 36 -50.58 58.09 -12.35
CA ARG R 36 -50.95 58.76 -11.12
C ARG R 36 -50.22 60.10 -11.02
N PRO R 37 -50.77 61.04 -10.27
CA PRO R 37 -50.19 62.38 -10.19
C PRO R 37 -48.71 62.39 -9.74
N HIS R 38 -48.34 61.63 -8.72
CA HIS R 38 -46.94 61.62 -8.31
C HIS R 38 -46.01 61.07 -9.39
N MET R 39 -46.49 60.10 -10.15
CA MET R 39 -45.74 59.55 -11.27
C MET R 39 -45.43 60.68 -12.23
N ILE R 40 -46.42 61.53 -12.50
CA ILE R 40 -46.22 62.70 -13.32
C ILE R 40 -45.17 63.66 -12.75
N GLU R 41 -45.21 63.92 -11.45
CA GLU R 41 -44.19 64.81 -10.87
C GLU R 41 -42.78 64.22 -11.07
N ASP R 42 -42.66 62.91 -10.94
CA ASP R 42 -41.37 62.23 -11.11
C ASP R 42 -40.88 62.37 -12.55
N ILE R 43 -41.79 62.16 -13.51
CA ILE R 43 -41.44 62.27 -14.92
C ILE R 43 -41.02 63.68 -15.24
N GLN R 44 -41.69 64.66 -14.62
CA GLN R 44 -41.42 66.08 -14.84
C GLN R 44 -40.00 66.46 -14.40
N ARG R 45 -39.50 65.73 -13.41
CA ARG R 45 -38.18 65.99 -12.86
C ARG R 45 -37.07 65.12 -13.47
N ALA R 46 -37.44 64.23 -14.38
CA ALA R 46 -36.47 63.31 -15.00
C ALA R 46 -35.28 64.04 -15.62
N GLY R 47 -34.08 63.58 -15.33
CA GLY R 47 -32.90 64.18 -15.95
C GLY R 47 -32.77 65.66 -15.63
N SER R 48 -32.63 66.47 -16.67
CA SER R 48 -32.47 67.91 -16.54
C SER R 48 -33.81 68.65 -16.41
N GLY R 49 -34.91 67.94 -16.63
CA GLY R 49 -36.23 68.58 -16.62
C GLY R 49 -36.62 69.26 -17.93
N SER R 50 -35.78 69.15 -18.95
CA SER R 50 -36.12 69.70 -20.26
C SER R 50 -37.33 68.96 -20.84
N ARG R 51 -37.96 69.52 -21.87
CA ARG R 51 -39.05 68.83 -22.56
C ARG R 51 -38.59 67.45 -23.04
N ARG R 52 -37.41 67.39 -23.64
CA ARG R 52 -36.92 66.12 -24.17
C ARG R 52 -36.75 65.06 -23.07
N ASP R 53 -36.16 65.43 -21.93
CA ASP R 53 -35.93 64.46 -20.85
C ASP R 53 -37.23 63.98 -20.26
N GLN R 54 -38.20 64.87 -20.12
CA GLN R 54 -39.52 64.51 -19.64
C GLN R 54 -40.14 63.56 -20.64
N ALA R 55 -40.10 63.94 -21.91
CA ALA R 55 -40.70 63.13 -22.95
C ALA R 55 -40.14 61.72 -22.91
N ARG R 56 -38.82 61.62 -22.76
CA ARG R 56 -38.17 60.31 -22.82
C ARG R 56 -38.64 59.41 -21.68
N GLN R 57 -38.65 59.97 -20.48
CA GLN R 57 -39.09 59.22 -19.33
C GLN R 57 -40.54 58.85 -19.44
N LEU R 58 -41.32 59.73 -20.06
CA LEU R 58 -42.73 59.46 -20.21
C LEU R 58 -42.88 58.17 -21.01
N ILE R 59 -42.23 58.13 -22.16
CA ILE R 59 -42.48 57.03 -23.09
C ILE R 59 -41.88 55.70 -22.61
N ILE R 60 -40.82 55.79 -21.84
CA ILE R 60 -40.25 54.63 -21.18
C ILE R 60 -41.23 54.10 -20.13
N ASP R 61 -41.69 54.99 -19.26
CA ASP R 61 -42.59 54.60 -18.18
C ASP R 61 -43.95 54.11 -18.74
N LEU R 62 -44.30 54.61 -19.92
CA LEU R 62 -45.55 54.26 -20.62
C LEU R 62 -45.69 52.75 -20.83
N GLU R 63 -44.56 52.11 -21.15
CA GLU R 63 -44.50 50.67 -21.38
C GLU R 63 -45.02 49.84 -20.21
N THR R 64 -45.10 50.44 -19.02
CA THR R 64 -45.48 49.72 -17.81
C THR R 64 -46.93 49.97 -17.40
N ARG R 65 -47.64 50.80 -18.15
CA ARG R 65 -48.93 51.27 -17.67
C ARG R 65 -50.14 50.49 -18.18
N GLY R 66 -49.92 49.32 -18.77
CA GLY R 66 -51.05 48.50 -19.15
C GLY R 66 -51.09 47.97 -20.57
N SER R 67 -52.05 47.09 -20.81
CA SER R 67 -52.20 46.44 -22.12
C SER R 67 -52.66 47.43 -23.17
N GLN R 68 -53.41 48.43 -22.73
CA GLN R 68 -53.94 49.43 -23.63
C GLN R 68 -53.22 50.77 -23.50
N ALA R 69 -52.04 50.79 -22.89
CA ALA R 69 -51.32 52.05 -22.68
C ALA R 69 -51.04 52.80 -23.99
N LEU R 70 -50.66 52.08 -25.03
CA LEU R 70 -50.30 52.69 -26.30
C LEU R 70 -51.48 53.34 -27.02
N PRO R 71 -52.56 52.60 -27.26
CA PRO R 71 -53.72 53.25 -27.89
C PRO R 71 -54.28 54.39 -27.04
N LEU R 72 -54.31 54.22 -25.72
CA LEU R 72 -54.78 55.30 -24.87
C LEU R 72 -53.87 56.52 -24.98
N PHE R 73 -52.59 56.27 -25.16
CA PHE R 73 -51.61 57.34 -25.29
C PHE R 73 -51.76 58.10 -26.61
N ILE R 74 -52.02 57.37 -27.69
CA ILE R 74 -52.32 57.98 -28.98
C ILE R 74 -53.54 58.91 -28.82
N SER R 75 -54.58 58.45 -28.13
CA SER R 75 -55.77 59.28 -27.94
C SER R 75 -55.47 60.59 -27.25
N CYS R 76 -54.64 60.54 -26.20
CA CYS R 76 -54.25 61.73 -25.45
C CYS R 76 -53.49 62.68 -26.37
N LEU R 77 -52.69 62.13 -27.26
CA LEU R 77 -52.01 62.92 -28.28
C LEU R 77 -53.07 63.64 -29.12
N GLU R 78 -54.07 62.90 -29.55
CA GLU R 78 -55.12 63.48 -30.38
C GLU R 78 -55.84 64.64 -29.67
N ASP R 79 -56.17 64.40 -28.40
CA ASP R 79 -56.89 65.30 -27.51
C ASP R 79 -56.17 66.60 -27.21
N THR R 80 -54.88 66.65 -27.43
CA THR R 80 -54.07 67.80 -27.09
C THR R 80 -53.52 68.47 -28.35
N GLY R 81 -54.01 68.04 -29.50
CA GLY R 81 -53.59 68.65 -30.74
C GLY R 81 -52.22 68.23 -31.23
N GLN R 82 -51.88 66.98 -31.03
CA GLN R 82 -50.62 66.47 -31.51
C GLN R 82 -50.90 65.39 -32.53
N ASP R 83 -51.83 65.70 -33.42
CA ASP R 83 -52.30 64.81 -34.47
C ASP R 83 -51.20 64.23 -35.34
N MET R 84 -50.22 65.06 -35.69
CA MET R 84 -49.11 64.63 -36.51
C MET R 84 -48.36 63.48 -35.82
N LEU R 85 -48.06 63.65 -34.55
CA LEU R 85 -47.36 62.62 -33.78
C LEU R 85 -48.24 61.39 -33.62
N ALA R 86 -49.49 61.60 -33.25
CA ALA R 86 -50.43 60.49 -33.13
C ALA R 86 -50.53 59.75 -34.45
N SER R 87 -50.53 60.50 -35.54
CA SER R 87 -50.62 59.92 -36.88
C SER R 87 -49.41 59.06 -37.23
N PHE R 88 -48.22 59.56 -36.94
CA PHE R 88 -47.00 58.78 -37.08
C PHE R 88 -47.06 57.47 -36.30
N LEU R 89 -47.62 57.51 -35.11
CA LEU R 89 -47.72 56.32 -34.27
C LEU R 89 -48.71 55.29 -34.81
N ARG R 90 -49.92 55.75 -35.10
CA ARG R 90 -50.99 54.90 -35.57
C ARG R 90 -50.64 54.16 -36.84
N THR R 91 -50.08 54.88 -37.79
CA THR R 91 -49.72 54.27 -39.07
C THR R 91 -48.61 53.26 -38.92
N ASN R 92 -48.08 53.12 -37.73
CA ASN R 92 -47.12 52.06 -37.46
C ASN R 92 -47.78 50.87 -36.82
N ARG R 93 -48.57 51.15 -35.81
CA ARG R 93 -49.32 50.13 -35.15
C ARG R 93 -50.00 49.29 -36.20
N GLN R 94 -50.67 49.96 -37.13
CA GLN R 94 -51.41 49.32 -38.22
C GLN R 94 -50.42 48.64 -39.16
N ALA R 95 -49.33 49.33 -39.49
CA ALA R 95 -48.24 48.75 -40.27
C ALA R 95 -47.54 47.70 -39.42
#